data_9G3P
#
_entry.id   9G3P
#
_entity_poly.entity_id   1
_entity_poly.type   'polypeptide(L)'
_entity_poly.pdbx_seq_one_letter_code
;MATPHFDYIASEVSKGLANLSLELRKPITFGVITADTLEQAIERAGTKHGNKGWEAALSAIEMANLFKSLRGTGGSGSSM
EIYEGKLTAEGLRFGIVASRFNHALVDRLVEGAIDCIVRHGGREEDITLVRVPGSWEIPVAAGELARKEDIDAVIAIGVL
IRG
;
_entity_poly.pdbx_strand_id   A,B,C,D,E,F,G,H,I,J,K,L,M,N,O,P,Q,R,S,T,U,V,W,X,Y,Z,AA,BA,CA,DA,EA,FA,GA,HA,IA,JA,KA,LA,MA,NA,OA,PA,QA,RA,SA,TA,UA,VA,WA,XA,YA,ZA,AB,BB,CB,DB,EB,FB,GB,HB
#
# COMPACT_ATOMS: atom_id res chain seq x y z
N THR A 3 -20.65 15.67 -35.47
CA THR A 3 -21.03 17.07 -35.53
C THR A 3 -22.56 17.21 -35.51
N PRO A 4 -23.06 18.35 -35.05
CA PRO A 4 -24.53 18.54 -35.01
C PRO A 4 -25.18 18.68 -36.37
N HIS A 5 -24.40 18.70 -37.45
CA HIS A 5 -24.97 18.77 -38.80
C HIS A 5 -25.94 17.62 -39.05
N PHE A 6 -25.66 16.45 -38.48
CA PHE A 6 -26.50 15.29 -38.68
C PHE A 6 -27.92 15.53 -38.17
N ASP A 7 -28.05 16.14 -37.00
CA ASP A 7 -29.36 16.25 -36.36
C ASP A 7 -30.32 17.13 -37.17
N TYR A 8 -29.85 18.28 -37.64
CA TYR A 8 -30.76 19.23 -38.27
C TYR A 8 -31.27 18.70 -39.61
N ILE A 9 -30.42 18.03 -40.37
CA ILE A 9 -30.86 17.46 -41.65
C ILE A 9 -31.89 16.36 -41.41
N ALA A 10 -31.62 15.49 -40.43
CA ALA A 10 -32.53 14.38 -40.17
C ALA A 10 -33.88 14.88 -39.70
N SER A 11 -33.90 15.93 -38.86
CA SER A 11 -35.16 16.44 -38.36
C SER A 11 -36.03 17.01 -39.48
N GLU A 12 -35.40 17.74 -40.42
CA GLU A 12 -36.17 18.42 -41.45
C GLU A 12 -36.68 17.45 -42.51
N VAL A 13 -35.90 16.41 -42.83
CA VAL A 13 -36.34 15.45 -43.84
C VAL A 13 -37.55 14.67 -43.33
N SER A 14 -37.48 14.19 -42.09
CA SER A 14 -38.60 13.43 -41.53
C SER A 14 -39.84 14.31 -41.38
N LYS A 15 -39.66 15.55 -40.90
CA LYS A 15 -40.79 16.44 -40.74
C LYS A 15 -41.43 16.80 -42.07
N GLY A 16 -40.60 17.04 -43.09
CA GLY A 16 -41.14 17.43 -44.39
C GLY A 16 -42.02 16.35 -45.01
N LEU A 17 -41.56 15.10 -44.97
CA LEU A 17 -42.31 14.01 -45.56
C LEU A 17 -43.63 13.78 -44.82
N ALA A 18 -43.60 13.89 -43.50
CA ALA A 18 -44.81 13.65 -42.72
C ALA A 18 -45.90 14.66 -43.04
N ASN A 19 -45.55 15.96 -43.04
CA ASN A 19 -46.54 16.98 -43.35
C ASN A 19 -47.06 16.83 -44.77
N LEU A 20 -46.18 16.46 -45.70
CA LEU A 20 -46.59 16.31 -47.10
C LEU A 20 -47.65 15.24 -47.26
N SER A 21 -47.51 14.13 -46.54
CA SER A 21 -48.47 13.04 -46.67
C SER A 21 -49.84 13.46 -46.17
N LEU A 22 -49.90 14.25 -45.09
CA LEU A 22 -51.19 14.69 -44.57
C LEU A 22 -51.84 15.73 -45.47
N GLU A 23 -51.03 16.62 -46.05
CA GLU A 23 -51.59 17.67 -46.90
C GLU A 23 -52.20 17.10 -48.17
N LEU A 24 -51.48 16.19 -48.84
CA LEU A 24 -51.96 15.59 -50.07
C LEU A 24 -52.81 14.34 -49.84
N ARG A 25 -52.86 13.84 -48.61
CA ARG A 25 -53.67 12.67 -48.28
C ARG A 25 -53.30 11.47 -49.16
N LYS A 26 -52.00 11.23 -49.30
CA LYS A 26 -51.48 10.11 -50.08
C LYS A 26 -50.38 9.43 -49.27
N PRO A 27 -50.24 8.11 -49.40
CA PRO A 27 -49.19 7.41 -48.61
C PRO A 27 -47.79 7.76 -49.08
N ILE A 28 -46.92 8.03 -48.11
CA ILE A 28 -45.48 8.20 -48.35
C ILE A 28 -44.75 7.42 -47.27
N THR A 29 -43.80 6.57 -47.69
CA THR A 29 -43.11 5.65 -46.80
C THR A 29 -41.69 6.15 -46.52
N PHE A 30 -41.24 5.93 -45.29
CA PHE A 30 -39.95 6.45 -44.81
C PHE A 30 -38.91 5.35 -44.92
N GLY A 31 -38.08 5.42 -45.96
CA GLY A 31 -37.04 4.44 -46.19
C GLY A 31 -35.63 5.01 -46.01
N VAL A 32 -35.45 5.88 -45.03
CA VAL A 32 -34.18 6.56 -44.82
C VAL A 32 -33.48 5.95 -43.62
N ILE A 33 -32.23 5.52 -43.81
CA ILE A 33 -31.42 4.99 -42.73
C ILE A 33 -30.79 6.14 -41.95
N THR A 34 -30.84 6.06 -40.63
CA THR A 34 -30.21 7.04 -39.74
C THR A 34 -29.35 6.26 -38.73
N ALA A 35 -28.06 6.15 -39.02
CA ALA A 35 -27.14 5.32 -38.26
C ALA A 35 -26.08 6.17 -37.56
N ASP A 36 -25.55 5.63 -36.47
CA ASP A 36 -24.48 6.30 -35.74
C ASP A 36 -23.10 5.92 -36.24
N THR A 37 -22.95 4.77 -36.90
CA THR A 37 -21.66 4.29 -37.37
C THR A 37 -21.82 3.67 -38.75
N LEU A 38 -20.70 3.57 -39.47
CA LEU A 38 -20.72 2.95 -40.79
C LEU A 38 -21.13 1.49 -40.70
N GLU A 39 -20.69 0.78 -39.66
CA GLU A 39 -21.05 -0.62 -39.52
C GLU A 39 -22.55 -0.81 -39.38
N GLN A 40 -23.20 0.07 -38.61
CA GLN A 40 -24.65 -0.03 -38.46
C GLN A 40 -25.37 0.17 -39.78
N ALA A 41 -24.81 0.99 -40.67
CA ALA A 41 -25.46 1.24 -41.95
C ALA A 41 -25.35 0.03 -42.88
N ILE A 42 -24.17 -0.59 -42.93
CA ILE A 42 -24.00 -1.78 -43.77
C ILE A 42 -24.92 -2.91 -43.31
N GLU A 43 -25.21 -2.94 -42.00
CA GLU A 43 -26.05 -4.00 -41.46
C GLU A 43 -27.44 -3.97 -42.08
N ARG A 44 -27.97 -2.78 -42.34
CA ARG A 44 -29.35 -2.59 -42.79
C ARG A 44 -29.47 -2.38 -44.29
N ALA A 45 -28.38 -2.49 -45.05
CA ALA A 45 -28.37 -2.24 -46.48
C ALA A 45 -28.23 -3.53 -47.30
N GLY A 46 -28.89 -4.60 -46.88
CA GLY A 46 -28.82 -5.87 -47.56
C GLY A 46 -27.99 -6.91 -46.85
N THR A 47 -27.81 -6.79 -45.54
CA THR A 47 -27.02 -7.71 -44.74
C THR A 47 -27.79 -8.14 -43.50
N LYS A 48 -27.09 -8.70 -42.51
CA LYS A 48 -27.69 -9.50 -41.44
C LYS A 48 -28.95 -8.90 -40.83
N HIS A 49 -29.17 -7.58 -40.92
CA HIS A 49 -30.39 -6.97 -40.43
C HIS A 49 -31.37 -6.60 -41.54
N GLY A 50 -31.22 -7.19 -42.71
CA GLY A 50 -32.19 -7.01 -43.78
C GLY A 50 -31.91 -5.80 -44.65
N ASN A 51 -32.90 -5.47 -45.46
CA ASN A 51 -32.84 -4.37 -46.42
C ASN A 51 -33.99 -3.43 -46.15
N LYS A 52 -33.67 -2.16 -45.83
CA LYS A 52 -34.72 -1.19 -45.53
C LYS A 52 -35.46 -0.77 -46.80
N GLY A 53 -34.83 -0.87 -47.96
CA GLY A 53 -35.53 -0.57 -49.20
C GLY A 53 -36.63 -1.56 -49.49
N TRP A 54 -36.39 -2.83 -49.21
CA TRP A 54 -37.43 -3.84 -49.38
C TRP A 54 -38.61 -3.57 -48.45
N GLU A 55 -38.32 -3.24 -47.19
CA GLU A 55 -39.39 -3.03 -46.22
C GLU A 55 -40.25 -1.84 -46.57
N ALA A 56 -39.64 -0.75 -47.05
CA ALA A 56 -40.41 0.44 -47.40
C ALA A 56 -41.35 0.16 -48.56
N ALA A 57 -40.90 -0.62 -49.56
CA ALA A 57 -41.77 -0.96 -50.68
C ALA A 57 -42.95 -1.81 -50.24
N LEU A 58 -42.72 -2.74 -49.30
CA LEU A 58 -43.81 -3.60 -48.83
C LEU A 58 -44.88 -2.77 -48.12
N SER A 59 -44.47 -1.76 -47.35
CA SER A 59 -45.43 -0.90 -46.69
C SER A 59 -46.25 -0.11 -47.70
N ALA A 60 -45.62 0.36 -48.77
CA ALA A 60 -46.33 1.13 -49.78
C ALA A 60 -47.42 0.30 -50.46
N ILE A 61 -47.12 -0.96 -50.77
CA ILE A 61 -48.09 -1.82 -51.44
C ILE A 61 -49.32 -2.01 -50.55
N GLU A 62 -49.11 -2.26 -49.26
CA GLU A 62 -50.24 -2.48 -48.35
C GLU A 62 -51.09 -1.22 -48.24
N MET A 63 -50.44 -0.05 -48.09
CA MET A 63 -51.19 1.18 -47.91
C MET A 63 -52.01 1.52 -49.15
N ALA A 64 -51.46 1.26 -50.34
CA ALA A 64 -52.20 1.53 -51.57
C ALA A 64 -53.47 0.68 -51.64
N ASN A 65 -53.38 -0.59 -51.26
CA ASN A 65 -54.57 -1.44 -51.28
C ASN A 65 -55.57 -1.02 -50.20
N LEU A 66 -55.08 -0.60 -49.04
CA LEU A 66 -55.97 -0.17 -47.96
C LEU A 66 -56.79 1.04 -48.39
N PHE A 67 -56.14 2.03 -49.00
CA PHE A 67 -56.86 3.24 -49.40
C PHE A 67 -57.87 2.94 -50.50
N LYS A 68 -57.56 1.98 -51.37
CA LYS A 68 -58.55 1.54 -52.41
C LYS A 68 -59.76 0.98 -51.67
N SER A 69 -59.57 0.29 -50.53
CA SER A 69 -60.68 -0.35 -49.83
C SER A 69 -61.52 0.66 -49.05
N LEU A 70 -60.88 1.64 -48.41
CA LEU A 70 -61.62 2.63 -47.65
C LEU A 70 -62.55 3.44 -48.53
N ARG A 71 -62.08 3.82 -49.72
CA ARG A 71 -62.85 4.67 -50.62
C ARG A 71 -63.86 3.89 -51.45
N GLY A 72 -63.91 2.57 -51.30
CA GLY A 72 -64.89 1.74 -51.98
C GLY A 72 -66.16 1.59 -51.17
N THR A 73 -66.91 0.53 -51.47
CA THR A 73 -68.17 0.29 -50.78
C THR A 73 -67.95 -0.14 -49.33
N GLY A 74 -66.89 -0.90 -49.06
CA GLY A 74 -66.63 -1.39 -47.72
C GLY A 74 -67.38 -2.67 -47.40
N GLY A 75 -68.69 -2.66 -47.60
CA GLY A 75 -69.47 -3.86 -47.38
C GLY A 75 -69.63 -4.21 -45.92
N SER A 76 -69.96 -5.50 -45.68
CA SER A 76 -70.17 -6.02 -44.34
C SER A 76 -71.36 -5.35 -43.65
N GLY A 77 -71.82 -5.94 -42.56
CA GLY A 77 -72.95 -5.38 -41.83
C GLY A 77 -73.28 -6.23 -40.63
N SER A 78 -73.96 -5.61 -39.67
CA SER A 78 -74.38 -6.26 -38.44
C SER A 78 -73.20 -6.79 -37.64
N SER A 79 -71.99 -6.27 -37.88
CA SER A 79 -70.80 -6.72 -37.19
C SER A 79 -69.73 -5.65 -37.31
N MET A 80 -68.64 -5.83 -36.57
CA MET A 80 -67.54 -4.88 -36.58
C MET A 80 -66.89 -4.83 -37.95
N GLU A 81 -66.78 -3.63 -38.51
CA GLU A 81 -66.12 -3.45 -39.79
C GLU A 81 -64.60 -3.43 -39.61
N ILE A 82 -63.90 -4.21 -40.42
CA ILE A 82 -62.43 -4.29 -40.38
C ILE A 82 -61.90 -3.99 -41.76
N TYR A 83 -60.94 -3.06 -41.84
CA TYR A 83 -60.30 -2.68 -43.10
C TYR A 83 -58.83 -3.08 -43.05
N GLU A 84 -58.37 -3.74 -44.11
CA GLU A 84 -56.99 -4.17 -44.20
C GLU A 84 -56.59 -4.25 -45.67
N GLY A 85 -55.28 -4.23 -45.91
CA GLY A 85 -54.74 -4.22 -47.26
C GLY A 85 -54.03 -5.52 -47.60
N LYS A 86 -54.23 -5.97 -48.85
CA LYS A 86 -53.60 -7.20 -49.35
C LYS A 86 -52.15 -6.85 -49.68
N LEU A 87 -51.38 -7.82 -50.13
CA LEU A 87 -50.00 -7.67 -50.57
C LEU A 87 -49.83 -8.08 -52.03
N THR A 88 -50.78 -7.71 -52.88
CA THR A 88 -50.68 -7.91 -54.32
C THR A 88 -50.48 -6.57 -54.99
N ALA A 89 -49.49 -6.49 -55.89
CA ALA A 89 -49.11 -5.25 -56.54
C ALA A 89 -49.63 -5.12 -57.96
N GLU A 90 -50.50 -6.02 -58.41
CA GLU A 90 -50.98 -5.98 -59.77
C GLU A 90 -51.82 -4.73 -60.01
N GLY A 91 -51.44 -3.95 -61.02
CA GLY A 91 -52.17 -2.76 -61.40
C GLY A 91 -51.77 -1.47 -60.72
N LEU A 92 -50.85 -1.51 -59.77
CA LEU A 92 -50.46 -0.33 -59.01
C LEU A 92 -49.27 0.37 -59.68
N ARG A 93 -49.15 1.67 -59.42
CA ARG A 93 -48.11 2.51 -59.99
C ARG A 93 -47.38 3.23 -58.86
N PHE A 94 -46.05 3.20 -58.89
CA PHE A 94 -45.22 3.65 -57.78
C PHE A 94 -44.18 4.66 -58.26
N GLY A 95 -43.85 5.60 -57.38
CA GLY A 95 -42.74 6.52 -57.60
C GLY A 95 -41.69 6.36 -56.52
N ILE A 96 -40.42 6.54 -56.89
CA ILE A 96 -39.29 6.40 -55.98
C ILE A 96 -38.41 7.64 -56.09
N VAL A 97 -38.01 8.17 -54.93
CA VAL A 97 -37.06 9.28 -54.84
C VAL A 97 -35.86 8.81 -54.05
N ALA A 98 -34.67 8.91 -54.64
CA ALA A 98 -33.44 8.42 -54.06
C ALA A 98 -32.35 9.49 -54.14
N SER A 99 -31.51 9.53 -53.10
CA SER A 99 -30.41 10.49 -53.05
C SER A 99 -29.12 9.85 -53.55
N ARG A 100 -28.16 10.70 -53.90
CA ARG A 100 -26.88 10.26 -54.47
C ARG A 100 -25.76 10.16 -53.45
N PHE A 101 -25.90 10.75 -52.27
CA PHE A 101 -24.84 10.70 -51.28
C PHE A 101 -24.80 9.32 -50.64
N ASN A 102 -23.60 8.81 -50.39
CA ASN A 102 -23.39 7.43 -49.95
C ASN A 102 -24.00 6.46 -50.95
N HIS A 103 -23.69 6.65 -52.23
CA HIS A 103 -24.35 5.86 -53.27
C HIS A 103 -23.96 4.39 -53.21
N ALA A 104 -22.83 4.07 -52.58
CA ALA A 104 -22.45 2.67 -52.45
C ALA A 104 -23.49 1.87 -51.67
N LEU A 105 -24.21 2.54 -50.76
CA LEU A 105 -25.26 1.90 -49.97
C LEU A 105 -26.64 2.15 -50.57
N VAL A 106 -26.88 3.34 -51.11
CA VAL A 106 -28.21 3.70 -51.60
C VAL A 106 -28.63 2.79 -52.76
N ASP A 107 -27.70 2.48 -53.66
CA ASP A 107 -28.03 1.63 -54.79
C ASP A 107 -28.44 0.23 -54.38
N ARG A 108 -28.00 -0.24 -53.20
CA ARG A 108 -28.49 -1.51 -52.69
C ARG A 108 -29.95 -1.40 -52.26
N LEU A 109 -30.34 -0.25 -51.68
CA LEU A 109 -31.71 -0.08 -51.24
C LEU A 109 -32.67 0.04 -52.42
N VAL A 110 -32.24 0.71 -53.49
CA VAL A 110 -33.11 0.87 -54.66
C VAL A 110 -33.34 -0.48 -55.33
N GLU A 111 -32.32 -1.33 -55.36
CA GLU A 111 -32.48 -2.67 -55.93
C GLU A 111 -33.52 -3.47 -55.17
N GLY A 112 -33.49 -3.38 -53.84
CA GLY A 112 -34.46 -4.11 -53.03
C GLY A 112 -35.88 -3.66 -53.28
N ALA A 113 -36.09 -2.35 -53.40
CA ALA A 113 -37.44 -1.83 -53.62
C ALA A 113 -38.01 -2.32 -54.95
N ILE A 114 -37.20 -2.32 -56.00
CA ILE A 114 -37.67 -2.77 -57.30
C ILE A 114 -37.93 -4.28 -57.28
N ASP A 115 -37.08 -5.03 -56.59
CA ASP A 115 -37.27 -6.48 -56.51
C ASP A 115 -38.58 -6.82 -55.82
N CYS A 116 -38.92 -6.11 -54.75
CA CYS A 116 -40.14 -6.39 -54.02
C CYS A 116 -41.37 -6.18 -54.90
N ILE A 117 -41.39 -5.07 -55.65
CA ILE A 117 -42.56 -4.73 -56.45
C ILE A 117 -42.78 -5.76 -57.56
N VAL A 118 -41.70 -6.19 -58.21
CA VAL A 118 -41.83 -7.07 -59.37
C VAL A 118 -42.30 -8.45 -58.96
N ARG A 119 -41.75 -9.01 -57.87
CA ARG A 119 -42.09 -10.36 -57.48
C ARG A 119 -43.44 -10.46 -56.78
N HIS A 120 -44.03 -9.34 -56.38
CA HIS A 120 -45.40 -9.32 -55.88
C HIS A 120 -46.43 -9.07 -56.96
N GLY A 121 -46.01 -8.97 -58.23
CA GLY A 121 -46.93 -8.87 -59.34
C GLY A 121 -46.94 -7.55 -60.08
N GLY A 122 -46.01 -6.64 -59.78
CA GLY A 122 -45.96 -5.36 -60.47
C GLY A 122 -45.11 -5.40 -61.73
N ARG A 123 -45.16 -4.30 -62.48
CA ARG A 123 -44.40 -4.14 -63.70
C ARG A 123 -43.36 -3.04 -63.53
N GLU A 124 -42.19 -3.24 -64.14
CA GLU A 124 -41.17 -2.19 -64.13
C GLU A 124 -41.63 -0.96 -64.92
N GLU A 125 -42.53 -1.14 -65.88
CA GLU A 125 -43.05 -0.02 -66.66
C GLU A 125 -43.85 0.94 -65.81
N ASP A 126 -44.33 0.51 -64.64
CA ASP A 126 -45.16 1.34 -63.78
C ASP A 126 -44.37 2.01 -62.67
N ILE A 127 -43.05 2.01 -62.75
CA ILE A 127 -42.19 2.59 -61.71
C ILE A 127 -41.51 3.82 -62.30
N THR A 128 -41.59 4.93 -61.58
CA THR A 128 -40.92 6.18 -61.94
C THR A 128 -39.86 6.47 -60.89
N LEU A 129 -38.61 6.67 -61.33
CA LEU A 129 -37.48 6.87 -60.45
C LEU A 129 -36.89 8.26 -60.65
N VAL A 130 -36.76 9.01 -59.57
CA VAL A 130 -36.19 10.36 -59.58
C VAL A 130 -35.01 10.39 -58.63
N ARG A 131 -33.90 10.97 -59.08
CA ARG A 131 -32.67 11.04 -58.30
C ARG A 131 -32.36 12.49 -57.95
N VAL A 132 -31.95 12.71 -56.71
CA VAL A 132 -31.64 14.06 -56.20
C VAL A 132 -30.24 14.05 -55.59
N PRO A 133 -29.56 15.19 -55.51
CA PRO A 133 -28.17 15.20 -55.02
C PRO A 133 -28.01 14.84 -53.55
N GLY A 134 -29.04 15.04 -52.71
CA GLY A 134 -28.87 14.78 -51.29
C GLY A 134 -30.21 14.60 -50.60
N SER A 135 -30.13 14.20 -49.33
CA SER A 135 -31.34 13.96 -48.55
C SER A 135 -32.13 15.24 -48.33
N TRP A 136 -31.46 16.38 -48.26
CA TRP A 136 -32.16 17.65 -48.05
C TRP A 136 -33.15 17.94 -49.16
N GLU A 137 -32.86 17.47 -50.38
CA GLU A 137 -33.72 17.75 -51.53
C GLU A 137 -34.82 16.71 -51.74
N ILE A 138 -34.90 15.68 -50.89
CA ILE A 138 -35.94 14.66 -51.06
C ILE A 138 -37.34 15.23 -50.92
N PRO A 139 -37.66 16.00 -49.87
CA PRO A 139 -39.07 16.44 -49.70
C PRO A 139 -39.61 17.25 -50.86
N VAL A 140 -38.81 18.15 -51.44
CA VAL A 140 -39.32 18.97 -52.53
C VAL A 140 -39.53 18.14 -53.78
N ALA A 141 -38.64 17.17 -54.05
CA ALA A 141 -38.83 16.29 -55.19
C ALA A 141 -40.02 15.36 -54.98
N ALA A 142 -40.20 14.86 -53.76
CA ALA A 142 -41.33 13.99 -53.48
C ALA A 142 -42.65 14.72 -53.69
N GLY A 143 -42.66 16.03 -53.46
CA GLY A 143 -43.88 16.80 -53.66
C GLY A 143 -44.34 16.88 -55.10
N GLU A 144 -43.41 16.79 -56.05
CA GLU A 144 -43.79 16.81 -57.45
C GLU A 144 -44.43 15.50 -57.89
N LEU A 145 -43.89 14.37 -57.42
CA LEU A 145 -44.46 13.07 -57.76
C LEU A 145 -45.81 12.87 -57.11
N ALA A 146 -45.94 13.26 -55.84
CA ALA A 146 -47.18 13.00 -55.11
C ALA A 146 -48.36 13.73 -55.71
N ARG A 147 -48.13 14.82 -56.45
CA ARG A 147 -49.20 15.58 -57.05
C ARG A 147 -49.67 15.03 -58.39
N LYS A 148 -48.97 14.04 -58.95
CA LYS A 148 -49.42 13.41 -60.18
C LYS A 148 -50.61 12.50 -59.91
N GLU A 149 -51.56 12.50 -60.84
CA GLU A 149 -52.81 11.77 -60.63
C GLU A 149 -52.62 10.26 -60.78
N ASP A 150 -51.61 9.83 -61.55
CA ASP A 150 -51.42 8.42 -61.84
C ASP A 150 -50.35 7.77 -60.97
N ILE A 151 -50.10 8.32 -59.79
CA ILE A 151 -49.16 7.74 -58.82
C ILE A 151 -49.96 7.34 -57.59
N ASP A 152 -49.79 6.11 -57.14
CA ASP A 152 -50.52 5.59 -56.00
C ASP A 152 -49.78 5.77 -54.68
N ALA A 153 -48.45 5.66 -54.69
CA ALA A 153 -47.66 5.82 -53.47
C ALA A 153 -46.24 6.20 -53.86
N VAL A 154 -45.52 6.79 -52.90
CA VAL A 154 -44.16 7.26 -53.09
C VAL A 154 -43.26 6.63 -52.05
N ILE A 155 -42.05 6.27 -52.45
CA ILE A 155 -41.06 5.64 -51.59
C ILE A 155 -39.82 6.54 -51.55
N ALA A 156 -39.39 6.90 -50.34
CA ALA A 156 -38.24 7.77 -50.13
C ALA A 156 -37.09 6.96 -49.57
N ILE A 157 -35.91 7.10 -50.18
CA ILE A 157 -34.74 6.30 -49.84
C ILE A 157 -33.54 7.23 -49.65
N GLY A 158 -32.77 6.99 -48.60
CA GLY A 158 -31.56 7.76 -48.34
C GLY A 158 -30.79 7.15 -47.20
N VAL A 159 -29.56 7.62 -47.03
CA VAL A 159 -28.66 7.15 -45.98
C VAL A 159 -27.99 8.36 -45.33
N LEU A 160 -28.09 8.43 -44.00
CA LEU A 160 -27.41 9.45 -43.20
C LEU A 160 -26.60 8.77 -42.11
N ILE A 161 -25.34 9.20 -41.96
CA ILE A 161 -24.43 8.63 -40.99
C ILE A 161 -23.86 9.77 -40.14
N ARG A 162 -23.93 9.61 -38.83
CA ARG A 162 -23.47 10.64 -37.91
C ARG A 162 -21.95 10.78 -37.96
N THR B 3 -23.33 27.84 -24.76
CA THR B 3 -24.63 28.30 -24.29
C THR B 3 -25.75 27.76 -25.20
N PRO B 4 -26.97 27.65 -24.67
CA PRO B 4 -28.07 27.13 -25.50
C PRO B 4 -28.52 28.07 -26.60
N HIS B 5 -27.96 29.28 -26.68
CA HIS B 5 -28.32 30.20 -27.76
C HIS B 5 -28.08 29.57 -29.12
N PHE B 6 -27.05 28.73 -29.24
CA PHE B 6 -26.73 28.10 -30.52
C PHE B 6 -27.88 27.23 -31.02
N ASP B 7 -28.50 26.46 -30.13
CA ASP B 7 -29.48 25.47 -30.57
C ASP B 7 -30.72 26.12 -31.17
N TYR B 8 -31.24 27.16 -30.52
CA TYR B 8 -32.51 27.73 -30.96
C TYR B 8 -32.38 28.43 -32.30
N ILE B 9 -31.26 29.12 -32.53
CA ILE B 9 -31.06 29.79 -33.83
C ILE B 9 -30.93 28.75 -34.93
N ALA B 10 -30.16 27.69 -34.67
CA ALA B 10 -29.95 26.66 -35.69
C ALA B 10 -31.25 25.95 -36.05
N SER B 11 -32.09 25.68 -35.06
CA SER B 11 -33.34 24.99 -35.31
C SER B 11 -34.27 25.82 -36.18
N GLU B 12 -34.34 27.12 -35.93
CA GLU B 12 -35.30 27.96 -36.64
C GLU B 12 -34.85 28.26 -38.07
N VAL B 13 -33.54 28.40 -38.28
CA VAL B 13 -33.05 28.69 -39.63
C VAL B 13 -33.29 27.49 -40.54
N SER B 14 -32.96 26.29 -40.06
CA SER B 14 -33.17 25.09 -40.87
C SER B 14 -34.65 24.85 -41.13
N LYS B 15 -35.49 25.02 -40.09
CA LYS B 15 -36.93 24.80 -40.26
C LYS B 15 -37.53 25.82 -41.22
N GLY B 16 -37.11 27.08 -41.13
CA GLY B 16 -37.67 28.10 -41.99
C GLY B 16 -37.42 27.84 -43.47
N LEU B 17 -36.18 27.48 -43.80
CA LEU B 17 -35.83 27.26 -45.20
C LEU B 17 -36.55 26.04 -45.76
N ALA B 18 -36.71 24.99 -44.95
CA ALA B 18 -37.37 23.77 -45.42
C ALA B 18 -38.84 24.04 -45.76
N ASN B 19 -39.56 24.70 -44.86
CA ASN B 19 -40.97 25.00 -45.13
C ASN B 19 -41.12 25.92 -46.33
N LEU B 20 -40.20 26.87 -46.48
CA LEU B 20 -40.29 27.82 -47.59
C LEU B 20 -40.17 27.11 -48.93
N SER B 21 -39.29 26.12 -49.03
CA SER B 21 -39.10 25.41 -50.29
C SER B 21 -40.36 24.65 -50.68
N LEU B 22 -41.05 24.06 -49.71
CA LEU B 22 -42.26 23.30 -50.01
C LEU B 22 -43.41 24.22 -50.38
N GLU B 23 -43.52 25.37 -49.71
CA GLU B 23 -44.62 26.29 -49.99
C GLU B 23 -44.52 26.88 -51.39
N LEU B 24 -43.32 27.34 -51.78
CA LEU B 24 -43.11 27.94 -53.08
C LEU B 24 -42.77 26.92 -54.16
N ARG B 25 -42.48 25.68 -53.78
CA ARG B 25 -42.17 24.61 -54.74
C ARG B 25 -40.99 25.00 -55.62
N LYS B 26 -39.93 25.52 -54.98
CA LYS B 26 -38.71 25.91 -55.66
C LYS B 26 -37.51 25.38 -54.88
N PRO B 27 -36.41 25.01 -55.54
CA PRO B 27 -35.26 24.47 -54.80
C PRO B 27 -34.56 25.54 -53.96
N ILE B 28 -34.24 25.18 -52.72
CA ILE B 28 -33.41 25.99 -51.84
C ILE B 28 -32.40 25.07 -51.18
N THR B 29 -31.12 25.44 -51.25
CA THR B 29 -30.03 24.60 -50.79
C THR B 29 -29.49 25.10 -49.46
N PHE B 30 -29.08 24.16 -48.60
CA PHE B 30 -28.66 24.47 -47.23
C PHE B 30 -27.13 24.51 -47.20
N GLY B 31 -26.59 25.72 -47.21
CA GLY B 31 -25.15 25.92 -47.17
C GLY B 31 -24.64 26.54 -45.88
N VAL B 32 -25.23 26.15 -44.76
CA VAL B 32 -24.92 26.74 -43.46
C VAL B 32 -24.07 25.76 -42.66
N ILE B 33 -22.92 26.22 -42.19
CA ILE B 33 -22.05 25.41 -41.34
C ILE B 33 -22.54 25.48 -39.90
N THR B 34 -22.58 24.32 -39.25
CA THR B 34 -22.95 24.23 -37.83
C THR B 34 -21.86 23.41 -37.13
N ALA B 35 -20.91 24.10 -36.51
CA ALA B 35 -19.73 23.48 -35.94
C ALA B 35 -19.70 23.66 -34.43
N ASP B 36 -19.01 22.73 -33.76
CA ASP B 36 -18.84 22.80 -32.31
C ASP B 36 -17.62 23.60 -31.89
N THR B 37 -16.63 23.73 -32.77
CA THR B 37 -15.39 24.43 -32.45
C THR B 37 -14.94 25.25 -33.65
N LEU B 38 -14.08 26.24 -33.38
CA LEU B 38 -13.56 27.07 -34.45
C LEU B 38 -12.74 26.26 -35.44
N GLU B 39 -11.98 25.27 -34.94
CA GLU B 39 -11.17 24.45 -35.83
C GLU B 39 -12.04 23.69 -36.83
N GLN B 40 -13.17 23.15 -36.36
CA GLN B 40 -14.06 22.43 -37.26
C GLN B 40 -14.61 23.34 -38.35
N ALA B 41 -14.80 24.62 -38.05
CA ALA B 41 -15.35 25.54 -39.05
C ALA B 41 -14.32 25.86 -40.13
N ILE B 42 -13.06 26.10 -39.74
CA ILE B 42 -12.02 26.39 -40.71
C ILE B 42 -11.81 25.19 -41.63
N GLU B 43 -12.04 23.98 -41.12
CA GLU B 43 -11.84 22.78 -41.92
C GLU B 43 -12.75 22.77 -43.15
N ARG B 44 -13.98 23.28 -43.00
CA ARG B 44 -14.99 23.19 -44.04
C ARG B 44 -15.15 24.49 -44.83
N ALA B 45 -14.30 25.48 -44.61
CA ALA B 45 -14.39 26.78 -45.26
C ALA B 45 -13.30 26.99 -46.31
N GLY B 46 -12.96 25.96 -47.06
CA GLY B 46 -11.91 26.03 -48.06
C GLY B 46 -10.63 25.33 -47.69
N THR B 47 -10.69 24.36 -46.78
CA THR B 47 -9.51 23.64 -46.31
C THR B 47 -9.77 22.14 -46.34
N LYS B 48 -8.96 21.36 -45.63
CA LYS B 48 -8.81 19.91 -45.86
C LYS B 48 -10.14 19.17 -46.01
N HIS B 49 -11.26 19.70 -45.52
CA HIS B 49 -12.56 19.06 -45.70
C HIS B 49 -13.42 19.76 -46.75
N GLY B 50 -12.80 20.56 -47.63
CA GLY B 50 -13.51 21.14 -48.75
C GLY B 50 -14.18 22.46 -48.41
N ASN B 51 -15.04 22.89 -49.34
CA ASN B 51 -15.76 24.15 -49.23
C ASN B 51 -17.26 23.87 -49.33
N LYS B 52 -17.99 24.24 -48.29
CA LYS B 52 -19.44 23.99 -48.29
C LYS B 52 -20.17 24.91 -49.25
N GLY B 53 -19.60 26.09 -49.53
CA GLY B 53 -20.22 26.97 -50.51
C GLY B 53 -20.20 26.40 -51.90
N TRP B 54 -19.10 25.73 -52.27
CA TRP B 54 -19.02 25.07 -53.56
C TRP B 54 -20.05 23.95 -53.66
N GLU B 55 -20.19 23.15 -52.60
CA GLU B 55 -21.10 22.01 -52.64
C GLU B 55 -22.55 22.47 -52.77
N ALA B 56 -22.93 23.53 -52.06
CA ALA B 56 -24.31 24.02 -52.13
C ALA B 56 -24.65 24.51 -53.53
N ALA B 57 -23.71 25.18 -54.20
CA ALA B 57 -23.97 25.66 -55.55
C ALA B 57 -24.13 24.48 -56.52
N LEU B 58 -23.34 23.42 -56.35
CA LEU B 58 -23.46 22.27 -57.24
C LEU B 58 -24.81 21.60 -57.10
N SER B 59 -25.34 21.53 -55.89
CA SER B 59 -26.67 20.96 -55.68
C SER B 59 -27.74 21.80 -56.36
N ALA B 60 -27.61 23.13 -56.30
CA ALA B 60 -28.60 24.01 -56.91
C ALA B 60 -28.65 23.81 -58.41
N ILE B 61 -27.49 23.67 -59.06
CA ILE B 61 -27.46 23.51 -60.51
C ILE B 61 -28.19 22.23 -60.91
N GLU B 62 -27.94 21.13 -60.19
CA GLU B 62 -28.58 19.86 -60.53
C GLU B 62 -30.09 19.95 -60.35
N MET B 63 -30.53 20.54 -59.24
CA MET B 63 -31.97 20.61 -58.98
C MET B 63 -32.68 21.46 -60.01
N ALA B 64 -32.05 22.54 -60.45
CA ALA B 64 -32.67 23.39 -61.47
C ALA B 64 -32.87 22.64 -62.78
N ASN B 65 -31.89 21.84 -63.18
CA ASN B 65 -32.04 21.05 -64.40
C ASN B 65 -33.08 19.94 -64.23
N LEU B 66 -33.14 19.34 -63.05
CA LEU B 66 -34.10 18.27 -62.81
C LEU B 66 -35.53 18.80 -62.93
N PHE B 67 -35.81 19.96 -62.33
CA PHE B 67 -37.16 20.51 -62.38
C PHE B 67 -37.55 20.91 -63.79
N LYS B 68 -36.57 21.36 -64.58
CA LYS B 68 -36.83 21.68 -66.02
C LYS B 68 -37.25 20.36 -66.69
N SER B 69 -36.68 19.21 -66.31
CA SER B 69 -36.98 17.94 -66.96
C SER B 69 -38.34 17.39 -66.55
N LEU B 70 -38.68 17.51 -65.26
CA LEU B 70 -39.96 16.98 -64.79
C LEU B 70 -41.13 17.69 -65.46
N ARG B 71 -41.03 19.01 -65.61
CA ARG B 71 -42.12 19.80 -66.17
C ARG B 71 -42.15 19.79 -67.69
N GLY B 72 -41.20 19.12 -68.34
CA GLY B 72 -41.21 18.96 -69.77
C GLY B 72 -41.97 17.74 -70.22
N THR B 73 -41.66 17.29 -71.43
CA THR B 73 -42.35 16.12 -71.98
C THR B 73 -41.98 14.84 -71.27
N GLY B 74 -40.72 14.71 -70.83
CA GLY B 74 -40.27 13.50 -70.18
C GLY B 74 -39.82 12.43 -71.16
N GLY B 75 -40.68 12.10 -72.12
CA GLY B 75 -40.31 11.13 -73.14
C GLY B 75 -40.24 9.70 -72.60
N SER B 76 -39.52 8.87 -73.35
CA SER B 76 -39.35 7.46 -73.03
C SER B 76 -40.67 6.70 -73.06
N GLY B 77 -40.60 5.38 -73.06
CA GLY B 77 -41.81 4.57 -73.09
C GLY B 77 -41.45 3.10 -73.09
N SER B 78 -42.44 2.30 -72.67
CA SER B 78 -42.29 0.85 -72.60
C SER B 78 -41.16 0.42 -71.68
N SER B 79 -40.75 1.30 -70.76
CA SER B 79 -39.66 0.99 -69.85
C SER B 79 -39.74 1.95 -68.66
N MET B 80 -38.93 1.67 -67.65
CA MET B 80 -38.92 2.49 -66.43
C MET B 80 -38.45 3.89 -66.75
N GLU B 81 -39.23 4.89 -66.36
CA GLU B 81 -38.85 6.28 -66.54
C GLU B 81 -37.88 6.71 -65.45
N ILE B 82 -36.78 7.34 -65.86
CA ILE B 82 -35.76 7.83 -64.93
C ILE B 82 -35.55 9.32 -65.20
N TYR B 83 -35.60 10.12 -64.14
CA TYR B 83 -35.39 11.56 -64.22
C TYR B 83 -34.12 11.92 -63.46
N GLU B 84 -33.26 12.71 -64.10
CA GLU B 84 -32.02 13.15 -63.48
C GLU B 84 -31.61 14.48 -64.08
N GLY B 85 -30.74 15.19 -63.36
CA GLY B 85 -30.31 16.52 -63.75
C GLY B 85 -28.85 16.55 -64.17
N LYS B 86 -28.57 17.33 -65.22
CA LYS B 86 -27.20 17.49 -65.73
C LYS B 86 -26.48 18.46 -64.80
N LEU B 87 -25.22 18.74 -65.06
CA LEU B 87 -24.40 19.69 -64.33
C LEU B 87 -23.89 20.81 -65.26
N THR B 88 -24.75 21.30 -66.14
CA THR B 88 -24.45 22.45 -66.99
C THR B 88 -25.28 23.64 -66.52
N ALA B 89 -24.63 24.78 -66.34
CA ALA B 89 -25.26 25.97 -65.79
C ALA B 89 -25.61 27.02 -66.86
N GLU B 90 -25.49 26.67 -68.14
CA GLU B 90 -25.77 27.65 -69.19
C GLU B 90 -27.24 28.03 -69.19
N GLY B 91 -27.52 29.33 -69.09
CA GLY B 91 -28.86 29.85 -69.16
C GLY B 91 -29.60 29.95 -67.84
N LEU B 92 -29.01 29.49 -66.74
CA LEU B 92 -29.69 29.51 -65.45
C LEU B 92 -29.39 30.78 -64.68
N ARG B 93 -30.30 31.15 -63.78
CA ARG B 93 -30.20 32.36 -62.97
C ARG B 93 -30.33 31.99 -61.50
N PHE B 94 -29.41 32.51 -60.68
CA PHE B 94 -29.27 32.10 -59.29
C PHE B 94 -29.31 33.30 -58.36
N GLY B 95 -29.85 33.08 -57.15
CA GLY B 95 -29.79 34.06 -56.08
C GLY B 95 -29.04 33.49 -54.88
N ILE B 96 -28.32 34.36 -54.18
CA ILE B 96 -27.51 33.98 -53.02
C ILE B 96 -27.86 34.90 -51.86
N VAL B 97 -28.05 34.31 -50.68
CA VAL B 97 -28.26 35.05 -49.44
C VAL B 97 -27.16 34.66 -48.48
N ALA B 98 -26.42 35.65 -47.98
CA ALA B 98 -25.26 35.44 -47.12
C ALA B 98 -25.34 36.34 -45.90
N SER B 99 -24.88 35.83 -44.76
CA SER B 99 -24.88 36.60 -43.52
C SER B 99 -23.51 37.25 -43.31
N ARG B 100 -23.49 38.26 -42.42
CA ARG B 100 -22.28 39.03 -42.15
C ARG B 100 -21.53 38.58 -40.91
N PHE B 101 -22.14 37.78 -40.04
CA PHE B 101 -21.45 37.34 -38.83
C PHE B 101 -20.44 36.27 -39.18
N ASN B 102 -19.27 36.32 -38.53
CA ASN B 102 -18.14 35.48 -38.88
C ASN B 102 -17.75 35.68 -40.35
N HIS B 103 -17.61 36.94 -40.76
CA HIS B 103 -17.38 37.24 -42.16
C HIS B 103 -16.04 36.74 -42.66
N ALA B 104 -15.09 36.52 -41.75
CA ALA B 104 -13.79 35.98 -42.17
C ALA B 104 -13.94 34.62 -42.83
N LEU B 105 -14.96 33.85 -42.44
CA LEU B 105 -15.23 32.55 -43.02
C LEU B 105 -16.29 32.61 -44.11
N VAL B 106 -17.31 33.45 -43.93
CA VAL B 106 -18.43 33.49 -44.87
C VAL B 106 -17.95 33.93 -46.25
N ASP B 107 -17.05 34.90 -46.32
CA ASP B 107 -16.57 35.37 -47.62
C ASP B 107 -15.82 34.31 -48.38
N ARG B 108 -15.25 33.31 -47.70
CA ARG B 108 -14.66 32.18 -48.40
C ARG B 108 -15.72 31.31 -49.04
N LEU B 109 -16.88 31.15 -48.38
CA LEU B 109 -17.94 30.32 -48.92
C LEU B 109 -18.59 30.99 -50.13
N VAL B 110 -18.75 32.31 -50.10
CA VAL B 110 -19.37 33.01 -51.21
C VAL B 110 -18.47 32.94 -52.44
N GLU B 111 -17.16 33.01 -52.25
CA GLU B 111 -16.23 32.88 -53.38
C GLU B 111 -16.37 31.52 -54.04
N GLY B 112 -16.49 30.46 -53.24
CA GLY B 112 -16.64 29.13 -53.81
C GLY B 112 -17.89 28.98 -54.63
N ALA B 113 -19.01 29.52 -54.13
CA ALA B 113 -20.28 29.40 -54.85
C ALA B 113 -20.21 30.09 -56.21
N ILE B 114 -19.61 31.27 -56.27
CA ILE B 114 -19.50 31.98 -57.53
C ILE B 114 -18.56 31.26 -58.49
N ASP B 115 -17.46 30.71 -57.96
CA ASP B 115 -16.52 29.99 -58.79
C ASP B 115 -17.16 28.77 -59.45
N CYS B 116 -17.99 28.04 -58.68
CA CYS B 116 -18.64 26.85 -59.22
C CYS B 116 -19.55 27.20 -60.38
N ILE B 117 -20.35 28.26 -60.23
CA ILE B 117 -21.33 28.61 -61.26
C ILE B 117 -20.63 29.03 -62.55
N VAL B 118 -19.56 29.82 -62.44
CA VAL B 118 -18.93 30.37 -63.63
C VAL B 118 -18.22 29.29 -64.44
N ARG B 119 -17.52 28.38 -63.76
CA ARG B 119 -16.74 27.38 -64.49
C ARG B 119 -17.60 26.23 -65.02
N HIS B 120 -18.86 26.13 -64.59
CA HIS B 120 -19.81 25.19 -65.18
C HIS B 120 -20.62 25.80 -66.32
N GLY B 121 -20.34 27.05 -66.69
CA GLY B 121 -20.95 27.67 -67.84
C GLY B 121 -21.91 28.82 -67.57
N GLY B 122 -21.98 29.29 -66.33
CA GLY B 122 -22.86 30.40 -66.00
C GLY B 122 -22.20 31.75 -66.17
N ARG B 123 -23.01 32.80 -66.04
CA ARG B 123 -22.55 34.17 -66.14
C ARG B 123 -22.70 34.87 -64.80
N GLU B 124 -21.75 35.75 -64.48
CA GLU B 124 -21.86 36.56 -63.27
C GLU B 124 -23.03 37.53 -63.36
N GLU B 125 -23.43 37.91 -64.57
CA GLU B 125 -24.56 38.81 -64.74
C GLU B 125 -25.87 38.19 -64.29
N ASP B 126 -25.93 36.87 -64.17
CA ASP B 126 -27.15 36.16 -63.79
C ASP B 126 -27.20 35.80 -62.32
N ILE B 127 -26.32 36.38 -61.50
CA ILE B 127 -26.24 36.09 -60.07
C ILE B 127 -26.68 37.34 -59.31
N THR B 128 -27.61 37.15 -58.38
CA THR B 128 -28.07 38.22 -57.48
C THR B 128 -27.65 37.87 -56.07
N LEU B 129 -26.95 38.79 -55.40
CA LEU B 129 -26.40 38.57 -54.07
C LEU B 129 -27.04 39.53 -53.08
N VAL B 130 -27.58 38.98 -52.00
CA VAL B 130 -28.22 39.76 -50.93
C VAL B 130 -27.51 39.43 -49.63
N ARG B 131 -27.18 40.47 -48.85
CA ARG B 131 -26.46 40.32 -47.60
C ARG B 131 -27.36 40.73 -46.44
N VAL B 132 -27.34 39.95 -45.36
CA VAL B 132 -28.16 40.20 -44.18
C VAL B 132 -27.27 40.22 -42.95
N PRO B 133 -27.70 40.87 -41.85
CA PRO B 133 -26.80 41.00 -40.69
C PRO B 133 -26.52 39.69 -39.96
N GLY B 134 -27.38 38.69 -40.05
CA GLY B 134 -27.17 37.46 -39.29
C GLY B 134 -27.96 36.31 -39.87
N SER B 135 -27.69 35.12 -39.32
CA SER B 135 -28.35 33.91 -39.80
C SER B 135 -29.85 33.94 -39.52
N TRP B 136 -30.26 34.60 -38.44
CA TRP B 136 -31.68 34.67 -38.11
C TRP B 136 -32.49 35.34 -39.22
N GLU B 137 -31.87 36.26 -39.95
CA GLU B 137 -32.58 37.01 -40.99
C GLU B 137 -32.52 36.34 -42.36
N ILE B 138 -31.85 35.19 -42.48
CA ILE B 138 -31.76 34.52 -43.79
C ILE B 138 -33.14 34.10 -44.31
N PRO B 139 -33.98 33.41 -43.54
CA PRO B 139 -35.24 32.90 -44.12
C PRO B 139 -36.14 33.99 -44.68
N VAL B 140 -36.26 35.15 -44.01
CA VAL B 140 -37.14 36.19 -44.51
C VAL B 140 -36.58 36.81 -45.79
N ALA B 141 -35.26 36.97 -45.87
CA ALA B 141 -34.65 37.50 -47.09
C ALA B 141 -34.76 36.50 -48.23
N ALA B 142 -34.57 35.20 -47.93
CA ALA B 142 -34.69 34.19 -48.97
C ALA B 142 -36.10 34.15 -49.54
N GLY B 143 -37.10 34.49 -48.73
CA GLY B 143 -38.47 34.50 -49.21
C GLY B 143 -38.74 35.55 -50.27
N GLU B 144 -38.01 36.66 -50.25
CA GLU B 144 -38.19 37.69 -51.26
C GLU B 144 -37.61 37.27 -52.60
N LEU B 145 -36.43 36.64 -52.58
CA LEU B 145 -35.81 36.18 -53.83
C LEU B 145 -36.60 35.04 -54.45
N ALA B 146 -37.05 34.09 -53.63
CA ALA B 146 -37.72 32.90 -54.15
C ALA B 146 -39.02 33.25 -54.87
N ARG B 147 -39.63 34.39 -54.55
CA ARG B 147 -40.88 34.79 -55.17
C ARG B 147 -40.69 35.50 -56.51
N LYS B 148 -39.46 35.82 -56.88
CA LYS B 148 -39.21 36.42 -58.18
C LYS B 148 -39.33 35.38 -59.29
N GLU B 149 -39.91 35.79 -60.42
CA GLU B 149 -40.19 34.83 -61.50
C GLU B 149 -38.94 34.42 -62.24
N ASP B 150 -37.90 35.26 -62.26
CA ASP B 150 -36.69 35.02 -63.04
C ASP B 150 -35.56 34.45 -62.20
N ILE B 151 -35.86 33.78 -61.09
CA ILE B 151 -34.87 33.11 -60.25
C ILE B 151 -35.18 31.62 -60.30
N ASP B 152 -34.17 30.80 -60.59
CA ASP B 152 -34.35 29.37 -60.70
C ASP B 152 -34.06 28.63 -59.39
N ALA B 153 -33.09 29.11 -58.60
CA ALA B 153 -32.77 28.46 -57.33
C ALA B 153 -32.08 29.48 -56.43
N VAL B 154 -32.11 29.19 -55.14
CA VAL B 154 -31.56 30.07 -54.12
C VAL B 154 -30.55 29.28 -53.29
N ILE B 155 -29.45 29.95 -52.92
CA ILE B 155 -28.38 29.35 -52.13
C ILE B 155 -28.24 30.14 -50.84
N ALA B 156 -28.29 29.47 -49.71
CA ALA B 156 -28.20 30.07 -48.38
C ALA B 156 -26.85 29.72 -47.76
N ILE B 157 -26.15 30.74 -47.26
CA ILE B 157 -24.79 30.58 -46.73
C ILE B 157 -24.71 31.26 -45.37
N GLY B 158 -24.08 30.59 -44.42
CA GLY B 158 -23.87 31.14 -43.09
C GLY B 158 -22.97 30.24 -42.28
N VAL B 159 -22.53 30.77 -41.14
CA VAL B 159 -21.63 30.05 -40.23
C VAL B 159 -22.14 30.24 -38.80
N LEU B 160 -22.34 29.14 -38.10
CA LEU B 160 -22.70 29.15 -36.68
C LEU B 160 -21.72 28.28 -35.90
N ILE B 161 -21.21 28.81 -34.79
CA ILE B 161 -20.24 28.12 -33.96
C ILE B 161 -20.78 28.10 -32.52
N ARG B 162 -20.78 26.91 -31.92
CA ARG B 162 -21.31 26.74 -30.57
C ARG B 162 -20.39 27.43 -29.56
N THR C 3 -34.79 22.87 -14.09
CA THR C 3 -36.03 22.17 -14.44
C THR C 3 -36.30 22.27 -15.94
N PRO C 4 -37.06 21.32 -16.49
CA PRO C 4 -37.35 21.37 -17.93
C PRO C 4 -38.29 22.49 -18.34
N HIS C 5 -38.81 23.26 -17.39
CA HIS C 5 -39.68 24.39 -17.73
C HIS C 5 -38.97 25.36 -18.67
N PHE C 6 -37.66 25.52 -18.50
CA PHE C 6 -36.90 26.46 -19.34
C PHE C 6 -36.98 26.07 -20.82
N ASP C 7 -36.86 24.78 -21.13
CA ASP C 7 -36.74 24.37 -22.52
C ASP C 7 -38.02 24.66 -23.31
N TYR C 8 -39.17 24.34 -22.75
CA TYR C 8 -40.41 24.45 -23.51
C TYR C 8 -40.78 25.89 -23.80
N ILE C 9 -40.55 26.79 -22.85
CA ILE C 9 -40.83 28.20 -23.08
C ILE C 9 -39.90 28.76 -24.16
N ALA C 10 -38.61 28.42 -24.07
CA ALA C 10 -37.65 28.94 -25.05
C ALA C 10 -37.95 28.44 -26.45
N SER C 11 -38.36 27.18 -26.59
CA SER C 11 -38.65 26.63 -27.91
C SER C 11 -39.84 27.34 -28.55
N GLU C 12 -40.88 27.61 -27.76
CA GLU C 12 -42.10 28.18 -28.33
C GLU C 12 -41.94 29.66 -28.68
N VAL C 13 -41.18 30.40 -27.87
CA VAL C 13 -40.98 31.82 -28.16
C VAL C 13 -40.19 32.00 -29.45
N SER C 14 -39.10 31.25 -29.61
CA SER C 14 -38.30 31.35 -30.82
C SER C 14 -39.08 30.90 -32.04
N LYS C 15 -39.82 29.80 -31.92
CA LYS C 15 -40.60 29.30 -33.05
C LYS C 15 -41.70 30.26 -33.44
N GLY C 16 -42.37 30.86 -32.45
CA GLY C 16 -43.46 31.76 -32.76
C GLY C 16 -43.01 32.99 -33.54
N LEU C 17 -41.90 33.60 -33.12
CA LEU C 17 -41.42 34.80 -33.79
C LEU C 17 -40.96 34.49 -35.21
N ALA C 18 -40.32 33.34 -35.41
CA ALA C 18 -39.83 32.99 -36.74
C ALA C 18 -40.96 32.82 -37.74
N ASN C 19 -41.99 32.06 -37.36
CA ASN C 19 -43.13 31.86 -38.26
C ASN C 19 -43.84 33.17 -38.54
N LEU C 20 -43.95 34.03 -37.53
CA LEU C 20 -44.65 35.30 -37.69
C LEU C 20 -43.96 36.17 -38.74
N SER C 21 -42.63 36.20 -38.74
CA SER C 21 -41.91 37.02 -39.69
C SER C 21 -42.14 36.56 -41.12
N LEU C 22 -42.21 35.25 -41.34
CA LEU C 22 -42.42 34.73 -42.69
C LEU C 22 -43.85 34.97 -43.16
N GLU C 23 -44.83 34.84 -42.24
CA GLU C 23 -46.22 35.01 -42.62
C GLU C 23 -46.51 36.45 -43.02
N LEU C 24 -46.06 37.41 -42.23
CA LEU C 24 -46.29 38.83 -42.50
C LEU C 24 -45.23 39.44 -43.41
N ARG C 25 -44.13 38.73 -43.67
CA ARG C 25 -43.08 39.22 -44.55
C ARG C 25 -42.53 40.56 -44.07
N LYS C 26 -42.26 40.64 -42.77
CA LYS C 26 -41.71 41.84 -42.15
C LYS C 26 -40.57 41.43 -41.22
N PRO C 27 -39.53 42.26 -41.08
CA PRO C 27 -38.41 41.87 -40.20
C PRO C 27 -38.80 41.88 -38.73
N ILE C 28 -38.39 40.82 -38.03
CA ILE C 28 -38.50 40.74 -36.58
C ILE C 28 -37.18 40.20 -36.05
N THR C 29 -36.60 40.91 -35.07
CA THR C 29 -35.28 40.60 -34.55
C THR C 29 -35.38 39.92 -33.20
N PHE C 30 -34.45 38.98 -32.94
CA PHE C 30 -34.48 38.13 -31.76
C PHE C 30 -33.51 38.71 -30.74
N GLY C 31 -34.05 39.41 -29.74
CA GLY C 31 -33.25 40.01 -28.70
C GLY C 31 -33.46 39.38 -27.34
N VAL C 32 -33.63 38.06 -27.29
CA VAL C 32 -33.93 37.35 -26.06
C VAL C 32 -32.69 36.61 -25.59
N ILE C 33 -32.30 36.85 -24.33
CA ILE C 33 -31.17 36.16 -23.73
C ILE C 33 -31.62 34.80 -23.21
N THR C 34 -30.83 33.77 -23.49
CA THR C 34 -31.08 32.42 -22.99
C THR C 34 -29.79 31.92 -22.33
N ALA C 35 -29.71 32.06 -21.01
CA ALA C 35 -28.50 31.78 -20.26
C ALA C 35 -28.70 30.60 -19.32
N ASP C 36 -27.60 29.94 -18.98
CA ASP C 36 -27.62 28.83 -18.03
C ASP C 36 -27.43 29.28 -16.59
N THR C 37 -26.83 30.44 -16.37
CA THR C 37 -26.55 30.93 -15.02
C THR C 37 -26.81 32.43 -14.96
N LEU C 38 -26.99 32.93 -13.74
CA LEU C 38 -27.21 34.37 -13.56
C LEU C 38 -26.00 35.18 -14.01
N GLU C 39 -24.80 34.66 -13.76
CA GLU C 39 -23.59 35.38 -14.16
C GLU C 39 -23.54 35.55 -15.68
N GLN C 40 -23.90 34.52 -16.43
CA GLN C 40 -23.90 34.63 -17.89
C GLN C 40 -24.88 35.69 -18.37
N ALA C 41 -25.98 35.89 -17.65
CA ALA C 41 -26.97 36.88 -18.07
C ALA C 41 -26.48 38.30 -17.83
N ILE C 42 -25.84 38.54 -16.68
CA ILE C 42 -25.32 39.88 -16.40
C ILE C 42 -24.23 40.24 -17.40
N GLU C 43 -23.50 39.24 -17.90
CA GLU C 43 -22.44 39.49 -18.85
C GLU C 43 -22.95 40.17 -20.12
N ARG C 44 -24.15 39.77 -20.57
CA ARG C 44 -24.70 40.22 -21.84
C ARG C 44 -25.72 41.33 -21.71
N ALA C 45 -25.91 41.87 -20.51
CA ALA C 45 -26.91 42.91 -20.24
C ALA C 45 -26.29 44.28 -20.00
N GLY C 46 -25.24 44.62 -20.75
CA GLY C 46 -24.56 45.88 -20.59
C GLY C 46 -23.20 45.79 -19.92
N THR C 47 -22.58 44.61 -19.96
CA THR C 47 -21.28 44.38 -19.32
C THR C 47 -20.33 43.70 -20.30
N LYS C 48 -19.25 43.12 -19.79
CA LYS C 48 -18.06 42.77 -20.58
C LYS C 48 -18.36 42.10 -21.92
N HIS C 49 -19.52 41.47 -22.08
CA HIS C 49 -19.89 40.87 -23.36
C HIS C 49 -20.93 41.69 -24.12
N GLY C 50 -21.06 42.97 -23.80
CA GLY C 50 -21.91 43.87 -24.57
C GLY C 50 -23.36 43.86 -24.12
N ASN C 51 -24.19 44.47 -24.96
CA ASN C 51 -25.62 44.61 -24.70
C ASN C 51 -26.38 44.01 -25.88
N LYS C 52 -27.21 43.01 -25.58
CA LYS C 52 -27.98 42.35 -26.64
C LYS C 52 -29.10 43.24 -27.16
N GLY C 53 -29.59 44.16 -26.33
CA GLY C 53 -30.60 45.09 -26.81
C GLY C 53 -30.07 46.03 -27.87
N TRP C 54 -28.83 46.49 -27.71
CA TRP C 54 -28.21 47.33 -28.73
C TRP C 54 -28.05 46.57 -30.04
N GLU C 55 -27.60 45.31 -29.95
CA GLU C 55 -27.35 44.53 -31.17
C GLU C 55 -28.63 44.27 -31.94
N ALA C 56 -29.72 43.96 -31.23
CA ALA C 56 -30.99 43.69 -31.90
C ALA C 56 -31.50 44.91 -32.64
N ALA C 57 -31.35 46.10 -32.05
CA ALA C 57 -31.79 47.32 -32.72
C ALA C 57 -30.98 47.59 -33.98
N LEU C 58 -29.66 47.32 -33.93
CA LEU C 58 -28.83 47.56 -35.11
C LEU C 58 -29.23 46.64 -36.25
N SER C 59 -29.59 45.40 -35.96
CA SER C 59 -30.06 44.49 -37.00
C SER C 59 -31.36 44.98 -37.63
N ALA C 60 -32.26 45.51 -36.80
CA ALA C 60 -33.54 45.99 -37.33
C ALA C 60 -33.34 47.16 -38.29
N ILE C 61 -32.43 48.08 -37.98
CA ILE C 61 -32.20 49.22 -38.85
C ILE C 61 -31.70 48.76 -40.21
N GLU C 62 -30.76 47.83 -40.23
CA GLU C 62 -30.21 47.35 -41.49
C GLU C 62 -31.29 46.66 -42.33
N MET C 63 -32.08 45.79 -41.69
CA MET C 63 -33.10 45.04 -42.43
C MET C 63 -34.15 45.98 -43.02
N ALA C 64 -34.53 47.03 -42.28
CA ALA C 64 -35.50 47.97 -42.79
C ALA C 64 -34.99 48.67 -44.05
N ASN C 65 -33.72 49.06 -44.06
CA ASN C 65 -33.16 49.71 -45.25
C ASN C 65 -33.03 48.72 -46.40
N LEU C 66 -32.68 47.46 -46.10
CA LEU C 66 -32.54 46.47 -47.15
C LEU C 66 -33.86 46.23 -47.86
N PHE C 67 -34.96 46.09 -47.10
CA PHE C 67 -36.25 45.83 -47.71
C PHE C 67 -36.72 47.03 -48.54
N LYS C 68 -36.38 48.24 -48.11
CA LYS C 68 -36.69 49.46 -48.91
C LYS C 68 -35.96 49.33 -50.24
N SER C 69 -34.74 48.76 -50.26
CA SER C 69 -33.95 48.68 -51.49
C SER C 69 -34.45 47.59 -52.43
N LEU C 70 -34.84 46.44 -51.87
CA LEU C 70 -35.32 45.34 -52.72
C LEU C 70 -36.59 45.73 -53.47
N ARG C 71 -37.50 46.44 -52.80
CA ARG C 71 -38.78 46.79 -53.39
C ARG C 71 -38.70 48.04 -54.25
N GLY C 72 -37.54 48.67 -54.36
CA GLY C 72 -37.34 49.81 -55.23
C GLY C 72 -36.91 49.38 -56.62
N THR C 73 -36.28 50.32 -57.33
CA THR C 73 -35.85 50.05 -58.70
C THR C 73 -34.68 49.08 -58.72
N GLY C 74 -33.77 49.15 -57.75
CA GLY C 74 -32.60 48.30 -57.73
C GLY C 74 -31.45 48.85 -58.54
N GLY C 75 -31.71 49.18 -59.81
CA GLY C 75 -30.68 49.78 -60.65
C GLY C 75 -29.60 48.80 -61.05
N SER C 76 -28.46 49.35 -61.43
CA SER C 76 -27.30 48.59 -61.89
C SER C 76 -27.62 47.80 -63.16
N GLY C 77 -26.57 47.29 -63.81
CA GLY C 77 -26.77 46.52 -65.03
C GLY C 77 -25.43 46.06 -65.58
N SER C 78 -25.50 45.02 -66.40
CA SER C 78 -24.32 44.43 -67.04
C SER C 78 -23.31 43.92 -66.01
N SER C 79 -23.75 43.67 -64.78
CA SER C 79 -22.85 43.21 -63.73
C SER C 79 -23.69 42.59 -62.63
N MET C 80 -23.00 41.93 -61.69
CA MET C 80 -23.68 41.27 -60.58
C MET C 80 -24.40 42.28 -59.71
N GLU C 81 -25.69 42.05 -59.48
CA GLU C 81 -26.47 42.91 -58.60
C GLU C 81 -26.22 42.56 -57.14
N ILE C 82 -25.94 43.57 -56.32
CA ILE C 82 -25.69 43.39 -54.89
C ILE C 82 -26.64 44.29 -54.12
N TYR C 83 -27.34 43.72 -53.15
CA TYR C 83 -28.27 44.43 -52.30
C TYR C 83 -27.75 44.44 -50.87
N GLU C 84 -27.74 45.62 -50.25
CA GLU C 84 -27.29 45.76 -48.87
C GLU C 84 -27.98 46.95 -48.25
N GLY C 85 -27.97 46.98 -46.91
CA GLY C 85 -28.67 48.01 -46.16
C GLY C 85 -27.70 48.92 -45.43
N LYS C 86 -28.04 50.22 -45.42
CA LYS C 86 -27.22 51.24 -44.74
C LYS C 86 -27.53 51.13 -43.25
N LEU C 87 -26.89 51.95 -42.43
CA LEU C 87 -27.11 52.05 -40.99
C LEU C 87 -27.54 53.45 -40.58
N THR C 88 -28.44 54.05 -41.37
CA THR C 88 -29.05 55.33 -41.05
C THR C 88 -30.52 55.11 -40.70
N ALA C 89 -30.95 55.67 -39.57
CA ALA C 89 -32.30 55.45 -39.05
C ALA C 89 -33.24 56.62 -39.32
N GLU C 90 -32.84 57.59 -40.14
CA GLU C 90 -33.68 58.75 -40.39
C GLU C 90 -34.94 58.34 -41.14
N GLY C 91 -36.11 58.68 -40.58
CA GLY C 91 -37.38 58.42 -41.21
C GLY C 91 -38.02 57.09 -40.90
N LEU C 92 -37.35 56.22 -40.15
CA LEU C 92 -37.88 54.88 -39.86
C LEU C 92 -38.68 54.89 -38.56
N ARG C 93 -39.62 53.93 -38.47
CA ARG C 93 -40.50 53.79 -37.33
C ARG C 93 -40.40 52.37 -36.78
N PHE C 94 -40.23 52.25 -35.47
CA PHE C 94 -39.91 50.98 -34.83
C PHE C 94 -40.89 50.66 -33.70
N GLY C 95 -41.14 49.38 -33.49
CA GLY C 95 -41.90 48.90 -32.34
C GLY C 95 -41.06 47.97 -31.50
N ILE C 96 -41.27 48.01 -30.18
CA ILE C 96 -40.53 47.21 -29.23
C ILE C 96 -41.50 46.49 -28.31
N VAL C 97 -41.26 45.19 -28.10
CA VAL C 97 -42.02 44.37 -27.16
C VAL C 97 -41.05 43.84 -26.11
N ALA C 98 -41.35 44.11 -24.84
CA ALA C 98 -40.47 43.75 -23.73
C ALA C 98 -41.27 43.08 -22.64
N SER C 99 -40.65 42.10 -21.97
CA SER C 99 -41.28 41.38 -20.88
C SER C 99 -40.89 41.99 -19.54
N ARG C 100 -41.68 41.67 -18.50
CA ARG C 100 -41.48 42.23 -17.17
C ARG C 100 -40.72 41.31 -16.23
N PHE C 101 -40.58 40.03 -16.56
CA PHE C 101 -39.86 39.12 -15.68
C PHE C 101 -38.36 39.36 -15.78
N ASN C 102 -37.67 39.28 -14.65
CA ASN C 102 -36.26 39.68 -14.55
C ASN C 102 -36.07 41.12 -15.00
N HIS C 103 -36.91 42.02 -14.47
CA HIS C 103 -36.90 43.40 -14.96
C HIS C 103 -35.60 44.12 -14.62
N ALA C 104 -34.86 43.65 -13.62
CA ALA C 104 -33.59 44.28 -13.30
C ALA C 104 -32.63 44.22 -14.48
N LEU C 105 -32.75 43.19 -15.32
CA LEU C 105 -31.91 43.04 -16.50
C LEU C 105 -32.60 43.57 -17.77
N VAL C 106 -33.91 43.37 -17.87
CA VAL C 106 -34.63 43.73 -19.10
C VAL C 106 -34.56 45.24 -19.33
N ASP C 107 -34.70 46.04 -18.27
CA ASP C 107 -34.66 47.48 -18.44
C ASP C 107 -33.31 47.98 -18.94
N ARG C 108 -32.23 47.23 -18.71
CA ARG C 108 -30.95 47.58 -19.31
C ARG C 108 -30.97 47.36 -20.82
N LEU C 109 -31.64 46.30 -21.27
CA LEU C 109 -31.70 46.00 -22.69
C LEU C 109 -32.56 47.03 -23.44
N VAL C 110 -33.65 47.48 -22.82
CA VAL C 110 -34.52 48.45 -23.47
C VAL C 110 -33.81 49.78 -23.62
N GLU C 111 -33.00 50.16 -22.62
CA GLU C 111 -32.23 51.39 -22.71
C GLU C 111 -31.26 51.35 -23.89
N GLY C 112 -30.60 50.21 -24.07
CA GLY C 112 -29.67 50.09 -25.18
C GLY C 112 -30.33 50.22 -26.54
N ALA C 113 -31.51 49.60 -26.70
CA ALA C 113 -32.20 49.66 -27.98
C ALA C 113 -32.60 51.09 -28.33
N ILE C 114 -33.08 51.85 -27.34
CA ILE C 114 -33.47 53.24 -27.60
C ILE C 114 -32.24 54.09 -27.90
N ASP C 115 -31.15 53.85 -27.19
CA ASP C 115 -29.93 54.62 -27.43
C ASP C 115 -29.41 54.42 -28.84
N CYS C 116 -29.45 53.18 -29.33
CA CYS C 116 -28.96 52.89 -30.68
C CYS C 116 -29.76 53.65 -31.73
N ILE C 117 -31.09 53.65 -31.60
CA ILE C 117 -31.93 54.26 -32.61
C ILE C 117 -31.72 55.77 -32.66
N VAL C 118 -31.61 56.41 -31.49
CA VAL C 118 -31.53 57.86 -31.45
C VAL C 118 -30.21 58.36 -32.02
N ARG C 119 -29.10 57.72 -31.67
CA ARG C 119 -27.80 58.21 -32.10
C ARG C 119 -27.48 57.86 -33.55
N HIS C 120 -28.25 56.98 -34.17
CA HIS C 120 -28.14 56.73 -35.60
C HIS C 120 -29.06 57.61 -36.43
N GLY C 121 -29.80 58.53 -35.80
CA GLY C 121 -30.60 59.50 -36.52
C GLY C 121 -32.11 59.36 -36.38
N GLY C 122 -32.58 58.49 -35.49
CA GLY C 122 -34.01 58.33 -35.30
C GLY C 122 -34.58 59.27 -34.25
N ARG C 123 -35.91 59.28 -34.16
CA ARG C 123 -36.63 60.09 -33.18
C ARG C 123 -37.33 59.20 -32.17
N GLU C 124 -37.37 59.65 -30.92
CA GLU C 124 -38.12 58.93 -29.90
C GLU C 124 -39.62 58.94 -30.19
N GLU C 125 -40.10 59.95 -30.92
CA GLU C 125 -41.51 60.02 -31.27
C GLU C 125 -41.93 58.88 -32.19
N ASP C 126 -40.99 58.24 -32.86
CA ASP C 126 -41.29 57.17 -33.81
C ASP C 126 -41.15 55.78 -33.21
N ILE C 127 -41.03 55.67 -31.88
CA ILE C 127 -40.86 54.40 -31.20
C ILE C 127 -42.12 54.10 -30.40
N THR C 128 -42.65 52.90 -30.58
CA THR C 128 -43.80 52.41 -29.84
C THR C 128 -43.34 51.24 -28.96
N LEU C 129 -43.63 51.34 -27.65
CA LEU C 129 -43.16 50.36 -26.67
C LEU C 129 -44.36 49.68 -26.03
N VAL C 130 -44.38 48.35 -26.08
CA VAL C 130 -45.42 47.53 -25.49
C VAL C 130 -44.79 46.59 -24.47
N ARG C 131 -45.40 46.49 -23.28
CA ARG C 131 -44.89 45.66 -22.21
C ARG C 131 -45.85 44.52 -21.93
N VAL C 132 -45.32 43.32 -21.73
CA VAL C 132 -46.12 42.12 -21.48
C VAL C 132 -45.61 41.44 -20.21
N PRO C 133 -46.44 40.64 -19.53
CA PRO C 133 -46.02 40.07 -18.24
C PRO C 133 -44.89 39.04 -18.34
N GLY C 134 -44.71 38.38 -19.48
CA GLY C 134 -43.70 37.34 -19.56
C GLY C 134 -43.32 37.05 -21.00
N SER C 135 -42.27 36.22 -21.14
CA SER C 135 -41.79 35.88 -22.48
C SER C 135 -42.81 35.09 -23.27
N TRP C 136 -43.64 34.30 -22.59
CA TRP C 136 -44.64 33.49 -23.28
C TRP C 136 -45.62 34.37 -24.07
N GLU C 137 -45.87 35.60 -23.59
CA GLU C 137 -46.83 36.49 -24.23
C GLU C 137 -46.21 37.38 -25.30
N ILE C 138 -44.90 37.28 -25.55
CA ILE C 138 -44.27 38.13 -26.56
C ILE C 138 -44.82 37.86 -27.97
N PRO C 139 -44.91 36.61 -28.44
CA PRO C 139 -45.33 36.41 -29.83
C PRO C 139 -46.70 36.97 -30.17
N VAL C 140 -47.68 36.83 -29.26
CA VAL C 140 -49.02 37.32 -29.56
C VAL C 140 -49.05 38.85 -29.58
N ALA C 141 -48.29 39.49 -28.68
CA ALA C 141 -48.21 40.95 -28.68
C ALA C 141 -47.46 41.45 -29.91
N ALA C 142 -46.40 40.76 -30.30
CA ALA C 142 -45.64 41.16 -31.49
C ALA C 142 -46.51 41.09 -32.75
N GLY C 143 -47.48 40.16 -32.76
CA GLY C 143 -48.36 40.04 -33.91
C GLY C 143 -49.27 41.24 -34.12
N GLU C 144 -49.62 41.95 -33.05
CA GLU C 144 -50.45 43.14 -33.19
C GLU C 144 -49.67 44.30 -33.77
N LEU C 145 -48.41 44.49 -33.33
CA LEU C 145 -47.60 45.57 -33.87
C LEU C 145 -47.23 45.32 -35.32
N ALA C 146 -46.86 44.08 -35.66
CA ALA C 146 -46.39 43.79 -37.00
C ALA C 146 -47.46 44.02 -38.05
N ARG C 147 -48.73 43.98 -37.66
CA ARG C 147 -49.82 44.18 -38.62
C ARG C 147 -50.15 45.64 -38.86
N LYS C 148 -49.55 46.57 -38.10
CA LYS C 148 -49.77 47.98 -38.35
C LYS C 148 -49.00 48.43 -39.59
N GLU C 149 -49.61 49.31 -40.37
CA GLU C 149 -49.03 49.71 -41.65
C GLU C 149 -47.85 50.64 -41.46
N ASP C 150 -47.80 51.40 -40.37
CA ASP C 150 -46.78 52.41 -40.14
C ASP C 150 -45.64 51.92 -39.25
N ILE C 151 -45.42 50.62 -39.19
CA ILE C 151 -44.30 50.03 -38.44
C ILE C 151 -43.39 49.35 -39.45
N ASP C 152 -42.10 49.66 -39.38
CA ASP C 152 -41.12 49.10 -40.31
C ASP C 152 -40.46 47.83 -39.79
N ALA C 153 -40.23 47.73 -38.48
CA ALA C 153 -39.60 46.54 -37.91
C ALA C 153 -39.96 46.47 -36.43
N VAL C 154 -39.85 45.26 -35.88
CA VAL C 154 -40.19 44.98 -34.49
C VAL C 154 -38.99 44.36 -33.79
N ILE C 155 -38.78 44.75 -32.54
CA ILE C 155 -37.67 44.26 -31.72
C ILE C 155 -38.26 43.57 -30.50
N ALA C 156 -37.84 42.33 -30.26
CA ALA C 156 -38.32 41.52 -29.15
C ALA C 156 -37.20 41.38 -28.12
N ILE C 157 -37.52 41.64 -26.85
CA ILE C 157 -36.55 41.66 -25.77
C ILE C 157 -37.08 40.84 -24.61
N GLY C 158 -36.21 40.01 -24.02
CA GLY C 158 -36.57 39.22 -22.86
C GLY C 158 -35.34 38.53 -22.30
N VAL C 159 -35.51 37.96 -21.10
CA VAL C 159 -34.44 37.26 -20.41
C VAL C 159 -34.99 35.96 -19.84
N LEU C 160 -34.34 34.84 -20.16
CA LEU C 160 -34.67 33.54 -19.61
C LEU C 160 -33.42 32.92 -19.00
N ILE C 161 -33.54 32.40 -17.78
CA ILE C 161 -32.44 31.80 -17.05
C ILE C 161 -32.85 30.40 -16.61
N ARG C 162 -32.00 29.42 -16.90
CA ARG C 162 -32.29 28.04 -16.58
C ARG C 162 -32.27 27.82 -15.07
N THR D 3 -39.26 7.60 -18.21
CA THR D 3 -39.53 7.12 -19.55
C THR D 3 -39.70 8.31 -20.51
N PRO D 4 -39.46 8.09 -21.81
CA PRO D 4 -39.61 9.20 -22.77
C PRO D 4 -41.04 9.63 -23.00
N HIS D 5 -42.02 8.95 -22.42
CA HIS D 5 -43.42 9.35 -22.56
C HIS D 5 -43.62 10.80 -22.12
N PHE D 6 -42.88 11.22 -21.10
CA PHE D 6 -43.03 12.58 -20.58
C PHE D 6 -42.72 13.63 -21.65
N ASP D 7 -41.65 13.41 -22.42
CA ASP D 7 -41.18 14.46 -23.33
C ASP D 7 -42.19 14.74 -24.44
N TYR D 8 -42.76 13.69 -25.05
CA TYR D 8 -43.60 13.90 -26.22
C TYR D 8 -44.91 14.59 -25.84
N ILE D 9 -45.49 14.24 -24.69
CA ILE D 9 -46.72 14.90 -24.26
C ILE D 9 -46.45 16.37 -23.96
N ALA D 10 -45.36 16.66 -23.27
CA ALA D 10 -45.05 18.03 -22.91
C ALA D 10 -44.81 18.90 -24.15
N SER D 11 -44.12 18.34 -25.15
CA SER D 11 -43.82 19.10 -26.35
C SER D 11 -45.09 19.46 -27.11
N GLU D 12 -46.04 18.53 -27.20
CA GLU D 12 -47.24 18.76 -28.00
C GLU D 12 -48.21 19.70 -27.31
N VAL D 13 -48.31 19.64 -25.98
CA VAL D 13 -49.23 20.51 -25.26
C VAL D 13 -48.77 21.96 -25.38
N SER D 14 -47.47 22.20 -25.16
CA SER D 14 -46.95 23.56 -25.26
C SER D 14 -47.06 24.10 -26.68
N LYS D 15 -46.72 23.27 -27.66
CA LYS D 15 -46.80 23.70 -29.06
C LYS D 15 -48.24 24.00 -29.47
N GLY D 16 -49.18 23.16 -29.04
CA GLY D 16 -50.57 23.37 -29.43
C GLY D 16 -51.14 24.68 -28.94
N LEU D 17 -50.88 25.01 -27.66
CA LEU D 17 -51.43 26.23 -27.10
C LEU D 17 -50.81 27.46 -27.75
N ALA D 18 -49.51 27.41 -28.05
CA ALA D 18 -48.84 28.55 -28.64
C ALA D 18 -49.41 28.88 -30.02
N ASN D 19 -49.54 27.87 -30.89
CA ASN D 19 -50.09 28.10 -32.22
C ASN D 19 -51.53 28.58 -32.15
N LEU D 20 -52.30 28.04 -31.20
CA LEU D 20 -53.70 28.43 -31.08
C LEU D 20 -53.85 29.91 -30.75
N SER D 21 -52.98 30.43 -29.88
CA SER D 21 -53.08 31.84 -29.50
C SER D 21 -52.79 32.75 -30.69
N LEU D 22 -51.84 32.38 -31.54
CA LEU D 22 -51.52 33.20 -32.70
C LEU D 22 -52.62 33.13 -33.76
N GLU D 23 -53.21 31.95 -33.95
CA GLU D 23 -54.24 31.80 -34.98
C GLU D 23 -55.49 32.60 -34.62
N LEU D 24 -55.95 32.51 -33.37
CA LEU D 24 -57.15 33.22 -32.94
C LEU D 24 -56.85 34.62 -32.44
N ARG D 25 -55.58 34.97 -32.24
CA ARG D 25 -55.20 36.31 -31.80
C ARG D 25 -55.88 36.67 -30.47
N LYS D 26 -55.84 35.71 -29.53
CA LYS D 26 -56.40 35.90 -28.20
C LYS D 26 -55.39 35.40 -27.17
N PRO D 27 -55.33 36.01 -25.99
CA PRO D 27 -54.35 35.56 -24.98
C PRO D 27 -54.70 34.19 -24.41
N ILE D 28 -53.68 33.34 -24.31
CA ILE D 28 -53.78 32.05 -23.62
C ILE D 28 -52.54 31.91 -22.75
N THR D 29 -52.73 31.60 -21.47
CA THR D 29 -51.66 31.55 -20.49
C THR D 29 -51.29 30.11 -20.17
N PHE D 30 -49.99 29.88 -19.94
CA PHE D 30 -49.45 28.54 -19.74
C PHE D 30 -49.29 28.29 -18.25
N GLY D 31 -50.24 27.55 -17.68
CA GLY D 31 -50.22 27.22 -16.26
C GLY D 31 -49.97 25.76 -15.98
N VAL D 32 -49.10 25.13 -16.76
CA VAL D 32 -48.83 23.70 -16.64
C VAL D 32 -47.48 23.49 -15.96
N ILE D 33 -47.48 22.69 -14.90
CA ILE D 33 -46.24 22.35 -14.19
C ILE D 33 -45.57 21.20 -14.91
N THR D 34 -44.25 21.31 -15.10
CA THR D 34 -43.43 20.26 -15.70
C THR D 34 -42.25 20.01 -14.77
N ALA D 35 -42.37 18.99 -13.91
CA ALA D 35 -41.42 18.72 -12.86
C ALA D 35 -40.72 17.38 -13.09
N ASP D 36 -39.51 17.26 -12.53
CA ASP D 36 -38.75 16.02 -12.61
C ASP D 36 -39.04 15.07 -11.46
N THR D 37 -39.53 15.59 -10.33
CA THR D 37 -39.79 14.78 -9.15
C THR D 37 -41.09 15.24 -8.49
N LEU D 38 -41.66 14.35 -7.68
CA LEU D 38 -42.88 14.69 -6.96
C LEU D 38 -42.66 15.85 -6.00
N GLU D 39 -41.49 15.91 -5.36
CA GLU D 39 -41.21 16.99 -4.42
C GLU D 39 -41.22 18.34 -5.13
N GLN D 40 -40.64 18.41 -6.34
CA GLN D 40 -40.64 19.66 -7.08
C GLN D 40 -42.05 20.12 -7.41
N ALA D 41 -42.98 19.17 -7.63
CA ALA D 41 -44.34 19.55 -7.98
C ALA D 41 -45.08 20.11 -6.78
N ILE D 42 -44.92 19.50 -5.60
CA ILE D 42 -45.59 19.99 -4.40
C ILE D 42 -45.08 21.40 -4.07
N GLU D 43 -43.83 21.68 -4.41
CA GLU D 43 -43.25 22.99 -4.10
C GLU D 43 -44.03 24.11 -4.79
N ARG D 44 -44.49 23.87 -6.02
CA ARG D 44 -45.11 24.90 -6.85
C ARG D 44 -46.63 24.84 -6.83
N ALA D 45 -47.24 23.98 -6.01
CA ALA D 45 -48.69 23.80 -5.97
C ALA D 45 -49.31 24.40 -4.71
N GLY D 46 -48.84 25.56 -4.27
CA GLY D 46 -49.33 26.19 -3.07
C GLY D 46 -48.40 26.12 -1.88
N THR D 47 -47.11 25.92 -2.11
CA THR D 47 -46.12 25.79 -1.04
C THR D 47 -44.93 26.70 -1.33
N LYS D 48 -43.80 26.46 -0.66
CA LYS D 48 -42.71 27.43 -0.51
C LYS D 48 -42.33 28.15 -1.80
N HIS D 49 -42.62 27.59 -2.99
CA HIS D 49 -42.34 28.27 -4.24
C HIS D 49 -43.60 28.84 -4.90
N GLY D 50 -44.67 29.03 -4.13
CA GLY D 50 -45.84 29.71 -4.63
C GLY D 50 -46.82 28.78 -5.32
N ASN D 51 -47.79 29.40 -6.00
CA ASN D 51 -48.85 28.70 -6.70
C ASN D 51 -48.83 29.13 -8.16
N LYS D 52 -48.65 28.16 -9.07
CA LYS D 52 -48.61 28.48 -10.48
C LYS D 52 -49.98 28.84 -11.03
N GLY D 53 -51.04 28.34 -10.40
CA GLY D 53 -52.38 28.73 -10.83
C GLY D 53 -52.67 30.19 -10.58
N TRP D 54 -52.20 30.72 -9.45
CA TRP D 54 -52.36 32.14 -9.17
C TRP D 54 -51.60 32.98 -10.19
N GLU D 55 -50.38 32.58 -10.52
CA GLU D 55 -49.56 33.36 -11.44
C GLU D 55 -50.17 33.41 -12.83
N ALA D 56 -50.70 32.27 -13.30
CA ALA D 56 -51.29 32.24 -14.64
C ALA D 56 -52.51 33.15 -14.74
N ALA D 57 -53.32 33.20 -13.68
CA ALA D 57 -54.49 34.07 -13.69
C ALA D 57 -54.07 35.54 -13.72
N LEU D 58 -53.02 35.89 -13.00
CA LEU D 58 -52.56 37.29 -12.98
C LEU D 58 -52.09 37.73 -14.36
N SER D 59 -51.41 36.83 -15.08
CA SER D 59 -50.98 37.15 -16.44
C SER D 59 -52.16 37.37 -17.36
N ALA D 60 -53.22 36.57 -17.22
CA ALA D 60 -54.39 36.70 -18.07
C ALA D 60 -55.07 38.04 -17.87
N ILE D 61 -55.17 38.50 -16.62
CA ILE D 61 -55.82 39.78 -16.35
C ILE D 61 -55.08 40.91 -17.03
N GLU D 62 -53.75 40.92 -16.91
CA GLU D 62 -52.95 41.98 -17.52
C GLU D 62 -53.09 41.98 -19.04
N MET D 63 -53.02 40.80 -19.65
CA MET D 63 -53.09 40.72 -21.11
C MET D 63 -54.45 41.18 -21.62
N ALA D 64 -55.52 40.86 -20.90
CA ALA D 64 -56.85 41.29 -21.33
C ALA D 64 -56.96 42.81 -21.33
N ASN D 65 -56.41 43.46 -20.30
CA ASN D 65 -56.45 44.92 -20.26
C ASN D 65 -55.56 45.54 -21.33
N LEU D 66 -54.41 44.91 -21.60
CA LEU D 66 -53.50 45.44 -22.62
C LEU D 66 -54.16 45.43 -24.00
N PHE D 67 -54.83 44.33 -24.35
CA PHE D 67 -55.45 44.23 -25.66
C PHE D 67 -56.60 45.21 -25.79
N LYS D 68 -57.31 45.47 -24.68
CA LYS D 68 -58.38 46.50 -24.70
C LYS D 68 -57.72 47.85 -25.02
N SER D 69 -56.49 48.10 -24.55
CA SER D 69 -55.84 49.39 -24.75
C SER D 69 -55.30 49.54 -26.17
N LEU D 70 -54.74 48.47 -26.73
CA LEU D 70 -54.18 48.54 -28.09
C LEU D 70 -55.27 48.84 -29.11
N ARG D 71 -56.43 48.21 -28.95
CA ARG D 71 -57.51 48.35 -29.93
C ARG D 71 -58.34 49.61 -29.70
N GLY D 72 -58.04 50.39 -28.67
CA GLY D 72 -58.71 51.65 -28.43
C GLY D 72 -58.02 52.80 -29.14
N THR D 73 -58.28 54.01 -28.63
CA THR D 73 -57.71 55.21 -29.25
C THR D 73 -56.21 55.29 -29.02
N GLY D 74 -55.72 54.85 -27.86
CA GLY D 74 -54.31 54.94 -27.54
C GLY D 74 -53.91 56.28 -26.97
N GLY D 75 -54.26 57.36 -27.66
CA GLY D 75 -53.98 58.69 -27.14
C GLY D 75 -52.50 59.05 -27.19
N SER D 76 -52.14 60.04 -26.37
CA SER D 76 -50.78 60.55 -26.28
C SER D 76 -50.32 61.17 -27.60
N GLY D 77 -49.22 61.89 -27.56
CA GLY D 77 -48.70 62.53 -28.76
C GLY D 77 -47.45 63.31 -28.44
N SER D 78 -46.66 63.55 -29.49
CA SER D 78 -45.41 64.29 -29.39
C SER D 78 -44.41 63.62 -28.44
N SER D 79 -44.58 62.33 -28.18
CA SER D 79 -43.71 61.61 -27.26
C SER D 79 -43.86 60.12 -27.52
N MET D 80 -42.97 59.34 -26.90
CA MET D 80 -42.98 57.89 -27.07
C MET D 80 -44.27 57.30 -26.52
N GLU D 81 -44.97 56.52 -27.35
CA GLU D 81 -46.17 55.85 -26.90
C GLU D 81 -45.83 54.58 -26.12
N ILE D 82 -46.44 54.41 -24.96
CA ILE D 82 -46.23 53.26 -24.10
C ILE D 82 -47.58 52.62 -23.82
N TYR D 83 -47.67 51.31 -24.04
CA TYR D 83 -48.87 50.53 -23.79
C TYR D 83 -48.62 49.55 -22.65
N GLU D 84 -49.52 49.51 -21.68
CA GLU D 84 -49.41 48.60 -20.55
C GLU D 84 -50.80 48.29 -20.02
N GLY D 85 -50.89 47.19 -19.27
CA GLY D 85 -52.16 46.72 -18.75
C GLY D 85 -52.24 46.85 -17.25
N LYS D 86 -53.44 47.24 -16.78
CA LYS D 86 -53.70 47.39 -15.34
C LYS D 86 -53.91 45.99 -14.78
N LEU D 87 -54.14 45.89 -13.48
CA LEU D 87 -54.45 44.65 -12.77
C LEU D 87 -55.82 44.71 -12.08
N THR D 88 -56.81 45.27 -12.77
CA THR D 88 -58.19 45.28 -12.31
C THR D 88 -59.01 44.34 -13.18
N ALA D 89 -59.79 43.46 -12.55
CA ALA D 89 -60.54 42.43 -13.25
C ALA D 89 -62.02 42.76 -13.39
N GLU D 90 -62.44 43.98 -13.06
CA GLU D 90 -63.85 44.33 -13.14
C GLU D 90 -64.33 44.30 -14.58
N GLY D 91 -65.39 43.53 -14.84
CA GLY D 91 -66.00 43.46 -16.16
C GLY D 91 -65.44 42.42 -17.10
N LEU D 92 -64.39 41.70 -16.71
CA LEU D 92 -63.76 40.73 -17.60
C LEU D 92 -64.36 39.34 -17.39
N ARG D 93 -64.27 38.52 -18.44
CA ARG D 93 -64.82 37.17 -18.46
C ARG D 93 -63.72 36.19 -18.83
N PHE D 94 -63.59 35.11 -18.07
CA PHE D 94 -62.46 34.19 -18.17
C PHE D 94 -62.95 32.75 -18.35
N GLY D 95 -62.16 31.96 -19.07
CA GLY D 95 -62.37 30.52 -19.17
C GLY D 95 -61.17 29.77 -18.65
N ILE D 96 -61.42 28.62 -18.05
CA ILE D 96 -60.38 27.78 -17.45
C ILE D 96 -60.53 26.35 -17.96
N VAL D 97 -59.42 25.75 -18.37
CA VAL D 97 -59.37 24.34 -18.77
C VAL D 97 -58.39 23.63 -17.85
N ALA D 98 -58.86 22.58 -17.19
CA ALA D 98 -58.08 21.84 -16.20
C ALA D 98 -58.17 20.35 -16.46
N SER D 99 -57.06 19.65 -16.22
CA SER D 99 -57.01 18.21 -16.40
C SER D 99 -57.28 17.49 -15.08
N ARG D 100 -57.62 16.20 -15.18
CA ARG D 100 -57.99 15.39 -14.02
C ARG D 100 -56.85 14.53 -13.50
N PHE D 101 -55.77 14.35 -14.26
CA PHE D 101 -54.66 13.52 -13.79
C PHE D 101 -53.85 14.28 -12.75
N ASN D 102 -53.41 13.56 -11.72
CA ASN D 102 -52.78 14.19 -10.55
C ASN D 102 -53.71 15.22 -9.92
N HIS D 103 -54.97 14.82 -9.69
CA HIS D 103 -55.97 15.78 -9.23
C HIS D 103 -55.67 16.28 -7.83
N ALA D 104 -54.88 15.54 -7.04
CA ALA D 104 -54.53 16.03 -5.72
C ALA D 104 -53.78 17.35 -5.77
N LEU D 105 -53.05 17.59 -6.86
CA LEU D 105 -52.31 18.84 -7.05
C LEU D 105 -53.08 19.82 -7.91
N VAL D 106 -53.80 19.34 -8.93
CA VAL D 106 -54.47 20.23 -9.88
C VAL D 106 -55.54 21.05 -9.17
N ASP D 107 -56.29 20.44 -8.25
CA ASP D 107 -57.33 21.18 -7.55
C ASP D 107 -56.78 22.31 -6.70
N ARG D 108 -55.52 22.23 -6.27
CA ARG D 108 -54.92 23.37 -5.59
C ARG D 108 -54.66 24.52 -6.56
N LEU D 109 -54.30 24.21 -7.80
CA LEU D 109 -54.02 25.26 -8.78
C LEU D 109 -55.32 25.95 -9.21
N VAL D 110 -56.41 25.20 -9.34
CA VAL D 110 -57.67 25.81 -9.75
C VAL D 110 -58.19 26.74 -8.66
N GLU D 111 -58.00 26.37 -7.39
CA GLU D 111 -58.41 27.24 -6.29
C GLU D 111 -57.66 28.56 -6.35
N GLY D 112 -56.36 28.52 -6.62
CA GLY D 112 -55.59 29.76 -6.69
C GLY D 112 -56.05 30.67 -7.81
N ALA D 113 -56.36 30.11 -8.98
CA ALA D 113 -56.79 30.93 -10.10
C ALA D 113 -58.10 31.64 -9.80
N ILE D 114 -59.05 30.95 -9.17
CA ILE D 114 -60.32 31.57 -8.84
C ILE D 114 -60.13 32.63 -7.76
N ASP D 115 -59.26 32.37 -6.78
CA ASP D 115 -59.03 33.33 -5.72
C ASP D 115 -58.44 34.63 -6.27
N CYS D 116 -57.52 34.52 -7.22
CA CYS D 116 -56.90 35.72 -7.80
C CYS D 116 -57.94 36.58 -8.51
N ILE D 117 -58.82 35.97 -9.29
CA ILE D 117 -59.78 36.74 -10.08
C ILE D 117 -60.77 37.46 -9.17
N VAL D 118 -61.23 36.80 -8.11
CA VAL D 118 -62.28 37.37 -7.27
C VAL D 118 -61.75 38.56 -6.47
N ARG D 119 -60.55 38.43 -5.90
CA ARG D 119 -60.03 39.49 -5.04
C ARG D 119 -59.47 40.67 -5.82
N HIS D 120 -59.28 40.53 -7.13
CA HIS D 120 -58.95 41.67 -7.98
C HIS D 120 -60.17 42.36 -8.57
N GLY D 121 -61.38 41.93 -8.22
CA GLY D 121 -62.59 42.60 -8.62
C GLY D 121 -63.49 41.85 -9.58
N GLY D 122 -63.21 40.57 -9.86
CA GLY D 122 -64.05 39.81 -10.76
C GLY D 122 -65.18 39.10 -10.05
N ARG D 123 -66.07 38.51 -10.84
CA ARG D 123 -67.21 37.76 -10.35
C ARG D 123 -67.06 36.29 -10.71
N GLU D 124 -67.51 35.41 -9.80
CA GLU D 124 -67.52 33.99 -10.10
C GLU D 124 -68.51 33.66 -11.22
N GLU D 125 -69.53 34.49 -11.40
CA GLU D 125 -70.50 34.26 -12.47
C GLU D 125 -69.88 34.41 -13.85
N ASP D 126 -68.72 35.07 -13.96
CA ASP D 126 -68.07 35.31 -15.23
C ASP D 126 -66.97 34.31 -15.54
N ILE D 127 -66.89 33.21 -14.79
CA ILE D 127 -65.87 32.19 -14.97
C ILE D 127 -66.53 30.92 -15.50
N THR D 128 -65.96 30.39 -16.58
CA THR D 128 -66.40 29.12 -17.17
C THR D 128 -65.28 28.10 -17.00
N LEU D 129 -65.61 26.96 -16.40
CA LEU D 129 -64.63 25.92 -16.08
C LEU D 129 -64.95 24.66 -16.86
N VAL D 130 -63.96 24.14 -17.59
CA VAL D 130 -64.08 22.92 -18.38
C VAL D 130 -63.01 21.94 -17.91
N ARG D 131 -63.41 20.69 -17.69
CA ARG D 131 -62.51 19.65 -17.19
C ARG D 131 -62.31 18.59 -18.27
N VAL D 132 -61.07 18.14 -18.44
CA VAL D 132 -60.72 17.14 -19.45
C VAL D 132 -59.95 16.01 -18.78
N PRO D 133 -59.94 14.80 -19.36
CA PRO D 133 -59.31 13.66 -18.68
C PRO D 133 -57.79 13.77 -18.55
N GLY D 134 -57.11 14.51 -19.40
CA GLY D 134 -55.66 14.56 -19.35
C GLY D 134 -55.10 15.77 -20.05
N SER D 135 -53.79 15.96 -19.90
CA SER D 135 -53.12 17.12 -20.49
C SER D 135 -53.16 17.07 -22.02
N TRP D 136 -53.16 15.86 -22.59
CA TRP D 136 -53.19 15.73 -24.04
C TRP D 136 -54.44 16.37 -24.64
N GLU D 137 -55.55 16.37 -23.90
CA GLU D 137 -56.81 16.89 -24.40
C GLU D 137 -57.00 18.38 -24.13
N ILE D 138 -56.05 19.04 -23.48
CA ILE D 138 -56.21 20.46 -23.18
C ILE D 138 -56.30 21.31 -24.45
N PRO D 139 -55.39 21.17 -25.43
CA PRO D 139 -55.44 22.09 -26.58
C PRO D 139 -56.75 22.05 -27.36
N VAL D 140 -57.34 20.89 -27.56
CA VAL D 140 -58.57 20.82 -28.32
C VAL D 140 -59.73 21.43 -27.54
N ALA D 141 -59.77 21.24 -26.22
CA ALA D 141 -60.80 21.86 -25.41
C ALA D 141 -60.62 23.37 -25.34
N ALA D 142 -59.36 23.83 -25.24
CA ALA D 142 -59.11 25.27 -25.19
C ALA D 142 -59.55 25.93 -26.48
N GLY D 143 -59.50 25.21 -27.61
CA GLY D 143 -59.93 25.77 -28.88
C GLY D 143 -61.40 26.08 -28.95
N GLU D 144 -62.23 25.34 -28.20
CA GLU D 144 -63.66 25.62 -28.19
C GLU D 144 -63.98 26.87 -27.39
N LEU D 145 -63.32 27.07 -26.25
CA LEU D 145 -63.56 28.26 -25.45
C LEU D 145 -63.05 29.52 -26.15
N ALA D 146 -61.85 29.43 -26.75
CA ALA D 146 -61.25 30.62 -27.34
C ALA D 146 -62.07 31.17 -28.49
N ARG D 147 -62.90 30.35 -29.12
CA ARG D 147 -63.71 30.79 -30.24
C ARG D 147 -65.02 31.46 -29.82
N LYS D 148 -65.36 31.43 -28.53
CA LYS D 148 -66.54 32.12 -28.06
C LYS D 148 -66.29 33.62 -28.02
N GLU D 149 -67.32 34.40 -28.38
CA GLU D 149 -67.15 35.85 -28.50
C GLU D 149 -67.09 36.53 -27.14
N ASP D 150 -67.68 35.93 -26.11
CA ASP D 150 -67.77 36.55 -24.80
C ASP D 150 -66.71 36.04 -23.82
N ILE D 151 -65.59 35.55 -24.33
CA ILE D 151 -64.45 35.12 -23.51
C ILE D 151 -63.28 36.03 -23.84
N ASP D 152 -62.66 36.59 -22.79
CA ASP D 152 -61.55 37.52 -22.98
C ASP D 152 -60.19 36.83 -22.93
N ALA D 153 -60.04 35.79 -22.11
CA ALA D 153 -58.77 35.07 -22.01
C ALA D 153 -59.04 33.68 -21.47
N VAL D 154 -58.09 32.79 -21.72
CA VAL D 154 -58.19 31.38 -21.33
C VAL D 154 -56.97 31.02 -20.49
N ILE D 155 -57.19 30.21 -19.46
CA ILE D 155 -56.15 29.77 -18.55
C ILE D 155 -56.08 28.24 -18.61
N ALA D 156 -54.90 27.71 -18.87
CA ALA D 156 -54.67 26.26 -18.98
C ALA D 156 -53.88 25.78 -17.76
N ILE D 157 -54.36 24.71 -17.14
CA ILE D 157 -53.80 24.19 -15.90
C ILE D 157 -53.60 22.70 -16.03
N GLY D 158 -52.44 22.21 -15.58
CA GLY D 158 -52.16 20.79 -15.59
C GLY D 158 -50.86 20.52 -14.85
N VAL D 159 -50.61 19.23 -14.60
CA VAL D 159 -49.43 18.78 -13.89
C VAL D 159 -48.85 17.57 -14.62
N LEU D 160 -47.57 17.63 -14.96
CA LEU D 160 -46.84 16.51 -15.55
C LEU D 160 -45.58 16.25 -14.74
N ILE D 161 -45.36 14.97 -14.41
CA ILE D 161 -44.21 14.55 -13.61
C ILE D 161 -43.47 13.48 -14.37
N ARG D 162 -42.16 13.64 -14.50
CA ARG D 162 -41.33 12.70 -15.25
C ARG D 162 -41.24 11.37 -14.51
N THR E 3 -30.58 3.11 -31.41
CA THR E 3 -30.32 3.95 -32.58
C THR E 3 -31.27 5.15 -32.60
N PRO E 4 -30.87 6.24 -33.26
CA PRO E 4 -31.73 7.42 -33.31
C PRO E 4 -32.99 7.24 -34.14
N HIS E 5 -33.16 6.10 -34.81
CA HIS E 5 -34.38 5.85 -35.58
C HIS E 5 -35.62 5.99 -34.71
N PHE E 6 -35.51 5.60 -33.43
CA PHE E 6 -36.67 5.66 -32.53
C PHE E 6 -37.17 7.09 -32.36
N ASP E 7 -36.26 8.05 -32.21
CA ASP E 7 -36.68 9.41 -31.87
C ASP E 7 -37.50 10.05 -32.99
N TYR E 8 -37.04 9.92 -34.24
CA TYR E 8 -37.70 10.65 -35.33
C TYR E 8 -39.09 10.12 -35.60
N ILE E 9 -39.29 8.80 -35.52
CA ILE E 9 -40.61 8.23 -35.73
C ILE E 9 -41.56 8.68 -34.62
N ALA E 10 -41.09 8.65 -33.37
CA ALA E 10 -41.94 9.02 -32.25
C ALA E 10 -42.35 10.49 -32.32
N SER E 11 -41.42 11.36 -32.73
CA SER E 11 -41.73 12.78 -32.80
C SER E 11 -42.79 13.07 -33.85
N GLU E 12 -42.71 12.39 -35.01
CA GLU E 12 -43.64 12.70 -36.10
C GLU E 12 -45.02 12.13 -35.85
N VAL E 13 -45.11 10.96 -35.22
CA VAL E 13 -46.42 10.37 -34.95
C VAL E 13 -47.19 11.22 -33.95
N SER E 14 -46.53 11.63 -32.86
CA SER E 14 -47.20 12.46 -31.86
C SER E 14 -47.58 13.81 -32.44
N LYS E 15 -46.69 14.44 -33.22
CA LYS E 15 -46.98 15.74 -33.79
C LYS E 15 -48.13 15.65 -34.79
N GLY E 16 -48.14 14.60 -35.61
CA GLY E 16 -49.19 14.47 -36.62
C GLY E 16 -50.58 14.38 -36.02
N LEU E 17 -50.72 13.54 -34.98
CA LEU E 17 -52.03 13.35 -34.38
C LEU E 17 -52.51 14.63 -33.69
N ALA E 18 -51.60 15.36 -33.05
CA ALA E 18 -51.99 16.58 -32.33
C ALA E 18 -52.52 17.63 -33.30
N ASN E 19 -51.80 17.89 -34.39
CA ASN E 19 -52.25 18.88 -35.36
C ASN E 19 -53.57 18.46 -36.00
N LEU E 20 -53.74 17.16 -36.25
CA LEU E 20 -54.96 16.68 -36.89
C LEU E 20 -56.18 16.95 -36.02
N SER E 21 -56.05 16.77 -34.70
CA SER E 21 -57.19 16.99 -33.81
C SER E 21 -57.62 18.45 -33.81
N LEU E 22 -56.65 19.37 -33.87
CA LEU E 22 -57.00 20.79 -33.86
C LEU E 22 -57.61 21.23 -35.20
N GLU E 23 -57.10 20.67 -36.30
CA GLU E 23 -57.61 21.07 -37.61
C GLU E 23 -59.05 20.62 -37.80
N LEU E 24 -59.36 19.37 -37.46
CA LEU E 24 -60.70 18.84 -37.62
C LEU E 24 -61.60 19.09 -36.42
N ARG E 25 -61.03 19.56 -35.30
CA ARG E 25 -61.80 19.88 -34.10
C ARG E 25 -62.59 18.66 -33.62
N LYS E 26 -61.91 17.52 -33.57
CA LYS E 26 -62.50 16.26 -33.11
C LYS E 26 -61.52 15.59 -32.15
N PRO E 27 -62.01 14.88 -31.13
CA PRO E 27 -61.08 14.24 -30.17
C PRO E 27 -60.32 13.08 -30.81
N ILE E 28 -59.01 13.04 -30.54
CA ILE E 28 -58.16 11.92 -30.90
C ILE E 28 -57.28 11.61 -29.70
N THR E 29 -57.25 10.35 -29.28
CA THR E 29 -56.56 9.92 -28.07
C THR E 29 -55.26 9.22 -28.41
N PHE E 30 -54.24 9.43 -27.57
CA PHE E 30 -52.89 8.93 -27.81
C PHE E 30 -52.69 7.65 -27.01
N GLY E 31 -52.80 6.51 -27.70
CA GLY E 31 -52.62 5.21 -27.07
C GLY E 31 -51.38 4.48 -27.52
N VAL E 32 -50.29 5.21 -27.72
CA VAL E 32 -49.04 4.64 -28.24
C VAL E 32 -48.04 4.51 -27.11
N ILE E 33 -47.50 3.31 -26.93
CA ILE E 33 -46.47 3.06 -25.93
C ILE E 33 -45.12 3.46 -26.50
N THR E 34 -44.31 4.16 -25.70
CA THR E 34 -42.96 4.55 -26.05
C THR E 34 -42.04 4.11 -24.90
N ALA E 35 -41.42 2.95 -25.05
CA ALA E 35 -40.64 2.33 -23.98
C ALA E 35 -39.17 2.26 -24.37
N ASP E 36 -38.31 2.21 -23.34
CA ASP E 36 -36.88 2.07 -23.55
C ASP E 36 -36.44 0.61 -23.60
N THR E 37 -37.20 -0.30 -23.01
CA THR E 37 -36.83 -1.72 -22.96
C THR E 37 -38.07 -2.57 -23.19
N LEU E 38 -37.83 -3.83 -23.57
CA LEU E 38 -38.94 -4.76 -23.79
C LEU E 38 -39.72 -5.00 -22.50
N GLU E 39 -39.03 -5.06 -21.37
CA GLU E 39 -39.70 -5.29 -20.10
C GLU E 39 -40.68 -4.17 -19.79
N GLN E 40 -40.28 -2.92 -20.03
CA GLN E 40 -41.18 -1.79 -19.79
C GLN E 40 -42.43 -1.87 -20.65
N ALA E 41 -42.31 -2.43 -21.86
CA ALA E 41 -43.48 -2.52 -22.74
C ALA E 41 -44.47 -3.57 -22.26
N ILE E 42 -43.97 -4.73 -21.83
CA ILE E 42 -44.85 -5.78 -21.33
C ILE E 42 -45.59 -5.29 -20.08
N GLU E 43 -44.95 -4.42 -19.30
CA GLU E 43 -45.57 -3.93 -18.08
C GLU E 43 -46.88 -3.20 -18.37
N ARG E 44 -46.93 -2.46 -19.47
CA ARG E 44 -48.06 -1.59 -19.79
C ARG E 44 -49.03 -2.21 -20.80
N ALA E 45 -48.83 -3.47 -21.18
CA ALA E 45 -49.65 -4.13 -22.19
C ALA E 45 -50.59 -5.17 -21.59
N GLY E 46 -51.17 -4.89 -20.43
CA GLY E 46 -52.05 -5.82 -19.75
C GLY E 46 -51.44 -6.48 -18.54
N THR E 47 -50.42 -5.88 -17.92
CA THR E 47 -49.74 -6.43 -16.76
C THR E 47 -49.61 -5.37 -15.68
N LYS E 48 -48.72 -5.60 -14.70
CA LYS E 48 -48.74 -4.91 -13.41
C LYS E 48 -48.95 -3.40 -13.50
N HIS E 49 -48.65 -2.76 -14.63
CA HIS E 49 -48.91 -1.33 -14.80
C HIS E 49 -50.13 -1.05 -15.66
N GLY E 50 -51.02 -2.01 -15.82
CA GLY E 50 -52.28 -1.78 -16.50
C GLY E 50 -52.18 -1.95 -18.01
N ASN E 51 -53.24 -1.50 -18.68
CA ASN E 51 -53.38 -1.61 -20.12
C ASN E 51 -53.61 -0.22 -20.70
N LYS E 52 -52.71 0.22 -21.59
CA LYS E 52 -52.84 1.54 -22.17
C LYS E 52 -53.99 1.61 -23.18
N GLY E 53 -54.35 0.49 -23.78
CA GLY E 53 -55.49 0.48 -24.68
C GLY E 53 -56.80 0.75 -23.95
N TRP E 54 -56.95 0.20 -22.75
CA TRP E 54 -58.13 0.48 -21.94
C TRP E 54 -58.21 1.96 -21.58
N GLU E 55 -57.07 2.54 -21.18
CA GLU E 55 -57.06 3.94 -20.75
C GLU E 55 -57.42 4.88 -21.89
N ALA E 56 -56.89 4.62 -23.09
CA ALA E 56 -57.18 5.48 -24.23
C ALA E 56 -58.66 5.46 -24.59
N ALA E 57 -59.29 4.30 -24.51
CA ALA E 57 -60.72 4.21 -24.81
C ALA E 57 -61.54 4.99 -23.79
N LEU E 58 -61.15 4.93 -22.51
CA LEU E 58 -61.90 5.65 -21.48
C LEU E 58 -61.83 7.15 -21.70
N SER E 59 -60.67 7.65 -22.14
CA SER E 59 -60.55 9.07 -22.43
C SER E 59 -61.44 9.48 -23.60
N ALA E 60 -61.53 8.62 -24.62
CA ALA E 60 -62.36 8.95 -25.78
C ALA E 60 -63.83 9.06 -25.40
N ILE E 61 -64.31 8.17 -24.54
CA ILE E 61 -65.72 8.20 -24.14
C ILE E 61 -66.04 9.51 -23.43
N GLU E 62 -65.16 9.93 -22.51
CA GLU E 62 -65.40 11.16 -21.77
C GLU E 62 -65.41 12.37 -22.70
N MET E 63 -64.43 12.44 -23.62
CA MET E 63 -64.34 13.59 -24.51
C MET E 63 -65.55 13.68 -25.42
N ALA E 64 -66.06 12.54 -25.89
CA ALA E 64 -67.23 12.55 -26.76
C ALA E 64 -68.45 13.12 -26.03
N ASN E 65 -68.63 12.75 -24.76
CA ASN E 65 -69.76 13.28 -23.99
C ASN E 65 -69.56 14.77 -23.69
N LEU E 66 -68.32 15.18 -23.43
CA LEU E 66 -68.06 16.59 -23.13
C LEU E 66 -68.40 17.47 -24.32
N PHE E 67 -67.99 17.06 -25.52
CA PHE E 67 -68.25 17.87 -26.70
C PHE E 67 -69.75 17.94 -27.01
N LYS E 68 -70.48 16.86 -26.72
CA LYS E 68 -71.95 16.87 -26.86
C LYS E 68 -72.50 17.93 -25.92
N SER E 69 -71.91 18.12 -24.72
CA SER E 69 -72.44 19.05 -23.74
C SER E 69 -72.10 20.51 -24.10
N LEU E 70 -70.89 20.75 -24.61
CA LEU E 70 -70.50 22.11 -24.95
C LEU E 70 -71.38 22.67 -26.07
N ARG E 71 -71.69 21.85 -27.06
CA ARG E 71 -72.46 22.29 -28.22
C ARG E 71 -73.96 22.28 -27.98
N GLY E 72 -74.41 21.87 -26.80
CA GLY E 72 -75.80 21.92 -26.43
C GLY E 72 -76.17 23.23 -25.78
N THR E 73 -77.27 23.21 -25.02
CA THR E 73 -77.75 24.42 -24.37
C THR E 73 -76.84 24.85 -23.22
N GLY E 74 -76.26 23.89 -22.50
CA GLY E 74 -75.41 24.21 -21.37
C GLY E 74 -76.19 24.41 -20.09
N GLY E 75 -77.18 25.29 -20.12
CA GLY E 75 -78.03 25.51 -18.96
C GLY E 75 -77.31 26.26 -17.84
N SER E 76 -77.86 26.11 -16.64
CA SER E 76 -77.35 26.76 -15.44
C SER E 76 -77.43 28.28 -15.55
N GLY E 77 -77.26 28.97 -14.43
CA GLY E 77 -77.32 30.42 -14.43
C GLY E 77 -77.08 30.95 -13.03
N SER E 78 -76.68 32.22 -12.97
CA SER E 78 -76.41 32.92 -11.72
C SER E 78 -75.32 32.23 -10.91
N SER E 79 -74.48 31.43 -11.55
CA SER E 79 -73.41 30.71 -10.86
C SER E 79 -72.39 30.27 -11.89
N MET E 80 -71.26 29.78 -11.38
CA MET E 80 -70.17 29.34 -12.24
C MET E 80 -70.61 28.14 -13.08
N GLU E 81 -70.43 28.25 -14.40
CA GLU E 81 -70.76 27.15 -15.29
C GLU E 81 -69.62 26.13 -15.30
N ILE E 82 -69.97 24.85 -15.14
CA ILE E 82 -69.02 23.76 -15.13
C ILE E 82 -69.44 22.75 -16.19
N TYR E 83 -68.51 22.36 -17.05
CA TYR E 83 -68.74 21.38 -18.10
C TYR E 83 -67.90 20.14 -17.83
N GLU E 84 -68.53 18.97 -17.89
CA GLU E 84 -67.84 17.71 -17.68
C GLU E 84 -68.56 16.61 -18.44
N GLY E 85 -67.84 15.51 -18.66
CA GLY E 85 -68.34 14.40 -19.45
C GLY E 85 -68.60 13.17 -18.60
N LYS E 86 -69.70 12.48 -18.91
CA LYS E 86 -70.08 11.25 -18.20
C LYS E 86 -69.21 10.13 -18.76
N LEU E 87 -69.36 8.92 -18.24
CA LEU E 87 -68.67 7.72 -18.70
C LEU E 87 -69.65 6.66 -19.18
N THR E 88 -70.69 7.07 -19.90
CA THR E 88 -71.63 6.16 -20.54
C THR E 88 -71.42 6.19 -22.04
N ALA E 89 -71.31 5.01 -22.66
CA ALA E 89 -71.00 4.88 -24.07
C ALA E 89 -72.22 4.57 -24.93
N GLU E 90 -73.42 4.63 -24.38
CA GLU E 90 -74.61 4.30 -25.15
C GLU E 90 -74.83 5.30 -26.27
N GLY E 91 -74.92 4.79 -27.50
CA GLY E 91 -75.21 5.63 -28.66
C GLY E 91 -74.01 6.20 -29.36
N LEU E 92 -72.79 6.00 -28.85
CA LEU E 92 -71.59 6.58 -29.45
C LEU E 92 -70.97 5.62 -30.45
N ARG E 93 -70.23 6.20 -31.41
CA ARG E 93 -69.59 5.46 -32.48
C ARG E 93 -68.10 5.80 -32.50
N PHE E 94 -67.25 4.77 -32.56
CA PHE E 94 -65.81 4.91 -32.37
C PHE E 94 -65.05 4.30 -33.54
N GLY E 95 -63.89 4.88 -33.85
CA GLY E 95 -62.95 4.31 -34.79
C GLY E 95 -61.62 4.03 -34.12
N ILE E 96 -60.95 2.96 -34.56
CA ILE E 96 -59.68 2.54 -33.99
C ILE E 96 -58.69 2.33 -35.14
N VAL E 97 -57.47 2.85 -34.96
CA VAL E 97 -56.36 2.63 -35.89
C VAL E 97 -55.24 1.95 -35.13
N ALA E 98 -54.80 0.80 -35.62
CA ALA E 98 -53.80 -0.01 -34.94
C ALA E 98 -52.71 -0.44 -35.94
N SER E 99 -51.47 -0.51 -35.46
CA SER E 99 -50.35 -0.91 -36.28
C SER E 99 -50.06 -2.41 -36.10
N ARG E 100 -49.33 -2.97 -37.07
CA ARG E 100 -49.03 -4.40 -37.08
C ARG E 100 -47.65 -4.74 -36.51
N PHE E 101 -46.77 -3.77 -36.33
CA PHE E 101 -45.44 -4.07 -35.80
C PHE E 101 -45.54 -4.31 -34.30
N ASN E 102 -44.77 -5.28 -33.81
CA ASN E 102 -44.89 -5.77 -32.43
C ASN E 102 -46.31 -6.24 -32.14
N HIS E 103 -46.86 -7.06 -33.03
CA HIS E 103 -48.26 -7.44 -32.92
C HIS E 103 -48.53 -8.29 -31.69
N ALA E 104 -47.50 -8.94 -31.13
CA ALA E 104 -47.70 -9.72 -29.91
C ALA E 104 -48.20 -8.84 -28.77
N LEU E 105 -47.83 -7.56 -28.77
CA LEU E 105 -48.26 -6.62 -27.74
C LEU E 105 -49.47 -5.80 -28.20
N VAL E 106 -49.51 -5.43 -29.48
CA VAL E 106 -50.57 -4.55 -29.96
C VAL E 106 -51.94 -5.21 -29.83
N ASP E 107 -52.02 -6.50 -30.13
CA ASP E 107 -53.30 -7.19 -30.03
C ASP E 107 -53.85 -7.23 -28.61
N ARG E 108 -52.98 -7.13 -27.60
CA ARG E 108 -53.46 -7.00 -26.23
C ARG E 108 -54.10 -5.64 -26.00
N LEU E 109 -53.55 -4.59 -26.61
CA LEU E 109 -54.11 -3.26 -26.43
C LEU E 109 -55.46 -3.12 -27.13
N VAL E 110 -55.61 -3.73 -28.31
CA VAL E 110 -56.87 -3.63 -29.03
C VAL E 110 -57.96 -4.35 -28.28
N GLU E 111 -57.65 -5.48 -27.64
CA GLU E 111 -58.63 -6.20 -26.84
C GLU E 111 -59.13 -5.34 -25.69
N GLY E 112 -58.21 -4.62 -25.03
CA GLY E 112 -58.63 -3.78 -23.92
C GLY E 112 -59.55 -2.66 -24.35
N ALA E 113 -59.26 -2.03 -25.49
CA ALA E 113 -60.09 -0.93 -25.96
C ALA E 113 -61.51 -1.40 -26.26
N ILE E 114 -61.66 -2.56 -26.89
CA ILE E 114 -62.98 -3.07 -27.21
C ILE E 114 -63.72 -3.47 -25.93
N ASP E 115 -63.00 -4.06 -24.97
CA ASP E 115 -63.63 -4.46 -23.72
C ASP E 115 -64.18 -3.25 -22.97
N CYS E 116 -63.43 -2.15 -22.95
CA CYS E 116 -63.90 -0.96 -22.25
C CYS E 116 -65.19 -0.42 -22.84
N ILE E 117 -65.26 -0.35 -24.17
CA ILE E 117 -66.43 0.25 -24.82
C ILE E 117 -67.67 -0.59 -24.57
N VAL E 118 -67.54 -1.92 -24.64
CA VAL E 118 -68.72 -2.79 -24.55
C VAL E 118 -69.30 -2.77 -23.14
N ARG E 119 -68.44 -2.83 -22.12
CA ARG E 119 -68.94 -2.93 -20.75
C ARG E 119 -69.42 -1.59 -20.19
N HIS E 120 -69.12 -0.48 -20.87
CA HIS E 120 -69.69 0.82 -20.52
C HIS E 120 -70.98 1.11 -21.28
N GLY E 121 -71.48 0.18 -22.09
CA GLY E 121 -72.76 0.32 -22.75
C GLY E 121 -72.73 0.47 -24.25
N GLY E 122 -71.58 0.30 -24.89
CA GLY E 122 -71.50 0.41 -26.33
C GLY E 122 -71.76 -0.89 -27.05
N ARG E 123 -71.86 -0.81 -28.37
CA ARG E 123 -72.08 -1.96 -29.24
C ARG E 123 -70.86 -2.20 -30.11
N GLU E 124 -70.55 -3.47 -30.36
CA GLU E 124 -69.48 -3.80 -31.28
C GLU E 124 -69.81 -3.38 -32.71
N GLU E 125 -71.11 -3.30 -33.04
CA GLU E 125 -71.52 -2.87 -34.36
C GLU E 125 -71.13 -1.42 -34.65
N ASP E 126 -70.85 -0.63 -33.63
CA ASP E 126 -70.53 0.78 -33.78
C ASP E 126 -69.03 1.05 -33.77
N ILE E 127 -68.20 0.01 -33.88
CA ILE E 127 -66.75 0.14 -33.85
C ILE E 127 -66.21 -0.17 -35.24
N THR E 128 -65.37 0.72 -35.75
CA THR E 128 -64.68 0.53 -37.03
C THR E 128 -63.19 0.40 -36.75
N LEU E 129 -62.57 -0.68 -37.23
CA LEU E 129 -61.18 -0.98 -36.96
C LEU E 129 -60.39 -0.96 -38.27
N VAL E 130 -59.31 -0.19 -38.30
CA VAL E 130 -58.43 -0.07 -39.46
C VAL E 130 -57.02 -0.45 -39.02
N ARG E 131 -56.36 -1.29 -39.82
CA ARG E 131 -55.01 -1.77 -39.52
C ARG E 131 -54.03 -1.23 -40.54
N VAL E 132 -52.87 -0.79 -40.07
CA VAL E 132 -51.83 -0.22 -40.93
C VAL E 132 -50.51 -0.94 -40.66
N PRO E 133 -49.56 -0.94 -41.60
CA PRO E 133 -48.33 -1.73 -41.41
C PRO E 133 -47.41 -1.21 -40.32
N GLY E 134 -47.47 0.06 -39.95
CA GLY E 134 -46.56 0.59 -38.96
C GLY E 134 -47.06 1.88 -38.36
N SER E 135 -46.34 2.33 -37.32
CA SER E 135 -46.73 3.54 -36.62
C SER E 135 -46.62 4.77 -37.50
N TRP E 136 -45.69 4.77 -38.46
CA TRP E 136 -45.53 5.91 -39.35
C TRP E 136 -46.79 6.18 -40.16
N GLU E 137 -47.57 5.14 -40.46
CA GLU E 137 -48.77 5.28 -41.27
C GLU E 137 -50.02 5.59 -40.47
N ILE E 138 -49.93 5.68 -39.13
CA ILE E 138 -51.11 5.95 -38.33
C ILE E 138 -51.72 7.31 -38.64
N PRO E 139 -50.96 8.41 -38.68
CA PRO E 139 -51.62 9.72 -38.86
C PRO E 139 -52.42 9.85 -40.15
N VAL E 140 -51.92 9.31 -41.26
CA VAL E 140 -52.64 9.45 -42.53
C VAL E 140 -53.91 8.60 -42.51
N ALA E 141 -53.86 7.42 -41.90
CA ALA E 141 -55.06 6.60 -41.80
C ALA E 141 -56.07 7.22 -40.84
N ALA E 142 -55.60 7.79 -39.74
CA ALA E 142 -56.50 8.44 -38.79
C ALA E 142 -57.22 9.62 -39.43
N GLY E 143 -56.58 10.28 -40.41
CA GLY E 143 -57.21 11.40 -41.08
C GLY E 143 -58.42 11.00 -41.92
N GLU E 144 -58.45 9.78 -42.42
CA GLU E 144 -59.60 9.33 -43.20
C GLU E 144 -60.80 9.05 -42.31
N LEU E 145 -60.57 8.43 -41.15
CA LEU E 145 -61.67 8.16 -40.23
C LEU E 145 -62.23 9.43 -39.62
N ALA E 146 -61.34 10.36 -39.23
CA ALA E 146 -61.79 11.56 -38.54
C ALA E 146 -62.68 12.43 -39.41
N ARG E 147 -62.58 12.30 -40.73
CA ARG E 147 -63.39 13.11 -41.64
C ARG E 147 -64.76 12.51 -41.90
N LYS E 148 -65.05 11.31 -41.42
CA LYS E 148 -66.38 10.74 -41.56
C LYS E 148 -67.35 11.40 -40.58
N GLU E 149 -68.57 11.62 -41.04
CA GLU E 149 -69.55 12.37 -40.24
C GLU E 149 -70.09 11.54 -39.08
N ASP E 150 -70.09 10.22 -39.21
CA ASP E 150 -70.70 9.34 -38.22
C ASP E 150 -69.67 8.73 -37.27
N ILE E 151 -68.53 9.39 -37.08
CA ILE E 151 -67.51 8.97 -36.12
C ILE E 151 -67.40 10.06 -35.06
N ASP E 152 -67.48 9.66 -33.79
CA ASP E 152 -67.42 10.61 -32.68
C ASP E 152 -66.01 10.81 -32.15
N ALA E 153 -65.18 9.77 -32.14
CA ALA E 153 -63.81 9.89 -31.65
C ALA E 153 -62.98 8.77 -32.25
N VAL E 154 -61.66 8.98 -32.25
CA VAL E 154 -60.70 8.05 -32.83
C VAL E 154 -59.67 7.67 -31.78
N ILE E 155 -59.28 6.40 -31.78
CA ILE E 155 -58.30 5.87 -30.83
C ILE E 155 -57.12 5.33 -31.63
N ALA E 156 -55.92 5.79 -31.28
CA ALA E 156 -54.68 5.39 -31.96
C ALA E 156 -53.88 4.48 -31.03
N ILE E 157 -53.43 3.34 -31.56
CA ILE E 157 -52.75 2.31 -30.78
C ILE E 157 -51.48 1.90 -31.52
N GLY E 158 -50.38 1.78 -30.77
CA GLY E 158 -49.12 1.32 -31.34
C GLY E 158 -48.10 1.10 -30.24
N VAL E 159 -47.00 0.46 -30.62
CA VAL E 159 -45.91 0.13 -29.69
C VAL E 159 -44.59 0.48 -30.37
N LEU E 160 -43.77 1.29 -29.69
CA LEU E 160 -42.42 1.60 -30.13
C LEU E 160 -41.44 1.30 -29.02
N ILE E 161 -40.35 0.60 -29.36
CA ILE E 161 -39.32 0.20 -28.40
C ILE E 161 -37.98 0.69 -28.91
N ARG E 162 -37.23 1.37 -28.05
CA ARG E 162 -35.94 1.93 -28.43
C ARG E 162 -34.92 0.81 -28.65
N THR F 3 -14.83 33.10 24.82
CA THR F 3 -15.79 32.83 25.89
C THR F 3 -17.13 33.47 25.57
N PRO F 4 -18.22 32.93 26.14
CA PRO F 4 -19.54 33.49 25.86
C PRO F 4 -19.77 34.86 26.48
N HIS F 5 -18.82 35.39 27.25
CA HIS F 5 -18.98 36.72 27.83
C HIS F 5 -19.21 37.77 26.74
N PHE F 6 -18.59 37.57 25.57
CA PHE F 6 -18.71 38.53 24.48
C PHE F 6 -20.17 38.68 24.03
N ASP F 7 -20.88 37.56 23.91
CA ASP F 7 -22.22 37.59 23.31
C ASP F 7 -23.20 38.39 24.17
N TYR F 8 -23.20 38.16 25.48
CA TYR F 8 -24.23 38.78 26.33
C TYR F 8 -24.04 40.28 26.42
N ILE F 9 -22.81 40.76 26.49
CA ILE F 9 -22.57 42.20 26.53
C ILE F 9 -23.00 42.85 25.22
N ALA F 10 -22.64 42.22 24.10
CA ALA F 10 -22.98 42.80 22.80
C ALA F 10 -24.49 42.86 22.61
N SER F 11 -25.21 41.83 23.03
CA SER F 11 -26.66 41.81 22.85
C SER F 11 -27.34 42.92 23.65
N GLU F 12 -26.88 43.15 24.88
CA GLU F 12 -27.56 44.13 25.74
C GLU F 12 -27.24 45.55 25.33
N VAL F 13 -26.03 45.83 24.86
CA VAL F 13 -25.67 47.19 24.45
C VAL F 13 -26.48 47.58 23.22
N SER F 14 -26.55 46.70 22.22
CA SER F 14 -27.31 47.01 21.02
C SER F 14 -28.79 47.16 21.32
N LYS F 15 -29.33 46.26 22.14
CA LYS F 15 -30.76 46.33 22.47
C LYS F 15 -31.08 47.59 23.26
N GLY F 16 -30.22 47.96 24.20
CA GLY F 16 -30.49 49.15 25.01
C GLY F 16 -30.57 50.41 24.20
N LEU F 17 -29.61 50.60 23.28
CA LEU F 17 -29.60 51.82 22.48
C LEU F 17 -30.80 51.89 21.54
N ALA F 18 -31.20 50.76 20.99
CA ALA F 18 -32.32 50.75 20.05
C ALA F 18 -33.62 51.15 20.74
N ASN F 19 -33.92 50.56 21.90
CA ASN F 19 -35.13 50.89 22.63
C ASN F 19 -35.11 52.36 23.07
N LEU F 20 -33.94 52.85 23.47
CA LEU F 20 -33.83 54.23 23.94
C LEU F 20 -34.20 55.22 22.85
N SER F 21 -33.77 54.95 21.61
CA SER F 21 -34.05 55.86 20.51
C SER F 21 -35.54 55.94 20.22
N LEU F 22 -36.25 54.82 20.32
CA LEU F 22 -37.68 54.81 20.06
C LEU F 22 -38.45 55.49 21.19
N GLU F 23 -38.02 55.28 22.43
CA GLU F 23 -38.74 55.87 23.57
C GLU F 23 -38.63 57.39 23.56
N LEU F 24 -37.42 57.93 23.35
CA LEU F 24 -37.22 59.37 23.33
C LEU F 24 -37.44 60.00 21.97
N ARG F 25 -37.57 59.19 20.92
CA ARG F 25 -37.83 59.69 19.57
C ARG F 25 -36.73 60.66 19.13
N LYS F 26 -35.48 60.26 19.37
CA LYS F 26 -34.31 61.05 18.98
C LYS F 26 -33.30 60.13 18.32
N PRO F 27 -32.53 60.62 17.34
CA PRO F 27 -31.56 59.73 16.67
C PRO F 27 -30.40 59.35 17.57
N ILE F 28 -30.05 58.07 17.56
CA ILE F 28 -28.85 57.56 18.22
C ILE F 28 -28.17 56.61 17.24
N THR F 29 -26.87 56.81 17.02
CA THR F 29 -26.11 56.08 16.02
C THR F 29 -25.23 55.03 16.68
N PHE F 30 -25.07 53.89 16.01
CA PHE F 30 -24.36 52.73 16.55
C PHE F 30 -22.93 52.73 15.99
N GLY F 31 -21.99 53.19 16.80
CA GLY F 31 -20.59 53.23 16.41
C GLY F 31 -19.71 52.26 17.17
N VAL F 32 -20.23 51.07 17.45
CA VAL F 32 -19.52 50.08 18.26
C VAL F 32 -18.99 48.98 17.35
N ILE F 33 -17.68 48.72 17.45
CA ILE F 33 -17.06 47.64 16.69
C ILE F 33 -17.26 46.32 17.42
N THR F 34 -17.63 45.28 16.67
CA THR F 34 -17.79 43.93 17.21
C THR F 34 -16.99 42.99 16.32
N ALA F 35 -15.77 42.67 16.73
CA ALA F 35 -14.83 41.92 15.92
C ALA F 35 -14.51 40.57 16.56
N ASP F 36 -14.12 39.62 15.73
CA ASP F 36 -13.72 38.29 16.20
C ASP F 36 -12.24 38.21 16.53
N THR F 37 -11.41 39.08 15.96
CA THR F 37 -9.97 39.04 16.16
C THR F 37 -9.44 40.46 16.29
N LEU F 38 -8.24 40.57 16.87
CA LEU F 38 -7.62 41.89 17.02
C LEU F 38 -7.32 42.51 15.67
N GLU F 39 -6.92 41.69 14.69
CA GLU F 39 -6.61 42.22 13.36
C GLU F 39 -7.84 42.86 12.74
N GLN F 40 -9.00 42.22 12.87
CA GLN F 40 -10.23 42.79 12.32
C GLN F 40 -10.56 44.13 12.94
N ALA F 41 -10.22 44.33 14.22
CA ALA F 41 -10.52 45.59 14.88
C ALA F 41 -9.62 46.72 14.39
N ILE F 42 -8.32 46.44 14.22
CA ILE F 42 -7.41 47.46 13.72
C ILE F 42 -7.81 47.89 12.31
N GLU F 43 -8.38 46.96 11.54
CA GLU F 43 -8.78 47.26 10.17
C GLU F 43 -9.78 48.40 10.12
N ARG F 44 -10.70 48.43 11.08
CA ARG F 44 -11.83 49.37 11.07
C ARG F 44 -11.61 50.59 11.97
N ALA F 45 -10.43 50.74 12.56
CA ALA F 45 -10.13 51.83 13.49
C ALA F 45 -9.22 52.88 12.88
N GLY F 46 -9.39 53.20 11.60
CA GLY F 46 -8.56 54.17 10.92
C GLY F 46 -7.59 53.57 9.94
N THR F 47 -7.85 52.37 9.44
CA THR F 47 -6.98 51.68 8.51
C THR F 47 -7.78 51.15 7.32
N LYS F 48 -7.21 50.21 6.56
CA LYS F 48 -7.65 49.89 5.20
C LYS F 48 -9.16 49.75 5.04
N HIS F 49 -9.91 49.48 6.10
CA HIS F 49 -11.37 49.41 6.01
C HIS F 49 -12.06 50.64 6.60
N GLY F 50 -11.34 51.75 6.75
CA GLY F 50 -11.94 53.01 7.15
C GLY F 50 -12.01 53.18 8.66
N ASN F 51 -12.78 54.19 9.06
CA ASN F 51 -12.96 54.55 10.46
C ASN F 51 -14.45 54.53 10.79
N LYS F 52 -14.84 53.69 11.75
CA LYS F 52 -16.25 53.58 12.11
C LYS F 52 -16.72 54.81 12.87
N GLY F 53 -15.82 55.51 13.55
CA GLY F 53 -16.20 56.74 14.23
C GLY F 53 -16.60 57.83 13.25
N TRP F 54 -15.90 57.93 12.13
CA TRP F 54 -16.26 58.90 11.10
C TRP F 54 -17.63 58.57 10.52
N GLU F 55 -17.90 57.29 10.25
CA GLU F 55 -19.16 56.90 9.63
C GLU F 55 -20.34 57.19 10.55
N ALA F 56 -20.19 56.91 11.86
CA ALA F 56 -21.28 57.15 12.79
C ALA F 56 -21.63 58.63 12.88
N ALA F 57 -20.62 59.50 12.86
CA ALA F 57 -20.88 60.94 12.90
C ALA F 57 -21.62 61.40 11.66
N LEU F 58 -21.26 60.86 10.48
CA LEU F 58 -21.92 61.26 9.25
C LEU F 58 -23.40 60.88 9.27
N SER F 59 -23.72 59.72 9.83
CA SER F 59 -25.12 59.31 9.94
C SER F 59 -25.90 60.24 10.87
N ALA F 60 -25.27 60.68 11.96
CA ALA F 60 -25.95 61.56 12.90
C ALA F 60 -26.29 62.90 12.25
N ILE F 61 -25.38 63.45 11.45
CA ILE F 61 -25.63 64.74 10.81
C ILE F 61 -26.84 64.64 9.88
N GLU F 62 -26.89 63.57 9.08
CA GLU F 62 -28.00 63.41 8.15
C GLU F 62 -29.33 63.27 8.88
N MET F 63 -29.36 62.45 9.94
CA MET F 63 -30.60 62.21 10.66
C MET F 63 -31.10 63.49 11.32
N ALA F 64 -30.18 64.31 11.85
CA ALA F 64 -30.59 65.56 12.48
C ALA F 64 -31.26 66.49 11.48
N ASN F 65 -30.72 66.58 10.26
CA ASN F 65 -31.32 67.42 9.24
C ASN F 65 -32.66 66.85 8.77
N LEU F 66 -32.75 65.53 8.67
CA LEU F 66 -34.01 64.91 8.24
C LEU F 66 -35.13 65.21 9.21
N PHE F 67 -34.87 65.07 10.52
CA PHE F 67 -35.92 65.31 11.50
C PHE F 67 -36.34 66.77 11.53
N LYS F 68 -35.39 67.69 11.27
CA LYS F 68 -35.73 69.13 11.15
C LYS F 68 -36.71 69.28 9.97
N SER F 69 -36.54 68.50 8.90
CA SER F 69 -37.39 68.64 7.71
C SER F 69 -38.78 68.04 7.92
N LEU F 70 -38.86 66.89 8.59
CA LEU F 70 -40.16 66.25 8.80
C LEU F 70 -41.06 67.13 9.65
N ARG F 71 -40.51 67.75 10.69
CA ARG F 71 -41.29 68.55 11.62
C ARG F 71 -41.56 69.97 11.12
N GLY F 72 -41.03 70.33 9.95
CA GLY F 72 -41.30 71.60 9.33
C GLY F 72 -42.53 71.57 8.45
N THR F 73 -42.60 72.53 7.52
CA THR F 73 -43.75 72.61 6.63
C THR F 73 -43.77 71.47 5.62
N GLY F 74 -42.61 71.03 5.15
CA GLY F 74 -42.54 69.99 4.15
C GLY F 74 -42.67 70.51 2.74
N GLY F 75 -43.73 71.27 2.47
CA GLY F 75 -43.90 71.87 1.16
C GLY F 75 -44.29 70.84 0.10
N SER F 76 -44.04 71.24 -1.15
CA SER F 76 -44.36 70.43 -2.33
C SER F 76 -45.86 70.17 -2.45
N GLY F 77 -46.28 69.69 -3.60
CA GLY F 77 -47.69 69.41 -3.82
C GLY F 77 -47.91 68.87 -5.21
N SER F 78 -49.04 68.18 -5.38
CA SER F 78 -49.44 67.58 -6.64
C SER F 78 -48.41 66.57 -7.15
N SER F 79 -47.57 66.04 -6.26
CA SER F 79 -46.55 65.09 -6.65
C SER F 79 -46.10 64.33 -5.40
N MET F 80 -45.30 63.29 -5.63
CA MET F 80 -44.81 62.47 -4.53
C MET F 80 -43.90 63.28 -3.63
N GLU F 81 -44.19 63.28 -2.33
CA GLU F 81 -43.35 63.96 -1.36
C GLU F 81 -42.14 63.11 -1.01
N ILE F 82 -40.96 63.73 -1.05
CA ILE F 82 -39.70 63.05 -0.73
C ILE F 82 -39.00 63.85 0.36
N TYR F 83 -38.59 63.16 1.42
CA TYR F 83 -37.88 63.75 2.55
C TYR F 83 -36.47 63.19 2.61
N GLU F 84 -35.48 64.08 2.72
CA GLU F 84 -34.09 63.66 2.81
C GLU F 84 -33.31 64.71 3.58
N GLY F 85 -32.14 64.31 4.08
CA GLY F 85 -31.32 65.17 4.91
C GLY F 85 -30.03 65.57 4.20
N LYS F 86 -29.65 66.85 4.40
CA LYS F 86 -28.41 67.39 3.83
C LYS F 86 -27.25 66.88 4.69
N LEU F 87 -26.03 67.23 4.32
CA LEU F 87 -24.81 66.92 5.06
C LEU F 87 -24.07 68.17 5.50
N THR F 88 -24.81 69.18 5.97
CA THR F 88 -24.24 70.39 6.54
C THR F 88 -24.49 70.38 8.04
N ALA F 89 -23.44 70.64 8.81
CA ALA F 89 -23.51 70.57 10.27
C ALA F 89 -23.60 71.93 10.94
N GLU F 90 -23.81 73.00 10.18
CA GLU F 90 -23.87 74.34 10.77
C GLU F 90 -25.07 74.47 11.68
N GLY F 91 -24.82 74.86 12.93
CA GLY F 91 -25.88 75.10 13.90
C GLY F 91 -26.32 73.91 14.72
N LEU F 92 -25.78 72.72 14.46
CA LEU F 92 -26.20 71.51 15.17
C LEU F 92 -25.33 71.28 16.39
N ARG F 93 -25.90 70.57 17.37
CA ARG F 93 -25.24 70.27 18.64
C ARG F 93 -25.27 68.76 18.87
N PHE F 94 -24.11 68.19 19.22
CA PHE F 94 -23.93 66.75 19.28
C PHE F 94 -23.38 66.32 20.63
N GLY F 95 -23.77 65.12 21.05
CA GLY F 95 -23.19 64.47 22.23
C GLY F 95 -22.54 63.16 21.85
N ILE F 96 -21.45 62.83 22.54
CA ILE F 96 -20.67 61.62 22.28
C ILE F 96 -20.47 60.88 23.59
N VAL F 97 -20.69 59.56 23.57
CA VAL F 97 -20.42 58.67 24.69
C VAL F 97 -19.40 57.64 24.24
N ALA F 98 -18.29 57.55 24.96
CA ALA F 98 -17.18 56.68 24.60
C ALA F 98 -16.73 55.87 25.82
N SER F 99 -16.32 54.63 25.58
CA SER F 99 -15.85 53.75 26.63
C SER F 99 -14.32 53.80 26.72
N ARG F 100 -13.80 53.35 27.87
CA ARG F 100 -12.36 53.39 28.14
C ARG F 100 -11.65 52.07 27.87
N PHE F 101 -12.37 50.97 27.72
CA PHE F 101 -11.72 49.69 27.48
C PHE F 101 -11.24 49.62 26.03
N ASN F 102 -10.06 49.04 25.83
CA ASN F 102 -9.38 49.07 24.54
C ASN F 102 -9.17 50.50 24.06
N HIS F 103 -8.64 51.35 24.95
CA HIS F 103 -8.54 52.77 24.65
C HIS F 103 -7.56 53.05 23.52
N ALA F 104 -6.63 52.13 23.24
CA ALA F 104 -5.71 52.33 22.13
C ALA F 104 -6.45 52.44 20.81
N LEU F 105 -7.61 51.79 20.69
CA LEU F 105 -8.43 51.85 19.49
C LEU F 105 -9.54 52.88 19.61
N VAL F 106 -10.13 53.02 20.80
CA VAL F 106 -11.29 53.91 20.95
C VAL F 106 -10.90 55.36 20.68
N ASP F 107 -9.73 55.78 21.13
CA ASP F 107 -9.31 57.16 20.91
C ASP F 107 -9.14 57.48 19.43
N ARG F 108 -8.87 56.49 18.59
CA ARG F 108 -8.85 56.73 17.15
C ARG F 108 -10.25 57.00 16.62
N LEU F 109 -11.26 56.32 17.17
CA LEU F 109 -12.63 56.52 16.70
C LEU F 109 -13.16 57.88 17.13
N VAL F 110 -12.81 58.33 18.33
CA VAL F 110 -13.29 59.62 18.80
C VAL F 110 -12.68 60.75 17.97
N GLU F 111 -11.42 60.61 17.57
CA GLU F 111 -10.79 61.61 16.72
C GLU F 111 -11.52 61.72 15.39
N GLY F 112 -11.90 60.59 14.80
CA GLY F 112 -12.61 60.63 13.53
C GLY F 112 -13.95 61.33 13.62
N ALA F 113 -14.69 61.06 14.70
CA ALA F 113 -16.01 61.67 14.86
C ALA F 113 -15.91 63.19 14.97
N ILE F 114 -14.92 63.69 15.72
CA ILE F 114 -14.75 65.13 15.86
C ILE F 114 -14.29 65.74 14.54
N ASP F 115 -13.42 65.06 13.82
CA ASP F 115 -12.93 65.58 12.54
C ASP F 115 -14.08 65.73 11.54
N CYS F 116 -14.99 64.76 11.50
CA CYS F 116 -16.11 64.81 10.57
C CYS F 116 -17.00 66.02 10.85
N ILE F 117 -17.31 66.27 12.12
CA ILE F 117 -18.23 67.34 12.47
C ILE F 117 -17.63 68.70 12.12
N VAL F 118 -16.34 68.89 12.40
CA VAL F 118 -15.74 70.20 12.22
C VAL F 118 -15.62 70.56 10.75
N ARG F 119 -15.21 69.61 9.91
CA ARG F 119 -14.98 69.91 8.50
C ARG F 119 -16.27 69.98 7.69
N HIS F 120 -17.39 69.54 8.25
CA HIS F 120 -18.70 69.74 7.62
C HIS F 120 -19.38 71.02 8.10
N GLY F 121 -18.72 71.83 8.93
CA GLY F 121 -19.24 73.13 9.31
C GLY F 121 -19.64 73.28 10.76
N GLY F 122 -19.35 72.30 11.62
CA GLY F 122 -19.70 72.40 13.02
C GLY F 122 -18.61 73.06 13.85
N ARG F 123 -18.96 73.32 15.11
CA ARG F 123 -18.04 73.91 16.07
C ARG F 123 -17.71 72.93 17.18
N GLU F 124 -16.47 72.96 17.65
CA GLU F 124 -16.09 72.12 18.79
C GLU F 124 -16.82 72.56 20.06
N GLU F 125 -17.22 73.82 20.13
CA GLU F 125 -17.95 74.31 21.30
C GLU F 125 -19.32 73.64 21.45
N ASP F 126 -19.84 73.05 20.38
CA ASP F 126 -21.16 72.44 20.39
C ASP F 126 -21.11 70.93 20.61
N ILE F 127 -19.96 70.39 21.01
CA ILE F 127 -19.79 68.96 21.22
C ILE F 127 -19.62 68.70 22.70
N THR F 128 -20.39 67.76 23.24
CA THR F 128 -20.29 67.32 24.62
C THR F 128 -19.82 65.87 24.63
N LEU F 129 -18.74 65.60 25.37
CA LEU F 129 -18.11 64.28 25.39
C LEU F 129 -18.19 63.71 26.80
N VAL F 130 -18.73 62.50 26.92
CA VAL F 130 -18.86 61.79 28.19
C VAL F 130 -18.13 60.46 28.07
N ARG F 131 -17.34 60.12 29.07
CA ARG F 131 -16.55 58.90 29.08
C ARG F 131 -17.04 57.97 30.18
N VAL F 132 -17.15 56.68 29.86
CA VAL F 132 -17.63 55.67 30.80
C VAL F 132 -16.62 54.53 30.88
N PRO F 133 -16.60 53.75 31.96
CA PRO F 133 -15.55 52.72 32.10
C PRO F 133 -15.66 51.56 31.12
N GLY F 134 -16.85 51.28 30.58
CA GLY F 134 -16.99 50.13 29.71
C GLY F 134 -18.22 50.23 28.84
N SER F 135 -18.34 49.29 27.91
CA SER F 135 -19.46 49.29 26.97
C SER F 135 -20.78 49.04 27.69
N TRP F 136 -20.75 48.27 28.78
CA TRP F 136 -21.98 47.97 29.53
C TRP F 136 -22.63 49.24 30.05
N GLU F 137 -21.85 50.28 30.34
CA GLU F 137 -22.37 51.51 30.92
C GLU F 137 -22.77 52.53 29.86
N ILE F 138 -22.60 52.23 28.57
CA ILE F 138 -22.96 53.21 27.53
C ILE F 138 -24.46 53.53 27.54
N PRO F 139 -25.37 52.55 27.56
CA PRO F 139 -26.80 52.90 27.43
C PRO F 139 -27.31 53.81 28.52
N VAL F 140 -26.89 53.61 29.77
CA VAL F 140 -27.39 54.46 30.86
C VAL F 140 -26.83 55.88 30.74
N ALA F 141 -25.58 56.02 30.32
CA ALA F 141 -25.01 57.35 30.12
C ALA F 141 -25.65 58.04 28.93
N ALA F 142 -25.91 57.29 27.85
CA ALA F 142 -26.55 57.87 26.68
C ALA F 142 -27.95 58.39 27.02
N GLY F 143 -28.62 57.76 27.98
CA GLY F 143 -29.95 58.21 28.37
C GLY F 143 -29.97 59.58 29.02
N GLU F 144 -28.88 59.96 29.69
CA GLU F 144 -28.82 61.28 30.31
C GLU F 144 -28.64 62.38 29.26
N LEU F 145 -27.80 62.13 28.25
CA LEU F 145 -27.59 63.13 27.21
C LEU F 145 -28.83 63.28 26.34
N ALA F 146 -29.47 62.16 25.99
CA ALA F 146 -30.60 62.22 25.06
C ALA F 146 -31.77 63.00 25.63
N ARG F 147 -31.85 63.11 26.96
CA ARG F 147 -32.94 63.84 27.59
C ARG F 147 -32.71 65.34 27.67
N LYS F 148 -31.52 65.82 27.33
CA LYS F 148 -31.27 67.26 27.31
C LYS F 148 -31.93 67.90 26.09
N GLU F 149 -32.49 69.09 26.29
CA GLU F 149 -33.26 69.74 25.23
C GLU F 149 -32.37 70.28 24.13
N ASP F 150 -31.12 70.62 24.44
CA ASP F 150 -30.22 71.26 23.49
C ASP F 150 -29.26 70.28 22.82
N ILE F 151 -29.62 69.00 22.75
CA ILE F 151 -28.84 67.98 22.06
C ILE F 151 -29.68 67.47 20.90
N ASP F 152 -29.09 67.45 19.70
CA ASP F 152 -29.80 67.02 18.50
C ASP F 152 -29.61 65.54 18.19
N ALA F 153 -28.43 64.99 18.48
CA ALA F 153 -28.18 63.58 18.23
C ALA F 153 -27.05 63.11 19.12
N VAL F 154 -26.98 61.80 19.32
CA VAL F 154 -25.99 61.17 20.20
C VAL F 154 -25.23 60.12 19.39
N ILE F 155 -23.92 60.03 19.64
CA ILE F 155 -23.04 59.08 18.97
C ILE F 155 -22.42 58.18 20.02
N ALA F 156 -22.56 56.87 19.84
CA ALA F 156 -22.04 55.86 20.77
C ALA F 156 -20.85 55.16 20.14
N ILE F 157 -19.74 55.07 20.90
CA ILE F 157 -18.48 54.54 20.41
C ILE F 157 -17.96 53.51 21.40
N GLY F 158 -17.48 52.38 20.88
CA GLY F 158 -16.88 51.36 21.73
C GLY F 158 -16.27 50.27 20.86
N VAL F 159 -15.49 49.41 21.52
CA VAL F 159 -14.79 48.31 20.85
C VAL F 159 -14.97 47.04 21.69
N LEU F 160 -15.46 45.98 21.07
CA LEU F 160 -15.57 44.66 21.70
C LEU F 160 -14.88 43.63 20.83
N ILE F 161 -14.04 42.79 21.45
CA ILE F 161 -13.28 41.77 20.74
C ILE F 161 -13.56 40.44 21.42
N ARG F 162 -13.91 39.43 20.61
CA ARG F 162 -14.26 38.12 21.13
C ARG F 162 -13.02 37.43 21.69
N THR G 3 -25.63 21.33 28.70
CA THR G 3 -27.06 21.38 28.49
C THR G 3 -27.51 22.82 28.19
N PRO G 4 -28.63 22.98 27.49
CA PRO G 4 -29.11 24.34 27.16
C PRO G 4 -29.61 25.12 28.37
N HIS G 5 -29.66 24.52 29.55
CA HIS G 5 -30.08 25.24 30.74
C HIS G 5 -29.22 26.47 30.98
N PHE G 6 -27.94 26.39 30.63
CA PHE G 6 -27.02 27.51 30.85
C PHE G 6 -27.46 28.74 30.07
N ASP G 7 -27.87 28.56 28.81
CA ASP G 7 -28.13 29.71 27.95
C ASP G 7 -29.31 30.54 28.45
N TYR G 8 -30.41 29.88 28.82
CA TYR G 8 -31.62 30.63 29.15
C TYR G 8 -31.45 31.44 30.44
N ILE G 9 -30.76 30.88 31.44
CA ILE G 9 -30.53 31.61 32.68
C ILE G 9 -29.64 32.82 32.41
N ALA G 10 -28.57 32.63 31.63
CA ALA G 10 -27.65 33.72 31.36
C ALA G 10 -28.32 34.85 30.60
N SER G 11 -29.19 34.51 29.64
CA SER G 11 -29.85 35.53 28.85
C SER G 11 -30.78 36.38 29.71
N GLU G 12 -31.51 35.75 30.63
CA GLU G 12 -32.51 36.48 31.41
C GLU G 12 -31.86 37.34 32.48
N VAL G 13 -30.76 36.88 33.08
CA VAL G 13 -30.10 37.67 34.12
C VAL G 13 -29.51 38.93 33.52
N SER G 14 -28.81 38.81 32.39
CA SER G 14 -28.22 39.98 31.76
C SER G 14 -29.29 40.95 31.27
N LYS G 15 -30.36 40.42 30.67
CA LYS G 15 -31.43 41.29 30.18
C LYS G 15 -32.14 42.00 31.32
N GLY G 16 -32.38 41.30 32.43
CA GLY G 16 -33.10 41.91 33.53
C GLY G 16 -32.34 43.09 34.13
N LEU G 17 -31.04 42.92 34.34
CA LEU G 17 -30.25 43.99 34.96
C LEU G 17 -30.16 45.20 34.03
N ALA G 18 -30.03 44.97 32.73
CA ALA G 18 -29.91 46.08 31.79
C ALA G 18 -31.16 46.94 31.77
N ASN G 19 -32.34 46.30 31.65
CA ASN G 19 -33.58 47.06 31.64
C ASN G 19 -33.80 47.79 32.95
N LEU G 20 -33.42 47.16 34.07
CA LEU G 20 -33.61 47.79 35.38
C LEU G 20 -32.83 49.08 35.50
N SER G 21 -31.59 49.10 34.98
CA SER G 21 -30.76 50.30 35.08
C SER G 21 -31.37 51.46 34.30
N LEU G 22 -31.95 51.18 33.13
CA LEU G 22 -32.55 52.24 32.33
C LEU G 22 -33.85 52.74 32.95
N GLU G 23 -34.63 51.85 33.53
CA GLU G 23 -35.91 52.26 34.12
C GLU G 23 -35.71 53.16 35.33
N LEU G 24 -34.80 52.77 36.23
CA LEU G 24 -34.54 53.55 37.43
C LEU G 24 -33.47 54.62 37.23
N ARG G 25 -32.78 54.61 36.10
CA ARG G 25 -31.76 55.62 35.80
C ARG G 25 -30.69 55.67 36.89
N LYS G 26 -30.21 54.49 37.28
CA LYS G 26 -29.17 54.35 38.28
C LYS G 26 -28.13 53.34 37.79
N PRO G 27 -26.85 53.52 38.12
CA PRO G 27 -25.84 52.58 37.63
C PRO G 27 -25.96 51.20 38.28
N ILE G 28 -25.88 50.16 37.46
CA ILE G 28 -25.80 48.78 37.91
C ILE G 28 -24.69 48.10 37.11
N THR G 29 -23.76 47.44 37.80
CA THR G 29 -22.57 46.86 37.18
C THR G 29 -22.72 45.35 37.09
N PHE G 30 -22.19 44.78 36.00
CA PHE G 30 -22.35 43.35 35.68
C PHE G 30 -21.09 42.62 36.13
N GLY G 31 -21.17 41.96 37.29
CA GLY G 31 -20.06 41.21 37.83
C GLY G 31 -20.27 39.71 37.83
N VAL G 32 -20.91 39.19 36.78
CA VAL G 32 -21.28 37.77 36.70
C VAL G 32 -20.33 37.07 35.74
N ILE G 33 -19.69 36.00 36.20
CA ILE G 33 -18.83 35.19 35.36
C ILE G 33 -19.67 34.21 34.56
N THR G 34 -19.37 34.08 33.27
CA THR G 34 -20.03 33.13 32.38
C THR G 34 -18.93 32.34 31.66
N ALA G 35 -18.61 31.15 32.18
CA ALA G 35 -17.48 30.37 31.71
C ALA G 35 -17.96 29.06 31.10
N ASP G 36 -17.14 28.50 30.21
CA ASP G 36 -17.44 27.22 29.59
C ASP G 36 -16.88 26.04 30.38
N THR G 37 -15.85 26.26 31.20
CA THR G 37 -15.21 25.19 31.95
C THR G 37 -14.88 25.69 33.35
N LEU G 38 -14.68 24.73 34.27
CA LEU G 38 -14.33 25.08 35.64
C LEU G 38 -12.98 25.81 35.69
N GLU G 39 -12.03 25.40 34.85
CA GLU G 39 -10.73 26.04 34.85
C GLU G 39 -10.84 27.51 34.47
N GLN G 40 -11.67 27.84 33.47
CA GLN G 40 -11.85 29.23 33.08
C GLN G 40 -12.43 30.06 34.23
N ALA G 41 -13.25 29.46 35.08
CA ALA G 41 -13.85 30.21 36.18
C ALA G 41 -12.83 30.51 37.26
N ILE G 42 -11.99 29.53 37.61
CA ILE G 42 -10.96 29.76 38.63
C ILE G 42 -9.99 30.83 38.17
N GLU G 43 -9.78 30.94 36.85
CA GLU G 43 -8.84 31.92 36.32
C GLU G 43 -9.26 33.34 36.68
N ARG G 44 -10.56 33.61 36.67
CA ARG G 44 -11.10 34.95 36.84
C ARG G 44 -11.60 35.23 38.25
N ALA G 45 -11.40 34.32 39.19
CA ALA G 45 -11.90 34.44 40.57
C ALA G 45 -10.78 34.72 41.56
N GLY G 46 -9.80 35.55 41.19
CA GLY G 46 -8.68 35.87 42.04
C GLY G 46 -7.38 35.21 41.63
N THR G 47 -7.23 34.83 40.37
CA THR G 47 -6.05 34.15 39.87
C THR G 47 -5.57 34.82 38.58
N LYS G 48 -4.72 34.13 37.81
CA LYS G 48 -3.88 34.76 36.78
C LYS G 48 -4.62 35.75 35.87
N HIS G 49 -5.94 35.67 35.75
CA HIS G 49 -6.70 36.63 34.97
C HIS G 49 -7.45 37.64 35.83
N GLY G 50 -7.05 37.81 37.08
CA GLY G 50 -7.60 38.85 37.93
C GLY G 50 -8.86 38.42 38.65
N ASN G 51 -9.53 39.42 39.23
CA ASN G 51 -10.75 39.23 40.01
C ASN G 51 -11.86 40.09 39.41
N LYS G 52 -12.94 39.44 38.99
CA LYS G 52 -14.04 40.18 38.38
C LYS G 52 -14.82 40.99 39.42
N GLY G 53 -14.80 40.55 40.68
CA GLY G 53 -15.45 41.33 41.72
C GLY G 53 -14.78 42.67 41.96
N TRP G 54 -13.44 42.70 41.90
CA TRP G 54 -12.72 43.95 42.02
C TRP G 54 -13.05 44.89 40.87
N GLU G 55 -13.11 44.35 39.64
CA GLU G 55 -13.35 45.19 38.48
C GLU G 55 -14.74 45.81 38.51
N ALA G 56 -15.75 45.03 38.92
CA ALA G 56 -17.10 45.55 38.97
C ALA G 56 -17.23 46.68 39.98
N ALA G 57 -16.56 46.57 41.12
CA ALA G 57 -16.61 47.64 42.12
C ALA G 57 -15.96 48.91 41.60
N LEU G 58 -14.85 48.78 40.87
CA LEU G 58 -14.18 49.96 40.34
C LEU G 58 -15.06 50.69 39.33
N SER G 59 -15.81 49.96 38.52
CA SER G 59 -16.72 50.59 37.57
C SER G 59 -17.83 51.34 38.31
N ALA G 60 -18.34 50.78 39.40
CA ALA G 60 -19.40 51.43 40.15
C ALA G 60 -18.95 52.76 40.74
N ILE G 61 -17.72 52.80 41.26
CA ILE G 61 -17.21 54.04 41.86
C ILE G 61 -17.13 55.13 40.82
N GLU G 62 -16.61 54.81 39.63
CA GLU G 62 -16.49 55.82 38.57
C GLU G 62 -17.86 56.33 38.14
N MET G 63 -18.82 55.42 37.94
CA MET G 63 -20.13 55.83 37.46
C MET G 63 -20.84 56.72 38.49
N ALA G 64 -20.67 56.42 39.78
CA ALA G 64 -21.30 57.23 40.81
C ALA G 64 -20.76 58.66 40.78
N ASN G 65 -19.46 58.83 40.59
CA ASN G 65 -18.88 60.17 40.52
C ASN G 65 -19.30 60.87 39.24
N LEU G 66 -19.40 60.14 38.13
CA LEU G 66 -19.81 60.75 36.87
C LEU G 66 -21.22 61.32 36.96
N PHE G 67 -22.15 60.56 37.54
CA PHE G 67 -23.52 61.02 37.63
C PHE G 67 -23.64 62.22 38.57
N LYS G 68 -22.81 62.27 39.61
CA LYS G 68 -22.77 63.45 40.50
C LYS G 68 -22.35 64.65 39.65
N SER G 69 -21.44 64.47 38.68
CA SER G 69 -20.93 65.58 37.88
C SER G 69 -21.95 66.06 36.84
N LEU G 70 -22.64 65.11 36.20
CA LEU G 70 -23.62 65.50 35.17
C LEU G 70 -24.74 66.33 35.76
N ARG G 71 -25.22 65.96 36.95
CA ARG G 71 -26.35 66.63 37.57
C ARG G 71 -25.95 67.89 38.32
N GLY G 72 -24.66 68.23 38.35
CA GLY G 72 -24.19 69.47 38.95
C GLY G 72 -24.16 70.60 37.96
N THR G 73 -23.35 71.61 38.27
CA THR G 73 -23.25 72.78 37.40
C THR G 73 -22.55 72.47 36.09
N GLY G 74 -21.55 71.59 36.11
CA GLY G 74 -20.79 71.26 34.92
C GLY G 74 -19.65 72.22 34.66
N GLY G 75 -19.96 73.52 34.62
CA GLY G 75 -18.93 74.52 34.44
C GLY G 75 -18.37 74.55 33.04
N SER G 76 -17.17 75.12 32.93
CA SER G 76 -16.46 75.27 31.66
C SER G 76 -17.23 76.16 30.69
N GLY G 77 -16.58 76.58 29.62
CA GLY G 77 -17.22 77.43 28.63
C GLY G 77 -16.25 77.77 27.52
N SER G 78 -16.82 78.16 26.38
CA SER G 78 -16.06 78.54 25.19
C SER G 78 -15.17 77.40 24.70
N SER G 79 -15.48 76.17 25.07
CA SER G 79 -14.67 75.02 24.67
C SER G 79 -15.51 73.77 24.84
N MET G 80 -14.97 72.66 24.32
CA MET G 80 -15.67 71.38 24.40
C MET G 80 -15.83 70.93 25.84
N GLU G 81 -17.05 70.63 26.24
CA GLU G 81 -17.31 70.13 27.58
C GLU G 81 -16.99 68.63 27.66
N ILE G 82 -16.24 68.25 28.68
CA ILE G 82 -15.86 66.86 28.91
C ILE G 82 -16.28 66.47 30.32
N TYR G 83 -16.98 65.35 30.43
CA TYR G 83 -17.44 64.82 31.71
C TYR G 83 -16.74 63.49 31.98
N GLU G 84 -16.20 63.35 33.19
CA GLU G 84 -15.52 62.12 33.58
C GLU G 84 -15.62 61.97 35.09
N GLY G 85 -15.41 60.74 35.55
CA GLY G 85 -15.54 60.41 36.97
C GLY G 85 -14.20 60.07 37.60
N LYS G 86 -14.02 60.54 38.84
CA LYS G 86 -12.81 60.28 39.62
C LYS G 86 -12.90 58.85 40.14
N LEU G 87 -11.88 58.40 40.85
CA LEU G 87 -11.83 57.10 41.51
C LEU G 87 -11.64 57.23 43.02
N THR G 88 -12.36 58.18 43.63
CA THR G 88 -12.39 58.34 45.07
C THR G 88 -13.75 57.93 45.58
N ALA G 89 -13.78 57.09 46.61
CA ALA G 89 -15.01 56.53 47.14
C ALA G 89 -15.48 57.19 48.43
N GLU G 90 -14.88 58.30 48.82
CA GLU G 90 -15.26 58.95 50.07
C GLU G 90 -16.68 59.50 49.98
N GLY G 91 -17.54 59.08 50.91
CA GLY G 91 -18.89 59.58 51.00
C GLY G 91 -19.93 58.80 50.22
N LEU G 92 -19.53 57.79 49.45
CA LEU G 92 -20.46 57.02 48.63
C LEU G 92 -21.00 55.82 49.39
N ARG G 93 -22.19 55.38 48.98
CA ARG G 93 -22.88 54.25 49.60
C ARG G 93 -23.24 53.22 48.52
N PHE G 94 -22.92 51.96 48.80
CA PHE G 94 -23.01 50.90 47.80
C PHE G 94 -23.84 49.73 48.30
N GLY G 95 -24.53 49.06 47.37
CA GLY G 95 -25.23 47.82 47.65
C GLY G 95 -24.66 46.69 46.80
N ILE G 96 -24.65 45.48 47.37
CA ILE G 96 -24.11 44.30 46.70
C ILE G 96 -25.14 43.18 46.78
N VAL G 97 -25.38 42.51 45.66
CA VAL G 97 -26.24 41.34 45.58
C VAL G 97 -25.38 40.17 45.09
N ALA G 98 -25.36 39.09 45.86
CA ALA G 98 -24.52 37.93 45.57
C ALA G 98 -25.33 36.65 45.68
N SER G 99 -25.03 35.68 44.82
CA SER G 99 -25.72 34.40 44.83
C SER G 99 -24.92 33.37 45.64
N ARG G 100 -25.61 32.29 46.03
CA ARG G 100 -25.01 31.25 46.86
C ARG G 100 -24.52 30.05 46.09
N PHE G 101 -24.90 29.89 44.83
CA PHE G 101 -24.46 28.74 44.06
C PHE G 101 -23.01 28.93 43.62
N ASN G 102 -22.24 27.85 43.67
CA ASN G 102 -20.79 27.91 43.47
C ASN G 102 -20.15 28.86 44.48
N HIS G 103 -20.50 28.71 45.75
CA HIS G 103 -20.05 29.66 46.77
C HIS G 103 -18.55 29.61 46.97
N ALA G 104 -17.89 28.51 46.60
CA ALA G 104 -16.44 28.45 46.73
C ALA G 104 -15.76 29.53 45.91
N LEU G 105 -16.38 29.94 44.80
CA LEU G 105 -15.84 30.99 43.94
C LEU G 105 -16.48 32.35 44.24
N VAL G 106 -17.77 32.37 44.57
CA VAL G 106 -18.47 33.64 44.76
C VAL G 106 -17.88 34.41 45.93
N ASP G 107 -17.55 33.72 47.02
CA ASP G 107 -17.00 34.39 48.18
C ASP G 107 -15.66 35.05 47.89
N ARG G 108 -14.92 34.58 46.90
CA ARG G 108 -13.71 35.27 46.49
C ARG G 108 -14.04 36.58 45.79
N LEU G 109 -15.12 36.61 45.01
CA LEU G 109 -15.49 37.84 44.32
C LEU G 109 -16.01 38.90 45.28
N VAL G 110 -16.76 38.48 46.30
CA VAL G 110 -17.28 39.44 47.27
C VAL G 110 -16.15 40.07 48.07
N GLU G 111 -15.12 39.28 48.40
CA GLU G 111 -13.98 39.83 49.11
C GLU G 111 -13.29 40.91 48.29
N GLY G 112 -13.12 40.67 46.99
CA GLY G 112 -12.49 41.66 46.14
C GLY G 112 -13.26 42.97 46.07
N ALA G 113 -14.59 42.88 45.96
CA ALA G 113 -15.40 44.09 45.86
C ALA G 113 -15.28 44.94 47.12
N ILE G 114 -15.29 44.29 48.30
CA ILE G 114 -15.17 45.04 49.54
C ILE G 114 -13.79 45.64 49.69
N ASP G 115 -12.75 44.90 49.28
CA ASP G 115 -11.39 45.40 49.37
C ASP G 115 -11.20 46.65 48.51
N CYS G 116 -11.78 46.65 47.30
CA CYS G 116 -11.64 47.80 46.42
C CYS G 116 -12.24 49.06 47.04
N ILE G 117 -13.45 48.93 47.61
CA ILE G 117 -14.15 50.09 48.13
C ILE G 117 -13.40 50.69 49.32
N VAL G 118 -12.87 49.83 50.20
CA VAL G 118 -12.27 50.33 51.43
C VAL G 118 -10.95 51.05 51.14
N ARG G 119 -10.12 50.49 50.26
CA ARG G 119 -8.80 51.08 50.00
C ARG G 119 -8.87 52.30 49.10
N HIS G 120 -10.00 52.56 48.44
CA HIS G 120 -10.21 53.79 47.71
C HIS G 120 -10.86 54.89 48.56
N GLY G 121 -11.09 54.64 49.85
CA GLY G 121 -11.57 55.65 50.75
C GLY G 121 -12.98 55.46 51.29
N GLY G 122 -13.61 54.31 51.03
CA GLY G 122 -14.94 54.08 51.54
C GLY G 122 -14.95 53.43 52.92
N ARG G 123 -16.15 53.34 53.49
CA ARG G 123 -16.36 52.73 54.80
C ARG G 123 -17.18 51.46 54.66
N GLU G 124 -16.86 50.46 55.48
CA GLU G 124 -17.67 49.25 55.50
C GLU G 124 -19.07 49.52 56.02
N GLU G 125 -19.25 50.56 56.83
CA GLU G 125 -20.57 50.90 57.34
C GLU G 125 -21.52 51.33 56.23
N ASP G 126 -21.00 51.72 55.07
CA ASP G 126 -21.81 52.22 53.97
C ASP G 126 -22.10 51.15 52.93
N ILE G 127 -21.84 49.88 53.24
CA ILE G 127 -22.05 48.78 52.31
C ILE G 127 -23.20 47.92 52.82
N THR G 128 -24.15 47.64 51.95
CA THR G 128 -25.28 46.75 52.25
C THR G 128 -25.16 45.52 51.36
N LEU G 129 -25.17 44.34 51.99
CA LEU G 129 -24.98 43.07 51.30
C LEU G 129 -26.23 42.22 51.41
N VAL G 130 -26.74 41.77 50.27
CA VAL G 130 -27.92 40.91 50.19
C VAL G 130 -27.54 39.63 49.47
N ARG G 131 -27.95 38.49 50.02
CA ARG G 131 -27.63 37.18 49.48
C ARG G 131 -28.90 36.50 48.98
N VAL G 132 -28.82 35.87 47.81
CA VAL G 132 -29.96 35.20 47.20
C VAL G 132 -29.56 33.77 46.84
N PRO G 133 -30.51 32.83 46.72
CA PRO G 133 -30.14 31.43 46.49
C PRO G 133 -29.50 31.16 45.13
N GLY G 134 -29.76 31.97 44.12
CA GLY G 134 -29.23 31.68 42.79
C GLY G 134 -29.21 32.90 41.91
N SER G 135 -28.58 32.74 40.73
CA SER G 135 -28.46 33.86 39.80
C SER G 135 -29.82 34.30 39.27
N TRP G 136 -30.77 33.37 39.16
CA TRP G 136 -32.10 33.72 38.65
C TRP G 136 -32.77 34.77 39.53
N GLU G 137 -32.48 34.77 40.82
CA GLU G 137 -33.12 35.69 41.76
C GLU G 137 -32.38 37.02 41.91
N ILE G 138 -31.26 37.21 41.22
CA ILE G 138 -30.52 38.48 41.34
C ILE G 138 -31.34 39.68 40.87
N PRO G 139 -31.96 39.66 39.69
CA PRO G 139 -32.63 40.88 39.22
C PRO G 139 -33.73 41.39 40.13
N VAL G 140 -34.53 40.50 40.72
CA VAL G 140 -35.63 40.94 41.57
C VAL G 140 -35.08 41.52 42.88
N ALA G 141 -34.01 40.92 43.42
CA ALA G 141 -33.40 41.46 44.63
C ALA G 141 -32.72 42.79 44.35
N ALA G 142 -32.05 42.91 43.20
CA ALA G 142 -31.40 44.16 42.84
C ALA G 142 -32.42 45.30 42.71
N GLY G 143 -33.65 44.97 42.30
CA GLY G 143 -34.68 45.99 42.18
C GLY G 143 -35.09 46.61 43.49
N GLU G 144 -34.98 45.88 44.59
CA GLU G 144 -35.32 46.44 45.90
C GLU G 144 -34.27 47.41 46.38
N LEU G 145 -32.98 47.08 46.18
CA LEU G 145 -31.91 47.98 46.60
C LEU G 145 -31.88 49.25 45.75
N ALA G 146 -32.06 49.10 44.43
CA ALA G 146 -31.94 50.25 43.54
C ALA G 146 -33.00 51.31 43.81
N ARG G 147 -34.12 50.92 44.43
CA ARG G 147 -35.19 51.87 44.71
C ARG G 147 -34.97 52.64 46.02
N LYS G 148 -33.98 52.27 46.82
CA LYS G 148 -33.68 53.02 48.03
C LYS G 148 -33.00 54.34 47.68
N GLU G 149 -33.37 55.39 48.42
CA GLU G 149 -32.87 56.73 48.11
C GLU G 149 -31.41 56.91 48.48
N ASP G 150 -30.92 56.17 49.48
CA ASP G 150 -29.57 56.34 50.00
C ASP G 150 -28.58 55.33 49.43
N ILE G 151 -28.85 54.79 48.24
CA ILE G 151 -27.93 53.89 47.55
C ILE G 151 -27.50 54.58 46.26
N ASP G 152 -26.19 54.64 46.03
CA ASP G 152 -25.65 55.30 44.85
C ASP G 152 -25.43 54.36 43.68
N ALA G 153 -25.06 53.11 43.93
CA ALA G 153 -24.84 52.14 42.86
C ALA G 153 -24.98 50.74 43.43
N VAL G 154 -25.23 49.78 42.54
CA VAL G 154 -25.44 48.39 42.91
C VAL G 154 -24.47 47.52 42.13
N ILE G 155 -23.94 46.49 42.80
CA ILE G 155 -22.98 45.56 42.21
C ILE G 155 -23.59 44.16 42.27
N ALA G 156 -23.63 43.49 41.11
CA ALA G 156 -24.20 42.15 40.99
C ALA G 156 -23.07 41.14 40.76
N ILE G 157 -23.08 40.06 41.54
CA ILE G 157 -22.02 39.08 41.53
C ILE G 157 -22.63 37.69 41.43
N GLY G 158 -22.05 36.84 40.57
CA GLY G 158 -22.51 35.47 40.43
C GLY G 158 -21.55 34.71 39.52
N VAL G 159 -21.73 33.39 39.52
CA VAL G 159 -20.90 32.48 38.72
C VAL G 159 -21.81 31.48 38.02
N LEU G 160 -21.68 31.37 36.70
CA LEU G 160 -22.38 30.37 35.91
C LEU G 160 -21.37 29.58 35.08
N ILE G 161 -21.49 28.25 35.10
CA ILE G 161 -20.59 27.37 34.38
C ILE G 161 -21.42 26.45 33.51
N ARG G 162 -21.05 26.36 32.23
CA ARG G 162 -21.80 25.55 31.27
C ARG G 162 -21.62 24.07 31.58
N THR H 3 -36.01 19.52 16.10
CA THR H 3 -36.64 20.60 15.36
C THR H 3 -36.50 21.92 16.11
N PRO H 4 -36.55 23.05 15.40
CA PRO H 4 -36.42 24.35 16.08
C PRO H 4 -37.61 24.72 16.95
N HIS H 5 -38.68 23.91 16.95
CA HIS H 5 -39.83 24.20 17.81
C HIS H 5 -39.41 24.32 19.27
N PHE H 6 -38.42 23.53 19.68
CA PHE H 6 -37.97 23.55 21.07
C PHE H 6 -37.45 24.92 21.49
N ASP H 7 -36.68 25.56 20.61
CA ASP H 7 -36.00 26.80 21.01
C ASP H 7 -36.99 27.92 21.28
N TYR H 8 -37.98 28.11 20.41
CA TYR H 8 -38.87 29.26 20.53
C TYR H 8 -39.74 29.16 21.77
N ILE H 9 -40.23 27.97 22.10
CA ILE H 9 -41.05 27.79 23.30
C ILE H 9 -40.22 28.06 24.54
N ALA H 10 -39.00 27.53 24.58
CA ALA H 10 -38.14 27.70 25.75
C ALA H 10 -37.80 29.17 25.97
N SER H 11 -37.53 29.90 24.89
CA SER H 11 -37.15 31.31 25.01
C SER H 11 -38.30 32.13 25.58
N GLU H 12 -39.53 31.87 25.13
CA GLU H 12 -40.66 32.70 25.54
C GLU H 12 -41.10 32.39 26.97
N VAL H 13 -41.02 31.13 27.39
CA VAL H 13 -41.42 30.78 28.76
C VAL H 13 -40.47 31.42 29.76
N SER H 14 -39.16 31.31 29.53
CA SER H 14 -38.20 31.91 30.45
C SER H 14 -38.32 33.43 30.47
N LYS H 15 -38.46 34.04 29.30
CA LYS H 15 -38.58 35.50 29.23
C LYS H 15 -39.85 35.98 29.92
N GLY H 16 -40.96 35.27 29.72
CA GLY H 16 -42.22 35.71 30.32
C GLY H 16 -42.17 35.72 31.84
N LEU H 17 -41.63 34.66 32.43
CA LEU H 17 -41.59 34.58 33.89
C LEU H 17 -40.66 35.64 34.48
N ALA H 18 -39.54 35.91 33.81
CA ALA H 18 -38.59 36.89 34.32
C ALA H 18 -39.20 38.28 34.36
N ASN H 19 -39.82 38.71 33.26
CA ASN H 19 -40.45 40.04 33.23
C ASN H 19 -41.57 40.14 34.25
N LEU H 20 -42.34 39.06 34.42
CA LEU H 20 -43.47 39.08 35.35
C LEU H 20 -42.99 39.32 36.78
N SER H 21 -41.87 38.71 37.17
CA SER H 21 -41.38 38.87 38.53
C SER H 21 -40.96 40.31 38.80
N LEU H 22 -40.36 40.98 37.81
CA LEU H 22 -39.93 42.35 38.00
C LEU H 22 -41.12 43.30 38.03
N GLU H 23 -42.14 43.05 37.20
CA GLU H 23 -43.30 43.94 37.14
C GLU H 23 -44.08 43.90 38.44
N LEU H 24 -44.35 42.71 38.96
CA LEU H 24 -45.12 42.55 40.19
C LEU H 24 -44.26 42.60 41.44
N ARG H 25 -42.93 42.56 41.29
CA ARG H 25 -42.02 42.64 42.43
C ARG H 25 -42.30 41.53 43.45
N LYS H 26 -42.47 40.31 42.94
CA LYS H 26 -42.72 39.13 43.76
C LYS H 26 -41.83 37.99 43.28
N PRO H 27 -41.36 37.12 44.17
CA PRO H 27 -40.48 36.03 43.74
C PRO H 27 -41.22 34.99 42.89
N ILE H 28 -40.60 34.59 41.79
CA ILE H 28 -41.06 33.48 40.97
C ILE H 28 -39.83 32.62 40.63
N THR H 29 -39.95 31.32 40.88
CA THR H 29 -38.82 30.39 40.74
C THR H 29 -38.97 29.56 39.47
N PHE H 30 -37.84 29.26 38.83
CA PHE H 30 -37.80 28.59 37.53
C PHE H 30 -37.53 27.12 37.76
N GLY H 31 -38.58 26.30 37.70
CA GLY H 31 -38.48 24.87 37.89
C GLY H 31 -38.74 24.07 36.63
N VAL H 32 -38.29 24.57 35.49
CA VAL H 32 -38.56 23.94 34.20
C VAL H 32 -37.31 23.23 33.71
N ILE H 33 -37.43 21.95 33.39
CA ILE H 33 -36.33 21.18 32.83
C ILE H 33 -36.24 21.43 31.33
N THR H 34 -35.03 21.65 30.84
CA THR H 34 -34.75 21.83 29.41
C THR H 34 -33.62 20.87 29.03
N ALA H 35 -33.98 19.71 28.51
CA ALA H 35 -33.04 18.63 28.25
C ALA H 35 -32.94 18.36 26.75
N ASP H 36 -31.79 17.80 26.35
CA ASP H 36 -31.57 17.42 24.96
C ASP H 36 -32.02 16.00 24.66
N THR H 37 -32.10 15.13 25.67
CA THR H 37 -32.47 13.73 25.47
C THR H 37 -33.37 13.29 26.60
N LEU H 38 -34.10 12.20 26.35
CA LEU H 38 -34.99 11.65 27.37
C LEU H 38 -34.21 11.19 28.60
N GLU H 39 -33.02 10.62 28.39
CA GLU H 39 -32.22 10.15 29.52
C GLU H 39 -31.85 11.30 30.43
N GLN H 40 -31.46 12.45 29.86
CA GLN H 40 -31.11 13.60 30.67
C GLN H 40 -32.29 14.07 31.52
N ALA H 41 -33.51 13.92 31.02
CA ALA H 41 -34.68 14.38 31.77
C ALA H 41 -34.98 13.45 32.94
N ILE H 42 -34.87 12.14 32.75
CA ILE H 42 -35.11 11.21 33.85
C ILE H 42 -34.08 11.42 34.94
N GLU H 43 -32.87 11.84 34.58
CA GLU H 43 -31.82 12.05 35.56
C GLU H 43 -32.22 13.09 36.59
N ARG H 44 -32.92 14.13 36.17
CA ARG H 44 -33.23 15.28 37.01
C ARG H 44 -34.64 15.25 37.58
N ALA H 45 -35.39 14.16 37.37
CA ALA H 45 -36.78 14.05 37.81
C ALA H 45 -36.94 13.09 38.98
N GLY H 46 -36.01 13.12 39.93
CA GLY H 46 -36.05 12.24 41.07
C GLY H 46 -35.05 11.10 41.04
N THR H 47 -33.97 11.25 40.27
CA THR H 47 -32.94 10.22 40.13
C THR H 47 -31.56 10.82 40.32
N LYS H 48 -30.52 10.11 39.89
CA LYS H 48 -29.14 10.34 40.34
C LYS H 48 -28.71 11.81 40.35
N HIS H 49 -29.37 12.69 39.61
CA HIS H 49 -29.05 14.12 39.65
C HIS H 49 -30.09 14.93 40.42
N GLY H 50 -30.88 14.28 41.27
CA GLY H 50 -31.78 14.99 42.15
C GLY H 50 -33.13 15.28 41.52
N ASN H 51 -33.88 16.15 42.20
CA ASN H 51 -35.22 16.53 41.80
C ASN H 51 -35.27 18.05 41.66
N LYS H 52 -35.60 18.53 40.47
CA LYS H 52 -35.65 19.98 40.25
C LYS H 52 -36.86 20.60 40.93
N GLY H 53 -37.92 19.84 41.14
CA GLY H 53 -39.07 20.37 41.85
C GLY H 53 -38.76 20.67 43.30
N TRP H 54 -37.97 19.81 43.94
CA TRP H 54 -37.53 20.07 45.31
C TRP H 54 -36.68 21.34 45.38
N GLU H 55 -35.76 21.50 44.44
CA GLU H 55 -34.85 22.65 44.48
C GLU H 55 -35.61 23.96 44.28
N ALA H 56 -36.59 23.99 43.37
CA ALA H 56 -37.34 25.20 43.14
C ALA H 56 -38.13 25.62 44.36
N ALA H 57 -38.71 24.66 45.09
CA ALA H 57 -39.45 24.99 46.30
C ALA H 57 -38.53 25.55 47.38
N LEU H 58 -37.32 25.01 47.49
CA LEU H 58 -36.39 25.51 48.51
C LEU H 58 -36.00 26.95 48.23
N SER H 59 -35.82 27.30 46.96
CA SER H 59 -35.50 28.69 46.60
C SER H 59 -36.66 29.61 46.95
N ALA H 60 -37.89 29.18 46.73
CA ALA H 60 -39.05 30.02 47.03
C ALA H 60 -39.14 30.32 48.52
N ILE H 61 -38.88 29.34 49.37
CA ILE H 61 -38.96 29.54 50.81
C ILE H 61 -37.96 30.59 51.26
N GLU H 62 -36.73 30.49 50.76
CA GLU H 62 -35.70 31.45 51.15
C GLU H 62 -36.05 32.86 50.70
N MET H 63 -36.51 33.00 49.45
CA MET H 63 -36.83 34.33 48.92
C MET H 63 -37.98 34.97 49.70
N ALA H 64 -38.97 34.17 50.09
CA ALA H 64 -40.09 34.72 50.85
C ALA H 64 -39.63 35.28 52.18
N ASN H 65 -38.74 34.57 52.87
CA ASN H 65 -38.21 35.07 54.14
C ASN H 65 -37.34 36.29 53.95
N LEU H 66 -36.56 36.33 52.86
CA LEU H 66 -35.69 37.46 52.61
C LEU H 66 -36.50 38.74 52.40
N PHE H 67 -37.57 38.66 51.61
CA PHE H 67 -38.38 39.83 51.34
C PHE H 67 -39.10 40.31 52.59
N LYS H 68 -39.48 39.38 53.47
CA LYS H 68 -40.07 39.76 54.77
C LYS H 68 -39.02 40.57 55.55
N SER H 69 -37.72 40.22 55.43
CA SER H 69 -36.68 40.89 56.19
C SER H 69 -36.35 42.27 55.63
N LEU H 70 -36.31 42.40 54.30
CA LEU H 70 -35.98 43.69 53.70
C LEU H 70 -37.01 44.74 54.03
N ARG H 71 -38.30 44.36 54.02
CA ARG H 71 -39.37 45.31 54.25
C ARG H 71 -39.65 45.56 55.73
N GLY H 72 -38.92 44.89 56.62
CA GLY H 72 -39.02 45.12 58.05
C GLY H 72 -38.08 46.21 58.51
N THR H 73 -37.79 46.19 59.82
CA THR H 73 -36.91 47.20 60.40
C THR H 73 -35.47 47.03 59.94
N GLY H 74 -35.02 45.79 59.76
CA GLY H 74 -33.63 45.53 59.38
C GLY H 74 -32.69 45.49 60.57
N GLY H 75 -32.72 46.53 61.39
CA GLY H 75 -31.89 46.54 62.58
C GLY H 75 -30.41 46.73 62.27
N SER H 76 -29.58 46.32 63.25
CA SER H 76 -28.14 46.43 63.17
C SER H 76 -27.69 47.88 63.07
N GLY H 77 -26.40 48.12 63.27
CA GLY H 77 -25.87 49.48 63.20
C GLY H 77 -24.38 49.47 63.46
N SER H 78 -23.73 50.54 63.00
CA SER H 78 -22.29 50.73 63.16
C SER H 78 -21.49 49.60 62.52
N SER H 79 -22.08 48.88 61.57
CA SER H 79 -21.41 47.77 60.92
C SER H 79 -22.14 47.46 59.62
N MET H 80 -21.52 46.61 58.81
CA MET H 80 -22.09 46.24 57.53
C MET H 80 -23.41 45.49 57.71
N GLU H 81 -24.47 45.97 57.05
CA GLU H 81 -25.76 45.31 57.10
C GLU H 81 -25.78 44.13 56.15
N ILE H 82 -26.24 42.98 56.65
CA ILE H 82 -26.33 41.75 55.86
C ILE H 82 -27.77 41.25 55.96
N TYR H 83 -28.37 40.97 54.80
CA TYR H 83 -29.73 40.44 54.70
C TYR H 83 -29.69 39.03 54.14
N GLU H 84 -30.38 38.11 54.80
CA GLU H 84 -30.44 36.73 54.35
C GLU H 84 -31.75 36.10 54.82
N GLY H 85 -32.13 35.00 54.18
CA GLY H 85 -33.39 34.34 54.45
C GLY H 85 -33.20 32.99 55.11
N LYS H 86 -34.07 32.69 56.07
CA LYS H 86 -34.04 31.41 56.79
C LYS H 86 -34.66 30.37 55.87
N LEU H 87 -34.71 29.12 56.31
CA LEU H 87 -35.35 28.01 55.61
C LEU H 87 -36.48 27.40 56.44
N THR H 88 -37.28 28.23 57.09
CA THR H 88 -38.47 27.80 57.80
C THR H 88 -39.71 28.26 57.03
N ALA H 89 -40.64 27.34 56.81
CA ALA H 89 -41.83 27.61 56.01
C ALA H 89 -43.08 27.85 56.82
N GLU H 90 -42.96 28.00 58.14
CA GLU H 90 -44.14 28.20 58.98
C GLU H 90 -44.81 29.53 58.67
N GLY H 91 -46.10 29.47 58.34
CA GLY H 91 -46.89 30.66 58.10
C GLY H 91 -46.90 31.16 56.67
N LEU H 92 -46.15 30.55 55.76
CA LEU H 92 -46.07 31.01 54.38
C LEU H 92 -47.11 30.31 53.52
N ARG H 93 -47.48 30.98 52.42
CA ARG H 93 -48.49 30.50 51.48
C ARG H 93 -47.90 30.50 50.08
N PHE H 94 -48.07 29.39 49.36
CA PHE H 94 -47.40 29.15 48.09
C PHE H 94 -48.40 28.78 47.01
N GLY H 95 -48.09 29.17 45.78
CA GLY H 95 -48.82 28.74 44.60
C GLY H 95 -47.92 27.98 43.65
N ILE H 96 -48.48 26.98 42.97
CA ILE H 96 -47.75 26.13 42.03
C ILE H 96 -48.51 26.09 40.71
N VAL H 97 -47.77 26.25 39.62
CA VAL H 97 -48.30 26.11 38.26
C VAL H 97 -47.53 24.99 37.57
N ALA H 98 -48.25 23.99 37.08
CA ALA H 98 -47.66 22.80 36.48
C ALA H 98 -48.33 22.49 35.15
N SER H 99 -47.55 22.01 34.18
CA SER H 99 -48.06 21.65 32.88
C SER H 99 -48.37 20.16 32.81
N ARG H 100 -49.19 19.78 31.82
CA ARG H 100 -49.63 18.40 31.66
C ARG H 100 -48.84 17.60 30.64
N PHE H 101 -48.04 18.25 29.80
CA PHE H 101 -47.26 17.52 28.82
C PHE H 101 -46.08 16.83 29.49
N ASN H 102 -45.77 15.61 29.04
CA ASN H 102 -44.80 14.76 29.71
C ASN H 102 -45.17 14.55 31.18
N HIS H 103 -46.43 14.18 31.42
CA HIS H 103 -46.92 14.10 32.79
C HIS H 103 -46.24 12.98 33.57
N ALA H 104 -45.68 11.98 32.88
CA ALA H 104 -44.98 10.93 33.60
C ALA H 104 -43.80 11.48 34.40
N LEU H 105 -43.22 12.58 33.95
CA LEU H 105 -42.11 13.21 34.66
C LEU H 105 -42.57 14.38 35.53
N VAL H 106 -43.56 15.14 35.06
CA VAL H 106 -44.00 16.34 35.77
C VAL H 106 -44.56 15.98 37.14
N ASP H 107 -45.33 14.90 37.23
CA ASP H 107 -45.91 14.51 38.50
C ASP H 107 -44.86 14.14 39.54
N ARG H 108 -43.67 13.72 39.11
CA ARG H 108 -42.59 13.51 40.06
C ARG H 108 -42.07 14.84 40.61
N LEU H 109 -42.04 15.88 39.78
CA LEU H 109 -41.56 17.17 40.25
C LEU H 109 -42.55 17.82 41.21
N VAL H 110 -43.85 17.66 40.96
CA VAL H 110 -44.84 18.26 41.85
C VAL H 110 -44.81 17.58 43.22
N GLU H 111 -44.57 16.27 43.25
CA GLU H 111 -44.46 15.57 44.52
C GLU H 111 -43.29 16.11 45.34
N GLY H 112 -42.16 16.35 44.68
CA GLY H 112 -41.00 16.88 45.40
C GLY H 112 -41.26 18.25 46.00
N ALA H 113 -41.92 19.13 45.25
CA ALA H 113 -42.19 20.47 45.74
C ALA H 113 -43.07 20.45 46.98
N ILE H 114 -44.10 19.60 46.97
CA ILE H 114 -44.98 19.52 48.13
C ILE H 114 -44.27 18.91 49.32
N ASP H 115 -43.42 17.91 49.07
CA ASP H 115 -42.68 17.28 50.16
C ASP H 115 -41.76 18.27 50.85
N CYS H 116 -41.08 19.12 50.06
CA CYS H 116 -40.16 20.10 50.65
C CYS H 116 -40.90 21.07 51.57
N ILE H 117 -42.05 21.56 51.13
CA ILE H 117 -42.77 22.57 51.90
C ILE H 117 -43.26 21.99 53.22
N VAL H 118 -43.78 20.76 53.20
CA VAL H 118 -44.40 20.19 54.39
C VAL H 118 -43.35 19.88 55.45
N ARG H 119 -42.21 19.31 55.06
CA ARG H 119 -41.21 18.89 56.03
C ARG H 119 -40.38 20.06 56.56
N HIS H 120 -40.46 21.23 55.94
CA HIS H 120 -39.85 22.45 56.48
C HIS H 120 -40.81 23.24 57.35
N GLY H 121 -42.03 22.74 57.60
CA GLY H 121 -42.95 23.36 58.52
C GLY H 121 -44.19 23.97 57.92
N GLY H 122 -44.45 23.77 56.63
CA GLY H 122 -45.63 24.32 56.01
C GLY H 122 -46.83 23.38 56.10
N ARG H 123 -47.98 23.91 55.68
CA ARG H 123 -49.24 23.16 55.66
C ARG H 123 -49.70 22.96 54.23
N GLU H 124 -50.30 21.80 53.96
CA GLU H 124 -50.88 21.56 52.66
C GLU H 124 -52.07 22.47 52.39
N GLU H 125 -52.73 22.93 53.45
CA GLU H 125 -53.87 23.84 53.30
C GLU H 125 -53.46 25.18 52.70
N ASP H 126 -52.17 25.52 52.76
CA ASP H 126 -51.67 26.81 52.28
C ASP H 126 -51.08 26.73 50.88
N ILE H 127 -51.31 25.63 50.17
CA ILE H 127 -50.77 25.42 48.83
C ILE H 127 -51.92 25.45 47.84
N THR H 128 -51.77 26.26 46.79
CA THR H 128 -52.73 26.33 45.68
C THR H 128 -52.06 25.81 44.43
N LEU H 129 -52.69 24.83 43.77
CA LEU H 129 -52.13 24.16 42.62
C LEU H 129 -53.01 24.41 41.40
N VAL H 130 -52.40 24.91 40.32
CA VAL H 130 -53.09 25.19 39.06
C VAL H 130 -52.40 24.40 37.96
N ARG H 131 -53.19 23.73 37.12
CA ARG H 131 -52.68 22.90 36.04
C ARG H 131 -53.06 23.52 34.70
N VAL H 132 -52.12 23.51 33.76
CA VAL H 132 -52.31 24.09 32.43
C VAL H 132 -51.94 23.05 31.38
N PRO H 133 -52.46 23.15 30.15
CA PRO H 133 -52.20 22.09 29.16
C PRO H 133 -50.74 22.01 28.68
N GLY H 134 -49.97 23.09 28.76
CA GLY H 134 -48.62 23.07 28.23
C GLY H 134 -47.77 24.16 28.82
N SER H 135 -46.48 24.10 28.50
CA SER H 135 -45.53 25.08 29.01
C SER H 135 -45.81 26.48 28.48
N TRP H 136 -46.34 26.57 27.26
CA TRP H 136 -46.64 27.88 26.67
C TRP H 136 -47.64 28.65 27.51
N GLU H 137 -48.54 27.96 28.21
CA GLU H 137 -49.59 28.61 29.00
C GLU H 137 -49.16 28.91 30.43
N ILE H 138 -47.94 28.54 30.83
CA ILE H 138 -47.52 28.79 32.22
C ILE H 138 -47.47 30.28 32.54
N PRO H 139 -46.85 31.15 31.73
CA PRO H 139 -46.73 32.56 32.14
C PRO H 139 -48.05 33.26 32.38
N VAL H 140 -49.06 33.01 31.55
CA VAL H 140 -50.33 33.69 31.74
C VAL H 140 -51.05 33.19 32.99
N ALA H 141 -50.95 31.89 33.27
CA ALA H 141 -51.55 31.36 34.49
C ALA H 141 -50.80 31.85 35.73
N ALA H 142 -49.47 31.93 35.65
CA ALA H 142 -48.70 32.42 36.78
C ALA H 142 -49.05 33.86 37.10
N GLY H 143 -49.44 34.64 36.09
CA GLY H 143 -49.81 36.02 36.32
C GLY H 143 -51.07 36.20 37.15
N GLU H 144 -51.98 35.22 37.10
CA GLU H 144 -53.20 35.31 37.91
C GLU H 144 -52.90 35.04 39.38
N LEU H 145 -52.04 34.05 39.66
CA LEU H 145 -51.71 33.74 41.04
C LEU H 145 -50.87 34.84 41.67
N ALA H 146 -49.90 35.38 40.92
CA ALA H 146 -48.99 36.36 41.48
C ALA H 146 -49.72 37.64 41.90
N ARG H 147 -50.88 37.92 41.32
CA ARG H 147 -51.63 39.12 41.66
C ARG H 147 -52.51 38.96 42.89
N LYS H 148 -52.63 37.76 43.43
CA LYS H 148 -53.40 37.57 44.66
C LYS H 148 -52.60 38.08 45.86
N GLU H 149 -53.31 38.70 46.80
CA GLU H 149 -52.64 39.34 47.93
C GLU H 149 -52.12 38.33 48.93
N ASP H 150 -52.72 37.14 49.01
CA ASP H 150 -52.38 36.16 50.02
C ASP H 150 -51.46 35.06 49.48
N ILE H 151 -50.68 35.36 48.44
CA ILE H 151 -49.68 34.45 47.91
C ILE H 151 -48.31 35.09 48.09
N ASP H 152 -47.38 34.34 48.68
CA ASP H 152 -46.05 34.85 48.95
C ASP H 152 -45.05 34.56 47.84
N ALA H 153 -45.17 33.41 47.17
CA ALA H 153 -44.26 33.07 46.09
C ALA H 153 -44.95 32.05 45.19
N VAL H 154 -44.44 31.96 43.95
CA VAL H 154 -45.00 31.08 42.93
C VAL H 154 -43.89 30.16 42.41
N ILE H 155 -44.23 28.91 42.16
CA ILE H 155 -43.31 27.90 41.66
C ILE H 155 -43.82 27.40 40.32
N ALA H 156 -42.97 27.45 39.30
CA ALA H 156 -43.31 27.02 37.95
C ALA H 156 -42.59 25.72 37.63
N ILE H 157 -43.34 24.75 37.12
CA ILE H 157 -42.82 23.41 36.87
C ILE H 157 -43.22 22.98 35.45
N GLY H 158 -42.27 22.39 34.73
CA GLY H 158 -42.53 21.88 33.40
C GLY H 158 -41.33 21.10 32.89
N VAL H 159 -41.55 20.38 31.79
CA VAL H 159 -40.52 19.56 31.16
C VAL H 159 -40.56 19.80 29.66
N LEU H 160 -39.40 20.15 29.08
CA LEU H 160 -39.25 20.30 27.64
C LEU H 160 -38.07 19.44 27.17
N ILE H 161 -38.29 18.67 26.11
CA ILE H 161 -37.27 17.78 25.57
C ILE H 161 -37.10 18.09 24.09
N ARG H 162 -35.86 18.28 23.66
CA ARG H 162 -35.57 18.64 22.28
C ARG H 162 -35.86 17.45 21.36
N THR I 3 -31.68 30.19 4.39
CA THR I 3 -31.32 31.60 4.60
C THR I 3 -31.74 32.05 6.00
N PRO I 4 -31.07 33.08 6.54
CA PRO I 4 -31.44 33.55 7.89
C PRO I 4 -32.78 34.25 7.96
N HIS I 5 -33.46 34.44 6.83
CA HIS I 5 -34.79 35.07 6.86
C HIS I 5 -35.74 34.29 7.76
N PHE I 6 -35.59 32.97 7.80
CA PHE I 6 -36.48 32.15 8.61
C PHE I 6 -36.40 32.51 10.09
N ASP I 7 -35.18 32.74 10.61
CA ASP I 7 -35.01 32.91 12.04
C ASP I 7 -35.69 34.18 12.54
N TYR I 8 -35.51 35.30 11.83
CA TYR I 8 -36.00 36.58 12.35
C TYR I 8 -37.52 36.63 12.37
N ILE I 9 -38.17 36.07 11.35
CA ILE I 9 -39.63 36.04 11.32
C ILE I 9 -40.17 35.17 12.47
N ALA I 10 -39.56 34.00 12.66
CA ALA I 10 -40.03 33.08 13.69
C ALA I 10 -39.87 33.70 15.08
N SER I 11 -38.76 34.40 15.32
CA SER I 11 -38.53 34.99 16.63
C SER I 11 -39.55 36.07 16.95
N GLU I 12 -39.90 36.89 15.96
CA GLU I 12 -40.79 38.01 16.22
C GLU I 12 -42.24 37.57 16.38
N VAL I 13 -42.66 36.55 15.63
CA VAL I 13 -44.04 36.07 15.74
C VAL I 13 -44.28 35.45 17.11
N SER I 14 -43.35 34.60 17.55
CA SER I 14 -43.51 33.97 18.86
C SER I 14 -43.45 35.01 19.98
N LYS I 15 -42.51 35.95 19.89
CA LYS I 15 -42.39 36.97 20.93
C LYS I 15 -43.62 37.87 20.98
N GLY I 16 -44.15 38.23 19.81
CA GLY I 16 -45.31 39.12 19.79
C GLY I 16 -46.53 38.51 20.46
N LEU I 17 -46.82 37.24 20.16
CA LEU I 17 -48.00 36.61 20.72
C LEU I 17 -47.86 36.43 22.23
N ALA I 18 -46.65 36.11 22.71
CA ALA I 18 -46.45 35.89 24.13
C ALA I 18 -46.69 37.17 24.93
N ASN I 19 -46.09 38.29 24.49
CA ASN I 19 -46.30 39.55 25.20
C ASN I 19 -47.75 39.98 25.15
N LEU I 20 -48.42 39.74 24.03
CA LEU I 20 -49.82 40.14 23.89
C LEU I 20 -50.70 39.43 24.90
N SER I 21 -50.45 38.14 25.14
CA SER I 21 -51.28 37.39 26.08
C SER I 21 -51.13 37.92 27.49
N LEU I 22 -49.92 38.32 27.88
CA LEU I 22 -49.70 38.83 29.22
C LEU I 22 -50.30 40.23 29.40
N GLU I 23 -50.21 41.06 28.35
CA GLU I 23 -50.74 42.43 28.45
C GLU I 23 -52.25 42.43 28.59
N LEU I 24 -52.94 41.65 27.76
CA LEU I 24 -54.40 41.59 27.79
C LEU I 24 -54.93 40.56 28.77
N ARG I 25 -54.07 39.70 29.32
CA ARG I 25 -54.48 38.69 30.30
C ARG I 25 -55.58 37.79 29.74
N LYS I 26 -55.37 37.32 28.50
CA LYS I 26 -56.30 36.44 27.83
C LYS I 26 -55.51 35.30 27.18
N PRO I 27 -56.07 34.09 27.11
CA PRO I 27 -55.31 32.97 26.52
C PRO I 27 -55.14 33.14 25.00
N ILE I 28 -53.92 32.89 24.54
CA ILE I 28 -53.60 32.82 23.12
C ILE I 28 -52.73 31.58 22.91
N THR I 29 -53.11 30.74 21.95
CA THR I 29 -52.46 29.45 21.73
C THR I 29 -51.57 29.52 20.49
N PHE I 30 -50.43 28.82 20.54
CA PHE I 30 -49.42 28.87 19.49
C PHE I 30 -49.59 27.66 18.59
N GLY I 31 -50.21 27.88 17.43
CA GLY I 31 -50.44 26.82 16.47
C GLY I 31 -49.63 26.97 15.19
N VAL I 32 -48.39 27.43 15.32
CA VAL I 32 -47.55 27.71 14.16
C VAL I 32 -46.50 26.62 14.02
N ILE I 33 -46.43 26.02 12.83
CA ILE I 33 -45.43 25.00 12.54
C ILE I 33 -44.13 25.68 12.15
N THR I 34 -43.01 25.19 12.70
CA THR I 34 -41.68 25.68 12.36
C THR I 34 -40.82 24.46 12.01
N ALA I 35 -40.70 24.16 10.72
CA ALA I 35 -40.05 22.95 10.24
C ALA I 35 -38.80 23.28 9.46
N ASP I 36 -37.87 22.33 9.42
CA ASP I 36 -36.64 22.48 8.65
C ASP I 36 -36.79 21.99 7.21
N THR I 37 -37.74 21.10 6.94
CA THR I 37 -37.92 20.53 5.61
C THR I 37 -39.41 20.42 5.29
N LEU I 38 -39.71 20.32 4.00
CA LEU I 38 -41.09 20.18 3.58
C LEU I 38 -41.71 18.88 4.12
N GLU I 39 -40.92 17.81 4.16
CA GLU I 39 -41.44 16.54 4.67
C GLU I 39 -41.86 16.66 6.12
N GLN I 40 -41.08 17.35 6.94
CA GLN I 40 -41.44 17.53 8.34
C GLN I 40 -42.74 18.30 8.49
N ALA I 41 -43.04 19.21 7.57
CA ALA I 41 -44.26 20.00 7.66
C ALA I 41 -45.49 19.16 7.32
N ILE I 42 -45.39 18.33 6.28
CA ILE I 42 -46.52 17.48 5.91
C ILE I 42 -46.82 16.48 7.02
N GLU I 43 -45.79 16.09 7.78
CA GLU I 43 -46.00 15.13 8.86
C GLU I 43 -46.97 15.66 9.90
N ARG I 44 -46.90 16.96 10.19
CA ARG I 44 -47.67 17.57 11.27
C ARG I 44 -48.93 18.28 10.80
N ALA I 45 -49.29 18.17 9.52
CA ALA I 45 -50.45 18.86 8.94
C ALA I 45 -51.59 17.91 8.63
N GLY I 46 -51.84 16.93 9.49
CA GLY I 46 -52.88 15.96 9.28
C GLY I 46 -52.39 14.58 8.88
N THR I 47 -51.14 14.25 9.19
CA THR I 47 -50.54 12.96 8.83
C THR I 47 -49.87 12.35 10.05
N LYS I 48 -48.99 11.36 9.82
CA LYS I 48 -48.56 10.42 10.85
C LYS I 48 -48.20 11.04 12.20
N HIS I 49 -47.87 12.34 12.25
CA HIS I 49 -47.59 13.01 13.51
C HIS I 49 -48.73 13.92 13.95
N GLY I 50 -49.94 13.71 13.43
CA GLY I 50 -51.10 14.42 13.91
C GLY I 50 -51.31 15.75 13.21
N ASN I 51 -52.22 16.54 13.80
CA ASN I 51 -52.60 17.84 13.28
C ASN I 51 -52.39 18.89 14.36
N LYS I 52 -51.54 19.87 14.08
CA LYS I 52 -51.25 20.91 15.07
C LYS I 52 -52.43 21.86 15.25
N GLY I 53 -53.28 22.01 14.23
CA GLY I 53 -54.46 22.83 14.38
C GLY I 53 -55.44 22.25 15.37
N TRP I 54 -55.60 20.92 15.38
CA TRP I 54 -56.45 20.28 16.36
C TRP I 54 -55.92 20.48 17.78
N GLU I 55 -54.61 20.33 17.95
CA GLU I 55 -54.02 20.44 19.27
C GLU I 55 -54.16 21.85 19.83
N ALA I 56 -53.97 22.87 18.99
CA ALA I 56 -54.08 24.24 19.47
C ALA I 56 -55.49 24.56 19.93
N ALA I 57 -56.51 24.05 19.22
CA ALA I 57 -57.88 24.29 19.62
C ALA I 57 -58.19 23.61 20.95
N LEU I 58 -57.66 22.42 21.17
CA LEU I 58 -57.92 21.72 22.43
C LEU I 58 -57.33 22.48 23.61
N SER I 59 -56.16 23.08 23.42
CA SER I 59 -55.56 23.87 24.49
C SER I 59 -56.40 25.11 24.80
N ALA I 60 -56.97 25.74 23.76
CA ALA I 60 -57.78 26.92 23.98
C ALA I 60 -59.02 26.61 24.79
N ILE I 61 -59.67 25.48 24.51
CA ILE I 61 -60.88 25.11 25.24
C ILE I 61 -60.58 24.93 26.72
N GLU I 62 -59.48 24.24 27.04
CA GLU I 62 -59.13 24.00 28.44
C GLU I 62 -58.83 25.31 29.16
N MET I 63 -58.05 26.19 28.52
CA MET I 63 -57.67 27.44 29.16
C MET I 63 -58.89 28.32 29.43
N ALA I 64 -59.85 28.33 28.49
CA ALA I 64 -61.05 29.14 28.69
C ALA I 64 -61.84 28.67 29.90
N ASN I 65 -61.97 27.35 30.08
CA ASN I 65 -62.67 26.83 31.25
C ASN I 65 -61.90 27.09 32.53
N LEU I 66 -60.57 27.00 32.48
CA LEU I 66 -59.76 27.24 33.66
C LEU I 66 -59.92 28.68 34.17
N PHE I 67 -59.89 29.64 33.25
CA PHE I 67 -60.01 31.04 33.65
C PHE I 67 -61.40 31.34 34.20
N LYS I 68 -62.43 30.67 33.67
CA LYS I 68 -63.79 30.80 34.23
C LYS I 68 -63.76 30.31 35.67
N SER I 69 -62.97 29.26 35.98
CA SER I 69 -62.95 28.70 37.33
C SER I 69 -62.16 29.57 38.31
N LEU I 70 -61.03 30.13 37.86
CA LEU I 70 -60.23 30.96 38.76
C LEU I 70 -60.99 32.20 39.21
N ARG I 71 -61.74 32.82 38.29
CA ARG I 71 -62.45 34.06 38.60
C ARG I 71 -63.79 33.82 39.28
N GLY I 72 -64.17 32.56 39.49
CA GLY I 72 -65.38 32.23 40.22
C GLY I 72 -65.13 32.11 41.71
N THR I 73 -66.04 31.39 42.37
CA THR I 73 -65.92 31.23 43.83
C THR I 73 -64.75 30.32 44.20
N GLY I 74 -64.47 29.30 43.39
CA GLY I 74 -63.41 28.37 43.70
C GLY I 74 -63.85 27.24 44.62
N GLY I 75 -64.43 27.60 45.76
CA GLY I 75 -64.95 26.60 46.67
C GLY I 75 -63.84 25.83 47.39
N SER I 76 -64.23 24.66 47.90
CA SER I 76 -63.33 23.79 48.65
C SER I 76 -62.86 24.45 49.94
N GLY I 77 -62.27 23.66 50.83
CA GLY I 77 -61.79 24.19 52.09
C GLY I 77 -61.17 23.08 52.92
N SER I 78 -60.32 23.51 53.86
CA SER I 78 -59.62 22.60 54.76
C SER I 78 -58.74 21.59 54.02
N SER I 79 -58.38 21.90 52.79
CA SER I 79 -57.57 21.00 51.97
C SER I 79 -56.94 21.79 50.84
N MET I 80 -56.01 21.15 50.15
CA MET I 80 -55.31 21.80 49.04
C MET I 80 -56.28 22.14 47.91
N GLU I 81 -56.28 23.41 47.50
CA GLU I 81 -57.12 23.83 46.38
C GLU I 81 -56.46 23.46 45.06
N ILE I 82 -57.23 22.84 44.17
CA ILE I 82 -56.76 22.44 42.85
C ILE I 82 -57.69 23.05 41.81
N TYR I 83 -57.11 23.72 40.82
CA TYR I 83 -57.85 24.33 39.71
C TYR I 83 -57.48 23.62 38.41
N GLU I 84 -58.51 23.25 37.65
CA GLU I 84 -58.31 22.59 36.37
C GLU I 84 -59.49 22.89 35.46
N GLY I 85 -59.28 22.70 34.16
CA GLY I 85 -60.27 23.02 33.16
C GLY I 85 -60.83 21.78 32.49
N LYS I 86 -62.15 21.80 32.24
CA LYS I 86 -62.84 20.69 31.57
C LYS I 86 -62.53 20.80 30.08
N LEU I 87 -63.04 19.88 29.29
CA LEU I 87 -62.93 19.86 27.84
C LEU I 87 -64.30 19.90 27.17
N THR I 88 -65.21 20.73 27.69
CA THR I 88 -66.50 20.97 27.09
C THR I 88 -66.53 22.39 26.52
N ALA I 89 -66.96 22.52 25.27
CA ALA I 89 -66.94 23.79 24.56
C ALA I 89 -68.30 24.48 24.49
N GLU I 90 -69.30 23.99 25.21
CA GLU I 90 -70.63 24.56 25.14
C GLU I 90 -70.63 25.98 25.70
N GLY I 91 -71.10 26.94 24.90
CA GLY I 91 -71.22 28.31 25.35
C GLY I 91 -70.01 29.19 25.11
N LEU I 92 -68.89 28.64 24.62
CA LEU I 92 -67.68 29.42 24.44
C LEU I 92 -67.61 30.01 23.03
N ARG I 93 -66.87 31.11 22.91
CA ARG I 93 -66.71 31.83 21.65
C ARG I 93 -65.22 31.99 21.35
N PHE I 94 -64.84 31.67 20.11
CA PHE I 94 -63.44 31.56 19.72
C PHE I 94 -63.15 32.41 18.50
N GLY I 95 -61.92 32.94 18.43
CA GLY I 95 -61.41 33.60 17.25
C GLY I 95 -60.19 32.88 16.71
N ILE I 96 -60.04 32.91 15.38
CA ILE I 96 -58.95 32.23 14.69
C ILE I 96 -58.29 33.22 13.73
N VAL I 97 -56.96 33.25 13.75
CA VAL I 97 -56.17 34.05 12.81
C VAL I 97 -55.27 33.09 12.04
N ALA I 98 -55.38 33.12 10.71
CA ALA I 98 -54.65 32.21 9.83
C ALA I 98 -53.97 32.98 8.72
N SER I 99 -52.79 32.51 8.32
CA SER I 99 -52.03 33.13 7.25
C SER I 99 -52.29 32.43 5.92
N ARG I 100 -51.97 33.11 4.83
CA ARG I 100 -52.23 32.61 3.48
C ARG I 100 -51.02 31.95 2.84
N PHE I 101 -49.81 32.15 3.36
CA PHE I 101 -48.64 31.56 2.75
C PHE I 101 -48.58 30.07 3.09
N ASN I 102 -48.17 29.27 2.10
CA ASN I 102 -48.24 27.81 2.20
C ASN I 102 -49.67 27.36 2.48
N HIS I 103 -50.62 27.88 1.69
CA HIS I 103 -52.03 27.62 1.96
C HIS I 103 -52.39 26.16 1.77
N ALA I 104 -51.62 25.41 0.99
CA ALA I 104 -51.91 24.00 0.80
C ALA I 104 -51.86 23.24 2.13
N LEU I 105 -51.05 23.72 3.08
CA LEU I 105 -50.94 23.11 4.40
C LEU I 105 -51.80 23.83 5.43
N VAL I 106 -51.90 25.16 5.34
CA VAL I 106 -52.62 25.93 6.35
C VAL I 106 -54.09 25.55 6.39
N ASP I 107 -54.70 25.35 5.21
CA ASP I 107 -56.11 25.00 5.17
C ASP I 107 -56.40 23.66 5.83
N ARG I 108 -55.43 22.76 5.90
CA ARG I 108 -55.61 21.53 6.67
C ARG I 108 -55.65 21.81 8.17
N LEU I 109 -54.85 22.77 8.63
CA LEU I 109 -54.84 23.10 10.06
C LEU I 109 -56.12 23.79 10.48
N VAL I 110 -56.67 24.66 9.62
CA VAL I 110 -57.90 25.36 9.96
C VAL I 110 -59.07 24.38 10.05
N GLU I 111 -59.09 23.38 9.17
CA GLU I 111 -60.14 22.37 9.22
C GLU I 111 -60.10 21.62 10.54
N GLY I 112 -58.90 21.26 11.01
CA GLY I 112 -58.79 20.54 12.26
C GLY I 112 -59.29 21.35 13.44
N ALA I 113 -58.96 22.64 13.48
CA ALA I 113 -59.39 23.49 14.59
C ALA I 113 -60.91 23.58 14.66
N ILE I 114 -61.57 23.73 13.51
CA ILE I 114 -63.03 23.83 13.50
C ILE I 114 -63.65 22.49 13.88
N ASP I 115 -63.06 21.39 13.42
CA ASP I 115 -63.60 20.07 13.76
C ASP I 115 -63.55 19.82 15.26
N CYS I 116 -62.45 20.20 15.90
CA CYS I 116 -62.31 19.99 17.34
C CYS I 116 -63.39 20.74 18.12
N ILE I 117 -63.63 21.99 17.76
CA ILE I 117 -64.58 22.82 18.51
C ILE I 117 -65.99 22.27 18.38
N VAL I 118 -66.39 21.84 17.18
CA VAL I 118 -67.76 21.44 16.95
C VAL I 118 -68.08 20.12 17.66
N ARG I 119 -67.16 19.16 17.61
CA ARG I 119 -67.45 17.85 18.18
C ARG I 119 -67.30 17.83 19.70
N HIS I 120 -66.71 18.87 20.30
CA HIS I 120 -66.70 19.01 21.75
C HIS I 120 -67.89 19.83 22.26
N GLY I 121 -68.81 20.22 21.40
CA GLY I 121 -70.04 20.88 21.81
C GLY I 121 -70.18 22.34 21.43
N GLY I 122 -69.29 22.88 20.61
CA GLY I 122 -69.39 24.26 20.19
C GLY I 122 -70.24 24.44 18.94
N ARG I 123 -70.49 25.70 18.61
CA ARG I 123 -71.25 26.07 17.42
C ARG I 123 -70.36 26.81 16.44
N GLU I 124 -70.58 26.57 15.15
CA GLU I 124 -69.86 27.32 14.12
C GLU I 124 -70.23 28.79 14.15
N GLU I 125 -71.43 29.12 14.62
CA GLU I 125 -71.85 30.52 14.70
C GLU I 125 -71.00 31.32 15.69
N ASP I 126 -70.30 30.65 16.60
CA ASP I 126 -69.51 31.32 17.62
C ASP I 126 -68.03 31.41 17.25
N ILE I 127 -67.67 31.14 16.00
CA ILE I 127 -66.29 31.18 15.53
C ILE I 127 -66.12 32.35 14.59
N THR I 128 -65.10 33.16 14.83
CA THR I 128 -64.73 34.27 13.97
C THR I 128 -63.37 33.98 13.36
N LEU I 129 -63.29 34.04 12.03
CA LEU I 129 -62.08 33.69 11.30
C LEU I 129 -61.55 34.91 10.56
N VAL I 130 -60.28 35.23 10.78
CA VAL I 130 -59.61 36.36 10.14
C VAL I 130 -58.39 35.82 9.40
N ARG I 131 -58.21 36.25 8.15
CA ARG I 131 -57.11 35.81 7.31
C ARG I 131 -56.17 36.96 7.02
N VAL I 132 -54.87 36.69 7.09
CA VAL I 132 -53.84 37.70 6.87
C VAL I 132 -52.85 37.20 5.82
N PRO I 133 -52.13 38.09 5.13
CA PRO I 133 -51.26 37.63 4.02
C PRO I 133 -50.06 36.79 4.46
N GLY I 134 -49.59 36.93 5.70
CA GLY I 134 -48.40 36.21 6.10
C GLY I 134 -48.30 36.11 7.61
N SER I 135 -47.31 35.32 8.06
CA SER I 135 -47.11 35.12 9.48
C SER I 135 -46.69 36.40 10.19
N TRP I 136 -45.99 37.28 9.49
CA TRP I 136 -45.55 38.52 10.10
C TRP I 136 -46.73 39.37 10.57
N GLU I 137 -47.88 39.26 9.90
CA GLU I 137 -49.04 40.07 10.22
C GLU I 137 -49.96 39.42 11.25
N ILE I 138 -49.64 38.22 11.73
CA ILE I 138 -50.50 37.56 12.72
C ILE I 138 -50.60 38.35 14.02
N PRO I 139 -49.51 38.79 14.64
CA PRO I 139 -49.65 39.44 15.96
C PRO I 139 -50.52 40.68 15.96
N VAL I 140 -50.44 41.53 14.93
CA VAL I 140 -51.24 42.74 14.91
C VAL I 140 -52.71 42.41 14.71
N ALA I 141 -53.02 41.41 13.88
CA ALA I 141 -54.40 41.01 13.69
C ALA I 141 -54.96 40.34 14.95
N ALA I 142 -54.14 39.52 15.62
CA ALA I 142 -54.58 38.88 16.85
C ALA I 142 -54.90 39.90 17.93
N GLY I 143 -54.22 41.05 17.91
CA GLY I 143 -54.48 42.10 18.88
C GLY I 143 -55.85 42.72 18.76
N GLU I 144 -56.42 42.74 17.55
CA GLU I 144 -57.76 43.29 17.37
C GLU I 144 -58.83 42.35 17.91
N LEU I 145 -58.67 41.04 17.69
CA LEU I 145 -59.64 40.08 18.20
C LEU I 145 -59.59 39.98 19.71
N ALA I 146 -58.37 39.97 20.27
CA ALA I 146 -58.24 39.76 21.71
C ALA I 146 -58.86 40.88 22.52
N ARG I 147 -59.01 42.07 21.92
CA ARG I 147 -59.60 43.20 22.63
C ARG I 147 -61.11 43.22 22.59
N LYS I 148 -61.74 42.32 21.84
CA LYS I 148 -63.20 42.25 21.84
C LYS I 148 -63.69 41.57 23.11
N GLU I 149 -64.81 42.08 23.65
CA GLU I 149 -65.29 41.60 24.94
C GLU I 149 -65.92 40.22 24.84
N ASP I 150 -66.44 39.84 23.67
CA ASP I 150 -67.16 38.60 23.50
C ASP I 150 -66.30 37.49 22.89
N ILE I 151 -64.99 37.56 23.05
CA ILE I 151 -64.07 36.52 22.61
C ILE I 151 -63.40 35.94 23.84
N ASP I 152 -63.42 34.61 23.96
CA ASP I 152 -62.84 33.94 25.12
C ASP I 152 -61.39 33.52 24.91
N ALA I 153 -61.02 33.13 23.68
CA ALA I 153 -59.65 32.72 23.40
C ALA I 153 -59.39 32.88 21.91
N VAL I 154 -58.11 32.97 21.57
CA VAL I 154 -57.67 33.18 20.19
C VAL I 154 -56.71 32.05 19.81
N ILE I 155 -56.81 31.58 18.57
CA ILE I 155 -55.97 30.52 18.04
C ILE I 155 -55.21 31.06 16.84
N ALA I 156 -53.89 30.92 16.87
CA ALA I 156 -53.01 31.40 15.81
C ALA I 156 -52.46 30.22 15.01
N ILE I 157 -52.55 30.30 13.68
CA ILE I 157 -52.18 29.19 12.80
C ILE I 157 -51.29 29.74 11.69
N GLY I 158 -50.22 29.01 11.40
CA GLY I 158 -49.32 29.37 10.31
C GLY I 158 -48.31 28.28 10.08
N VAL I 159 -47.59 28.39 8.97
CA VAL I 159 -46.58 27.43 8.57
C VAL I 159 -45.34 28.18 8.11
N LEU I 160 -44.19 27.85 8.68
CA LEU I 160 -42.90 28.40 8.27
C LEU I 160 -41.93 27.25 7.99
N ILE I 161 -41.25 27.31 6.84
CA ILE I 161 -40.31 26.28 6.42
C ILE I 161 -38.98 26.95 6.13
N ARG I 162 -37.91 26.40 6.69
CA ARG I 162 -36.58 26.95 6.52
C ARG I 162 -36.10 26.77 5.09
N THR J 3 -18.63 38.62 9.72
CA THR J 3 -18.47 39.18 11.07
C THR J 3 -19.82 39.21 11.79
N PRO J 4 -19.78 39.20 13.13
CA PRO J 4 -21.04 39.21 13.89
C PRO J 4 -21.80 40.53 13.81
N HIS J 5 -21.23 41.56 13.15
CA HIS J 5 -21.94 42.82 13.01
C HIS J 5 -23.29 42.63 12.33
N PHE J 6 -23.38 41.68 11.40
CA PHE J 6 -24.63 41.44 10.69
C PHE J 6 -25.75 41.04 11.63
N ASP J 7 -25.46 40.17 12.60
CA ASP J 7 -26.53 39.61 13.43
C ASP J 7 -27.20 40.67 14.28
N TYR J 8 -26.42 41.54 14.92
CA TYR J 8 -26.99 42.48 15.89
C TYR J 8 -27.85 43.52 15.20
N ILE J 9 -27.44 44.00 14.02
CA ILE J 9 -28.25 44.97 13.29
C ILE J 9 -29.57 44.34 12.85
N ALA J 10 -29.49 43.11 12.32
CA ALA J 10 -30.69 42.45 11.82
C ALA J 10 -31.69 42.19 12.96
N SER J 11 -31.19 41.80 14.13
CA SER J 11 -32.08 41.50 15.25
C SER J 11 -32.81 42.76 15.71
N GLU J 12 -32.12 43.90 15.76
CA GLU J 12 -32.73 45.10 16.31
C GLU J 12 -33.72 45.73 15.33
N VAL J 13 -33.44 45.66 14.02
CA VAL J 13 -34.35 46.24 13.04
C VAL J 13 -35.67 45.47 13.02
N SER J 14 -35.59 44.14 13.00
CA SER J 14 -36.82 43.34 13.00
C SER J 14 -37.60 43.52 14.29
N LYS J 15 -36.91 43.53 15.43
CA LYS J 15 -37.60 43.70 16.71
C LYS J 15 -38.24 45.07 16.82
N GLY J 16 -37.55 46.11 16.36
CA GLY J 16 -38.10 47.46 16.47
C GLY J 16 -39.39 47.63 15.70
N LEU J 17 -39.43 47.13 14.46
CA LEU J 17 -40.62 47.30 13.64
C LEU J 17 -41.80 46.51 14.20
N ALA J 18 -41.53 45.31 14.74
CA ALA J 18 -42.61 44.50 15.27
C ALA J 18 -43.28 45.16 16.47
N ASN J 19 -42.48 45.63 17.43
CA ASN J 19 -43.05 46.30 18.60
C ASN J 19 -43.80 47.56 18.20
N LEU J 20 -43.27 48.30 17.22
CA LEU J 20 -43.90 49.54 16.81
C LEU J 20 -45.31 49.30 16.26
N SER J 21 -45.48 48.22 15.49
CA SER J 21 -46.78 47.93 14.91
C SER J 21 -47.82 47.62 15.98
N LEU J 22 -47.41 46.91 17.04
CA LEU J 22 -48.35 46.57 18.11
C LEU J 22 -48.69 47.79 18.95
N GLU J 23 -47.70 48.66 19.20
CA GLU J 23 -47.95 49.83 20.03
C GLU J 23 -48.91 50.80 19.36
N LEU J 24 -48.70 51.09 18.08
CA LEU J 24 -49.55 52.02 17.35
C LEU J 24 -50.75 51.34 16.71
N ARG J 25 -50.81 50.01 16.69
CA ARG J 25 -51.94 49.27 16.13
C ARG J 25 -52.18 49.65 14.68
N LYS J 26 -51.09 49.70 13.90
CA LYS J 26 -51.14 50.02 12.48
C LYS J 26 -50.28 49.02 11.72
N PRO J 27 -50.65 48.65 10.49
CA PRO J 27 -49.83 47.67 9.75
C PRO J 27 -48.49 48.24 9.32
N ILE J 28 -47.44 47.44 9.52
CA ILE J 28 -46.11 47.74 9.02
C ILE J 28 -45.55 46.45 8.41
N THR J 29 -45.07 46.53 7.17
CA THR J 29 -44.64 45.37 6.41
C THR J 29 -43.12 45.30 6.37
N PHE J 30 -42.58 44.07 6.40
CA PHE J 30 -41.15 43.83 6.49
C PHE J 30 -40.62 43.52 5.09
N GLY J 31 -40.00 44.53 4.47
CA GLY J 31 -39.43 44.39 3.15
C GLY J 31 -37.92 44.44 3.12
N VAL J 32 -37.27 43.85 4.12
CA VAL J 32 -35.82 43.91 4.26
C VAL J 32 -35.22 42.57 3.87
N ILE J 33 -34.27 42.60 2.94
CA ILE J 33 -33.56 41.39 2.52
C ILE J 33 -32.44 41.10 3.51
N THR J 34 -32.31 39.83 3.89
CA THR J 34 -31.24 39.37 4.78
C THR J 34 -30.58 38.16 4.11
N ALA J 35 -29.49 38.39 3.40
CA ALA J 35 -28.85 37.38 2.57
C ALA J 35 -27.46 37.05 3.11
N ASP J 36 -26.99 35.84 2.80
CA ASP J 36 -25.66 35.40 3.18
C ASP J 36 -24.61 35.75 2.14
N THR J 37 -25.00 35.94 0.88
CA THR J 37 -24.06 36.21 -0.20
C THR J 37 -24.66 37.26 -1.13
N LEU J 38 -23.78 37.89 -1.91
CA LEU J 38 -24.23 38.90 -2.86
C LEU J 38 -25.13 38.28 -3.92
N GLU J 39 -24.83 37.06 -4.34
CA GLU J 39 -25.65 36.40 -5.36
C GLU J 39 -27.08 36.20 -4.87
N GLN J 40 -27.24 35.80 -3.61
CA GLN J 40 -28.58 35.61 -3.06
C GLN J 40 -29.36 36.92 -3.04
N ALA J 41 -28.68 38.05 -2.85
CA ALA J 41 -29.38 39.33 -2.81
C ALA J 41 -29.87 39.75 -4.19
N ILE J 42 -29.04 39.57 -5.22
CA ILE J 42 -29.44 39.93 -6.58
C ILE J 42 -30.63 39.08 -7.01
N GLU J 43 -30.70 37.84 -6.50
CA GLU J 43 -31.80 36.95 -6.88
C GLU J 43 -33.15 37.53 -6.50
N ARG J 44 -33.23 38.20 -5.36
CA ARG J 44 -34.49 38.68 -4.81
C ARG J 44 -34.75 40.16 -5.07
N ALA J 45 -33.91 40.83 -5.86
CA ALA J 45 -34.01 42.26 -6.13
C ALA J 45 -34.49 42.55 -7.55
N GLY J 46 -35.44 41.75 -8.06
CA GLY J 46 -35.94 41.93 -9.40
C GLY J 46 -35.47 40.88 -10.38
N THR J 47 -35.06 39.71 -9.91
CA THR J 47 -34.54 38.64 -10.75
C THR J 47 -35.22 37.32 -10.39
N LYS J 48 -34.64 36.20 -10.82
CA LYS J 48 -35.32 34.91 -10.91
C LYS J 48 -36.17 34.55 -9.68
N HIS J 49 -35.90 35.13 -8.51
CA HIS J 49 -36.71 34.87 -7.32
C HIS J 49 -37.64 36.05 -6.99
N GLY J 50 -37.91 36.92 -7.96
CA GLY J 50 -38.88 37.97 -7.77
C GLY J 50 -38.31 39.23 -7.13
N ASN J 51 -39.22 40.10 -6.72
CA ASN J 51 -38.89 41.39 -6.13
C ASN J 51 -39.56 41.49 -4.76
N LYS J 52 -38.75 41.65 -3.72
CA LYS J 52 -39.30 41.73 -2.37
C LYS J 52 -40.03 43.05 -2.13
N GLY J 53 -39.65 44.10 -2.86
CA GLY J 53 -40.36 45.37 -2.73
C GLY J 53 -41.79 45.27 -3.23
N TRP J 54 -42.00 44.54 -4.33
CA TRP J 54 -43.35 44.32 -4.82
C TRP J 54 -44.19 43.55 -3.81
N GLU J 55 -43.61 42.50 -3.22
CA GLU J 55 -44.37 41.66 -2.29
C GLU J 55 -44.77 42.43 -1.05
N ALA J 56 -43.88 43.27 -0.52
CA ALA J 56 -44.20 44.03 0.67
C ALA J 56 -45.33 45.01 0.43
N ALA J 57 -45.36 45.64 -0.74
CA ALA J 57 -46.45 46.56 -1.07
C ALA J 57 -47.78 45.82 -1.17
N LEU J 58 -47.78 44.62 -1.75
CA LEU J 58 -49.02 43.87 -1.87
C LEU J 58 -49.59 43.51 -0.50
N SER J 59 -48.72 43.16 0.44
CA SER J 59 -49.19 42.85 1.80
C SER J 59 -49.80 44.08 2.46
N ALA J 60 -49.20 45.26 2.24
CA ALA J 60 -49.72 46.47 2.85
C ALA J 60 -51.12 46.80 2.35
N ILE J 61 -51.37 46.61 1.04
CA ILE J 61 -52.68 46.91 0.49
C ILE J 61 -53.74 46.02 1.11
N GLU J 62 -53.45 44.73 1.24
CA GLU J 62 -54.42 43.80 1.83
C GLU J 62 -54.72 44.15 3.28
N MET J 63 -53.67 44.44 4.05
CA MET J 63 -53.87 44.73 5.47
C MET J 63 -54.69 46.00 5.67
N ALA J 64 -54.46 47.01 4.82
CA ALA J 64 -55.21 48.25 4.94
C ALA J 64 -56.71 48.00 4.72
N ASN J 65 -57.05 47.18 3.71
CA ASN J 65 -58.45 46.88 3.46
C ASN J 65 -59.05 46.03 4.58
N LEU J 66 -58.26 45.10 5.13
CA LEU J 66 -58.75 44.26 6.21
C LEU J 66 -59.13 45.08 7.44
N PHE J 67 -58.26 46.02 7.82
CA PHE J 67 -58.52 46.84 9.00
C PHE J 67 -59.72 47.74 8.79
N LYS J 68 -59.93 48.20 7.55
CA LYS J 68 -61.14 49.00 7.22
C LYS J 68 -62.36 48.10 7.47
N SER J 69 -62.27 46.79 7.19
CA SER J 69 -63.42 45.89 7.32
C SER J 69 -63.69 45.54 8.78
N LEU J 70 -62.65 45.32 9.57
CA LEU J 70 -62.85 44.96 10.97
C LEU J 70 -63.53 46.08 11.74
N ARG J 71 -63.15 47.32 11.48
CA ARG J 71 -63.66 48.47 12.22
C ARG J 71 -65.00 48.95 11.67
N GLY J 72 -65.52 48.33 10.61
CA GLY J 72 -66.83 48.65 10.08
C GLY J 72 -67.92 47.83 10.73
N THR J 73 -69.05 47.73 10.02
CA THR J 73 -70.19 46.98 10.56
C THR J 73 -69.92 45.48 10.59
N GLY J 74 -69.20 44.96 9.60
CA GLY J 74 -68.94 43.53 9.53
C GLY J 74 -70.05 42.76 8.84
N GLY J 75 -71.29 42.94 9.30
CA GLY J 75 -72.42 42.30 8.67
C GLY J 75 -72.46 40.80 8.92
N SER J 76 -73.20 40.11 8.05
CA SER J 76 -73.40 38.67 8.13
C SER J 76 -74.13 38.27 9.40
N GLY J 77 -74.60 37.03 9.46
CA GLY J 77 -75.31 36.56 10.63
C GLY J 77 -75.75 35.12 10.43
N SER J 78 -76.01 34.46 11.56
CA SER J 78 -76.44 33.07 11.58
C SER J 78 -75.43 32.13 10.92
N SER J 79 -74.18 32.55 10.81
CA SER J 79 -73.15 31.76 10.17
C SER J 79 -71.79 32.28 10.61
N MET J 80 -70.75 31.52 10.27
CA MET J 80 -69.39 31.88 10.64
C MET J 80 -68.98 33.18 9.96
N GLU J 81 -68.52 34.14 10.75
CA GLU J 81 -68.04 35.40 10.21
C GLU J 81 -66.62 35.25 9.69
N ILE J 82 -66.37 35.72 8.47
CA ILE J 82 -65.06 35.66 7.83
C ILE J 82 -64.67 37.06 7.41
N TYR J 83 -63.46 37.48 7.78
CA TYR J 83 -62.93 38.78 7.44
C TYR J 83 -61.72 38.60 6.52
N GLU J 84 -61.71 39.35 5.42
CA GLU J 84 -60.60 39.29 4.47
C GLU J 84 -60.50 40.63 3.75
N GLY J 85 -59.33 40.86 3.15
CA GLY J 85 -59.04 42.12 2.50
C GLY J 85 -58.91 41.96 0.99
N LYS J 86 -59.45 42.96 0.28
CA LYS J 86 -59.40 42.99 -1.19
C LYS J 86 -58.00 43.42 -1.60
N LEU J 87 -57.71 43.48 -2.88
CA LEU J 87 -56.47 43.96 -3.45
C LEU J 87 -56.68 45.17 -4.36
N THR J 88 -57.54 46.09 -3.94
CA THR J 88 -57.75 47.35 -4.63
C THR J 88 -57.16 48.49 -3.80
N ALA J 89 -56.37 49.34 -4.43
CA ALA J 89 -55.66 50.40 -3.73
C ALA J 89 -56.29 51.78 -3.90
N GLU J 90 -57.50 51.85 -4.46
CA GLU J 90 -58.14 53.15 -4.68
C GLU J 90 -58.47 53.81 -3.36
N GLY J 91 -57.98 55.05 -3.18
CA GLY J 91 -58.28 55.83 -2.01
C GLY J 91 -57.32 55.67 -0.85
N LEU J 92 -56.35 54.77 -0.93
CA LEU J 92 -55.43 54.51 0.17
C LEU J 92 -54.19 55.38 0.07
N ARG J 93 -53.56 55.63 1.22
CA ARG J 93 -52.37 56.46 1.33
C ARG J 93 -51.27 55.68 2.04
N PHE J 94 -50.07 55.71 1.46
CA PHE J 94 -48.98 54.85 1.88
C PHE J 94 -47.72 55.67 2.17
N GLY J 95 -46.93 55.20 3.13
CA GLY J 95 -45.60 55.74 3.39
C GLY J 95 -44.55 54.67 3.20
N ILE J 96 -43.37 55.10 2.73
CA ILE J 96 -42.26 54.21 2.45
C ILE J 96 -41.00 54.76 3.12
N VAL J 97 -40.26 53.89 3.80
CA VAL J 97 -38.97 54.21 4.39
C VAL J 97 -37.93 53.31 3.77
N ALA J 98 -36.88 53.91 3.19
CA ALA J 98 -35.85 53.19 2.47
C ALA J 98 -34.47 53.64 2.91
N SER J 99 -33.53 52.72 2.97
CA SER J 99 -32.16 53.02 3.36
C SER J 99 -31.29 53.25 2.13
N ARG J 100 -30.14 53.91 2.35
CA ARG J 100 -29.23 54.27 1.27
C ARG J 100 -28.07 53.30 1.09
N PHE J 101 -27.81 52.41 2.03
CA PHE J 101 -26.71 51.48 1.89
C PHE J 101 -27.09 50.37 0.91
N ASN J 102 -26.13 49.97 0.09
CA ASN J 102 -26.39 49.05 -1.03
C ASN J 102 -27.46 49.62 -1.95
N HIS J 103 -27.30 50.90 -2.34
CA HIS J 103 -28.35 51.56 -3.10
C HIS J 103 -28.53 50.97 -4.49
N ALA J 104 -27.52 50.27 -5.01
CA ALA J 104 -27.67 49.63 -6.32
C ALA J 104 -28.81 48.61 -6.31
N LEU J 105 -29.07 48.00 -5.15
CA LEU J 105 -30.16 47.04 -5.01
C LEU J 105 -31.42 47.67 -4.44
N VAL J 106 -31.28 48.62 -3.51
CA VAL J 106 -32.44 49.20 -2.84
C VAL J 106 -33.33 49.93 -3.83
N ASP J 107 -32.73 50.67 -4.77
CA ASP J 107 -33.52 51.41 -5.74
C ASP J 107 -34.36 50.50 -6.63
N ARG J 108 -33.95 49.24 -6.81
CA ARG J 108 -34.81 48.30 -7.53
C ARG J 108 -36.03 47.92 -6.70
N LEU J 109 -35.88 47.82 -5.38
CA LEU J 109 -37.00 47.46 -4.53
C LEU J 109 -38.01 48.59 -4.44
N VAL J 110 -37.53 49.85 -4.39
CA VAL J 110 -38.44 50.98 -4.31
C VAL J 110 -39.26 51.11 -5.59
N GLU J 111 -38.64 50.84 -6.74
CA GLU J 111 -39.37 50.87 -8.00
C GLU J 111 -40.51 49.86 -8.00
N GLY J 112 -40.25 48.65 -7.50
CA GLY J 112 -41.28 47.63 -7.47
C GLY J 112 -42.46 48.02 -6.59
N ALA J 113 -42.18 48.61 -5.43
CA ALA J 113 -43.25 49.00 -4.52
C ALA J 113 -44.16 50.05 -5.16
N ILE J 114 -43.57 51.04 -5.83
CA ILE J 114 -44.37 52.08 -6.47
C ILE J 114 -45.16 51.50 -7.64
N ASP J 115 -44.56 50.59 -8.39
CA ASP J 115 -45.26 49.99 -9.53
C ASP J 115 -46.49 49.21 -9.07
N CYS J 116 -46.37 48.47 -7.96
CA CYS J 116 -47.49 47.69 -7.46
C CYS J 116 -48.66 48.58 -7.08
N ILE J 117 -48.39 49.68 -6.38
CA ILE J 117 -49.45 50.55 -5.90
C ILE J 117 -50.20 51.19 -7.05
N VAL J 118 -49.46 51.65 -8.07
CA VAL J 118 -50.09 52.41 -9.16
C VAL J 118 -50.98 51.52 -10.00
N ARG J 119 -50.52 50.31 -10.34
CA ARG J 119 -51.27 49.45 -11.23
C ARG J 119 -52.43 48.74 -10.54
N HIS J 120 -52.50 48.77 -9.21
CA HIS J 120 -53.67 48.31 -8.48
C HIS J 120 -54.68 49.41 -8.22
N GLY J 121 -54.45 50.62 -8.72
CA GLY J 121 -55.42 51.70 -8.63
C GLY J 121 -55.06 52.87 -7.74
N GLY J 122 -53.82 52.93 -7.25
CA GLY J 122 -53.41 54.03 -6.41
C GLY J 122 -52.84 55.19 -7.20
N ARG J 123 -52.59 56.29 -6.49
CA ARG J 123 -52.01 57.50 -7.07
C ARG J 123 -50.63 57.75 -6.49
N GLU J 124 -49.71 58.25 -7.33
CA GLU J 124 -48.40 58.63 -6.83
C GLU J 124 -48.49 59.81 -5.87
N GLU J 125 -49.52 60.63 -6.00
CA GLU J 125 -49.69 61.76 -5.09
C GLU J 125 -49.95 61.33 -3.65
N ASP J 126 -50.36 60.08 -3.45
CA ASP J 126 -50.69 59.57 -2.12
C ASP J 126 -49.55 58.79 -1.49
N ILE J 127 -48.34 58.87 -2.05
CA ILE J 127 -47.18 58.13 -1.56
C ILE J 127 -46.20 59.14 -0.97
N THR J 128 -45.75 58.87 0.25
CA THR J 128 -44.72 59.66 0.92
C THR J 128 -43.48 58.79 1.10
N LEU J 129 -42.34 59.29 0.63
CA LEU J 129 -41.09 58.53 0.63
C LEU J 129 -40.08 59.25 1.51
N VAL J 130 -39.50 58.51 2.47
CA VAL J 130 -38.49 59.01 3.38
C VAL J 130 -37.25 58.15 3.25
N ARG J 131 -36.08 58.79 3.14
CA ARG J 131 -34.81 58.09 2.98
C ARG J 131 -33.93 58.30 4.20
N VAL J 132 -33.29 57.23 4.65
CA VAL J 132 -32.43 57.26 5.83
C VAL J 132 -31.06 56.69 5.48
N PRO J 133 -29.99 57.04 6.21
CA PRO J 133 -28.65 56.60 5.82
C PRO J 133 -28.42 55.09 5.94
N GLY J 134 -29.16 54.39 6.79
CA GLY J 134 -28.89 52.97 6.99
C GLY J 134 -30.08 52.25 7.60
N SER J 135 -29.95 50.92 7.65
CA SER J 135 -31.03 50.10 8.19
C SER J 135 -31.26 50.36 9.67
N TRP J 136 -30.20 50.72 10.40
CA TRP J 136 -30.35 50.98 11.83
C TRP J 136 -31.31 52.13 12.10
N GLU J 137 -31.40 53.09 11.18
CA GLU J 137 -32.26 54.26 11.38
C GLU J 137 -33.68 54.06 10.87
N ILE J 138 -34.01 52.90 10.30
CA ILE J 138 -35.37 52.68 9.79
C ILE J 138 -36.41 52.75 10.90
N PRO J 139 -36.27 52.05 12.03
CA PRO J 139 -37.36 52.04 13.02
C PRO J 139 -37.74 53.42 13.54
N VAL J 140 -36.76 54.29 13.80
CA VAL J 140 -37.09 55.60 14.34
C VAL J 140 -37.78 56.47 13.28
N ALA J 141 -37.37 56.35 12.02
CA ALA J 141 -38.03 57.10 10.96
C ALA J 141 -39.45 56.56 10.72
N ALA J 142 -39.61 55.24 10.77
CA ALA J 142 -40.93 54.64 10.58
C ALA J 142 -41.90 55.10 11.66
N GLY J 143 -41.39 55.38 12.86
CA GLY J 143 -42.23 55.84 13.95
C GLY J 143 -42.85 57.20 13.71
N GLU J 144 -42.18 58.06 12.94
CA GLU J 144 -42.73 59.38 12.65
C GLU J 144 -43.87 59.28 11.63
N LEU J 145 -43.71 58.44 10.62
CA LEU J 145 -44.77 58.28 9.62
C LEU J 145 -45.99 57.60 10.21
N ALA J 146 -45.78 56.56 11.02
CA ALA J 146 -46.90 55.78 11.53
C ALA J 146 -47.81 56.60 12.43
N ARG J 147 -47.28 57.68 13.02
CA ARG J 147 -48.09 58.52 13.90
C ARG J 147 -48.91 59.56 13.17
N LYS J 148 -48.73 59.71 11.86
CA LYS J 148 -49.56 60.64 11.09
C LYS J 148 -50.95 60.04 10.88
N GLU J 149 -51.96 60.90 10.95
CA GLU J 149 -53.35 60.43 10.90
C GLU J 149 -53.75 60.02 9.48
N ASP J 150 -53.12 60.57 8.46
CA ASP J 150 -53.50 60.34 7.07
C ASP J 150 -52.62 59.30 6.38
N ILE J 151 -52.01 58.40 7.15
CA ILE J 151 -51.22 57.29 6.60
C ILE J 151 -51.91 56.00 7.00
N ASP J 152 -52.15 55.13 6.01
CA ASP J 152 -52.84 53.87 6.27
C ASP J 152 -51.89 52.72 6.55
N ALA J 153 -50.71 52.69 5.92
CA ALA J 153 -49.76 51.62 6.15
C ALA J 153 -48.37 52.12 5.77
N VAL J 154 -47.35 51.45 6.31
CA VAL J 154 -45.96 51.81 6.11
C VAL J 154 -45.21 50.61 5.55
N ILE J 155 -44.29 50.87 4.62
CA ILE J 155 -43.49 49.83 3.98
C ILE J 155 -42.02 50.13 4.27
N ALA J 156 -41.31 49.14 4.80
CA ALA J 156 -39.90 49.27 5.15
C ALA J 156 -39.06 48.45 4.18
N ILE J 157 -38.01 49.07 3.63
CA ILE J 157 -37.18 48.48 2.59
C ILE J 157 -35.72 48.65 2.97
N GLY J 158 -34.94 47.58 2.80
CA GLY J 158 -33.50 47.64 3.06
C GLY J 158 -32.86 46.35 2.61
N VAL J 159 -31.52 46.37 2.58
CA VAL J 159 -30.72 45.24 2.16
C VAL J 159 -29.57 45.06 3.14
N LEU J 160 -29.43 43.86 3.70
CA LEU J 160 -28.31 43.49 4.56
C LEU J 160 -27.64 42.23 4.02
N ILE J 161 -26.32 42.26 3.92
CA ILE J 161 -25.54 41.14 3.40
C ILE J 161 -24.48 40.79 4.42
N ARG J 162 -24.39 39.50 4.77
CA ARG J 162 -23.45 39.02 5.77
C ARG J 162 -22.02 39.14 5.25
N THR K 3 -6.45 38.15 -20.82
CA THR K 3 -5.54 38.56 -21.88
C THR K 3 -4.75 39.79 -21.44
N PRO K 4 -3.56 40.00 -22.03
CA PRO K 4 -2.75 41.16 -21.67
C PRO K 4 -3.33 42.49 -22.12
N HIS K 5 -4.43 42.48 -22.87
CA HIS K 5 -5.05 43.74 -23.30
C HIS K 5 -5.40 44.62 -22.11
N PHE K 6 -5.78 43.99 -20.98
CA PHE K 6 -6.16 44.76 -19.79
C PHE K 6 -5.01 45.62 -19.28
N ASP K 7 -3.79 45.07 -19.26
CA ASP K 7 -2.68 45.77 -18.62
C ASP K 7 -2.32 47.05 -19.36
N TYR K 8 -2.23 47.00 -20.69
CA TYR K 8 -1.74 48.16 -21.43
C TYR K 8 -2.71 49.32 -21.37
N ILE K 9 -4.02 49.05 -21.43
CA ILE K 9 -5.00 50.12 -21.34
C ILE K 9 -4.95 50.75 -19.96
N ALA K 10 -4.88 49.93 -18.92
CA ALA K 10 -4.87 50.46 -17.56
C ALA K 10 -3.64 51.32 -17.30
N SER K 11 -2.48 50.90 -17.81
CA SER K 11 -1.25 51.65 -17.59
C SER K 11 -1.32 53.02 -18.25
N GLU K 12 -1.87 53.10 -19.46
CA GLU K 12 -1.86 54.36 -20.20
C GLU K 12 -2.88 55.34 -19.65
N VAL K 13 -4.04 54.85 -19.19
CA VAL K 13 -5.06 55.75 -18.66
C VAL K 13 -4.57 56.40 -17.37
N SER K 14 -4.00 55.59 -16.47
CA SER K 14 -3.49 56.14 -15.21
C SER K 14 -2.34 57.11 -15.45
N LYS K 15 -1.42 56.74 -16.35
CA LYS K 15 -0.28 57.60 -16.63
C LYS K 15 -0.72 58.91 -17.27
N GLY K 16 -1.68 58.85 -18.19
CA GLY K 16 -2.12 60.06 -18.87
C GLY K 16 -2.72 61.08 -17.92
N LEU K 17 -3.59 60.62 -17.02
CA LEU K 17 -4.26 61.54 -16.10
C LEU K 17 -3.26 62.16 -15.12
N ALA K 18 -2.28 61.37 -14.67
CA ALA K 18 -1.30 61.88 -13.72
C ALA K 18 -0.46 63.00 -14.32
N ASN K 19 0.07 62.79 -15.52
CA ASN K 19 0.88 63.81 -16.17
C ASN K 19 0.05 65.06 -16.46
N LEU K 20 -1.22 64.87 -16.85
CA LEU K 20 -2.06 66.01 -17.17
C LEU K 20 -2.28 66.91 -15.97
N SER K 21 -2.44 66.32 -14.79
CA SER K 21 -2.67 67.13 -13.58
C SER K 21 -1.46 67.98 -13.25
N LEU K 22 -0.25 67.44 -13.44
CA LEU K 22 0.95 68.19 -13.14
C LEU K 22 1.19 69.29 -14.16
N GLU K 23 0.91 69.02 -15.44
CA GLU K 23 1.15 70.01 -16.48
C GLU K 23 0.24 71.22 -16.32
N LEU K 24 -1.05 70.99 -16.09
CA LEU K 24 -2.03 72.06 -15.94
C LEU K 24 -2.14 72.56 -14.50
N ARG K 25 -1.55 71.86 -13.54
CA ARG K 25 -1.57 72.27 -12.14
C ARG K 25 -3.00 72.43 -11.64
N LYS K 26 -3.84 71.44 -11.95
CA LYS K 26 -5.24 71.42 -11.52
C LYS K 26 -5.57 70.03 -11.00
N PRO K 27 -6.44 69.92 -9.99
CA PRO K 27 -6.76 68.59 -9.45
C PRO K 27 -7.54 67.73 -10.43
N ILE K 28 -7.14 66.47 -10.55
CA ILE K 28 -7.87 65.45 -11.30
C ILE K 28 -7.90 64.20 -10.45
N THR K 29 -9.09 63.64 -10.24
CA THR K 29 -9.30 62.51 -9.34
C THR K 29 -9.49 61.22 -10.14
N PHE K 30 -8.97 60.11 -9.59
CA PHE K 30 -8.95 58.82 -10.28
C PHE K 30 -10.12 57.98 -9.76
N GLY K 31 -11.19 57.93 -10.55
CA GLY K 31 -12.37 57.17 -10.19
C GLY K 31 -12.60 55.95 -11.08
N VAL K 32 -11.52 55.28 -11.47
CA VAL K 32 -11.60 54.15 -12.40
C VAL K 32 -11.42 52.85 -11.62
N ILE K 33 -12.37 51.93 -11.78
CA ILE K 33 -12.28 50.62 -11.16
C ILE K 33 -11.41 49.72 -12.02
N THR K 34 -10.52 48.97 -11.37
CA THR K 34 -9.66 47.98 -12.04
C THR K 34 -9.78 46.67 -11.27
N ALA K 35 -10.65 45.79 -11.76
CA ALA K 35 -11.00 44.55 -11.05
C ALA K 35 -10.55 43.34 -11.83
N ASP K 36 -10.33 42.24 -11.12
CA ASP K 36 -9.96 40.98 -11.74
C ASP K 36 -11.16 40.13 -12.13
N THR K 37 -12.31 40.34 -11.49
CA THR K 37 -13.50 39.54 -11.74
C THR K 37 -14.73 40.44 -11.74
N LEU K 38 -15.81 39.95 -12.34
CA LEU K 38 -17.05 40.71 -12.38
C LEU K 38 -17.60 40.92 -10.97
N GLU K 39 -17.47 39.92 -10.10
CA GLU K 39 -17.97 40.06 -8.75
C GLU K 39 -17.27 41.20 -8.01
N GLN K 40 -15.95 41.32 -8.17
CA GLN K 40 -15.21 42.39 -7.53
C GLN K 40 -15.70 43.76 -7.99
N ALA K 41 -16.13 43.87 -9.26
CA ALA K 41 -16.58 45.16 -9.78
C ALA K 41 -17.93 45.55 -9.20
N ILE K 42 -18.86 44.59 -9.10
CA ILE K 42 -20.17 44.89 -8.53
C ILE K 42 -20.03 45.30 -7.07
N GLU K 43 -19.01 44.78 -6.38
CA GLU K 43 -18.82 45.10 -4.98
C GLU K 43 -18.58 46.60 -4.78
N ARG K 44 -17.86 47.23 -5.70
CA ARG K 44 -17.43 48.62 -5.56
C ARG K 44 -18.31 49.60 -6.34
N ALA K 45 -19.41 49.15 -6.94
CA ALA K 45 -20.27 49.98 -7.76
C ALA K 45 -21.60 50.29 -7.08
N GLY K 46 -21.59 50.54 -5.78
CA GLY K 46 -22.78 50.81 -5.02
C GLY K 46 -23.25 49.68 -4.13
N THR K 47 -22.35 48.78 -3.75
CA THR K 47 -22.68 47.61 -2.92
C THR K 47 -21.68 47.50 -1.77
N LYS K 48 -21.62 46.33 -1.13
CA LYS K 48 -21.03 46.16 0.20
C LYS K 48 -19.69 46.85 0.39
N HIS K 49 -18.94 47.16 -0.67
CA HIS K 49 -17.68 47.88 -0.55
C HIS K 49 -17.81 49.34 -0.98
N GLY K 50 -19.02 49.88 -1.02
CA GLY K 50 -19.21 51.30 -1.28
C GLY K 50 -19.29 51.63 -2.76
N ASN K 51 -19.20 52.93 -3.03
CA ASN K 51 -19.30 53.47 -4.39
C ASN K 51 -18.06 54.30 -4.66
N LYS K 52 -17.30 53.91 -5.69
CA LYS K 52 -16.07 54.64 -6.02
C LYS K 52 -16.37 56.00 -6.64
N GLY K 53 -17.53 56.16 -7.27
CA GLY K 53 -17.90 57.46 -7.81
C GLY K 53 -18.13 58.48 -6.72
N TRP K 54 -18.74 58.07 -5.60
CA TRP K 54 -18.92 58.96 -4.46
C TRP K 54 -17.58 59.38 -3.89
N GLU K 55 -16.66 58.43 -3.75
CA GLU K 55 -15.37 58.74 -3.13
C GLU K 55 -14.56 59.71 -3.98
N ALA K 56 -14.58 59.53 -5.31
CA ALA K 56 -13.82 60.43 -6.18
C ALA K 56 -14.35 61.86 -6.11
N ALA K 57 -15.67 62.02 -6.02
CA ALA K 57 -16.23 63.36 -5.91
C ALA K 57 -15.83 64.02 -4.59
N LEU K 58 -15.80 63.26 -3.51
CA LEU K 58 -15.43 63.83 -2.21
C LEU K 58 -13.99 64.32 -2.22
N SER K 59 -13.09 63.58 -2.89
CA SER K 59 -11.71 64.02 -2.99
C SER K 59 -11.60 65.32 -3.80
N ALA K 60 -12.39 65.44 -4.86
CA ALA K 60 -12.34 66.65 -5.69
C ALA K 60 -12.75 67.88 -4.89
N ILE K 61 -13.80 67.76 -4.07
CA ILE K 61 -14.27 68.90 -3.29
C ILE K 61 -13.18 69.38 -2.34
N GLU K 62 -12.52 68.45 -1.65
CA GLU K 62 -11.48 68.83 -0.70
C GLU K 62 -10.31 69.51 -1.41
N MET K 63 -9.87 68.95 -2.54
CA MET K 63 -8.73 69.51 -3.24
C MET K 63 -9.03 70.91 -3.76
N ALA K 64 -10.26 71.14 -4.23
CA ALA K 64 -10.62 72.47 -4.71
C ALA K 64 -10.53 73.51 -3.60
N ASN K 65 -11.01 73.16 -2.40
CA ASN K 65 -10.92 74.09 -1.27
C ASN K 65 -9.49 74.29 -0.83
N LEU K 66 -8.67 73.24 -0.86
CA LEU K 66 -7.27 73.36 -0.46
C LEU K 66 -6.53 74.32 -1.36
N PHE K 67 -6.71 74.21 -2.68
CA PHE K 67 -6.00 75.07 -3.60
C PHE K 67 -6.45 76.52 -3.47
N LYS K 68 -7.72 76.74 -3.14
CA LYS K 68 -8.23 78.11 -2.86
C LYS K 68 -7.46 78.65 -1.65
N SER K 69 -7.13 77.79 -0.65
CA SER K 69 -6.47 78.26 0.56
C SER K 69 -4.98 78.53 0.33
N LEU K 70 -4.31 77.68 -0.45
CA LEU K 70 -2.88 77.89 -0.69
C LEU K 70 -2.62 79.20 -1.42
N ARG K 71 -3.46 79.53 -2.40
CA ARG K 71 -3.26 80.71 -3.21
C ARG K 71 -3.81 81.98 -2.56
N GLY K 72 -4.40 81.88 -1.37
CA GLY K 72 -4.86 83.02 -0.63
C GLY K 72 -3.78 83.57 0.28
N THR K 73 -4.22 84.32 1.31
CA THR K 73 -3.28 84.92 2.24
C THR K 73 -2.61 83.88 3.13
N GLY K 74 -3.33 82.84 3.51
CA GLY K 74 -2.78 81.81 4.39
C GLY K 74 -2.91 82.18 5.86
N GLY K 75 -2.44 83.36 6.24
CA GLY K 75 -2.58 83.81 7.60
C GLY K 75 -1.67 83.07 8.57
N SER K 76 -2.05 83.13 9.85
CA SER K 76 -1.30 82.51 10.94
C SER K 76 0.09 83.10 11.08
N GLY K 77 0.75 82.81 12.18
CA GLY K 77 2.09 83.33 12.41
C GLY K 77 2.61 82.86 13.75
N SER K 78 3.93 82.89 13.87
CA SER K 78 4.64 82.48 15.09
C SER K 78 4.35 81.03 15.46
N SER K 79 3.91 80.21 14.50
CA SER K 79 3.59 78.83 14.75
C SER K 79 3.58 78.07 13.42
N MET K 80 3.49 76.75 13.51
CA MET K 80 3.50 75.91 12.32
C MET K 80 2.25 76.18 11.47
N GLU K 81 2.47 76.48 10.19
CA GLU K 81 1.36 76.69 9.28
C GLU K 81 0.80 75.35 8.80
N ILE K 82 -0.52 75.21 8.87
CA ILE K 82 -1.21 74.00 8.44
C ILE K 82 -2.27 74.40 7.42
N TYR K 83 -2.27 73.69 6.28
CA TYR K 83 -3.22 73.93 5.20
C TYR K 83 -4.10 72.68 5.04
N GLU K 84 -5.42 72.90 5.00
CA GLU K 84 -6.35 71.81 4.82
C GLU K 84 -7.61 72.33 4.14
N GLY K 85 -8.38 71.41 3.57
CA GLY K 85 -9.57 71.76 2.80
C GLY K 85 -10.84 71.32 3.49
N LYS K 86 -11.86 72.19 3.41
CA LYS K 86 -13.18 71.91 4.01
C LYS K 86 -13.90 70.94 3.08
N LEU K 87 -15.10 70.53 3.43
CA LEU K 87 -15.97 69.68 2.63
C LEU K 87 -17.29 70.37 2.30
N THR K 88 -17.23 71.65 1.96
CA THR K 88 -18.39 72.40 1.49
C THR K 88 -18.22 72.69 0.01
N ALA K 89 -19.27 72.41 -0.77
CA ALA K 89 -19.22 72.53 -2.22
C ALA K 89 -19.90 73.79 -2.74
N GLU K 90 -20.29 74.72 -1.86
CA GLU K 90 -20.99 75.92 -2.32
C GLU K 90 -20.08 76.78 -3.17
N GLY K 91 -20.53 77.10 -4.38
CA GLY K 91 -19.82 77.98 -5.28
C GLY K 91 -18.83 77.31 -6.21
N LEU K 92 -18.62 76.00 -6.09
CA LEU K 92 -17.63 75.30 -6.91
C LEU K 92 -18.26 74.75 -8.18
N ARG K 93 -17.43 74.57 -9.21
CA ARG K 93 -17.86 74.09 -10.52
C ARG K 93 -17.01 72.88 -10.90
N PHE K 94 -17.68 71.81 -11.34
CA PHE K 94 -17.04 70.52 -11.55
C PHE K 94 -17.32 70.00 -12.96
N GLY K 95 -16.35 69.26 -13.49
CA GLY K 95 -16.52 68.53 -14.74
C GLY K 95 -16.34 67.04 -14.52
N ILE K 96 -17.09 66.24 -15.28
CA ILE K 96 -17.06 64.79 -15.17
C ILE K 96 -16.87 64.20 -16.55
N VAL K 97 -15.97 63.21 -16.65
CA VAL K 97 -15.74 62.45 -17.88
C VAL K 97 -16.01 60.99 -17.57
N ALA K 98 -16.92 60.37 -18.32
CA ALA K 98 -17.36 59.01 -18.10
C ALA K 98 -17.34 58.21 -19.40
N SER K 99 -16.99 56.94 -19.29
CA SER K 99 -16.94 56.06 -20.45
C SER K 99 -18.24 55.27 -20.58
N ARG K 100 -18.48 54.73 -21.79
CA ARG K 100 -19.70 54.01 -22.10
C ARG K 100 -19.57 52.50 -21.99
N PHE K 101 -18.36 51.96 -21.93
CA PHE K 101 -18.20 50.52 -21.84
C PHE K 101 -18.53 50.05 -20.42
N ASN K 102 -19.19 48.90 -20.32
CA ASN K 102 -19.73 48.42 -19.05
C ASN K 102 -20.68 49.45 -18.44
N HIS K 103 -21.61 49.95 -19.25
CA HIS K 103 -22.46 51.05 -18.81
C HIS K 103 -23.40 50.62 -17.68
N ALA K 104 -23.67 49.33 -17.54
CA ALA K 104 -24.51 48.88 -16.44
C ALA K 104 -23.92 49.24 -15.09
N LEU K 105 -22.59 49.32 -15.01
CA LEU K 105 -21.90 49.69 -13.78
C LEU K 105 -21.53 51.17 -13.75
N VAL K 106 -21.15 51.73 -14.90
CA VAL K 106 -20.67 53.11 -14.94
C VAL K 106 -21.77 54.08 -14.52
N ASP K 107 -23.01 53.84 -14.96
CA ASP K 107 -24.10 54.73 -14.61
C ASP K 107 -24.38 54.75 -13.11
N ARG K 108 -24.03 53.69 -12.39
CA ARG K 108 -24.14 53.74 -10.93
C ARG K 108 -23.08 54.67 -10.34
N LEU K 109 -21.88 54.71 -10.92
CA LEU K 109 -20.84 55.57 -10.40
C LEU K 109 -21.15 57.04 -10.66
N VAL K 110 -21.73 57.35 -11.82
CA VAL K 110 -22.05 58.74 -12.14
C VAL K 110 -23.14 59.25 -11.22
N GLU K 111 -24.11 58.41 -10.88
CA GLU K 111 -25.16 58.80 -9.95
C GLU K 111 -24.58 59.16 -8.58
N GLY K 112 -23.62 58.37 -8.11
CA GLY K 112 -23.00 58.65 -6.82
C GLY K 112 -22.26 59.98 -6.80
N ALA K 113 -21.53 60.28 -7.88
CA ALA K 113 -20.77 61.52 -7.93
C ALA K 113 -21.70 62.74 -7.88
N ILE K 114 -22.82 62.69 -8.61
CA ILE K 114 -23.74 63.80 -8.61
C ILE K 114 -24.42 63.94 -7.25
N ASP K 115 -24.76 62.81 -6.63
CA ASP K 115 -25.40 62.85 -5.32
C ASP K 115 -24.50 63.50 -4.28
N CYS K 116 -23.21 63.18 -4.30
CA CYS K 116 -22.27 63.73 -3.34
C CYS K 116 -22.20 65.26 -3.47
N ILE K 117 -22.11 65.76 -4.69
CA ILE K 117 -21.93 67.19 -4.90
C ILE K 117 -23.17 67.96 -4.43
N VAL K 118 -24.36 67.45 -4.72
CA VAL K 118 -25.58 68.20 -4.44
C VAL K 118 -25.83 68.28 -2.93
N ARG K 119 -25.63 67.17 -2.21
CA ARG K 119 -25.94 67.15 -0.79
C ARG K 119 -24.88 67.83 0.06
N HIS K 120 -23.71 68.12 -0.50
CA HIS K 120 -22.71 68.95 0.17
C HIS K 120 -22.85 70.43 -0.13
N GLY K 121 -23.87 70.83 -0.90
CA GLY K 121 -24.15 72.23 -1.13
C GLY K 121 -23.94 72.73 -2.54
N GLY K 122 -23.68 71.84 -3.50
CA GLY K 122 -23.49 72.26 -4.88
C GLY K 122 -24.78 72.30 -5.67
N ARG K 123 -24.67 72.83 -6.88
CA ARG K 123 -25.80 72.93 -7.81
C ARG K 123 -25.56 72.04 -9.03
N GLU K 124 -26.64 71.44 -9.52
CA GLU K 124 -26.53 70.66 -10.75
C GLU K 124 -26.20 71.55 -11.94
N GLU K 125 -26.55 72.82 -11.89
CA GLU K 125 -26.25 73.75 -12.97
C GLU K 125 -24.74 73.96 -13.14
N ASP K 126 -23.94 73.64 -12.13
CA ASP K 126 -22.51 73.85 -12.16
C ASP K 126 -21.74 72.59 -12.53
N ILE K 127 -22.41 71.56 -13.03
CA ILE K 127 -21.78 70.29 -13.38
C ILE K 127 -21.83 70.14 -14.89
N THR K 128 -20.68 69.84 -15.49
CA THR K 128 -20.57 69.56 -16.92
C THR K 128 -20.18 68.10 -17.09
N LEU K 129 -20.96 67.37 -17.89
CA LEU K 129 -20.77 65.93 -18.07
C LEU K 129 -20.42 65.64 -19.53
N VAL K 130 -19.32 64.94 -19.75
CA VAL K 130 -18.85 64.55 -21.08
C VAL K 130 -18.73 63.03 -21.12
N ARG K 131 -19.26 62.42 -22.18
CA ARG K 131 -19.24 60.98 -22.34
C ARG K 131 -18.36 60.58 -23.51
N VAL K 132 -17.55 59.54 -23.32
CA VAL K 132 -16.63 59.06 -24.35
C VAL K 132 -16.85 57.57 -24.57
N PRO K 133 -16.48 57.03 -25.73
CA PRO K 133 -16.80 55.61 -26.01
C PRO K 133 -16.04 54.61 -25.15
N GLY K 134 -14.88 54.96 -24.61
CA GLY K 134 -14.10 53.99 -23.85
C GLY K 134 -13.09 54.66 -22.94
N SER K 135 -12.46 53.84 -22.11
CA SER K 135 -11.49 54.35 -21.14
C SER K 135 -10.27 54.94 -21.84
N TRP K 136 -9.91 54.40 -23.01
CA TRP K 136 -8.74 54.90 -23.73
C TRP K 136 -8.90 56.38 -24.10
N GLU K 137 -10.14 56.82 -24.32
CA GLU K 137 -10.39 58.20 -24.74
C GLU K 137 -10.58 59.16 -23.57
N ILE K 138 -10.52 58.69 -22.33
CA ILE K 138 -10.71 59.58 -21.18
C ILE K 138 -9.63 60.67 -21.11
N PRO K 139 -8.34 60.35 -21.20
CA PRO K 139 -7.33 61.41 -21.00
C PRO K 139 -7.43 62.57 -21.98
N VAL K 140 -7.72 62.30 -23.25
CA VAL K 140 -7.79 63.39 -24.22
C VAL K 140 -9.03 64.26 -23.98
N ALA K 141 -10.15 63.64 -23.59
CA ALA K 141 -11.33 64.42 -23.27
C ALA K 141 -11.15 65.22 -22.00
N ALA K 142 -10.49 64.62 -20.99
CA ALA K 142 -10.23 65.35 -19.74
C ALA K 142 -9.36 66.57 -19.99
N GLY K 143 -8.48 66.51 -20.99
CA GLY K 143 -7.63 67.64 -21.29
C GLY K 143 -8.38 68.85 -21.79
N GLU K 144 -9.52 68.66 -22.45
CA GLU K 144 -10.31 69.79 -22.93
C GLU K 144 -11.03 70.49 -21.79
N LEU K 145 -11.57 69.72 -20.83
CA LEU K 145 -12.26 70.33 -19.70
C LEU K 145 -11.27 71.04 -18.77
N ALA K 146 -10.12 70.43 -18.52
CA ALA K 146 -9.18 70.99 -17.56
C ALA K 146 -8.64 72.34 -18.02
N ARG K 147 -8.67 72.63 -19.32
CA ARG K 147 -8.16 73.88 -19.83
C ARG K 147 -9.19 75.01 -19.77
N LYS K 148 -10.44 74.72 -19.42
CA LYS K 148 -11.43 75.79 -19.26
C LYS K 148 -11.19 76.55 -17.96
N GLU K 149 -11.38 77.86 -18.03
CA GLU K 149 -11.06 78.72 -16.88
C GLU K 149 -12.07 78.57 -15.75
N ASP K 150 -13.31 78.19 -16.06
CA ASP K 150 -14.38 78.14 -15.08
C ASP K 150 -14.63 76.73 -14.55
N ILE K 151 -13.62 75.86 -14.60
CA ILE K 151 -13.70 74.52 -14.04
C ILE K 151 -12.68 74.43 -12.90
N ASP K 152 -13.14 73.97 -11.74
CA ASP K 152 -12.26 73.88 -10.57
C ASP K 152 -11.61 72.51 -10.42
N ALA K 153 -12.29 71.43 -10.80
CA ALA K 153 -11.72 70.09 -10.70
C ALA K 153 -12.45 69.18 -11.67
N VAL K 154 -11.79 68.07 -12.01
CA VAL K 154 -12.31 67.11 -12.97
C VAL K 154 -12.34 65.73 -12.31
N ILE K 155 -13.39 64.97 -12.61
CA ILE K 155 -13.60 63.63 -12.06
C ILE K 155 -13.66 62.65 -13.23
N ALA K 156 -12.82 61.61 -13.17
CA ALA K 156 -12.74 60.59 -14.22
C ALA K 156 -13.34 59.29 -13.70
N ILE K 157 -14.22 58.69 -14.49
CA ILE K 157 -14.97 57.51 -14.09
C ILE K 157 -14.89 56.47 -15.21
N GLY K 158 -14.65 55.22 -14.84
CA GLY K 158 -14.62 54.13 -15.79
C GLY K 158 -14.52 52.81 -15.07
N VAL K 159 -14.71 51.73 -15.82
CA VAL K 159 -14.66 50.37 -15.30
C VAL K 159 -13.86 49.51 -16.27
N LEU K 160 -12.85 48.81 -15.74
CA LEU K 160 -12.06 47.85 -16.49
C LEU K 160 -12.05 46.51 -15.76
N ILE K 161 -12.30 45.43 -16.48
CA ILE K 161 -12.36 44.10 -15.92
C ILE K 161 -11.41 43.21 -16.71
N ARG K 162 -10.55 42.48 -16.00
CA ARG K 162 -9.57 41.62 -16.65
C ARG K 162 -10.24 40.43 -17.31
N THR L 3 8.89 34.66 -25.55
CA THR L 3 10.08 35.48 -25.29
C THR L 3 9.67 36.88 -24.83
N PRO L 4 10.55 37.56 -24.09
CA PRO L 4 10.21 38.90 -23.60
C PRO L 4 10.16 39.96 -24.70
N HIS L 5 10.50 39.60 -25.94
CA HIS L 5 10.43 40.56 -27.04
C HIS L 5 9.03 41.14 -27.17
N PHE L 6 8.00 40.33 -26.88
CA PHE L 6 6.62 40.79 -27.01
C PHE L 6 6.34 41.97 -26.09
N ASP L 7 6.82 41.91 -24.84
CA ASP L 7 6.44 42.92 -23.87
C ASP L 7 6.95 44.30 -24.23
N TYR L 8 8.21 44.40 -24.64
CA TYR L 8 8.81 45.71 -24.86
C TYR L 8 8.20 46.43 -26.06
N ILE L 9 7.89 45.69 -27.12
CA ILE L 9 7.26 46.30 -28.29
C ILE L 9 5.86 46.79 -27.93
N ALA L 10 5.10 45.97 -27.21
CA ALA L 10 3.73 46.34 -26.85
C ALA L 10 3.71 47.57 -25.96
N SER L 11 4.64 47.66 -25.01
CA SER L 11 4.67 48.79 -24.10
C SER L 11 4.96 50.10 -24.84
N GLU L 12 5.88 50.07 -25.80
CA GLU L 12 6.29 51.29 -26.47
C GLU L 12 5.25 51.77 -27.47
N VAL L 13 4.56 50.85 -28.14
CA VAL L 13 3.55 51.24 -29.12
C VAL L 13 2.37 51.92 -28.42
N SER L 14 1.90 51.31 -27.32
CA SER L 14 0.78 51.90 -26.59
C SER L 14 1.17 53.24 -25.98
N LYS L 15 2.36 53.33 -25.39
CA LYS L 15 2.81 54.57 -24.78
C LYS L 15 2.97 55.67 -25.82
N GLY L 16 3.53 55.33 -26.98
CA GLY L 16 3.75 56.35 -28.01
C GLY L 16 2.46 56.98 -28.50
N LEU L 17 1.45 56.15 -28.77
CA LEU L 17 0.19 56.67 -29.30
C LEU L 17 -0.52 57.54 -28.26
N ALA L 18 -0.45 57.14 -26.98
CA ALA L 18 -1.14 57.89 -25.93
C ALA L 18 -0.55 59.30 -25.79
N ASN L 19 0.77 59.39 -25.70
CA ASN L 19 1.41 60.70 -25.58
C ASN L 19 1.14 61.57 -26.80
N LEU L 20 1.13 60.95 -27.99
CA LEU L 20 0.92 61.71 -29.22
C LEU L 20 -0.45 62.37 -29.23
N SER L 21 -1.48 61.66 -28.74
CA SER L 21 -2.83 62.21 -28.75
C SER L 21 -2.93 63.43 -27.83
N LEU L 22 -2.25 63.39 -26.69
CA LEU L 22 -2.31 64.51 -25.76
C LEU L 22 -1.52 65.70 -26.28
N GLU L 23 -0.38 65.46 -26.93
CA GLU L 23 0.45 66.55 -27.43
C GLU L 23 -0.25 67.31 -28.55
N LEU L 24 -0.83 66.59 -29.50
CA LEU L 24 -1.52 67.21 -30.63
C LEU L 24 -2.98 67.50 -30.36
N ARG L 25 -3.53 66.99 -29.25
CA ARG L 25 -4.92 67.25 -28.88
C ARG L 25 -5.87 66.81 -29.99
N LYS L 26 -5.65 65.62 -30.52
CA LYS L 26 -6.48 65.03 -31.56
C LYS L 26 -6.77 63.58 -31.21
N PRO L 27 -7.96 63.06 -31.56
CA PRO L 27 -8.27 61.67 -31.21
C PRO L 27 -7.43 60.66 -31.99
N ILE L 28 -6.92 59.67 -31.28
CA ILE L 28 -6.24 58.52 -31.88
C ILE L 28 -6.77 57.27 -31.18
N THR L 29 -7.22 56.29 -31.96
CA THR L 29 -7.86 55.10 -31.45
C THR L 29 -6.91 53.90 -31.50
N PHE L 30 -7.01 53.03 -30.50
CA PHE L 30 -6.10 51.90 -30.32
C PHE L 30 -6.76 50.64 -30.88
N GLY L 31 -6.37 50.27 -32.10
CA GLY L 31 -6.91 49.09 -32.74
C GLY L 31 -5.91 47.96 -32.89
N VAL L 32 -5.05 47.77 -31.89
CA VAL L 32 -3.98 46.77 -31.94
C VAL L 32 -4.36 45.59 -31.08
N ILE L 33 -4.31 44.39 -31.67
CA ILE L 33 -4.58 43.16 -30.95
C ILE L 33 -3.31 42.72 -30.23
N THR L 34 -3.45 42.32 -28.97
CA THR L 34 -2.35 41.79 -28.16
C THR L 34 -2.82 40.46 -27.56
N ALA L 35 -2.46 39.36 -28.21
CA ALA L 35 -2.95 38.03 -27.87
C ALA L 35 -1.81 37.14 -27.38
N ASP L 36 -2.17 36.15 -26.57
CA ASP L 36 -1.20 35.18 -26.08
C ASP L 36 -1.05 33.98 -27.01
N THR L 37 -2.06 33.68 -27.83
CA THR L 37 -2.03 32.52 -28.71
C THR L 37 -2.62 32.90 -30.06
N LEU L 38 -2.30 32.09 -31.07
CA LEU L 38 -2.83 32.33 -32.41
C LEU L 38 -4.35 32.20 -32.43
N GLU L 39 -4.89 31.25 -31.66
CA GLU L 39 -6.34 31.07 -31.63
C GLU L 39 -7.04 32.32 -31.11
N GLN L 40 -6.49 32.94 -30.05
CA GLN L 40 -7.08 34.16 -29.52
C GLN L 40 -7.09 35.28 -30.55
N ALA L 41 -6.09 35.32 -31.43
CA ALA L 41 -6.04 36.38 -32.43
C ALA L 41 -7.09 36.19 -33.52
N ILE L 42 -7.28 34.95 -33.98
CA ILE L 42 -8.28 34.68 -35.00
C ILE L 42 -9.67 35.00 -34.47
N GLU L 43 -9.86 34.83 -33.16
CA GLU L 43 -11.17 35.08 -32.55
C GLU L 43 -11.61 36.53 -32.75
N ARG L 44 -10.66 37.47 -32.67
CA ARG L 44 -10.95 38.89 -32.69
C ARG L 44 -10.73 39.55 -34.05
N ALA L 45 -10.43 38.77 -35.09
CA ALA L 45 -10.13 39.29 -36.43
C ALA L 45 -11.25 39.02 -37.41
N GLY L 46 -12.49 39.13 -36.99
CA GLY L 46 -13.64 38.87 -37.84
C GLY L 46 -14.37 37.57 -37.54
N THR L 47 -14.23 37.04 -36.33
CA THR L 47 -14.85 35.78 -35.93
C THR L 47 -15.56 35.95 -34.60
N LYS L 48 -15.89 34.83 -33.94
CA LYS L 48 -16.89 34.78 -32.87
C LYS L 48 -16.78 35.91 -31.85
N HIS L 49 -15.63 36.56 -31.69
CA HIS L 49 -15.50 37.70 -30.79
C HIS L 49 -15.46 39.03 -31.52
N GLY L 50 -15.92 39.08 -32.76
CA GLY L 50 -16.04 40.33 -33.47
C GLY L 50 -14.78 40.74 -34.20
N ASN L 51 -14.78 41.99 -34.65
CA ASN L 51 -13.68 42.59 -35.41
C ASN L 51 -13.21 43.83 -34.70
N LYS L 52 -11.93 43.85 -34.30
CA LYS L 52 -11.40 45.01 -33.59
C LYS L 52 -11.22 46.21 -34.51
N GLY L 53 -11.04 45.97 -35.82
CA GLY L 53 -10.94 47.08 -36.75
C GLY L 53 -12.24 47.85 -36.86
N TRP L 54 -13.37 47.13 -36.84
CA TRP L 54 -14.67 47.80 -36.86
C TRP L 54 -14.87 48.63 -35.61
N GLU L 55 -14.50 48.10 -34.44
CA GLU L 55 -14.73 48.80 -33.19
C GLU L 55 -13.90 50.08 -33.12
N ALA L 56 -12.64 50.02 -33.57
CA ALA L 56 -11.79 51.20 -33.53
C ALA L 56 -12.32 52.33 -34.41
N ALA L 57 -12.87 51.98 -35.58
CA ALA L 57 -13.44 52.99 -36.46
C ALA L 57 -14.66 53.64 -35.83
N LEU L 58 -15.50 52.85 -35.14
CA LEU L 58 -16.69 53.41 -34.52
C LEU L 58 -16.32 54.40 -33.43
N SER L 59 -15.26 54.11 -32.67
CA SER L 59 -14.81 55.04 -31.64
C SER L 59 -14.32 56.34 -32.25
N ALA L 60 -13.62 56.26 -33.39
CA ALA L 60 -13.10 57.47 -34.03
C ALA L 60 -14.24 58.38 -34.48
N ILE L 61 -15.30 57.80 -35.04
CA ILE L 61 -16.42 58.61 -35.53
C ILE L 61 -17.05 59.38 -34.37
N GLU L 62 -17.28 58.71 -33.24
CA GLU L 62 -17.90 59.36 -32.10
C GLU L 62 -17.02 60.49 -31.57
N MET L 63 -15.72 60.23 -31.43
CA MET L 63 -14.82 61.25 -30.88
C MET L 63 -14.74 62.47 -31.78
N ALA L 64 -14.76 62.27 -33.09
CA ALA L 64 -14.72 63.40 -34.02
C ALA L 64 -15.94 64.29 -33.86
N ASN L 65 -17.12 63.69 -33.71
CA ASN L 65 -18.33 64.48 -33.51
C ASN L 65 -18.33 65.17 -32.15
N LEU L 66 -17.80 64.50 -31.12
CA LEU L 66 -17.76 65.10 -29.79
C LEU L 66 -16.89 66.35 -29.78
N PHE L 67 -15.72 66.28 -30.40
CA PHE L 67 -14.81 67.44 -30.40
C PHE L 67 -15.41 68.59 -31.21
N LYS L 68 -16.16 68.28 -32.26
CA LYS L 68 -16.87 69.33 -33.03
C LYS L 68 -17.86 70.01 -32.07
N SER L 69 -18.49 69.26 -31.15
CA SER L 69 -19.49 69.84 -30.26
C SER L 69 -18.87 70.67 -29.15
N LEU L 70 -17.75 70.20 -28.58
CA LEU L 70 -17.12 70.95 -27.49
C LEU L 70 -16.64 72.32 -27.95
N ARG L 71 -16.08 72.39 -29.17
CA ARG L 71 -15.52 73.63 -29.68
C ARG L 71 -16.57 74.54 -30.30
N GLY L 72 -17.83 74.12 -30.34
CA GLY L 72 -18.91 74.95 -30.82
C GLY L 72 -19.53 75.78 -29.72
N THR L 73 -20.78 76.20 -29.95
CA THR L 73 -21.47 77.04 -28.97
C THR L 73 -21.85 76.25 -27.72
N GLY L 74 -22.21 74.98 -27.87
CA GLY L 74 -22.62 74.17 -26.74
C GLY L 74 -24.10 74.32 -26.42
N GLY L 75 -24.55 75.57 -26.24
CA GLY L 75 -25.95 75.81 -25.99
C GLY L 75 -26.39 75.38 -24.59
N SER L 76 -27.70 75.19 -24.47
CA SER L 76 -28.34 74.80 -23.21
C SER L 76 -28.15 75.86 -22.13
N GLY L 77 -28.89 75.74 -21.05
CA GLY L 77 -28.79 76.70 -19.96
C GLY L 77 -29.76 76.35 -18.86
N SER L 78 -29.45 76.86 -17.66
CA SER L 78 -30.26 76.64 -16.46
C SER L 78 -30.38 75.15 -16.12
N SER L 79 -29.46 74.33 -16.60
CA SER L 79 -29.49 72.90 -16.35
C SER L 79 -28.11 72.32 -16.62
N MET L 80 -27.93 71.06 -16.23
CA MET L 80 -26.66 70.39 -16.42
C MET L 80 -26.32 70.24 -17.90
N GLU L 81 -25.13 70.71 -18.29
CA GLU L 81 -24.70 70.57 -19.67
C GLU L 81 -24.14 69.17 -19.91
N ILE L 82 -24.60 68.54 -20.99
CA ILE L 82 -24.17 67.20 -21.37
C ILE L 82 -23.65 67.25 -22.80
N TYR L 83 -22.45 66.71 -23.00
CA TYR L 83 -21.81 66.65 -24.31
C TYR L 83 -21.67 65.20 -24.75
N GLU L 84 -22.09 64.91 -25.97
CA GLU L 84 -22.00 63.56 -26.51
C GLU L 84 -21.88 63.64 -28.03
N GLY L 85 -21.40 62.54 -28.63
CA GLY L 85 -21.15 62.49 -30.05
C GLY L 85 -22.11 61.55 -30.76
N LYS L 86 -22.55 61.97 -31.95
CA LYS L 86 -23.45 61.16 -32.78
C LYS L 86 -22.61 60.08 -33.46
N LEU L 87 -23.24 59.23 -34.23
CA LEU L 87 -22.60 58.17 -35.03
C LEU L 87 -22.86 58.35 -36.52
N THR L 88 -22.81 59.58 -37.00
CA THR L 88 -22.91 59.89 -38.42
C THR L 88 -21.54 60.34 -38.93
N ALA L 89 -21.11 59.76 -40.04
CA ALA L 89 -19.78 60.02 -40.59
C ALA L 89 -19.79 60.97 -41.78
N GLU L 90 -20.92 61.60 -42.07
CA GLU L 90 -20.99 62.49 -43.24
C GLU L 90 -20.09 63.70 -43.05
N GLY L 91 -19.19 63.93 -43.99
CA GLY L 91 -18.32 65.08 -43.99
C GLY L 91 -17.01 64.92 -43.27
N LEU L 92 -16.76 63.78 -42.62
CA LEU L 92 -15.54 63.58 -41.85
C LEU L 92 -14.45 62.94 -42.70
N ARG L 93 -13.21 63.18 -42.31
CA ARG L 93 -12.03 62.69 -43.02
C ARG L 93 -11.14 61.92 -42.05
N PHE L 94 -10.71 60.73 -42.45
CA PHE L 94 -10.04 59.78 -41.57
C PHE L 94 -8.72 59.33 -42.16
N GLY L 95 -7.75 59.05 -41.29
CA GLY L 95 -6.49 58.41 -41.68
C GLY L 95 -6.33 57.09 -40.96
N ILE L 96 -5.69 56.14 -41.64
CA ILE L 96 -5.47 54.79 -41.12
C ILE L 96 -4.00 54.44 -41.29
N VAL L 97 -3.40 53.88 -40.23
CA VAL L 97 -2.04 53.36 -40.25
C VAL L 97 -2.10 51.89 -39.90
N ALA L 98 -1.55 51.05 -40.79
CA ALA L 98 -1.61 49.60 -40.65
C ALA L 98 -0.24 48.99 -40.86
N SER L 99 0.06 47.93 -40.12
CA SER L 99 1.33 47.23 -40.23
C SER L 99 1.21 46.04 -41.17
N ARG L 100 2.36 45.56 -41.65
CA ARG L 100 2.40 44.46 -42.60
C ARG L 100 2.68 43.10 -41.97
N PHE L 101 3.13 43.05 -40.73
CA PHE L 101 3.40 41.77 -40.09
C PHE L 101 2.09 41.10 -39.68
N ASN L 102 2.04 39.77 -39.86
CA ASN L 102 0.80 39.01 -39.71
C ASN L 102 -0.29 39.56 -40.63
N HIS L 103 0.05 39.75 -41.91
CA HIS L 103 -0.87 40.40 -42.83
C HIS L 103 -2.12 39.57 -43.08
N ALA L 104 -2.04 38.26 -42.85
CA ALA L 104 -3.24 37.42 -43.03
C ALA L 104 -4.37 37.87 -42.12
N LEU L 105 -4.03 38.43 -40.95
CA LEU L 105 -5.03 38.93 -40.01
C LEU L 105 -5.26 40.43 -40.14
N VAL L 106 -4.20 41.19 -40.42
CA VAL L 106 -4.31 42.64 -40.47
C VAL L 106 -5.26 43.09 -41.57
N ASP L 107 -5.20 42.44 -42.74
CA ASP L 107 -6.06 42.83 -43.84
C ASP L 107 -7.54 42.61 -43.53
N ARG L 108 -7.86 41.70 -42.61
CA ARG L 108 -9.24 41.58 -42.17
C ARG L 108 -9.67 42.78 -41.33
N LEU L 109 -8.75 43.32 -40.51
CA LEU L 109 -9.09 44.46 -39.68
C LEU L 109 -9.26 45.73 -40.53
N VAL L 110 -8.43 45.89 -41.56
CA VAL L 110 -8.55 47.08 -42.40
C VAL L 110 -9.86 47.07 -43.17
N GLU L 111 -10.30 45.89 -43.61
CA GLU L 111 -11.59 45.78 -44.30
C GLU L 111 -12.73 46.23 -43.39
N GLY L 112 -12.69 45.80 -42.12
CA GLY L 112 -13.74 46.18 -41.20
C GLY L 112 -13.81 47.68 -40.98
N ALA L 113 -12.65 48.33 -40.83
CA ALA L 113 -12.63 49.77 -40.59
C ALA L 113 -13.23 50.53 -41.76
N ILE L 114 -12.90 50.13 -42.98
CA ILE L 114 -13.45 50.82 -44.16
C ILE L 114 -14.94 50.57 -44.27
N ASP L 115 -15.39 49.34 -43.98
CA ASP L 115 -16.81 49.03 -44.05
C ASP L 115 -17.62 49.87 -43.08
N CYS L 116 -17.10 50.06 -41.86
CA CYS L 116 -17.82 50.86 -40.86
C CYS L 116 -18.01 52.29 -41.33
N ILE L 117 -16.96 52.90 -41.88
CA ILE L 117 -17.02 54.30 -42.26
C ILE L 117 -18.01 54.51 -43.40
N VAL L 118 -18.01 53.61 -44.38
CA VAL L 118 -18.83 53.82 -45.57
C VAL L 118 -20.31 53.66 -45.25
N ARG L 119 -20.68 52.66 -44.45
CA ARG L 119 -22.08 52.40 -44.19
C ARG L 119 -22.68 53.36 -43.16
N HIS L 120 -21.85 54.12 -42.45
CA HIS L 120 -22.32 55.19 -41.57
C HIS L 120 -22.40 56.54 -42.29
N GLY L 121 -22.12 56.59 -43.59
CA GLY L 121 -22.29 57.80 -44.37
C GLY L 121 -21.03 58.46 -44.88
N GLY L 122 -19.86 57.82 -44.73
CA GLY L 122 -18.63 58.40 -45.22
C GLY L 122 -18.33 58.02 -46.65
N ARG L 123 -17.28 58.65 -47.19
CA ARG L 123 -16.81 58.40 -48.54
C ARG L 123 -15.43 57.78 -48.52
N GLU L 124 -15.18 56.86 -49.44
CA GLU L 124 -13.84 56.28 -49.57
C GLU L 124 -12.83 57.33 -50.01
N GLU L 125 -13.28 58.38 -50.70
CA GLU L 125 -12.37 59.44 -51.14
C GLU L 125 -11.78 60.21 -49.96
N ASP L 126 -12.39 60.13 -48.78
CA ASP L 126 -11.95 60.86 -47.60
C ASP L 126 -11.08 60.03 -46.67
N ILE L 127 -10.62 58.86 -47.11
CA ILE L 127 -9.81 57.96 -46.30
C ILE L 127 -8.40 57.92 -46.87
N THR L 128 -7.42 58.14 -46.00
CA THR L 128 -6.01 58.04 -46.35
C THR L 128 -5.40 56.85 -45.61
N LEU L 129 -4.76 55.95 -46.34
CA LEU L 129 -4.22 54.71 -45.80
C LEU L 129 -2.71 54.70 -45.96
N VAL L 130 -2.00 54.49 -44.86
CA VAL L 130 -0.54 54.42 -44.83
C VAL L 130 -0.14 53.07 -44.26
N ARG L 131 0.81 52.40 -44.92
CA ARG L 131 1.27 51.08 -44.51
C ARG L 131 2.72 51.15 -44.06
N VAL L 132 3.03 50.47 -42.96
CA VAL L 132 4.37 50.47 -42.38
C VAL L 132 4.84 49.02 -42.18
N PRO L 133 6.14 48.76 -42.12
CA PRO L 133 6.61 47.36 -42.06
C PRO L 133 6.27 46.64 -40.75
N GLY L 134 6.06 47.36 -39.65
CA GLY L 134 5.82 46.69 -38.38
C GLY L 134 5.16 47.61 -37.38
N SER L 135 4.77 47.02 -36.25
CA SER L 135 4.09 47.78 -35.21
C SER L 135 4.99 48.82 -34.59
N TRP L 136 6.30 48.56 -34.54
CA TRP L 136 7.24 49.52 -33.97
C TRP L 136 7.20 50.85 -34.71
N GLU L 137 6.91 50.83 -36.01
CA GLU L 137 6.92 52.04 -36.82
C GLU L 137 5.58 52.76 -36.86
N ILE L 138 4.55 52.24 -36.18
CA ILE L 138 3.24 52.90 -36.21
C ILE L 138 3.28 54.29 -35.59
N PRO L 139 3.85 54.49 -34.39
CA PRO L 139 3.76 55.83 -33.77
C PRO L 139 4.37 56.94 -34.60
N VAL L 140 5.52 56.70 -35.25
CA VAL L 140 6.15 57.76 -36.02
C VAL L 140 5.35 58.07 -37.28
N ALA L 141 4.76 57.05 -37.90
CA ALA L 141 3.92 57.30 -39.07
C ALA L 141 2.62 57.99 -38.68
N ALA L 142 2.05 57.61 -37.54
CA ALA L 142 0.82 58.26 -37.08
C ALA L 142 1.06 59.74 -36.80
N GLY L 143 2.27 60.11 -36.39
CA GLY L 143 2.58 61.49 -36.12
C GLY L 143 2.54 62.38 -37.36
N GLU L 144 2.82 61.82 -38.53
CA GLU L 144 2.77 62.61 -39.75
C GLU L 144 1.33 62.89 -40.17
N LEU L 145 0.45 61.89 -40.05
CA LEU L 145 -0.95 62.09 -40.41
C LEU L 145 -1.65 63.05 -39.43
N ALA L 146 -1.37 62.89 -38.14
CA ALA L 146 -2.08 63.68 -37.13
C ALA L 146 -1.77 65.17 -37.26
N ARG L 147 -0.65 65.53 -37.88
CA ARG L 147 -0.28 66.93 -38.03
C ARG L 147 -0.91 67.58 -39.25
N LYS L 148 -1.57 66.82 -40.11
CA LYS L 148 -2.27 67.40 -41.25
C LYS L 148 -3.55 68.10 -40.79
N GLU L 149 -3.84 69.24 -41.41
CA GLU L 149 -4.97 70.05 -40.96
C GLU L 149 -6.31 69.45 -41.38
N ASP L 150 -6.34 68.65 -42.45
CA ASP L 150 -7.57 68.12 -42.99
C ASP L 150 -7.84 66.67 -42.56
N ILE L 151 -7.29 66.26 -41.43
CA ILE L 151 -7.54 64.93 -40.86
C ILE L 151 -8.24 65.13 -39.52
N ASP L 152 -9.35 64.45 -39.33
CA ASP L 152 -10.14 64.59 -38.11
C ASP L 152 -9.77 63.56 -37.04
N ALA L 153 -9.41 62.34 -37.43
CA ALA L 153 -9.03 61.31 -36.48
C ALA L 153 -8.17 60.28 -37.19
N VAL L 154 -7.40 59.53 -36.40
CA VAL L 154 -6.47 58.52 -36.90
C VAL L 154 -6.79 57.19 -36.24
N ILE L 155 -6.70 56.11 -37.03
CA ILE L 155 -6.97 54.76 -36.57
C ILE L 155 -5.70 53.94 -36.74
N ALA L 156 -5.26 53.28 -35.67
CA ALA L 156 -4.05 52.47 -35.66
C ALA L 156 -4.43 50.99 -35.58
N ILE L 157 -3.86 50.17 -36.46
CA ILE L 157 -4.21 48.76 -36.58
C ILE L 157 -2.94 47.94 -36.61
N GLY L 158 -2.93 46.83 -35.86
CA GLY L 158 -1.81 45.93 -35.84
C GLY L 158 -2.15 44.68 -35.06
N VAL L 159 -1.29 43.67 -35.17
CA VAL L 159 -1.45 42.39 -34.51
C VAL L 159 -0.13 41.98 -33.90
N LEU L 160 -0.14 41.68 -32.60
CA LEU L 160 1.02 41.16 -31.88
C LEU L 160 0.63 39.86 -31.17
N ILE L 161 1.46 38.82 -31.33
CA ILE L 161 1.20 37.52 -30.74
C ILE L 161 2.43 37.12 -29.93
N ARG L 162 2.21 36.72 -28.69
CA ARG L 162 3.31 36.35 -27.79
C ARG L 162 3.96 35.05 -28.25
N THR M 3 18.96 37.54 -12.90
CA THR M 3 18.92 38.70 -12.02
C THR M 3 18.06 39.80 -12.64
N PRO M 4 17.50 40.69 -11.82
CA PRO M 4 16.66 41.77 -12.35
C PRO M 4 17.43 42.82 -13.15
N HIS M 5 18.77 42.74 -13.20
CA HIS M 5 19.54 43.68 -13.98
C HIS M 5 19.09 43.71 -15.44
N PHE M 6 18.68 42.55 -15.97
CA PHE M 6 18.25 42.46 -17.36
C PHE M 6 17.06 43.37 -17.65
N ASP M 7 16.08 43.39 -16.74
CA ASP M 7 14.83 44.09 -17.01
C ASP M 7 15.03 45.59 -17.14
N TYR M 8 15.79 46.20 -16.23
CA TYR M 8 15.89 47.65 -16.21
C TYR M 8 16.64 48.18 -17.41
N ILE M 9 17.70 47.48 -17.85
CA ILE M 9 18.44 47.91 -19.04
C ILE M 9 17.56 47.80 -20.27
N ALA M 10 16.82 46.70 -20.40
CA ALA M 10 15.98 46.50 -21.58
C ALA M 10 14.88 47.55 -21.66
N SER M 11 14.29 47.89 -20.51
CA SER M 11 13.21 48.88 -20.50
C SER M 11 13.70 50.25 -20.95
N GLU M 12 14.89 50.64 -20.48
CA GLU M 12 15.36 51.99 -20.77
C GLU M 12 15.85 52.13 -22.22
N VAL M 13 16.46 51.08 -22.76
CA VAL M 13 16.95 51.16 -24.14
C VAL M 13 15.78 51.27 -25.11
N SER M 14 14.75 50.44 -24.93
CA SER M 14 13.59 50.50 -25.80
C SER M 14 12.86 51.83 -25.67
N LYS M 15 12.68 52.31 -24.43
CA LYS M 15 11.99 53.57 -24.22
C LYS M 15 12.76 54.74 -24.81
N GLY M 16 14.08 54.74 -24.65
CA GLY M 16 14.88 55.84 -25.17
C GLY M 16 14.79 55.99 -26.67
N LEU M 17 14.89 54.87 -27.40
CA LEU M 17 14.85 54.93 -28.85
C LEU M 17 13.49 55.37 -29.35
N ALA M 18 12.42 54.92 -28.70
CA ALA M 18 11.08 55.26 -29.13
C ALA M 18 10.82 56.75 -29.01
N ASN M 19 11.15 57.34 -27.86
CA ASN M 19 10.94 58.77 -27.67
C ASN M 19 11.80 59.58 -28.64
N LEU M 20 13.02 59.12 -28.90
CA LEU M 20 13.92 59.85 -29.78
C LEU M 20 13.35 59.94 -31.19
N SER M 21 12.74 58.86 -31.67
CA SER M 21 12.19 58.87 -33.03
C SER M 21 11.05 59.86 -33.16
N LEU M 22 10.22 59.98 -32.13
CA LEU M 22 9.10 60.92 -32.19
C LEU M 22 9.57 62.36 -32.07
N GLU M 23 10.59 62.61 -31.25
CA GLU M 23 11.07 63.98 -31.07
C GLU M 23 11.72 64.51 -32.33
N LEU M 24 12.58 63.72 -32.97
CA LEU M 24 13.26 64.14 -34.18
C LEU M 24 12.47 63.83 -35.45
N ARG M 25 11.40 63.06 -35.35
CA ARG M 25 10.55 62.74 -36.50
C ARG M 25 11.36 62.08 -37.61
N LYS M 26 12.19 61.11 -37.23
CA LYS M 26 13.02 60.35 -38.16
C LYS M 26 12.91 58.87 -37.83
N PRO M 27 12.96 57.98 -38.82
CA PRO M 27 12.84 56.55 -38.52
C PRO M 27 14.05 56.00 -37.77
N ILE M 28 13.78 55.21 -36.73
CA ILE M 28 14.79 54.45 -36.01
C ILE M 28 14.26 53.05 -35.81
N THR M 29 15.05 52.04 -36.18
CA THR M 29 14.63 50.65 -36.17
C THR M 29 15.24 49.91 -34.99
N PHE M 30 14.47 48.98 -34.43
CA PHE M 30 14.85 48.26 -33.21
C PHE M 30 15.42 46.91 -33.60
N GLY M 31 16.75 46.81 -33.58
CA GLY M 31 17.43 45.57 -33.92
C GLY M 31 18.14 44.93 -32.75
N VAL M 32 17.52 44.98 -31.57
CA VAL M 32 18.13 44.47 -30.35
C VAL M 32 17.48 43.14 -29.97
N ILE M 33 18.30 42.12 -29.78
CA ILE M 33 17.81 40.81 -29.35
C ILE M 33 17.64 40.82 -27.82
N THR M 34 16.53 40.28 -27.36
CA THR M 34 16.24 40.13 -25.93
C THR M 34 15.83 38.69 -25.69
N ALA M 35 16.79 37.86 -25.27
CA ALA M 35 16.59 36.42 -25.15
C ALA M 35 16.70 35.98 -23.70
N ASP M 36 16.05 34.86 -23.39
CA ASP M 36 16.12 34.28 -22.05
C ASP M 36 17.29 33.31 -21.88
N THR M 37 17.79 32.73 -22.98
CA THR M 37 18.86 31.75 -22.92
C THR M 37 19.83 32.00 -24.06
N LEU M 38 21.05 31.46 -23.90
CA LEU M 38 22.07 31.60 -24.94
C LEU M 38 21.63 30.91 -26.23
N GLU M 39 20.96 29.77 -26.12
CA GLU M 39 20.50 29.06 -27.31
C GLU M 39 19.52 29.90 -28.11
N GLN M 40 18.60 30.59 -27.44
CA GLN M 40 17.65 31.44 -28.14
C GLN M 40 18.35 32.56 -28.89
N ALA M 41 19.47 33.05 -28.37
CA ALA M 41 20.18 34.15 -29.03
C ALA M 41 20.89 33.67 -30.29
N ILE M 42 21.53 32.50 -30.24
CA ILE M 42 22.21 31.97 -31.42
C ILE M 42 21.19 31.69 -32.52
N GLU M 43 19.96 31.34 -32.14
CA GLU M 43 18.95 31.04 -33.14
C GLU M 43 18.67 32.23 -34.04
N ARG M 44 18.70 33.44 -33.49
CA ARG M 44 18.32 34.65 -34.20
C ARG M 44 19.50 35.45 -34.73
N ALA M 45 20.71 34.93 -34.61
CA ALA M 45 21.92 35.65 -35.01
C ALA M 45 22.55 35.07 -36.27
N GLY M 46 21.74 34.67 -37.24
CA GLY M 46 22.21 34.07 -38.46
C GLY M 46 21.99 32.58 -38.58
N THR M 47 21.03 32.04 -37.84
CA THR M 47 20.74 30.60 -37.83
C THR M 47 19.24 30.37 -38.01
N LYS M 48 18.77 29.17 -37.68
CA LYS M 48 17.48 28.64 -38.14
C LYS M 48 16.33 29.64 -38.02
N HIS M 49 16.40 30.65 -37.16
CA HIS M 49 15.36 31.67 -37.06
C HIS M 49 15.76 32.99 -37.72
N GLY M 50 16.75 32.97 -38.60
CA GLY M 50 17.10 34.15 -39.38
C GLY M 50 18.09 35.06 -38.69
N ASN M 51 18.22 36.25 -39.25
CA ASN M 51 19.15 37.27 -38.77
C ASN M 51 18.37 38.54 -38.48
N LYS M 52 18.41 39.00 -37.23
CA LYS M 52 17.67 40.20 -36.87
C LYS M 52 18.32 41.46 -37.44
N GLY M 53 19.63 41.43 -37.68
CA GLY M 53 20.28 42.57 -38.31
C GLY M 53 19.80 42.80 -39.73
N TRP M 54 19.58 41.72 -40.48
CA TRP M 54 19.04 41.84 -41.83
C TRP M 54 17.64 42.44 -41.80
N GLU M 55 16.80 41.97 -40.86
CA GLU M 55 15.41 42.43 -40.81
C GLU M 55 15.34 43.91 -40.46
N ALA M 56 16.17 44.37 -39.53
CA ALA M 56 16.15 45.78 -39.14
C ALA M 56 16.54 46.68 -40.30
N ALA M 57 17.53 46.27 -41.10
CA ALA M 57 17.93 47.07 -42.25
C ALA M 57 16.81 47.15 -43.28
N LEU M 58 16.09 46.05 -43.50
CA LEU M 58 15.02 46.06 -44.48
C LEU M 58 13.91 47.02 -44.07
N SER M 59 13.60 47.08 -42.77
CA SER M 59 12.59 48.02 -42.28
C SER M 59 13.04 49.46 -42.50
N ALA M 60 14.32 49.75 -42.29
CA ALA M 60 14.82 51.11 -42.46
C ALA M 60 14.69 51.57 -43.90
N ILE M 61 14.98 50.68 -44.87
CA ILE M 61 14.90 51.06 -46.27
C ILE M 61 13.46 51.43 -46.64
N GLU M 62 12.50 50.63 -46.20
CA GLU M 62 11.10 50.90 -46.51
C GLU M 62 10.65 52.21 -45.91
N MET M 63 10.99 52.46 -44.64
CA MET M 63 10.55 53.68 -43.97
C MET M 63 11.14 54.92 -44.63
N ALA M 64 12.39 54.84 -45.07
CA ALA M 64 13.01 55.98 -45.74
C ALA M 64 12.27 56.33 -47.03
N ASN M 65 11.89 55.32 -47.81
CA ASN M 65 11.15 55.58 -49.04
C ASN M 65 9.75 56.10 -48.74
N LEU M 66 9.11 55.59 -47.69
CA LEU M 66 7.77 56.04 -47.34
C LEU M 66 7.77 57.52 -46.98
N PHE M 67 8.73 57.95 -46.17
CA PHE M 67 8.77 59.35 -45.75
C PHE M 67 9.06 60.26 -46.92
N LYS M 68 9.87 59.80 -47.89
CA LYS M 68 10.12 60.57 -49.13
C LYS M 68 8.78 60.74 -49.84
N SER M 69 7.89 59.74 -49.81
CA SER M 69 6.62 59.80 -50.53
C SER M 69 5.61 60.70 -49.84
N LEU M 70 5.55 60.65 -48.50
CA LEU M 70 4.58 61.48 -47.78
C LEU M 70 4.86 62.96 -47.97
N ARG M 71 6.14 63.35 -47.96
CA ARG M 71 6.52 64.74 -48.06
C ARG M 71 6.57 65.25 -49.49
N GLY M 72 6.30 64.39 -50.48
CA GLY M 72 6.21 64.80 -51.86
C GLY M 72 4.81 65.23 -52.25
N THR M 73 4.54 65.18 -53.55
CA THR M 73 3.24 65.60 -54.05
C THR M 73 2.14 64.62 -53.66
N GLY M 74 2.44 63.33 -53.63
CA GLY M 74 1.44 62.33 -53.31
C GLY M 74 0.64 61.89 -54.52
N GLY M 75 0.06 62.86 -55.24
CA GLY M 75 -0.68 62.54 -56.44
C GLY M 75 -2.01 61.85 -56.16
N SER M 76 -2.50 61.17 -57.21
CA SER M 76 -3.78 60.45 -57.16
C SER M 76 -4.94 61.41 -56.93
N GLY M 77 -6.15 60.93 -57.13
CA GLY M 77 -7.33 61.76 -56.94
C GLY M 77 -8.58 60.97 -57.25
N SER M 78 -9.71 61.45 -56.70
CA SER M 78 -11.02 60.83 -56.89
C SER M 78 -11.05 59.40 -56.39
N SER M 79 -10.13 59.02 -55.50
CA SER M 79 -10.07 57.66 -54.98
C SER M 79 -9.25 57.67 -53.70
N MET M 80 -9.27 56.54 -53.01
CA MET M 80 -8.55 56.41 -51.75
C MET M 80 -7.05 56.54 -51.98
N GLU M 81 -6.41 57.44 -51.24
CA GLU M 81 -4.97 57.61 -51.31
C GLU M 81 -4.27 56.53 -50.49
N ILE M 82 -3.28 55.88 -51.09
CA ILE M 82 -2.49 54.84 -50.43
C ILE M 82 -1.02 55.21 -50.52
N TYR M 83 -0.34 55.18 -49.39
CA TYR M 83 1.09 55.48 -49.31
C TYR M 83 1.84 54.23 -48.89
N GLU M 84 2.92 53.90 -49.62
CA GLU M 84 3.74 52.74 -49.31
C GLU M 84 5.15 52.99 -49.81
N GLY M 85 6.09 52.21 -49.27
CA GLY M 85 7.50 52.39 -49.57
C GLY M 85 8.05 51.22 -50.37
N LYS M 86 8.92 51.55 -51.34
CA LYS M 86 9.57 50.54 -52.17
C LYS M 86 10.69 49.92 -51.36
N LEU M 87 11.40 48.96 -51.92
CA LEU M 87 12.57 48.30 -51.32
C LEU M 87 13.82 48.50 -52.17
N THR M 88 14.01 49.70 -52.70
CA THR M 88 15.22 50.07 -53.42
C THR M 88 16.03 51.04 -52.57
N ALA M 89 17.32 50.77 -52.42
CA ALA M 89 18.19 51.55 -51.54
C ALA M 89 19.09 52.53 -52.30
N GLU M 90 18.86 52.72 -53.60
CA GLU M 90 19.71 53.60 -54.38
C GLU M 90 19.56 55.05 -53.90
N GLY M 91 20.68 55.68 -53.55
CA GLY M 91 20.69 57.07 -53.15
C GLY M 91 20.47 57.34 -51.69
N LEU M 92 20.21 56.33 -50.87
CA LEU M 92 19.93 56.52 -49.45
C LEU M 92 21.21 56.42 -48.63
N ARG M 93 21.19 57.08 -47.47
CA ARG M 93 22.32 57.13 -46.55
C ARG M 93 21.88 56.66 -45.17
N PHE M 94 22.65 55.75 -44.57
CA PHE M 94 22.25 55.06 -43.36
C PHE M 94 23.33 55.18 -42.28
N GLY M 95 22.89 55.21 -41.03
CA GLY M 95 23.77 55.13 -39.87
C GLY M 95 23.46 53.91 -39.03
N ILE M 96 24.50 53.32 -38.44
CA ILE M 96 24.38 52.11 -37.62
C ILE M 96 25.08 52.35 -36.30
N VAL M 97 24.41 51.97 -35.21
CA VAL M 97 24.98 52.01 -33.86
C VAL M 97 24.96 50.59 -33.31
N ALA M 98 26.13 50.10 -32.90
CA ALA M 98 26.29 48.72 -32.45
C ALA M 98 27.07 48.70 -31.14
N SER M 99 26.71 47.77 -30.26
CA SER M 99 27.37 47.61 -28.97
C SER M 99 28.46 46.54 -29.05
N ARG M 100 29.37 46.56 -28.09
CA ARG M 100 30.50 45.66 -28.06
C ARG M 100 30.30 44.45 -27.15
N PHE M 101 29.30 44.45 -26.27
CA PHE M 101 29.08 43.33 -25.39
C PHE M 101 28.44 42.18 -26.16
N ASN M 102 28.88 40.95 -25.86
CA ASN M 102 28.50 39.78 -26.64
C ASN M 102 28.88 39.95 -28.11
N HIS M 103 30.13 40.37 -28.35
CA HIS M 103 30.54 40.71 -29.70
C HIS M 103 30.56 39.49 -30.61
N ALA M 104 30.65 38.29 -30.05
CA ALA M 104 30.62 37.10 -30.90
C ALA M 104 29.33 36.99 -31.68
N LEU M 105 28.23 37.54 -31.13
CA LEU M 105 26.94 37.54 -31.79
C LEU M 105 26.67 38.85 -32.53
N VAL M 106 27.10 39.97 -31.95
CA VAL M 106 26.78 41.28 -32.53
C VAL M 106 27.41 41.44 -33.90
N ASP M 107 28.64 40.97 -34.07
CA ASP M 107 29.30 41.09 -35.37
C ASP M 107 28.59 40.32 -36.46
N ARG M 108 27.84 39.27 -36.12
CA ARG M 108 27.01 38.60 -37.12
C ARG M 108 25.85 39.48 -37.55
N LEU M 109 25.27 40.24 -36.62
CA LEU M 109 24.14 41.10 -36.96
C LEU M 109 24.59 42.28 -37.83
N VAL M 110 25.77 42.84 -37.56
CA VAL M 110 26.26 43.96 -38.35
C VAL M 110 26.55 43.53 -39.77
N GLU M 111 27.07 42.31 -39.95
CA GLU M 111 27.32 41.80 -41.29
C GLU M 111 26.03 41.70 -42.09
N GLY M 112 24.96 41.21 -41.44
CA GLY M 112 23.69 41.09 -42.14
C GLY M 112 23.13 42.43 -42.58
N ALA M 113 23.23 43.45 -41.72
CA ALA M 113 22.70 44.76 -42.07
C ALA M 113 23.42 45.35 -43.27
N ILE M 114 24.74 45.21 -43.32
CA ILE M 114 25.50 45.74 -44.46
C ILE M 114 25.19 44.96 -45.73
N ASP M 115 25.04 43.64 -45.61
CA ASP M 115 24.72 42.82 -46.77
C ASP M 115 23.38 43.21 -47.39
N CYS M 116 22.39 43.48 -46.54
CA CYS M 116 21.07 43.84 -47.04
C CYS M 116 21.12 45.14 -47.84
N ILE M 117 21.83 46.15 -47.32
CA ILE M 117 21.86 47.45 -47.96
C ILE M 117 22.54 47.37 -49.32
N VAL M 118 23.65 46.63 -49.40
CA VAL M 118 24.44 46.62 -50.63
C VAL M 118 23.70 45.90 -51.75
N ARG M 119 23.08 44.76 -51.45
CA ARG M 119 22.43 43.98 -52.49
C ARG M 119 21.08 44.55 -52.93
N HIS M 120 20.53 45.49 -52.18
CA HIS M 120 19.34 46.23 -52.61
C HIS M 120 19.69 47.51 -53.38
N GLY M 121 20.97 47.77 -53.62
CA GLY M 121 21.37 48.89 -54.46
C GLY M 121 22.10 50.02 -53.75
N GLY M 122 22.47 49.86 -52.49
CA GLY M 122 23.18 50.89 -51.77
C GLY M 122 24.69 50.79 -51.92
N ARG M 123 25.38 51.81 -51.41
CA ARG M 123 26.82 51.87 -51.44
C ARG M 123 27.38 51.81 -50.02
N GLU M 124 28.51 51.13 -49.86
CA GLU M 124 29.18 51.11 -48.56
C GLU M 124 29.68 52.50 -48.17
N GLU M 125 29.96 53.36 -49.15
CA GLU M 125 30.41 54.72 -48.87
C GLU M 125 29.35 55.54 -48.15
N ASP M 126 28.08 55.13 -48.23
CA ASP M 126 26.98 55.88 -47.63
C ASP M 126 26.57 55.34 -46.26
N ILE M 127 27.39 54.49 -45.65
CA ILE M 127 27.09 53.87 -44.36
C ILE M 127 28.07 54.43 -43.33
N THR M 128 27.54 54.90 -42.22
CA THR M 128 28.33 55.39 -41.08
C THR M 128 28.09 54.45 -39.91
N LEU M 129 29.18 53.92 -39.34
CA LEU M 129 29.11 52.93 -38.27
C LEU M 129 29.74 53.50 -37.01
N VAL M 130 29.00 53.47 -35.91
CA VAL M 130 29.45 53.95 -34.60
C VAL M 130 29.35 52.80 -33.62
N ARG M 131 30.40 52.59 -32.82
CA ARG M 131 30.45 51.51 -31.85
C ARG M 131 30.49 52.08 -30.43
N VAL M 132 29.71 51.47 -29.54
CA VAL M 132 29.62 51.93 -28.15
C VAL M 132 29.90 50.74 -27.23
N PRO M 133 30.32 50.98 -25.98
CA PRO M 133 30.70 49.86 -25.11
C PRO M 133 29.55 48.96 -24.69
N GLY M 134 28.31 49.44 -24.68
CA GLY M 134 27.21 48.62 -24.19
C GLY M 134 25.87 49.13 -24.69
N SER M 135 24.84 48.33 -24.42
CA SER M 135 23.49 48.69 -24.86
C SER M 135 22.98 49.94 -24.17
N TRP M 136 23.42 50.18 -22.93
CA TRP M 136 22.97 51.38 -22.21
C TRP M 136 23.35 52.65 -22.94
N GLU M 137 24.47 52.64 -23.66
CA GLU M 137 24.96 53.83 -24.35
C GLU M 137 24.40 54.00 -25.76
N ILE M 138 23.57 53.07 -26.23
CA ILE M 138 23.03 53.19 -27.59
C ILE M 138 22.17 54.43 -27.76
N PRO M 139 21.20 54.73 -26.90
CA PRO M 139 20.32 55.88 -27.17
C PRO M 139 21.04 57.21 -27.29
N VAL M 140 22.04 57.48 -26.46
CA VAL M 140 22.73 58.76 -26.53
C VAL M 140 23.56 58.86 -27.80
N ALA M 141 24.18 57.75 -28.22
CA ALA M 141 24.94 57.76 -29.47
C ALA M 141 24.01 57.89 -30.67
N ALA M 142 22.85 57.22 -30.63
CA ALA M 142 21.90 57.32 -31.73
C ALA M 142 21.39 58.75 -31.89
N GLY M 143 21.33 59.50 -30.79
CA GLY M 143 20.88 60.88 -30.86
C GLY M 143 21.81 61.79 -31.64
N GLU M 144 23.10 61.48 -31.66
CA GLU M 144 24.04 62.30 -32.41
C GLU M 144 23.92 62.06 -33.91
N LEU M 145 23.73 60.80 -34.32
CA LEU M 145 23.57 60.50 -35.74
C LEU M 145 22.25 61.02 -36.27
N ALA M 146 21.17 60.87 -35.51
CA ALA M 146 19.85 61.24 -35.99
C ALA M 146 19.74 62.74 -36.25
N ARG M 147 20.59 63.55 -35.60
CA ARG M 147 20.53 65.00 -35.79
C ARG M 147 21.33 65.47 -37.01
N LYS M 148 22.08 64.59 -37.66
CA LYS M 148 22.78 64.98 -38.88
C LYS M 148 21.80 65.09 -40.05
N GLU M 149 22.02 66.09 -40.89
CA GLU M 149 21.08 66.38 -41.98
C GLU M 149 21.16 65.35 -43.10
N ASP M 150 22.31 64.71 -43.27
CA ASP M 150 22.54 63.80 -44.39
C ASP M 150 22.37 62.33 -44.00
N ILE M 151 21.59 62.05 -42.95
CA ILE M 151 21.28 60.69 -42.54
C ILE M 151 19.78 60.49 -42.71
N ASP M 152 19.38 59.42 -43.40
CA ASP M 152 17.98 59.15 -43.67
C ASP M 152 17.34 58.25 -42.62
N ALA M 153 18.08 57.29 -42.07
CA ALA M 153 17.55 56.39 -41.05
C ALA M 153 18.70 55.83 -40.24
N VAL M 154 18.38 55.35 -39.04
CA VAL M 154 19.34 54.82 -38.09
C VAL M 154 18.94 53.41 -37.70
N ILE M 155 19.92 52.52 -37.57
CA ILE M 155 19.71 51.12 -37.21
C ILE M 155 20.46 50.85 -35.91
N ALA M 156 19.74 50.32 -34.92
CA ALA M 156 20.30 50.01 -33.61
C ALA M 156 20.41 48.51 -33.45
N ILE M 157 21.59 48.04 -33.02
CA ILE M 157 21.90 46.63 -32.92
C ILE M 157 22.50 46.34 -31.55
N GLY M 158 22.07 45.26 -30.92
CA GLY M 158 22.61 44.83 -29.64
C GLY M 158 22.04 43.48 -29.26
N VAL M 159 22.64 42.90 -28.22
CA VAL M 159 22.25 41.58 -27.72
C VAL M 159 22.20 41.65 -26.20
N LEU M 160 21.06 41.25 -25.62
CA LEU M 160 20.89 41.14 -24.18
C LEU M 160 20.38 39.74 -23.84
N ILE M 161 21.02 39.10 -22.86
CA ILE M 161 20.67 37.75 -22.44
C ILE M 161 20.41 37.77 -20.95
N ARG M 162 19.28 37.20 -20.54
CA ARG M 162 18.88 37.20 -19.14
C ARG M 162 19.80 36.28 -18.33
N THR N 3 9.86 42.83 -0.27
CA THR N 3 8.79 43.82 -0.36
C THR N 3 8.85 44.57 -1.69
N PRO N 4 7.72 45.11 -2.14
CA PRO N 4 7.71 45.85 -3.42
C PRO N 4 8.47 47.16 -3.38
N HIS N 5 8.96 47.59 -2.21
CA HIS N 5 9.73 48.83 -2.13
C HIS N 5 10.92 48.81 -3.08
N PHE N 6 11.51 47.63 -3.27
CA PHE N 6 12.68 47.52 -4.13
C PHE N 6 12.37 47.93 -5.57
N ASP N 7 11.22 47.50 -6.09
CA ASP N 7 10.93 47.70 -7.50
C ASP N 7 10.79 49.18 -7.85
N TYR N 8 10.05 49.94 -7.04
CA TYR N 8 9.75 51.32 -7.40
C TYR N 8 10.99 52.20 -7.37
N ILE N 9 11.87 51.98 -6.39
CA ILE N 9 13.12 52.76 -6.33
C ILE N 9 13.99 52.44 -7.53
N ALA N 10 14.13 51.16 -7.86
CA ALA N 10 14.98 50.75 -8.97
C ALA N 10 14.48 51.33 -10.29
N SER N 11 13.16 51.32 -10.50
CA SER N 11 12.60 51.82 -11.75
C SER N 11 12.86 53.31 -11.92
N GLU N 12 12.73 54.08 -10.84
CA GLU N 12 12.86 55.54 -10.95
C GLU N 12 14.31 55.97 -11.11
N VAL N 13 15.24 55.28 -10.46
CA VAL N 13 16.65 55.64 -10.57
C VAL N 13 17.15 55.39 -11.99
N SER N 14 16.83 54.23 -12.56
CA SER N 14 17.26 53.93 -13.92
C SER N 14 16.61 54.86 -14.93
N LYS N 15 15.31 55.14 -14.76
CA LYS N 15 14.62 56.02 -15.69
C LYS N 15 15.16 57.44 -15.61
N GLY N 16 15.43 57.92 -14.40
CA GLY N 16 15.92 59.29 -14.25
C GLY N 16 17.25 59.52 -14.94
N LEU N 17 18.20 58.59 -14.77
CA LEU N 17 19.52 58.76 -15.36
C LEU N 17 19.45 58.69 -16.87
N ALA N 18 18.60 57.81 -17.42
CA ALA N 18 18.50 57.68 -18.86
C ALA N 18 17.98 58.95 -19.52
N ASN N 19 16.89 59.51 -18.99
CA ASN N 19 16.35 60.74 -19.55
C ASN N 19 17.34 61.89 -19.42
N LEU N 20 18.07 61.94 -18.30
CA LEU N 20 19.01 63.02 -18.08
C LEU N 20 20.11 63.03 -19.13
N SER N 21 20.60 61.84 -19.51
CA SER N 21 21.67 61.76 -20.49
C SER N 21 21.22 62.27 -21.86
N LEU N 22 19.97 61.97 -22.23
CA LEU N 22 19.46 62.43 -23.52
C LEU N 22 19.20 63.92 -23.53
N GLU N 23 18.70 64.46 -22.41
CA GLU N 23 18.40 65.89 -22.35
C GLU N 23 19.65 66.74 -22.44
N LEU N 24 20.69 66.38 -21.68
CA LEU N 24 21.93 67.13 -21.67
C LEU N 24 22.93 66.66 -22.73
N ARG N 25 22.65 65.54 -23.39
CA ARG N 25 23.52 65.02 -24.46
C ARG N 25 24.94 64.82 -23.96
N LYS N 26 25.06 64.19 -22.78
CA LYS N 26 26.34 63.89 -22.18
C LYS N 26 26.32 62.45 -21.67
N PRO N 27 27.45 61.73 -21.71
CA PRO N 27 27.45 60.34 -21.26
C PRO N 27 27.26 60.22 -19.75
N ILE N 28 26.39 59.30 -19.35
CA ILE N 28 26.20 58.92 -17.95
C ILE N 28 26.15 57.40 -17.89
N THR N 29 26.97 56.80 -17.02
CA THR N 29 27.13 55.36 -16.95
C THR N 29 26.39 54.80 -15.74
N PHE N 30 25.82 53.61 -15.90
CA PHE N 30 24.97 52.97 -14.88
C PHE N 30 25.81 51.97 -14.11
N GLY N 31 26.24 52.37 -12.91
CA GLY N 31 27.04 51.53 -12.05
C GLY N 31 26.32 51.08 -10.79
N VAL N 32 25.03 50.80 -10.90
CA VAL N 32 24.20 50.46 -9.75
C VAL N 32 23.93 48.95 -9.76
N ILE N 33 24.23 48.29 -8.64
CA ILE N 33 23.97 46.87 -8.49
C ILE N 33 22.51 46.68 -8.08
N THR N 34 21.83 45.72 -8.70
CA THR N 34 20.45 45.36 -8.36
C THR N 34 20.42 43.84 -8.17
N ALA N 35 20.51 43.40 -6.91
CA ALA N 35 20.66 41.99 -6.59
C ALA N 35 19.44 41.50 -5.81
N ASP N 36 19.20 40.19 -5.90
CA ASP N 36 18.11 39.56 -5.15
C ASP N 36 18.54 39.09 -3.77
N THR N 37 19.83 38.84 -3.56
CA THR N 37 20.32 38.33 -2.29
C THR N 37 21.64 39.02 -1.95
N LEU N 38 21.99 38.97 -0.66
CA LEU N 38 23.25 39.56 -0.21
C LEU N 38 24.45 38.88 -0.87
N GLU N 39 24.38 37.56 -1.04
CA GLU N 39 25.49 36.84 -1.66
C GLU N 39 25.73 37.32 -3.08
N GLN N 40 24.66 37.56 -3.84
CA GLN N 40 24.83 38.04 -5.21
C GLN N 40 25.50 39.41 -5.24
N ALA N 41 25.27 40.23 -4.22
CA ALA N 41 25.87 41.57 -4.20
C ALA N 41 27.36 41.50 -3.90
N ILE N 42 27.77 40.66 -2.95
CA ILE N 42 29.19 40.52 -2.64
C ILE N 42 29.95 39.98 -3.84
N GLU N 43 29.28 39.17 -4.67
CA GLU N 43 29.93 38.60 -5.83
C GLU N 43 30.43 39.67 -6.78
N ARG N 44 29.66 40.75 -6.94
CA ARG N 44 29.94 41.78 -7.92
C ARG N 44 30.62 43.02 -7.34
N ALA N 45 31.01 42.99 -6.08
CA ALA N 45 31.62 44.12 -5.40
C ALA N 45 33.11 43.94 -5.15
N GLY N 46 33.83 43.34 -6.09
CA GLY N 46 35.24 43.08 -5.95
C GLY N 46 35.59 41.64 -5.71
N THR N 47 34.72 40.71 -6.09
CA THR N 47 34.93 39.28 -5.88
C THR N 47 34.67 38.52 -7.19
N LYS N 48 34.48 37.20 -7.09
CA LYS N 48 34.60 36.28 -8.22
C LYS N 48 33.91 36.75 -9.50
N HIS N 49 32.93 37.64 -9.43
CA HIS N 49 32.28 38.18 -10.62
C HIS N 49 32.74 39.61 -10.94
N GLY N 50 33.88 40.04 -10.41
CA GLY N 50 34.45 41.32 -10.77
C GLY N 50 33.92 42.47 -9.93
N ASN N 51 34.22 43.67 -10.41
CA ASN N 51 33.85 44.92 -9.74
C ASN N 51 33.06 45.78 -10.72
N LYS N 52 31.83 46.11 -10.36
CA LYS N 52 30.98 46.91 -11.25
C LYS N 52 31.46 48.36 -11.29
N GLY N 53 32.11 48.84 -10.24
CA GLY N 53 32.64 50.19 -10.27
C GLY N 53 33.75 50.35 -11.29
N TRP N 54 34.61 49.33 -11.42
CA TRP N 54 35.65 49.35 -12.43
C TRP N 54 35.05 49.39 -13.83
N GLU N 55 34.03 48.55 -14.06
CA GLU N 55 33.43 48.47 -15.40
C GLU N 55 32.77 49.77 -15.80
N ALA N 56 32.07 50.43 -14.87
CA ALA N 56 31.41 51.68 -15.19
C ALA N 56 32.39 52.77 -15.57
N ALA N 57 33.54 52.82 -14.88
CA ALA N 57 34.56 53.81 -15.21
C ALA N 57 35.14 53.56 -16.60
N LEU N 58 35.35 52.30 -16.96
CA LEU N 58 35.90 51.99 -18.27
C LEU N 58 34.97 52.42 -19.39
N SER N 59 33.65 52.25 -19.19
CA SER N 59 32.69 52.69 -20.17
C SER N 59 32.71 54.22 -20.33
N ALA N 60 32.87 54.94 -19.22
CA ALA N 60 32.89 56.40 -19.29
C ALA N 60 34.08 56.89 -20.09
N ILE N 61 35.25 56.28 -19.91
CA ILE N 61 36.44 56.72 -20.63
C ILE N 61 36.24 56.55 -22.14
N GLU N 62 35.70 55.41 -22.55
CA GLU N 62 35.49 55.17 -23.98
C GLU N 62 34.50 56.16 -24.56
N MET N 63 33.39 56.40 -23.86
CA MET N 63 32.37 57.30 -24.39
C MET N 63 32.90 58.73 -24.52
N ALA N 64 33.73 59.17 -23.56
CA ALA N 64 34.28 60.51 -23.63
C ALA N 64 35.17 60.66 -24.87
N ASN N 65 35.98 59.66 -25.18
CA ASN N 65 36.82 59.74 -26.37
C ASN N 65 35.99 59.66 -27.65
N LEU N 66 34.93 58.86 -27.64
CA LEU N 66 34.08 58.75 -28.82
C LEU N 66 33.43 60.08 -29.16
N PHE N 67 32.89 60.76 -28.15
CA PHE N 67 32.21 62.03 -28.41
C PHE N 67 33.20 63.10 -28.88
N LYS N 68 34.44 63.04 -28.39
CA LYS N 68 35.50 63.96 -28.88
C LYS N 68 35.70 63.68 -30.37
N SER N 69 35.59 62.42 -30.82
CA SER N 69 35.85 62.06 -32.22
C SER N 69 34.69 62.46 -33.12
N LEU N 70 33.44 62.27 -32.66
CA LEU N 70 32.28 62.61 -33.49
C LEU N 70 32.24 64.10 -33.78
N ARG N 71 32.55 64.93 -32.78
CA ARG N 71 32.46 66.38 -32.94
C ARG N 71 33.69 66.98 -33.60
N GLY N 72 34.69 66.17 -33.93
CA GLY N 72 35.86 66.63 -34.66
C GLY N 72 35.67 66.54 -36.16
N THR N 73 36.81 66.51 -36.86
CA THR N 73 36.76 66.46 -38.32
C THR N 73 36.26 65.12 -38.82
N GLY N 74 36.60 64.03 -38.14
CA GLY N 74 36.21 62.70 -38.57
C GLY N 74 37.16 62.10 -39.58
N GLY N 75 37.43 62.84 -40.66
CA GLY N 75 38.38 62.38 -41.65
C GLY N 75 37.85 61.22 -42.50
N SER N 76 38.80 60.50 -43.10
CA SER N 76 38.50 59.36 -43.96
C SER N 76 37.71 59.79 -45.19
N GLY N 77 37.61 58.90 -46.18
CA GLY N 77 36.88 59.20 -47.39
C GLY N 77 36.94 58.04 -48.35
N SER N 78 35.98 58.02 -49.27
CA SER N 78 35.86 56.99 -50.29
C SER N 78 35.70 55.59 -49.68
N SER N 79 35.26 55.51 -48.42
CA SER N 79 35.09 54.24 -47.74
C SER N 79 34.17 54.44 -46.55
N MET N 80 33.77 53.33 -45.95
CA MET N 80 32.85 53.37 -44.81
C MET N 80 33.52 54.07 -43.62
N GLU N 81 32.84 55.08 -43.08
CA GLU N 81 33.35 55.77 -41.91
C GLU N 81 33.04 54.97 -40.64
N ILE N 82 34.05 54.78 -39.79
CA ILE N 82 33.92 54.06 -38.54
C ILE N 82 34.40 54.96 -37.41
N TYR N 83 33.56 55.09 -36.37
CA TYR N 83 33.88 55.89 -35.19
C TYR N 83 34.01 54.97 -33.99
N GLU N 84 35.10 55.15 -33.23
CA GLU N 84 35.33 54.35 -32.03
C GLU N 84 36.18 55.16 -31.06
N GLY N 85 36.15 54.75 -29.80
CA GLY N 85 36.84 55.46 -28.74
C GLY N 85 38.00 54.66 -28.19
N LYS N 86 39.09 55.37 -27.90
CA LYS N 86 40.30 54.76 -27.32
C LYS N 86 40.03 54.53 -25.85
N LEU N 87 40.99 53.96 -25.14
CA LEU N 87 40.95 53.74 -23.69
C LEU N 87 42.10 54.45 -22.97
N THR N 88 42.38 55.68 -23.38
CA THR N 88 43.36 56.54 -22.71
C THR N 88 42.62 57.67 -22.00
N ALA N 89 42.95 57.89 -20.74
CA ALA N 89 42.26 58.85 -19.90
C ALA N 89 43.03 60.16 -19.71
N GLU N 90 44.11 60.36 -20.46
CA GLU N 90 44.91 61.57 -20.28
C GLU N 90 44.11 62.81 -20.71
N GLY N 91 44.00 63.77 -19.80
CA GLY N 91 43.34 65.03 -20.08
C GLY N 91 41.85 65.07 -19.80
N LEU N 92 41.24 63.96 -19.41
CA LEU N 92 39.80 63.92 -19.18
C LEU N 92 39.47 64.23 -17.72
N ARG N 93 38.25 64.73 -17.50
CA ARG N 93 37.76 65.12 -16.20
C ARG N 93 36.45 64.40 -15.92
N PHE N 94 36.33 63.80 -14.73
CA PHE N 94 35.23 62.90 -14.40
C PHE N 94 34.56 63.32 -13.10
N GLY N 95 33.25 63.07 -13.02
CA GLY N 95 32.49 63.24 -11.79
C GLY N 95 31.88 61.92 -11.36
N ILE N 96 31.78 61.72 -10.05
CA ILE N 96 31.27 60.48 -9.46
C ILE N 96 30.20 60.85 -8.43
N VAL N 97 29.07 60.15 -8.49
CA VAL N 97 28.00 60.28 -7.50
C VAL N 97 27.80 58.91 -6.86
N ALA N 98 27.90 58.86 -5.52
CA ALA N 98 27.82 57.61 -4.77
C ALA N 98 26.86 57.77 -3.60
N SER N 99 26.14 56.69 -3.30
CA SER N 99 25.20 56.69 -2.19
C SER N 99 25.85 56.11 -0.94
N ARG N 100 25.25 56.39 0.22
CA ARG N 100 25.78 55.97 1.51
C ARG N 100 25.13 54.70 2.05
N PHE N 101 24.00 54.26 1.51
CA PHE N 101 23.36 53.06 2.01
C PHE N 101 24.11 51.83 1.53
N ASN N 102 24.24 50.83 2.41
CA ASN N 102 25.10 49.67 2.16
C ASN N 102 26.54 50.11 1.89
N HIS N 103 27.06 50.97 2.75
CA HIS N 103 28.37 51.56 2.50
C HIS N 103 29.49 50.53 2.56
N ALA N 104 29.27 49.40 3.23
CA ALA N 104 30.29 48.36 3.26
C ALA N 104 30.61 47.85 1.87
N LEU N 105 29.65 47.89 0.95
CA LEU N 105 29.85 47.46 -0.42
C LEU N 105 30.15 48.65 -1.36
N VAL N 106 29.51 49.79 -1.11
CA VAL N 106 29.65 50.92 -2.02
C VAL N 106 31.10 51.42 -2.05
N ASP N 107 31.75 51.47 -0.88
CA ASP N 107 33.13 51.94 -0.84
C ASP N 107 34.09 51.06 -1.62
N ARG N 108 33.75 49.78 -1.81
CA ARG N 108 34.56 48.94 -2.70
C ARG N 108 34.39 49.36 -4.15
N LEU N 109 33.18 49.77 -4.54
CA LEU N 109 32.96 50.17 -5.93
C LEU N 109 33.64 51.50 -6.24
N VAL N 110 33.64 52.42 -5.28
CA VAL N 110 34.28 53.71 -5.51
C VAL N 110 35.79 53.55 -5.66
N GLU N 111 36.38 52.63 -4.88
CA GLU N 111 37.81 52.38 -5.01
C GLU N 111 38.15 51.86 -6.40
N GLY N 112 37.33 50.96 -6.93
CA GLY N 112 37.58 50.43 -8.27
C GLY N 112 37.53 51.50 -9.34
N ALA N 113 36.55 52.39 -9.25
CA ALA N 113 36.41 53.44 -10.26
C ALA N 113 37.63 54.36 -10.27
N ILE N 114 38.13 54.73 -9.09
CA ILE N 114 39.30 55.60 -9.03
C ILE N 114 40.54 54.87 -9.53
N ASP N 115 40.67 53.59 -9.21
CA ASP N 115 41.82 52.83 -9.64
C ASP N 115 41.87 52.74 -11.17
N CYS N 116 40.72 52.53 -11.81
CA CYS N 116 40.68 52.43 -13.27
C CYS N 116 41.15 53.71 -13.92
N ILE N 117 40.67 54.86 -13.43
CA ILE N 117 41.00 56.13 -14.06
C ILE N 117 42.49 56.43 -13.94
N VAL N 118 43.08 56.16 -12.78
CA VAL N 118 44.46 56.56 -12.55
C VAL N 118 45.42 55.71 -13.39
N ARG N 119 45.19 54.41 -13.47
CA ARG N 119 46.12 53.53 -14.16
C ARG N 119 45.96 53.59 -15.67
N HIS N 120 44.89 54.19 -16.18
CA HIS N 120 44.75 54.46 -17.60
C HIS N 120 45.29 55.84 -18.00
N GLY N 121 45.87 56.59 -17.07
CA GLY N 121 46.52 57.85 -17.38
C GLY N 121 45.87 59.09 -16.84
N GLY N 122 44.84 58.97 -15.99
CA GLY N 122 44.19 60.13 -15.43
C GLY N 122 44.83 60.61 -14.14
N ARG N 123 44.37 61.76 -13.68
CA ARG N 123 44.84 62.37 -12.43
C ARG N 123 43.72 62.40 -11.41
N GLU N 124 44.08 62.19 -10.14
CA GLU N 124 43.10 62.31 -9.07
C GLU N 124 42.60 63.73 -8.93
N GLU N 125 43.41 64.72 -9.33
CA GLU N 125 43.00 66.11 -9.26
C GLU N 125 41.82 66.42 -10.18
N ASP N 126 41.57 65.58 -11.18
CA ASP N 126 40.51 65.80 -12.15
C ASP N 126 39.23 65.04 -11.81
N ILE N 127 39.11 64.48 -10.60
CA ILE N 127 37.95 63.70 -10.19
C ILE N 127 37.20 64.49 -9.13
N THR N 128 35.89 64.64 -9.32
CA THR N 128 35.01 65.27 -8.36
C THR N 128 34.04 64.22 -7.83
N LEU N 129 33.98 64.09 -6.51
CA LEU N 129 33.19 63.05 -5.84
C LEU N 129 32.10 63.71 -5.01
N VAL N 130 30.86 63.31 -5.23
CA VAL N 130 29.69 63.80 -4.49
C VAL N 130 28.99 62.61 -3.84
N ARG N 131 28.65 62.75 -2.57
CA ARG N 131 28.00 61.69 -1.81
C ARG N 131 26.58 62.11 -1.44
N VAL N 132 25.63 61.18 -1.58
CA VAL N 132 24.22 61.43 -1.29
C VAL N 132 23.72 60.37 -0.33
N PRO N 133 22.64 60.64 0.44
CA PRO N 133 22.21 59.67 1.46
C PRO N 133 21.65 58.37 0.90
N GLY N 134 21.14 58.34 -0.33
CA GLY N 134 20.53 57.14 -0.85
C GLY N 134 20.44 57.16 -2.36
N SER N 135 20.04 56.01 -2.91
CA SER N 135 19.93 55.87 -4.36
C SER N 135 18.87 56.79 -4.95
N TRP N 136 17.81 57.07 -4.18
CA TRP N 136 16.74 57.93 -4.67
C TRP N 136 17.25 59.32 -5.02
N GLU N 137 18.30 59.78 -4.32
CA GLU N 137 18.82 61.12 -4.52
C GLU N 137 19.91 61.19 -5.59
N ILE N 138 20.28 60.07 -6.20
CA ILE N 138 21.34 60.10 -7.22
C ILE N 138 20.96 60.94 -8.42
N PRO N 139 19.77 60.77 -9.03
CA PRO N 139 19.49 61.53 -10.28
C PRO N 139 19.55 63.03 -10.12
N VAL N 140 19.05 63.58 -9.00
CA VAL N 140 19.05 65.03 -8.85
C VAL N 140 20.48 65.55 -8.63
N ALA N 141 21.30 64.79 -7.90
CA ALA N 141 22.69 65.19 -7.72
C ALA N 141 23.47 65.07 -9.02
N ALA N 142 23.22 64.00 -9.79
CA ALA N 142 23.91 63.84 -11.07
C ALA N 142 23.58 64.99 -12.02
N GLY N 143 22.38 65.56 -11.90
CA GLY N 143 22.01 66.68 -12.75
C GLY N 143 22.82 67.92 -12.53
N GLU N 144 23.32 68.14 -11.31
CA GLU N 144 24.14 69.31 -11.03
C GLU N 144 25.53 69.16 -11.63
N LEU N 145 26.12 67.97 -11.54
CA LEU N 145 27.45 67.75 -12.12
C LEU N 145 27.41 67.79 -13.65
N ALA N 146 26.38 67.17 -14.24
CA ALA N 146 26.33 67.08 -15.70
C ALA N 146 26.21 68.44 -16.36
N ARG N 147 25.72 69.44 -15.64
CA ARG N 147 25.56 70.78 -16.21
C ARG N 147 26.83 71.62 -16.12
N LYS N 148 27.87 71.15 -15.44
CA LYS N 148 29.13 71.86 -15.41
C LYS N 148 29.86 71.70 -16.74
N GLU N 149 30.50 72.79 -17.18
CA GLU N 149 31.13 72.79 -18.49
C GLU N 149 32.42 71.98 -18.52
N ASP N 150 33.09 71.83 -17.38
CA ASP N 150 34.39 71.17 -17.32
C ASP N 150 34.29 69.72 -16.85
N ILE N 151 33.15 69.08 -17.05
CA ILE N 151 32.95 67.67 -16.74
C ILE N 151 32.68 66.94 -18.04
N ASP N 152 33.42 65.87 -18.30
CA ASP N 152 33.28 65.11 -19.54
C ASP N 152 32.29 63.95 -19.42
N ALA N 153 32.23 63.29 -18.25
CA ALA N 153 31.32 62.18 -18.06
C ALA N 153 31.06 62.02 -16.57
N VAL N 154 29.94 61.35 -16.26
CA VAL N 154 29.50 61.13 -14.88
C VAL N 154 29.32 59.64 -14.65
N ILE N 155 29.70 59.18 -13.46
CA ILE N 155 29.61 57.78 -13.06
C ILE N 155 28.71 57.70 -11.84
N ALA N 156 27.67 56.86 -11.92
CA ALA N 156 26.70 56.67 -10.84
C ALA N 156 26.92 55.31 -10.20
N ILE N 157 27.00 55.28 -8.87
CA ILE N 157 27.32 54.08 -8.11
C ILE N 157 26.30 53.92 -6.99
N GLY N 158 25.82 52.70 -6.79
CA GLY N 158 24.90 52.41 -5.70
C GLY N 158 24.65 50.91 -5.63
N VAL N 159 24.03 50.50 -4.52
CA VAL N 159 23.72 49.10 -4.26
C VAL N 159 22.28 49.00 -3.76
N LEU N 160 21.47 48.17 -4.40
CA LEU N 160 20.11 47.86 -3.98
C LEU N 160 19.95 46.36 -3.85
N ILE N 161 19.37 45.92 -2.72
CA ILE N 161 19.17 44.52 -2.43
C ILE N 161 17.70 44.30 -2.11
N ARG N 162 17.09 43.31 -2.77
CA ARG N 162 15.67 43.04 -2.58
C ARG N 162 15.42 42.46 -1.19
N THR O 3 -5.83 43.26 -5.13
CA THR O 3 -6.30 43.77 -6.40
C THR O 3 -5.22 44.60 -7.08
N PRO O 4 -5.28 44.72 -8.41
CA PRO O 4 -4.26 45.50 -9.12
C PRO O 4 -4.35 47.00 -8.88
N HIS O 5 -5.36 47.48 -8.14
CA HIS O 5 -5.46 48.90 -7.84
C HIS O 5 -4.20 49.41 -7.15
N PHE O 6 -3.57 48.56 -6.32
CA PHE O 6 -2.38 48.98 -5.59
C PHE O 6 -1.24 49.35 -6.54
N ASP O 7 -1.04 48.58 -7.60
CA ASP O 7 0.13 48.77 -8.45
C ASP O 7 0.09 50.12 -9.17
N TYR O 8 -1.06 50.47 -9.75
CA TYR O 8 -1.13 51.66 -10.58
C TYR O 8 -0.94 52.94 -9.77
N ILE O 9 -1.52 52.99 -8.56
CA ILE O 9 -1.35 54.16 -7.71
C ILE O 9 0.11 54.30 -7.30
N ALA O 10 0.73 53.20 -6.90
CA ALA O 10 2.11 53.25 -6.44
C ALA O 10 3.05 53.70 -7.56
N SER O 11 2.82 53.22 -8.78
CA SER O 11 3.69 53.58 -9.89
C SER O 11 3.60 55.07 -10.21
N GLU O 12 2.40 55.64 -10.16
CA GLU O 12 2.23 57.03 -10.56
C GLU O 12 2.75 57.99 -9.48
N VAL O 13 2.59 57.65 -8.21
CA VAL O 13 3.06 58.52 -7.14
C VAL O 13 4.59 58.60 -7.16
N SER O 14 5.26 57.46 -7.28
CA SER O 14 6.72 57.46 -7.32
C SER O 14 7.24 58.17 -8.57
N LYS O 15 6.62 57.92 -9.72
CA LYS O 15 7.06 58.55 -10.95
C LYS O 15 6.85 60.07 -10.90
N GLY O 16 5.71 60.51 -10.36
CA GLY O 16 5.43 61.94 -10.31
C GLY O 16 6.45 62.70 -9.49
N LEU O 17 6.78 62.19 -8.31
CA LEU O 17 7.72 62.89 -7.44
C LEU O 17 9.12 62.93 -8.04
N ALA O 18 9.53 61.86 -8.71
CA ALA O 18 10.87 61.81 -9.29
C ALA O 18 11.03 62.85 -10.39
N ASN O 19 10.07 62.91 -11.32
CA ASN O 19 10.15 63.89 -12.40
C ASN O 19 10.09 65.31 -11.85
N LEU O 20 9.29 65.54 -10.82
CA LEU O 20 9.15 66.87 -10.25
C LEU O 20 10.47 67.37 -9.69
N SER O 21 11.23 66.49 -9.03
CA SER O 21 12.50 66.91 -8.44
C SER O 21 13.50 67.33 -9.51
N LEU O 22 13.51 66.62 -10.65
CA LEU O 22 14.45 66.97 -11.71
C LEU O 22 14.05 68.26 -12.41
N GLU O 23 12.73 68.46 -12.60
CA GLU O 23 12.27 69.66 -13.31
C GLU O 23 12.57 70.92 -12.51
N LEU O 24 12.27 70.92 -11.21
CA LEU O 24 12.51 72.07 -10.35
C LEU O 24 13.90 72.10 -9.75
N ARG O 25 14.66 71.02 -9.87
CA ARG O 25 16.04 70.96 -9.37
C ARG O 25 16.07 71.27 -7.87
N LYS O 26 15.16 70.63 -7.12
CA LYS O 26 15.08 70.78 -5.68
C LYS O 26 14.91 69.40 -5.04
N PRO O 27 15.47 69.17 -3.86
CA PRO O 27 15.35 67.83 -3.24
C PRO O 27 13.92 67.52 -2.81
N ILE O 28 13.47 66.31 -3.12
CA ILE O 28 12.20 65.77 -2.63
C ILE O 28 12.48 64.34 -2.17
N THR O 29 12.05 64.01 -0.95
CA THR O 29 12.35 62.73 -0.32
C THR O 29 11.12 61.84 -0.33
N PHE O 30 11.35 60.54 -0.51
CA PHE O 30 10.28 59.56 -0.67
C PHE O 30 10.04 58.87 0.67
N GLY O 31 8.99 59.30 1.37
CA GLY O 31 8.64 58.73 2.65
C GLY O 31 7.34 57.95 2.64
N VAL O 32 7.09 57.22 1.57
CA VAL O 32 5.84 56.48 1.39
C VAL O 32 6.09 55.00 1.63
N ILE O 33 5.30 54.41 2.52
CA ILE O 33 5.38 52.98 2.79
C ILE O 33 4.57 52.23 1.75
N THR O 34 5.13 51.14 1.22
CA THR O 34 4.46 50.26 0.27
C THR O 34 4.60 48.83 0.79
N ALA O 35 3.58 48.35 1.49
CA ALA O 35 3.61 47.07 2.18
C ALA O 35 2.62 46.09 1.58
N ASP O 36 2.91 44.81 1.74
CA ASP O 36 2.01 43.76 1.27
C ASP O 36 0.97 43.35 2.31
N THR O 37 1.25 43.60 3.60
CA THR O 37 0.34 43.20 4.67
C THR O 37 0.30 44.30 5.72
N LEU O 38 -0.77 44.26 6.53
CA LEU O 38 -0.92 45.25 7.60
C LEU O 38 0.21 45.12 8.61
N GLU O 39 0.65 43.90 8.90
CA GLU O 39 1.73 43.70 9.87
C GLU O 39 3.01 44.36 9.40
N GLN O 40 3.33 44.24 8.10
CA GLN O 40 4.53 44.87 7.59
C GLN O 40 4.48 46.39 7.72
N ALA O 41 3.28 46.98 7.65
CA ALA O 41 3.16 48.43 7.75
C ALA O 41 3.39 48.91 9.19
N ILE O 42 2.82 48.19 10.16
CA ILE O 42 3.01 48.57 11.56
C ILE O 42 4.48 48.46 11.94
N GLU O 43 5.20 47.54 11.31
CA GLU O 43 6.62 47.35 11.62
C GLU O 43 7.42 48.61 11.36
N ARG O 44 7.08 49.33 10.29
CA ARG O 44 7.86 50.48 9.83
C ARG O 44 7.27 51.82 10.24
N ALA O 45 6.23 51.83 11.08
CA ALA O 45 5.55 53.05 11.49
C ALA O 45 5.84 53.41 12.95
N GLY O 46 7.07 53.22 13.40
CA GLY O 46 7.44 53.48 14.77
C GLY O 46 7.65 52.26 15.63
N THR O 47 7.93 51.11 15.02
CA THR O 47 8.11 49.85 15.74
C THR O 47 9.39 49.17 15.26
N LYS O 48 9.53 47.87 15.55
CA LYS O 48 10.81 47.16 15.52
C LYS O 48 11.67 47.45 14.30
N HIS O 49 11.10 47.90 13.18
CA HIS O 49 11.87 48.27 12.00
C HIS O 49 11.99 49.78 11.82
N GLY O 50 11.77 50.55 12.87
CA GLY O 50 12.02 51.98 12.83
C GLY O 50 10.83 52.77 12.31
N ASN O 51 11.11 54.04 12.02
CA ASN O 51 10.10 54.99 11.55
C ASN O 51 10.57 55.58 10.23
N LYS O 52 9.77 55.38 9.18
CA LYS O 52 10.15 55.89 7.87
C LYS O 52 10.02 57.40 7.79
N GLY O 53 9.15 58.00 8.61
CA GLY O 53 9.06 59.45 8.63
C GLY O 53 10.33 60.10 9.17
N TRP O 54 10.93 59.50 10.18
CA TRP O 54 12.20 60.00 10.71
C TRP O 54 13.29 59.92 9.65
N GLU O 55 13.36 58.79 8.93
CA GLU O 55 14.42 58.60 7.94
C GLU O 55 14.30 59.60 6.79
N ALA O 56 13.08 59.85 6.33
CA ALA O 56 12.89 60.79 5.23
C ALA O 56 13.32 62.20 5.61
N ALA O 57 13.04 62.62 6.84
CA ALA O 57 13.45 63.94 7.28
C ALA O 57 14.97 64.06 7.36
N LEU O 58 15.64 62.99 7.80
CA LEU O 58 17.10 63.03 7.90
C LEU O 58 17.73 63.18 6.52
N SER O 59 17.16 62.51 5.51
CA SER O 59 17.68 62.65 4.15
C SER O 59 17.50 64.07 3.64
N ALA O 60 16.37 64.70 3.95
CA ALA O 60 16.12 66.06 3.49
C ALA O 60 17.13 67.04 4.07
N ILE O 61 17.48 66.89 5.34
CA ILE O 61 18.43 67.81 5.97
C ILE O 61 19.78 67.70 5.29
N GLU O 62 20.24 66.48 5.02
CA GLU O 62 21.54 66.30 4.38
C GLU O 62 21.55 66.91 2.98
N MET O 63 20.50 66.65 2.20
CA MET O 63 20.47 67.15 0.83
C MET O 63 20.44 68.67 0.78
N ALA O 64 19.73 69.30 1.72
CA ALA O 64 19.69 70.76 1.76
C ALA O 64 21.07 71.34 2.01
N ASN O 65 21.84 70.74 2.92
CA ASN O 65 23.18 71.23 3.19
C ASN O 65 24.12 70.96 2.01
N LEU O 66 23.94 69.83 1.34
CA LEU O 66 24.79 69.50 0.20
C LEU O 66 24.61 70.51 -0.93
N PHE O 67 23.35 70.87 -1.23
CA PHE O 67 23.10 71.80 -2.31
C PHE O 67 23.62 73.19 -1.97
N LYS O 68 23.58 73.57 -0.69
CA LYS O 68 24.17 74.86 -0.25
C LYS O 68 25.66 74.80 -0.55
N SER O 69 26.32 73.64 -0.40
CA SER O 69 27.76 73.53 -0.59
C SER O 69 28.13 73.54 -2.07
N LEU O 70 27.37 72.86 -2.92
CA LEU O 70 27.69 72.80 -4.34
C LEU O 70 27.61 74.19 -4.97
N ARG O 71 26.62 74.99 -4.59
CA ARG O 71 26.42 76.30 -5.19
C ARG O 71 27.29 77.38 -4.55
N GLY O 72 28.09 77.04 -3.55
CA GLY O 72 29.03 77.96 -2.95
C GLY O 72 30.37 77.94 -3.65
N THR O 73 31.39 78.39 -2.92
CA THR O 73 32.74 78.46 -3.48
C THR O 73 33.33 77.07 -3.69
N GLY O 74 33.05 76.14 -2.78
CA GLY O 74 33.61 74.81 -2.86
C GLY O 74 34.98 74.70 -2.23
N GLY O 75 35.90 75.57 -2.63
CA GLY O 75 37.22 75.59 -2.03
C GLY O 75 38.07 74.39 -2.44
N SER O 76 39.08 74.13 -1.61
CA SER O 76 40.04 73.05 -1.83
C SER O 76 40.83 73.25 -3.12
N GLY O 77 41.90 72.50 -3.29
CA GLY O 77 42.72 72.60 -4.48
C GLY O 77 43.88 71.63 -4.41
N SER O 78 44.42 71.33 -5.60
CA SER O 78 45.54 70.42 -5.75
C SER O 78 45.23 69.01 -5.21
N SER O 79 43.95 68.67 -5.11
CA SER O 79 43.55 67.38 -4.58
C SER O 79 42.11 67.11 -5.01
N MET O 80 41.66 65.88 -4.78
CA MET O 80 40.31 65.48 -5.15
C MET O 80 39.28 66.27 -4.35
N GLU O 81 38.34 66.90 -5.06
CA GLU O 81 37.27 67.63 -4.40
C GLU O 81 36.18 66.66 -3.95
N ILE O 82 35.76 66.79 -2.69
CA ILE O 82 34.72 65.97 -2.11
C ILE O 82 33.63 66.87 -1.55
N TYR O 83 32.38 66.60 -1.92
CA TYR O 83 31.22 67.36 -1.46
C TYR O 83 30.34 66.46 -0.61
N GLU O 84 29.96 66.95 0.58
CA GLU O 84 29.10 66.20 1.47
C GLU O 84 28.30 67.18 2.32
N GLY O 85 27.22 66.68 2.90
CA GLY O 85 26.30 67.50 3.67
C GLY O 85 26.34 67.14 5.15
N LYS O 86 26.26 68.19 5.99
CA LYS O 86 26.25 68.03 7.45
C LYS O 86 24.85 67.59 7.85
N LEU O 87 24.62 67.36 9.12
CA LEU O 87 23.33 67.01 9.70
C LEU O 87 22.88 68.04 10.74
N THR O 88 23.08 69.32 10.44
CA THR O 88 22.58 70.41 11.26
C THR O 88 21.45 71.11 10.53
N ALA O 89 20.34 71.33 11.22
CA ALA O 89 19.14 71.90 10.63
C ALA O 89 18.93 73.37 10.95
N GLU O 90 19.91 74.02 11.56
CA GLU O 90 19.75 75.43 11.93
C GLU O 90 19.62 76.30 10.69
N GLY O 91 18.53 77.07 10.62
CA GLY O 91 18.31 78.02 9.55
C GLY O 91 17.56 77.48 8.34
N LEU O 92 17.25 76.18 8.30
CA LEU O 92 16.59 75.59 7.15
C LEU O 92 15.07 75.62 7.31
N ARG O 93 14.38 75.60 6.18
CA ARG O 93 12.92 75.66 6.11
C ARG O 93 12.41 74.48 5.30
N PHE O 94 11.41 73.78 5.84
CA PHE O 94 10.95 72.51 5.29
C PHE O 94 9.44 72.54 5.06
N GLY O 95 9.01 71.82 4.02
CA GLY O 95 7.60 71.57 3.78
C GLY O 95 7.29 70.09 3.83
N ILE O 96 6.09 69.75 4.30
CA ILE O 96 5.65 68.37 4.46
C ILE O 96 4.28 68.21 3.80
N VAL O 97 4.11 67.15 3.02
CA VAL O 97 2.84 66.79 2.41
C VAL O 97 2.48 65.39 2.91
N ALA O 98 1.30 65.27 3.52
CA ALA O 98 0.85 64.02 4.13
C ALA O 98 -0.57 63.70 3.69
N SER O 99 -0.85 62.41 3.51
CA SER O 99 -2.18 61.96 3.11
C SER O 99 -3.00 61.56 4.34
N ARG O 100 -4.31 61.49 4.14
CA ARG O 100 -5.24 61.18 5.22
C ARG O 100 -5.68 59.73 5.28
N PHE O 101 -5.44 58.95 4.23
CA PHE O 101 -5.85 57.55 4.24
C PHE O 101 -4.90 56.74 5.11
N ASN O 102 -5.45 55.79 5.87
CA ASN O 102 -4.70 55.06 6.89
C ASN O 102 -4.09 56.03 7.90
N HIS O 103 -4.90 56.95 8.41
CA HIS O 103 -4.38 58.01 9.27
C HIS O 103 -3.85 57.46 10.60
N ALA O 104 -4.30 56.28 11.01
CA ALA O 104 -3.78 55.70 12.24
C ALA O 104 -2.27 55.47 12.16
N LEU O 105 -1.75 55.24 10.96
CA LEU O 105 -0.32 55.03 10.75
C LEU O 105 0.37 56.32 10.30
N VAL O 106 -0.30 57.12 9.46
CA VAL O 106 0.34 58.30 8.89
C VAL O 106 0.71 59.29 9.97
N ASP O 107 -0.16 59.48 10.97
CA ASP O 107 0.13 60.43 12.03
C ASP O 107 1.35 60.04 12.85
N ARG O 108 1.70 58.75 12.90
CA ARG O 108 2.95 58.36 13.53
C ARG O 108 4.16 58.80 12.71
N LEU O 109 4.04 58.76 11.38
CA LEU O 109 5.15 59.17 10.53
C LEU O 109 5.38 60.68 10.59
N VAL O 110 4.30 61.46 10.67
CA VAL O 110 4.43 62.91 10.72
C VAL O 110 5.08 63.33 12.03
N GLU O 111 4.75 62.64 13.12
CA GLU O 111 5.38 62.94 14.41
C GLU O 111 6.89 62.72 14.34
N GLY O 112 7.31 61.63 13.71
CA GLY O 112 8.73 61.35 13.61
C GLY O 112 9.48 62.41 12.82
N ALA O 113 8.89 62.87 11.70
CA ALA O 113 9.55 63.86 10.87
C ALA O 113 9.75 65.18 11.64
N ILE O 114 8.74 65.59 12.40
CA ILE O 114 8.86 66.84 13.16
C ILE O 114 9.88 66.67 14.29
N ASP O 115 9.90 65.51 14.94
CA ASP O 115 10.84 65.28 16.01
C ASP O 115 12.28 65.34 15.51
N CYS O 116 12.54 64.78 14.34
CA CYS O 116 13.90 64.79 13.80
C CYS O 116 14.39 66.21 13.55
N ILE O 117 13.53 67.05 12.95
CA ILE O 117 13.94 68.40 12.59
C ILE O 117 14.24 69.23 13.84
N VAL O 118 13.41 69.10 14.87
CA VAL O 118 13.55 69.96 16.04
C VAL O 118 14.81 69.61 16.83
N ARG O 119 15.09 68.32 17.02
CA ARG O 119 16.23 67.93 17.84
C ARG O 119 17.55 68.05 17.12
N HIS O 120 17.55 68.25 15.80
CA HIS O 120 18.76 68.58 15.07
C HIS O 120 19.00 70.08 14.94
N GLY O 121 18.17 70.91 15.56
CA GLY O 121 18.39 72.34 15.61
C GLY O 121 17.41 73.20 14.84
N GLY O 122 16.33 72.62 14.32
CA GLY O 122 15.35 73.41 13.59
C GLY O 122 14.26 73.98 14.48
N ARG O 123 13.44 74.83 13.88
CA ARG O 123 12.31 75.45 14.56
C ARG O 123 11.00 74.97 13.96
N GLU O 124 9.99 74.79 14.82
CA GLU O 124 8.67 74.45 14.33
C GLU O 124 8.06 75.57 13.49
N GLU O 125 8.48 76.81 13.74
CA GLU O 125 7.98 77.94 12.96
C GLU O 125 8.38 77.86 11.49
N ASP O 126 9.41 77.07 11.17
CA ASP O 126 9.93 76.97 9.81
C ASP O 126 9.38 75.76 9.06
N ILE O 127 8.35 75.11 9.59
CA ILE O 127 7.75 73.91 8.99
C ILE O 127 6.37 74.26 8.48
N THR O 128 6.09 73.93 7.22
CA THR O 128 4.78 74.09 6.60
C THR O 128 4.21 72.71 6.31
N LEU O 129 3.01 72.45 6.79
CA LEU O 129 2.37 71.15 6.67
C LEU O 129 1.10 71.27 5.83
N VAL O 130 1.00 70.45 4.79
CA VAL O 130 -0.16 70.42 3.89
C VAL O 130 -0.71 69.00 3.91
N ARG O 131 -2.04 68.88 4.04
CA ARG O 131 -2.71 67.59 4.10
C ARG O 131 -3.60 67.41 2.87
N VAL O 132 -3.57 66.21 2.30
CA VAL O 132 -4.34 65.89 1.10
C VAL O 132 -5.17 64.63 1.35
N PRO O 133 -6.26 64.42 0.62
CA PRO O 133 -7.14 63.27 0.93
C PRO O 133 -6.52 61.91 0.64
N GLY O 134 -5.54 61.81 -0.26
CA GLY O 134 -5.00 60.50 -0.61
C GLY O 134 -3.64 60.62 -1.24
N SER O 135 -3.01 59.46 -1.44
CA SER O 135 -1.67 59.43 -2.02
C SER O 135 -1.67 59.91 -3.46
N TRP O 136 -2.77 59.71 -4.19
CA TRP O 136 -2.85 60.14 -5.58
C TRP O 136 -2.67 61.65 -5.70
N GLU O 137 -3.08 62.41 -4.68
CA GLU O 137 -3.01 63.87 -4.73
C GLU O 137 -1.70 64.43 -4.20
N ILE O 138 -0.76 63.59 -3.75
CA ILE O 138 0.50 64.10 -3.22
C ILE O 138 1.30 64.84 -4.28
N PRO O 139 1.53 64.29 -5.48
CA PRO O 139 2.42 64.99 -6.43
C PRO O 139 1.97 66.39 -6.79
N VAL O 140 0.67 66.61 -6.99
CA VAL O 140 0.20 67.94 -7.39
C VAL O 140 0.34 68.92 -6.23
N ALA O 141 0.10 68.47 -5.00
CA ALA O 141 0.29 69.35 -3.85
C ALA O 141 1.76 69.64 -3.61
N ALA O 142 2.62 68.64 -3.79
CA ALA O 142 4.06 68.85 -3.62
C ALA O 142 4.59 69.86 -4.63
N GLY O 143 3.97 69.94 -5.81
CA GLY O 143 4.40 70.90 -6.81
C GLY O 143 4.18 72.35 -6.41
N GLU O 144 3.16 72.61 -5.59
CA GLU O 144 2.91 73.98 -5.14
C GLU O 144 3.95 74.42 -4.11
N LEU O 145 4.32 73.53 -3.18
CA LEU O 145 5.31 73.87 -2.18
C LEU O 145 6.69 74.03 -2.80
N ALA O 146 7.06 73.14 -3.72
CA ALA O 146 8.41 73.15 -4.27
C ALA O 146 8.69 74.42 -5.06
N ARG O 147 7.64 75.10 -5.54
CA ARG O 147 7.82 76.32 -6.32
C ARG O 147 7.97 77.56 -5.45
N LYS O 148 7.77 77.46 -4.13
CA LYS O 148 8.00 78.59 -3.26
C LYS O 148 9.48 78.84 -3.06
N GLU O 149 9.86 80.12 -3.01
CA GLU O 149 11.28 80.47 -2.96
C GLU O 149 11.89 80.20 -1.59
N ASP O 150 11.08 80.22 -0.53
CA ASP O 150 11.58 80.09 0.83
C ASP O 150 11.43 78.68 1.39
N ILE O 151 11.39 77.67 0.52
CA ILE O 151 11.34 76.27 0.91
C ILE O 151 12.62 75.60 0.42
N ASP O 152 13.32 74.91 1.30
CA ASP O 152 14.58 74.26 0.95
C ASP O 152 14.41 72.81 0.52
N ALA O 153 13.46 72.09 1.10
CA ALA O 153 13.23 70.70 0.74
C ALA O 153 11.81 70.33 1.12
N VAL O 154 11.31 69.27 0.48
CA VAL O 154 9.94 68.78 0.69
C VAL O 154 10.00 67.31 1.08
N ILE O 155 9.12 66.93 2.01
CA ILE O 155 9.03 65.57 2.52
C ILE O 155 7.63 65.05 2.22
N ALA O 156 7.55 63.88 1.56
CA ALA O 156 6.30 63.26 1.19
C ALA O 156 6.07 62.02 2.05
N ILE O 157 4.87 61.91 2.62
CA ILE O 157 4.53 60.85 3.56
C ILE O 157 3.20 60.24 3.16
N GLY O 158 3.14 58.90 3.20
CA GLY O 158 1.91 58.19 2.90
C GLY O 158 2.08 56.72 3.19
N VAL O 159 0.95 56.02 3.18
CA VAL O 159 0.91 54.58 3.45
C VAL O 159 0.01 53.91 2.42
N LEU O 160 0.53 52.89 1.75
CA LEU O 160 -0.23 52.06 0.82
C LEU O 160 -0.08 50.60 1.20
N ILE O 161 -1.21 49.88 1.26
CA ILE O 161 -1.23 48.47 1.64
C ILE O 161 -1.95 47.70 0.55
N ARG O 162 -1.33 46.63 0.08
CA ARG O 162 -1.89 45.83 -0.99
C ARG O 162 -3.13 45.08 -0.50
N THR P 3 -39.28 -19.31 -4.00
CA THR P 3 -40.46 -18.50 -4.25
C THR P 3 -41.41 -18.55 -3.04
N PRO P 4 -42.24 -17.51 -2.88
CA PRO P 4 -43.16 -17.50 -1.73
C PRO P 4 -44.28 -18.54 -1.83
N HIS P 5 -44.39 -19.27 -2.94
CA HIS P 5 -45.40 -20.31 -3.06
C HIS P 5 -45.30 -21.31 -1.92
N PHE P 6 -44.08 -21.60 -1.47
CA PHE P 6 -43.88 -22.58 -0.40
C PHE P 6 -44.59 -22.16 0.88
N ASP P 7 -44.51 -20.88 1.24
CA ASP P 7 -45.01 -20.46 2.55
C ASP P 7 -46.53 -20.60 2.66
N TYR P 8 -47.26 -20.20 1.63
CA TYR P 8 -48.72 -20.16 1.74
C TYR P 8 -49.30 -21.57 1.80
N ILE P 9 -48.74 -22.51 1.04
CA ILE P 9 -49.22 -23.88 1.08
C ILE P 9 -48.95 -24.50 2.45
N ALA P 10 -47.74 -24.27 2.97
CA ALA P 10 -47.38 -24.86 4.26
C ALA P 10 -48.26 -24.31 5.38
N SER P 11 -48.56 -23.02 5.34
CA SER P 11 -49.38 -22.41 6.40
C SER P 11 -50.79 -22.99 6.40
N GLU P 12 -51.37 -23.20 5.22
CA GLU P 12 -52.77 -23.64 5.15
C GLU P 12 -52.91 -25.11 5.50
N VAL P 13 -51.93 -25.94 5.13
CA VAL P 13 -52.02 -27.36 5.43
C VAL P 13 -51.93 -27.59 6.93
N SER P 14 -50.97 -26.93 7.59
CA SER P 14 -50.83 -27.08 9.04
C SER P 14 -52.05 -26.54 9.78
N LYS P 15 -52.55 -25.37 9.36
CA LYS P 15 -53.70 -24.78 10.01
C LYS P 15 -54.95 -25.64 9.83
N GLY P 16 -55.13 -26.19 8.63
CA GLY P 16 -56.33 -26.99 8.38
C GLY P 16 -56.39 -28.23 9.25
N LEU P 17 -55.27 -28.94 9.37
CA LEU P 17 -55.27 -30.18 10.17
C LEU P 17 -55.49 -29.87 11.64
N ALA P 18 -54.91 -28.79 12.14
CA ALA P 18 -55.04 -28.46 13.55
C ALA P 18 -56.50 -28.16 13.92
N ASN P 19 -57.17 -27.31 13.13
CA ASN P 19 -58.57 -26.99 13.41
C ASN P 19 -59.44 -28.23 13.29
N LEU P 20 -59.15 -29.09 12.33
CA LEU P 20 -59.96 -30.29 12.13
C LEU P 20 -59.91 -31.20 13.35
N SER P 21 -58.74 -31.34 13.97
CA SER P 21 -58.62 -32.22 15.13
C SER P 21 -59.43 -31.71 16.30
N LEU P 22 -59.48 -30.39 16.49
CA LEU P 22 -60.24 -29.82 17.60
C LEU P 22 -61.74 -29.92 17.35
N GLU P 23 -62.17 -29.72 16.10
CA GLU P 23 -63.59 -29.75 15.79
C GLU P 23 -64.16 -31.16 15.98
N LEU P 24 -63.48 -32.18 15.47
CA LEU P 24 -63.95 -33.55 15.57
C LEU P 24 -63.48 -34.23 16.84
N ARG P 25 -62.56 -33.62 17.60
CA ARG P 25 -62.08 -34.19 18.85
C ARG P 25 -61.50 -35.59 18.64
N LYS P 26 -60.67 -35.72 17.61
CA LYS P 26 -60.00 -36.98 17.29
C LYS P 26 -58.53 -36.69 17.00
N PRO P 27 -57.62 -37.62 17.33
CA PRO P 27 -56.20 -37.35 17.08
C PRO P 27 -55.86 -37.35 15.59
N ILE P 28 -55.08 -36.36 15.18
CA ILE P 28 -54.51 -36.29 13.84
C ILE P 28 -53.04 -35.90 13.99
N THR P 29 -52.15 -36.66 13.37
CA THR P 29 -50.71 -36.49 13.53
C THR P 29 -50.12 -35.82 12.29
N PHE P 30 -49.11 -34.98 12.52
CA PHE P 30 -48.50 -34.16 11.47
C PHE P 30 -47.23 -34.84 10.99
N GLY P 31 -47.32 -35.52 9.86
CA GLY P 31 -46.18 -36.21 9.28
C GLY P 31 -45.68 -35.59 7.98
N VAL P 32 -45.69 -34.26 7.89
CA VAL P 32 -45.32 -33.56 6.68
C VAL P 32 -43.95 -32.95 6.85
N ILE P 33 -43.05 -33.24 5.91
CA ILE P 33 -41.71 -32.67 5.91
C ILE P 33 -41.75 -31.29 5.28
N THR P 34 -41.08 -30.32 5.91
CA THR P 34 -40.95 -28.96 5.38
C THR P 34 -39.47 -28.61 5.40
N ALA P 35 -38.80 -28.77 4.26
CA ALA P 35 -37.36 -28.62 4.16
C ALA P 35 -37.00 -27.45 3.25
N ASP P 36 -35.81 -26.90 3.48
CA ASP P 36 -35.30 -25.82 2.65
C ASP P 36 -34.51 -26.31 1.45
N THR P 37 -33.97 -27.53 1.50
CA THR P 37 -33.15 -28.07 0.43
C THR P 37 -33.48 -29.54 0.22
N LEU P 38 -33.13 -30.05 -0.97
CA LEU P 38 -33.37 -31.46 -1.26
C LEU P 38 -32.58 -32.37 -0.32
N GLU P 39 -31.36 -31.97 0.02
CA GLU P 39 -30.55 -32.78 0.92
C GLU P 39 -31.21 -32.93 2.28
N GLN P 40 -31.78 -31.85 2.81
CA GLN P 40 -32.46 -31.92 4.10
C GLN P 40 -33.64 -32.89 4.06
N ALA P 41 -34.31 -33.01 2.90
CA ALA P 41 -35.47 -33.89 2.81
C ALA P 41 -35.04 -35.35 2.79
N ILE P 42 -33.98 -35.68 2.04
CA ILE P 42 -33.50 -37.06 2.01
C ILE P 42 -33.04 -37.50 3.39
N GLU P 43 -32.53 -36.56 4.19
CA GLU P 43 -32.05 -36.89 5.52
C GLU P 43 -33.15 -37.48 6.39
N ARG P 44 -34.37 -36.97 6.25
CA ARG P 44 -35.48 -37.33 7.12
C ARG P 44 -36.43 -38.35 6.50
N ALA P 45 -36.10 -38.91 5.33
CA ALA P 45 -36.96 -39.85 4.62
C ALA P 45 -36.42 -41.28 4.66
N GLY P 46 -35.86 -41.69 5.80
CA GLY P 46 -35.30 -43.01 5.94
C GLY P 46 -33.79 -43.05 5.98
N THR P 47 -33.14 -41.95 6.33
CA THR P 47 -31.69 -41.85 6.35
C THR P 47 -31.24 -41.24 7.68
N LYS P 48 -29.99 -40.77 7.74
CA LYS P 48 -29.28 -40.51 8.99
C LYS P 48 -30.10 -39.77 10.06
N HIS P 49 -31.15 -39.05 9.69
CA HIS P 49 -32.01 -38.38 10.67
C HIS P 49 -33.35 -39.10 10.85
N GLY P 50 -33.42 -40.37 10.46
CA GLY P 50 -34.61 -41.17 10.75
C GLY P 50 -35.68 -41.04 9.68
N ASN P 51 -36.86 -41.56 10.03
CA ASN P 51 -38.02 -41.57 9.14
C ASN P 51 -39.17 -40.87 9.84
N LYS P 52 -39.69 -39.81 9.22
CA LYS P 52 -40.79 -39.06 9.82
C LYS P 52 -42.10 -39.84 9.75
N GLY P 53 -42.24 -40.72 8.77
CA GLY P 53 -43.43 -41.55 8.70
C GLY P 53 -43.54 -42.51 9.87
N TRP P 54 -42.41 -43.08 10.29
CA TRP P 54 -42.40 -43.95 11.46
C TRP P 54 -42.79 -43.18 12.71
N GLU P 55 -42.24 -41.97 12.87
CA GLU P 55 -42.51 -41.19 14.08
C GLU P 55 -43.97 -40.80 14.17
N ALA P 56 -44.58 -40.41 13.05
CA ALA P 56 -45.99 -40.01 13.08
C ALA P 56 -46.90 -41.17 13.46
N ALA P 57 -46.59 -42.37 12.99
CA ALA P 57 -47.40 -43.53 13.35
C ALA P 57 -47.28 -43.84 14.83
N LEU P 58 -46.08 -43.70 15.41
CA LEU P 58 -45.90 -43.98 16.83
C LEU P 58 -46.71 -43.02 17.68
N SER P 59 -46.77 -41.75 17.28
CA SER P 59 -47.58 -40.78 18.02
C SER P 59 -49.06 -41.14 17.96
N ALA P 60 -49.53 -41.60 16.80
CA ALA P 60 -50.94 -41.95 16.67
C ALA P 60 -51.33 -43.11 17.59
N ILE P 61 -50.45 -44.12 17.70
CA ILE P 61 -50.75 -45.26 18.56
C ILE P 61 -50.90 -44.82 20.01
N GLU P 62 -49.98 -43.98 20.49
CA GLU P 62 -50.04 -43.51 21.86
C GLU P 62 -51.31 -42.71 22.12
N MET P 63 -51.64 -41.79 21.22
CA MET P 63 -52.81 -40.94 21.42
C MET P 63 -54.10 -41.76 21.44
N ALA P 64 -54.18 -42.80 20.59
CA ALA P 64 -55.37 -43.63 20.57
C ALA P 64 -55.56 -44.35 21.90
N ASN P 65 -54.48 -44.85 22.50
CA ASN P 65 -54.58 -45.52 23.79
C ASN P 65 -54.92 -44.52 24.90
N LEU P 66 -54.35 -43.31 24.82
CA LEU P 66 -54.62 -42.31 25.84
C LEU P 66 -56.11 -41.93 25.87
N PHE P 67 -56.70 -41.72 24.70
CA PHE P 67 -58.10 -41.33 24.65
C PHE P 67 -59.00 -42.45 25.13
N LYS P 68 -58.61 -43.70 24.88
CA LYS P 68 -59.36 -44.87 25.42
C LYS P 68 -59.32 -44.78 26.94
N SER P 69 -58.20 -44.33 27.53
CA SER P 69 -58.06 -44.29 29.00
C SER P 69 -58.84 -43.14 29.61
N LEU P 70 -58.82 -41.96 28.97
CA LEU P 70 -59.54 -40.82 29.53
C LEU P 70 -61.03 -41.08 29.60
N ARG P 71 -61.59 -41.71 28.58
CA ARG P 71 -63.03 -41.93 28.49
C ARG P 71 -63.47 -43.16 29.27
N GLY P 72 -62.55 -43.90 29.89
CA GLY P 72 -62.88 -45.02 30.73
C GLY P 72 -63.09 -44.61 32.17
N THR P 73 -62.95 -45.59 33.07
CA THR P 73 -63.17 -45.34 34.49
C THR P 73 -62.07 -44.47 35.08
N GLY P 74 -60.83 -44.65 34.62
CA GLY P 74 -59.70 -43.90 35.16
C GLY P 74 -59.11 -44.54 36.40
N GLY P 75 -59.95 -44.82 37.40
CA GLY P 75 -59.49 -45.49 38.59
C GLY P 75 -58.63 -44.59 39.48
N SER P 76 -57.84 -45.25 40.33
CA SER P 76 -56.97 -44.58 41.28
C SER P 76 -57.75 -43.75 42.28
N GLY P 77 -57.09 -43.31 43.35
CA GLY P 77 -57.75 -42.50 44.36
C GLY P 77 -56.78 -42.17 45.47
N SER P 78 -57.12 -41.11 46.20
CA SER P 78 -56.32 -40.61 47.32
C SER P 78 -54.91 -40.22 46.88
N SER P 79 -54.71 -39.95 45.60
CA SER P 79 -53.39 -39.59 45.08
C SER P 79 -53.57 -38.91 43.74
N MET P 80 -52.47 -38.35 43.23
CA MET P 80 -52.50 -37.64 41.96
C MET P 80 -52.83 -38.61 40.82
N GLU P 81 -53.84 -38.27 40.03
CA GLU P 81 -54.20 -39.08 38.87
C GLU P 81 -53.28 -38.78 37.71
N ILE P 82 -52.74 -39.82 37.08
CA ILE P 82 -51.85 -39.70 35.94
C ILE P 82 -52.42 -40.53 34.80
N TYR P 83 -52.54 -39.91 33.62
CA TYR P 83 -53.04 -40.56 32.41
C TYR P 83 -51.92 -40.66 31.39
N GLU P 84 -51.73 -41.84 30.82
CA GLU P 84 -50.71 -42.04 29.80
C GLU P 84 -51.14 -43.18 28.90
N GLY P 85 -50.53 -43.24 27.71
CA GLY P 85 -50.88 -44.22 26.70
C GLY P 85 -49.77 -45.23 26.48
N LYS P 86 -50.18 -46.49 26.29
CA LYS P 86 -49.25 -47.59 26.03
C LYS P 86 -48.82 -47.49 24.57
N LEU P 87 -47.95 -48.38 24.13
CA LEU P 87 -47.50 -48.48 22.74
C LEU P 87 -47.82 -49.86 22.15
N THR P 88 -49.02 -50.36 22.42
CA THR P 88 -49.53 -51.58 21.82
C THR P 88 -50.64 -51.23 20.85
N ALA P 89 -50.57 -51.78 19.63
CA ALA P 89 -51.50 -51.45 18.56
C ALA P 89 -52.55 -52.52 18.34
N GLU P 90 -52.67 -53.51 19.22
CA GLU P 90 -53.63 -54.58 19.02
C GLU P 90 -55.06 -54.04 19.12
N GLY P 91 -55.85 -54.28 18.08
CA GLY P 91 -57.25 -53.90 18.06
C GLY P 91 -57.55 -52.52 17.52
N LEU P 92 -56.54 -51.72 17.19
CA LEU P 92 -56.75 -50.36 16.72
C LEU P 92 -56.85 -50.32 15.20
N ARG P 93 -57.55 -49.29 14.71
CA ARG P 93 -57.80 -49.09 13.29
C ARG P 93 -57.33 -47.69 12.88
N PHE P 94 -56.56 -47.61 11.79
CA PHE P 94 -55.87 -46.39 11.40
C PHE P 94 -56.19 -46.02 9.97
N GLY P 95 -56.20 -44.72 9.69
CA GLY P 95 -56.30 -44.20 8.34
C GLY P 95 -55.07 -43.36 7.99
N ILE P 96 -54.67 -43.41 6.72
CA ILE P 96 -53.49 -42.71 6.24
C ILE P 96 -53.88 -41.91 4.99
N VAL P 97 -53.45 -40.66 4.94
CA VAL P 97 -53.62 -39.79 3.78
C VAL P 97 -52.24 -39.37 3.31
N ALA P 98 -51.92 -39.65 2.04
CA ALA P 98 -50.62 -39.39 1.47
C ALA P 98 -50.75 -38.67 0.14
N SER P 99 -49.81 -37.77 -0.14
CA SER P 99 -49.81 -37.01 -1.39
C SER P 99 -48.89 -37.68 -2.42
N ARG P 100 -49.09 -37.32 -3.68
CA ARG P 100 -48.35 -37.92 -4.79
C ARG P 100 -47.17 -37.09 -5.26
N PHE P 101 -47.06 -35.82 -4.87
CA PHE P 101 -45.95 -34.99 -5.30
C PHE P 101 -44.70 -35.38 -4.52
N ASN P 102 -43.56 -35.38 -5.21
CA ASN P 102 -42.30 -35.90 -4.66
C ASN P 102 -42.48 -37.35 -4.21
N HIS P 103 -43.06 -38.18 -5.07
CA HIS P 103 -43.40 -39.55 -4.68
C HIS P 103 -42.16 -40.39 -4.40
N ALA P 104 -41.00 -40.00 -4.94
CA ALA P 104 -39.79 -40.76 -4.64
C ALA P 104 -39.48 -40.75 -3.16
N LEU P 105 -39.88 -39.70 -2.44
CA LEU P 105 -39.67 -39.61 -1.00
C LEU P 105 -40.90 -40.04 -0.21
N VAL P 106 -42.09 -39.73 -0.71
CA VAL P 106 -43.32 -40.00 0.04
C VAL P 106 -43.50 -41.49 0.25
N ASP P 107 -43.21 -42.30 -0.78
CA ASP P 107 -43.37 -43.74 -0.65
C ASP P 107 -42.47 -44.35 0.41
N ARG P 108 -41.34 -43.70 0.71
CA ARG P 108 -40.52 -44.16 1.83
C ARG P 108 -41.20 -43.90 3.16
N LEU P 109 -41.91 -42.77 3.27
CA LEU P 109 -42.59 -42.45 4.53
C LEU P 109 -43.78 -43.37 4.76
N VAL P 110 -44.51 -43.73 3.71
CA VAL P 110 -45.67 -44.61 3.86
C VAL P 110 -45.22 -46.00 4.29
N GLU P 111 -44.08 -46.46 3.77
CA GLU P 111 -43.56 -47.76 4.17
C GLU P 111 -43.23 -47.78 5.66
N GLY P 112 -42.63 -46.70 6.16
CA GLY P 112 -42.31 -46.64 7.57
C GLY P 112 -43.53 -46.69 8.47
N ALA P 113 -44.58 -45.96 8.09
CA ALA P 113 -45.80 -45.93 8.90
C ALA P 113 -46.43 -47.31 8.99
N ILE P 114 -46.49 -48.04 7.88
CA ILE P 114 -47.06 -49.37 7.90
C ILE P 114 -46.20 -50.34 8.71
N ASP P 115 -44.88 -50.21 8.59
CA ASP P 115 -43.99 -51.08 9.34
C ASP P 115 -44.16 -50.89 10.84
N CYS P 116 -44.30 -49.65 11.29
CA CYS P 116 -44.46 -49.39 12.71
C CYS P 116 -45.72 -50.04 13.26
N ILE P 117 -46.83 -49.92 12.54
CA ILE P 117 -48.10 -50.43 13.03
C ILE P 117 -48.08 -51.96 13.14
N VAL P 118 -47.49 -52.62 12.14
CA VAL P 118 -47.54 -54.08 12.10
C VAL P 118 -46.68 -54.69 13.20
N ARG P 119 -45.49 -54.15 13.42
CA ARG P 119 -44.57 -54.75 14.38
C ARG P 119 -44.92 -54.40 15.83
N HIS P 120 -45.81 -53.43 16.05
CA HIS P 120 -46.35 -53.17 17.38
C HIS P 120 -47.63 -53.95 17.66
N GLY P 121 -48.07 -54.81 16.75
CA GLY P 121 -49.20 -55.68 17.00
C GLY P 121 -50.44 -55.42 16.18
N GLY P 122 -50.38 -54.52 15.19
CA GLY P 122 -51.55 -54.24 14.37
C GLY P 122 -51.65 -55.15 13.16
N ARG P 123 -52.77 -55.03 12.46
CA ARG P 123 -53.05 -55.80 11.26
C ARG P 123 -53.12 -54.86 10.05
N GLU P 124 -52.62 -55.34 8.90
CA GLU P 124 -52.75 -54.58 7.67
C GLU P 124 -54.21 -54.45 7.24
N GLU P 125 -55.05 -55.40 7.64
CA GLU P 125 -56.46 -55.33 7.31
C GLU P 125 -57.16 -54.14 7.95
N ASP P 126 -56.57 -53.57 9.00
CA ASP P 126 -57.18 -52.46 9.73
C ASP P 126 -56.64 -51.10 9.29
N ILE P 127 -55.94 -51.03 8.17
CA ILE P 127 -55.35 -49.79 7.66
C ILE P 127 -56.07 -49.40 6.39
N THR P 128 -56.52 -48.15 6.33
CA THR P 128 -57.15 -47.57 5.15
C THR P 128 -56.23 -46.48 4.60
N LEU P 129 -55.88 -46.57 3.32
CA LEU P 129 -54.94 -45.66 2.69
C LEU P 129 -55.65 -44.89 1.58
N VAL P 130 -55.55 -43.55 1.63
CA VAL P 130 -56.14 -42.66 0.66
C VAL P 130 -55.03 -41.80 0.07
N ARG P 131 -55.00 -41.67 -1.25
CA ARG P 131 -53.99 -40.91 -1.96
C ARG P 131 -54.61 -39.70 -2.63
N VAL P 132 -53.93 -38.56 -2.53
CA VAL P 132 -54.41 -37.30 -3.10
C VAL P 132 -53.32 -36.69 -3.98
N PRO P 133 -53.67 -35.83 -4.95
CA PRO P 133 -52.65 -35.33 -5.88
C PRO P 133 -51.61 -34.41 -5.25
N GLY P 134 -51.91 -33.75 -4.14
CA GLY P 134 -50.96 -32.80 -3.57
C GLY P 134 -51.26 -32.52 -2.12
N SER P 135 -50.34 -31.78 -1.49
CA SER P 135 -50.48 -31.46 -0.08
C SER P 135 -51.67 -30.55 0.18
N TRP P 136 -52.03 -29.70 -0.80
CA TRP P 136 -53.17 -28.81 -0.62
C TRP P 136 -54.46 -29.57 -0.39
N GLU P 137 -54.58 -30.78 -0.96
CA GLU P 137 -55.80 -31.56 -0.85
C GLU P 137 -55.82 -32.48 0.37
N ILE P 138 -54.77 -32.50 1.19
CA ILE P 138 -54.75 -33.37 2.36
C ILE P 138 -55.86 -33.03 3.35
N PRO P 139 -56.05 -31.77 3.76
CA PRO P 139 -57.05 -31.50 4.82
C PRO P 139 -58.46 -31.92 4.47
N VAL P 140 -58.90 -31.73 3.22
CA VAL P 140 -60.26 -32.09 2.86
C VAL P 140 -60.43 -33.60 2.83
N ALA P 141 -59.41 -34.33 2.36
CA ALA P 141 -59.48 -35.79 2.37
C ALA P 141 -59.42 -36.33 3.79
N ALA P 142 -58.59 -35.73 4.65
CA ALA P 142 -58.51 -36.17 6.04
C ALA P 142 -59.85 -35.99 6.74
N GLY P 143 -60.63 -34.99 6.34
CA GLY P 143 -61.92 -34.75 6.96
C GLY P 143 -62.93 -35.86 6.70
N GLU P 144 -62.81 -36.56 5.57
CA GLU P 144 -63.72 -37.66 5.28
C GLU P 144 -63.40 -38.88 6.13
N LEU P 145 -62.12 -39.19 6.32
CA LEU P 145 -61.73 -40.33 7.14
C LEU P 145 -62.05 -40.09 8.61
N ALA P 146 -61.77 -38.88 9.11
CA ALA P 146 -61.94 -38.60 10.52
C ALA P 146 -63.39 -38.72 10.96
N ARG P 147 -64.33 -38.56 10.03
CA ARG P 147 -65.75 -38.64 10.37
C ARG P 147 -66.29 -40.07 10.40
N LYS P 148 -65.50 -41.06 9.98
CA LYS P 148 -65.93 -42.45 10.07
C LYS P 148 -65.86 -42.93 11.51
N GLU P 149 -66.84 -43.73 11.90
CA GLU P 149 -66.95 -44.16 13.30
C GLU P 149 -65.90 -45.20 13.65
N ASP P 150 -65.43 -45.98 12.69
CA ASP P 150 -64.52 -47.08 12.94
C ASP P 150 -63.06 -46.72 12.67
N ILE P 151 -62.71 -45.43 12.75
CA ILE P 151 -61.33 -44.97 12.62
C ILE P 151 -60.92 -44.35 13.94
N ASP P 152 -59.77 -44.78 14.47
CA ASP P 152 -59.30 -44.29 15.76
C ASP P 152 -58.35 -43.10 15.63
N ALA P 153 -57.54 -43.05 14.58
CA ALA P 153 -56.61 -41.94 14.38
C ALA P 153 -56.25 -41.86 12.91
N VAL P 154 -55.79 -40.69 12.50
CA VAL P 154 -55.42 -40.40 11.11
C VAL P 154 -53.99 -39.92 11.07
N ILE P 155 -53.26 -40.34 10.03
CA ILE P 155 -51.86 -39.98 9.83
C ILE P 155 -51.75 -39.26 8.50
N ALA P 156 -51.16 -38.06 8.51
CA ALA P 156 -50.99 -37.25 7.31
C ALA P 156 -49.52 -37.22 6.92
N ILE P 157 -49.25 -37.48 5.63
CA ILE P 157 -47.89 -37.62 5.12
C ILE P 157 -47.75 -36.77 3.87
N GLY P 158 -46.64 -36.04 3.77
CA GLY P 158 -46.35 -35.24 2.59
C GLY P 158 -44.95 -34.68 2.68
N VAL P 159 -44.50 -34.12 1.54
CA VAL P 159 -43.17 -33.54 1.44
C VAL P 159 -43.29 -32.21 0.71
N LEU P 160 -42.75 -31.15 1.32
CA LEU P 160 -42.67 -29.83 0.70
C LEU P 160 -41.23 -29.34 0.75
N ILE P 161 -40.73 -28.85 -0.38
CA ILE P 161 -39.36 -28.36 -0.50
C ILE P 161 -39.40 -26.94 -1.05
N ARG P 162 -38.70 -26.03 -0.37
CA ARG P 162 -38.69 -24.63 -0.77
C ARG P 162 -37.95 -24.45 -2.08
N THR Q 3 -43.78 -3.63 -1.99
CA THR Q 3 -44.60 -3.10 -0.91
C THR Q 3 -45.29 -4.25 -0.17
N PRO Q 4 -45.65 -4.03 1.10
CA PRO Q 4 -46.32 -5.09 1.86
C PRO Q 4 -47.74 -5.39 1.40
N HIS Q 5 -48.27 -4.63 0.44
CA HIS Q 5 -49.61 -4.91 -0.08
C HIS Q 5 -49.72 -6.33 -0.60
N PHE Q 6 -48.63 -6.86 -1.17
CA PHE Q 6 -48.65 -8.20 -1.73
C PHE Q 6 -48.96 -9.25 -0.66
N ASP Q 7 -48.35 -9.11 0.51
CA ASP Q 7 -48.46 -10.17 1.51
C ASP Q 7 -49.88 -10.34 2.03
N TYR Q 8 -50.56 -9.23 2.33
CA TYR Q 8 -51.87 -9.32 2.97
C TYR Q 8 -52.92 -9.90 2.02
N ILE Q 9 -52.87 -9.54 0.74
CA ILE Q 9 -53.81 -10.09 -0.22
C ILE Q 9 -53.58 -11.59 -0.39
N ALA Q 10 -52.31 -11.99 -0.51
CA ALA Q 10 -52.00 -13.39 -0.72
C ALA Q 10 -52.43 -14.24 0.47
N SER Q 11 -52.24 -13.74 1.68
CA SER Q 11 -52.60 -14.50 2.88
C SER Q 11 -54.11 -14.72 2.95
N GLU Q 12 -54.89 -13.70 2.62
CA GLU Q 12 -56.34 -13.80 2.77
C GLU Q 12 -56.97 -14.67 1.69
N VAL Q 13 -56.44 -14.62 0.46
CA VAL Q 13 -57.00 -15.43 -0.61
C VAL Q 13 -56.77 -16.92 -0.34
N SER Q 14 -55.55 -17.28 0.07
CA SER Q 14 -55.26 -18.67 0.36
C SER Q 14 -56.06 -19.16 1.56
N LYS Q 15 -56.15 -18.35 2.61
CA LYS Q 15 -56.89 -18.75 3.80
C LYS Q 15 -58.38 -18.90 3.51
N GLY Q 16 -58.93 -17.99 2.71
CA GLY Q 16 -60.36 -18.06 2.41
C GLY Q 16 -60.75 -19.32 1.68
N LEU Q 17 -59.97 -19.69 0.66
CA LEU Q 17 -60.30 -20.88 -0.12
C LEU Q 17 -60.16 -22.15 0.71
N ALA Q 18 -59.16 -22.20 1.58
CA ALA Q 18 -58.95 -23.40 2.39
C ALA Q 18 -60.12 -23.64 3.34
N ASN Q 19 -60.54 -22.60 4.07
CA ASN Q 19 -61.66 -22.75 5.00
C ASN Q 19 -62.93 -23.10 4.25
N LEU Q 20 -63.13 -22.51 3.07
CA LEU Q 20 -64.35 -22.77 2.31
C LEU Q 20 -64.45 -24.25 1.92
N SER Q 21 -63.34 -24.86 1.53
CA SER Q 21 -63.37 -26.26 1.13
C SER Q 21 -63.76 -27.18 2.29
N LEU Q 22 -63.28 -26.86 3.50
CA LEU Q 22 -63.60 -27.69 4.65
C LEU Q 22 -65.05 -27.50 5.08
N GLU Q 23 -65.56 -26.26 5.01
CA GLU Q 23 -66.92 -26.00 5.44
C GLU Q 23 -67.94 -26.69 4.53
N LEU Q 24 -67.76 -26.58 3.22
CA LEU Q 24 -68.69 -27.19 2.27
C LEU Q 24 -68.32 -28.63 1.92
N ARG Q 25 -67.14 -29.10 2.33
CA ARG Q 25 -66.71 -30.47 2.07
C ARG Q 25 -66.73 -30.79 0.59
N LYS Q 26 -66.18 -29.87 -0.21
CA LYS Q 26 -66.08 -30.03 -1.65
C LYS Q 26 -64.67 -29.65 -2.10
N PRO Q 27 -64.12 -30.29 -3.13
CA PRO Q 27 -62.75 -29.96 -3.56
C PRO Q 27 -62.67 -28.57 -4.20
N ILE Q 28 -61.65 -27.81 -3.80
CA ILE Q 28 -61.30 -26.54 -4.41
C ILE Q 28 -59.80 -26.53 -4.61
N THR Q 29 -59.35 -26.23 -5.84
CA THR Q 29 -57.94 -26.31 -6.21
C THR Q 29 -57.34 -24.91 -6.29
N PHE Q 30 -56.07 -24.81 -5.90
CA PHE Q 30 -55.37 -23.52 -5.79
C PHE Q 30 -54.52 -23.32 -7.04
N GLY Q 31 -55.03 -22.52 -7.97
CA GLY Q 31 -54.34 -22.23 -9.21
C GLY Q 31 -53.85 -20.80 -9.31
N VAL Q 32 -53.38 -20.23 -8.20
CA VAL Q 32 -52.96 -18.83 -8.15
C VAL Q 32 -51.44 -18.76 -8.12
N ILE Q 33 -50.87 -17.99 -9.05
CA ILE Q 33 -49.43 -17.78 -9.10
C ILE Q 33 -49.05 -16.67 -8.11
N THR Q 34 -47.99 -16.90 -7.35
CA THR Q 34 -47.44 -15.91 -6.41
C THR Q 34 -45.95 -15.79 -6.70
N ALA Q 35 -45.58 -14.79 -7.48
CA ALA Q 35 -44.22 -14.63 -7.98
C ALA Q 35 -43.59 -13.35 -7.42
N ASP Q 36 -42.26 -13.37 -7.35
CA ASP Q 36 -41.51 -12.19 -6.90
C ASP Q 36 -41.16 -11.24 -8.04
N THR Q 37 -41.11 -11.75 -9.28
CA THR Q 37 -40.72 -10.94 -10.43
C THR Q 37 -41.60 -11.29 -11.62
N LEU Q 38 -41.64 -10.37 -12.59
CA LEU Q 38 -42.43 -10.62 -13.80
C LEU Q 38 -41.90 -11.82 -14.57
N GLU Q 39 -40.57 -11.99 -14.61
CA GLU Q 39 -40.00 -13.12 -15.32
C GLU Q 39 -40.46 -14.44 -14.73
N GLN Q 40 -40.50 -14.54 -13.40
CA GLN Q 40 -40.95 -15.77 -12.77
C GLN Q 40 -42.40 -16.08 -13.13
N ALA Q 41 -43.23 -15.06 -13.34
CA ALA Q 41 -44.63 -15.30 -13.68
C ALA Q 41 -44.79 -15.81 -15.10
N ILE Q 42 -44.04 -15.25 -16.05
CA ILE Q 42 -44.12 -15.71 -17.44
C ILE Q 42 -43.65 -17.16 -17.53
N GLU Q 43 -42.72 -17.55 -16.66
CA GLU Q 43 -42.19 -18.91 -16.69
C GLU Q 43 -43.30 -19.94 -16.46
N ARG Q 44 -44.25 -19.63 -15.58
CA ARG Q 44 -45.27 -20.58 -15.15
C ARG Q 44 -46.60 -20.39 -15.86
N ALA Q 45 -46.69 -19.50 -16.85
CA ALA Q 45 -47.93 -19.18 -17.56
C ALA Q 45 -47.96 -19.75 -18.97
N GLY Q 46 -47.43 -20.95 -19.17
CA GLY Q 46 -47.38 -21.57 -20.48
C GLY Q 46 -46.01 -21.61 -21.10
N THR Q 47 -44.94 -21.52 -20.30
CA THR Q 47 -43.57 -21.51 -20.79
C THR Q 47 -42.73 -22.51 -20.00
N LYS Q 48 -41.40 -22.39 -20.08
CA LYS Q 48 -40.47 -23.46 -19.72
C LYS Q 48 -40.79 -24.18 -18.40
N HIS Q 49 -41.54 -23.58 -17.49
CA HIS Q 49 -41.93 -24.24 -16.26
C HIS Q 49 -43.39 -24.69 -16.27
N GLY Q 50 -44.00 -24.80 -17.45
CA GLY Q 50 -45.34 -25.35 -17.56
C GLY Q 50 -46.43 -24.32 -17.38
N ASN Q 51 -47.65 -24.84 -17.23
CA ASN Q 51 -48.86 -24.03 -17.09
C ASN Q 51 -49.55 -24.42 -15.79
N LYS Q 52 -49.71 -23.46 -14.89
CA LYS Q 52 -50.35 -23.75 -13.61
C LYS Q 52 -51.86 -23.97 -13.77
N GLY Q 53 -52.47 -23.39 -14.81
CA GLY Q 53 -53.88 -23.64 -15.05
C GLY Q 53 -54.15 -25.08 -15.44
N TRP Q 54 -53.26 -25.67 -16.24
CA TRP Q 54 -53.40 -27.08 -16.59
C TRP Q 54 -53.28 -27.96 -15.35
N GLU Q 55 -52.31 -27.67 -14.48
CA GLU Q 55 -52.08 -28.51 -13.31
C GLU Q 55 -53.26 -28.46 -12.36
N ALA Q 56 -53.84 -27.27 -12.16
CA ALA Q 56 -54.98 -27.16 -11.25
C ALA Q 56 -56.18 -27.95 -11.75
N ALA Q 57 -56.42 -27.94 -13.05
CA ALA Q 57 -57.54 -28.72 -13.60
C ALA Q 57 -57.32 -30.21 -13.42
N LEU Q 58 -56.08 -30.68 -13.58
CA LEU Q 58 -55.80 -32.10 -13.42
C LEU Q 58 -56.06 -32.54 -11.98
N SER Q 59 -55.71 -31.71 -11.01
CA SER Q 59 -55.98 -32.04 -9.61
C SER Q 59 -57.48 -32.12 -9.35
N ALA Q 60 -58.26 -31.23 -9.95
CA ALA Q 60 -59.71 -31.24 -9.73
C ALA Q 60 -60.34 -32.52 -10.25
N ILE Q 61 -59.89 -32.99 -11.41
CA ILE Q 61 -60.46 -34.21 -11.99
C ILE Q 61 -60.22 -35.40 -11.07
N GLU Q 62 -58.99 -35.52 -10.55
CA GLU Q 62 -58.67 -36.64 -9.67
C GLU Q 62 -59.49 -36.59 -8.40
N MET Q 63 -59.60 -35.40 -7.78
CA MET Q 63 -60.33 -35.30 -6.53
C MET Q 63 -61.81 -35.62 -6.71
N ALA Q 64 -62.39 -35.21 -7.83
CA ALA Q 64 -63.79 -35.51 -8.08
C ALA Q 64 -64.03 -37.01 -8.16
N ASN Q 65 -63.14 -37.74 -8.84
CA ASN Q 65 -63.28 -39.19 -8.92
C ASN Q 65 -63.04 -39.86 -7.58
N LEU Q 66 -62.10 -39.34 -6.79
CA LEU Q 66 -61.81 -39.92 -5.49
C LEU Q 66 -63.03 -39.82 -4.57
N PHE Q 67 -63.68 -38.65 -4.54
CA PHE Q 67 -64.82 -38.47 -3.65
C PHE Q 67 -66.00 -39.34 -4.10
N LYS Q 68 -66.14 -39.56 -5.40
CA LYS Q 68 -67.18 -40.49 -5.92
C LYS Q 68 -66.87 -41.88 -5.35
N SER Q 69 -65.59 -42.25 -5.21
CA SER Q 69 -65.22 -43.60 -4.75
C SER Q 69 -65.42 -43.75 -3.25
N LEU Q 70 -65.07 -42.73 -2.46
CA LEU Q 70 -65.21 -42.82 -1.01
C LEU Q 70 -66.67 -42.99 -0.61
N ARG Q 71 -67.57 -42.27 -1.27
CA ARG Q 71 -68.98 -42.29 -0.92
C ARG Q 71 -69.74 -43.47 -1.53
N GLY Q 72 -69.06 -44.30 -2.32
CA GLY Q 72 -69.65 -45.51 -2.87
C GLY Q 72 -69.48 -46.70 -1.95
N THR Q 73 -69.58 -47.89 -2.54
CA THR Q 73 -69.46 -49.12 -1.75
C THR Q 73 -68.04 -49.34 -1.26
N GLY Q 74 -67.04 -48.98 -2.06
CA GLY Q 74 -65.66 -49.20 -1.69
C GLY Q 74 -65.17 -50.58 -2.06
N GLY Q 75 -65.88 -51.61 -1.62
CA GLY Q 75 -65.52 -52.97 -1.98
C GLY Q 75 -64.27 -53.46 -1.26
N SER Q 76 -63.67 -54.49 -1.85
CA SER Q 76 -62.46 -55.12 -1.31
C SER Q 76 -62.73 -55.75 0.05
N GLY Q 77 -61.81 -56.58 0.52
CA GLY Q 77 -61.96 -57.23 1.80
C GLY Q 77 -60.77 -58.13 2.09
N SER Q 78 -60.58 -58.42 3.37
CA SER Q 78 -59.49 -59.27 3.85
C SER Q 78 -58.12 -58.72 3.48
N SER Q 79 -58.04 -57.42 3.18
CA SER Q 79 -56.78 -56.80 2.79
C SER Q 79 -56.89 -55.30 2.99
N MET Q 80 -55.75 -54.62 2.87
CA MET Q 80 -55.71 -53.17 3.05
C MET Q 80 -56.54 -52.48 1.98
N GLU Q 81 -57.46 -51.62 2.40
CA GLU Q 81 -58.27 -50.85 1.47
C GLU Q 81 -57.49 -49.64 0.97
N ILE Q 82 -57.47 -49.44 -0.35
CA ILE Q 82 -56.79 -48.33 -0.98
C ILE Q 82 -57.78 -47.58 -1.84
N TYR Q 83 -57.84 -46.26 -1.66
CA TYR Q 83 -58.73 -45.38 -2.43
C TYR Q 83 -57.89 -44.45 -3.29
N GLU Q 84 -58.24 -44.35 -4.57
CA GLU Q 84 -57.54 -43.48 -5.49
C GLU Q 84 -58.49 -43.06 -6.60
N GLY Q 85 -58.12 -41.98 -7.29
CA GLY Q 85 -58.96 -41.40 -8.32
C GLY Q 85 -58.36 -41.56 -9.70
N LYS Q 86 -59.24 -41.85 -10.68
CA LYS Q 86 -58.82 -42.00 -12.07
C LYS Q 86 -58.61 -40.60 -12.64
N LEU Q 87 -58.20 -40.51 -13.90
CA LEU Q 87 -58.04 -39.27 -14.65
C LEU Q 87 -58.94 -39.21 -15.87
N THR Q 88 -60.18 -39.66 -15.74
CA THR Q 88 -61.19 -39.57 -16.78
C THR Q 88 -62.22 -38.53 -16.36
N ALA Q 89 -62.54 -37.61 -17.27
CA ALA Q 89 -63.43 -36.50 -16.98
C ALA Q 89 -64.84 -36.68 -17.54
N GLU Q 90 -65.17 -37.86 -18.04
CA GLU Q 90 -66.48 -38.09 -18.64
C GLU Q 90 -67.57 -37.99 -17.57
N GLY Q 91 -68.54 -37.11 -17.81
CA GLY Q 91 -69.68 -36.96 -16.94
C GLY Q 91 -69.53 -35.96 -15.81
N LEU Q 92 -68.36 -35.34 -15.66
CA LEU Q 92 -68.12 -34.41 -14.57
C LEU Q 92 -68.43 -32.98 -14.99
N ARG Q 93 -68.77 -32.15 -14.00
CA ARG Q 93 -69.14 -30.74 -14.20
C ARG Q 93 -68.25 -29.87 -13.34
N PHE Q 94 -67.69 -28.82 -13.94
CA PHE Q 94 -66.66 -28.00 -13.31
C PHE Q 94 -67.04 -26.53 -13.35
N GLY Q 95 -66.60 -25.80 -12.33
CA GLY Q 95 -66.71 -24.34 -12.29
C GLY Q 95 -65.32 -23.72 -12.18
N ILE Q 96 -65.16 -22.55 -12.81
CA ILE Q 96 -63.90 -21.83 -12.85
C ILE Q 96 -64.15 -20.39 -12.43
N VAL Q 97 -63.30 -19.87 -11.55
CA VAL Q 97 -63.30 -18.47 -11.13
C VAL Q 97 -61.95 -17.87 -11.49
N ALA Q 98 -61.96 -16.79 -12.26
CA ALA Q 98 -60.76 -16.16 -12.76
C ALA Q 98 -60.81 -14.66 -12.54
N SER Q 99 -59.66 -14.06 -12.24
CA SER Q 99 -59.57 -12.63 -12.02
C SER Q 99 -59.13 -11.91 -13.29
N ARG Q 100 -59.38 -10.60 -13.34
CA ARG Q 100 -59.08 -9.79 -14.51
C ARG Q 100 -57.75 -9.04 -14.43
N PHE Q 101 -57.14 -8.94 -13.26
CA PHE Q 101 -55.87 -8.23 -13.14
C PHE Q 101 -54.75 -9.08 -13.71
N ASN Q 102 -53.81 -8.43 -14.40
CA ASN Q 102 -52.77 -9.14 -15.17
C ASN Q 102 -53.40 -10.09 -16.18
N HIS Q 103 -54.37 -9.59 -16.95
CA HIS Q 103 -55.13 -10.46 -17.84
C HIS Q 103 -54.26 -11.03 -18.96
N ALA Q 104 -53.14 -10.38 -19.28
CA ALA Q 104 -52.26 -10.92 -20.31
C ALA Q 104 -51.75 -12.30 -19.93
N LEU Q 105 -51.62 -12.59 -18.64
CA LEU Q 105 -51.17 -13.88 -18.16
C LEU Q 105 -52.35 -14.79 -17.77
N VAL Q 106 -53.40 -14.21 -17.19
CA VAL Q 106 -54.50 -15.01 -16.68
C VAL Q 106 -55.20 -15.76 -17.81
N ASP Q 107 -55.37 -15.10 -18.96
CA ASP Q 107 -56.05 -15.75 -20.08
C ASP Q 107 -55.27 -16.95 -20.61
N ARG Q 108 -53.96 -17.00 -20.40
CA ARG Q 108 -53.21 -18.20 -20.75
C ARG Q 108 -53.54 -19.34 -19.80
N LEU Q 109 -53.76 -19.04 -18.52
CA LEU Q 109 -54.07 -20.09 -17.55
C LEU Q 109 -55.46 -20.66 -17.79
N VAL Q 110 -56.42 -19.81 -18.15
CA VAL Q 110 -57.78 -20.28 -18.39
C VAL Q 110 -57.82 -21.18 -19.61
N GLU Q 111 -57.03 -20.86 -20.64
CA GLU Q 111 -56.97 -21.72 -21.82
C GLU Q 111 -56.46 -23.10 -21.46
N GLY Q 112 -55.43 -23.18 -20.62
CA GLY Q 112 -54.89 -24.47 -20.23
C GLY Q 112 -55.90 -25.31 -19.47
N ALA Q 113 -56.65 -24.70 -18.56
CA ALA Q 113 -57.63 -25.44 -17.78
C ALA Q 113 -58.71 -26.05 -18.67
N ILE Q 114 -59.18 -25.28 -19.65
CA ILE Q 114 -60.22 -25.79 -20.55
C ILE Q 114 -59.66 -26.89 -21.44
N ASP Q 115 -58.42 -26.73 -21.90
CA ASP Q 115 -57.81 -27.74 -22.75
C ASP Q 115 -57.67 -29.07 -22.03
N CYS Q 116 -57.27 -29.03 -20.75
CA CYS Q 116 -57.11 -30.26 -19.98
C CYS Q 116 -58.43 -31.01 -19.86
N ILE Q 117 -59.51 -30.30 -19.55
CA ILE Q 117 -60.79 -30.96 -19.32
C ILE Q 117 -61.30 -31.62 -20.59
N VAL Q 118 -61.17 -30.94 -21.73
CA VAL Q 118 -61.76 -31.43 -22.96
C VAL Q 118 -61.02 -32.68 -23.46
N ARG Q 119 -59.70 -32.67 -23.40
CA ARG Q 119 -58.94 -33.79 -23.95
C ARG Q 119 -58.91 -35.00 -23.04
N HIS Q 120 -59.34 -34.86 -21.78
CA HIS Q 120 -59.54 -36.00 -20.89
C HIS Q 120 -60.95 -36.56 -20.95
N GLY Q 121 -61.81 -36.02 -21.81
CA GLY Q 121 -63.13 -36.57 -22.03
C GLY Q 121 -64.30 -35.73 -21.57
N GLY Q 122 -64.06 -34.48 -21.17
CA GLY Q 122 -65.15 -33.62 -20.74
C GLY Q 122 -65.75 -32.83 -21.89
N ARG Q 123 -66.85 -32.15 -21.56
CA ARG Q 123 -67.57 -31.30 -22.51
C ARG Q 123 -67.47 -29.84 -22.10
N GLU Q 124 -67.36 -28.95 -23.09
CA GLU Q 124 -67.38 -27.52 -22.79
C GLU Q 124 -68.74 -27.09 -22.24
N GLU Q 125 -69.80 -27.81 -22.59
CA GLU Q 125 -71.13 -27.48 -22.07
C GLU Q 125 -71.23 -27.64 -20.56
N ASP Q 126 -70.32 -28.40 -19.95
CA ASP Q 126 -70.35 -28.69 -18.52
C ASP Q 126 -69.43 -27.77 -17.73
N ILE Q 127 -68.92 -26.70 -18.33
CA ILE Q 127 -68.00 -25.78 -17.68
C ILE Q 127 -68.71 -24.44 -17.47
N THR Q 128 -68.66 -23.93 -16.25
CA THR Q 128 -69.21 -22.61 -15.90
C THR Q 128 -68.05 -21.71 -15.52
N LEU Q 129 -67.96 -20.55 -16.17
CA LEU Q 129 -66.85 -19.62 -15.98
C LEU Q 129 -67.38 -18.32 -15.41
N VAL Q 130 -66.79 -17.88 -14.29
CA VAL Q 130 -67.16 -16.63 -13.62
C VAL Q 130 -65.90 -15.77 -13.53
N ARG Q 131 -66.03 -14.48 -13.88
CA ARG Q 131 -64.92 -13.55 -13.87
C ARG Q 131 -65.15 -12.48 -12.81
N VAL Q 132 -64.09 -12.15 -12.07
CA VAL Q 132 -64.16 -11.16 -10.99
C VAL Q 132 -63.07 -10.12 -11.21
N PRO Q 133 -63.22 -8.90 -10.66
CA PRO Q 133 -62.23 -7.84 -10.95
C PRO Q 133 -60.85 -8.08 -10.37
N GLY Q 134 -60.71 -8.88 -9.31
CA GLY Q 134 -59.41 -9.05 -8.69
C GLY Q 134 -59.35 -10.29 -7.84
N SER Q 135 -58.13 -10.60 -7.37
CA SER Q 135 -57.93 -11.80 -6.56
C SER Q 135 -58.66 -11.71 -5.23
N TRP Q 136 -58.81 -10.50 -4.69
CA TRP Q 136 -59.50 -10.34 -3.41
C TRP Q 136 -60.94 -10.84 -3.48
N GLU Q 137 -61.57 -10.76 -4.65
CA GLU Q 137 -62.97 -11.15 -4.80
C GLU Q 137 -63.14 -12.63 -5.16
N ILE Q 138 -62.06 -13.39 -5.32
CA ILE Q 138 -62.20 -14.80 -5.68
C ILE Q 138 -62.93 -15.60 -4.61
N PRO Q 139 -62.58 -15.52 -3.32
CA PRO Q 139 -63.24 -16.41 -2.34
C PRO Q 139 -64.74 -16.24 -2.25
N VAL Q 140 -65.25 -15.00 -2.33
CA VAL Q 140 -66.69 -14.81 -2.22
C VAL Q 140 -67.41 -15.34 -3.45
N ALA Q 141 -66.81 -15.17 -4.64
CA ALA Q 141 -67.41 -15.72 -5.84
C ALA Q 141 -67.34 -17.24 -5.86
N ALA Q 142 -66.23 -17.81 -5.38
CA ALA Q 142 -66.11 -19.27 -5.33
C ALA Q 142 -67.16 -19.86 -4.40
N GLY Q 143 -67.57 -19.12 -3.37
CA GLY Q 143 -68.58 -19.62 -2.45
C GLY Q 143 -69.95 -19.79 -3.08
N GLU Q 144 -70.27 -19.00 -4.11
CA GLU Q 144 -71.56 -19.14 -4.77
C GLU Q 144 -71.58 -20.38 -5.67
N LEU Q 145 -70.49 -20.66 -6.38
CA LEU Q 145 -70.44 -21.84 -7.22
C LEU Q 145 -70.41 -23.12 -6.40
N ALA Q 146 -69.64 -23.13 -5.32
CA ALA Q 146 -69.48 -24.34 -4.53
C ALA Q 146 -70.78 -24.80 -3.90
N ARG Q 147 -71.73 -23.89 -3.71
CA ARG Q 147 -73.01 -24.25 -3.10
C ARG Q 147 -74.02 -24.79 -4.10
N LYS Q 148 -73.73 -24.76 -5.39
CA LYS Q 148 -74.62 -25.36 -6.37
C LYS Q 148 -74.52 -26.87 -6.34
N GLU Q 149 -75.66 -27.54 -6.49
CA GLU Q 149 -75.71 -28.99 -6.34
C GLU Q 149 -75.08 -29.71 -7.53
N ASP Q 150 -75.07 -29.09 -8.71
CA ASP Q 150 -74.60 -29.73 -9.94
C ASP Q 150 -73.18 -29.34 -10.30
N ILE Q 151 -72.37 -28.94 -9.32
CA ILE Q 151 -70.96 -28.64 -9.51
C ILE Q 151 -70.15 -29.64 -8.70
N ASP Q 152 -69.18 -30.29 -9.35
CA ASP Q 152 -68.36 -31.30 -8.69
C ASP Q 152 -67.08 -30.73 -8.09
N ALA Q 153 -66.47 -29.73 -8.72
CA ALA Q 153 -65.24 -29.14 -8.22
C ALA Q 153 -65.10 -27.74 -8.79
N VAL Q 154 -64.30 -26.92 -8.11
CA VAL Q 154 -64.07 -25.53 -8.48
C VAL Q 154 -62.58 -25.29 -8.65
N ILE Q 155 -62.24 -24.49 -9.65
CA ILE Q 155 -60.85 -24.16 -9.97
C ILE Q 155 -60.69 -22.65 -9.85
N ALA Q 156 -59.70 -22.22 -9.06
CA ALA Q 156 -59.43 -20.80 -8.82
C ALA Q 156 -58.13 -20.42 -9.53
N ILE Q 157 -58.17 -19.33 -10.28
CA ILE Q 157 -57.05 -18.89 -11.11
C ILE Q 157 -56.80 -17.41 -10.87
N GLY Q 158 -55.53 -17.04 -10.72
CA GLY Q 158 -55.15 -15.65 -10.55
C GLY Q 158 -53.65 -15.52 -10.60
N VAL Q 159 -53.19 -14.27 -10.69
CA VAL Q 159 -51.77 -13.94 -10.76
C VAL Q 159 -51.50 -12.77 -9.82
N LEU Q 160 -50.52 -12.94 -8.92
CA LEU Q 160 -50.06 -11.89 -8.04
C LEU Q 160 -48.54 -11.74 -8.17
N ILE Q 161 -48.08 -10.51 -8.34
CA ILE Q 161 -46.66 -10.21 -8.51
C ILE Q 161 -46.25 -9.18 -7.47
N ARG Q 162 -45.17 -9.47 -6.74
CA ARG Q 162 -44.71 -8.59 -5.68
C ARG Q 162 -44.16 -7.29 -6.26
N THR R 3 -41.76 0.31 13.83
CA THR R 3 -42.14 -0.51 14.96
C THR R 3 -43.10 -1.62 14.52
N PRO R 4 -43.15 -2.72 15.27
CA PRO R 4 -44.04 -3.83 14.88
C PRO R 4 -45.52 -3.51 15.04
N HIS R 5 -45.88 -2.35 15.58
CA HIS R 5 -47.28 -1.98 15.71
C HIS R 5 -47.99 -2.01 14.36
N PHE R 6 -47.27 -1.67 13.29
CA PHE R 6 -47.88 -1.64 11.96
C PHE R 6 -48.38 -3.02 11.55
N ASP R 7 -47.59 -4.06 11.82
CA ASP R 7 -47.93 -5.39 11.29
C ASP R 7 -49.22 -5.93 11.89
N TYR R 8 -49.38 -5.81 13.21
CA TYR R 8 -50.52 -6.45 13.86
C TYR R 8 -51.84 -5.79 13.47
N ILE R 9 -51.86 -4.46 13.33
CA ILE R 9 -53.08 -3.78 12.92
C ILE R 9 -53.43 -4.16 11.50
N ALA R 10 -52.44 -4.19 10.60
CA ALA R 10 -52.71 -4.51 9.21
C ALA R 10 -53.23 -5.94 9.05
N SER R 11 -52.68 -6.88 9.82
CA SER R 11 -53.12 -8.26 9.71
C SER R 11 -54.57 -8.42 10.15
N GLU R 12 -54.97 -7.74 11.22
CA GLU R 12 -56.31 -7.94 11.77
C GLU R 12 -57.37 -7.26 10.91
N VAL R 13 -57.05 -6.09 10.33
CA VAL R 13 -58.03 -5.39 9.51
C VAL R 13 -58.33 -6.19 8.25
N SER R 14 -57.28 -6.69 7.58
CA SER R 14 -57.49 -7.48 6.37
C SER R 14 -58.22 -8.77 6.68
N LYS R 15 -57.84 -9.45 7.76
CA LYS R 15 -58.48 -10.71 8.11
C LYS R 15 -59.94 -10.51 8.47
N GLY R 16 -60.25 -9.43 9.21
CA GLY R 16 -61.62 -9.20 9.63
C GLY R 16 -62.56 -8.97 8.46
N LEU R 17 -62.14 -8.16 7.49
CA LEU R 17 -63.00 -7.87 6.35
C LEU R 17 -63.22 -9.10 5.49
N ALA R 18 -62.19 -9.94 5.33
CA ALA R 18 -62.30 -11.12 4.49
C ALA R 18 -63.32 -12.11 5.08
N ASN R 19 -63.20 -12.40 6.37
CA ASN R 19 -64.14 -13.32 7.00
C ASN R 19 -65.56 -12.78 6.97
N LEU R 20 -65.71 -11.47 7.15
CA LEU R 20 -67.04 -10.86 7.16
C LEU R 20 -67.74 -11.04 5.82
N SER R 21 -67.00 -10.90 4.71
CA SER R 21 -67.62 -11.04 3.40
C SER R 21 -68.12 -12.45 3.16
N LEU R 22 -67.38 -13.46 3.64
CA LEU R 22 -67.81 -14.84 3.45
C LEU R 22 -69.00 -15.18 4.34
N GLU R 23 -69.02 -14.66 5.57
CA GLU R 23 -70.11 -14.98 6.49
C GLU R 23 -71.44 -14.39 6.01
N LEU R 24 -71.44 -13.13 5.59
CA LEU R 24 -72.65 -12.48 5.12
C LEU R 24 -72.90 -12.67 3.63
N ARG R 25 -71.92 -13.22 2.89
CA ARG R 25 -72.09 -13.49 1.47
C ARG R 25 -72.45 -12.21 0.70
N LYS R 26 -71.73 -11.14 0.99
CA LYS R 26 -71.92 -9.85 0.34
C LYS R 26 -70.55 -9.29 -0.04
N PRO R 27 -70.45 -8.56 -1.16
CA PRO R 27 -69.13 -8.02 -1.57
C PRO R 27 -68.64 -6.93 -0.63
N ILE R 28 -67.37 -7.01 -0.25
CA ILE R 28 -66.67 -5.97 0.48
C ILE R 28 -65.32 -5.77 -0.18
N THR R 29 -64.98 -4.52 -0.50
CA THR R 29 -63.78 -4.18 -1.25
C THR R 29 -62.72 -3.59 -0.34
N PHE R 30 -61.46 -3.92 -0.62
CA PHE R 30 -60.32 -3.54 0.23
C PHE R 30 -59.67 -2.29 -0.36
N GLY R 31 -59.98 -1.14 0.23
CA GLY R 31 -59.42 0.12 -0.22
C GLY R 31 -58.46 0.75 0.76
N VAL R 32 -57.65 -0.07 1.43
CA VAL R 32 -56.74 0.40 2.47
C VAL R 32 -55.32 0.41 1.94
N ILE R 33 -54.65 1.55 2.06
CA ILE R 33 -53.26 1.69 1.65
C ILE R 33 -52.36 1.18 2.77
N THR R 34 -51.35 0.40 2.39
CA THR R 34 -50.35 -0.11 3.33
C THR R 34 -48.97 0.21 2.75
N ALA R 35 -48.38 1.31 3.19
CA ALA R 35 -47.15 1.84 2.62
C ALA R 35 -46.02 1.79 3.64
N ASP R 36 -44.79 1.74 3.13
CA ASP R 36 -43.60 1.76 3.97
C ASP R 36 -43.11 3.17 4.25
N THR R 37 -43.43 4.14 3.40
CA THR R 37 -42.95 5.51 3.55
C THR R 37 -44.08 6.47 3.21
N LEU R 38 -43.93 7.71 3.68
CA LEU R 38 -44.92 8.74 3.38
C LEU R 38 -44.99 9.02 1.89
N GLU R 39 -43.85 9.00 1.21
CA GLU R 39 -43.85 9.26 -0.24
C GLU R 39 -44.67 8.23 -0.98
N GLN R 40 -44.54 6.95 -0.60
CA GLN R 40 -45.32 5.90 -1.25
C GLN R 40 -46.82 6.11 -1.08
N ALA R 41 -47.23 6.68 0.06
CA ALA R 41 -48.65 6.89 0.32
C ALA R 41 -49.21 8.03 -0.54
N ILE R 42 -48.45 9.12 -0.67
CA ILE R 42 -48.91 10.24 -1.50
C ILE R 42 -49.02 9.80 -2.95
N GLU R 43 -48.19 8.85 -3.37
CA GLU R 43 -48.22 8.38 -4.75
C GLU R 43 -49.57 7.78 -5.12
N ARG R 44 -50.20 7.08 -4.17
CA ARG R 44 -51.42 6.32 -4.43
C ARG R 44 -52.68 7.04 -3.97
N ALA R 45 -52.57 8.29 -3.51
CA ALA R 45 -53.70 9.05 -2.98
C ALA R 45 -54.16 10.16 -3.92
N GLY R 46 -54.15 9.90 -5.22
CA GLY R 46 -54.53 10.89 -6.21
C GLY R 46 -53.38 11.47 -7.00
N THR R 47 -52.26 10.77 -7.08
CA THR R 47 -51.07 11.23 -7.78
C THR R 47 -50.55 10.14 -8.72
N LYS R 48 -49.30 10.26 -9.16
CA LYS R 48 -48.78 9.55 -10.33
C LYS R 48 -49.14 8.07 -10.38
N HIS R 49 -49.46 7.42 -9.26
CA HIS R 49 -49.89 6.03 -9.26
C HIS R 49 -51.39 5.86 -9.06
N GLY R 50 -52.16 6.92 -9.31
CA GLY R 50 -53.62 6.81 -9.29
C GLY R 50 -54.21 7.01 -7.91
N ASN R 51 -55.49 6.68 -7.80
CA ASN R 51 -56.28 6.83 -6.59
C ASN R 51 -56.86 5.47 -6.21
N LYS R 52 -56.51 4.98 -5.02
CA LYS R 52 -57.02 3.69 -4.59
C LYS R 52 -58.49 3.75 -4.23
N GLY R 53 -58.99 4.92 -3.84
CA GLY R 53 -60.42 5.05 -3.57
C GLY R 53 -61.26 4.88 -4.82
N TRP R 54 -60.79 5.41 -5.94
CA TRP R 54 -61.49 5.22 -7.21
C TRP R 54 -61.52 3.74 -7.59
N GLU R 55 -60.39 3.05 -7.44
CA GLU R 55 -60.32 1.66 -7.85
C GLU R 55 -61.23 0.77 -7.02
N ALA R 56 -61.30 1.01 -5.71
CA ALA R 56 -62.15 0.21 -4.85
C ALA R 56 -63.62 0.37 -5.21
N ALA R 57 -64.04 1.59 -5.55
CA ALA R 57 -65.43 1.81 -5.94
C ALA R 57 -65.76 1.08 -7.25
N LEU R 58 -64.82 1.08 -8.19
CA LEU R 58 -65.07 0.41 -9.47
C LEU R 58 -65.24 -1.09 -9.27
N SER R 59 -64.47 -1.69 -8.37
CA SER R 59 -64.62 -3.11 -8.07
C SER R 59 -65.99 -3.40 -7.46
N ALA R 60 -66.46 -2.52 -6.57
CA ALA R 60 -67.75 -2.74 -5.93
C ALA R 60 -68.89 -2.73 -6.96
N ILE R 61 -68.84 -1.82 -7.92
CA ILE R 61 -69.90 -1.73 -8.92
C ILE R 61 -69.98 -3.02 -9.73
N GLU R 62 -68.81 -3.53 -10.16
CA GLU R 62 -68.80 -4.76 -10.94
C GLU R 62 -69.34 -5.95 -10.15
N MET R 63 -68.91 -6.08 -8.89
CA MET R 63 -69.34 -7.22 -8.08
C MET R 63 -70.84 -7.18 -7.83
N ALA R 64 -71.40 -5.98 -7.62
CA ALA R 64 -72.84 -5.87 -7.40
C ALA R 64 -73.62 -6.35 -8.61
N ASN R 65 -73.18 -5.98 -9.81
CA ASN R 65 -73.85 -6.43 -11.02
C ASN R 65 -73.68 -7.93 -11.23
N LEU R 66 -72.50 -8.46 -10.90
CA LEU R 66 -72.26 -9.89 -11.08
C LEU R 66 -73.19 -10.71 -10.20
N PHE R 67 -73.35 -10.32 -8.94
CA PHE R 67 -74.20 -11.08 -8.02
C PHE R 67 -75.66 -10.99 -8.45
N LYS R 68 -76.07 -9.86 -9.02
CA LYS R 68 -77.45 -9.73 -9.56
C LYS R 68 -77.59 -10.77 -10.69
N SER R 69 -76.53 -11.03 -11.47
CA SER R 69 -76.63 -11.94 -12.61
C SER R 69 -76.62 -13.40 -12.16
N LEU R 70 -75.81 -13.75 -11.17
CA LEU R 70 -75.76 -15.14 -10.71
C LEU R 70 -77.09 -15.58 -10.14
N ARG R 71 -77.76 -14.71 -9.38
CA ARG R 71 -79.00 -15.06 -8.72
C ARG R 71 -80.21 -14.93 -9.62
N GLY R 72 -80.03 -14.49 -10.86
CA GLY R 72 -81.10 -14.43 -11.83
C GLY R 72 -81.24 -15.72 -12.61
N THR R 73 -81.87 -15.60 -13.79
CA THR R 73 -82.10 -16.78 -14.62
C THR R 73 -80.81 -17.32 -15.22
N GLY R 74 -79.87 -16.43 -15.57
CA GLY R 74 -78.63 -16.85 -16.19
C GLY R 74 -78.74 -17.01 -17.70
N GLY R 75 -79.72 -17.80 -18.15
CA GLY R 75 -79.95 -17.96 -19.57
C GLY R 75 -78.87 -18.80 -20.24
N SER R 76 -78.79 -18.63 -21.57
CA SER R 76 -77.84 -19.36 -22.41
C SER R 76 -78.11 -20.86 -22.38
N GLY R 77 -77.49 -21.58 -23.30
CA GLY R 77 -77.68 -23.02 -23.37
C GLY R 77 -76.88 -23.60 -24.51
N SER R 78 -76.62 -24.90 -24.40
CA SER R 78 -75.87 -25.65 -25.40
C SER R 78 -74.46 -25.10 -25.61
N SER R 79 -73.94 -24.35 -24.64
CA SER R 79 -72.62 -23.75 -24.75
C SER R 79 -72.15 -23.38 -23.36
N MET R 80 -70.87 -23.01 -23.27
CA MET R 80 -70.26 -22.65 -22.00
C MET R 80 -70.93 -21.40 -21.42
N GLU R 81 -71.39 -21.49 -20.18
CA GLU R 81 -71.99 -20.34 -19.51
C GLU R 81 -70.90 -19.43 -18.96
N ILE R 82 -71.02 -18.13 -19.23
CA ILE R 82 -70.07 -17.13 -18.78
C ILE R 82 -70.85 -16.05 -18.01
N TYR R 83 -70.38 -15.74 -16.81
CA TYR R 83 -70.98 -14.72 -15.96
C TYR R 83 -70.00 -13.57 -15.79
N GLU R 84 -70.48 -12.34 -16.00
CA GLU R 84 -69.66 -11.15 -15.84
C GLU R 84 -70.54 -9.98 -15.47
N GLY R 85 -69.90 -8.94 -14.92
CA GLY R 85 -70.62 -7.77 -14.43
C GLY R 85 -70.34 -6.54 -15.27
N LYS R 86 -71.40 -5.75 -15.49
CA LYS R 86 -71.29 -4.50 -16.26
C LYS R 86 -70.68 -3.46 -15.35
N LEU R 87 -70.45 -2.25 -15.85
CA LEU R 87 -69.95 -1.10 -15.09
C LEU R 87 -70.94 0.06 -15.11
N THR R 88 -72.23 -0.25 -14.94
CA THR R 88 -73.28 0.75 -14.80
C THR R 88 -73.79 0.74 -13.37
N ALA R 89 -73.87 1.92 -12.75
CA ALA R 89 -74.23 2.05 -11.34
C ALA R 89 -75.67 2.49 -11.13
N GLU R 90 -76.49 2.52 -12.18
CA GLU R 90 -77.86 2.98 -12.04
C GLU R 90 -78.66 2.03 -11.16
N GLY R 91 -79.27 2.57 -10.10
CA GLY R 91 -80.13 1.80 -9.23
C GLY R 91 -79.44 1.12 -8.06
N LEU R 92 -78.11 1.21 -7.95
CA LEU R 92 -77.39 0.54 -6.88
C LEU R 92 -77.21 1.45 -5.68
N ARG R 93 -77.04 0.84 -4.50
CA ARG R 93 -76.90 1.54 -3.23
C ARG R 93 -75.63 1.06 -2.54
N PHE R 94 -74.81 2.01 -2.08
CA PHE R 94 -73.48 1.74 -1.58
C PHE R 94 -73.28 2.31 -0.19
N GLY R 95 -72.46 1.63 0.61
CA GLY R 95 -72.01 2.14 1.90
C GLY R 95 -70.50 2.27 1.92
N ILE R 96 -70.01 3.29 2.64
CA ILE R 96 -68.59 3.58 2.73
C ILE R 96 -68.22 3.73 4.21
N VAL R 97 -67.12 3.10 4.59
CA VAL R 97 -66.55 3.23 5.93
C VAL R 97 -65.14 3.78 5.79
N ALA R 98 -64.87 4.91 6.45
CA ALA R 98 -63.60 5.61 6.34
C ALA R 98 -63.06 5.96 7.72
N SER R 99 -61.74 5.90 7.87
CA SER R 99 -61.10 6.23 9.13
C SER R 99 -60.62 7.68 9.13
N ARG R 100 -60.37 8.19 10.34
CA ARG R 100 -59.98 9.59 10.53
C ARG R 100 -58.47 9.79 10.65
N PHE R 101 -57.69 8.75 10.89
CA PHE R 101 -56.25 8.91 11.03
C PHE R 101 -55.62 9.13 9.66
N ASN R 102 -54.63 10.02 9.60
CA ASN R 102 -54.05 10.48 8.34
C ASN R 102 -55.14 11.07 7.44
N HIS R 103 -55.96 11.96 7.99
CA HIS R 103 -57.11 12.47 7.25
C HIS R 103 -56.70 13.31 6.05
N ALA R 104 -55.48 13.84 6.05
CA ALA R 104 -55.03 14.62 4.89
C ALA R 104 -55.01 13.76 3.63
N LEU R 105 -54.80 12.45 3.77
CA LEU R 105 -54.81 11.53 2.64
C LEU R 105 -56.15 10.83 2.48
N VAL R 106 -56.81 10.50 3.58
CA VAL R 106 -58.05 9.72 3.50
C VAL R 106 -59.13 10.49 2.78
N ASP R 107 -59.23 11.81 3.02
CA ASP R 107 -60.26 12.60 2.37
C ASP R 107 -60.08 12.65 0.85
N ARG R 108 -58.85 12.46 0.35
CA ARG R 108 -58.66 12.35 -1.09
C ARG R 108 -59.24 11.04 -1.61
N LEU R 109 -59.14 9.96 -0.84
CA LEU R 109 -59.66 8.67 -1.30
C LEU R 109 -61.18 8.67 -1.29
N VAL R 110 -61.81 9.32 -0.30
CA VAL R 110 -63.26 9.36 -0.24
C VAL R 110 -63.82 10.16 -1.41
N GLU R 111 -63.14 11.24 -1.80
CA GLU R 111 -63.58 12.03 -2.94
C GLU R 111 -63.56 11.18 -4.21
N GLY R 112 -62.52 10.38 -4.40
CA GLY R 112 -62.45 9.54 -5.58
C GLY R 112 -63.57 8.53 -5.66
N ALA R 113 -63.89 7.90 -4.52
CA ALA R 113 -64.94 6.89 -4.51
C ALA R 113 -66.29 7.49 -4.88
N ILE R 114 -66.60 8.68 -4.37
CA ILE R 114 -67.87 9.32 -4.69
C ILE R 114 -67.89 9.75 -6.15
N ASP R 115 -66.77 10.25 -6.66
CA ASP R 115 -66.72 10.67 -8.06
C ASP R 115 -66.97 9.51 -9.00
N CYS R 116 -66.40 8.34 -8.70
CA CYS R 116 -66.58 7.18 -9.56
C CYS R 116 -68.05 6.77 -9.63
N ILE R 117 -68.73 6.74 -8.50
CA ILE R 117 -70.12 6.27 -8.47
C ILE R 117 -71.02 7.22 -9.25
N VAL R 118 -70.82 8.53 -9.09
CA VAL R 118 -71.74 9.48 -9.70
C VAL R 118 -71.60 9.49 -11.21
N ARG R 119 -70.37 9.45 -11.73
CA ARG R 119 -70.17 9.57 -13.17
C ARG R 119 -70.46 8.26 -13.91
N HIS R 120 -70.60 7.15 -13.19
CA HIS R 120 -71.07 5.90 -13.79
C HIS R 120 -72.59 5.73 -13.72
N GLY R 121 -73.31 6.73 -13.21
CA GLY R 121 -74.76 6.72 -13.23
C GLY R 121 -75.44 6.60 -11.88
N GLY R 122 -74.70 6.68 -10.77
CA GLY R 122 -75.31 6.59 -9.47
C GLY R 122 -75.76 7.93 -8.93
N ARG R 123 -76.46 7.89 -7.80
CA ARG R 123 -76.93 9.08 -7.11
C ARG R 123 -76.25 9.22 -5.76
N GLU R 124 -75.97 10.48 -5.38
CA GLU R 124 -75.42 10.73 -4.05
C GLU R 124 -76.41 10.37 -2.95
N GLU R 125 -77.71 10.41 -3.26
CA GLU R 125 -78.72 10.05 -2.27
C GLU R 125 -78.65 8.57 -1.87
N ASP R 126 -77.99 7.74 -2.68
CA ASP R 126 -77.91 6.31 -2.43
C ASP R 126 -76.61 5.90 -1.75
N ILE R 127 -75.84 6.86 -1.24
CA ILE R 127 -74.56 6.60 -0.60
C ILE R 127 -74.68 6.90 0.89
N THR R 128 -74.26 5.95 1.71
CA THR R 128 -74.21 6.10 3.17
C THR R 128 -72.76 6.08 3.61
N LEU R 129 -72.35 7.12 4.34
CA LEU R 129 -70.96 7.29 4.75
C LEU R 129 -70.88 7.24 6.27
N VAL R 130 -70.00 6.36 6.78
CA VAL R 130 -69.77 6.19 8.21
C VAL R 130 -68.29 6.43 8.48
N ARG R 131 -67.99 7.23 9.51
CA ARG R 131 -66.62 7.58 9.87
C ARG R 131 -66.27 6.97 11.23
N VAL R 132 -65.07 6.41 11.33
CA VAL R 132 -64.60 5.77 12.55
C VAL R 132 -63.24 6.37 12.94
N PRO R 133 -62.85 6.30 14.22
CA PRO R 133 -61.60 6.97 14.63
C PRO R 133 -60.33 6.35 14.07
N GLY R 134 -60.34 5.08 13.69
CA GLY R 134 -59.11 4.44 13.22
C GLY R 134 -59.39 3.19 12.42
N SER R 135 -58.33 2.66 11.83
CA SER R 135 -58.45 1.46 11.00
C SER R 135 -58.88 0.26 11.81
N TRP R 136 -58.49 0.20 13.09
CA TRP R 136 -58.86 -0.94 13.93
C TRP R 136 -60.38 -1.07 14.05
N GLU R 137 -61.11 0.04 13.99
CA GLU R 137 -62.56 0.03 14.15
C GLU R 137 -63.32 -0.18 12.86
N ILE R 138 -62.63 -0.31 11.72
CA ILE R 138 -63.33 -0.49 10.45
C ILE R 138 -64.14 -1.78 10.41
N PRO R 139 -63.59 -2.94 10.76
CA PRO R 139 -64.37 -4.19 10.60
C PRO R 139 -65.67 -4.21 11.38
N VAL R 140 -65.70 -3.71 12.60
CA VAL R 140 -66.93 -3.75 13.39
C VAL R 140 -67.97 -2.79 12.81
N ALA R 141 -67.54 -1.63 12.32
CA ALA R 141 -68.48 -0.70 11.69
C ALA R 141 -68.99 -1.26 10.36
N ALA R 142 -68.10 -1.89 9.58
CA ALA R 142 -68.53 -2.48 8.32
C ALA R 142 -69.57 -3.57 8.53
N GLY R 143 -69.51 -4.26 9.67
CA GLY R 143 -70.48 -5.30 9.97
C GLY R 143 -71.89 -4.78 10.15
N GLU R 144 -72.05 -3.55 10.61
CA GLU R 144 -73.38 -2.99 10.79
C GLU R 144 -74.01 -2.62 9.45
N LEU R 145 -73.21 -2.05 8.53
CA LEU R 145 -73.73 -1.69 7.22
C LEU R 145 -74.05 -2.93 6.39
N ALA R 146 -73.18 -3.93 6.44
CA ALA R 146 -73.37 -5.11 5.59
C ALA R 146 -74.63 -5.87 5.94
N ARG R 147 -75.14 -5.72 7.16
CA ARG R 147 -76.34 -6.43 7.57
C ARG R 147 -77.63 -5.72 7.18
N LYS R 148 -77.55 -4.49 6.66
CA LYS R 148 -78.74 -3.81 6.18
C LYS R 148 -79.20 -4.41 4.86
N GLU R 149 -80.52 -4.50 4.69
CA GLU R 149 -81.08 -5.18 3.52
C GLU R 149 -80.95 -4.32 2.26
N ASP R 150 -80.89 -3.01 2.39
CA ASP R 150 -80.89 -2.10 1.25
C ASP R 150 -79.48 -1.61 0.90
N ILE R 151 -78.45 -2.37 1.24
CA ILE R 151 -77.07 -2.07 0.87
C ILE R 151 -76.58 -3.18 -0.05
N ASP R 152 -76.02 -2.81 -1.19
CA ASP R 152 -75.56 -3.79 -2.17
C ASP R 152 -74.08 -4.12 -2.01
N ALA R 153 -73.25 -3.17 -1.61
CA ALA R 153 -71.82 -3.41 -1.42
C ALA R 153 -71.27 -2.37 -0.47
N VAL R 154 -70.12 -2.69 0.13
CA VAL R 154 -69.46 -1.83 1.11
C VAL R 154 -68.03 -1.58 0.65
N ILE R 155 -67.56 -0.35 0.86
CA ILE R 155 -66.22 0.08 0.49
C ILE R 155 -65.49 0.52 1.74
N ALA R 156 -64.32 -0.05 1.98
CA ALA R 156 -63.50 0.26 3.15
C ALA R 156 -62.27 1.06 2.73
N ILE R 157 -62.02 2.16 3.43
CA ILE R 157 -60.97 3.10 3.08
C ILE R 157 -60.15 3.42 4.32
N GLY R 158 -58.82 3.43 4.17
CA GLY R 158 -57.94 3.78 5.26
C GLY R 158 -56.51 3.89 4.76
N VAL R 159 -55.66 4.43 5.62
CA VAL R 159 -54.24 4.63 5.31
C VAL R 159 -53.41 4.18 6.51
N LEU R 160 -52.44 3.30 6.26
CA LEU R 160 -51.49 2.87 7.28
C LEU R 160 -50.08 3.05 6.74
N ILE R 161 -49.21 3.66 7.56
CA ILE R 161 -47.83 3.94 7.18
C ILE R 161 -46.92 3.35 8.25
N ARG R 162 -45.92 2.58 7.82
CA ARG R 162 -45.00 1.92 8.73
C ARG R 162 -44.12 2.94 9.42
N THR S 3 -36.03 -12.95 21.66
CA THR S 3 -36.52 -14.31 21.50
C THR S 3 -37.86 -14.31 20.78
N PRO S 4 -38.21 -15.41 20.11
CA PRO S 4 -39.49 -15.47 19.40
C PRO S 4 -40.71 -15.50 20.31
N HIS S 5 -40.53 -15.58 21.63
CA HIS S 5 -41.65 -15.58 22.56
C HIS S 5 -42.53 -14.34 22.35
N PHE S 6 -41.90 -13.22 22.01
CA PHE S 6 -42.64 -11.97 21.83
C PHE S 6 -43.68 -12.09 20.71
N ASP S 7 -43.31 -12.72 19.60
CA ASP S 7 -44.18 -12.71 18.42
C ASP S 7 -45.48 -13.48 18.68
N TYR S 8 -45.38 -14.67 19.28
CA TYR S 8 -46.57 -15.52 19.42
C TYR S 8 -47.58 -14.92 20.38
N ILE S 9 -47.12 -14.30 21.47
CA ILE S 9 -48.05 -13.67 22.41
C ILE S 9 -48.74 -12.49 21.75
N ALA S 10 -47.98 -11.67 21.03
CA ALA S 10 -48.55 -10.49 20.39
C ALA S 10 -49.59 -10.87 19.34
N SER S 11 -49.32 -11.93 18.57
CA SER S 11 -50.24 -12.34 17.52
C SER S 11 -51.57 -12.81 18.11
N GLU S 12 -51.51 -13.57 19.21
CA GLU S 12 -52.74 -14.15 19.77
C GLU S 12 -53.59 -13.11 20.49
N VAL S 13 -52.95 -12.14 21.16
CA VAL S 13 -53.71 -11.13 21.87
C VAL S 13 -54.47 -10.25 20.88
N SER S 14 -53.80 -9.81 19.83
CA SER S 14 -54.46 -8.96 18.83
C SER S 14 -55.56 -9.73 18.11
N LYS S 15 -55.30 -10.99 17.75
CA LYS S 15 -56.31 -11.78 17.05
C LYS S 15 -57.52 -12.05 17.94
N GLY S 16 -57.28 -12.34 19.22
CA GLY S 16 -58.39 -12.65 20.11
C GLY S 16 -59.34 -11.49 20.27
N LEU S 17 -58.81 -10.28 20.48
CA LEU S 17 -59.67 -9.12 20.69
C LEU S 17 -60.45 -8.77 19.44
N ALA S 18 -59.83 -8.92 18.26
CA ALA S 18 -60.52 -8.59 17.02
C ALA S 18 -61.71 -9.50 16.78
N ASN S 19 -61.52 -10.81 16.92
CA ASN S 19 -62.63 -11.74 16.71
C ASN S 19 -63.74 -11.51 17.75
N LEU S 20 -63.36 -11.20 18.98
CA LEU S 20 -64.34 -11.00 20.03
C LEU S 20 -65.26 -9.82 19.71
N SER S 21 -64.70 -8.74 19.17
CA SER S 21 -65.51 -7.57 18.86
C SER S 21 -66.54 -7.87 17.77
N LEU S 22 -66.16 -8.68 16.78
CA LEU S 22 -67.09 -9.01 15.71
C LEU S 22 -68.18 -9.97 16.19
N GLU S 23 -67.81 -10.92 17.05
CA GLU S 23 -68.79 -11.90 17.53
C GLU S 23 -69.86 -11.24 18.39
N LEU S 24 -69.46 -10.39 19.33
CA LEU S 24 -70.39 -9.72 20.22
C LEU S 24 -70.92 -8.41 19.65
N ARG S 25 -70.35 -7.92 18.55
CA ARG S 25 -70.81 -6.69 17.90
C ARG S 25 -70.80 -5.52 18.88
N LYS S 26 -69.68 -5.39 19.62
CA LYS S 26 -69.47 -4.31 20.57
C LYS S 26 -68.08 -3.74 20.37
N PRO S 27 -67.88 -2.43 20.58
CA PRO S 27 -66.54 -1.86 20.37
C PRO S 27 -65.55 -2.32 21.42
N ILE S 28 -64.34 -2.69 20.97
CA ILE S 28 -63.22 -2.99 21.83
C ILE S 28 -61.99 -2.29 21.24
N THR S 29 -61.28 -1.52 22.05
CA THR S 29 -60.17 -0.70 21.60
C THR S 29 -58.83 -1.33 22.00
N PHE S 30 -57.84 -1.18 21.12
CA PHE S 30 -56.53 -1.82 21.27
C PHE S 30 -55.56 -0.81 21.87
N GLY S 31 -55.33 -0.93 23.17
CA GLY S 31 -54.42 -0.05 23.88
C GLY S 31 -53.16 -0.74 24.36
N VAL S 32 -52.61 -1.66 23.56
CA VAL S 32 -51.45 -2.46 23.95
C VAL S 32 -50.23 -1.93 23.21
N ILE S 33 -49.18 -1.62 23.96
CA ILE S 33 -47.91 -1.18 23.38
C ILE S 33 -47.10 -2.40 22.96
N THR S 34 -46.53 -2.35 21.76
CA THR S 34 -45.65 -3.39 21.24
C THR S 34 -44.36 -2.72 20.77
N ALA S 35 -43.34 -2.73 21.62
CA ALA S 35 -42.10 -2.00 21.38
C ALA S 35 -40.94 -2.95 21.23
N ASP S 36 -39.91 -2.50 20.51
CA ASP S 36 -38.68 -3.27 20.34
C ASP S 36 -37.66 -3.00 21.44
N THR S 37 -37.73 -1.85 22.11
CA THR S 37 -36.76 -1.50 23.13
C THR S 37 -37.48 -0.82 24.29
N LEU S 38 -36.81 -0.81 25.45
CA LEU S 38 -37.39 -0.16 26.64
C LEU S 38 -37.58 1.32 26.40
N GLU S 39 -36.64 1.97 25.69
CA GLU S 39 -36.76 3.40 25.43
C GLU S 39 -38.02 3.71 24.62
N GLN S 40 -38.31 2.89 23.62
CA GLN S 40 -39.51 3.11 22.81
C GLN S 40 -40.78 3.01 23.65
N ALA S 41 -40.76 2.16 24.69
CA ALA S 41 -41.96 1.99 25.52
C ALA S 41 -42.17 3.21 26.42
N ILE S 42 -41.11 3.73 27.01
CA ILE S 42 -41.23 4.91 27.88
C ILE S 42 -41.72 6.10 27.06
N GLU S 43 -41.37 6.14 25.77
CA GLU S 43 -41.78 7.25 24.93
C GLU S 43 -43.30 7.36 24.83
N ARG S 44 -43.99 6.23 24.80
CA ARG S 44 -45.42 6.19 24.56
C ARG S 44 -46.25 6.01 25.83
N ALA S 45 -45.62 6.05 27.01
CA ALA S 45 -46.29 5.82 28.29
C ALA S 45 -46.43 7.10 29.10
N GLY S 46 -46.72 8.22 28.45
CA GLY S 46 -46.85 9.50 29.11
C GLY S 46 -45.71 10.45 28.88
N THR S 47 -44.95 10.28 27.80
CA THR S 47 -43.80 11.10 27.48
C THR S 47 -43.87 11.57 26.03
N LYS S 48 -42.74 12.05 25.49
CA LYS S 48 -42.72 12.88 24.29
C LYS S 48 -43.59 12.37 23.14
N HIS S 49 -43.96 11.09 23.11
CA HIS S 49 -44.86 10.58 22.08
C HIS S 49 -46.28 10.32 22.61
N GLY S 50 -46.63 10.94 23.73
CA GLY S 50 -47.99 10.86 24.23
C GLY S 50 -48.25 9.66 25.10
N ASN S 51 -49.54 9.43 25.36
CA ASN S 51 -50.01 8.35 26.21
C ASN S 51 -51.00 7.49 25.42
N LYS S 52 -50.68 6.22 25.26
CA LYS S 52 -51.56 5.33 24.50
C LYS S 52 -52.84 5.01 25.27
N GLY S 53 -52.80 5.06 26.60
CA GLY S 53 -54.02 4.86 27.36
C GLY S 53 -55.04 5.95 27.13
N TRP S 54 -54.58 7.20 27.03
CA TRP S 54 -55.49 8.30 26.72
C TRP S 54 -56.12 8.12 25.35
N GLU S 55 -55.32 7.73 24.36
CA GLU S 55 -55.83 7.60 23.00
C GLU S 55 -56.87 6.50 22.89
N ALA S 56 -56.64 5.37 23.57
CA ALA S 56 -57.59 4.27 23.50
C ALA S 56 -58.94 4.65 24.11
N ALA S 57 -58.91 5.41 25.21
CA ALA S 57 -60.17 5.86 25.81
C ALA S 57 -60.93 6.80 24.89
N LEU S 58 -60.22 7.69 24.20
CA LEU S 58 -60.89 8.62 23.30
C LEU S 58 -61.58 7.88 22.15
N SER S 59 -60.95 6.82 21.64
CA SER S 59 -61.57 6.03 20.58
C SER S 59 -62.84 5.34 21.09
N ALA S 60 -62.81 4.84 22.33
CA ALA S 60 -63.98 4.16 22.87
C ALA S 60 -65.18 5.10 23.00
N ILE S 61 -64.94 6.34 23.43
CA ILE S 61 -66.03 7.30 23.59
C ILE S 61 -66.70 7.58 22.24
N GLU S 62 -65.89 7.79 21.21
CA GLU S 62 -66.45 8.07 19.89
C GLU S 62 -67.26 6.89 19.37
N MET S 63 -66.72 5.68 19.49
CA MET S 63 -67.42 4.50 18.97
C MET S 63 -68.74 4.28 19.69
N ALA S 64 -68.78 4.52 21.01
CA ALA S 64 -70.02 4.34 21.75
C ALA S 64 -71.10 5.29 21.25
N ASN S 65 -70.74 6.54 20.98
CA ASN S 65 -71.72 7.50 20.46
C ASN S 65 -72.14 7.15 19.05
N LEU S 66 -71.21 6.65 18.23
CA LEU S 66 -71.54 6.29 16.85
C LEU S 66 -72.57 5.18 16.82
N PHE S 67 -72.37 4.14 17.64
CA PHE S 67 -73.29 3.02 17.64
C PHE S 67 -74.66 3.42 18.15
N LYS S 68 -74.71 4.37 19.09
CA LYS S 68 -76.01 4.92 19.57
C LYS S 68 -76.69 5.57 18.37
N SER S 69 -75.94 6.23 17.46
CA SER S 69 -76.54 6.94 16.34
C SER S 69 -77.02 6.00 15.24
N LEU S 70 -76.25 4.94 14.96
CA LEU S 70 -76.64 4.01 13.90
C LEU S 70 -77.94 3.31 14.25
N ARG S 71 -78.11 2.90 15.51
CA ARG S 71 -79.28 2.16 15.94
C ARG S 71 -80.48 3.04 16.23
N GLY S 72 -80.34 4.36 16.10
CA GLY S 72 -81.45 5.28 16.27
C GLY S 72 -82.17 5.53 14.97
N THR S 73 -82.88 6.66 14.92
CA THR S 73 -83.65 7.00 13.72
C THR S 73 -82.75 7.37 12.55
N GLY S 74 -81.62 8.02 12.82
CA GLY S 74 -80.74 8.46 11.76
C GLY S 74 -81.14 9.80 11.16
N GLY S 75 -82.39 9.92 10.74
CA GLY S 75 -82.87 11.18 10.21
C GLY S 75 -82.30 11.50 8.84
N SER S 76 -82.36 12.80 8.51
CA SER S 76 -81.88 13.32 7.23
C SER S 76 -82.69 12.75 6.06
N GLY S 77 -82.53 13.34 4.90
CA GLY S 77 -83.24 12.87 3.72
C GLY S 77 -82.90 13.74 2.51
N SER S 78 -83.13 13.15 1.34
CA SER S 78 -82.87 13.81 0.06
C SER S 78 -81.40 14.22 -0.10
N SER S 79 -80.51 13.59 0.66
CA SER S 79 -79.09 13.92 0.60
C SER S 79 -78.30 12.75 1.19
N MET S 80 -76.98 12.83 1.03
CA MET S 80 -76.10 11.77 1.52
C MET S 80 -76.16 11.70 3.05
N GLU S 81 -76.43 10.50 3.57
CA GLU S 81 -76.45 10.30 5.01
C GLU S 81 -75.03 10.13 5.53
N ILE S 82 -74.70 10.86 6.61
CA ILE S 82 -73.39 10.81 7.23
C ILE S 82 -73.58 10.49 8.71
N TYR S 83 -72.86 9.48 9.20
CA TYR S 83 -72.90 9.07 10.60
C TYR S 83 -71.55 9.34 11.24
N GLU S 84 -71.56 9.98 12.40
CA GLU S 84 -70.35 10.27 13.14
C GLU S 84 -70.67 10.36 14.62
N GLY S 85 -69.62 10.22 15.44
CA GLY S 85 -69.77 10.19 16.88
C GLY S 85 -69.18 11.43 17.54
N LYS S 86 -69.89 11.92 18.57
CA LYS S 86 -69.44 13.11 19.32
C LYS S 86 -68.35 12.64 20.28
N LEU S 87 -67.79 13.55 21.05
CA LEU S 87 -66.79 13.27 22.08
C LEU S 87 -67.27 13.70 23.47
N THR S 88 -68.53 13.43 23.77
CA THR S 88 -69.10 13.66 25.10
C THR S 88 -69.35 12.31 25.77
N ALA S 89 -68.90 12.18 27.01
CA ALA S 89 -68.96 10.92 27.73
C ALA S 89 -70.08 10.87 28.77
N GLU S 90 -70.99 11.85 28.77
CA GLU S 90 -72.05 11.88 29.76
C GLU S 90 -73.00 10.71 29.56
N GLY S 91 -73.20 9.92 30.62
CA GLY S 91 -74.14 8.82 30.59
C GLY S 91 -73.58 7.49 30.14
N LEU S 92 -72.32 7.42 29.71
CA LEU S 92 -71.74 6.19 29.21
C LEU S 92 -71.05 5.41 30.32
N ARG S 93 -70.95 4.09 30.12
CA ARG S 93 -70.37 3.18 31.09
C ARG S 93 -69.28 2.36 30.41
N PHE S 94 -68.11 2.28 31.05
CA PHE S 94 -66.91 1.73 30.43
C PHE S 94 -66.30 0.64 31.31
N GLY S 95 -65.68 -0.35 30.66
CA GLY S 95 -64.89 -1.36 31.35
C GLY S 95 -63.44 -1.32 30.86
N ILE S 96 -62.52 -1.61 31.78
CA ILE S 96 -61.09 -1.58 31.50
C ILE S 96 -60.47 -2.90 31.96
N VAL S 97 -59.64 -3.49 31.11
CA VAL S 97 -58.86 -4.68 31.45
C VAL S 97 -57.38 -4.33 31.31
N ALA S 98 -56.63 -4.54 32.39
CA ALA S 98 -55.22 -4.17 32.44
C ALA S 98 -54.39 -5.32 32.98
N SER S 99 -53.17 -5.47 32.45
CA SER S 99 -52.26 -6.52 32.89
C SER S 99 -51.30 -5.99 33.94
N ARG S 100 -50.69 -6.92 34.68
CA ARG S 100 -49.78 -6.58 35.77
C ARG S 100 -48.31 -6.61 35.39
N PHE S 101 -47.95 -7.21 34.26
CA PHE S 101 -46.55 -7.27 33.87
C PHE S 101 -46.10 -5.91 33.34
N ASN S 102 -44.87 -5.53 33.69
CA ASN S 102 -44.36 -4.18 33.43
C ASN S 102 -45.28 -3.14 34.07
N HIS S 103 -45.61 -3.32 35.34
CA HIS S 103 -46.59 -2.46 35.98
C HIS S 103 -46.09 -1.03 36.13
N ALA S 104 -44.77 -0.82 36.11
CA ALA S 104 -44.25 0.53 36.19
C ALA S 104 -44.74 1.39 35.04
N LEU S 105 -45.02 0.79 33.88
CA LEU S 105 -45.53 1.50 32.72
C LEU S 105 -47.04 1.38 32.60
N VAL S 106 -47.61 0.23 32.96
CA VAL S 106 -49.04 0.01 32.77
C VAL S 106 -49.86 0.97 33.62
N ASP S 107 -49.42 1.22 34.86
CA ASP S 107 -50.17 2.12 35.73
C ASP S 107 -50.21 3.54 35.20
N ARG S 108 -49.24 3.94 34.37
CA ARG S 108 -49.33 5.24 33.72
C ARG S 108 -50.42 5.25 32.66
N LEU S 109 -50.61 4.14 31.96
CA LEU S 109 -51.63 4.08 30.91
C LEU S 109 -53.03 4.07 31.53
N VAL S 110 -53.21 3.39 32.66
CA VAL S 110 -54.52 3.33 33.29
C VAL S 110 -54.91 4.71 33.82
N GLU S 111 -53.94 5.47 34.33
CA GLU S 111 -54.23 6.83 34.79
C GLU S 111 -54.72 7.70 33.64
N GLY S 112 -54.09 7.59 32.47
CA GLY S 112 -54.51 8.38 31.34
C GLY S 112 -55.93 8.06 30.89
N ALA S 113 -56.28 6.77 30.87
CA ALA S 113 -57.62 6.39 30.43
C ALA S 113 -58.70 6.95 31.36
N ILE S 114 -58.46 6.91 32.67
CA ILE S 114 -59.43 7.43 33.62
C ILE S 114 -59.51 8.95 33.50
N ASP S 115 -58.38 9.61 33.31
CA ASP S 115 -58.38 11.07 33.19
C ASP S 115 -59.20 11.52 31.97
N CYS S 116 -59.05 10.81 30.85
CA CYS S 116 -59.78 11.18 29.64
C CYS S 116 -61.29 11.10 29.86
N ILE S 117 -61.75 10.02 30.50
CA ILE S 117 -63.19 9.81 30.65
C ILE S 117 -63.79 10.88 31.56
N VAL S 118 -63.10 11.23 32.65
CA VAL S 118 -63.68 12.13 33.64
C VAL S 118 -63.78 13.55 33.09
N ARG S 119 -62.74 14.01 32.39
CA ARG S 119 -62.74 15.39 31.92
C ARG S 119 -63.59 15.60 30.67
N HIS S 120 -64.03 14.53 30.02
CA HIS S 120 -65.01 14.62 28.94
C HIS S 120 -66.45 14.49 29.43
N GLY S 121 -66.66 14.38 30.74
CA GLY S 121 -68.00 14.37 31.30
C GLY S 121 -68.47 13.07 31.92
N GLY S 122 -67.59 12.09 32.07
CA GLY S 122 -67.98 10.83 32.67
C GLY S 122 -67.81 10.82 34.18
N ARG S 123 -68.29 9.75 34.80
CA ARG S 123 -68.20 9.55 36.23
C ARG S 123 -67.30 8.35 36.54
N GLU S 124 -66.53 8.45 37.62
CA GLU S 124 -65.73 7.31 38.06
C GLU S 124 -66.60 6.15 38.51
N GLU S 125 -67.83 6.44 38.97
CA GLU S 125 -68.73 5.39 39.39
C GLU S 125 -69.15 4.48 38.24
N ASP S 126 -68.99 4.92 37.00
CA ASP S 126 -69.40 4.15 35.83
C ASP S 126 -68.26 3.39 35.19
N ILE S 127 -67.11 3.28 35.87
CA ILE S 127 -65.94 2.60 35.34
C ILE S 127 -65.73 1.32 36.15
N THR S 128 -65.56 0.20 35.44
CA THR S 128 -65.25 -1.09 36.04
C THR S 128 -63.85 -1.50 35.59
N LEU S 129 -62.97 -1.80 36.55
CA LEU S 129 -61.58 -2.11 36.28
C LEU S 129 -61.29 -3.55 36.70
N VAL S 130 -60.74 -4.34 35.79
CA VAL S 130 -60.37 -5.73 36.03
C VAL S 130 -58.88 -5.88 35.73
N ARG S 131 -58.16 -6.55 36.63
CA ARG S 131 -56.73 -6.75 36.49
C ARG S 131 -56.42 -8.23 36.29
N VAL S 132 -55.51 -8.53 35.37
CA VAL S 132 -55.13 -9.90 35.05
C VAL S 132 -53.61 -10.03 35.14
N PRO S 133 -53.07 -11.24 35.35
CA PRO S 133 -51.62 -11.37 35.56
C PRO S 133 -50.77 -11.06 34.33
N GLY S 134 -51.31 -11.18 33.12
CA GLY S 134 -50.49 -10.98 31.94
C GLY S 134 -51.33 -10.69 30.72
N SER S 135 -50.64 -10.33 29.64
CA SER S 135 -51.33 -9.99 28.39
C SER S 135 -52.05 -11.19 27.79
N TRP S 136 -51.52 -12.41 28.03
CA TRP S 136 -52.15 -13.60 27.48
C TRP S 136 -53.57 -13.77 28.01
N GLU S 137 -53.83 -13.31 29.23
CA GLU S 137 -55.15 -13.48 29.86
C GLU S 137 -56.12 -12.35 29.55
N ILE S 138 -55.71 -11.33 28.79
CA ILE S 138 -56.61 -10.22 28.50
C ILE S 138 -57.84 -10.66 27.71
N PRO S 139 -57.71 -11.43 26.61
CA PRO S 139 -58.90 -11.73 25.81
C PRO S 139 -60.00 -12.47 26.56
N VAL S 140 -59.64 -13.42 27.42
CA VAL S 140 -60.67 -14.18 28.14
C VAL S 140 -61.35 -13.29 29.18
N ALA S 141 -60.60 -12.41 29.84
CA ALA S 141 -61.21 -11.49 30.78
C ALA S 141 -62.09 -10.46 30.08
N ALA S 142 -61.63 -9.97 28.92
CA ALA S 142 -62.43 -9.00 28.17
C ALA S 142 -63.75 -9.62 27.72
N GLY S 143 -63.79 -10.92 27.49
CA GLY S 143 -65.01 -11.58 27.09
C GLY S 143 -66.08 -11.58 28.16
N GLU S 144 -65.70 -11.55 29.43
CA GLU S 144 -66.69 -11.51 30.50
C GLU S 144 -67.32 -10.13 30.62
N LEU S 145 -66.53 -9.07 30.48
CA LEU S 145 -67.07 -7.72 30.56
C LEU S 145 -67.95 -7.42 29.35
N ALA S 146 -67.52 -7.82 28.16
CA ALA S 146 -68.26 -7.46 26.95
C ALA S 146 -69.64 -8.07 26.92
N ARG S 147 -69.87 -9.15 27.66
CA ARG S 147 -71.17 -9.81 27.68
C ARG S 147 -72.14 -9.19 28.67
N LYS S 148 -71.70 -8.25 29.51
CA LYS S 148 -72.60 -7.56 30.41
C LYS S 148 -73.44 -6.54 29.64
N GLU S 149 -74.72 -6.44 30.03
CA GLU S 149 -75.65 -5.60 29.28
C GLU S 149 -75.41 -4.11 29.53
N ASP S 150 -74.85 -3.75 30.69
CA ASP S 150 -74.68 -2.37 31.08
C ASP S 150 -73.27 -1.84 30.81
N ILE S 151 -72.55 -2.43 29.87
CA ILE S 151 -71.24 -1.96 29.45
C ILE S 151 -71.34 -1.53 28.00
N ASP S 152 -70.86 -0.32 27.71
CA ASP S 152 -70.95 0.24 26.36
C ASP S 152 -69.69 -0.03 25.54
N ALA S 153 -68.51 -0.04 26.15
CA ALA S 153 -67.28 -0.31 25.44
C ALA S 153 -66.23 -0.80 26.42
N VAL S 154 -65.22 -1.48 25.89
CA VAL S 154 -64.14 -2.07 26.67
C VAL S 154 -62.81 -1.54 26.18
N ILE S 155 -61.89 -1.29 27.10
CA ILE S 155 -60.56 -0.76 26.80
C ILE S 155 -59.54 -1.77 27.31
N ALA S 156 -58.63 -2.20 26.43
CA ALA S 156 -57.60 -3.17 26.76
C ALA S 156 -56.24 -2.48 26.81
N ILE S 157 -55.50 -2.72 27.89
CA ILE S 157 -54.23 -2.03 28.15
C ILE S 157 -53.18 -3.08 28.50
N GLY S 158 -51.98 -2.93 27.94
CA GLY S 158 -50.86 -3.81 28.24
C GLY S 158 -49.61 -3.29 27.59
N VAL S 159 -48.48 -3.88 28.00
CA VAL S 159 -47.16 -3.51 27.50
C VAL S 159 -46.39 -4.78 27.19
N LEU S 160 -45.87 -4.88 25.96
CA LEU S 160 -45.00 -5.97 25.55
C LEU S 160 -43.71 -5.40 24.97
N ILE S 161 -42.57 -5.94 25.41
CA ILE S 161 -41.26 -5.48 24.97
C ILE S 161 -40.49 -6.68 24.46
N ARG S 162 -39.92 -6.55 23.26
CA ARG S 162 -39.19 -7.64 22.63
C ARG S 162 -37.89 -7.90 23.38
N THR T 3 -34.51 -25.09 10.71
CA THR T 3 -35.49 -25.44 9.69
C THR T 3 -36.83 -24.78 9.99
N PRO T 4 -37.66 -24.57 8.96
CA PRO T 4 -38.97 -23.93 9.19
C PRO T 4 -39.95 -24.80 9.95
N HIS T 5 -39.61 -26.06 10.25
CA HIS T 5 -40.50 -26.92 11.02
C HIS T 5 -40.87 -26.28 12.35
N PHE T 6 -39.94 -25.54 12.95
CA PHE T 6 -40.19 -24.92 14.24
C PHE T 6 -41.35 -23.93 14.19
N ASP T 7 -41.41 -23.13 13.13
CA ASP T 7 -42.39 -22.04 13.09
C ASP T 7 -43.82 -22.56 13.04
N TYR T 8 -44.08 -23.56 12.19
CA TYR T 8 -45.46 -24.01 11.99
C TYR T 8 -46.03 -24.68 13.22
N ILE T 9 -45.21 -25.48 13.92
CA ILE T 9 -45.68 -26.12 15.14
C ILE T 9 -45.98 -25.08 16.22
N ALA T 10 -45.08 -24.10 16.37
CA ALA T 10 -45.28 -23.08 17.40
C ALA T 10 -46.53 -22.25 17.13
N SER T 11 -46.78 -21.92 15.86
CA SER T 11 -47.94 -21.09 15.54
C SER T 11 -49.25 -21.83 15.86
N GLU T 12 -49.30 -23.13 15.56
CA GLU T 12 -50.56 -23.86 15.74
C GLU T 12 -50.83 -24.16 17.21
N VAL T 13 -49.80 -24.43 18.00
CA VAL T 13 -50.01 -24.72 19.41
C VAL T 13 -50.53 -23.49 20.13
N SER T 14 -49.91 -22.33 19.89
CA SER T 14 -50.36 -21.10 20.54
C SER T 14 -51.77 -20.73 20.09
N LYS T 15 -52.04 -20.84 18.79
CA LYS T 15 -53.36 -20.49 18.29
C LYS T 15 -54.44 -21.41 18.83
N GLY T 16 -54.14 -22.72 18.91
CA GLY T 16 -55.13 -23.66 19.39
C GLY T 16 -55.56 -23.40 20.82
N LEU T 17 -54.58 -23.15 21.70
CA LEU T 17 -54.90 -22.92 23.11
C LEU T 17 -55.69 -21.63 23.30
N ALA T 18 -55.36 -20.59 22.54
CA ALA T 18 -56.04 -19.31 22.68
C ALA T 18 -57.51 -19.43 22.30
N ASN T 19 -57.81 -20.05 21.15
CA ASN T 19 -59.20 -20.20 20.73
C ASN T 19 -59.97 -21.08 21.72
N LEU T 20 -59.32 -22.11 22.24
CA LEU T 20 -59.99 -23.03 23.16
C LEU T 20 -60.44 -22.31 24.42
N SER T 21 -59.61 -21.40 24.94
CA SER T 21 -59.96 -20.68 26.16
C SER T 21 -61.19 -19.79 25.95
N LEU T 22 -61.29 -19.16 24.78
CA LEU T 22 -62.43 -18.29 24.51
C LEU T 22 -63.71 -19.10 24.28
N GLU T 23 -63.59 -20.24 23.62
CA GLU T 23 -64.78 -21.05 23.33
C GLU T 23 -65.38 -21.63 24.61
N LEU T 24 -64.55 -22.18 25.48
CA LEU T 24 -65.03 -22.76 26.73
C LEU T 24 -65.12 -21.76 27.87
N ARG T 25 -64.58 -20.55 27.69
CA ARG T 25 -64.65 -19.50 28.72
C ARG T 25 -64.04 -19.99 30.03
N LYS T 26 -62.86 -20.61 29.94
CA LYS T 26 -62.14 -21.10 31.10
C LYS T 26 -60.66 -20.70 30.96
N PRO T 27 -59.98 -20.41 32.07
CA PRO T 27 -58.56 -20.00 31.96
C PRO T 27 -57.66 -21.15 31.51
N ILE T 28 -56.78 -20.85 30.56
CA ILE T 28 -55.72 -21.75 30.14
C ILE T 28 -54.43 -20.93 30.05
N THR T 29 -53.37 -21.42 30.69
CA THR T 29 -52.11 -20.69 30.80
C THR T 29 -51.07 -21.28 29.86
N PHE T 30 -50.23 -20.40 29.31
CA PHE T 30 -49.25 -20.77 28.28
C PHE T 30 -47.89 -20.95 28.96
N GLY T 31 -47.52 -22.21 29.19
CA GLY T 31 -46.25 -22.53 29.81
C GLY T 31 -45.28 -23.22 28.88
N VAL T 32 -45.25 -22.81 27.62
CA VAL T 32 -44.42 -23.45 26.61
C VAL T 32 -43.21 -22.57 26.30
N ILE T 33 -42.02 -23.16 26.40
CA ILE T 33 -40.78 -22.44 26.08
C ILE T 33 -40.57 -22.50 24.58
N THR T 34 -40.19 -21.36 24.00
CA THR T 34 -39.86 -21.25 22.57
C THR T 34 -38.51 -20.56 22.47
N ALA T 35 -37.44 -21.34 22.35
CA ALA T 35 -36.07 -20.84 22.40
C ALA T 35 -35.37 -21.05 21.07
N ASP T 36 -34.37 -20.21 20.81
CA ASP T 36 -33.56 -20.33 19.60
C ASP T 36 -32.36 -21.25 19.77
N THR T 37 -31.89 -21.45 21.01
CA THR T 37 -30.72 -22.27 21.27
C THR T 37 -30.95 -23.11 22.52
N LEU T 38 -30.16 -24.17 22.66
CA LEU T 38 -30.27 -25.03 23.83
C LEU T 38 -29.93 -24.27 25.10
N GLU T 39 -28.94 -23.38 25.04
CA GLU T 39 -28.55 -22.61 26.22
C GLU T 39 -29.72 -21.75 26.71
N GLN T 40 -30.44 -21.12 25.80
CA GLN T 40 -31.58 -20.29 26.20
C GLN T 40 -32.66 -21.13 26.89
N ALA T 41 -32.80 -22.39 26.51
CA ALA T 41 -33.82 -23.23 27.12
C ALA T 41 -33.44 -23.63 28.55
N ILE T 42 -32.18 -23.99 28.77
CA ILE T 42 -31.73 -24.35 30.11
C ILE T 42 -31.87 -23.16 31.05
N GLU T 43 -31.72 -21.95 30.52
CA GLU T 43 -31.80 -20.75 31.34
C GLU T 43 -33.17 -20.64 32.02
N ARG T 44 -34.23 -21.03 31.31
CA ARG T 44 -35.60 -20.82 31.77
C ARG T 44 -36.22 -22.08 32.37
N ALA T 45 -35.45 -23.16 32.55
CA ALA T 45 -35.97 -24.43 33.04
C ALA T 45 -35.50 -24.72 34.47
N GLY T 46 -35.45 -23.70 35.32
CA GLY T 46 -34.99 -23.85 36.69
C GLY T 46 -33.62 -23.28 36.97
N THR T 47 -33.16 -22.34 36.15
CA THR T 47 -31.85 -21.73 36.30
C THR T 47 -31.96 -20.21 36.24
N LYS T 48 -30.84 -19.52 36.01
CA LYS T 48 -30.68 -18.10 36.30
C LYS T 48 -31.86 -17.23 35.85
N HIS T 49 -32.67 -17.66 34.89
CA HIS T 49 -33.84 -16.90 34.47
C HIS T 49 -35.14 -17.50 34.99
N GLY T 50 -35.08 -18.32 36.03
CA GLY T 50 -36.28 -18.82 36.68
C GLY T 50 -36.83 -20.08 36.04
N ASN T 51 -38.05 -20.41 36.45
CA ASN T 51 -38.76 -21.60 36.00
C ASN T 51 -40.09 -21.18 35.41
N LYS T 52 -40.30 -21.50 34.13
CA LYS T 52 -41.55 -21.12 33.47
C LYS T 52 -42.72 -21.95 33.96
N GLY T 53 -42.47 -23.17 34.45
CA GLY T 53 -43.54 -23.97 35.00
C GLY T 53 -44.11 -23.36 36.27
N TRP T 54 -43.24 -22.80 37.12
CA TRP T 54 -43.72 -22.13 38.32
C TRP T 54 -44.57 -20.92 37.96
N GLU T 55 -44.13 -20.13 36.97
CA GLU T 55 -44.85 -18.91 36.61
C GLU T 55 -46.22 -19.23 36.06
N ALA T 56 -46.33 -20.27 35.23
CA ALA T 56 -47.62 -20.62 34.64
C ALA T 56 -48.62 -21.05 35.72
N ALA T 57 -48.16 -21.79 36.72
CA ALA T 57 -49.05 -22.20 37.80
C ALA T 57 -49.53 -21.00 38.60
N LEU T 58 -48.66 -20.03 38.85
CA LEU T 58 -49.07 -18.85 39.61
C LEU T 58 -50.15 -18.06 38.88
N SER T 59 -50.03 -17.97 37.55
CA SER T 59 -51.06 -17.28 36.77
C SER T 59 -52.40 -18.01 36.86
N ALA T 60 -52.37 -19.34 36.83
CA ALA T 60 -53.62 -20.11 36.90
C ALA T 60 -54.34 -19.89 38.23
N ILE T 61 -53.59 -19.83 39.33
CA ILE T 61 -54.22 -19.64 40.64
C ILE T 61 -54.94 -18.29 40.69
N GLU T 62 -54.28 -17.25 40.20
CA GLU T 62 -54.88 -15.92 40.22
C GLU T 62 -56.14 -15.86 39.37
N MET T 63 -56.08 -16.43 38.16
CA MET T 63 -57.23 -16.38 37.27
C MET T 63 -58.42 -17.13 37.85
N ALA T 64 -58.16 -18.27 38.50
CA ALA T 64 -59.25 -19.03 39.09
C ALA T 64 -59.96 -18.23 40.17
N ASN T 65 -59.21 -17.51 41.01
CA ASN T 65 -59.83 -16.69 42.04
C ASN T 65 -60.56 -15.50 41.44
N LEU T 66 -60.01 -14.91 40.37
CA LEU T 66 -60.66 -13.78 39.73
C LEU T 66 -62.03 -14.15 39.18
N PHE T 67 -62.10 -15.30 38.49
CA PHE T 67 -63.36 -15.72 37.89
C PHE T 67 -64.39 -16.06 38.96
N LYS T 68 -63.95 -16.58 40.11
CA LYS T 68 -64.86 -16.84 41.25
C LYS T 68 -65.43 -15.48 41.69
N SER T 69 -64.64 -14.39 41.64
CA SER T 69 -65.09 -13.09 42.12
C SER T 69 -66.04 -12.42 41.13
N LEU T 70 -65.76 -12.53 39.83
CA LEU T 70 -66.63 -11.90 38.84
C LEU T 70 -68.04 -12.49 38.87
N ARG T 71 -68.14 -13.80 39.02
CA ARG T 71 -69.42 -14.48 38.99
C ARG T 71 -70.15 -14.44 40.33
N GLY T 72 -69.55 -13.84 41.35
CA GLY T 72 -70.20 -13.66 42.63
C GLY T 72 -70.98 -12.36 42.70
N THR T 73 -71.22 -11.90 43.93
CA THR T 73 -71.98 -10.68 44.14
C THR T 73 -71.19 -9.45 43.70
N GLY T 74 -69.88 -9.45 43.90
CA GLY T 74 -69.06 -8.29 43.56
C GLY T 74 -69.02 -7.25 44.67
N GLY T 75 -70.20 -6.81 45.13
CA GLY T 75 -70.25 -5.87 46.22
C GLY T 75 -69.81 -4.47 45.81
N SER T 76 -69.44 -3.69 46.83
CA SER T 76 -69.00 -2.30 46.66
C SER T 76 -70.12 -1.43 46.10
N GLY T 77 -69.95 -0.12 46.16
CA GLY T 77 -70.94 0.79 45.64
C GLY T 77 -70.50 2.22 45.85
N SER T 78 -71.09 3.11 45.05
CA SER T 78 -70.80 4.54 45.08
C SER T 78 -69.34 4.84 44.79
N SER T 79 -68.63 3.91 44.14
CA SER T 79 -67.22 4.09 43.84
C SER T 79 -66.84 3.13 42.74
N MET T 80 -65.64 3.31 42.21
CA MET T 80 -65.14 2.47 41.13
C MET T 80 -65.00 1.03 41.59
N GLU T 81 -65.60 0.11 40.85
CA GLU T 81 -65.48 -1.31 41.17
C GLU T 81 -64.15 -1.86 40.63
N ILE T 82 -63.43 -2.58 41.48
CA ILE T 82 -62.15 -3.18 41.12
C ILE T 82 -62.22 -4.67 41.42
N TYR T 83 -61.86 -5.49 40.43
CA TYR T 83 -61.84 -6.94 40.55
C TYR T 83 -60.40 -7.43 40.46
N GLU T 84 -60.00 -8.28 41.40
CA GLU T 84 -58.66 -8.85 41.42
C GLU T 84 -58.70 -10.20 42.10
N GLY T 85 -57.67 -11.00 41.86
CA GLY T 85 -57.59 -12.36 42.37
C GLY T 85 -56.50 -12.50 43.41
N LYS T 86 -56.81 -13.28 44.46
CA LYS T 86 -55.85 -13.57 45.53
C LYS T 86 -54.88 -14.62 45.01
N LEU T 87 -53.90 -15.00 45.82
CA LEU T 87 -52.93 -16.05 45.53
C LEU T 87 -53.00 -17.18 46.56
N THR T 88 -54.22 -17.57 46.93
CA THR T 88 -54.45 -18.74 47.79
C THR T 88 -55.07 -19.85 46.97
N ALA T 89 -54.52 -21.05 47.09
CA ALA T 89 -54.94 -22.19 46.28
C ALA T 89 -55.83 -23.17 47.03
N GLU T 90 -56.29 -22.81 48.24
CA GLU T 90 -57.10 -23.74 49.02
C GLU T 90 -58.45 -23.98 48.33
N GLY T 91 -58.76 -25.25 48.09
CA GLY T 91 -60.03 -25.64 47.52
C GLY T 91 -60.08 -25.71 46.00
N LEU T 92 -59.01 -25.32 45.30
CA LEU T 92 -59.00 -25.30 43.85
C LEU T 92 -58.51 -26.62 43.28
N ARG T 93 -58.93 -26.92 42.06
CA ARG T 93 -58.59 -28.15 41.36
C ARG T 93 -57.99 -27.81 39.99
N PHE T 94 -56.86 -28.42 39.67
CA PHE T 94 -56.05 -28.06 38.51
C PHE T 94 -55.76 -29.26 37.64
N GLY T 95 -55.66 -29.02 36.33
CA GLY T 95 -55.20 -30.02 35.38
C GLY T 95 -53.94 -29.55 34.68
N ILE T 96 -53.06 -30.51 34.36
CA ILE T 96 -51.78 -30.22 33.72
C ILE T 96 -51.63 -31.14 32.51
N VAL T 97 -51.20 -30.55 31.39
CA VAL T 97 -50.89 -31.29 30.16
C VAL T 97 -49.43 -31.03 29.83
N ALA T 98 -48.64 -32.10 29.70
CA ALA T 98 -47.20 -32.00 29.48
C ALA T 98 -46.80 -32.93 28.35
N SER T 99 -45.82 -32.48 27.55
CA SER T 99 -45.31 -33.27 26.44
C SER T 99 -44.07 -34.05 26.86
N ARG T 100 -43.74 -35.08 26.06
CA ARG T 100 -42.62 -35.96 26.36
C ARG T 100 -41.34 -35.61 25.62
N PHE T 101 -41.40 -34.78 24.58
CA PHE T 101 -40.20 -34.43 23.84
C PHE T 101 -39.37 -33.44 24.65
N ASN T 102 -38.04 -33.62 24.60
CA ASN T 102 -37.12 -32.88 25.45
C ASN T 102 -37.47 -33.09 26.93
N HIS T 103 -37.66 -34.35 27.32
CA HIS T 103 -38.13 -34.63 28.67
C HIS T 103 -37.12 -34.25 29.74
N ALA T 104 -35.84 -34.13 29.37
CA ALA T 104 -34.85 -33.71 30.36
C ALA T 104 -35.16 -32.33 30.91
N LEU T 105 -35.81 -31.48 30.11
CA LEU T 105 -36.19 -30.14 30.53
C LEU T 105 -37.64 -30.07 31.01
N VAL T 106 -38.54 -30.83 30.37
CA VAL T 106 -39.96 -30.74 30.68
C VAL T 106 -40.21 -31.19 32.11
N ASP T 107 -39.54 -32.25 32.57
CA ASP T 107 -39.76 -32.73 33.92
C ASP T 107 -39.35 -31.72 34.98
N ARG T 108 -38.43 -30.80 34.66
CA ARG T 108 -38.14 -29.72 35.58
C ARG T 108 -39.29 -28.73 35.67
N LEU T 109 -39.98 -28.49 34.57
CA LEU T 109 -41.10 -27.55 34.58
C LEU T 109 -42.30 -28.13 35.33
N VAL T 110 -42.54 -29.43 35.19
CA VAL T 110 -43.66 -30.05 35.88
C VAL T 110 -43.43 -30.03 37.39
N GLU T 111 -42.20 -30.23 37.83
CA GLU T 111 -41.89 -30.16 39.25
C GLU T 111 -42.18 -28.78 39.81
N GLY T 112 -41.83 -27.73 39.07
CA GLY T 112 -42.09 -26.38 39.54
C GLY T 112 -43.57 -26.09 39.68
N ALA T 113 -44.38 -26.54 38.73
CA ALA T 113 -45.81 -26.29 38.78
C ALA T 113 -46.45 -26.95 40.00
N ILE T 114 -46.05 -28.18 40.30
CA ILE T 114 -46.61 -28.87 41.47
C ILE T 114 -46.14 -28.22 42.76
N ASP T 115 -44.88 -27.79 42.80
CA ASP T 115 -44.37 -27.14 44.00
C ASP T 115 -45.12 -25.85 44.30
N CYS T 116 -45.43 -25.07 43.27
CA CYS T 116 -46.14 -23.81 43.47
C CYS T 116 -47.52 -24.06 44.08
N ILE T 117 -48.25 -25.04 43.55
CA ILE T 117 -49.62 -25.28 44.00
C ILE T 117 -49.64 -25.73 45.46
N VAL T 118 -48.71 -26.61 45.83
CA VAL T 118 -48.75 -27.20 47.17
C VAL T 118 -48.41 -26.17 48.23
N ARG T 119 -47.39 -25.34 47.99
CA ARG T 119 -46.95 -24.39 49.00
C ARG T 119 -47.84 -23.17 49.11
N HIS T 120 -48.74 -22.96 48.15
CA HIS T 120 -49.76 -21.93 48.27
C HIS T 120 -51.06 -22.44 48.89
N GLY T 121 -51.10 -23.70 49.32
CA GLY T 121 -52.24 -24.23 50.04
C GLY T 121 -53.06 -25.29 49.33
N GLY T 122 -52.60 -25.78 48.18
CA GLY T 122 -53.32 -26.80 47.46
C GLY T 122 -52.94 -28.21 47.89
N ARG T 123 -53.69 -29.19 47.37
CA ARG T 123 -53.46 -30.60 47.64
C ARG T 123 -53.04 -31.31 46.36
N GLU T 124 -52.13 -32.27 46.50
CA GLU T 124 -51.75 -33.09 45.35
C GLU T 124 -52.91 -33.94 44.87
N GLU T 125 -53.85 -34.27 45.76
CA GLU T 125 -55.02 -35.06 45.36
C GLU T 125 -55.90 -34.32 44.37
N ASP T 126 -55.78 -33.01 44.27
CA ASP T 126 -56.62 -32.20 43.39
C ASP T 126 -55.94 -31.87 42.06
N ILE T 127 -54.84 -32.54 41.73
CA ILE T 127 -54.10 -32.30 40.51
C ILE T 127 -54.25 -33.50 39.60
N THR T 128 -54.62 -33.27 38.35
CA THR T 128 -54.72 -34.29 37.32
C THR T 128 -53.66 -34.01 36.26
N LEU T 129 -52.83 -35.02 35.97
CA LEU T 129 -51.70 -34.87 35.06
C LEU T 129 -51.90 -35.79 33.86
N VAL T 130 -51.83 -35.22 32.66
CA VAL T 130 -51.96 -35.95 31.40
C VAL T 130 -50.71 -35.72 30.57
N ARG T 131 -50.16 -36.79 30.02
CA ARG T 131 -48.93 -36.75 29.23
C ARG T 131 -49.23 -37.09 27.78
N VAL T 132 -48.64 -36.34 26.86
CA VAL T 132 -48.85 -36.53 25.42
C VAL T 132 -47.50 -36.66 24.73
N PRO T 133 -47.43 -37.30 23.55
CA PRO T 133 -46.11 -37.53 22.93
C PRO T 133 -45.41 -36.28 22.45
N GLY T 134 -46.12 -35.19 22.16
CA GLY T 134 -45.48 -34.02 21.61
C GLY T 134 -46.33 -32.78 21.79
N SER T 135 -45.72 -31.63 21.46
CA SER T 135 -46.42 -30.36 21.60
C SER T 135 -47.61 -30.25 20.66
N TRP T 136 -47.54 -30.90 19.50
CA TRP T 136 -48.64 -30.84 18.54
C TRP T 136 -49.93 -31.40 19.14
N GLU T 137 -49.82 -32.37 20.06
CA GLU T 137 -50.98 -33.02 20.64
C GLU T 137 -51.50 -32.33 21.89
N ILE T 138 -50.86 -31.25 22.34
CA ILE T 138 -51.32 -30.57 23.55
C ILE T 138 -52.73 -30.00 23.39
N PRO T 139 -53.07 -29.26 22.33
CA PRO T 139 -54.39 -28.63 22.28
C PRO T 139 -55.56 -29.61 22.34
N VAL T 140 -55.46 -30.76 21.67
CA VAL T 140 -56.57 -31.71 21.68
C VAL T 140 -56.71 -32.35 23.05
N ALA T 141 -55.59 -32.64 23.73
CA ALA T 141 -55.67 -33.20 25.08
C ALA T 141 -56.20 -32.16 26.07
N ALA T 142 -55.77 -30.90 25.92
CA ALA T 142 -56.26 -29.85 26.81
C ALA T 142 -57.77 -29.67 26.67
N GLY T 143 -58.31 -29.93 25.49
CA GLY T 143 -59.74 -29.81 25.28
C GLY T 143 -60.57 -30.81 26.07
N GLU T 144 -60.01 -31.98 26.36
CA GLU T 144 -60.74 -32.97 27.15
C GLU T 144 -60.79 -32.58 28.62
N LEU T 145 -59.69 -32.05 29.16
CA LEU T 145 -59.68 -31.63 30.55
C LEU T 145 -60.56 -30.40 30.78
N ALA T 146 -60.49 -29.44 29.85
CA ALA T 146 -61.22 -28.19 30.05
C ALA T 146 -62.72 -28.39 30.07
N ARG T 147 -63.21 -29.48 29.48
CA ARG T 147 -64.64 -29.75 29.45
C ARG T 147 -65.15 -30.44 30.71
N LYS T 148 -64.27 -30.87 31.61
CA LYS T 148 -64.71 -31.46 32.86
C LYS T 148 -65.22 -30.39 33.80
N GLU T 149 -66.30 -30.71 34.53
CA GLU T 149 -66.95 -29.72 35.37
C GLU T 149 -66.14 -29.41 36.63
N ASP T 150 -65.32 -30.34 37.09
CA ASP T 150 -64.59 -30.20 38.35
C ASP T 150 -63.15 -29.76 38.14
N ILE T 151 -62.85 -29.08 37.03
CA ILE T 151 -61.53 -28.52 36.77
C ILE T 151 -61.68 -27.01 36.70
N ASP T 152 -60.85 -26.28 37.44
CA ASP T 152 -60.93 -24.83 37.50
C ASP T 152 -60.00 -24.15 36.49
N ALA T 153 -58.83 -24.73 36.22
CA ALA T 153 -57.90 -24.15 35.26
C ALA T 153 -56.98 -25.25 34.75
N VAL T 154 -56.37 -24.99 33.58
CA VAL T 154 -55.49 -25.93 32.91
C VAL T 154 -54.14 -25.26 32.66
N ILE T 155 -53.07 -26.03 32.83
CA ILE T 155 -51.71 -25.55 32.64
C ILE T 155 -51.07 -26.39 31.54
N ALA T 156 -50.53 -25.72 30.52
CA ALA T 156 -49.89 -26.37 29.39
C ALA T 156 -48.38 -26.16 29.45
N ILE T 157 -47.63 -27.24 29.31
CA ILE T 157 -46.17 -27.23 29.47
C ILE T 157 -45.53 -27.94 28.28
N GLY T 158 -44.48 -27.34 27.75
CA GLY T 158 -43.73 -27.95 26.65
C GLY T 158 -42.48 -27.15 26.36
N VAL T 159 -41.61 -27.73 25.55
CA VAL T 159 -40.33 -27.12 25.17
C VAL T 159 -40.14 -27.30 23.67
N LEU T 160 -39.89 -26.20 22.96
CA LEU T 160 -39.56 -26.20 21.55
C LEU T 160 -38.26 -25.44 21.33
N ILE T 161 -37.34 -26.04 20.57
CA ILE T 161 -36.04 -25.46 20.28
C ILE T 161 -35.85 -25.42 18.78
N ARG T 162 -35.47 -24.26 18.26
CA ARG T 162 -35.29 -24.07 16.84
C ARG T 162 -34.09 -24.85 16.33
N THR U 3 2.65 -6.15 -43.42
CA THR U 3 3.92 -6.57 -44.01
C THR U 3 4.48 -5.45 -44.90
N PRO U 4 5.80 -5.45 -45.10
CA PRO U 4 6.41 -4.41 -45.94
C PRO U 4 6.07 -4.52 -47.42
N HIS U 5 5.36 -5.57 -47.83
CA HIS U 5 4.97 -5.71 -49.22
C HIS U 5 4.18 -4.49 -49.70
N PHE U 6 3.38 -3.90 -48.81
CA PHE U 6 2.56 -2.75 -49.17
C PHE U 6 3.41 -1.57 -49.64
N ASP U 7 4.51 -1.31 -48.93
CA ASP U 7 5.28 -0.09 -49.20
C ASP U 7 5.92 -0.11 -50.59
N TYR U 8 6.53 -1.24 -50.96
CA TYR U 8 7.28 -1.27 -52.21
C TYR U 8 6.38 -1.15 -53.43
N ILE U 9 5.21 -1.79 -53.39
CA ILE U 9 4.27 -1.67 -54.50
C ILE U 9 3.76 -0.24 -54.64
N ALA U 10 3.41 0.37 -53.51
CA ALA U 10 2.87 1.73 -53.54
C ALA U 10 3.92 2.71 -54.07
N SER U 11 5.17 2.55 -53.67
CA SER U 11 6.22 3.48 -54.11
C SER U 11 6.42 3.39 -55.62
N GLU U 12 6.41 2.18 -56.17
CA GLU U 12 6.72 2.02 -57.59
C GLU U 12 5.56 2.47 -58.48
N VAL U 13 4.33 2.24 -58.05
CA VAL U 13 3.18 2.65 -58.85
C VAL U 13 3.11 4.17 -58.95
N SER U 14 3.27 4.86 -57.82
CA SER U 14 3.23 6.32 -57.84
C SER U 14 4.39 6.90 -58.64
N LYS U 15 5.60 6.34 -58.45
CA LYS U 15 6.76 6.84 -59.18
C LYS U 15 6.62 6.61 -60.68
N GLY U 16 6.10 5.45 -61.07
CA GLY U 16 5.98 5.15 -62.49
C GLY U 16 5.06 6.10 -63.21
N LEU U 17 3.89 6.38 -62.62
CA LEU U 17 2.93 7.26 -63.27
C LEU U 17 3.46 8.68 -63.37
N ALA U 18 4.16 9.15 -62.34
CA ALA U 18 4.68 10.52 -62.34
C ALA U 18 5.70 10.72 -63.46
N ASN U 19 6.67 9.81 -63.58
CA ASN U 19 7.67 9.93 -64.63
C ASN U 19 7.04 9.84 -66.01
N LEU U 20 6.04 8.97 -66.15
CA LEU U 20 5.39 8.79 -67.45
C LEU U 20 4.73 10.08 -67.92
N SER U 21 4.09 10.81 -67.01
CA SER U 21 3.41 12.04 -67.39
C SER U 21 4.39 13.09 -67.89
N LEU U 22 5.56 13.17 -67.26
CA LEU U 22 6.56 14.16 -67.68
C LEU U 22 7.20 13.77 -69.00
N GLU U 23 7.44 12.48 -69.22
CA GLU U 23 8.08 12.05 -70.45
C GLU U 23 7.19 12.28 -71.66
N LEU U 24 5.91 11.91 -71.57
CA LEU U 24 4.98 12.08 -72.67
C LEU U 24 4.29 13.45 -72.67
N ARG U 25 4.45 14.23 -71.61
CA ARG U 25 3.87 15.57 -71.53
C ARG U 25 2.35 15.52 -71.73
N LYS U 26 1.70 14.58 -71.04
CA LYS U 26 0.26 14.43 -71.09
C LYS U 26 -0.27 14.24 -69.66
N PRO U 27 -1.47 14.74 -69.36
CA PRO U 27 -1.98 14.60 -67.99
C PRO U 27 -2.32 13.16 -67.64
N ILE U 28 -1.91 12.74 -66.44
CA ILE U 28 -2.29 11.45 -65.86
C ILE U 28 -2.67 11.71 -64.41
N THR U 29 -3.84 11.24 -64.00
CA THR U 29 -4.39 11.51 -62.68
C THR U 29 -4.26 10.29 -61.78
N PHE U 30 -4.01 10.54 -60.50
CA PHE U 30 -3.72 9.49 -59.51
C PHE U 30 -5.01 9.19 -58.74
N GLY U 31 -5.68 8.10 -59.12
CA GLY U 31 -6.90 7.69 -58.46
C GLY U 31 -6.77 6.40 -57.67
N VAL U 32 -5.63 6.22 -57.01
CA VAL U 32 -5.34 4.99 -56.28
C VAL U 32 -5.49 5.24 -54.78
N ILE U 33 -6.30 4.41 -54.13
CA ILE U 33 -6.48 4.49 -52.68
C ILE U 33 -5.34 3.76 -51.99
N THR U 34 -4.78 4.36 -50.95
CA THR U 34 -3.74 3.76 -50.13
C THR U 34 -4.17 3.88 -48.68
N ALA U 35 -4.77 2.82 -48.14
CA ALA U 35 -5.38 2.85 -46.82
C ALA U 35 -4.66 1.89 -45.87
N ASP U 36 -4.75 2.19 -44.58
CA ASP U 36 -4.17 1.33 -43.56
C ASP U 36 -5.13 0.24 -43.08
N THR U 37 -6.44 0.44 -43.24
CA THR U 37 -7.43 -0.51 -42.76
C THR U 37 -8.55 -0.63 -43.78
N LEU U 38 -9.29 -1.73 -43.69
CA LEU U 38 -10.43 -1.95 -44.60
C LEU U 38 -11.48 -0.87 -44.41
N GLU U 39 -11.71 -0.44 -43.17
CA GLU U 39 -12.72 0.58 -42.92
C GLU U 39 -12.37 1.88 -43.63
N GLN U 40 -11.09 2.28 -43.59
CA GLN U 40 -10.67 3.49 -44.27
C GLN U 40 -10.92 3.42 -45.78
N ALA U 41 -10.81 2.22 -46.36
CA ALA U 41 -11.00 2.09 -47.80
C ALA U 41 -12.47 2.21 -48.17
N ILE U 42 -13.37 1.60 -47.40
CA ILE U 42 -14.80 1.72 -47.68
C ILE U 42 -15.25 3.17 -47.55
N GLU U 43 -14.60 3.93 -46.68
CA GLU U 43 -14.98 5.33 -46.48
C GLU U 43 -14.83 6.13 -47.77
N ARG U 44 -13.80 5.85 -48.56
CA ARG U 44 -13.45 6.63 -49.73
C ARG U 44 -13.94 6.01 -51.05
N ALA U 45 -14.70 4.92 -50.99
CA ALA U 45 -15.16 4.20 -52.18
C ALA U 45 -16.65 4.41 -52.44
N GLY U 46 -17.16 5.61 -52.22
CA GLY U 46 -18.56 5.91 -52.41
C GLY U 46 -19.35 6.09 -51.13
N THR U 47 -18.68 6.42 -50.03
CA THR U 47 -19.32 6.57 -48.72
C THR U 47 -18.87 7.89 -48.08
N LYS U 48 -19.08 8.02 -46.77
CA LYS U 48 -19.08 9.31 -46.08
C LYS U 48 -17.92 10.23 -46.45
N HIS U 49 -16.81 9.71 -46.98
CA HIS U 49 -15.70 10.55 -47.42
C HIS U 49 -15.63 10.67 -48.94
N GLY U 50 -16.72 10.38 -49.64
CA GLY U 50 -16.78 10.61 -51.07
C GLY U 50 -16.25 9.44 -51.88
N ASN U 51 -16.05 9.71 -53.17
CA ASN U 51 -15.60 8.73 -54.15
C ASN U 51 -14.34 9.25 -54.82
N LYS U 52 -13.25 8.52 -54.69
CA LYS U 52 -11.98 8.95 -55.29
C LYS U 52 -12.00 8.82 -56.81
N GLY U 53 -12.81 7.90 -57.34
CA GLY U 53 -12.92 7.79 -58.78
C GLY U 53 -13.57 9.01 -59.40
N TRP U 54 -14.58 9.58 -58.75
CA TRP U 54 -15.19 10.80 -59.23
C TRP U 54 -14.19 11.95 -59.22
N GLU U 55 -13.40 12.07 -58.14
CA GLU U 55 -12.47 13.18 -58.02
C GLU U 55 -11.39 13.12 -59.09
N ALA U 56 -10.88 11.91 -59.37
CA ALA U 56 -9.83 11.77 -60.38
C ALA U 56 -10.33 12.17 -61.76
N ALA U 57 -11.57 11.81 -62.09
CA ALA U 57 -12.12 12.19 -63.39
C ALA U 57 -12.27 13.70 -63.51
N LEU U 58 -12.69 14.36 -62.42
CA LEU U 58 -12.87 15.81 -62.47
C LEU U 58 -11.54 16.51 -62.71
N SER U 59 -10.45 16.01 -62.11
CA SER U 59 -9.13 16.59 -62.34
C SER U 59 -8.70 16.43 -63.79
N ALA U 60 -9.00 15.26 -64.40
CA ALA U 60 -8.61 15.03 -65.79
C ALA U 60 -9.31 16.00 -66.73
N ILE U 61 -10.59 16.27 -66.50
CA ILE U 61 -11.33 17.19 -67.37
C ILE U 61 -10.71 18.57 -67.34
N GLU U 62 -10.39 19.06 -66.13
CA GLU U 62 -9.81 20.39 -66.00
C GLU U 62 -8.46 20.47 -66.70
N MET U 63 -7.61 19.46 -66.49
CA MET U 63 -6.27 19.50 -67.08
C MET U 63 -6.34 19.46 -68.60
N ALA U 64 -7.27 18.69 -69.15
CA ALA U 64 -7.40 18.62 -70.61
C ALA U 64 -7.77 19.99 -71.19
N ASN U 65 -8.67 20.71 -70.54
CA ASN U 65 -9.04 22.04 -71.01
C ASN U 65 -7.90 23.03 -70.84
N LEU U 66 -7.15 22.91 -69.74
CA LEU U 66 -6.03 23.82 -69.50
C LEU U 66 -4.98 23.69 -70.59
N PHE U 67 -4.62 22.45 -70.95
CA PHE U 67 -3.59 22.24 -71.95
C PHE U 67 -4.04 22.72 -73.32
N LYS U 68 -5.35 22.61 -73.61
CA LYS U 68 -5.91 23.16 -74.87
C LYS U 68 -5.69 24.67 -74.85
N SER U 69 -5.79 25.33 -73.68
CA SER U 69 -5.67 26.78 -73.60
C SER U 69 -4.22 27.24 -73.71
N LEU U 70 -3.29 26.52 -73.08
CA LEU U 70 -1.89 26.91 -73.13
C LEU U 70 -1.35 26.86 -74.55
N ARG U 71 -1.73 25.84 -75.31
CA ARG U 71 -1.21 25.65 -76.66
C ARG U 71 -1.96 26.47 -77.70
N GLY U 72 -2.98 27.22 -77.30
CA GLY U 72 -3.69 28.12 -78.20
C GLY U 72 -3.06 29.49 -78.23
N THR U 73 -3.87 30.48 -78.65
CA THR U 73 -3.38 31.84 -78.75
C THR U 73 -3.13 32.46 -77.38
N GLY U 74 -3.95 32.14 -76.39
CA GLY U 74 -3.81 32.72 -75.07
C GLY U 74 -4.52 34.06 -74.94
N GLY U 75 -4.22 34.99 -75.84
CA GLY U 75 -4.88 36.28 -75.83
C GLY U 75 -4.45 37.16 -74.67
N SER U 76 -5.31 38.13 -74.37
CA SER U 76 -5.06 39.11 -73.31
C SER U 76 -3.84 39.97 -73.61
N GLY U 77 -3.68 41.05 -72.86
CA GLY U 77 -2.55 41.93 -73.06
C GLY U 77 -2.61 43.10 -72.09
N SER U 78 -1.44 43.70 -71.88
CA SER U 78 -1.29 44.85 -70.98
C SER U 78 -1.71 44.52 -69.56
N SER U 79 -1.73 43.25 -69.20
CA SER U 79 -2.14 42.82 -67.86
C SER U 79 -1.63 41.42 -67.62
N MET U 80 -1.74 40.98 -66.36
CA MET U 80 -1.27 39.65 -65.98
C MET U 80 -2.06 38.57 -66.70
N GLU U 81 -1.35 37.67 -67.37
CA GLU U 81 -2.00 36.55 -68.04
C GLU U 81 -2.33 35.45 -67.04
N ILE U 82 -3.57 34.96 -67.09
CA ILE U 82 -4.04 33.90 -66.21
C ILE U 82 -4.59 32.77 -67.08
N TYR U 83 -4.14 31.55 -66.82
CA TYR U 83 -4.58 30.36 -67.53
C TYR U 83 -5.33 29.45 -66.57
N GLU U 84 -6.52 28.99 -66.98
CA GLU U 84 -7.32 28.09 -66.16
C GLU U 84 -8.19 27.24 -67.08
N GLY U 85 -8.67 26.13 -66.53
CA GLY U 85 -9.45 25.17 -67.29
C GLY U 85 -10.90 25.13 -66.84
N LYS U 86 -11.79 24.99 -67.83
CA LYS U 86 -13.24 24.91 -67.56
C LYS U 86 -13.52 23.50 -67.09
N LEU U 87 -14.77 23.20 -66.76
CA LEU U 87 -15.25 21.88 -66.37
C LEU U 87 -16.33 21.37 -67.33
N THR U 88 -16.14 21.57 -68.62
CA THR U 88 -17.00 21.02 -69.65
C THR U 88 -16.26 19.92 -70.40
N ALA U 89 -16.90 18.76 -70.56
CA ALA U 89 -16.28 17.59 -71.14
C ALA U 89 -16.69 17.35 -72.60
N GLU U 90 -17.38 18.29 -73.23
CA GLU U 90 -17.84 18.09 -74.59
C GLU U 90 -16.65 18.02 -75.55
N GLY U 91 -16.59 16.93 -76.31
CA GLY U 91 -15.56 16.76 -77.32
C GLY U 91 -14.28 16.09 -76.86
N LEU U 92 -14.15 15.78 -75.57
CA LEU U 92 -12.92 15.19 -75.04
C LEU U 92 -13.00 13.67 -75.05
N ARG U 93 -11.82 13.03 -75.10
CA ARG U 93 -11.70 11.59 -75.16
C ARG U 93 -10.78 11.12 -74.03
N PHE U 94 -11.21 10.10 -73.28
CA PHE U 94 -10.56 9.69 -72.05
C PHE U 94 -10.24 8.20 -72.09
N GLY U 95 -9.15 7.83 -71.43
CA GLY U 95 -8.80 6.44 -71.19
C GLY U 95 -8.74 6.14 -69.70
N ILE U 96 -9.13 4.93 -69.32
CA ILE U 96 -9.16 4.50 -67.93
C ILE U 96 -8.43 3.16 -67.81
N VAL U 97 -7.57 3.06 -66.80
CA VAL U 97 -6.88 1.83 -66.46
C VAL U 97 -7.27 1.45 -65.03
N ALA U 98 -7.79 0.24 -64.86
CA ALA U 98 -8.30 -0.22 -63.57
C ALA U 98 -7.76 -1.62 -63.27
N SER U 99 -7.48 -1.87 -61.99
CA SER U 99 -6.99 -3.17 -61.56
C SER U 99 -8.14 -4.05 -61.06
N ARG U 100 -7.87 -5.36 -61.00
CA ARG U 100 -8.88 -6.34 -60.62
C ARG U 100 -8.81 -6.76 -59.16
N PHE U 101 -7.72 -6.45 -58.45
CA PHE U 101 -7.63 -6.84 -57.05
C PHE U 101 -8.49 -5.93 -56.19
N ASN U 102 -9.14 -6.51 -55.19
CA ASN U 102 -10.16 -5.80 -54.40
C ASN U 102 -11.26 -5.26 -55.30
N HIS U 103 -11.79 -6.12 -56.18
CA HIS U 103 -12.74 -5.64 -57.19
C HIS U 103 -14.05 -5.19 -56.56
N ALA U 104 -14.36 -5.64 -55.34
CA ALA U 104 -15.57 -5.19 -54.69
C ALA U 104 -15.57 -3.67 -54.49
N LEU U 105 -14.38 -3.08 -54.33
CA LEU U 105 -14.24 -1.64 -54.15
C LEU U 105 -13.91 -0.94 -55.46
N VAL U 106 -13.10 -1.57 -56.32
CA VAL U 106 -12.64 -0.92 -57.55
C VAL U 106 -13.81 -0.61 -58.47
N ASP U 107 -14.75 -1.54 -58.58
CA ASP U 107 -15.90 -1.32 -59.46
C ASP U 107 -16.75 -0.15 -59.03
N ARG U 108 -16.73 0.22 -57.74
CA ARG U 108 -17.41 1.44 -57.32
C ARG U 108 -16.68 2.67 -57.82
N LEU U 109 -15.35 2.64 -57.87
CA LEU U 109 -14.59 3.80 -58.34
C LEU U 109 -14.76 3.99 -59.84
N VAL U 110 -14.83 2.90 -60.60
CA VAL U 110 -14.99 3.01 -62.05
C VAL U 110 -16.35 3.59 -62.39
N GLU U 111 -17.38 3.21 -61.63
CA GLU U 111 -18.71 3.76 -61.86
C GLU U 111 -18.71 5.27 -61.65
N GLY U 112 -18.03 5.75 -60.61
CA GLY U 112 -17.99 7.17 -60.34
C GLY U 112 -17.31 7.95 -61.46
N ALA U 113 -16.21 7.41 -61.98
CA ALA U 113 -15.48 8.10 -63.05
C ALA U 113 -16.34 8.25 -64.30
N ILE U 114 -17.07 7.20 -64.67
CA ILE U 114 -17.92 7.26 -65.85
C ILE U 114 -19.08 8.22 -65.62
N ASP U 115 -19.64 8.21 -64.41
CA ASP U 115 -20.77 9.10 -64.12
C ASP U 115 -20.35 10.56 -64.23
N CYS U 116 -19.15 10.90 -63.75
CA CYS U 116 -18.68 12.28 -63.80
C CYS U 116 -18.56 12.76 -65.24
N ILE U 117 -17.98 11.92 -66.12
CA ILE U 117 -17.72 12.35 -67.49
C ILE U 117 -19.04 12.56 -68.23
N VAL U 118 -20.02 11.68 -68.02
CA VAL U 118 -21.24 11.75 -68.81
C VAL U 118 -22.08 12.97 -68.42
N ARG U 119 -22.18 13.26 -67.12
CA ARG U 119 -23.05 14.34 -66.69
C ARG U 119 -22.40 15.71 -66.87
N HIS U 120 -21.11 15.78 -67.16
CA HIS U 120 -20.45 17.03 -67.54
C HIS U 120 -20.45 17.25 -69.05
N GLY U 121 -21.08 16.37 -69.83
CA GLY U 121 -21.24 16.58 -71.25
C GLY U 121 -20.47 15.63 -72.15
N GLY U 122 -19.85 14.59 -71.62
CA GLY U 122 -19.12 13.64 -72.43
C GLY U 122 -19.99 12.50 -72.93
N ARG U 123 -19.41 11.69 -73.82
CA ARG U 123 -20.07 10.53 -74.38
C ARG U 123 -19.37 9.26 -73.93
N GLU U 124 -20.15 8.21 -73.69
CA GLU U 124 -19.58 6.91 -73.36
C GLU U 124 -18.78 6.34 -74.53
N GLU U 125 -19.12 6.73 -75.76
CA GLU U 125 -18.39 6.26 -76.93
C GLU U 125 -16.96 6.74 -76.95
N ASP U 126 -16.63 7.79 -76.20
CA ASP U 126 -15.30 8.37 -76.19
C ASP U 126 -14.45 7.88 -75.03
N ILE U 127 -14.87 6.83 -74.33
CA ILE U 127 -14.17 6.30 -73.18
C ILE U 127 -13.60 4.93 -73.55
N THR U 128 -12.31 4.73 -73.29
CA THR U 128 -11.64 3.45 -73.49
C THR U 128 -11.22 2.91 -72.13
N LEU U 129 -11.62 1.68 -71.82
CA LEU U 129 -11.38 1.07 -70.53
C LEU U 129 -10.49 -0.15 -70.70
N VAL U 130 -9.39 -0.18 -69.95
CA VAL U 130 -8.44 -1.30 -69.96
C VAL U 130 -8.32 -1.84 -68.54
N ARG U 131 -8.37 -3.16 -68.40
CA ARG U 131 -8.31 -3.83 -67.10
C ARG U 131 -7.03 -4.64 -67.00
N VAL U 132 -6.38 -4.57 -65.84
CA VAL U 132 -5.12 -5.26 -65.60
C VAL U 132 -5.25 -6.10 -64.32
N PRO U 133 -4.44 -7.15 -64.14
CA PRO U 133 -4.63 -8.02 -62.97
C PRO U 133 -4.29 -7.37 -61.64
N GLY U 134 -3.44 -6.35 -61.60
CA GLY U 134 -3.04 -5.78 -60.33
C GLY U 134 -2.48 -4.38 -60.50
N SER U 135 -2.24 -3.73 -59.36
CA SER U 135 -1.72 -2.36 -59.37
C SER U 135 -0.32 -2.29 -59.96
N TRP U 136 0.47 -3.35 -59.79
CA TRP U 136 1.82 -3.35 -60.32
C TRP U 136 1.84 -3.19 -61.84
N GLU U 137 0.80 -3.66 -62.53
CA GLU U 137 0.75 -3.61 -63.98
C GLU U 137 0.11 -2.33 -64.52
N ILE U 138 -0.33 -1.42 -63.64
CA ILE U 138 -0.97 -0.19 -64.13
C ILE U 138 0.01 0.67 -64.95
N PRO U 139 1.22 0.96 -64.49
CA PRO U 139 2.07 1.89 -65.25
C PRO U 139 2.37 1.44 -66.67
N VAL U 140 2.62 0.16 -66.89
CA VAL U 140 2.95 -0.30 -68.24
C VAL U 140 1.72 -0.24 -69.15
N ALA U 141 0.55 -0.55 -68.62
CA ALA U 141 -0.67 -0.43 -69.41
C ALA U 141 -1.00 1.03 -69.70
N ALA U 142 -0.80 1.91 -68.72
CA ALA U 142 -1.06 3.33 -68.94
C ALA U 142 -0.17 3.90 -70.02
N GLY U 143 1.05 3.35 -70.17
CA GLY U 143 1.96 3.82 -71.19
C GLY U 143 1.48 3.55 -72.61
N GLU U 144 0.69 2.49 -72.81
CA GLU U 144 0.17 2.21 -74.14
C GLU U 144 -0.94 3.19 -74.52
N LEU U 145 -1.83 3.50 -73.58
CA LEU U 145 -2.90 4.45 -73.87
C LEU U 145 -2.37 5.86 -74.08
N ALA U 146 -1.42 6.28 -73.23
CA ALA U 146 -0.94 7.65 -73.30
C ALA U 146 -0.26 7.96 -74.63
N ARG U 147 0.24 6.93 -75.33
CA ARG U 147 0.92 7.15 -76.60
C ARG U 147 -0.04 7.24 -77.79
N LYS U 148 -1.33 6.97 -77.58
CA LYS U 148 -2.29 7.12 -78.67
C LYS U 148 -2.58 8.60 -78.90
N GLU U 149 -2.73 8.96 -80.18
CA GLU U 149 -2.88 10.37 -80.55
C GLU U 149 -4.27 10.90 -80.19
N ASP U 150 -5.28 10.04 -80.13
CA ASP U 150 -6.66 10.46 -79.91
C ASP U 150 -7.10 10.30 -78.46
N ILE U 151 -6.17 10.32 -77.52
CA ILE U 151 -6.48 10.28 -76.09
C ILE U 151 -5.99 11.59 -75.48
N ASP U 152 -6.88 12.25 -74.73
CA ASP U 152 -6.54 13.53 -74.13
C ASP U 152 -6.01 13.40 -72.70
N ALA U 153 -6.50 12.43 -71.93
CA ALA U 153 -6.03 12.24 -70.57
C ALA U 153 -6.31 10.80 -70.16
N VAL U 154 -5.58 10.35 -69.13
CA VAL U 154 -5.67 8.98 -68.63
C VAL U 154 -5.98 9.03 -67.13
N ILE U 155 -6.83 8.10 -66.69
CA ILE U 155 -7.24 8.01 -65.29
C ILE U 155 -6.83 6.63 -64.78
N ALA U 156 -6.09 6.61 -63.67
CA ALA U 156 -5.61 5.38 -63.06
C ALA U 156 -6.37 5.11 -61.76
N ILE U 157 -6.87 3.90 -61.60
CA ILE U 157 -7.73 3.51 -60.48
C ILE U 157 -7.21 2.23 -59.88
N GLY U 158 -7.15 2.17 -58.55
CA GLY U 158 -6.74 0.96 -57.85
C GLY U 158 -6.94 1.14 -56.36
N VAL U 159 -6.83 0.02 -55.65
CA VAL U 159 -7.01 -0.02 -54.19
C VAL U 159 -5.89 -0.86 -53.58
N LEU U 160 -5.17 -0.29 -52.62
CA LEU U 160 -4.16 -0.99 -51.85
C LEU U 160 -4.44 -0.84 -50.37
N ILE U 161 -4.40 -1.96 -49.64
CA ILE U 161 -4.69 -1.99 -48.21
C ILE U 161 -3.51 -2.64 -47.51
N ARG U 162 -3.00 -1.98 -46.47
CA ARG U 162 -1.85 -2.48 -45.73
C ARG U 162 -2.21 -3.73 -44.95
N THR V 3 18.59 -5.79 -39.41
CA THR V 3 19.57 -4.83 -39.91
C THR V 3 19.03 -4.07 -41.11
N PRO V 4 19.54 -2.86 -41.37
CA PRO V 4 19.05 -2.08 -42.51
C PRO V 4 19.45 -2.65 -43.86
N HIS V 5 20.26 -3.71 -43.90
CA HIS V 5 20.63 -4.33 -45.16
C HIS V 5 19.40 -4.75 -45.96
N PHE V 6 18.34 -5.18 -45.27
CA PHE V 6 17.13 -5.62 -45.94
C PHE V 6 16.50 -4.52 -46.78
N ASP V 7 16.46 -3.30 -46.25
CA ASP V 7 15.71 -2.23 -46.90
C ASP V 7 16.34 -1.84 -48.24
N TYR V 8 17.66 -1.69 -48.28
CA TYR V 8 18.31 -1.17 -49.48
C TYR V 8 18.23 -2.16 -50.63
N ILE V 9 18.38 -3.45 -50.35
CA ILE V 9 18.26 -4.46 -51.40
C ILE V 9 16.84 -4.49 -51.96
N ALA V 10 15.85 -4.46 -51.06
CA ALA V 10 14.46 -4.53 -51.50
C ALA V 10 14.09 -3.32 -52.35
N SER V 11 14.56 -2.14 -51.98
CA SER V 11 14.23 -0.93 -52.72
C SER V 11 14.80 -0.98 -54.14
N GLU V 12 16.03 -1.47 -54.28
CA GLU V 12 16.68 -1.43 -55.60
C GLU V 12 16.13 -2.51 -56.53
N VAL V 13 15.76 -3.67 -55.99
CA VAL V 13 15.22 -4.73 -56.85
C VAL V 13 13.87 -4.31 -57.41
N SER V 14 13.00 -3.78 -56.56
CA SER V 14 11.69 -3.36 -57.03
C SER V 14 11.80 -2.20 -58.02
N LYS V 15 12.67 -1.22 -57.72
CA LYS V 15 12.83 -0.09 -58.62
C LYS V 15 13.41 -0.51 -59.96
N GLY V 16 14.38 -1.42 -59.94
CA GLY V 16 15.00 -1.84 -61.19
C GLY V 16 14.02 -2.51 -62.14
N LEU V 17 13.19 -3.42 -61.62
CA LEU V 17 12.26 -4.13 -62.46
C LEU V 17 11.19 -3.20 -63.03
N ALA V 18 10.74 -2.23 -62.23
CA ALA V 18 9.70 -1.32 -62.68
C ALA V 18 10.19 -0.46 -63.85
N ASN V 19 11.37 0.14 -63.71
CA ASN V 19 11.90 0.97 -64.79
C ASN V 19 12.16 0.14 -66.04
N LEU V 20 12.63 -1.10 -65.86
CA LEU V 20 12.92 -1.95 -67.02
C LEU V 20 11.67 -2.23 -67.84
N SER V 21 10.55 -2.46 -67.17
CA SER V 21 9.30 -2.76 -67.90
C SER V 21 8.85 -1.57 -68.73
N LEU V 22 9.02 -0.35 -68.21
CA LEU V 22 8.60 0.83 -68.96
C LEU V 22 9.54 1.11 -70.13
N GLU V 23 10.84 0.89 -69.94
CA GLU V 23 11.80 1.17 -71.00
C GLU V 23 11.61 0.23 -72.19
N LEU V 24 11.46 -1.06 -71.92
CA LEU V 24 11.30 -2.05 -72.98
C LEU V 24 9.84 -2.25 -73.39
N ARG V 25 8.89 -1.70 -72.62
CA ARG V 25 7.47 -1.80 -72.95
C ARG V 25 7.04 -3.26 -73.06
N LYS V 26 7.46 -4.07 -72.08
CA LYS V 26 7.11 -5.48 -72.02
C LYS V 26 6.68 -5.82 -70.59
N PRO V 27 5.74 -6.74 -70.41
CA PRO V 27 5.30 -7.07 -69.04
C PRO V 27 6.37 -7.80 -68.25
N ILE V 28 6.56 -7.37 -67.00
CA ILE V 28 7.40 -8.05 -66.03
C ILE V 28 6.64 -8.10 -64.71
N THR V 29 6.54 -9.30 -64.13
CA THR V 29 5.73 -9.53 -62.94
C THR V 29 6.62 -9.67 -61.70
N PHE V 30 6.12 -9.17 -60.58
CA PHE V 30 6.88 -9.09 -59.33
C PHE V 30 6.48 -10.27 -58.45
N GLY V 31 7.33 -11.31 -58.44
CA GLY V 31 7.09 -12.49 -57.64
C GLY V 31 8.05 -12.65 -56.49
N VAL V 32 8.44 -11.55 -55.84
CA VAL V 32 9.43 -11.57 -54.78
C VAL V 32 8.74 -11.42 -53.44
N ILE V 33 9.00 -12.34 -52.52
CA ILE V 33 8.46 -12.27 -51.17
C ILE V 33 9.34 -11.34 -50.33
N THR V 34 8.69 -10.48 -49.56
CA THR V 34 9.38 -9.57 -48.63
C THR V 34 8.71 -9.72 -47.27
N ALA V 35 9.29 -10.54 -46.41
CA ALA V 35 8.69 -10.92 -45.13
C ALA V 35 9.53 -10.41 -43.97
N ASP V 36 8.86 -10.21 -42.83
CA ASP V 36 9.55 -9.79 -41.60
C ASP V 36 10.05 -10.96 -40.78
N THR V 37 9.46 -12.15 -40.93
CA THR V 37 9.83 -13.31 -40.14
C THR V 37 9.84 -14.55 -41.04
N LEU V 38 10.53 -15.59 -40.57
CA LEU V 38 10.59 -16.84 -41.32
C LEU V 38 9.20 -17.46 -41.44
N GLU V 39 8.39 -17.36 -40.38
CA GLU V 39 7.05 -17.93 -40.43
C GLU V 39 6.20 -17.28 -41.51
N GLN V 40 6.30 -15.97 -41.65
CA GLN V 40 5.54 -15.28 -42.71
C GLN V 40 5.95 -15.75 -44.09
N ALA V 41 7.22 -16.12 -44.28
CA ALA V 41 7.67 -16.56 -45.59
C ALA V 41 7.15 -17.94 -45.93
N ILE V 42 7.15 -18.87 -44.96
CA ILE V 42 6.64 -20.21 -45.21
C ILE V 42 5.14 -20.15 -45.53
N GLU V 43 4.44 -19.17 -44.97
CA GLU V 43 3.02 -19.04 -45.20
C GLU V 43 2.71 -18.84 -46.68
N ARG V 44 3.55 -18.08 -47.38
CA ARG V 44 3.30 -17.68 -48.75
C ARG V 44 4.05 -18.52 -49.78
N ALA V 45 4.73 -19.58 -49.36
CA ALA V 45 5.55 -20.42 -50.24
C ALA V 45 4.91 -21.78 -50.49
N GLY V 46 3.60 -21.84 -50.64
CA GLY V 46 2.90 -23.08 -50.86
C GLY V 46 2.10 -23.57 -49.66
N THR V 47 1.73 -22.68 -48.74
CA THR V 47 1.00 -23.04 -47.53
C THR V 47 -0.19 -22.11 -47.35
N LYS V 48 -0.75 -22.07 -46.14
CA LYS V 48 -2.10 -21.54 -45.89
C LYS V 48 -2.41 -20.22 -46.58
N HIS V 49 -1.41 -19.42 -46.96
CA HIS V 49 -1.65 -18.18 -47.70
C HIS V 49 -1.30 -18.30 -49.18
N GLY V 50 -1.22 -19.51 -49.70
CA GLY V 50 -1.04 -19.71 -51.14
C GLY V 50 0.41 -19.71 -51.56
N ASN V 51 0.59 -19.63 -52.88
CA ASN V 51 1.90 -19.66 -53.51
C ASN V 51 2.06 -18.41 -54.37
N LYS V 52 3.07 -17.61 -54.05
CA LYS V 52 3.29 -16.38 -54.81
C LYS V 52 3.83 -16.65 -56.21
N GLY V 53 4.51 -17.78 -56.40
CA GLY V 53 4.97 -18.14 -57.72
C GLY V 53 3.84 -18.44 -58.67
N TRP V 54 2.80 -19.11 -58.18
CA TRP V 54 1.61 -19.36 -58.99
C TRP V 54 0.93 -18.05 -59.39
N GLU V 55 0.80 -17.13 -58.44
CA GLU V 55 0.10 -15.87 -58.71
C GLU V 55 0.84 -15.04 -59.75
N ALA V 56 2.17 -14.98 -59.66
CA ALA V 56 2.94 -14.19 -60.61
C ALA V 56 2.81 -14.74 -62.03
N ALA V 57 2.78 -16.07 -62.18
CA ALA V 57 2.62 -16.64 -63.51
C ALA V 57 1.24 -16.33 -64.09
N LEU V 58 0.21 -16.34 -63.25
CA LEU V 58 -1.14 -16.05 -63.74
C LEU V 58 -1.23 -14.61 -64.24
N SER V 59 -0.57 -13.68 -63.56
CA SER V 59 -0.57 -12.29 -64.01
C SER V 59 0.14 -12.15 -65.36
N ALA V 60 1.24 -12.89 -65.55
CA ALA V 60 1.97 -12.81 -66.80
C ALA V 60 1.13 -13.29 -67.99
N ILE V 61 0.37 -14.37 -67.79
CA ILE V 61 -0.46 -14.90 -68.88
C ILE V 61 -1.50 -13.87 -69.30
N GLU V 62 -2.15 -13.24 -68.34
CA GLU V 62 -3.18 -12.25 -68.66
C GLU V 62 -2.58 -11.06 -69.39
N MET V 63 -1.44 -10.55 -68.92
CA MET V 63 -0.83 -9.37 -69.53
C MET V 63 -0.40 -9.67 -70.96
N ALA V 64 0.12 -10.88 -71.21
CA ALA V 64 0.54 -11.23 -72.57
C ALA V 64 -0.64 -11.22 -73.53
N ASN V 65 -1.79 -11.74 -73.10
CA ASN V 65 -2.97 -11.73 -73.96
C ASN V 65 -3.52 -10.32 -74.14
N LEU V 66 -3.45 -9.49 -73.09
CA LEU V 66 -3.94 -8.12 -73.20
C LEU V 66 -3.14 -7.33 -74.23
N PHE V 67 -1.81 -7.45 -74.20
CA PHE V 67 -0.98 -6.70 -75.14
C PHE V 67 -1.19 -7.17 -76.57
N LYS V 68 -1.46 -8.48 -76.75
CA LYS V 68 -1.80 -9.00 -78.10
C LYS V 68 -3.08 -8.31 -78.56
N SER V 69 -4.03 -8.02 -77.65
CA SER V 69 -5.31 -7.43 -78.03
C SER V 69 -5.18 -5.95 -78.34
N LEU V 70 -4.39 -5.21 -77.55
CA LEU V 70 -4.24 -3.77 -77.78
C LEU V 70 -3.60 -3.50 -79.14
N ARG V 71 -2.61 -4.29 -79.53
CA ARG V 71 -1.89 -4.07 -80.76
C ARG V 71 -2.58 -4.66 -81.98
N GLY V 72 -3.73 -5.31 -81.80
CA GLY V 72 -4.52 -5.82 -82.89
C GLY V 72 -5.53 -4.80 -83.38
N THR V 73 -6.57 -5.30 -84.05
CA THR V 73 -7.59 -4.42 -84.61
C THR V 73 -8.44 -3.78 -83.51
N GLY V 74 -8.72 -4.51 -82.43
CA GLY V 74 -9.56 -4.00 -81.37
C GLY V 74 -11.03 -4.21 -81.63
N GLY V 75 -11.51 -3.76 -82.79
CA GLY V 75 -12.89 -3.98 -83.16
C GLY V 75 -13.86 -3.12 -82.36
N SER V 76 -15.12 -3.57 -82.33
CA SER V 76 -16.20 -2.87 -81.64
C SER V 76 -16.45 -1.49 -82.24
N GLY V 77 -17.58 -0.89 -81.89
CA GLY V 77 -17.91 0.43 -82.39
C GLY V 77 -19.24 0.89 -81.85
N SER V 78 -19.44 2.20 -81.88
CA SER V 78 -20.66 2.85 -81.40
C SER V 78 -20.91 2.55 -79.92
N SER V 79 -19.88 2.18 -79.17
CA SER V 79 -20.03 1.86 -77.76
C SER V 79 -18.65 1.93 -77.11
N MET V 80 -18.65 1.86 -75.78
CA MET V 80 -17.41 1.93 -75.01
C MET V 80 -16.52 0.73 -75.33
N GLU V 81 -15.27 1.01 -75.71
CA GLU V 81 -14.30 -0.05 -75.97
C GLU V 81 -13.72 -0.56 -74.66
N ILE V 82 -13.71 -1.89 -74.51
CA ILE V 82 -13.16 -2.54 -73.32
C ILE V 82 -12.12 -3.55 -73.76
N TYR V 83 -10.94 -3.48 -73.15
CA TYR V 83 -9.83 -4.38 -73.44
C TYR V 83 -9.55 -5.23 -72.21
N GLU V 84 -9.44 -6.54 -72.41
CA GLU V 84 -9.15 -7.47 -71.32
C GLU V 84 -8.43 -8.68 -71.88
N GLY V 85 -7.76 -9.41 -70.99
CA GLY V 85 -6.96 -10.56 -71.38
C GLY V 85 -7.56 -11.86 -70.88
N LYS V 86 -7.48 -12.89 -71.74
CA LYS V 86 -7.98 -14.23 -71.41
C LYS V 86 -6.95 -14.88 -70.50
N LEU V 87 -7.21 -16.10 -70.05
CA LEU V 87 -6.31 -16.92 -69.24
C LEU V 87 -5.97 -18.23 -69.94
N THR V 88 -5.71 -18.16 -71.25
CA THR V 88 -5.23 -19.30 -72.02
C THR V 88 -3.78 -19.07 -72.41
N ALA V 89 -2.94 -20.07 -72.17
CA ALA V 89 -1.49 -19.95 -72.39
C ALA V 89 -1.02 -20.62 -73.68
N GLU V 90 -1.93 -21.06 -74.53
CA GLU V 90 -1.52 -21.76 -75.75
C GLU V 90 -0.77 -20.81 -76.68
N GLY V 91 0.44 -21.21 -77.07
CA GLY V 91 1.23 -20.45 -78.02
C GLY V 91 2.14 -19.40 -77.41
N LEU V 92 2.10 -19.18 -76.11
CA LEU V 92 2.92 -18.14 -75.47
C LEU V 92 4.25 -18.71 -75.00
N ARG V 93 5.24 -17.83 -74.90
CA ARG V 93 6.60 -18.17 -74.50
C ARG V 93 7.02 -17.30 -73.32
N PHE V 94 7.56 -17.92 -72.28
CA PHE V 94 7.82 -17.26 -71.01
C PHE V 94 9.27 -17.45 -70.59
N GLY V 95 9.80 -16.44 -69.89
CA GLY V 95 11.10 -16.54 -69.24
C GLY V 95 10.97 -16.35 -67.73
N ILE V 96 11.82 -17.05 -66.98
CA ILE V 96 11.80 -17.02 -65.52
C ILE V 96 13.21 -16.75 -65.02
N VAL V 97 13.33 -15.83 -64.07
CA VAL V 97 14.58 -15.52 -63.38
C VAL V 97 14.38 -15.79 -61.90
N ALA V 98 15.22 -16.66 -61.33
CA ALA V 98 15.10 -17.09 -59.95
C ALA V 98 16.45 -16.99 -59.25
N SER V 99 16.42 -16.63 -57.97
CA SER V 99 17.62 -16.51 -57.16
C SER V 99 17.87 -17.79 -56.37
N ARG V 100 19.12 -17.95 -55.92
CA ARG V 100 19.53 -19.16 -55.20
C ARG V 100 19.52 -19.01 -53.69
N PHE V 101 19.43 -17.80 -53.16
CA PHE V 101 19.43 -17.62 -51.71
C PHE V 101 18.07 -18.01 -51.15
N ASN V 102 18.08 -18.66 -49.99
CA ASN V 102 16.87 -19.27 -49.42
C ASN V 102 16.25 -20.26 -50.40
N HIS V 103 17.08 -21.15 -50.95
CA HIS V 103 16.60 -22.04 -52.01
C HIS V 103 15.56 -23.02 -51.50
N ALA V 104 15.52 -23.28 -50.19
CA ALA V 104 14.50 -24.19 -49.66
C ALA V 104 13.09 -23.66 -49.94
N LEU V 105 12.94 -22.34 -50.03
CA LEU V 105 11.65 -21.72 -50.33
C LEU V 105 11.51 -21.38 -51.80
N VAL V 106 12.59 -20.94 -52.44
CA VAL V 106 12.52 -20.48 -53.83
C VAL V 106 12.10 -21.61 -54.75
N ASP V 107 12.62 -22.82 -54.53
CA ASP V 107 12.27 -23.94 -55.39
C ASP V 107 10.79 -24.30 -55.31
N ARG V 108 10.12 -23.97 -54.21
CA ARG V 108 8.68 -24.16 -54.15
C ARG V 108 7.96 -23.15 -55.06
N LEU V 109 8.47 -21.93 -55.14
CA LEU V 109 7.85 -20.92 -55.98
C LEU V 109 8.03 -21.24 -57.46
N VAL V 110 9.20 -21.76 -57.84
CA VAL V 110 9.44 -22.08 -59.25
C VAL V 110 8.54 -23.22 -59.68
N GLU V 111 8.30 -24.20 -58.80
CA GLU V 111 7.41 -25.30 -59.14
C GLU V 111 6.00 -24.79 -59.41
N GLY V 112 5.53 -23.84 -58.60
CA GLY V 112 4.19 -23.30 -58.80
C GLY V 112 4.05 -22.59 -60.13
N ALA V 113 5.06 -21.80 -60.51
CA ALA V 113 4.99 -21.06 -61.76
C ALA V 113 4.91 -21.99 -62.95
N ILE V 114 5.70 -23.07 -62.95
CA ILE V 114 5.68 -24.02 -64.06
C ILE V 114 4.35 -24.77 -64.09
N ASP V 115 3.82 -25.12 -62.92
CA ASP V 115 2.55 -25.84 -62.87
C ASP V 115 1.42 -24.99 -63.46
N CYS V 116 1.41 -23.69 -63.15
CA CYS V 116 0.35 -22.81 -63.66
C CYS V 116 0.37 -22.76 -65.18
N ILE V 117 1.56 -22.61 -65.76
CA ILE V 117 1.66 -22.45 -67.21
C ILE V 117 1.21 -23.71 -67.93
N VAL V 118 1.60 -24.88 -67.42
CA VAL V 118 1.33 -26.13 -68.14
C VAL V 118 -0.16 -26.46 -68.12
N ARG V 119 -0.82 -26.27 -66.97
CA ARG V 119 -2.22 -26.66 -66.85
C ARG V 119 -3.16 -25.65 -67.49
N HIS V 120 -2.69 -24.46 -67.83
CA HIS V 120 -3.46 -23.51 -68.61
C HIS V 120 -3.24 -23.66 -70.12
N GLY V 121 -2.46 -24.64 -70.55
CA GLY V 121 -2.30 -24.92 -71.97
C GLY V 121 -0.94 -24.65 -72.56
N GLY V 122 0.07 -24.32 -71.74
CA GLY V 122 1.39 -24.06 -72.25
C GLY V 122 2.26 -25.32 -72.33
N ARG V 123 3.43 -25.15 -72.94
CA ARG V 123 4.40 -26.23 -73.09
C ARG V 123 5.65 -25.91 -72.28
N GLU V 124 6.25 -26.96 -71.70
CA GLU V 124 7.52 -26.78 -71.01
C GLU V 124 8.63 -26.40 -71.97
N GLU V 125 8.51 -26.77 -73.24
CA GLU V 125 9.52 -26.41 -74.23
C GLU V 125 9.59 -24.91 -74.47
N ASP V 126 8.55 -24.16 -74.09
CA ASP V 126 8.49 -22.73 -74.33
C ASP V 126 8.91 -21.92 -73.10
N ILE V 127 9.50 -22.54 -72.09
CA ILE V 127 9.91 -21.88 -70.86
C ILE V 127 11.43 -21.86 -70.81
N THR V 128 11.99 -20.68 -70.55
CA THR V 128 13.42 -20.49 -70.37
C THR V 128 13.67 -20.07 -68.93
N LEU V 129 14.54 -20.79 -68.24
CA LEU V 129 14.82 -20.57 -66.82
C LEU V 129 16.27 -20.16 -66.64
N VAL V 130 16.47 -19.03 -65.95
CA VAL V 130 17.80 -18.50 -65.66
C VAL V 130 17.93 -18.35 -64.15
N ARG V 131 19.06 -18.80 -63.60
CA ARG V 131 19.31 -18.76 -62.17
C ARG V 131 20.45 -17.82 -61.87
N VAL V 132 20.29 -17.01 -60.82
CA VAL V 132 21.29 -16.02 -60.42
C VAL V 132 21.62 -16.22 -58.94
N PRO V 133 22.80 -15.79 -58.47
CA PRO V 133 23.18 -16.06 -57.08
C PRO V 133 22.35 -15.33 -56.04
N GLY V 134 21.72 -14.21 -56.36
CA GLY V 134 21.00 -13.47 -55.35
C GLY V 134 19.99 -12.52 -55.97
N SER V 135 19.17 -11.92 -55.10
CA SER V 135 18.14 -11.00 -55.56
C SER V 135 18.73 -9.75 -56.20
N TRP V 136 19.91 -9.33 -55.75
CA TRP V 136 20.53 -8.13 -56.31
C TRP V 136 20.81 -8.29 -57.79
N GLU V 137 21.07 -9.52 -58.25
CA GLU V 137 21.41 -9.77 -59.65
C GLU V 137 20.20 -10.03 -60.53
N ILE V 138 18.98 -10.02 -59.98
CA ILE V 138 17.80 -10.29 -60.79
C ILE V 138 17.59 -9.23 -61.88
N PRO V 139 17.63 -7.93 -61.58
CA PRO V 139 17.31 -6.95 -62.64
C PRO V 139 18.21 -7.02 -63.85
N VAL V 140 19.52 -7.23 -63.67
CA VAL V 140 20.42 -7.27 -64.81
C VAL V 140 20.19 -8.52 -65.64
N ALA V 141 19.90 -9.65 -65.00
CA ALA V 141 19.59 -10.87 -65.75
C ALA V 141 18.25 -10.75 -66.46
N ALA V 142 17.26 -10.14 -65.81
CA ALA V 142 15.96 -9.96 -66.44
C ALA V 142 16.07 -9.10 -67.69
N GLY V 143 17.03 -8.17 -67.71
CA GLY V 143 17.22 -7.32 -68.87
C GLY V 143 17.68 -8.05 -70.10
N GLU V 144 18.40 -9.15 -69.93
CA GLU V 144 18.85 -9.94 -71.08
C GLU V 144 17.70 -10.72 -71.70
N LEU V 145 16.83 -11.30 -70.87
CA LEU V 145 15.70 -12.05 -71.40
C LEU V 145 14.68 -11.12 -72.06
N ALA V 146 14.41 -9.98 -71.44
CA ALA V 146 13.36 -9.09 -71.95
C ALA V 146 13.70 -8.55 -73.33
N ARG V 147 14.99 -8.52 -73.69
CA ARG V 147 15.38 -8.00 -74.99
C ARG V 147 15.31 -9.04 -76.11
N LYS V 148 15.04 -10.30 -75.78
CA LYS V 148 14.86 -11.32 -76.82
C LYS V 148 13.51 -11.15 -77.50
N GLU V 149 13.49 -11.36 -78.81
CA GLU V 149 12.29 -11.11 -79.60
C GLU V 149 11.22 -12.18 -79.36
N ASP V 150 11.62 -13.40 -78.99
CA ASP V 150 10.70 -14.51 -78.87
C ASP V 150 10.28 -14.77 -77.42
N ILE V 151 10.33 -13.75 -76.57
CA ILE V 151 9.86 -13.84 -75.19
C ILE V 151 8.69 -12.88 -75.04
N ASP V 152 7.57 -13.39 -74.50
CA ASP V 152 6.37 -12.57 -74.34
C ASP V 152 6.27 -11.91 -72.98
N ALA V 153 6.76 -12.56 -71.92
CA ALA V 153 6.71 -11.99 -70.57
C ALA V 153 7.79 -12.65 -69.72
N VAL V 154 8.16 -11.96 -68.65
CA VAL V 154 9.21 -12.41 -67.74
C VAL V 154 8.64 -12.46 -66.33
N ILE V 155 9.04 -13.49 -65.57
CA ILE V 155 8.60 -13.70 -64.20
C ILE V 155 9.83 -13.68 -63.30
N ALA V 156 9.79 -12.84 -62.26
CA ALA V 156 10.90 -12.69 -61.32
C ALA V 156 10.49 -13.30 -59.98
N ILE V 157 11.37 -14.13 -59.43
CA ILE V 157 11.09 -14.89 -58.21
C ILE V 157 12.26 -14.73 -57.26
N GLY V 158 11.96 -14.51 -55.98
CA GLY V 158 12.99 -14.40 -54.95
C GLY V 158 12.34 -14.32 -53.58
N VAL V 159 13.18 -14.47 -52.56
CA VAL V 159 12.74 -14.43 -51.17
C VAL V 159 13.72 -13.56 -50.37
N LEU V 160 13.18 -12.58 -49.67
CA LEU V 160 13.95 -11.73 -48.76
C LEU V 160 13.31 -11.74 -47.38
N ILE V 161 14.11 -11.94 -46.35
CA ILE V 161 13.64 -12.01 -44.97
C ILE V 161 14.44 -11.02 -44.14
N ARG V 162 13.74 -10.18 -43.39
CA ARG V 162 14.38 -9.15 -42.58
C ARG V 162 15.15 -9.78 -41.43
N THR W 3 22.76 9.80 -36.33
CA THR W 3 22.38 10.95 -37.13
C THR W 3 21.85 10.51 -38.49
N PRO W 4 21.02 11.34 -39.13
CA PRO W 4 20.47 10.95 -40.45
C PRO W 4 21.50 10.95 -41.57
N HIS W 5 22.74 11.36 -41.30
CA HIS W 5 23.77 11.34 -42.33
C HIS W 5 23.94 9.93 -42.91
N PHE W 6 23.76 8.91 -42.07
CA PHE W 6 23.94 7.53 -42.52
C PHE W 6 22.95 7.18 -43.63
N ASP W 7 21.70 7.59 -43.50
CA ASP W 7 20.66 7.15 -44.43
C ASP W 7 20.91 7.67 -45.84
N TYR W 8 21.25 8.95 -45.98
CA TYR W 8 21.35 9.54 -47.31
C TYR W 8 22.52 8.98 -48.10
N ILE W 9 23.65 8.75 -47.42
CA ILE W 9 24.81 8.17 -48.11
C ILE W 9 24.50 6.76 -48.56
N ALA W 10 23.87 5.96 -47.69
CA ALA W 10 23.57 4.57 -48.02
C ALA W 10 22.60 4.48 -49.19
N SER W 11 21.60 5.36 -49.22
CA SER W 11 20.61 5.33 -50.30
C SER W 11 21.25 5.64 -51.65
N GLU W 12 22.15 6.61 -51.68
CA GLU W 12 22.71 7.04 -52.96
C GLU W 12 23.74 6.04 -53.49
N VAL W 13 24.51 5.41 -52.61
CA VAL W 13 25.51 4.45 -53.06
C VAL W 13 24.83 3.23 -53.67
N SER W 14 23.80 2.71 -52.99
CA SER W 14 23.09 1.54 -53.52
C SER W 14 22.37 1.87 -54.82
N LYS W 15 21.73 3.04 -54.88
CA LYS W 15 21.00 3.43 -56.09
C LYS W 15 21.96 3.64 -57.26
N GLY W 16 23.12 4.26 -57.01
CA GLY W 16 24.05 4.53 -58.08
C GLY W 16 24.58 3.26 -58.73
N LEU W 17 24.96 2.27 -57.91
CA LEU W 17 25.51 1.04 -58.47
C LEU W 17 24.45 0.26 -59.25
N ALA W 18 23.22 0.26 -58.77
CA ALA W 18 22.15 -0.48 -59.44
C ALA W 18 21.89 0.08 -60.84
N ASN W 19 21.72 1.39 -60.94
CA ASN W 19 21.47 2.00 -62.24
C ASN W 19 22.65 1.79 -63.19
N LEU W 20 23.87 1.85 -62.65
CA LEU W 20 25.05 1.70 -63.49
C LEU W 20 25.10 0.32 -64.13
N SER W 21 24.72 -0.72 -63.39
CA SER W 21 24.76 -2.07 -63.92
C SER W 21 23.78 -2.24 -65.07
N LEU W 22 22.60 -1.63 -64.97
CA LEU W 22 21.60 -1.74 -66.03
C LEU W 22 22.01 -0.95 -67.26
N GLU W 23 22.60 0.23 -67.07
CA GLU W 23 22.98 1.06 -68.20
C GLU W 23 24.09 0.41 -69.02
N LEU W 24 25.12 -0.10 -68.36
CA LEU W 24 26.24 -0.72 -69.06
C LEU W 24 26.02 -2.21 -69.31
N ARG W 25 24.99 -2.81 -68.73
CA ARG W 25 24.67 -4.22 -68.93
C ARG W 25 25.86 -5.11 -68.57
N LYS W 26 26.46 -4.83 -67.41
CA LYS W 26 27.58 -5.60 -66.89
C LYS W 26 27.34 -5.90 -65.42
N PRO W 27 27.79 -7.05 -64.92
CA PRO W 27 27.55 -7.37 -63.50
C PRO W 27 28.34 -6.48 -62.56
N ILE W 28 27.68 -5.99 -61.52
CA ILE W 28 28.31 -5.27 -60.42
C ILE W 28 27.73 -5.81 -59.12
N THR W 29 28.59 -6.21 -58.20
CA THR W 29 28.20 -6.87 -56.96
C THR W 29 28.28 -5.90 -55.78
N PHE W 30 27.34 -6.04 -54.85
CA PHE W 30 27.19 -5.12 -53.72
C PHE W 30 27.87 -5.75 -52.50
N GLY W 31 29.08 -5.28 -52.19
CA GLY W 31 29.83 -5.77 -51.06
C GLY W 31 30.00 -4.75 -49.95
N VAL W 32 28.97 -3.94 -49.71
CA VAL W 32 29.04 -2.86 -48.73
C VAL W 32 28.28 -3.27 -47.47
N ILE W 33 28.95 -3.18 -46.33
CA ILE W 33 28.31 -3.46 -45.04
C ILE W 33 27.55 -2.23 -44.57
N THR W 34 26.34 -2.44 -44.08
CA THR W 34 25.50 -1.38 -43.52
C THR W 34 25.03 -1.86 -42.14
N ALA W 35 25.73 -1.45 -41.09
CA ALA W 35 25.49 -1.94 -39.74
C ALA W 35 25.01 -0.82 -38.83
N ASP W 36 24.29 -1.21 -37.79
CA ASP W 36 23.81 -0.26 -36.79
C ASP W 36 24.81 -0.04 -35.65
N THR W 37 25.69 -1.00 -35.41
CA THR W 37 26.65 -0.91 -34.31
C THR W 37 28.00 -1.43 -34.77
N LEU W 38 29.05 -1.04 -34.03
CA LEU W 38 30.39 -1.51 -34.35
C LEU W 38 30.51 -3.01 -34.21
N GLU W 39 29.84 -3.59 -33.22
CA GLU W 39 29.89 -5.04 -33.02
C GLU W 39 29.33 -5.78 -34.22
N GLN W 40 28.22 -5.29 -34.78
CA GLN W 40 27.63 -5.93 -35.95
C GLN W 40 28.58 -5.90 -37.13
N ALA W 41 29.40 -4.86 -37.25
CA ALA W 41 30.32 -4.76 -38.38
C ALA W 41 31.47 -5.75 -38.25
N ILE W 42 32.03 -5.89 -37.04
CA ILE W 42 33.13 -6.84 -36.84
C ILE W 42 32.63 -8.26 -37.09
N GLU W 43 31.36 -8.53 -36.84
CA GLU W 43 30.81 -9.86 -37.04
C GLU W 43 30.94 -10.30 -38.49
N ARG W 44 30.75 -9.37 -39.43
CA ARG W 44 30.68 -9.68 -40.85
C ARG W 44 31.98 -9.40 -41.60
N ALA W 45 33.05 -9.03 -40.89
CA ALA W 45 34.33 -8.66 -41.50
C ALA W 45 35.40 -9.73 -41.29
N GLY W 46 35.04 -11.00 -41.36
CA GLY W 46 35.97 -12.09 -41.15
C GLY W 46 35.79 -12.81 -39.83
N THR W 47 34.61 -12.73 -39.22
CA THR W 47 34.34 -13.35 -37.93
C THR W 47 33.03 -14.15 -38.01
N LYS W 48 32.47 -14.49 -36.84
CA LYS W 48 31.46 -15.54 -36.71
C LYS W 48 30.36 -15.51 -37.77
N HIS W 49 30.10 -14.38 -38.41
CA HIS W 49 29.11 -14.31 -39.49
C HIS W 49 29.75 -14.24 -40.87
N GLY W 50 31.01 -14.64 -41.00
CA GLY W 50 31.65 -14.74 -42.30
C GLY W 50 32.27 -13.44 -42.77
N ASN W 51 32.64 -13.44 -44.05
CA ASN W 51 33.30 -12.31 -44.69
C ASN W 51 32.47 -11.89 -45.90
N LYS W 52 32.01 -10.64 -45.90
CA LYS W 52 31.20 -10.16 -47.01
C LYS W 52 32.03 -9.94 -48.26
N GLY W 53 33.33 -9.68 -48.12
CA GLY W 53 34.19 -9.56 -49.29
C GLY W 53 34.31 -10.86 -50.05
N TRP W 54 34.41 -11.98 -49.33
CA TRP W 54 34.46 -13.28 -49.97
C TRP W 54 33.16 -13.56 -50.73
N GLU W 55 32.02 -13.25 -50.12
CA GLU W 55 30.73 -13.54 -50.74
C GLU W 55 30.53 -12.73 -52.02
N ALA W 56 30.92 -11.46 -52.00
CA ALA W 56 30.75 -10.62 -53.18
C ALA W 56 31.58 -11.13 -54.35
N ALA W 57 32.81 -11.60 -54.08
CA ALA W 57 33.64 -12.14 -55.15
C ALA W 57 33.03 -13.40 -55.74
N LEU W 58 32.45 -14.26 -54.90
CA LEU W 58 31.86 -15.49 -55.40
C LEU W 58 30.68 -15.20 -56.33
N SER W 59 29.88 -14.18 -55.99
CA SER W 59 28.78 -13.79 -56.86
C SER W 59 29.27 -13.29 -58.21
N ALA W 60 30.37 -12.52 -58.20
CA ALA W 60 30.90 -12.00 -59.46
C ALA W 60 31.36 -13.11 -60.39
N ILE W 61 32.00 -14.14 -59.84
CA ILE W 61 32.50 -15.23 -60.67
C ILE W 61 31.34 -15.94 -61.35
N GLU W 62 30.27 -16.21 -60.60
CA GLU W 62 29.11 -16.90 -61.17
C GLU W 62 28.46 -16.08 -62.27
N MET W 63 28.27 -14.77 -62.02
CA MET W 63 27.61 -13.93 -63.00
C MET W 63 28.42 -13.82 -64.28
N ALA W 64 29.75 -13.75 -64.17
CA ALA W 64 30.59 -13.68 -65.36
C ALA W 64 30.43 -14.92 -66.22
N ASN W 65 30.38 -16.09 -65.60
CA ASN W 65 30.21 -17.32 -66.37
C ASN W 65 28.80 -17.40 -66.97
N LEU W 66 27.80 -16.92 -66.23
CA LEU W 66 26.43 -16.96 -66.74
C LEU W 66 26.28 -16.11 -68.00
N PHE W 67 26.85 -14.90 -67.98
CA PHE W 67 26.72 -14.02 -69.13
C PHE W 67 27.47 -14.58 -70.35
N LYS W 68 28.59 -15.28 -70.10
CA LYS W 68 29.32 -15.95 -71.20
C LYS W 68 28.38 -17.00 -71.80
N SER W 69 27.54 -17.66 -70.99
CA SER W 69 26.67 -18.73 -71.49
C SER W 69 25.47 -18.18 -72.24
N LEU W 70 24.88 -17.08 -71.76
CA LEU W 70 23.72 -16.52 -72.43
C LEU W 70 24.06 -16.04 -73.83
N ARG W 71 25.23 -15.41 -74.00
CA ARG W 71 25.63 -14.84 -75.27
C ARG W 71 26.25 -15.86 -76.21
N GLY W 72 26.38 -17.12 -75.78
CA GLY W 72 26.87 -18.18 -76.63
C GLY W 72 25.74 -18.87 -77.38
N THR W 73 26.01 -20.11 -77.80
CA THR W 73 25.02 -20.86 -78.57
C THR W 73 23.85 -21.30 -77.69
N GLY W 74 24.10 -21.62 -76.44
CA GLY W 74 23.05 -22.10 -75.55
C GLY W 74 22.81 -23.59 -75.67
N GLY W 75 22.57 -24.06 -76.89
CA GLY W 75 22.38 -25.48 -77.11
C GLY W 75 21.04 -25.99 -76.58
N SER W 76 21.00 -27.30 -76.38
CA SER W 76 19.81 -27.99 -75.89
C SER W 76 18.65 -27.88 -76.87
N GLY W 77 17.62 -28.68 -76.68
CA GLY W 77 16.47 -28.65 -77.56
C GLY W 77 15.44 -29.67 -77.12
N SER W 78 14.21 -29.44 -77.56
CA SER W 78 13.07 -30.30 -77.25
C SER W 78 12.82 -30.42 -75.75
N SER W 79 13.32 -29.46 -74.97
CA SER W 79 13.16 -29.50 -73.52
C SER W 79 13.40 -28.10 -72.97
N MET W 80 13.08 -27.93 -71.70
CA MET W 80 13.25 -26.63 -71.05
C MET W 80 14.71 -26.22 -71.01
N GLU W 81 15.00 -25.02 -71.50
CA GLU W 81 16.36 -24.50 -71.47
C GLU W 81 16.66 -23.93 -70.09
N ILE W 82 17.80 -24.31 -69.52
CA ILE W 82 18.25 -23.84 -68.22
C ILE W 82 19.63 -23.24 -68.36
N TYR W 83 19.82 -22.02 -67.85
CA TYR W 83 21.09 -21.32 -67.89
C TYR W 83 21.60 -21.14 -66.47
N GLU W 84 22.87 -21.49 -66.26
CA GLU W 84 23.49 -21.35 -64.95
C GLU W 84 24.99 -21.15 -65.13
N GLY W 85 25.63 -20.63 -64.08
CA GLY W 85 27.05 -20.30 -64.13
C GLY W 85 27.87 -21.21 -63.22
N LYS W 86 29.05 -21.59 -63.73
CA LYS W 86 29.98 -22.43 -62.97
C LYS W 86 30.67 -21.54 -61.94
N LEU W 87 31.55 -22.12 -61.13
CA LEU W 87 32.37 -21.41 -60.15
C LEU W 87 33.85 -21.61 -60.41
N THR W 88 34.25 -21.54 -61.68
CA THR W 88 35.65 -21.57 -62.07
C THR W 88 36.05 -20.19 -62.58
N ALA W 89 37.18 -19.69 -62.07
CA ALA W 89 37.63 -18.33 -62.38
C ALA W 89 38.76 -18.28 -63.41
N GLU W 90 39.08 -19.40 -64.05
CA GLU W 90 40.17 -19.43 -65.00
C GLU W 90 39.85 -18.56 -66.21
N GLY W 91 40.74 -17.61 -66.51
CA GLY W 91 40.60 -16.76 -67.67
C GLY W 91 39.81 -15.48 -67.47
N LEU W 92 39.24 -15.25 -66.30
CA LEU W 92 38.42 -14.08 -66.05
C LEU W 92 39.26 -12.94 -65.48
N ARG W 93 38.78 -11.71 -65.70
CA ARG W 93 39.45 -10.50 -65.27
C ARG W 93 38.49 -9.65 -64.46
N PHE W 94 38.95 -9.19 -63.29
CA PHE W 94 38.09 -8.55 -62.29
C PHE W 94 38.64 -7.19 -61.89
N GLY W 95 37.74 -6.27 -61.56
CA GLY W 95 38.09 -5.00 -60.97
C GLY W 95 37.46 -4.85 -59.60
N ILE W 96 38.17 -4.16 -58.70
CA ILE W 96 37.73 -3.96 -57.33
C ILE W 96 37.83 -2.47 -57.00
N VAL W 97 36.78 -1.93 -56.38
CA VAL W 97 36.76 -0.56 -55.87
C VAL W 97 36.52 -0.61 -54.38
N ALA W 98 37.43 -0.02 -53.61
CA ALA W 98 37.39 -0.06 -52.15
C ALA W 98 37.57 1.32 -51.57
N SER W 99 36.87 1.60 -50.47
CA SER W 99 36.98 2.89 -49.80
C SER W 99 37.99 2.83 -48.65
N ARG W 100 38.44 4.00 -48.22
CA ARG W 100 39.46 4.11 -47.18
C ARG W 100 38.91 4.37 -45.79
N PHE W 101 37.64 4.75 -45.66
CA PHE W 101 37.07 5.02 -44.35
C PHE W 101 36.79 3.70 -43.64
N ASN W 102 37.06 3.67 -42.33
CA ASN W 102 37.02 2.43 -41.55
C ASN W 102 37.96 1.39 -42.14
N HIS W 103 39.20 1.79 -42.42
CA HIS W 103 40.13 0.92 -43.13
C HIS W 103 40.51 -0.31 -42.29
N ALA W 104 40.36 -0.24 -40.97
CA ALA W 104 40.66 -1.40 -40.15
C ALA W 104 39.78 -2.59 -40.51
N LEU W 105 38.57 -2.33 -41.00
CA LEU W 105 37.65 -3.38 -41.43
C LEU W 105 37.70 -3.62 -42.93
N VAL W 106 37.86 -2.55 -43.71
CA VAL W 106 37.81 -2.68 -45.18
C VAL W 106 38.94 -3.57 -45.68
N ASP W 107 40.14 -3.43 -45.11
CA ASP W 107 41.27 -4.24 -45.57
C ASP W 107 41.05 -5.73 -45.32
N ARG W 108 40.21 -6.09 -44.34
CA ARG W 108 39.86 -7.50 -44.18
C ARG W 108 38.96 -7.98 -45.32
N LEU W 109 38.06 -7.12 -45.80
CA LEU W 109 37.18 -7.51 -46.89
C LEU W 109 37.94 -7.65 -48.21
N VAL W 110 38.92 -6.78 -48.45
CA VAL W 110 39.69 -6.86 -49.70
C VAL W 110 40.52 -8.13 -49.72
N GLU W 111 41.06 -8.53 -48.57
CA GLU W 111 41.82 -9.77 -48.50
C GLU W 111 40.96 -10.97 -48.86
N GLY W 112 39.72 -10.99 -48.36
CA GLY W 112 38.83 -12.10 -48.67
C GLY W 112 38.51 -12.20 -50.15
N ALA W 113 38.27 -11.05 -50.79
CA ALA W 113 37.92 -11.06 -52.22
C ALA W 113 39.06 -11.61 -53.05
N ILE W 114 40.30 -11.22 -52.74
CA ILE W 114 41.45 -11.70 -53.50
C ILE W 114 41.67 -13.19 -53.24
N ASP W 115 41.47 -13.63 -51.99
CA ASP W 115 41.66 -15.04 -51.67
C ASP W 115 40.67 -15.91 -52.44
N CYS W 116 39.42 -15.47 -52.56
CA CYS W 116 38.42 -16.25 -53.28
C CYS W 116 38.79 -16.43 -54.73
N ILE W 117 39.23 -15.35 -55.39
CA ILE W 117 39.53 -15.42 -56.82
C ILE W 117 40.70 -16.34 -57.09
N VAL W 118 41.75 -16.28 -56.26
CA VAL W 118 42.96 -17.04 -56.54
C VAL W 118 42.73 -18.54 -56.35
N ARG W 119 42.02 -18.92 -55.29
CA ARG W 119 41.85 -20.34 -55.01
C ARG W 119 40.79 -21.01 -55.88
N HIS W 120 39.99 -20.22 -56.60
CA HIS W 120 39.08 -20.77 -57.61
C HIS W 120 39.71 -20.82 -59.00
N GLY W 121 40.98 -20.47 -59.14
CA GLY W 121 41.69 -20.61 -60.40
C GLY W 121 42.08 -19.33 -61.10
N GLY W 122 41.91 -18.17 -60.46
CA GLY W 122 42.28 -16.92 -61.09
C GLY W 122 43.73 -16.52 -60.81
N ARG W 123 44.17 -15.47 -61.48
CA ARG W 123 45.51 -14.92 -61.32
C ARG W 123 45.44 -13.53 -60.71
N GLU W 124 46.41 -13.22 -59.86
CA GLU W 124 46.51 -11.87 -59.31
C GLU W 124 46.81 -10.85 -60.39
N GLU W 125 47.47 -11.27 -61.47
CA GLU W 125 47.78 -10.36 -62.58
C GLU W 125 46.52 -9.84 -63.27
N ASP W 126 45.38 -10.52 -63.10
CA ASP W 126 44.14 -10.15 -63.76
C ASP W 126 43.22 -9.33 -62.87
N ILE W 127 43.72 -8.82 -61.74
CA ILE W 127 42.92 -8.05 -60.80
C ILE W 127 43.41 -6.61 -60.82
N THR W 128 42.47 -5.68 -60.97
CA THR W 128 42.75 -4.24 -60.92
C THR W 128 42.06 -3.67 -59.68
N LEU W 129 42.82 -2.98 -58.83
CA LEU W 129 42.32 -2.45 -57.58
C LEU W 129 42.41 -0.93 -57.59
N VAL W 130 41.28 -0.28 -57.31
CA VAL W 130 41.18 1.17 -57.24
C VAL W 130 40.68 1.56 -55.86
N ARG W 131 41.32 2.55 -55.25
CA ARG W 131 40.98 3.01 -53.91
C ARG W 131 40.44 4.43 -53.96
N VAL W 132 39.37 4.70 -53.22
CA VAL W 132 38.72 6.00 -53.18
C VAL W 132 38.60 6.46 -51.73
N PRO W 133 38.50 7.77 -51.48
CA PRO W 133 38.49 8.25 -50.08
C PRO W 133 37.26 7.85 -49.28
N GLY W 134 36.13 7.57 -49.91
CA GLY W 134 34.92 7.28 -49.16
C GLY W 134 33.89 6.55 -50.00
N SER W 135 32.83 6.10 -49.33
CA SER W 135 31.78 5.36 -50.01
C SER W 135 31.04 6.21 -51.03
N TRP W 136 30.94 7.52 -50.78
CA TRP W 136 30.25 8.41 -51.70
C TRP W 136 30.91 8.41 -53.08
N GLU W 137 32.22 8.19 -53.15
CA GLU W 137 32.95 8.22 -54.41
C GLU W 137 33.00 6.87 -55.11
N ILE W 138 32.42 5.82 -54.54
CA ILE W 138 32.48 4.50 -55.18
C ILE W 138 31.77 4.49 -56.53
N PRO W 139 30.54 4.99 -56.66
CA PRO W 139 29.84 4.84 -57.95
C PRO W 139 30.56 5.50 -59.13
N VAL W 140 31.14 6.67 -58.93
CA VAL W 140 31.81 7.34 -60.05
C VAL W 140 33.08 6.60 -60.43
N ALA W 141 33.82 6.07 -59.46
CA ALA W 141 35.01 5.28 -59.77
C ALA W 141 34.63 3.96 -60.43
N ALA W 142 33.56 3.32 -59.96
CA ALA W 142 33.13 2.07 -60.58
C ALA W 142 32.73 2.27 -62.03
N GLY W 143 32.24 3.46 -62.38
CA GLY W 143 31.86 3.74 -63.75
C GLY W 143 33.03 3.76 -64.72
N GLU W 144 34.23 4.10 -64.23
CA GLU W 144 35.39 4.11 -65.11
C GLU W 144 35.88 2.69 -65.41
N LEU W 145 35.87 1.81 -64.39
CA LEU W 145 36.28 0.43 -64.61
C LEU W 145 35.28 -0.32 -65.48
N ALA W 146 33.99 -0.12 -65.25
CA ALA W 146 32.97 -0.89 -65.96
C ALA W 146 32.99 -0.60 -67.46
N ARG W 147 33.51 0.56 -67.87
CA ARG W 147 33.55 0.91 -69.28
C ARG W 147 34.77 0.33 -70.01
N LYS W 148 35.71 -0.27 -69.29
CA LYS W 148 36.84 -0.90 -69.95
C LYS W 148 36.41 -2.22 -70.60
N GLU W 149 36.97 -2.50 -71.77
CA GLU W 149 36.54 -3.66 -72.55
C GLU W 149 37.06 -4.96 -71.95
N ASP W 150 38.18 -4.92 -71.24
CA ASP W 150 38.82 -6.12 -70.73
C ASP W 150 38.51 -6.39 -69.26
N ILE W 151 37.38 -5.90 -68.77
CA ILE W 151 36.91 -6.16 -67.41
C ILE W 151 35.60 -6.93 -67.52
N ASP W 152 35.51 -8.05 -66.80
CA ASP W 152 34.32 -8.90 -66.85
C ASP W 152 33.32 -8.57 -65.76
N ALA W 153 33.77 -8.18 -64.58
CA ALA W 153 32.87 -7.84 -63.49
C ALA W 153 33.60 -6.92 -62.52
N VAL W 154 32.81 -6.20 -61.72
CA VAL W 154 33.32 -5.22 -60.76
C VAL W 154 32.78 -5.57 -59.38
N ILE W 155 33.62 -5.41 -58.36
CA ILE W 155 33.28 -5.70 -56.97
C ILE W 155 33.43 -4.40 -56.17
N ALA W 156 32.39 -4.02 -55.45
CA ALA W 156 32.37 -2.80 -54.66
C ALA W 156 32.40 -3.18 -53.17
N ILE W 157 33.30 -2.55 -52.42
CA ILE W 157 33.54 -2.86 -51.02
C ILE W 157 33.55 -1.58 -50.20
N GLY W 158 32.88 -1.61 -49.06
CA GLY W 158 32.85 -0.46 -48.16
C GLY W 158 32.18 -0.84 -46.86
N VAL W 159 32.32 0.05 -45.87
CA VAL W 159 31.74 -0.15 -44.55
C VAL W 159 31.08 1.15 -44.11
N LEU W 160 29.81 1.08 -43.72
CA LEU W 160 29.07 2.20 -43.15
C LEU W 160 28.47 1.79 -41.82
N ILE W 161 28.65 2.63 -40.81
CA ILE W 161 28.16 2.37 -39.46
C ILE W 161 27.32 3.55 -39.01
N ARG W 162 26.11 3.28 -38.53
CA ARG W 162 25.19 4.32 -38.12
C ARG W 162 25.70 5.01 -36.86
N THR X 3 9.40 19.13 -38.45
CA THR X 3 8.46 19.03 -39.55
C THR X 3 9.06 18.20 -40.68
N PRO X 4 8.20 17.59 -41.51
CA PRO X 4 8.72 16.76 -42.62
C PRO X 4 9.39 17.56 -43.72
N HIS X 5 9.38 18.89 -43.65
CA HIS X 5 10.06 19.70 -44.66
C HIS X 5 11.53 19.32 -44.77
N PHE X 6 12.15 18.95 -43.65
CA PHE X 6 13.57 18.61 -43.65
C PHE X 6 13.85 17.42 -44.55
N ASP X 7 13.00 16.40 -44.51
CA ASP X 7 13.31 15.15 -45.21
C ASP X 7 13.33 15.34 -46.73
N TYR X 8 12.33 16.04 -47.28
CA TYR X 8 12.21 16.13 -48.73
C TYR X 8 13.34 16.94 -49.34
N ILE X 9 13.76 18.02 -48.68
CA ILE X 9 14.87 18.81 -49.19
C ILE X 9 16.16 18.00 -49.17
N ALA X 10 16.40 17.29 -48.05
CA ALA X 10 17.63 16.52 -47.93
C ALA X 10 17.70 15.41 -48.98
N SER X 11 16.56 14.75 -49.24
CA SER X 11 16.56 13.66 -50.21
C SER X 11 16.89 14.15 -51.62
N GLU X 12 16.34 15.31 -52.00
CA GLU X 12 16.52 15.79 -53.36
C GLU X 12 17.90 16.35 -53.59
N VAL X 13 18.49 17.00 -52.59
CA VAL X 13 19.83 17.56 -52.75
C VAL X 13 20.85 16.44 -52.92
N SER X 14 20.77 15.42 -52.07
CA SER X 14 21.71 14.30 -52.19
C SER X 14 21.53 13.54 -53.49
N LYS X 15 20.28 13.31 -53.89
CA LYS X 15 20.02 12.58 -55.13
C LYS X 15 20.49 13.37 -56.34
N GLY X 16 20.27 14.69 -56.34
CA GLY X 16 20.66 15.50 -57.48
C GLY X 16 22.16 15.48 -57.72
N LEU X 17 22.95 15.64 -56.66
CA LEU X 17 24.39 15.68 -56.81
C LEU X 17 24.94 14.33 -57.27
N ALA X 18 24.37 13.25 -56.77
CA ALA X 18 24.86 11.92 -57.13
C ALA X 18 24.66 11.64 -58.62
N ASN X 19 23.45 11.89 -59.12
CA ASN X 19 23.18 11.66 -60.53
C ASN X 19 24.04 12.56 -61.42
N LEU X 20 24.26 13.80 -60.98
CA LEU X 20 25.04 14.74 -61.77
C LEU X 20 26.48 14.24 -61.95
N SER X 21 27.07 13.67 -60.90
CA SER X 21 28.44 13.20 -60.99
C SER X 21 28.57 12.05 -61.98
N LEU X 22 27.58 11.16 -62.03
CA LEU X 22 27.64 10.04 -62.96
C LEU X 22 27.42 10.49 -64.40
N GLU X 23 26.52 11.45 -64.60
CA GLU X 23 26.21 11.91 -65.95
C GLU X 23 27.41 12.61 -66.58
N LEU X 24 28.05 13.51 -65.83
CA LEU X 24 29.20 14.26 -66.34
C LEU X 24 30.51 13.55 -66.11
N ARG X 25 30.53 12.47 -65.33
CA ARG X 25 31.74 11.70 -65.07
C ARG X 25 32.84 12.57 -64.50
N LYS X 26 32.48 13.40 -63.51
CA LYS X 26 33.42 14.28 -62.82
C LYS X 26 33.18 14.17 -61.32
N PRO X 27 34.23 14.30 -60.50
CA PRO X 27 34.03 14.16 -59.04
C PRO X 27 33.25 15.35 -58.46
N ILE X 28 32.29 15.02 -57.60
CA ILE X 28 31.56 16.01 -56.81
C ILE X 28 31.48 15.48 -55.38
N THR X 29 31.88 16.30 -54.42
CA THR X 29 31.98 15.89 -53.02
C THR X 29 30.82 16.45 -52.21
N PHE X 30 30.35 15.66 -51.24
CA PHE X 30 29.17 15.98 -50.45
C PHE X 30 29.61 16.59 -49.13
N GLY X 31 29.53 17.92 -49.03
CA GLY X 31 29.91 18.64 -47.83
C GLY X 31 28.75 19.28 -47.11
N VAL X 32 27.60 18.61 -47.08
CA VAL X 32 26.39 19.16 -46.50
C VAL X 32 26.13 18.50 -45.15
N ILE X 33 25.96 19.32 -44.12
CA ILE X 33 25.64 18.82 -42.78
C ILE X 33 24.14 18.57 -42.69
N THR X 34 23.76 17.43 -42.12
CA THR X 34 22.37 17.09 -41.87
C THR X 34 22.24 16.68 -40.40
N ALA X 35 21.83 17.62 -39.56
CA ALA X 35 21.81 17.44 -38.12
C ALA X 35 20.38 17.48 -37.59
N ASP X 36 20.19 16.83 -36.43
CA ASP X 36 18.89 16.83 -35.77
C ASP X 36 18.73 17.99 -34.80
N THR X 37 19.82 18.57 -34.31
CA THR X 37 19.77 19.64 -33.33
C THR X 37 20.83 20.68 -33.66
N LEU X 38 20.65 21.88 -33.12
CA LEU X 38 21.62 22.95 -33.33
C LEU X 38 22.98 22.59 -32.74
N GLU X 39 22.97 21.92 -31.58
CA GLU X 39 24.24 21.55 -30.94
C GLU X 39 25.03 20.60 -31.84
N GLN X 40 24.36 19.64 -32.46
CA GLN X 40 25.06 18.72 -33.35
C GLN X 40 25.70 19.44 -34.52
N ALA X 41 25.08 20.53 -34.99
CA ALA X 41 25.64 21.26 -36.13
C ALA X 41 26.88 22.04 -35.75
N ILE X 42 26.87 22.69 -34.58
CA ILE X 42 28.04 23.44 -34.13
C ILE X 42 29.22 22.50 -33.91
N GLU X 43 28.94 21.25 -33.54
CA GLU X 43 29.99 20.28 -33.29
C GLU X 43 30.84 20.05 -34.54
N ARG X 44 30.20 20.02 -35.70
CA ARG X 44 30.85 19.66 -36.96
C ARG X 44 31.26 20.87 -37.80
N ALA X 45 31.11 22.09 -37.30
CA ALA X 45 31.40 23.31 -38.04
C ALA X 45 32.66 24.00 -37.55
N GLY X 46 33.69 23.24 -37.20
CA GLY X 46 34.93 23.79 -36.69
C GLY X 46 35.15 23.59 -35.21
N THR X 47 34.50 22.60 -34.61
CA THR X 47 34.60 22.34 -33.18
C THR X 47 34.87 20.85 -32.94
N LYS X 48 34.65 20.38 -31.72
CA LYS X 48 35.21 19.12 -31.22
C LYS X 48 35.09 17.95 -32.19
N HIS X 49 34.17 17.97 -33.15
CA HIS X 49 34.06 16.91 -34.15
C HIS X 49 34.61 17.33 -35.52
N GLY X 50 35.44 18.37 -35.56
CA GLY X 50 36.12 18.74 -36.78
C GLY X 50 35.31 19.67 -37.66
N ASN X 51 35.79 19.82 -38.89
CA ASN X 51 35.19 20.71 -39.88
C ASN X 51 34.87 19.90 -41.13
N LYS X 52 33.59 19.87 -41.50
CA LYS X 52 33.18 19.10 -42.67
C LYS X 52 33.64 19.76 -43.97
N GLY X 53 33.81 21.08 -43.96
CA GLY X 53 34.33 21.75 -45.15
C GLY X 53 35.75 21.35 -45.47
N TRP X 54 36.58 21.18 -44.44
CA TRP X 54 37.95 20.71 -44.64
C TRP X 54 37.95 19.30 -45.22
N GLU X 55 37.10 18.42 -44.69
CA GLU X 55 37.09 17.04 -45.13
C GLU X 55 36.66 16.92 -46.59
N ALA X 56 35.64 17.69 -46.99
CA ALA X 56 35.18 17.63 -48.36
C ALA X 56 36.24 18.08 -49.34
N ALA X 57 37.01 19.11 -48.99
CA ALA X 57 38.08 19.57 -49.87
C ALA X 57 39.17 18.51 -50.01
N LEU X 58 39.50 17.81 -48.92
CA LEU X 58 40.53 16.79 -48.99
C LEU X 58 40.12 15.64 -49.90
N SER X 59 38.84 15.27 -49.88
CA SER X 59 38.35 14.23 -50.78
C SER X 59 38.45 14.66 -52.24
N ALA X 60 38.15 15.93 -52.52
CA ALA X 60 38.21 16.42 -53.89
C ALA X 60 39.62 16.36 -54.44
N ILE X 61 40.61 16.72 -53.63
CA ILE X 61 42.00 16.70 -54.10
C ILE X 61 42.42 15.29 -54.48
N GLU X 62 42.08 14.31 -53.64
CA GLU X 62 42.46 12.93 -53.91
C GLU X 62 41.79 12.42 -55.19
N MET X 63 40.50 12.70 -55.35
CA MET X 63 39.78 12.21 -56.52
C MET X 63 40.32 12.82 -57.80
N ALA X 64 40.70 14.09 -57.76
CA ALA X 64 41.25 14.74 -58.95
C ALA X 64 42.55 14.06 -59.38
N ASN X 65 43.42 13.73 -58.42
CA ASN X 65 44.67 13.05 -58.75
C ASN X 65 44.42 11.63 -59.25
N LEU X 66 43.44 10.95 -58.66
CA LEU X 66 43.13 9.58 -59.07
C LEU X 66 42.67 9.54 -60.53
N PHE X 67 41.79 10.45 -60.91
CA PHE X 67 41.27 10.45 -62.28
C PHE X 67 42.37 10.80 -63.28
N LYS X 68 43.32 11.66 -62.87
CA LYS X 68 44.49 11.97 -63.73
C LYS X 68 45.27 10.66 -63.93
N SER X 69 45.34 9.78 -62.92
CA SER X 69 46.12 8.56 -63.02
C SER X 69 45.43 7.50 -63.88
N LEU X 70 44.11 7.36 -63.74
CA LEU X 70 43.38 6.36 -64.50
C LEU X 70 43.46 6.63 -66.00
N ARG X 71 43.35 7.90 -66.39
CA ARG X 71 43.34 8.27 -67.80
C ARG X 71 44.74 8.39 -68.40
N GLY X 72 45.78 8.18 -67.60
CA GLY X 72 47.14 8.16 -68.09
C GLY X 72 47.58 6.78 -68.54
N THR X 73 48.89 6.58 -68.58
CA THR X 73 49.44 5.30 -69.02
C THR X 73 49.17 4.19 -68.01
N GLY X 74 49.21 4.51 -66.71
CA GLY X 74 49.01 3.51 -65.69
C GLY X 74 50.29 2.76 -65.33
N GLY X 75 50.97 2.23 -66.32
CA GLY X 75 52.24 1.55 -66.08
C GLY X 75 52.08 0.22 -65.37
N SER X 76 53.18 -0.20 -64.75
CA SER X 76 53.25 -1.47 -64.03
C SER X 76 53.02 -2.66 -64.96
N GLY X 77 53.33 -3.86 -64.47
CA GLY X 77 53.14 -5.06 -65.28
C GLY X 77 53.57 -6.28 -64.49
N SER X 78 53.05 -7.43 -64.94
CA SER X 78 53.35 -8.72 -64.32
C SER X 78 52.94 -8.77 -62.85
N SER X 79 52.04 -7.89 -62.43
CA SER X 79 51.61 -7.83 -61.04
C SER X 79 50.29 -7.09 -60.97
N MET X 80 49.66 -7.14 -59.80
CA MET X 80 48.38 -6.48 -59.60
C MET X 80 48.51 -4.97 -59.75
N GLU X 81 47.69 -4.39 -60.61
CA GLU X 81 47.68 -2.94 -60.78
C GLU X 81 46.88 -2.27 -59.67
N ILE X 82 47.47 -1.24 -59.06
CA ILE X 82 46.84 -0.49 -57.99
C ILE X 82 46.83 0.98 -58.37
N TYR X 83 45.66 1.61 -58.28
CA TYR X 83 45.48 3.03 -58.58
C TYR X 83 45.11 3.77 -57.31
N GLU X 84 45.81 4.88 -57.05
CA GLU X 84 45.53 5.69 -55.88
C GLU X 84 45.93 7.13 -56.17
N GLY X 85 45.39 8.05 -55.37
CA GLY X 85 45.60 9.47 -55.57
C GLY X 85 46.45 10.08 -54.46
N LYS X 86 47.33 11.00 -54.87
CA LYS X 86 48.21 11.71 -53.92
C LYS X 86 47.36 12.79 -53.25
N LEU X 87 47.95 13.54 -52.34
CA LEU X 87 47.34 14.68 -51.65
C LEU X 87 48.10 15.97 -51.91
N THR X 88 48.54 16.18 -53.15
CA THR X 88 49.17 17.43 -53.57
C THR X 88 48.22 18.17 -54.50
N ALA X 89 48.01 19.45 -54.23
CA ALA X 89 47.05 20.27 -54.96
C ALA X 89 47.69 21.19 -56.00
N GLU X 90 48.98 21.03 -56.26
CA GLU X 90 49.65 21.92 -57.22
C GLU X 90 49.09 21.71 -58.61
N GLY X 91 48.64 22.80 -59.23
CA GLY X 91 48.16 22.77 -60.59
C GLY X 91 46.68 22.49 -60.77
N LEU X 92 45.95 22.19 -59.70
CA LEU X 92 44.54 21.83 -59.80
C LEU X 92 43.65 23.06 -59.66
N ARG X 93 42.45 22.98 -60.23
CA ARG X 93 41.48 24.06 -60.24
C ARG X 93 40.16 23.55 -59.67
N PHE X 94 39.58 24.29 -58.74
CA PHE X 94 38.43 23.84 -57.95
C PHE X 94 37.29 24.85 -58.03
N GLY X 95 36.07 24.35 -57.96
CA GLY X 95 34.88 25.18 -57.82
C GLY X 95 34.14 24.83 -56.53
N ILE X 96 33.53 25.84 -55.92
CA ILE X 96 32.80 25.70 -54.66
C ILE X 96 31.43 26.32 -54.82
N VAL X 97 30.39 25.59 -54.36
CA VAL X 97 29.02 26.09 -54.32
C VAL X 97 28.57 26.06 -52.86
N ALA X 98 28.14 27.22 -52.36
CA ALA X 98 27.76 27.37 -50.95
C ALA X 98 26.41 28.07 -50.85
N SER X 99 25.61 27.67 -49.86
CA SER X 99 24.31 28.28 -49.63
C SER X 99 24.40 29.37 -48.57
N ARG X 100 23.38 30.23 -48.54
CA ARG X 100 23.35 31.37 -47.64
C ARG X 100 22.54 31.13 -46.38
N PHE X 101 21.72 30.08 -46.32
CA PHE X 101 20.92 29.83 -45.13
C PHE X 101 21.81 29.26 -44.03
N ASN X 102 21.56 29.69 -42.79
CA ASN X 102 22.43 29.37 -41.67
C ASN X 102 23.85 29.83 -41.94
N HIS X 103 24.00 31.08 -42.38
CA HIS X 103 25.31 31.56 -42.81
C HIS X 103 26.31 31.65 -41.66
N ALA X 104 25.82 31.73 -40.42
CA ALA X 104 26.73 31.75 -39.28
C ALA X 104 27.59 30.49 -39.23
N LEU X 105 27.07 29.38 -39.73
CA LEU X 105 27.80 28.11 -39.76
C LEU X 105 28.46 27.86 -41.12
N VAL X 106 27.78 28.25 -42.20
CA VAL X 106 28.29 27.95 -43.54
C VAL X 106 29.62 28.65 -43.79
N ASP X 107 29.76 29.89 -43.34
CA ASP X 107 31.00 30.62 -43.56
C ASP X 107 32.18 29.98 -42.85
N ARG X 108 31.95 29.22 -41.78
CA ARG X 108 33.03 28.46 -41.17
C ARG X 108 33.47 27.30 -42.06
N LEU X 109 32.53 26.67 -42.76
CA LEU X 109 32.88 25.56 -43.63
C LEU X 109 33.63 26.04 -44.87
N VAL X 110 33.26 27.20 -45.41
CA VAL X 110 33.94 27.71 -46.59
C VAL X 110 35.38 28.08 -46.26
N GLU X 111 35.61 28.62 -45.06
CA GLU X 111 36.97 28.95 -44.63
C GLU X 111 37.83 27.70 -44.57
N GLY X 112 37.29 26.61 -44.03
CA GLY X 112 38.05 25.37 -43.95
C GLY X 112 38.44 24.83 -45.31
N ALA X 113 37.51 24.87 -46.27
CA ALA X 113 37.80 24.34 -47.60
C ALA X 113 38.92 25.12 -48.27
N ILE X 114 38.91 26.45 -48.14
CA ILE X 114 39.96 27.25 -48.76
C ILE X 114 41.30 27.02 -48.06
N ASP X 115 41.27 26.88 -46.74
CA ASP X 115 42.51 26.64 -45.99
C ASP X 115 43.16 25.33 -46.42
N CYS X 116 42.36 24.29 -46.60
CA CYS X 116 42.90 22.99 -47.00
C CYS X 116 43.61 23.08 -48.35
N ILE X 117 42.98 23.74 -49.32
CA ILE X 117 43.54 23.79 -50.67
C ILE X 117 44.86 24.55 -50.68
N VAL X 118 44.94 25.67 -49.96
CA VAL X 118 46.11 26.52 -50.03
C VAL X 118 47.32 25.86 -49.38
N ARG X 119 47.12 25.22 -48.23
CA ARG X 119 48.26 24.64 -47.50
C ARG X 119 48.72 23.32 -48.08
N HIS X 120 47.94 22.71 -48.98
CA HIS X 120 48.38 21.54 -49.73
C HIS X 120 49.05 21.91 -51.06
N GLY X 121 49.22 23.19 -51.35
CA GLY X 121 49.94 23.63 -52.53
C GLY X 121 49.13 24.30 -53.61
N GLY X 122 47.85 24.60 -53.36
CA GLY X 122 47.05 25.26 -54.36
C GLY X 122 47.11 26.78 -54.28
N ARG X 123 46.51 27.42 -55.27
CA ARG X 123 46.45 28.88 -55.34
C ARG X 123 45.01 29.35 -55.20
N GLU X 124 44.83 30.49 -54.52
CA GLU X 124 43.50 31.09 -54.43
C GLU X 124 43.00 31.55 -55.79
N GLU X 125 43.91 31.87 -56.71
CA GLU X 125 43.51 32.29 -58.04
C GLU X 125 42.80 31.18 -58.81
N ASP X 126 42.96 29.92 -58.40
CA ASP X 126 42.38 28.78 -59.09
C ASP X 126 41.08 28.31 -58.47
N ILE X 127 40.48 29.10 -57.58
CA ILE X 127 39.26 28.74 -56.88
C ILE X 127 38.14 29.65 -57.38
N THR X 128 37.02 29.05 -57.78
CA THR X 128 35.82 29.78 -58.18
C THR X 128 34.72 29.49 -57.17
N LEU X 129 34.13 30.56 -56.61
CA LEU X 129 33.14 30.44 -55.55
C LEU X 129 31.81 31.00 -56.05
N VAL X 130 30.75 30.20 -55.94
CA VAL X 130 29.39 30.57 -56.34
C VAL X 130 28.48 30.43 -55.12
N ARG X 131 27.66 31.44 -54.88
CA ARG X 131 26.76 31.46 -53.73
C ARG X 131 25.31 31.40 -54.21
N VAL X 132 24.49 30.60 -53.53
CA VAL X 132 23.09 30.42 -53.89
C VAL X 132 22.22 30.66 -52.66
N PRO X 133 20.94 31.01 -52.82
CA PRO X 133 20.13 31.36 -51.64
C PRO X 133 19.83 30.19 -50.70
N GLY X 134 19.85 28.96 -51.17
CA GLY X 134 19.49 27.84 -50.32
C GLY X 134 20.01 26.53 -50.85
N SER X 135 19.86 25.49 -50.02
CA SER X 135 20.36 24.17 -50.40
C SER X 135 19.61 23.60 -51.60
N TRP X 136 18.33 23.97 -51.77
CA TRP X 136 17.57 23.46 -52.90
C TRP X 136 18.18 23.88 -54.23
N GLU X 137 18.85 25.03 -54.27
CA GLU X 137 19.42 25.53 -55.51
C GLU X 137 20.86 25.06 -55.76
N ILE X 138 21.44 24.25 -54.86
CA ILE X 138 22.81 23.79 -55.06
C ILE X 138 22.95 22.93 -56.31
N PRO X 139 22.11 21.92 -56.54
CA PRO X 139 22.35 21.03 -57.69
C PRO X 139 22.35 21.73 -59.04
N VAL X 140 21.45 22.70 -59.25
CA VAL X 140 21.40 23.37 -60.54
C VAL X 140 22.61 24.27 -60.74
N ALA X 141 23.08 24.93 -59.67
CA ALA X 141 24.28 25.74 -59.77
C ALA X 141 25.52 24.87 -59.96
N ALA X 142 25.58 23.73 -59.28
CA ALA X 142 26.73 22.83 -59.45
C ALA X 142 26.81 22.32 -60.87
N GLY X 143 25.67 22.19 -61.55
CA GLY X 143 25.69 21.73 -62.93
C GLY X 143 26.35 22.69 -63.90
N GLU X 144 26.31 23.98 -63.60
CA GLU X 144 26.97 24.95 -64.48
C GLU X 144 28.48 24.90 -64.33
N LEU X 145 28.98 24.75 -63.11
CA LEU X 145 30.42 24.68 -62.89
C LEU X 145 30.99 23.38 -63.45
N ALA X 146 30.29 22.26 -63.23
CA ALA X 146 30.82 20.97 -63.63
C ALA X 146 30.99 20.86 -65.14
N ARG X 147 30.26 21.66 -65.90
CA ARG X 147 30.35 21.60 -67.36
C ARG X 147 31.48 22.45 -67.92
N LYS X 148 32.15 23.24 -67.09
CA LYS X 148 33.31 24.00 -67.57
C LYS X 148 34.51 23.09 -67.75
N GLU X 149 35.28 23.35 -68.81
CA GLU X 149 36.38 22.46 -69.15
C GLU X 149 37.57 22.61 -68.20
N ASP X 150 37.73 23.78 -67.58
CA ASP X 150 38.88 24.08 -66.75
C ASP X 150 38.60 23.91 -65.26
N ILE X 151 37.63 23.08 -64.90
CA ILE X 151 37.32 22.75 -63.51
C ILE X 151 37.58 21.26 -63.32
N ASP X 152 38.35 20.93 -62.29
CA ASP X 152 38.71 19.54 -62.02
C ASP X 152 37.76 18.85 -61.05
N ALA X 153 37.23 19.58 -60.06
CA ALA X 153 36.31 19.00 -59.10
C ALA X 153 35.47 20.12 -58.49
N VAL X 154 34.32 19.73 -57.94
CA VAL X 154 33.36 20.66 -57.35
C VAL X 154 33.10 20.25 -55.90
N ILE X 155 32.96 21.23 -55.03
CA ILE X 155 32.71 21.02 -53.61
C ILE X 155 31.39 21.70 -53.26
N ALA X 156 30.47 20.94 -52.65
CA ALA X 156 29.16 21.43 -52.27
C ALA X 156 29.08 21.56 -50.75
N ILE X 157 28.62 22.72 -50.27
CA ILE X 157 28.61 23.04 -48.85
C ILE X 157 27.23 23.57 -48.49
N GLY X 158 26.69 23.10 -47.36
CA GLY X 158 25.42 23.58 -46.86
C GLY X 158 25.16 23.01 -45.48
N VAL X 159 24.13 23.57 -44.83
CA VAL X 159 23.74 23.16 -43.48
C VAL X 159 22.22 23.03 -43.46
N LEU X 160 21.73 21.87 -43.01
CA LEU X 160 20.32 21.62 -42.80
C LEU X 160 20.09 21.12 -41.37
N ILE X 161 19.12 21.70 -40.68
CA ILE X 161 18.81 21.36 -39.30
C ILE X 161 17.32 21.01 -39.22
N ARG X 162 17.02 19.87 -38.63
CA ARG X 162 15.65 19.40 -38.52
C ARG X 162 14.86 20.28 -37.55
N THR Y 3 -3.03 9.34 -42.84
CA THR Y 3 -2.95 8.26 -43.81
C THR Y 3 -1.68 8.39 -44.65
N PRO Y 4 -1.20 7.28 -45.22
CA PRO Y 4 0.03 7.33 -46.03
C PRO Y 4 -0.14 8.05 -47.35
N HIS Y 5 -1.36 8.48 -47.70
CA HIS Y 5 -1.56 9.23 -48.94
C HIS Y 5 -0.69 10.47 -48.99
N PHE Y 6 -0.45 11.10 -47.83
CA PHE Y 6 0.36 12.31 -47.79
C PHE Y 6 1.77 12.07 -48.29
N ASP Y 7 2.38 10.95 -47.89
CA ASP Y 7 3.80 10.73 -48.18
C ASP Y 7 4.06 10.59 -49.67
N TYR Y 8 3.24 9.81 -50.37
CA TYR Y 8 3.52 9.51 -51.77
C TYR Y 8 3.36 10.73 -52.66
N ILE Y 9 2.36 11.57 -52.38
CA ILE Y 9 2.18 12.78 -53.17
C ILE Y 9 3.35 13.73 -52.94
N ALA Y 10 3.76 13.90 -51.67
CA ALA Y 10 4.84 14.83 -51.37
C ALA Y 10 6.15 14.38 -52.01
N SER Y 11 6.42 13.08 -52.00
CA SER Y 11 7.66 12.58 -52.58
C SER Y 11 7.73 12.83 -54.08
N GLU Y 12 6.61 12.63 -54.78
CA GLU Y 12 6.62 12.75 -56.24
C GLU Y 12 6.67 14.19 -56.69
N VAL Y 13 6.02 15.10 -55.97
CA VAL Y 13 6.02 16.51 -56.36
C VAL Y 13 7.43 17.09 -56.21
N SER Y 14 8.08 16.81 -55.08
CA SER Y 14 9.44 17.32 -54.87
C SER Y 14 10.41 16.71 -55.88
N LYS Y 15 10.31 15.40 -56.12
CA LYS Y 15 11.21 14.75 -57.06
C LYS Y 15 11.01 15.27 -58.47
N GLY Y 16 9.76 15.48 -58.88
CA GLY Y 16 9.49 15.93 -60.23
C GLY Y 16 10.09 17.30 -60.52
N LEU Y 17 9.92 18.24 -59.58
CA LEU Y 17 10.44 19.58 -59.81
C LEU Y 17 11.95 19.60 -59.84
N ALA Y 18 12.60 18.80 -58.99
CA ALA Y 18 14.06 18.77 -58.94
C ALA Y 18 14.65 18.28 -60.26
N ASN Y 19 14.15 17.15 -60.77
CA ASN Y 19 14.65 16.61 -62.03
C ASN Y 19 14.40 17.59 -63.18
N LEU Y 20 13.24 18.25 -63.17
CA LEU Y 20 12.90 19.18 -64.25
C LEU Y 20 13.88 20.33 -64.32
N SER Y 21 14.31 20.85 -63.16
CA SER Y 21 15.24 21.98 -63.16
C SER Y 21 16.59 21.59 -63.75
N LEU Y 22 17.06 20.36 -63.47
CA LEU Y 22 18.34 19.92 -64.01
C LEU Y 22 18.26 19.64 -65.50
N GLU Y 23 17.14 19.08 -65.95
CA GLU Y 23 17.01 18.75 -67.37
C GLU Y 23 16.96 20.00 -68.24
N LEU Y 24 16.18 21.00 -67.84
CA LEU Y 24 16.05 22.23 -68.60
C LEU Y 24 17.09 23.28 -68.21
N ARG Y 25 17.82 23.06 -67.13
CA ARG Y 25 18.88 23.98 -66.70
C ARG Y 25 18.31 25.39 -66.47
N LYS Y 26 17.18 25.45 -65.78
CA LYS Y 26 16.53 26.71 -65.44
C LYS Y 26 16.12 26.67 -63.98
N PRO Y 27 16.14 27.81 -63.27
CA PRO Y 27 15.78 27.80 -61.85
C PRO Y 27 14.30 27.53 -61.64
N ILE Y 28 14.00 26.65 -60.68
CA ILE Y 28 12.65 26.41 -60.20
C ILE Y 28 12.69 26.37 -58.69
N THR Y 29 11.82 27.14 -58.04
CA THR Y 29 11.83 27.31 -56.59
C THR Y 29 10.70 26.52 -55.95
N PHE Y 30 10.97 25.98 -54.76
CA PHE Y 30 10.05 25.08 -54.06
C PHE Y 30 9.28 25.89 -53.02
N GLY Y 31 8.05 26.25 -53.35
CA GLY Y 31 7.21 27.01 -52.44
C GLY Y 31 6.02 26.23 -51.91
N VAL Y 32 6.22 24.95 -51.62
CA VAL Y 32 5.14 24.07 -51.20
C VAL Y 32 5.26 23.81 -49.70
N ILE Y 33 4.18 24.08 -48.97
CA ILE Y 33 4.13 23.82 -47.53
C ILE Y 33 3.80 22.34 -47.31
N THR Y 34 4.52 21.71 -46.38
CA THR Y 34 4.29 20.33 -45.98
C THR Y 34 4.19 20.29 -44.47
N ALA Y 35 2.97 20.33 -43.94
CA ALA Y 35 2.73 20.47 -42.51
C ALA Y 35 2.05 19.23 -41.96
N ASP Y 36 2.23 19.00 -40.66
CA ASP Y 36 1.60 17.88 -39.98
C ASP Y 36 0.22 18.24 -39.41
N THR Y 37 -0.04 19.52 -39.16
CA THR Y 37 -1.30 19.96 -38.58
C THR Y 37 -1.76 21.25 -39.26
N LEU Y 38 -3.06 21.53 -39.12
CA LEU Y 38 -3.61 22.74 -39.70
C LEU Y 38 -2.98 23.99 -39.07
N GLU Y 39 -2.71 23.95 -37.77
CA GLU Y 39 -2.11 25.10 -37.10
C GLU Y 39 -0.74 25.42 -37.67
N GLN Y 40 0.07 24.38 -37.95
CA GLN Y 40 1.38 24.61 -38.53
C GLN Y 40 1.28 25.27 -39.90
N ALA Y 41 0.23 24.98 -40.65
CA ALA Y 41 0.09 25.56 -41.99
C ALA Y 41 -0.29 27.03 -41.91
N ILE Y 42 -1.20 27.39 -41.01
CA ILE Y 42 -1.58 28.80 -40.87
C ILE Y 42 -0.39 29.63 -40.42
N GLU Y 43 0.52 29.02 -39.65
CA GLU Y 43 1.69 29.74 -39.16
C GLU Y 43 2.54 30.27 -40.31
N ARG Y 44 2.66 29.50 -41.38
CA ARG Y 44 3.56 29.81 -42.48
C ARG Y 44 2.87 30.46 -43.68
N ALA Y 45 1.59 30.77 -43.57
CA ALA Y 45 0.80 31.33 -44.68
C ALA Y 45 0.48 32.80 -44.48
N GLY Y 46 1.43 33.58 -43.96
CA GLY Y 46 1.22 34.98 -43.70
C GLY Y 46 1.06 35.34 -42.24
N THR Y 47 1.55 34.50 -41.33
CA THR Y 47 1.43 34.72 -39.90
C THR Y 47 2.78 34.54 -39.22
N LYS Y 48 2.78 34.37 -37.89
CA LYS Y 48 3.97 34.56 -37.05
C LYS Y 48 5.25 33.93 -37.60
N HIS Y 49 5.17 32.93 -38.47
CA HIS Y 49 6.36 32.35 -39.09
C HIS Y 49 6.55 32.80 -40.54
N GLY Y 50 5.93 33.90 -40.94
CA GLY Y 50 6.18 34.47 -42.24
C GLY Y 50 5.31 33.89 -43.33
N ASN Y 51 5.69 34.20 -44.57
CA ASN Y 51 4.96 33.78 -45.76
C ASN Y 51 5.93 33.04 -46.68
N LYS Y 52 5.60 31.78 -46.97
CA LYS Y 52 6.48 30.98 -47.82
C LYS Y 52 6.41 31.42 -49.28
N GLY Y 53 5.29 32.01 -49.70
CA GLY Y 53 5.21 32.54 -51.05
C GLY Y 53 6.16 33.70 -51.28
N TRP Y 54 6.30 34.57 -50.29
CA TRP Y 54 7.25 35.67 -50.40
C TRP Y 54 8.68 35.13 -50.51
N GLU Y 55 9.02 34.13 -49.69
CA GLU Y 55 10.38 33.62 -49.67
C GLU Y 55 10.75 32.96 -51.00
N ALA Y 56 9.80 32.21 -51.58
CA ALA Y 56 10.08 31.53 -52.85
C ALA Y 56 10.34 32.53 -53.96
N ALA Y 57 9.58 33.64 -53.99
CA ALA Y 57 9.80 34.65 -55.01
C ALA Y 57 11.16 35.32 -54.86
N LEU Y 58 11.59 35.56 -53.61
CA LEU Y 58 12.89 36.20 -53.40
C LEU Y 58 14.02 35.30 -53.89
N SER Y 59 13.90 34.00 -53.70
CA SER Y 59 14.91 33.07 -54.21
C SER Y 59 14.97 33.09 -55.73
N ALA Y 60 13.80 33.18 -56.38
CA ALA Y 60 13.78 33.18 -57.85
C ALA Y 60 14.48 34.41 -58.40
N ILE Y 61 14.27 35.57 -57.78
CA ILE Y 61 14.90 36.80 -58.28
C ILE Y 61 16.42 36.68 -58.21
N GLU Y 62 16.94 36.17 -57.09
CA GLU Y 62 18.39 36.04 -56.94
C GLU Y 62 18.96 35.07 -57.96
N MET Y 63 18.32 33.92 -58.15
CA MET Y 63 18.84 32.92 -59.07
C MET Y 63 18.83 33.44 -60.51
N ALA Y 64 17.81 34.21 -60.89
CA ALA Y 64 17.76 34.76 -62.25
C ALA Y 64 18.93 35.69 -62.49
N ASN Y 65 19.26 36.54 -61.51
CA ASN Y 65 20.40 37.44 -61.67
C ASN Y 65 21.72 36.68 -61.67
N LEU Y 66 21.82 35.62 -60.87
CA LEU Y 66 23.05 34.85 -60.82
C LEU Y 66 23.35 34.20 -62.16
N PHE Y 67 22.33 33.60 -62.78
CA PHE Y 67 22.54 32.92 -64.05
C PHE Y 67 22.88 33.92 -65.15
N LYS Y 68 22.33 35.13 -65.08
CA LYS Y 68 22.70 36.20 -66.04
C LYS Y 68 24.20 36.48 -65.86
N SER Y 69 24.73 36.41 -64.63
CA SER Y 69 26.12 36.75 -64.38
C SER Y 69 27.07 35.63 -64.82
N LEU Y 70 26.69 34.38 -64.59
CA LEU Y 70 27.55 33.26 -64.97
C LEU Y 70 27.75 33.21 -66.47
N ARG Y 71 26.69 33.46 -67.24
CA ARG Y 71 26.75 33.35 -68.70
C ARG Y 71 27.30 34.61 -69.35
N GLY Y 72 27.63 35.64 -68.57
CA GLY Y 72 28.26 36.84 -69.09
C GLY Y 72 29.76 36.74 -69.11
N THR Y 73 30.42 37.90 -69.13
CA THR Y 73 31.88 37.93 -69.17
C THR Y 73 32.49 37.47 -67.85
N GLY Y 74 31.86 37.80 -66.72
CA GLY Y 74 32.40 37.45 -65.43
C GLY Y 74 33.39 38.46 -64.91
N GLY Y 75 34.41 38.78 -65.71
CA GLY Y 75 35.38 39.79 -65.33
C GLY Y 75 36.31 39.31 -64.22
N SER Y 76 36.91 40.30 -63.55
CA SER Y 76 37.86 40.07 -62.47
C SER Y 76 39.11 39.34 -62.98
N GLY Y 77 40.15 39.32 -62.15
CA GLY Y 77 41.38 38.63 -62.53
C GLY Y 77 42.40 38.77 -61.43
N SER Y 78 43.38 37.85 -61.46
CA SER Y 78 44.46 37.80 -60.49
C SER Y 78 43.95 37.63 -59.06
N SER Y 79 42.73 37.13 -58.90
CA SER Y 79 42.15 36.94 -57.58
C SER Y 79 41.00 35.95 -57.69
N MET Y 80 40.49 35.53 -56.54
CA MET Y 80 39.41 34.56 -56.50
C MET Y 80 38.14 35.14 -57.12
N GLU Y 81 37.57 34.43 -58.09
CA GLU Y 81 36.32 34.86 -58.70
C GLU Y 81 35.14 34.50 -57.82
N ILE Y 82 34.25 35.46 -57.60
CA ILE Y 82 33.05 35.26 -56.78
C ILE Y 82 31.85 35.67 -57.62
N TYR Y 83 30.85 34.80 -57.67
CA TYR Y 83 29.61 35.03 -58.39
C TYR Y 83 28.46 35.11 -57.40
N GLU Y 84 27.63 36.15 -57.53
CA GLU Y 84 26.47 36.33 -56.66
C GLU Y 84 25.41 37.11 -57.42
N GLY Y 85 24.18 37.02 -56.92
CA GLY Y 85 23.03 37.64 -57.56
C GLY Y 85 22.48 38.79 -56.74
N LYS Y 86 22.08 39.86 -57.45
CA LYS Y 86 21.48 41.03 -56.81
C LYS Y 86 20.04 40.69 -56.48
N LEU Y 87 19.31 41.61 -55.87
CA LEU Y 87 17.90 41.50 -55.55
C LEU Y 87 17.08 42.59 -56.23
N THR Y 88 17.39 42.89 -57.49
CA THR Y 88 16.61 43.81 -58.30
C THR Y 88 15.87 43.02 -59.38
N ALA Y 89 14.57 43.28 -59.52
CA ALA Y 89 13.71 42.53 -60.42
C ALA Y 89 13.41 43.26 -61.72
N GLU Y 90 14.07 44.39 -61.99
CA GLU Y 90 13.78 45.16 -63.18
C GLU Y 90 14.16 44.38 -64.43
N GLY Y 91 13.19 44.21 -65.34
CA GLY Y 91 13.43 43.55 -66.61
C GLY Y 91 13.23 42.05 -66.62
N LEU Y 92 12.95 41.42 -65.47
CA LEU Y 92 12.80 39.98 -65.40
C LEU Y 92 11.35 39.56 -65.61
N ARG Y 93 11.17 38.33 -66.09
CA ARG Y 93 9.86 37.76 -66.38
C ARG Y 93 9.70 36.44 -65.64
N PHE Y 94 8.57 36.28 -64.96
CA PHE Y 94 8.35 35.17 -64.03
C PHE Y 94 7.07 34.42 -64.36
N GLY Y 95 7.08 33.11 -64.09
CA GLY Y 95 5.89 32.29 -64.16
C GLY Y 95 5.58 31.67 -62.82
N ILE Y 96 4.29 31.52 -62.53
CA ILE Y 96 3.82 30.98 -61.26
C ILE Y 96 2.82 29.86 -61.54
N VAL Y 97 2.98 28.73 -60.84
CA VAL Y 97 2.05 27.61 -60.88
C VAL Y 97 1.51 27.39 -59.48
N ALA Y 98 0.18 27.43 -59.34
CA ALA Y 98 -0.48 27.33 -58.05
C ALA Y 98 -1.61 26.31 -58.11
N SER Y 99 -1.81 25.58 -57.02
CA SER Y 99 -2.86 24.58 -56.94
C SER Y 99 -4.11 25.17 -56.27
N ARG Y 100 -5.24 24.49 -56.48
CA ARG Y 100 -6.53 24.96 -55.97
C ARG Y 100 -6.95 24.31 -54.67
N PHE Y 101 -6.32 23.22 -54.25
CA PHE Y 101 -6.71 22.57 -53.01
C PHE Y 101 -6.19 23.37 -51.82
N ASN Y 102 -7.01 23.45 -50.77
CA ASN Y 102 -6.74 24.34 -49.64
C ASN Y 102 -6.57 25.78 -50.11
N HIS Y 103 -7.52 26.26 -50.92
CA HIS Y 103 -7.37 27.57 -51.54
C HIS Y 103 -7.42 28.69 -50.51
N ALA Y 104 -8.01 28.45 -49.34
CA ALA Y 104 -8.03 29.47 -48.31
C ALA Y 104 -6.62 29.88 -47.89
N LEU Y 105 -5.66 28.97 -48.00
CA LEU Y 105 -4.27 29.25 -47.66
C LEU Y 105 -3.44 29.58 -48.89
N VAL Y 106 -3.72 28.92 -50.03
CA VAL Y 106 -2.89 29.10 -51.22
C VAL Y 106 -2.98 30.53 -51.73
N ASP Y 107 -4.18 31.12 -51.69
CA ASP Y 107 -4.33 32.48 -52.18
C ASP Y 107 -3.55 33.50 -51.36
N ARG Y 108 -3.25 33.19 -50.10
CA ARG Y 108 -2.36 34.05 -49.33
C ARG Y 108 -0.93 33.96 -49.83
N LEU Y 109 -0.50 32.76 -50.26
CA LEU Y 109 0.87 32.61 -50.74
C LEU Y 109 1.06 33.29 -52.09
N VAL Y 110 0.04 33.23 -52.96
CA VAL Y 110 0.15 33.87 -54.27
C VAL Y 110 0.23 35.38 -54.12
N GLU Y 111 -0.52 35.94 -53.18
CA GLU Y 111 -0.46 37.38 -52.93
C GLU Y 111 0.95 37.80 -52.52
N GLY Y 112 1.59 37.02 -51.64
CA GLY Y 112 2.93 37.35 -51.21
C GLY Y 112 3.93 37.34 -52.34
N ALA Y 113 3.84 36.34 -53.22
CA ALA Y 113 4.78 36.25 -54.34
C ALA Y 113 4.66 37.45 -55.26
N ILE Y 114 3.44 37.88 -55.56
CA ILE Y 114 3.26 39.04 -56.43
C ILE Y 114 3.73 40.31 -55.76
N ASP Y 115 3.48 40.44 -54.45
CA ASP Y 115 3.91 41.63 -53.73
C ASP Y 115 5.43 41.76 -53.74
N CYS Y 116 6.15 40.65 -53.57
CA CYS Y 116 7.60 40.69 -53.55
C CYS Y 116 8.15 41.18 -54.89
N ILE Y 117 7.62 40.66 -55.99
CA ILE Y 117 8.14 41.00 -57.31
C ILE Y 117 7.93 42.48 -57.62
N VAL Y 118 6.75 43.00 -57.28
CA VAL Y 118 6.42 44.37 -57.67
C VAL Y 118 7.25 45.38 -56.89
N ARG Y 119 7.43 45.17 -55.59
CA ARG Y 119 8.13 46.15 -54.77
C ARG Y 119 9.65 46.07 -54.92
N HIS Y 120 10.17 45.03 -55.55
CA HIS Y 120 11.58 44.96 -55.91
C HIS Y 120 11.86 45.50 -57.32
N GLY Y 121 10.84 46.02 -58.01
CA GLY Y 121 11.04 46.68 -59.29
C GLY Y 121 10.45 45.97 -60.50
N GLY Y 122 9.67 44.91 -60.30
CA GLY Y 122 9.08 44.21 -61.42
C GLY Y 122 7.72 44.78 -61.82
N ARG Y 123 7.21 44.27 -62.93
CA ARG Y 123 5.92 44.67 -63.46
C ARG Y 123 4.95 43.49 -63.41
N GLU Y 124 3.68 43.78 -63.12
CA GLU Y 124 2.65 42.75 -63.16
C GLU Y 124 2.45 42.22 -64.57
N GLU Y 125 2.74 43.04 -65.59
CA GLU Y 125 2.60 42.60 -66.97
C GLU Y 125 3.56 41.47 -67.32
N ASP Y 126 4.62 41.29 -66.55
CA ASP Y 126 5.63 40.28 -66.82
C ASP Y 126 5.42 39.00 -66.02
N ILE Y 127 4.26 38.82 -65.40
CA ILE Y 127 3.96 37.66 -64.58
C ILE Y 127 2.89 36.83 -65.29
N THR Y 128 3.15 35.53 -65.43
CA THR Y 128 2.19 34.59 -66.00
C THR Y 128 1.78 33.61 -64.90
N LEU Y 129 0.48 33.48 -64.68
CA LEU Y 129 -0.07 32.67 -63.60
C LEU Y 129 -0.89 31.53 -64.19
N VAL Y 130 -0.57 30.30 -63.80
CA VAL Y 130 -1.27 29.10 -64.23
C VAL Y 130 -1.80 28.37 -62.99
N ARG Y 131 -3.06 27.96 -63.04
CA ARG Y 131 -3.72 27.28 -61.93
C ARG Y 131 -4.04 25.84 -62.30
N VAL Y 132 -3.78 24.93 -61.38
CA VAL Y 132 -4.01 23.50 -61.60
C VAL Y 132 -4.88 22.95 -60.47
N PRO Y 133 -5.59 21.84 -60.67
CA PRO Y 133 -6.53 21.36 -59.64
C PRO Y 133 -5.85 20.85 -58.37
N GLY Y 134 -4.60 20.40 -58.42
CA GLY Y 134 -3.97 19.83 -57.25
C GLY Y 134 -2.46 19.83 -57.36
N SER Y 135 -1.82 19.47 -56.25
CA SER Y 135 -0.36 19.45 -56.22
C SER Y 135 0.22 18.40 -57.15
N TRP Y 136 -0.50 17.30 -57.37
CA TRP Y 136 0.00 16.25 -58.25
C TRP Y 136 0.22 16.77 -59.67
N GLU Y 137 -0.56 17.76 -60.10
CA GLU Y 137 -0.48 18.28 -61.45
C GLU Y 137 0.52 19.42 -61.60
N ILE Y 138 1.19 19.84 -60.52
CA ILE Y 138 2.14 20.95 -60.62
C ILE Y 138 3.31 20.62 -61.54
N PRO Y 139 3.99 19.48 -61.41
CA PRO Y 139 5.20 19.25 -62.24
C PRO Y 139 4.94 19.28 -63.73
N VAL Y 140 3.82 18.72 -64.20
CA VAL Y 140 3.56 18.70 -65.64
C VAL Y 140 3.24 20.09 -66.14
N ALA Y 141 2.51 20.88 -65.35
CA ALA Y 141 2.22 22.26 -65.76
C ALA Y 141 3.49 23.12 -65.72
N ALA Y 142 4.34 22.91 -64.71
CA ALA Y 142 5.59 23.67 -64.65
C ALA Y 142 6.48 23.38 -65.84
N GLY Y 143 6.39 22.17 -66.40
CA GLY Y 143 7.19 21.83 -67.56
C GLY Y 143 6.83 22.61 -68.81
N GLU Y 144 5.58 23.04 -68.94
CA GLU Y 144 5.18 23.83 -70.09
C GLU Y 144 5.72 25.25 -70.00
N LEU Y 145 5.68 25.85 -68.81
CA LEU Y 145 6.19 27.21 -68.64
C LEU Y 145 7.71 27.25 -68.78
N ALA Y 146 8.40 26.27 -68.20
CA ALA Y 146 9.86 26.30 -68.20
C ALA Y 146 10.44 26.20 -69.60
N ARG Y 147 9.68 25.65 -70.54
CA ARG Y 147 10.17 25.51 -71.91
C ARG Y 147 9.97 26.76 -72.76
N LYS Y 148 9.26 27.77 -72.26
CA LYS Y 148 9.11 29.02 -72.98
C LYS Y 148 10.41 29.82 -72.92
N GLU Y 149 10.74 30.47 -74.03
CA GLU Y 149 12.02 31.17 -74.13
C GLU Y 149 12.02 32.46 -73.33
N ASP Y 150 10.86 33.08 -73.11
CA ASP Y 150 10.76 34.38 -72.47
C ASP Y 150 10.40 34.28 -70.99
N ILE Y 151 10.70 33.14 -70.34
CA ILE Y 151 10.50 32.96 -68.92
C ILE Y 151 11.86 32.76 -68.28
N ASP Y 152 12.15 33.53 -67.23
CA ASP Y 152 13.44 33.46 -66.55
C ASP Y 152 13.45 32.49 -65.37
N ALA Y 153 12.33 32.37 -64.65
CA ALA Y 153 12.26 31.47 -63.51
C ALA Y 153 10.80 31.13 -63.25
N VAL Y 154 10.59 30.01 -62.55
CA VAL Y 154 9.26 29.50 -62.25
C VAL Y 154 9.13 29.33 -60.74
N ILE Y 155 7.96 29.64 -60.21
CA ILE Y 155 7.66 29.55 -58.77
C ILE Y 155 6.50 28.58 -58.61
N ALA Y 156 6.69 27.57 -57.76
CA ALA Y 156 5.68 26.55 -57.50
C ALA Y 156 5.11 26.74 -56.10
N ILE Y 157 3.79 26.75 -55.98
CA ILE Y 157 3.10 27.04 -54.73
C ILE Y 157 2.03 25.98 -54.50
N GLY Y 158 1.96 25.50 -53.26
CA GLY Y 158 0.94 24.52 -52.89
C GLY Y 158 0.97 24.30 -51.38
N VAL Y 159 -0.06 23.61 -50.90
CA VAL Y 159 -0.22 23.31 -49.48
C VAL Y 159 -0.64 21.85 -49.34
N LEU Y 160 0.11 21.10 -48.53
CA LEU Y 160 -0.22 19.71 -48.20
C LEU Y 160 -0.25 19.56 -46.69
N ILE Y 161 -1.31 18.93 -46.17
CA ILE Y 161 -1.49 18.73 -44.74
C ILE Y 161 -1.72 17.25 -44.50
N ARG Y 162 -0.97 16.69 -43.55
CA ARG Y 162 -1.06 15.27 -43.25
C ARG Y 162 -2.39 14.95 -42.58
N THR Z 3 -26.13 -16.50 -31.20
CA THR Z 3 -27.13 -17.50 -30.85
C THR Z 3 -26.77 -18.84 -31.50
N PRO Z 4 -27.25 -19.94 -30.91
CA PRO Z 4 -26.94 -21.27 -31.48
C PRO Z 4 -27.62 -21.54 -32.81
N HIS Z 5 -28.49 -20.65 -33.28
CA HIS Z 5 -29.14 -20.84 -34.58
C HIS Z 5 -28.11 -21.02 -35.68
N PHE Z 6 -26.96 -20.34 -35.58
CA PHE Z 6 -25.94 -20.42 -36.61
C PHE Z 6 -25.42 -21.84 -36.76
N ASP Z 7 -25.19 -22.54 -35.65
CA ASP Z 7 -24.53 -23.84 -35.72
C ASP Z 7 -25.38 -24.88 -36.44
N TYR Z 8 -26.66 -24.95 -36.13
CA TYR Z 8 -27.50 -26.03 -36.67
C TYR Z 8 -27.70 -25.87 -38.18
N ILE Z 9 -27.87 -24.64 -38.65
CA ILE Z 9 -28.02 -24.42 -40.10
C ILE Z 9 -26.74 -24.79 -40.82
N ALA Z 10 -25.60 -24.37 -40.29
CA ALA Z 10 -24.32 -24.64 -40.94
C ALA Z 10 -24.04 -26.14 -41.01
N SER Z 11 -24.36 -26.87 -39.94
CA SER Z 11 -24.10 -28.30 -39.92
C SER Z 11 -24.93 -29.03 -40.96
N GLU Z 12 -26.20 -28.65 -41.13
CA GLU Z 12 -27.09 -29.37 -42.03
C GLU Z 12 -26.79 -29.06 -43.49
N VAL Z 13 -26.40 -27.83 -43.80
CA VAL Z 13 -26.11 -27.47 -45.18
C VAL Z 13 -24.86 -28.21 -45.66
N SER Z 14 -23.81 -28.22 -44.84
CA SER Z 14 -22.58 -28.92 -45.23
C SER Z 14 -22.81 -30.42 -45.34
N LYS Z 15 -23.55 -31.00 -44.38
CA LYS Z 15 -23.81 -32.43 -44.42
C LYS Z 15 -24.66 -32.81 -45.62
N GLY Z 16 -25.67 -32.01 -45.94
CA GLY Z 16 -26.54 -32.33 -47.05
C GLY Z 16 -25.80 -32.38 -48.38
N LEU Z 17 -24.95 -31.39 -48.64
CA LEU Z 17 -24.23 -31.34 -49.91
C LEU Z 17 -23.25 -32.50 -50.03
N ALA Z 18 -22.58 -32.85 -48.93
CA ALA Z 18 -21.60 -33.92 -48.98
C ALA Z 18 -22.25 -35.26 -49.32
N ASN Z 19 -23.34 -35.60 -48.64
CA ASN Z 19 -24.02 -36.86 -48.93
C ASN Z 19 -24.56 -36.88 -50.36
N LEU Z 20 -25.07 -35.74 -50.83
CA LEU Z 20 -25.63 -35.68 -52.18
C LEU Z 20 -24.58 -35.99 -53.24
N SER Z 21 -23.36 -35.49 -53.05
CA SER Z 21 -22.30 -35.73 -54.03
C SER Z 21 -21.95 -37.21 -54.12
N LEU Z 22 -21.93 -37.90 -52.98
CA LEU Z 22 -21.58 -39.32 -52.99
C LEU Z 22 -22.72 -40.16 -53.58
N GLU Z 23 -23.96 -39.79 -53.30
CA GLU Z 23 -25.09 -40.57 -53.80
C GLU Z 23 -25.20 -40.48 -55.32
N LEU Z 24 -25.09 -39.28 -55.87
CA LEU Z 24 -25.18 -39.09 -57.31
C LEU Z 24 -23.85 -39.24 -58.03
N ARG Z 25 -22.74 -39.31 -57.29
CA ARG Z 25 -21.41 -39.50 -57.88
C ARG Z 25 -21.10 -38.39 -58.89
N LYS Z 26 -21.38 -37.15 -58.48
CA LYS Z 26 -21.11 -35.97 -59.30
C LYS Z 26 -20.44 -34.91 -58.43
N PRO Z 27 -19.54 -34.10 -58.99
CA PRO Z 27 -18.86 -33.09 -58.18
C PRO Z 27 -19.81 -31.97 -57.74
N ILE Z 28 -19.73 -31.60 -56.47
CA ILE Z 28 -20.41 -30.44 -55.92
C ILE Z 28 -19.41 -29.69 -55.05
N THR Z 29 -19.28 -28.39 -55.27
CA THR Z 29 -18.27 -27.57 -54.62
C THR Z 29 -18.90 -26.70 -53.54
N PHE Z 30 -18.17 -26.50 -52.45
CA PHE Z 30 -18.67 -25.80 -51.25
C PHE Z 30 -18.19 -24.36 -51.30
N GLY Z 31 -19.08 -23.46 -51.71
CA GLY Z 31 -18.76 -22.04 -51.80
C GLY Z 31 -19.51 -21.20 -50.78
N VAL Z 32 -19.68 -21.71 -49.57
CA VAL Z 32 -20.46 -21.03 -48.54
C VAL Z 32 -19.51 -20.44 -47.50
N ILE Z 33 -19.66 -19.14 -47.24
CA ILE Z 33 -18.86 -18.46 -46.23
C ILE Z 33 -19.50 -18.69 -44.86
N THR Z 34 -18.67 -19.00 -43.87
CA THR Z 34 -19.11 -19.18 -42.48
C THR Z 34 -18.20 -18.32 -41.61
N ALA Z 35 -18.65 -17.11 -41.28
CA ALA Z 35 -17.84 -16.13 -40.59
C ALA Z 35 -18.42 -15.83 -39.21
N ASP Z 36 -17.54 -15.38 -38.31
CA ASP Z 36 -17.94 -14.99 -36.96
C ASP Z 36 -18.36 -13.53 -36.88
N THR Z 37 -17.87 -12.68 -37.79
CA THR Z 37 -18.16 -11.25 -37.74
C THR Z 37 -18.40 -10.75 -39.16
N LEU Z 38 -19.07 -9.59 -39.24
CA LEU Z 38 -19.33 -8.98 -40.55
C LEU Z 38 -18.04 -8.62 -41.26
N GLU Z 39 -17.04 -8.15 -40.52
CA GLU Z 39 -15.77 -7.79 -41.14
C GLU Z 39 -15.11 -8.99 -41.80
N GLN Z 40 -15.15 -10.14 -41.14
CA GLN Z 40 -14.56 -11.34 -41.74
C GLN Z 40 -15.26 -11.73 -43.04
N ALA Z 41 -16.56 -11.46 -43.15
CA ALA Z 41 -17.29 -11.81 -44.36
C ALA Z 41 -16.92 -10.90 -45.52
N ILE Z 42 -16.80 -9.60 -45.27
CA ILE Z 42 -16.42 -8.67 -46.33
C ILE Z 42 -15.03 -8.99 -46.84
N GLU Z 43 -14.17 -9.51 -45.97
CA GLU Z 43 -12.80 -9.83 -46.36
C GLU Z 43 -12.77 -10.86 -47.49
N ARG Z 44 -13.68 -11.83 -47.45
CA ARG Z 44 -13.68 -12.96 -48.37
C ARG Z 44 -14.66 -12.80 -49.53
N ALA Z 45 -15.32 -11.66 -49.66
CA ALA Z 45 -16.34 -11.42 -50.68
C ALA Z 45 -15.84 -10.49 -51.78
N GLY Z 46 -14.59 -10.61 -52.19
CA GLY Z 46 -14.02 -9.75 -53.21
C GLY Z 46 -13.05 -8.71 -52.68
N THR Z 47 -12.45 -8.94 -51.51
CA THR Z 47 -11.53 -8.00 -50.88
C THR Z 47 -10.26 -8.74 -50.45
N LYS Z 48 -9.48 -8.12 -49.56
CA LYS Z 48 -8.08 -8.48 -49.32
C LYS Z 48 -7.83 -9.98 -49.18
N HIS Z 49 -8.84 -10.79 -48.83
CA HIS Z 49 -8.66 -12.24 -48.76
C HIS Z 49 -9.29 -12.96 -49.94
N GLY Z 50 -9.54 -12.27 -51.04
CA GLY Z 50 -10.00 -12.90 -52.26
C GLY Z 50 -11.51 -13.07 -52.33
N ASN Z 51 -11.94 -13.86 -53.30
CA ASN Z 51 -13.34 -14.12 -53.57
C ASN Z 51 -13.58 -15.62 -53.52
N LYS Z 52 -14.47 -16.05 -52.61
CA LYS Z 52 -14.74 -17.48 -52.48
C LYS Z 52 -15.56 -18.00 -53.65
N GLY Z 53 -16.34 -17.15 -54.30
CA GLY Z 53 -17.07 -17.58 -55.48
C GLY Z 53 -16.14 -17.94 -56.63
N TRP Z 54 -15.07 -17.18 -56.82
CA TRP Z 54 -14.09 -17.51 -57.84
C TRP Z 54 -13.42 -18.84 -57.54
N GLU Z 55 -13.05 -19.07 -56.28
CA GLU Z 55 -12.34 -20.30 -55.92
C GLU Z 55 -13.21 -21.53 -56.14
N ALA Z 56 -14.49 -21.44 -55.78
CA ALA Z 56 -15.38 -22.59 -55.94
C ALA Z 56 -15.56 -22.95 -57.41
N ALA Z 57 -15.65 -21.96 -58.29
CA ALA Z 57 -15.77 -22.24 -59.71
C ALA Z 57 -14.51 -22.91 -60.25
N LEU Z 58 -13.33 -22.49 -59.80
CA LEU Z 58 -12.09 -23.08 -60.28
C LEU Z 58 -12.01 -24.55 -59.88
N SER Z 59 -12.47 -24.89 -58.67
CA SER Z 59 -12.48 -26.29 -58.25
C SER Z 59 -13.42 -27.13 -59.11
N ALA Z 60 -14.58 -26.56 -59.48
CA ALA Z 60 -15.54 -27.30 -60.30
C ALA Z 60 -14.96 -27.63 -61.67
N ILE Z 61 -14.25 -26.68 -62.27
CA ILE Z 61 -13.68 -26.92 -63.61
C ILE Z 61 -12.68 -28.06 -63.57
N GLU Z 62 -11.81 -28.06 -62.55
CA GLU Z 62 -10.81 -29.12 -62.44
C GLU Z 62 -11.46 -30.49 -62.24
N MET Z 63 -12.45 -30.56 -61.34
CA MET Z 63 -13.09 -31.84 -61.06
C MET Z 63 -13.81 -32.39 -62.29
N ALA Z 64 -14.44 -31.51 -63.08
CA ALA Z 64 -15.13 -31.96 -64.27
C ALA Z 64 -14.16 -32.59 -65.27
N ASN Z 65 -12.98 -31.99 -65.44
CA ASN Z 65 -11.98 -32.55 -66.34
C ASN Z 65 -11.41 -33.84 -65.80
N LEU Z 66 -11.23 -33.93 -64.48
CA LEU Z 66 -10.67 -35.14 -63.88
C LEU Z 66 -11.61 -36.33 -64.10
N PHE Z 67 -12.90 -36.13 -63.89
CA PHE Z 67 -13.85 -37.22 -64.04
C PHE Z 67 -13.95 -37.66 -65.50
N LYS Z 68 -13.80 -36.72 -66.43
CA LYS Z 68 -13.76 -37.07 -67.88
C LYS Z 68 -12.55 -37.98 -68.10
N SER Z 69 -11.43 -37.76 -67.39
CA SER Z 69 -10.21 -38.53 -67.61
C SER Z 69 -10.31 -39.92 -66.99
N LEU Z 70 -10.89 -40.03 -65.78
CA LEU Z 70 -11.00 -41.33 -65.13
C LEU Z 70 -11.85 -42.29 -65.94
N ARG Z 71 -12.96 -41.79 -66.50
CA ARG Z 71 -13.89 -42.64 -67.22
C ARG Z 71 -13.47 -42.90 -68.67
N GLY Z 72 -12.36 -42.32 -69.11
CA GLY Z 72 -11.82 -42.57 -70.43
C GLY Z 72 -10.86 -43.75 -70.44
N THR Z 73 -10.00 -43.77 -71.46
CA THR Z 73 -9.06 -44.87 -71.59
C THR Z 73 -7.97 -44.83 -70.52
N GLY Z 74 -7.53 -43.63 -70.12
CA GLY Z 74 -6.48 -43.50 -69.14
C GLY Z 74 -5.10 -43.56 -69.75
N GLY Z 75 -4.82 -44.62 -70.52
CA GLY Z 75 -3.55 -44.73 -71.21
C GLY Z 75 -2.40 -45.04 -70.26
N SER Z 76 -1.19 -44.74 -70.74
CA SER Z 76 0.05 -44.97 -70.00
C SER Z 76 0.26 -46.46 -69.75
N GLY Z 77 1.47 -46.83 -69.33
CA GLY Z 77 1.78 -48.21 -69.05
C GLY Z 77 3.22 -48.36 -68.61
N SER Z 78 3.49 -49.47 -67.93
CA SER Z 78 4.81 -49.79 -67.41
C SER Z 78 5.33 -48.73 -66.44
N SER Z 79 4.43 -47.93 -65.86
CA SER Z 79 4.82 -46.87 -64.94
C SER Z 79 3.61 -46.47 -64.11
N MET Z 80 3.86 -45.66 -63.09
CA MET Z 80 2.80 -45.22 -62.20
C MET Z 80 1.79 -44.36 -62.96
N GLU Z 81 0.52 -44.73 -62.87
CA GLU Z 81 -0.55 -43.95 -63.50
C GLU Z 81 -0.90 -42.75 -62.64
N ILE Z 82 -0.97 -41.57 -63.25
CA ILE Z 82 -1.31 -40.33 -62.58
C ILE Z 82 -2.48 -39.70 -63.29
N TYR Z 83 -3.52 -39.34 -62.54
CA TYR Z 83 -4.72 -38.69 -63.07
C TYR Z 83 -4.82 -37.28 -62.51
N GLU Z 84 -5.04 -36.31 -63.41
CA GLU Z 84 -5.18 -34.92 -63.00
C GLU Z 84 -6.06 -34.20 -64.01
N GLY Z 85 -6.59 -33.05 -63.58
CA GLY Z 85 -7.52 -32.28 -64.38
C GLY Z 85 -6.92 -30.96 -64.84
N LYS Z 86 -7.22 -30.61 -66.10
CA LYS Z 86 -6.75 -29.35 -66.69
C LYS Z 86 -7.62 -28.23 -66.14
N LEU Z 87 -7.37 -27.00 -66.52
CA LEU Z 87 -8.14 -25.82 -66.17
C LEU Z 87 -8.70 -25.11 -67.41
N THR Z 88 -9.19 -25.89 -68.36
CA THR Z 88 -9.88 -25.37 -69.54
C THR Z 88 -11.35 -25.70 -69.44
N ALA Z 89 -12.21 -24.70 -69.65
CA ALA Z 89 -13.64 -24.83 -69.48
C ALA Z 89 -14.40 -24.98 -70.80
N GLU Z 90 -13.70 -25.16 -71.91
CA GLU Z 90 -14.37 -25.27 -73.21
C GLU Z 90 -15.22 -26.52 -73.27
N GLY Z 91 -16.51 -26.35 -73.56
CA GLY Z 91 -17.42 -27.46 -73.74
C GLY Z 91 -18.14 -27.92 -72.49
N LEU Z 92 -17.84 -27.36 -71.32
CA LEU Z 92 -18.44 -27.80 -70.08
C LEU Z 92 -19.69 -26.99 -69.76
N ARG Z 93 -20.59 -27.60 -68.99
CA ARG Z 93 -21.87 -27.01 -68.61
C ARG Z 93 -22.00 -27.03 -67.09
N PHE Z 94 -22.38 -25.90 -66.50
CA PHE Z 94 -22.35 -25.70 -65.06
C PHE Z 94 -23.70 -25.21 -64.55
N GLY Z 95 -24.01 -25.61 -63.32
CA GLY Z 95 -25.17 -25.09 -62.60
C GLY Z 95 -24.74 -24.39 -61.32
N ILE Z 96 -25.47 -23.34 -60.95
CA ILE Z 96 -25.17 -22.54 -59.77
C ILE Z 96 -26.44 -22.40 -58.94
N VAL Z 97 -26.31 -22.59 -57.63
CA VAL Z 97 -27.39 -22.39 -56.67
C VAL Z 97 -26.93 -21.32 -55.68
N ALA Z 98 -27.70 -20.25 -55.56
CA ALA Z 98 -27.34 -19.11 -54.71
C ALA Z 98 -28.52 -18.72 -53.83
N SER Z 99 -28.22 -18.28 -52.61
CA SER Z 99 -29.26 -17.86 -51.68
C SER Z 99 -29.43 -16.34 -51.73
N ARG Z 100 -30.56 -15.87 -51.22
CA ARG Z 100 -30.91 -14.45 -51.25
C ARG Z 100 -30.59 -13.72 -49.95
N PHE Z 101 -30.33 -14.42 -48.85
CA PHE Z 101 -30.04 -13.73 -47.61
C PHE Z 101 -28.62 -13.18 -47.63
N ASN Z 102 -28.45 -11.97 -47.08
CA ASN Z 102 -27.20 -11.23 -47.20
C ASN Z 102 -26.84 -11.01 -48.67
N HIS Z 103 -27.80 -10.54 -49.45
CA HIS Z 103 -27.60 -10.45 -50.89
C HIS Z 103 -26.54 -9.40 -51.25
N ALA Z 104 -26.26 -8.45 -50.36
CA ALA Z 104 -25.22 -7.48 -50.64
C ALA Z 104 -23.87 -8.15 -50.84
N LEU Z 105 -23.65 -9.29 -50.19
CA LEU Z 105 -22.41 -10.04 -50.32
C LEU Z 105 -22.52 -11.18 -51.33
N VAL Z 106 -23.68 -11.83 -51.39
CA VAL Z 106 -23.85 -13.00 -52.25
C VAL Z 106 -23.68 -12.63 -53.71
N ASP Z 107 -24.22 -11.47 -54.12
CA ASP Z 107 -24.12 -11.07 -55.51
C ASP Z 107 -22.68 -10.81 -55.94
N ARG Z 108 -21.79 -10.50 -55.00
CA ARG Z 108 -20.37 -10.41 -55.34
C ARG Z 108 -19.79 -11.77 -55.63
N LEU Z 109 -20.24 -12.80 -54.90
CA LEU Z 109 -19.71 -14.14 -55.12
C LEU Z 109 -20.19 -14.72 -56.45
N VAL Z 110 -21.44 -14.44 -56.83
CA VAL Z 110 -21.97 -14.95 -58.08
C VAL Z 110 -21.25 -14.31 -59.26
N GLU Z 111 -20.91 -13.03 -59.15
CA GLU Z 111 -20.16 -12.37 -60.22
C GLU Z 111 -18.81 -13.03 -60.42
N GLY Z 112 -18.12 -13.37 -59.32
CA GLY Z 112 -16.82 -14.01 -59.44
C GLY Z 112 -16.90 -15.36 -60.12
N ALA Z 113 -17.91 -16.16 -59.77
CA ALA Z 113 -18.03 -17.49 -60.37
C ALA Z 113 -18.25 -17.40 -61.87
N ILE Z 114 -19.08 -16.47 -62.32
CA ILE Z 114 -19.33 -16.33 -63.75
C ILE Z 114 -18.09 -15.81 -64.46
N ASP Z 115 -17.36 -14.88 -63.84
CA ASP Z 115 -16.15 -14.35 -64.44
C ASP Z 115 -15.11 -15.44 -64.65
N CYS Z 116 -14.95 -16.33 -63.67
CA CYS Z 116 -13.96 -17.40 -63.78
C CYS Z 116 -14.27 -18.31 -64.96
N ILE Z 117 -15.53 -18.69 -65.11
CA ILE Z 117 -15.91 -19.64 -66.16
C ILE Z 117 -15.68 -19.05 -67.54
N VAL Z 118 -16.04 -17.78 -67.72
CA VAL Z 118 -15.98 -17.17 -69.06
C VAL Z 118 -14.54 -16.98 -69.51
N ARG Z 119 -13.67 -16.51 -68.62
CA ARG Z 119 -12.30 -16.22 -69.01
C ARG Z 119 -11.42 -17.46 -69.14
N HIS Z 120 -11.89 -18.61 -68.64
CA HIS Z 120 -11.22 -19.88 -68.87
C HIS Z 120 -11.73 -20.60 -70.11
N GLY Z 121 -12.65 -20.00 -70.87
CA GLY Z 121 -13.08 -20.55 -72.13
C GLY Z 121 -14.52 -21.04 -72.19
N GLY Z 122 -15.33 -20.78 -71.15
CA GLY Z 122 -16.71 -21.21 -71.16
C GLY Z 122 -17.64 -20.18 -71.77
N ARG Z 123 -18.89 -20.58 -71.94
CA ARG Z 123 -19.94 -19.72 -72.48
C ARG Z 123 -20.99 -19.45 -71.42
N GLU Z 124 -21.53 -18.23 -71.43
CA GLU Z 124 -22.64 -17.90 -70.53
C GLU Z 124 -23.89 -18.71 -70.86
N GLU Z 125 -24.03 -19.13 -72.12
CA GLU Z 125 -25.19 -19.92 -72.52
C GLU Z 125 -25.21 -21.28 -71.84
N ASP Z 126 -24.08 -21.75 -71.31
CA ASP Z 126 -23.98 -23.06 -70.69
C ASP Z 126 -24.09 -23.00 -69.17
N ILE Z 127 -24.52 -21.87 -68.61
CA ILE Z 127 -24.65 -21.69 -67.17
C ILE Z 127 -26.12 -21.60 -66.82
N THR Z 128 -26.55 -22.39 -65.84
CA THR Z 128 -27.91 -22.35 -65.31
C THR Z 128 -27.85 -21.87 -63.86
N LEU Z 129 -28.62 -20.82 -63.56
CA LEU Z 129 -28.59 -20.18 -62.25
C LEU Z 129 -29.95 -20.33 -61.58
N VAL Z 130 -29.96 -20.86 -60.36
CA VAL Z 130 -31.16 -21.05 -59.57
C VAL Z 130 -31.00 -20.30 -58.26
N ARG Z 131 -32.02 -19.54 -57.86
CA ARG Z 131 -31.99 -18.75 -56.64
C ARG Z 131 -33.00 -19.29 -55.63
N VAL Z 132 -32.59 -19.36 -54.37
CA VAL Z 132 -33.43 -19.88 -53.30
C VAL Z 132 -33.49 -18.86 -52.16
N PRO Z 133 -34.52 -18.88 -51.32
CA PRO Z 133 -34.65 -17.84 -50.28
C PRO Z 133 -33.59 -17.89 -49.20
N GLY Z 134 -32.97 -19.03 -48.94
CA GLY Z 134 -32.01 -19.12 -47.84
C GLY Z 134 -31.09 -20.30 -48.00
N SER Z 135 -30.08 -20.35 -47.12
CA SER Z 135 -29.10 -21.42 -47.17
C SER Z 135 -29.72 -22.78 -46.84
N TRP Z 136 -30.77 -22.80 -46.01
CA TRP Z 136 -31.41 -24.05 -45.66
C TRP Z 136 -31.98 -24.76 -46.90
N GLU Z 137 -32.39 -24.00 -47.90
CA GLU Z 137 -33.01 -24.56 -49.09
C GLU Z 137 -32.01 -24.93 -50.18
N ILE Z 138 -30.71 -24.69 -49.97
CA ILE Z 138 -29.72 -25.01 -51.01
C ILE Z 138 -29.67 -26.50 -51.32
N PRO Z 139 -29.57 -27.40 -50.33
CA PRO Z 139 -29.39 -28.82 -50.67
C PRO Z 139 -30.52 -29.41 -51.52
N VAL Z 140 -31.77 -29.05 -51.23
CA VAL Z 140 -32.87 -29.62 -52.00
C VAL Z 140 -32.88 -29.07 -53.43
N ALA Z 141 -32.55 -27.80 -53.60
CA ALA Z 141 -32.46 -27.24 -54.95
C ALA Z 141 -31.29 -27.83 -55.71
N ALA Z 142 -30.16 -28.01 -55.03
CA ALA Z 142 -28.98 -28.60 -55.70
C ALA Z 142 -29.28 -30.01 -56.17
N GLY Z 143 -30.17 -30.73 -55.47
CA GLY Z 143 -30.51 -32.08 -55.88
C GLY Z 143 -31.25 -32.15 -57.20
N GLU Z 144 -32.00 -31.10 -57.56
CA GLU Z 144 -32.70 -31.10 -58.84
C GLU Z 144 -31.75 -30.87 -59.99
N LEU Z 145 -30.78 -29.97 -59.83
CA LEU Z 145 -29.80 -29.72 -60.89
C LEU Z 145 -28.88 -30.92 -61.09
N ALA Z 146 -28.42 -31.52 -59.99
CA ALA Z 146 -27.44 -32.60 -60.10
C ALA Z 146 -28.00 -33.81 -60.83
N ARG Z 147 -29.32 -33.97 -60.86
CA ARG Z 147 -29.94 -35.11 -61.53
C ARG Z 147 -30.14 -34.90 -63.02
N LYS Z 148 -29.89 -33.69 -63.54
CA LYS Z 148 -29.98 -33.46 -64.97
C LYS Z 148 -28.77 -34.06 -65.68
N GLU Z 149 -29.03 -34.64 -66.86
CA GLU Z 149 -27.98 -35.36 -67.56
C GLU Z 149 -26.96 -34.43 -68.20
N ASP Z 150 -27.36 -33.19 -68.52
CA ASP Z 150 -26.50 -32.25 -69.23
C ASP Z 150 -25.82 -31.25 -68.30
N ILE Z 151 -25.64 -31.58 -67.03
CA ILE Z 151 -24.93 -30.76 -66.07
C ILE Z 151 -23.69 -31.53 -65.63
N ASP Z 152 -22.53 -30.88 -65.69
CA ASP Z 152 -21.27 -31.52 -65.34
C ASP Z 152 -20.87 -31.30 -63.88
N ALA Z 153 -21.18 -30.13 -63.32
CA ALA Z 153 -20.85 -29.84 -61.93
C ALA Z 153 -21.78 -28.75 -61.42
N VAL Z 154 -21.90 -28.68 -60.09
CA VAL Z 154 -22.77 -27.73 -59.42
C VAL Z 154 -21.96 -26.91 -58.43
N ILE Z 155 -22.26 -25.62 -58.34
CA ILE Z 155 -21.57 -24.69 -57.44
C ILE Z 155 -22.60 -24.13 -56.48
N ALA Z 156 -22.32 -24.23 -55.18
CA ALA Z 156 -23.21 -23.75 -54.13
C ALA Z 156 -22.61 -22.52 -53.47
N ILE Z 157 -23.41 -21.46 -53.34
CA ILE Z 157 -22.95 -20.16 -52.85
C ILE Z 157 -23.90 -19.67 -51.77
N GLY Z 158 -23.34 -19.16 -50.68
CA GLY Z 158 -24.15 -18.60 -49.60
C GLY Z 158 -23.25 -17.92 -48.59
N VAL Z 159 -23.88 -17.17 -47.69
CA VAL Z 159 -23.19 -16.43 -46.64
C VAL Z 159 -23.94 -16.63 -45.32
N LEU Z 160 -23.22 -17.08 -44.29
CA LEU Z 160 -23.75 -17.21 -42.95
C LEU Z 160 -22.85 -16.45 -41.98
N ILE Z 161 -23.45 -15.65 -41.10
CA ILE Z 161 -22.73 -14.84 -40.14
C ILE Z 161 -23.30 -15.14 -38.75
N ARG Z 162 -22.41 -15.43 -37.81
CA ARG Z 162 -22.82 -15.79 -36.46
C ARG Z 162 -23.39 -14.56 -35.75
N THR AA 3 -28.64 -27.34 -19.10
CA THR AA 3 -28.35 -28.76 -19.16
C THR AA 3 -28.12 -29.21 -20.60
N PRO AA 4 -27.38 -30.30 -20.80
CA PRO AA 4 -27.11 -30.77 -22.18
C PRO AA 4 -28.33 -31.34 -22.88
N HIS AA 5 -29.47 -31.45 -22.20
CA HIS AA 5 -30.69 -31.95 -22.83
C HIS AA 5 -31.05 -31.12 -24.05
N PHE AA 6 -30.77 -29.81 -24.00
CA PHE AA 6 -31.11 -28.92 -25.12
C PHE AA 6 -30.39 -29.33 -26.39
N ASP AA 7 -29.10 -29.67 -26.30
CA ASP AA 7 -28.30 -29.90 -27.49
C ASP AA 7 -28.79 -31.11 -28.28
N TYR AA 8 -29.06 -32.23 -27.59
CA TYR AA 8 -29.38 -33.46 -28.31
C TYR AA 8 -30.72 -33.37 -29.02
N ILE AA 9 -31.71 -32.72 -28.41
CA ILE AA 9 -33.00 -32.57 -29.05
C ILE AA 9 -32.87 -31.68 -30.29
N ALA AA 10 -32.14 -30.57 -30.16
CA ALA AA 10 -31.99 -29.65 -31.27
C ALA AA 10 -31.27 -30.30 -32.44
N SER AA 11 -30.25 -31.10 -32.16
CA SER AA 11 -29.49 -31.74 -33.23
C SER AA 11 -30.35 -32.73 -34.01
N GLU AA 12 -31.18 -33.49 -33.31
CA GLU AA 12 -31.96 -34.54 -33.98
C GLU AA 12 -33.13 -33.95 -34.77
N VAL AA 13 -33.75 -32.88 -34.28
CA VAL AA 13 -34.88 -32.29 -34.99
C VAL AA 13 -34.40 -31.68 -36.31
N SER AA 14 -33.29 -30.93 -36.27
CA SER AA 14 -32.77 -30.32 -37.49
C SER AA 14 -32.29 -31.37 -38.47
N LYS AA 15 -31.60 -32.40 -37.99
CA LYS AA 15 -31.11 -33.45 -38.87
C LYS AA 15 -32.26 -34.23 -39.50
N GLY AA 16 -33.30 -34.53 -38.71
CA GLY AA 16 -34.41 -35.29 -39.25
C GLY AA 16 -35.12 -34.60 -40.39
N LEU AA 17 -35.40 -33.30 -40.23
CA LEU AA 17 -36.11 -32.57 -41.26
C LEU AA 17 -35.28 -32.43 -42.53
N ALA AA 18 -33.98 -32.24 -42.38
CA ALA AA 18 -33.12 -32.07 -43.55
C ALA AA 18 -33.08 -33.35 -44.40
N ASN AA 19 -32.86 -34.50 -43.77
CA ASN AA 19 -32.83 -35.76 -44.51
C ASN AA 19 -34.18 -36.05 -45.15
N LEU AA 20 -35.27 -35.73 -44.46
CA LEU AA 20 -36.61 -35.99 -44.98
C LEU AA 20 -36.86 -35.22 -46.28
N SER AA 21 -36.41 -33.97 -46.34
CA SER AA 21 -36.63 -33.16 -47.53
C SER AA 21 -35.89 -33.74 -48.74
N LEU AA 22 -34.69 -34.26 -48.53
CA LEU AA 22 -33.92 -34.82 -49.64
C LEU AA 22 -34.50 -36.14 -50.09
N GLU AA 23 -34.97 -36.97 -49.15
CA GLU AA 23 -35.52 -38.28 -49.51
C GLU AA 23 -36.80 -38.14 -50.32
N LEU AA 24 -37.72 -37.29 -49.89
CA LEU AA 24 -38.99 -37.09 -50.59
C LEU AA 24 -38.91 -36.03 -51.68
N ARG AA 25 -37.82 -35.27 -51.75
CA ARG AA 25 -37.63 -34.25 -52.78
C ARG AA 25 -38.79 -33.24 -52.78
N LYS AA 26 -39.13 -32.77 -51.57
CA LYS AA 26 -40.17 -31.79 -51.38
C LYS AA 26 -39.68 -30.72 -50.41
N PRO AA 27 -40.09 -29.45 -50.58
CA PRO AA 27 -39.59 -28.41 -49.68
C PRO AA 27 -40.14 -28.55 -48.27
N ILE AA 28 -39.25 -28.41 -47.28
CA ILE AA 28 -39.62 -28.33 -45.87
C ILE AA 28 -38.83 -27.19 -45.25
N THR AA 29 -39.53 -26.28 -44.57
CA THR AA 29 -38.94 -25.05 -44.04
C THR AA 29 -38.73 -25.18 -42.52
N PHE AA 30 -37.65 -24.59 -42.03
CA PHE AA 30 -37.23 -24.71 -40.64
C PHE AA 30 -37.68 -23.46 -39.89
N GLY AA 31 -38.79 -23.60 -39.15
CA GLY AA 31 -39.34 -22.50 -38.37
C GLY AA 31 -39.23 -22.70 -36.88
N VAL AA 32 -38.12 -23.28 -36.42
CA VAL AA 32 -37.94 -23.61 -35.01
C VAL AA 32 -36.97 -22.61 -34.38
N ILE AA 33 -37.40 -22.00 -33.29
CA ILE AA 33 -36.55 -21.07 -32.54
C ILE AA 33 -35.64 -21.86 -31.61
N THR AA 34 -34.37 -21.49 -31.58
CA THR AA 34 -33.37 -22.08 -30.67
C THR AA 34 -32.67 -20.94 -29.95
N ALA AA 35 -33.13 -20.63 -28.73
CA ALA AA 35 -32.68 -19.47 -27.99
C ALA AA 35 -31.96 -19.91 -26.72
N ASP AA 36 -31.07 -19.03 -26.23
CA ASP AA 36 -30.35 -19.29 -24.99
C ASP AA 36 -31.09 -18.75 -23.77
N THR AA 37 -31.98 -17.78 -23.94
CA THR AA 37 -32.69 -17.16 -22.82
C THR AA 37 -34.14 -16.91 -23.23
N LEU AA 38 -35.00 -16.75 -22.23
CA LEU AA 38 -36.40 -16.47 -22.48
C LEU AA 38 -36.58 -15.15 -23.22
N GLU AA 39 -35.76 -14.15 -22.87
CA GLU AA 39 -35.87 -12.84 -23.52
C GLU AA 39 -35.59 -12.96 -25.01
N GLN AA 40 -34.58 -13.74 -25.39
CA GLN AA 40 -34.27 -13.91 -26.80
C GLN AA 40 -35.43 -14.55 -27.55
N ALA AA 41 -36.20 -15.43 -26.89
CA ALA AA 41 -37.30 -16.09 -27.56
C ALA AA 41 -38.47 -15.13 -27.81
N ILE AA 42 -38.79 -14.30 -26.81
CA ILE AA 42 -39.88 -13.34 -26.98
C ILE AA 42 -39.54 -12.34 -28.09
N GLU AA 43 -38.24 -12.06 -28.27
CA GLU AA 43 -37.84 -11.11 -29.30
C GLU AA 43 -38.26 -11.57 -30.69
N ARG AA 44 -38.20 -12.87 -30.95
CA ARG AA 44 -38.44 -13.44 -32.28
C ARG AA 44 -39.84 -14.01 -32.45
N ALA AA 45 -40.72 -13.85 -31.48
CA ALA AA 45 -42.07 -14.42 -31.51
C ALA AA 45 -43.14 -13.36 -31.74
N GLY AA 46 -42.87 -12.38 -32.59
CA GLY AA 46 -43.80 -11.31 -32.86
C GLY AA 46 -43.43 -9.98 -32.26
N THR AA 47 -42.16 -9.76 -31.94
CA THR AA 47 -41.67 -8.54 -31.33
C THR AA 47 -40.45 -8.01 -32.08
N LYS AA 48 -39.70 -7.11 -31.45
CA LYS AA 48 -38.75 -6.22 -32.15
C LYS AA 48 -37.88 -6.92 -33.18
N HIS AA 49 -37.67 -8.23 -33.11
CA HIS AA 49 -36.91 -8.96 -34.12
C HIS AA 49 -37.80 -9.77 -35.06
N GLY AA 50 -39.08 -9.43 -35.15
CA GLY AA 50 -39.96 -10.05 -36.12
C GLY AA 50 -40.59 -11.34 -35.64
N ASN AA 51 -41.20 -12.05 -36.58
CA ASN AA 51 -41.89 -13.30 -36.34
C ASN AA 51 -41.30 -14.39 -37.22
N LYS AA 52 -40.77 -15.44 -36.59
CA LYS AA 52 -40.16 -16.52 -37.37
C LYS AA 52 -41.19 -17.36 -38.09
N GLY AA 53 -42.43 -17.40 -37.58
CA GLY AA 53 -43.48 -18.12 -38.28
C GLY AA 53 -43.84 -17.48 -39.60
N TRP AA 54 -43.85 -16.15 -39.64
CA TRP AA 54 -44.10 -15.44 -40.90
C TRP AA 54 -42.99 -15.72 -41.90
N GLU AA 55 -41.74 -15.70 -41.46
CA GLU AA 55 -40.62 -15.89 -42.37
C GLU AA 55 -40.62 -17.28 -42.96
N ALA AA 56 -40.92 -18.31 -42.15
CA ALA AA 56 -40.94 -19.67 -42.66
C ALA AA 56 -42.00 -19.86 -43.72
N ALA AA 57 -43.18 -19.25 -43.53
CA ALA AA 57 -44.24 -19.37 -44.53
C ALA AA 57 -43.83 -18.71 -45.85
N LEU AA 58 -43.15 -17.56 -45.77
CA LEU AA 58 -42.74 -16.87 -46.99
C LEU AA 58 -41.74 -17.72 -47.79
N SER AA 59 -40.84 -18.41 -47.09
CA SER AA 59 -39.90 -19.28 -47.78
C SER AA 59 -40.62 -20.43 -48.47
N ALA AA 60 -41.65 -20.99 -47.83
CA ALA AA 60 -42.37 -22.10 -48.42
C ALA AA 60 -43.07 -21.69 -49.71
N ILE AA 61 -43.66 -20.49 -49.74
CA ILE AA 61 -44.37 -20.04 -50.92
C ILE AA 61 -43.40 -19.92 -52.10
N GLU AA 62 -42.23 -19.33 -51.86
CA GLU AA 62 -41.25 -19.16 -52.94
C GLU AA 62 -40.77 -20.50 -53.46
N MET AA 63 -40.46 -21.44 -52.55
CA MET AA 63 -39.95 -22.74 -52.99
C MET AA 63 -40.99 -23.51 -53.79
N ALA AA 64 -42.26 -23.40 -53.42
CA ALA AA 64 -43.30 -24.11 -54.16
C ALA AA 64 -43.40 -23.59 -55.59
N ASN AA 65 -43.30 -22.27 -55.77
CA ASN AA 65 -43.34 -21.71 -57.12
C ASN AA 65 -42.09 -22.07 -57.91
N LEU AA 66 -40.93 -22.10 -57.25
CA LEU AA 66 -39.70 -22.45 -57.93
C LEU AA 66 -39.75 -23.86 -58.48
N PHE AA 67 -40.23 -24.82 -57.68
CA PHE AA 67 -40.28 -26.20 -58.12
C PHE AA 67 -41.27 -26.38 -59.25
N LYS AA 68 -42.37 -25.60 -59.25
CA LYS AA 68 -43.33 -25.63 -60.37
C LYS AA 68 -42.59 -25.17 -61.63
N SER AA 69 -41.65 -24.22 -61.52
CA SER AA 69 -40.96 -23.68 -62.68
C SER AA 69 -39.90 -24.64 -63.21
N LEU AA 70 -39.16 -25.29 -62.32
CA LEU AA 70 -38.12 -26.21 -62.75
C LEU AA 70 -38.69 -27.38 -63.54
N ARG AA 71 -39.83 -27.91 -63.09
CA ARG AA 71 -40.43 -29.09 -63.71
C ARG AA 71 -41.28 -28.74 -64.92
N GLY AA 72 -41.40 -27.46 -65.27
CA GLY AA 72 -42.11 -27.04 -66.45
C GLY AA 72 -41.19 -26.97 -67.66
N THR AA 73 -41.61 -26.18 -68.65
CA THR AA 73 -40.84 -26.06 -69.88
C THR AA 73 -39.54 -25.28 -69.66
N GLY AA 74 -39.58 -24.27 -68.79
CA GLY AA 74 -38.40 -23.45 -68.55
C GLY AA 74 -38.26 -22.31 -69.54
N GLY AA 75 -38.30 -22.63 -70.83
CA GLY AA 75 -38.24 -21.61 -71.85
C GLY AA 75 -36.86 -20.97 -71.98
N SER AA 76 -36.86 -19.77 -72.57
CA SER AA 76 -35.64 -19.00 -72.80
C SER AA 76 -34.69 -19.73 -73.75
N GLY AA 77 -33.70 -19.02 -74.25
CA GLY AA 77 -32.73 -19.62 -75.15
C GLY AA 77 -31.71 -18.60 -75.58
N SER AA 78 -30.56 -19.12 -76.04
CA SER AA 78 -29.44 -18.30 -76.50
C SER AA 78 -28.93 -17.36 -75.42
N SER AA 79 -29.19 -17.67 -74.15
CA SER AA 79 -28.76 -16.83 -73.04
C SER AA 79 -28.81 -17.65 -71.76
N MET AA 80 -28.24 -17.10 -70.70
CA MET AA 80 -28.19 -17.78 -69.41
C MET AA 80 -29.60 -18.00 -68.87
N GLU AA 81 -29.91 -19.25 -68.53
CA GLU AA 81 -31.20 -19.57 -67.93
C GLU AA 81 -31.19 -19.23 -66.45
N ILE AA 82 -32.23 -18.53 -66.00
CA ILE AA 82 -32.38 -18.15 -64.60
C ILE AA 82 -33.74 -18.64 -64.12
N TYR AA 83 -33.74 -19.33 -62.98
CA TYR AA 83 -34.95 -19.86 -62.36
C TYR AA 83 -35.18 -19.16 -61.03
N GLU AA 84 -36.40 -18.67 -60.81
CA GLU AA 84 -36.74 -18.01 -59.56
C GLU AA 84 -38.23 -18.18 -59.30
N GLY AA 85 -38.62 -17.97 -58.05
CA GLY AA 85 -40.00 -18.18 -57.63
C GLY AA 85 -40.68 -16.88 -57.26
N LYS AA 86 -41.96 -16.78 -57.65
CA LYS AA 86 -42.78 -15.60 -57.35
C LYS AA 86 -43.20 -15.70 -55.89
N LEU AA 87 -43.94 -14.71 -55.39
CA LEU AA 87 -44.50 -14.67 -54.05
C LEU AA 87 -46.03 -14.58 -54.09
N THR AA 88 -46.66 -15.33 -54.98
CA THR AA 88 -48.11 -15.45 -55.04
C THR AA 88 -48.52 -16.84 -54.59
N ALA AA 89 -49.49 -16.90 -53.69
CA ALA AA 89 -49.91 -18.15 -53.07
C ALA AA 89 -51.21 -18.70 -53.65
N GLU AA 90 -51.71 -18.13 -54.74
CA GLU AA 90 -52.98 -18.59 -55.30
C GLU AA 90 -52.84 -20.01 -55.84
N GLY AA 91 -53.71 -20.90 -55.36
CA GLY AA 91 -53.75 -22.27 -55.84
C GLY AA 91 -52.87 -23.25 -55.10
N LEU AA 92 -52.05 -22.80 -54.15
CA LEU AA 92 -51.14 -23.68 -53.44
C LEU AA 92 -51.78 -24.24 -52.17
N ARG AA 93 -51.27 -25.40 -51.74
CA ARG AA 93 -51.78 -26.11 -50.58
C ARG AA 93 -50.63 -26.40 -49.63
N PHE AA 94 -50.83 -26.09 -48.34
CA PHE AA 94 -49.76 -26.09 -47.35
C PHE AA 94 -50.13 -26.95 -46.14
N GLY AA 95 -49.14 -27.57 -45.54
CA GLY AA 95 -49.29 -28.26 -44.27
C GLY AA 95 -48.40 -27.66 -43.21
N ILE AA 96 -48.88 -27.65 -41.97
CA ILE AA 96 -48.17 -27.07 -40.84
C ILE AA 96 -48.12 -28.09 -39.71
N VAL AA 97 -46.94 -28.25 -39.11
CA VAL AA 97 -46.74 -29.09 -37.94
C VAL AA 97 -46.22 -28.20 -36.81
N ALA AA 98 -46.93 -28.20 -35.68
CA ALA AA 98 -46.59 -27.34 -34.55
C ALA AA 98 -46.59 -28.14 -33.26
N SER AA 99 -45.68 -27.77 -32.35
CA SER AA 99 -45.56 -28.44 -31.07
C SER AA 99 -46.34 -27.68 -29.99
N ARG AA 100 -46.63 -28.38 -28.88
CA ARG AA 100 -47.42 -27.82 -27.80
C ARG AA 100 -46.59 -27.26 -26.65
N PHE AA 101 -45.31 -27.59 -26.57
CA PHE AA 101 -44.49 -27.09 -25.47
C PHE AA 101 -44.15 -25.61 -25.72
N ASN AA 102 -44.16 -24.83 -24.64
CA ASN AA 102 -44.05 -23.37 -24.72
C ASN AA 102 -45.15 -22.80 -25.62
N HIS AA 103 -46.39 -23.21 -25.37
CA HIS AA 103 -47.49 -22.84 -26.25
C HIS AA 103 -47.77 -21.34 -26.21
N ALA AA 104 -47.37 -20.66 -25.14
CA ALA AA 104 -47.57 -19.22 -25.08
C ALA AA 104 -46.85 -18.51 -26.22
N LEU AA 105 -45.75 -19.07 -26.70
CA LEU AA 105 -44.98 -18.51 -27.80
C LEU AA 105 -45.34 -19.17 -29.14
N VAL AA 106 -45.60 -20.48 -29.13
CA VAL AA 106 -45.83 -21.20 -30.37
C VAL AA 106 -47.09 -20.69 -31.07
N ASP AA 107 -48.14 -20.40 -30.31
CA ASP AA 107 -49.37 -19.92 -30.92
C ASP AA 107 -49.21 -18.58 -31.60
N ARG AA 108 -48.22 -17.78 -31.19
CA ARG AA 108 -47.93 -16.55 -31.92
C ARG AA 108 -47.30 -16.86 -33.28
N LEU AA 109 -46.47 -17.90 -33.35
CA LEU AA 109 -45.83 -18.25 -34.62
C LEU AA 109 -46.84 -18.83 -35.60
N VAL AA 110 -47.79 -19.63 -35.11
CA VAL AA 110 -48.79 -20.22 -36.01
C VAL AA 110 -49.69 -19.15 -36.59
N GLU AA 111 -50.02 -18.13 -35.79
CA GLU AA 111 -50.82 -17.02 -36.30
C GLU AA 111 -50.12 -16.30 -37.43
N GLY AA 112 -48.82 -16.07 -37.28
CA GLY AA 112 -48.07 -15.39 -38.34
C GLY AA 112 -48.04 -16.18 -39.63
N ALA AA 113 -47.86 -17.50 -39.55
CA ALA AA 113 -47.80 -18.32 -40.75
C ALA AA 113 -49.11 -18.28 -41.51
N ILE AA 114 -50.24 -18.35 -40.80
CA ILE AA 114 -51.54 -18.31 -41.46
C ILE AA 114 -51.79 -16.93 -42.06
N ASP AA 115 -51.38 -15.87 -41.35
CA ASP AA 115 -51.59 -14.52 -41.86
C ASP AA 115 -50.83 -14.30 -43.16
N CYS AA 116 -49.59 -14.81 -43.25
CA CYS AA 116 -48.80 -14.63 -44.45
C CYS AA 116 -49.46 -15.29 -45.65
N ILE AA 117 -49.95 -16.52 -45.48
CA ILE AA 117 -50.52 -17.26 -46.60
C ILE AA 117 -51.78 -16.58 -47.13
N VAL AA 118 -52.64 -16.10 -46.22
CA VAL AA 118 -53.93 -15.57 -46.64
C VAL AA 118 -53.75 -14.24 -47.38
N ARG AA 119 -52.87 -13.36 -46.90
CA ARG AA 119 -52.74 -12.04 -47.51
C ARG AA 119 -51.91 -12.07 -48.78
N HIS AA 120 -51.22 -13.17 -49.08
CA HIS AA 120 -50.56 -13.35 -50.36
C HIS AA 120 -51.44 -14.06 -51.38
N GLY AA 121 -52.69 -14.36 -51.05
CA GLY AA 121 -53.64 -14.90 -52.00
C GLY AA 121 -54.09 -16.33 -51.76
N GLY AA 122 -53.73 -16.93 -50.62
CA GLY AA 122 -54.13 -18.29 -50.33
C GLY AA 122 -55.47 -18.36 -49.62
N ARG AA 123 -55.97 -19.59 -49.46
CA ARG AA 123 -57.21 -19.86 -48.78
C ARG AA 123 -56.95 -20.67 -47.51
N GLU AA 124 -57.72 -20.37 -46.45
CA GLU AA 124 -57.62 -21.16 -45.24
C GLU AA 124 -58.07 -22.60 -45.46
N GLU AA 125 -58.94 -22.82 -46.45
CA GLU AA 125 -59.40 -24.18 -46.74
C GLU AA 125 -58.28 -25.07 -47.24
N ASP AA 126 -57.18 -24.49 -47.71
CA ASP AA 126 -56.07 -25.25 -48.27
C ASP AA 126 -54.94 -25.48 -47.27
N ILE AA 127 -55.17 -25.21 -45.99
CA ILE AA 127 -54.17 -25.36 -44.94
C ILE AA 127 -54.57 -26.52 -44.05
N THR AA 128 -53.62 -27.44 -43.82
CA THR AA 128 -53.80 -28.56 -42.91
C THR AA 128 -52.85 -28.38 -41.72
N LEU AA 129 -53.39 -28.41 -40.51
CA LEU AA 129 -52.63 -28.16 -39.29
C LEU AA 129 -52.62 -29.41 -38.42
N VAL AA 130 -51.42 -29.85 -38.04
CA VAL AA 130 -51.22 -31.01 -37.19
C VAL AA 130 -50.44 -30.58 -35.96
N ARG AA 131 -50.90 -31.00 -34.78
CA ARG AA 131 -50.27 -30.64 -33.52
C ARG AA 131 -49.67 -31.86 -32.86
N VAL AA 132 -48.46 -31.72 -32.31
CA VAL AA 132 -47.75 -32.81 -31.66
C VAL AA 132 -47.32 -32.38 -30.27
N PRO AA 133 -47.08 -33.32 -29.34
CA PRO AA 133 -46.78 -32.91 -27.95
C PRO AA 133 -45.45 -32.21 -27.77
N GLY AA 134 -44.47 -32.41 -28.65
CA GLY AA 134 -43.16 -31.81 -28.45
C GLY AA 134 -42.37 -31.76 -29.74
N SER AA 135 -41.22 -31.07 -29.66
CA SER AA 135 -40.37 -30.91 -30.84
C SER AA 135 -39.80 -32.25 -31.30
N TRP AA 136 -39.57 -33.18 -30.38
CA TRP AA 136 -39.02 -34.48 -30.75
C TRP AA 136 -39.93 -35.21 -31.72
N GLU AA 137 -41.24 -34.98 -31.64
CA GLU AA 137 -42.19 -35.69 -32.50
C GLU AA 137 -42.46 -34.98 -33.82
N ILE AA 138 -41.85 -33.82 -34.07
CA ILE AA 138 -42.10 -33.11 -35.32
C ILE AA 138 -41.67 -33.92 -36.54
N PRO AA 139 -40.45 -34.47 -36.60
CA PRO AA 139 -40.03 -35.13 -37.85
C PRO AA 139 -40.92 -36.28 -38.29
N VAL AA 140 -41.39 -37.10 -37.34
CA VAL AA 140 -42.22 -38.25 -37.73
C VAL AA 140 -43.59 -37.78 -38.21
N ALA AA 141 -44.14 -36.74 -37.60
CA ALA AA 141 -45.42 -36.20 -38.06
C ALA AA 141 -45.26 -35.52 -39.41
N ALA AA 142 -44.16 -34.79 -39.61
CA ALA AA 142 -43.93 -34.14 -40.90
C ALA AA 142 -43.81 -35.16 -42.02
N GLY AA 143 -43.32 -36.36 -41.71
CA GLY AA 143 -43.20 -37.39 -42.73
C GLY AA 143 -44.53 -37.89 -43.27
N GLU AA 144 -45.59 -37.82 -42.46
CA GLU AA 144 -46.90 -38.25 -42.92
C GLU AA 144 -47.50 -37.22 -43.87
N LEU AA 145 -47.35 -35.93 -43.57
CA LEU AA 145 -47.90 -34.90 -44.44
C LEU AA 145 -47.13 -34.84 -45.76
N ALA AA 146 -45.80 -34.94 -45.70
CA ALA AA 146 -44.99 -34.78 -46.92
C ALA AA 146 -45.29 -35.87 -47.94
N ARG AA 147 -45.80 -37.02 -47.50
CA ARG AA 147 -46.09 -38.11 -48.43
C ARG AA 147 -47.45 -37.98 -49.10
N LYS AA 148 -48.28 -37.01 -48.70
CA LYS AA 148 -49.55 -36.81 -49.36
C LYS AA 148 -49.34 -36.12 -50.71
N GLU AA 149 -50.12 -36.53 -51.71
CA GLU AA 149 -49.92 -36.04 -53.07
C GLU AA 149 -50.39 -34.60 -53.23
N ASP AA 150 -51.35 -34.15 -52.43
CA ASP AA 150 -51.95 -32.84 -52.58
C ASP AA 150 -51.38 -31.81 -51.61
N ILE AA 151 -50.14 -32.01 -51.16
CA ILE AA 151 -49.44 -31.04 -50.31
C ILE AA 151 -48.23 -30.55 -51.09
N ASP AA 152 -48.07 -29.23 -51.18
CA ASP AA 152 -46.97 -28.64 -51.92
C ASP AA 152 -45.75 -28.34 -51.06
N ALA AA 153 -45.94 -27.97 -49.80
CA ALA AA 153 -44.83 -27.68 -48.90
C ALA AA 153 -45.30 -27.83 -47.47
N VAL AA 154 -44.33 -28.04 -46.57
CA VAL AA 154 -44.59 -28.24 -45.15
C VAL AA 154 -43.82 -27.21 -44.34
N ILE AA 155 -44.44 -26.72 -43.28
CA ILE AA 155 -43.84 -25.71 -42.40
C ILE AA 155 -43.77 -26.30 -41.00
N ALA AA 156 -42.58 -26.28 -40.40
CA ALA AA 156 -42.33 -26.82 -39.07
C ALA AA 156 -42.10 -25.68 -38.09
N ILE AA 157 -42.80 -25.71 -36.96
CA ILE AA 157 -42.78 -24.64 -35.98
C ILE AA 157 -42.55 -25.22 -34.60
N GLY AA 158 -41.68 -24.60 -33.82
CA GLY AA 158 -41.42 -25.02 -32.45
C GLY AA 158 -40.53 -24.01 -31.76
N VAL AA 159 -40.41 -24.17 -30.45
CA VAL AA 159 -39.61 -23.29 -29.61
C VAL AA 159 -38.80 -24.15 -28.64
N LEU AA 160 -37.49 -23.95 -28.61
CA LEU AA 160 -36.59 -24.59 -27.67
C LEU AA 160 -35.76 -23.53 -26.95
N ILE AA 161 -35.69 -23.64 -25.62
CA ILE AA 161 -34.97 -22.68 -24.79
C ILE AA 161 -33.99 -23.45 -23.92
N ARG AA 162 -32.73 -23.03 -23.93
CA ARG AA 162 -31.68 -23.70 -23.17
C ARG AA 162 -31.90 -23.53 -21.68
N THR BA 3 -15.40 -37.01 -18.05
CA THR BA 3 -14.69 -37.61 -19.17
C THR BA 3 -15.55 -37.53 -20.44
N PRO BA 4 -14.90 -37.55 -21.61
CA PRO BA 4 -15.67 -37.47 -22.87
C PRO BA 4 -16.50 -38.72 -23.17
N HIS BA 5 -16.39 -39.78 -22.35
CA HIS BA 5 -17.20 -40.97 -22.57
C HIS BA 5 -18.69 -40.63 -22.59
N PHE BA 6 -19.10 -39.65 -21.80
CA PHE BA 6 -20.52 -39.29 -21.72
C PHE BA 6 -21.04 -38.81 -23.07
N ASP BA 7 -20.26 -37.99 -23.78
CA ASP BA 7 -20.77 -37.35 -24.98
C ASP BA 7 -21.06 -38.37 -26.08
N TYR BA 8 -20.15 -39.32 -26.31
CA TYR BA 8 -20.31 -40.22 -27.44
C TYR BA 8 -21.48 -41.16 -27.26
N ILE BA 9 -21.70 -41.65 -26.04
CA ILE BA 9 -22.84 -42.52 -25.78
C ILE BA 9 -24.15 -41.77 -25.97
N ALA BA 10 -24.22 -40.54 -25.45
CA ALA BA 10 -25.44 -39.76 -25.56
C ALA BA 10 -25.78 -39.44 -27.00
N SER BA 11 -24.76 -39.12 -27.80
CA SER BA 11 -25.00 -38.77 -29.20
C SER BA 11 -25.55 -39.96 -29.98
N GLU BA 12 -25.02 -41.16 -29.73
CA GLU BA 12 -25.43 -42.32 -30.52
C GLU BA 12 -26.80 -42.82 -30.12
N VAL BA 13 -27.15 -42.75 -28.84
CA VAL BA 13 -28.46 -43.23 -28.40
C VAL BA 13 -29.56 -42.34 -28.97
N SER BA 14 -29.38 -41.02 -28.89
CA SER BA 14 -30.39 -40.11 -29.43
C SER BA 14 -30.50 -40.26 -30.94
N LYS BA 15 -29.37 -40.35 -31.63
CA LYS BA 15 -29.40 -40.48 -33.09
C LYS BA 15 -30.05 -41.78 -33.52
N GLY BA 16 -29.75 -42.87 -32.82
CA GLY BA 16 -30.30 -44.17 -33.20
C GLY BA 16 -31.81 -44.21 -33.11
N LEU BA 17 -32.36 -43.68 -32.01
CA LEU BA 17 -33.82 -43.71 -31.84
C LEU BA 17 -34.52 -42.83 -32.86
N ALA BA 18 -33.94 -41.69 -33.19
CA ALA BA 18 -34.56 -40.78 -34.14
C ALA BA 18 -34.66 -41.39 -35.52
N ASN BA 19 -33.56 -41.98 -36.02
CA ASN BA 19 -33.59 -42.60 -37.33
C ASN BA 19 -34.54 -43.79 -37.35
N LEU BA 20 -34.60 -44.55 -36.26
CA LEU BA 20 -35.47 -45.72 -36.21
C LEU BA 20 -36.94 -45.33 -36.36
N SER BA 21 -37.35 -44.23 -35.73
CA SER BA 21 -38.73 -43.80 -35.82
C SER BA 21 -39.12 -43.42 -37.23
N LEU BA 22 -38.21 -42.78 -37.97
CA LEU BA 22 -38.51 -42.38 -39.34
C LEU BA 22 -38.54 -43.58 -40.27
N GLU BA 23 -37.64 -44.54 -40.06
CA GLU BA 23 -37.58 -45.70 -40.95
C GLU BA 23 -38.83 -46.57 -40.81
N LEU BA 24 -39.25 -46.85 -39.58
CA LEU BA 24 -40.43 -47.68 -39.34
C LEU BA 24 -41.72 -46.88 -39.31
N ARG BA 25 -41.65 -45.54 -39.30
CA ARG BA 25 -42.84 -44.69 -39.30
C ARG BA 25 -43.76 -45.02 -38.13
N LYS BA 26 -43.16 -45.15 -36.94
CA LYS BA 26 -43.89 -45.43 -35.71
C LYS BA 26 -43.39 -44.50 -34.61
N PRO BA 27 -44.24 -44.07 -33.69
CA PRO BA 27 -43.78 -43.15 -32.64
C PRO BA 27 -42.83 -43.84 -31.65
N ILE BA 28 -41.74 -43.14 -31.33
CA ILE BA 28 -40.82 -43.55 -30.28
C ILE BA 28 -40.50 -42.30 -29.45
N THR BA 29 -40.65 -42.41 -28.14
CA THR BA 29 -40.51 -41.27 -27.22
C THR BA 29 -39.18 -41.34 -26.48
N PHE BA 30 -38.59 -40.16 -26.25
CA PHE BA 30 -37.25 -40.05 -25.66
C PHE BA 30 -37.40 -39.78 -24.16
N GLY BA 31 -37.23 -40.82 -23.35
CA GLY BA 31 -37.33 -40.70 -21.92
C GLY BA 31 -36.00 -40.89 -21.19
N VAL BA 32 -34.92 -40.38 -21.77
CA VAL BA 32 -33.58 -40.58 -21.23
C VAL BA 32 -33.12 -39.29 -20.57
N ILE BA 33 -32.70 -39.38 -19.31
CA ILE BA 33 -32.16 -38.24 -18.58
C ILE BA 33 -30.68 -38.08 -18.94
N THR BA 34 -30.27 -36.84 -19.19
CA THR BA 34 -28.88 -36.50 -19.47
C THR BA 34 -28.51 -35.33 -18.55
N ALA BA 35 -27.89 -35.65 -17.42
CA ALA BA 35 -27.60 -34.68 -16.37
C ALA BA 35 -26.10 -34.50 -16.20
N ASP BA 36 -25.73 -33.33 -15.69
CA ASP BA 36 -24.33 -33.03 -15.40
C ASP BA 36 -23.90 -33.45 -14.00
N THR BA 37 -24.85 -33.56 -13.06
CA THR BA 37 -24.55 -33.89 -11.68
C THR BA 37 -25.59 -34.86 -11.15
N LEU BA 38 -25.23 -35.56 -10.07
CA LEU BA 38 -26.16 -36.50 -9.45
C LEU BA 38 -27.40 -35.78 -8.92
N GLU BA 39 -27.22 -34.58 -8.36
CA GLU BA 39 -28.35 -33.84 -7.84
C GLU BA 39 -29.36 -33.51 -8.93
N GLN BA 40 -28.88 -33.12 -10.11
CA GLN BA 40 -29.79 -32.83 -11.22
C GLN BA 40 -30.60 -34.05 -11.62
N ALA BA 41 -30.03 -35.25 -11.49
CA ALA BA 41 -30.73 -36.46 -11.88
C ALA BA 41 -31.83 -36.81 -10.89
N ILE BA 42 -31.56 -36.68 -9.59
CA ILE BA 42 -32.58 -36.96 -8.58
C ILE BA 42 -33.74 -35.99 -8.72
N GLU BA 43 -33.46 -34.78 -9.18
CA GLU BA 43 -34.52 -33.77 -9.33
C GLU BA 43 -35.60 -34.24 -10.30
N ARG BA 44 -35.20 -34.93 -11.37
CA ARG BA 44 -36.10 -35.30 -12.45
C ARG BA 44 -36.59 -36.74 -12.36
N ALA BA 45 -36.27 -37.47 -11.29
CA ALA BA 45 -36.62 -38.88 -11.14
C ALA BA 45 -37.72 -39.09 -10.11
N GLY BA 46 -38.71 -38.21 -10.06
CA GLY BA 46 -39.79 -38.30 -9.11
C GLY BA 46 -39.73 -37.28 -7.99
N THR BA 47 -39.04 -36.16 -8.20
CA THR BA 47 -38.88 -35.12 -7.19
C THR BA 47 -39.20 -33.76 -7.79
N LYS BA 48 -38.77 -32.68 -7.12
CA LYS BA 48 -39.30 -31.33 -7.33
C LYS BA 48 -39.44 -30.92 -8.80
N HIS BA 49 -38.73 -31.55 -9.73
CA HIS BA 49 -38.87 -31.25 -11.15
C HIS BA 49 -39.64 -32.34 -11.90
N GLY BA 50 -40.40 -33.16 -11.18
CA GLY BA 50 -41.28 -34.13 -11.83
C GLY BA 50 -40.59 -35.44 -12.15
N ASN BA 51 -41.29 -36.24 -12.96
CA ASN BA 51 -40.85 -37.56 -13.36
C ASN BA 51 -40.82 -37.62 -14.88
N LYS BA 52 -39.63 -37.88 -15.44
CA LYS BA 52 -39.51 -37.95 -16.89
C LYS BA 52 -40.15 -39.20 -17.47
N GLY BA 53 -40.26 -40.27 -16.68
CA GLY BA 53 -40.95 -41.45 -17.15
C GLY BA 53 -42.43 -41.22 -17.36
N TRP BA 54 -43.06 -40.45 -16.47
CA TRP BA 54 -44.46 -40.10 -16.64
C TRP BA 54 -44.66 -39.27 -17.90
N GLU BA 55 -43.78 -38.29 -18.14
CA GLU BA 55 -43.94 -37.41 -19.29
C GLU BA 55 -43.79 -38.17 -20.60
N ALA BA 56 -42.84 -39.10 -20.67
CA ALA BA 56 -42.63 -39.86 -21.90
C ALA BA 56 -43.85 -40.71 -22.23
N ALA BA 57 -44.47 -41.32 -21.21
CA ALA BA 57 -45.66 -42.12 -21.45
C ALA BA 57 -46.82 -41.27 -21.96
N LEU BA 58 -46.97 -40.06 -21.41
CA LEU BA 58 -48.06 -39.19 -21.86
C LEU BA 58 -47.90 -38.81 -23.32
N SER BA 59 -46.66 -38.56 -23.76
CA SER BA 59 -46.43 -38.25 -25.16
C SER BA 59 -46.77 -39.42 -26.06
N ALA BA 60 -46.46 -40.64 -25.62
CA ALA BA 60 -46.74 -41.82 -26.43
C ALA BA 60 -48.24 -41.99 -26.63
N ILE BA 61 -49.04 -41.77 -25.59
CA ILE BA 61 -50.48 -41.94 -25.71
C ILE BA 61 -51.05 -40.97 -26.73
N GLU BA 62 -50.62 -39.71 -26.68
CA GLU BA 62 -51.12 -38.71 -27.62
C GLU BA 62 -50.75 -39.06 -29.05
N MET BA 63 -49.49 -39.46 -29.27
CA MET BA 63 -49.04 -39.76 -30.63
C MET BA 63 -49.79 -40.96 -31.20
N ALA BA 64 -50.07 -41.96 -30.37
CA ALA BA 64 -50.80 -43.13 -30.85
C ALA BA 64 -52.20 -42.74 -31.33
N ASN BA 65 -52.88 -41.87 -30.58
CA ASN BA 65 -54.21 -41.43 -31.00
C ASN BA 65 -54.14 -40.55 -32.25
N LEU BA 66 -53.11 -39.72 -32.36
CA LEU BA 66 -52.98 -38.86 -33.52
C LEU BA 66 -52.81 -39.67 -34.80
N PHE BA 67 -51.96 -40.69 -34.76
CA PHE BA 67 -51.72 -41.51 -35.95
C PHE BA 67 -52.96 -42.29 -36.34
N LYS BA 68 -53.76 -42.71 -35.34
CA LYS BA 68 -55.06 -43.38 -35.63
C LYS BA 68 -55.93 -42.39 -36.39
N SER BA 69 -55.86 -41.08 -36.06
CA SER BA 69 -56.73 -40.09 -36.69
C SER BA 69 -56.27 -39.74 -38.11
N LEU BA 70 -54.96 -39.62 -38.33
CA LEU BA 70 -54.46 -39.28 -39.65
C LEU BA 70 -54.81 -40.35 -40.67
N ARG BA 71 -54.70 -41.62 -40.28
CA ARG BA 71 -54.93 -42.73 -41.21
C ARG BA 71 -56.41 -43.07 -41.35
N GLY BA 72 -57.29 -42.38 -40.63
CA GLY BA 72 -58.73 -42.57 -40.77
C GLY BA 72 -59.31 -41.66 -41.83
N THR BA 73 -60.62 -41.45 -41.72
CA THR BA 73 -61.32 -40.61 -42.70
C THR BA 73 -60.93 -39.14 -42.57
N GLY BA 74 -60.70 -38.67 -41.36
CA GLY BA 74 -60.37 -37.27 -41.14
C GLY BA 74 -61.60 -36.39 -41.02
N GLY BA 75 -62.49 -36.47 -42.00
CA GLY BA 75 -63.72 -35.70 -41.94
C GLY BA 75 -63.51 -34.21 -42.16
N SER BA 76 -64.50 -33.44 -41.70
CA SER BA 76 -64.50 -31.99 -41.83
C SER BA 76 -64.53 -31.55 -43.29
N GLY BA 77 -64.81 -30.28 -43.53
CA GLY BA 77 -64.85 -29.77 -44.88
C GLY BA 77 -65.21 -28.30 -44.87
N SER BA 78 -64.85 -27.63 -45.97
CA SER BA 78 -65.10 -26.20 -46.17
C SER BA 78 -64.42 -25.36 -45.09
N SER BA 79 -63.40 -25.90 -44.43
CA SER BA 79 -62.71 -25.17 -43.36
C SER BA 79 -61.35 -25.82 -43.14
N MET BA 80 -60.53 -25.16 -42.35
CA MET BA 80 -59.19 -25.65 -42.06
C MET BA 80 -59.26 -26.98 -41.29
N GLU BA 81 -58.58 -27.99 -41.81
CA GLU BA 81 -58.52 -29.27 -41.13
C GLU BA 81 -57.49 -29.24 -40.01
N ILE BA 82 -57.88 -29.71 -38.83
CA ILE BA 82 -57.01 -29.75 -37.66
C ILE BA 82 -56.99 -31.18 -37.14
N TYR BA 83 -55.78 -31.71 -36.92
CA TYR BA 83 -55.58 -33.05 -36.40
C TYR BA 83 -54.93 -32.97 -35.03
N GLU BA 84 -55.49 -33.68 -34.06
CA GLU BA 84 -54.95 -33.70 -32.71
C GLU BA 84 -55.31 -35.03 -32.05
N GLY BA 85 -54.57 -35.36 -31.00
CA GLY BA 85 -54.73 -36.63 -30.31
C GLY BA 85 -55.30 -36.45 -28.91
N LYS BA 86 -56.20 -37.37 -28.54
CA LYS BA 86 -56.84 -37.36 -27.21
C LYS BA 86 -55.81 -37.92 -26.23
N LEU BA 87 -56.17 -37.98 -24.96
CA LEU BA 87 -55.37 -38.56 -23.88
C LEU BA 87 -56.09 -39.72 -23.20
N THR BA 88 -56.74 -40.57 -23.99
CA THR BA 88 -57.36 -41.80 -23.50
C THR BA 88 -56.56 -43.00 -24.01
N ALA BA 89 -56.23 -43.92 -23.10
CA ALA BA 89 -55.38 -45.05 -23.40
C ALA BA 89 -56.15 -46.35 -23.58
N GLU BA 90 -57.47 -46.31 -23.65
CA GLU BA 90 -58.26 -47.53 -23.77
C GLU BA 90 -58.00 -48.19 -25.11
N GLY BA 91 -57.59 -49.47 -25.07
CA GLY BA 91 -57.38 -50.25 -26.27
C GLY BA 91 -56.00 -50.20 -26.86
N LEU BA 92 -55.10 -49.39 -26.32
CA LEU BA 92 -53.76 -49.23 -26.87
C LEU BA 92 -52.78 -50.22 -26.22
N ARG BA 93 -51.73 -50.55 -26.97
CA ARG BA 93 -50.70 -51.49 -26.53
C ARG BA 93 -49.34 -50.83 -26.63
N PHE BA 94 -48.54 -50.95 -25.57
CA PHE BA 94 -47.30 -50.20 -25.42
C PHE BA 94 -46.13 -51.14 -25.12
N GLY BA 95 -44.95 -50.77 -25.59
CA GLY BA 95 -43.71 -51.44 -25.23
C GLY BA 95 -42.76 -50.47 -24.55
N ILE BA 96 -41.98 -50.99 -23.60
CA ILE BA 96 -41.04 -50.20 -22.82
C ILE BA 96 -39.68 -50.88 -22.85
N VAL BA 97 -38.63 -50.09 -23.09
CA VAL BA 97 -37.24 -50.55 -23.04
C VAL BA 97 -36.53 -49.73 -21.97
N ALA BA 98 -35.94 -50.41 -21.00
CA ALA BA 98 -35.28 -49.77 -19.87
C ALA BA 98 -33.91 -50.37 -19.63
N SER BA 99 -32.96 -49.53 -19.22
CA SER BA 99 -31.60 -49.96 -18.94
C SER BA 99 -31.42 -50.26 -17.46
N ARG BA 100 -30.36 -51.01 -17.14
CA ARG BA 100 -30.09 -51.43 -15.78
C ARG BA 100 -29.07 -50.57 -15.06
N PHE BA 101 -28.31 -49.73 -15.76
CA PHE BA 101 -27.32 -48.90 -15.11
C PHE BA 101 -28.00 -47.74 -14.39
N ASN BA 102 -27.51 -47.41 -13.20
CA ASN BA 102 -28.16 -46.45 -12.31
C ASN BA 102 -29.58 -46.90 -12.00
N HIS BA 103 -29.74 -48.17 -11.60
CA HIS BA 103 -31.08 -48.73 -11.43
C HIS BA 103 -31.82 -48.09 -10.27
N ALA BA 104 -31.10 -47.47 -9.33
CA ALA BA 104 -31.78 -46.79 -8.23
C ALA BA 104 -32.68 -45.68 -8.73
N LEU BA 105 -32.34 -45.07 -9.87
CA LEU BA 105 -33.14 -44.01 -10.47
C LEU BA 105 -34.05 -44.55 -11.57
N VAL BA 106 -33.58 -45.52 -12.35
CA VAL BA 106 -34.35 -46.00 -13.49
C VAL BA 106 -35.66 -46.63 -13.04
N ASP BA 107 -35.63 -47.39 -11.95
CA ASP BA 107 -36.85 -48.04 -11.48
C ASP BA 107 -37.91 -47.04 -11.05
N ARG BA 108 -37.52 -45.82 -10.66
CA ARG BA 108 -38.51 -44.78 -10.40
C ARG BA 108 -39.18 -44.32 -11.69
N LEU BA 109 -38.42 -44.25 -12.78
CA LEU BA 109 -39.00 -43.81 -14.05
C LEU BA 109 -39.95 -44.85 -14.62
N VAL BA 110 -39.62 -46.14 -14.47
CA VAL BA 110 -40.49 -47.19 -14.99
C VAL BA 110 -41.81 -47.22 -14.23
N GLU BA 111 -41.77 -46.97 -12.92
CA GLU BA 111 -43.00 -46.92 -12.13
C GLU BA 111 -43.91 -45.80 -12.63
N GLY BA 112 -43.33 -44.64 -12.92
CA GLY BA 112 -44.14 -43.53 -13.42
C GLY BA 112 -44.82 -43.83 -14.74
N ALA BA 113 -44.09 -44.47 -15.66
CA ALA BA 113 -44.66 -44.77 -16.97
C ALA BA 113 -45.84 -45.72 -16.86
N ILE BA 114 -45.73 -46.74 -16.00
CA ILE BA 114 -46.82 -47.69 -15.82
C ILE BA 114 -48.01 -47.02 -15.15
N ASP BA 115 -47.74 -46.15 -14.17
CA ASP BA 115 -48.82 -45.46 -13.48
C ASP BA 115 -49.62 -44.58 -14.43
N CYS BA 116 -48.94 -43.88 -15.34
CA CYS BA 116 -49.62 -43.01 -16.28
C CYS BA 116 -50.58 -43.81 -17.18
N ILE BA 117 -50.11 -44.94 -17.69
CA ILE BA 117 -50.90 -45.71 -18.64
C ILE BA 117 -52.15 -46.26 -17.97
N VAL BA 118 -52.02 -46.76 -16.74
CA VAL BA 118 -53.14 -47.44 -16.09
C VAL BA 118 -54.24 -46.44 -15.71
N ARG BA 119 -53.86 -45.28 -15.18
CA ARG BA 119 -54.86 -44.33 -14.71
C ARG BA 119 -55.51 -43.54 -15.85
N HIS BA 120 -54.95 -43.60 -17.06
CA HIS BA 120 -55.61 -43.04 -18.23
C HIS BA 120 -56.49 -44.05 -18.97
N GLY BA 121 -56.62 -45.27 -18.44
CA GLY BA 121 -57.54 -46.25 -18.99
C GLY BA 121 -56.92 -47.47 -19.63
N GLY BA 122 -55.60 -47.65 -19.51
CA GLY BA 122 -54.95 -48.81 -20.09
C GLY BA 122 -54.92 -50.00 -19.14
N ARG BA 123 -54.47 -51.14 -19.69
CA ARG BA 123 -54.35 -52.37 -18.93
C ARG BA 123 -52.87 -52.77 -18.82
N GLU BA 124 -52.49 -53.33 -17.67
CA GLU BA 124 -51.15 -53.83 -17.50
C GLU BA 124 -50.88 -55.02 -18.43
N GLU BA 125 -51.93 -55.75 -18.82
CA GLU BA 125 -51.77 -56.88 -19.72
C GLU BA 125 -51.29 -56.45 -21.10
N ASP BA 126 -51.45 -55.17 -21.45
CA ASP BA 126 -51.08 -54.67 -22.77
C ASP BA 126 -49.71 -54.01 -22.79
N ILE BA 127 -48.91 -54.18 -21.73
CA ILE BA 127 -47.60 -53.57 -21.62
C ILE BA 127 -46.54 -54.66 -21.71
N THR BA 128 -45.56 -54.47 -22.59
CA THR BA 128 -44.42 -55.36 -22.72
C THR BA 128 -43.17 -54.62 -22.29
N LEU BA 129 -42.42 -55.21 -21.36
CA LEU BA 129 -41.24 -54.58 -20.77
C LEU BA 129 -40.01 -55.40 -21.09
N VAL BA 130 -39.00 -54.74 -21.66
CA VAL BA 130 -37.73 -55.36 -22.02
C VAL BA 130 -36.61 -54.61 -21.32
N ARG BA 131 -35.69 -55.34 -20.70
CA ARG BA 131 -34.58 -54.76 -19.95
C ARG BA 131 -33.26 -55.08 -20.64
N VAL BA 132 -32.39 -54.09 -20.72
CA VAL BA 132 -31.09 -54.22 -21.38
C VAL BA 132 -29.99 -53.77 -20.41
N PRO BA 133 -28.75 -54.22 -20.59
CA PRO BA 133 -27.70 -53.89 -19.60
C PRO BA 133 -27.30 -52.43 -19.57
N GLY BA 134 -27.49 -51.67 -20.64
CA GLY BA 134 -27.03 -50.29 -20.67
C GLY BA 134 -27.73 -49.49 -21.74
N SER BA 135 -27.48 -48.18 -21.70
CA SER BA 135 -28.12 -47.27 -22.65
C SER BA 135 -27.66 -47.55 -24.08
N TRP BA 136 -26.41 -48.01 -24.25
CA TRP BA 136 -25.90 -48.29 -25.59
C TRP BA 136 -26.75 -49.34 -26.30
N GLU BA 137 -27.34 -50.27 -25.55
CA GLU BA 137 -28.11 -51.36 -26.14
C GLU BA 137 -29.59 -51.02 -26.34
N ILE BA 138 -30.03 -49.83 -25.97
CA ILE BA 138 -31.44 -49.48 -26.12
C ILE BA 138 -31.87 -49.46 -27.59
N PRO BA 139 -31.15 -48.81 -28.52
CA PRO BA 139 -31.66 -48.72 -29.89
C PRO BA 139 -31.88 -50.07 -30.57
N VAL BA 140 -30.98 -51.03 -30.36
CA VAL BA 140 -31.14 -52.32 -31.02
C VAL BA 140 -32.31 -53.09 -30.43
N ALA BA 141 -32.52 -53.00 -29.11
CA ALA BA 141 -33.67 -53.65 -28.50
C ALA BA 141 -34.96 -52.98 -28.91
N ALA BA 142 -34.97 -51.65 -29.00
CA ALA BA 142 -36.17 -50.94 -29.43
C ALA BA 142 -36.56 -51.32 -30.85
N GLY BA 143 -35.59 -51.67 -31.68
CA GLY BA 143 -35.88 -52.07 -33.04
C GLY BA 143 -36.65 -53.37 -33.15
N GLU BA 144 -36.50 -54.27 -32.19
CA GLU BA 144 -37.24 -55.53 -32.21
C GLU BA 144 -38.70 -55.30 -31.83
N LEU BA 145 -38.96 -54.46 -30.83
CA LEU BA 145 -40.34 -54.19 -30.43
C LEU BA 145 -41.08 -53.40 -31.50
N ALA BA 146 -40.43 -52.40 -32.10
CA ALA BA 146 -41.10 -51.53 -33.05
C ALA BA 146 -41.57 -52.29 -34.29
N ARG BA 147 -40.94 -53.43 -34.59
CA ARG BA 147 -41.32 -54.20 -35.77
C ARG BA 147 -42.49 -55.15 -35.52
N LYS BA 148 -42.93 -55.29 -34.28
CA LYS BA 148 -44.10 -56.11 -34.00
C LYS BA 148 -45.37 -55.39 -34.44
N GLU BA 149 -46.32 -56.15 -34.98
CA GLU BA 149 -47.52 -55.56 -35.56
C GLU BA 149 -48.49 -55.08 -34.48
N ASP BA 150 -48.45 -55.68 -33.29
CA ASP BA 150 -49.41 -55.37 -32.23
C ASP BA 150 -48.85 -54.41 -31.20
N ILE BA 151 -47.87 -53.58 -31.57
CA ILE BA 151 -47.34 -52.54 -30.70
C ILE BA 151 -47.64 -51.20 -31.34
N ASP BA 152 -48.22 -50.29 -30.56
CA ASP BA 152 -48.60 -48.97 -31.07
C ASP BA 152 -47.53 -47.91 -30.86
N ALA BA 153 -46.78 -47.98 -29.76
CA ALA BA 153 -45.73 -47.01 -29.49
C ALA BA 153 -44.72 -47.64 -28.54
N VAL BA 154 -43.52 -47.07 -28.53
CA VAL BA 154 -42.41 -47.56 -27.71
C VAL BA 154 -41.90 -46.41 -26.85
N ILE BA 155 -41.54 -46.74 -25.61
CA ILE BA 155 -41.03 -45.76 -24.64
C ILE BA 155 -39.62 -46.20 -24.23
N ALA BA 156 -38.66 -45.30 -24.35
CA ALA BA 156 -37.26 -45.57 -24.02
C ALA BA 156 -36.90 -44.81 -22.75
N ILE BA 157 -36.28 -45.51 -21.80
CA ILE BA 157 -35.97 -44.97 -20.48
C ILE BA 157 -34.52 -45.28 -20.14
N GLY BA 158 -33.81 -44.29 -19.61
CA GLY BA 158 -32.43 -44.47 -19.19
C GLY BA 158 -31.94 -43.24 -18.46
N VAL BA 159 -30.79 -43.39 -17.82
CA VAL BA 159 -30.16 -42.32 -17.04
C VAL BA 159 -28.67 -42.28 -17.38
N LEU BA 160 -28.19 -41.10 -17.79
CA LEU BA 160 -26.77 -40.87 -18.02
C LEU BA 160 -26.32 -39.66 -17.22
N ILE BA 161 -25.19 -39.81 -16.51
CA ILE BA 161 -24.64 -38.76 -15.67
C ILE BA 161 -23.20 -38.51 -16.08
N ARG BA 162 -22.85 -37.25 -16.31
CA ARG BA 162 -21.52 -36.89 -16.76
C ARG BA 162 -20.50 -37.12 -15.65
N THR CA 3 -4.67 -32.19 -29.52
CA THR CA 3 -4.99 -31.86 -30.91
C THR CA 3 -6.39 -32.36 -31.25
N PRO CA 4 -7.03 -31.74 -32.26
CA PRO CA 4 -8.39 -32.17 -32.63
C PRO CA 4 -8.44 -33.53 -33.31
N HIS CA 5 -7.29 -34.15 -33.57
CA HIS CA 5 -7.28 -35.48 -34.19
C HIS CA 5 -8.08 -36.47 -33.35
N PHE CA 6 -8.04 -36.32 -32.02
CA PHE CA 6 -8.75 -37.24 -31.14
C PHE CA 6 -10.26 -37.23 -31.41
N ASP CA 7 -10.84 -36.05 -31.61
CA ASP CA 7 -12.29 -35.96 -31.69
C ASP CA 7 -12.84 -36.68 -32.92
N TYR CA 8 -12.21 -36.48 -34.09
CA TYR CA 8 -12.78 -37.01 -35.32
C TYR CA 8 -12.72 -38.53 -35.35
N ILE CA 9 -11.64 -39.12 -34.85
CA ILE CA 9 -11.54 -40.58 -34.82
C ILE CA 9 -12.58 -41.15 -33.88
N ALA CA 10 -12.73 -40.54 -32.69
CA ALA CA 10 -13.68 -41.05 -31.71
C ALA CA 10 -15.11 -40.99 -32.23
N SER CA 11 -15.45 -39.90 -32.92
CA SER CA 11 -16.81 -39.74 -33.43
C SER CA 11 -17.14 -40.80 -34.47
N GLU CA 12 -16.19 -41.10 -35.35
CA GLU CA 12 -16.48 -42.03 -36.45
C GLU CA 12 -16.53 -43.47 -35.98
N VAL CA 13 -15.69 -43.84 -35.01
CA VAL CA 13 -15.69 -45.21 -34.52
C VAL CA 13 -17.01 -45.51 -33.81
N SER CA 14 -17.45 -44.61 -32.93
CA SER CA 14 -18.70 -44.82 -32.22
C SER CA 14 -19.88 -44.83 -33.18
N LYS CA 15 -19.91 -43.91 -34.13
CA LYS CA 15 -21.01 -43.86 -35.08
C LYS CA 15 -21.05 -45.09 -35.97
N GLY CA 16 -19.89 -45.57 -36.40
CA GLY CA 16 -19.86 -46.73 -37.28
C GLY CA 16 -20.43 -47.98 -36.62
N LEU CA 17 -20.02 -48.23 -35.37
CA LEU CA 17 -20.49 -49.43 -34.69
C LEU CA 17 -21.99 -49.37 -34.41
N ALA CA 18 -22.50 -48.19 -34.06
CA ALA CA 18 -23.92 -48.06 -33.76
C ALA CA 18 -24.78 -48.36 -34.98
N ASN CA 19 -24.46 -47.76 -36.13
CA ASN CA 19 -25.23 -48.01 -37.34
C ASN CA 19 -25.14 -49.47 -37.75
N LEU CA 20 -23.96 -50.08 -37.59
CA LEU CA 20 -23.78 -51.47 -37.99
C LEU CA 20 -24.68 -52.40 -37.20
N SER CA 21 -24.85 -52.14 -35.91
CA SER CA 21 -25.70 -53.01 -35.08
C SER CA 21 -27.15 -52.94 -35.51
N LEU CA 22 -27.62 -51.76 -35.90
CA LEU CA 22 -29.02 -51.62 -36.33
C LEU CA 22 -29.24 -52.25 -37.70
N GLU CA 23 -28.26 -52.10 -38.60
CA GLU CA 23 -28.43 -52.65 -39.95
C GLU CA 23 -28.48 -54.17 -39.94
N LEU CA 24 -27.56 -54.81 -39.20
CA LEU CA 24 -27.51 -56.26 -39.13
C LEU CA 24 -28.39 -56.83 -38.03
N ARG CA 25 -28.93 -56.00 -37.14
CA ARG CA 25 -29.81 -56.45 -36.07
C ARG CA 25 -29.13 -57.50 -35.20
N LYS CA 26 -27.88 -57.22 -34.82
CA LYS CA 26 -27.10 -58.11 -33.97
C LYS CA 26 -26.42 -57.27 -32.88
N PRO CA 27 -26.24 -57.80 -31.68
CA PRO CA 27 -25.62 -57.01 -30.61
C PRO CA 27 -24.14 -56.75 -30.88
N ILE CA 28 -23.71 -55.51 -30.67
CA ILE CA 28 -22.32 -55.11 -30.69
C ILE CA 28 -22.07 -54.21 -29.49
N THR CA 29 -21.05 -54.54 -28.70
CA THR CA 29 -20.77 -53.85 -27.44
C THR CA 29 -19.58 -52.90 -27.60
N PHE CA 30 -19.66 -51.76 -26.90
CA PHE CA 30 -18.67 -50.69 -27.03
C PHE CA 30 -17.68 -50.80 -25.89
N GLY CA 31 -16.51 -51.36 -26.17
CA GLY CA 31 -15.46 -51.53 -25.18
C GLY CA 31 -14.24 -50.66 -25.43
N VAL CA 32 -14.46 -49.43 -25.89
CA VAL CA 32 -13.37 -48.53 -26.25
C VAL CA 32 -13.22 -47.46 -25.18
N ILE CA 33 -12.01 -47.32 -24.66
CA ILE CA 33 -11.70 -46.29 -23.67
C ILE CA 33 -11.43 -44.98 -24.39
N THR CA 34 -12.00 -43.89 -23.87
CA THR CA 34 -11.78 -42.55 -24.39
C THR CA 34 -11.39 -41.66 -23.21
N ALA CA 35 -10.09 -41.46 -23.00
CA ALA CA 35 -9.56 -40.78 -21.82
C ALA CA 35 -8.88 -39.49 -22.22
N ASP CA 36 -8.82 -38.56 -21.28
CA ASP CA 36 -8.13 -37.29 -21.49
C ASP CA 36 -6.66 -37.34 -21.09
N THR CA 37 -6.28 -38.27 -20.23
CA THR CA 37 -4.90 -38.37 -19.74
C THR CA 37 -4.50 -39.83 -19.64
N LEU CA 38 -3.19 -40.07 -19.62
CA LEU CA 38 -2.68 -41.43 -19.50
C LEU CA 38 -3.11 -42.06 -18.17
N GLU CA 39 -3.12 -41.26 -17.10
CA GLU CA 39 -3.51 -41.79 -15.79
C GLU CA 39 -4.94 -42.29 -15.81
N GLN CA 40 -5.85 -41.55 -16.45
CA GLN CA 40 -7.24 -42.00 -16.53
C GLN CA 40 -7.36 -43.32 -17.27
N ALA CA 41 -6.49 -43.57 -18.25
CA ALA CA 41 -6.58 -44.81 -19.01
C ALA CA 41 -6.10 -46.00 -18.19
N ILE CA 42 -5.02 -45.85 -17.44
CA ILE CA 42 -4.53 -46.94 -16.60
C ILE CA 42 -5.56 -47.29 -15.53
N GLU CA 43 -6.35 -46.30 -15.10
CA GLU CA 43 -7.35 -46.54 -14.07
C GLU CA 43 -8.37 -47.57 -14.51
N ARG CA 44 -8.74 -47.55 -15.80
CA ARG CA 44 -9.82 -48.37 -16.32
C ARG CA 44 -9.33 -49.63 -17.05
N ALA CA 45 -8.03 -49.90 -17.03
CA ALA CA 45 -7.44 -51.03 -17.75
C ALA CA 45 -7.00 -52.15 -16.81
N GLY CA 46 -7.78 -52.43 -15.77
CA GLY CA 46 -7.44 -53.45 -14.80
C GLY CA 46 -6.99 -52.92 -13.47
N THR CA 47 -7.34 -51.69 -13.11
CA THR CA 47 -6.93 -51.06 -11.87
C THR CA 47 -8.15 -50.44 -11.17
N LYS CA 48 -7.90 -49.54 -10.21
CA LYS CA 48 -8.88 -49.15 -9.21
C LYS CA 48 -10.28 -48.87 -9.75
N HIS CA 49 -10.44 -48.56 -11.04
CA HIS CA 49 -11.76 -48.35 -11.63
C HIS CA 49 -12.20 -49.53 -12.50
N GLY CA 50 -11.60 -50.70 -12.31
CA GLY CA 50 -12.06 -51.91 -12.98
C GLY CA 50 -11.45 -52.09 -14.36
N ASN CA 51 -12.03 -53.03 -15.09
CA ASN CA 51 -11.58 -53.42 -16.42
C ASN CA 51 -12.74 -53.26 -17.40
N LYS CA 52 -12.57 -52.41 -18.41
CA LYS CA 52 -13.63 -52.19 -19.38
C LYS CA 52 -13.81 -53.39 -20.29
N GLY CA 53 -12.76 -54.18 -20.51
CA GLY CA 53 -12.90 -55.37 -21.32
C GLY CA 53 -13.81 -56.40 -20.66
N TRP CA 54 -13.71 -56.55 -19.33
CA TRP CA 54 -14.60 -57.45 -18.61
C TRP CA 54 -16.04 -56.99 -18.73
N GLU CA 55 -16.28 -55.69 -18.58
CA GLU CA 55 -17.65 -55.17 -18.60
C GLU CA 55 -18.30 -55.37 -19.96
N ALA CA 56 -17.53 -55.14 -21.04
CA ALA CA 56 -18.09 -55.29 -22.38
C ALA CA 56 -18.48 -56.73 -22.65
N ALA CA 57 -17.68 -57.70 -22.19
CA ALA CA 57 -18.03 -59.10 -22.39
C ALA CA 57 -19.30 -59.47 -21.63
N LEU CA 58 -19.46 -58.94 -20.42
CA LEU CA 58 -20.65 -59.25 -19.63
C LEU CA 58 -21.92 -58.74 -20.32
N SER CA 59 -21.84 -57.56 -20.94
CA SER CA 59 -22.99 -57.03 -21.67
C SER CA 59 -23.33 -57.91 -22.86
N ALA CA 60 -22.31 -58.42 -23.57
CA ALA CA 60 -22.56 -59.26 -24.73
C ALA CA 60 -23.29 -60.54 -24.34
N ILE CA 61 -22.90 -61.16 -23.23
CA ILE CA 61 -23.53 -62.40 -22.80
C ILE CA 61 -25.02 -62.18 -22.53
N GLU CA 62 -25.33 -61.09 -21.82
CA GLU CA 62 -26.73 -60.81 -21.50
C GLU CA 62 -27.55 -60.57 -22.76
N MET CA 63 -27.02 -59.77 -23.68
CA MET CA 63 -27.77 -59.44 -24.90
C MET CA 63 -28.01 -60.68 -25.74
N ALA CA 64 -27.04 -61.59 -25.81
CA ALA CA 64 -27.22 -62.81 -26.59
C ALA CA 64 -28.36 -63.65 -26.03
N ASN CA 65 -28.44 -63.76 -24.70
CA ASN CA 65 -29.53 -64.53 -24.09
C ASN CA 65 -30.87 -63.82 -24.28
N LEU CA 66 -30.89 -62.50 -24.21
CA LEU CA 66 -32.12 -61.75 -24.38
C LEU CA 66 -32.71 -61.97 -25.77
N PHE CA 67 -31.86 -61.89 -26.80
CA PHE CA 67 -32.35 -62.05 -28.17
C PHE CA 67 -32.84 -63.47 -28.42
N LYS CA 68 -32.21 -64.46 -27.77
CA LYS CA 68 -32.69 -65.86 -27.86
C LYS CA 68 -34.11 -65.89 -27.27
N SER CA 69 -34.39 -65.11 -26.22
CA SER CA 69 -35.70 -65.15 -25.56
C SER CA 69 -36.77 -64.43 -26.37
N LEU CA 70 -36.44 -63.29 -26.97
CA LEU CA 70 -37.41 -62.54 -27.74
C LEU CA 70 -37.91 -63.35 -28.94
N ARG CA 71 -37.00 -64.04 -29.61
CA ARG CA 71 -37.34 -64.78 -30.82
C ARG CA 71 -37.93 -66.16 -30.52
N GLY CA 72 -38.04 -66.54 -29.26
CA GLY CA 72 -38.68 -67.78 -28.87
C GLY CA 72 -40.17 -67.61 -28.65
N THR CA 73 -40.74 -68.55 -27.88
CA THR CA 73 -42.17 -68.50 -27.61
C THR CA 73 -42.55 -67.34 -26.71
N GLY CA 74 -41.70 -67.00 -25.74
CA GLY CA 74 -42.00 -65.94 -24.80
C GLY CA 74 -42.82 -66.42 -23.62
N GLY CA 75 -43.95 -67.08 -23.89
CA GLY CA 75 -44.76 -67.62 -22.82
C GLY CA 75 -45.49 -66.55 -22.02
N SER CA 76 -45.88 -66.94 -20.81
CA SER CA 76 -46.62 -66.07 -19.89
C SER CA 76 -47.99 -65.69 -20.47
N GLY CA 77 -48.85 -65.13 -19.64
CA GLY CA 77 -50.17 -64.72 -20.08
C GLY CA 77 -50.96 -64.14 -18.93
N SER CA 78 -51.97 -63.35 -19.30
CA SER CA 78 -52.85 -62.69 -18.34
C SER CA 78 -52.09 -61.77 -17.39
N SER CA 79 -50.90 -61.33 -17.79
CA SER CA 79 -50.07 -60.46 -16.95
C SER CA 79 -49.03 -59.79 -17.82
N MET CA 80 -48.35 -58.81 -17.24
CA MET CA 80 -47.32 -58.07 -17.96
C MET CA 80 -46.18 -58.98 -18.37
N GLU CA 81 -45.84 -58.97 -19.65
CA GLU CA 81 -44.71 -59.76 -20.14
C GLU CA 81 -43.40 -59.02 -19.87
N ILE CA 82 -42.43 -59.74 -19.32
CA ILE CA 82 -41.12 -59.19 -19.00
C ILE CA 82 -40.07 -60.07 -19.66
N TYR CA 83 -39.16 -59.45 -20.40
CA TYR CA 83 -38.07 -60.12 -21.08
C TYR CA 83 -36.75 -59.70 -20.47
N GLU CA 84 -35.90 -60.67 -20.14
CA GLU CA 84 -34.59 -60.40 -19.57
C GLU CA 84 -33.64 -61.53 -19.92
N GLY CA 85 -32.35 -61.25 -19.81
CA GLY CA 85 -31.31 -62.19 -20.19
C GLY CA 85 -30.53 -62.70 -18.99
N LYS CA 86 -30.21 -64.00 -19.02
CA LYS CA 86 -29.44 -64.64 -17.95
C LYS CA 86 -27.98 -64.25 -18.17
N LEU CA 87 -27.10 -64.71 -17.29
CA LEU CA 87 -25.65 -64.52 -17.37
C LEU CA 87 -24.92 -65.86 -17.45
N THR CA 88 -25.45 -66.80 -18.23
CA THR CA 88 -24.78 -68.06 -18.51
C THR CA 88 -24.32 -68.07 -19.95
N ALA CA 89 -23.05 -68.45 -20.17
CA ALA CA 89 -22.43 -68.40 -21.49
C ALA CA 89 -22.33 -69.76 -22.15
N GLU CA 90 -22.96 -70.79 -21.60
CA GLU CA 90 -22.87 -72.13 -22.18
C GLU CA 90 -23.52 -72.17 -23.55
N GLY CA 91 -22.76 -72.60 -24.56
CA GLY CA 91 -23.28 -72.76 -25.90
C GLY CA 91 -23.18 -71.56 -26.81
N LEU CA 92 -22.71 -70.41 -26.30
CA LEU CA 92 -22.65 -69.19 -27.10
C LEU CA 92 -21.29 -69.06 -27.78
N ARG CA 93 -21.27 -68.33 -28.89
CA ARG CA 93 -20.09 -68.10 -29.70
C ARG CA 93 -19.87 -66.61 -29.89
N PHE CA 94 -18.64 -66.16 -29.66
CA PHE CA 94 -18.31 -64.74 -29.59
C PHE CA 94 -17.17 -64.39 -30.52
N GLY CA 95 -17.21 -63.17 -31.05
CA GLY CA 95 -16.10 -62.61 -31.81
C GLY CA 95 -15.57 -61.35 -31.14
N ILE CA 96 -14.27 -61.13 -31.24
CA ILE CA 96 -13.59 -60.00 -30.63
C ILE CA 96 -12.74 -59.30 -31.68
N VAL CA 97 -12.83 -57.97 -31.73
CA VAL CA 97 -11.99 -57.13 -32.59
C VAL CA 97 -11.20 -56.19 -31.69
N ALA CA 98 -9.88 -56.22 -31.82
CA ALA CA 98 -8.99 -55.44 -30.97
C ALA CA 98 -7.96 -54.71 -31.81
N SER CA 99 -7.60 -53.51 -31.39
CA SER CA 99 -6.60 -52.70 -32.09
C SER CA 99 -5.22 -52.89 -31.46
N ARG CA 100 -4.19 -52.51 -32.23
CA ARG CA 100 -2.81 -52.69 -31.81
C ARG CA 100 -2.18 -51.44 -31.21
N PHE CA 101 -2.79 -50.27 -31.39
CA PHE CA 101 -2.21 -49.05 -30.84
C PHE CA 101 -2.45 -48.99 -29.34
N ASN CA 102 -1.44 -48.52 -28.60
CA ASN CA 102 -1.43 -48.58 -27.14
C ASN CA 102 -1.60 -50.02 -26.66
N HIS CA 103 -0.80 -50.93 -27.23
CA HIS CA 103 -0.98 -52.35 -26.94
C HIS CA 103 -0.66 -52.70 -25.48
N ALA CA 104 0.12 -51.85 -24.81
CA ALA CA 104 0.40 -52.12 -23.39
C ALA CA 104 -0.87 -52.13 -22.56
N LEU CA 105 -1.89 -51.38 -22.98
CA LEU CA 105 -3.17 -51.33 -22.28
C LEU CA 105 -4.20 -52.26 -22.93
N VAL CA 106 -4.19 -52.37 -24.26
CA VAL CA 106 -5.21 -53.15 -24.95
C VAL CA 106 -5.14 -54.62 -24.56
N ASP CA 107 -3.92 -55.17 -24.44
CA ASP CA 107 -3.78 -56.57 -24.07
C ASP CA 107 -4.33 -56.88 -22.69
N ARG CA 108 -4.40 -55.89 -21.80
CA ARG CA 108 -5.07 -56.10 -20.52
C ARG CA 108 -6.57 -56.22 -20.70
N LEU CA 109 -7.15 -55.47 -21.64
CA LEU CA 109 -8.59 -55.53 -21.85
C LEU CA 109 -8.99 -56.85 -22.51
N VAL CA 110 -8.17 -57.36 -23.43
CA VAL CA 110 -8.49 -58.61 -24.09
C VAL CA 110 -8.44 -59.77 -23.10
N GLU CA 111 -7.49 -59.74 -22.17
CA GLU CA 111 -7.42 -60.77 -21.14
C GLU CA 111 -8.70 -60.79 -20.30
N GLY CA 112 -9.19 -59.62 -19.93
CA GLY CA 112 -10.41 -59.56 -19.13
C GLY CA 112 -11.61 -60.14 -19.85
N ALA CA 113 -11.75 -59.83 -21.14
CA ALA CA 113 -12.89 -60.32 -21.90
C ALA CA 113 -12.88 -61.84 -21.98
N ILE CA 114 -11.72 -62.44 -22.20
CA ILE CA 114 -11.63 -63.90 -22.29
C ILE CA 114 -11.90 -64.52 -20.92
N ASP CA 115 -11.39 -63.90 -19.86
CA ASP CA 115 -11.60 -64.44 -18.52
C ASP CA 115 -13.09 -64.46 -18.17
N CYS CA 116 -13.82 -63.41 -18.52
CA CYS CA 116 -15.24 -63.34 -18.21
C CYS CA 116 -16.00 -64.47 -18.90
N ILE CA 117 -15.72 -64.71 -20.17
CA ILE CA 117 -16.48 -65.71 -20.94
C ILE CA 117 -16.23 -67.11 -20.38
N VAL CA 118 -14.98 -67.42 -20.04
CA VAL CA 118 -14.64 -68.79 -19.63
C VAL CA 118 -15.25 -69.11 -18.27
N ARG CA 119 -15.18 -68.19 -17.32
CA ARG CA 119 -15.66 -68.49 -15.97
C ARG CA 119 -17.18 -68.42 -15.85
N HIS CA 120 -17.87 -67.89 -16.85
CA HIS CA 120 -19.33 -67.95 -16.91
C HIS CA 120 -19.84 -69.18 -17.67
N GLY CA 121 -18.94 -70.06 -18.12
CA GLY CA 121 -19.34 -71.31 -18.73
C GLY CA 121 -19.05 -71.46 -20.21
N GLY CA 122 -18.30 -70.52 -20.81
CA GLY CA 122 -17.98 -70.63 -22.22
C GLY CA 122 -16.69 -71.39 -22.47
N ARG CA 123 -16.44 -71.65 -23.75
CA ARG CA 123 -15.24 -72.35 -24.20
C ARG CA 123 -14.36 -71.41 -25.01
N GLU CA 124 -13.04 -71.57 -24.85
CA GLU CA 124 -12.11 -70.80 -25.68
C GLU CA 124 -12.21 -71.19 -27.13
N GLU CA 125 -12.64 -72.42 -27.43
CA GLU CA 125 -12.79 -72.86 -28.81
C GLU CA 125 -13.87 -72.08 -29.54
N ASP CA 126 -14.77 -71.41 -28.82
CA ASP CA 126 -15.87 -70.68 -29.43
C ASP CA 126 -15.60 -69.19 -29.56
N ILE CA 127 -14.35 -68.76 -29.38
CA ILE CA 127 -13.97 -67.36 -29.45
C ILE CA 127 -13.11 -67.16 -30.68
N THR CA 128 -13.46 -66.16 -31.50
CA THR CA 128 -12.69 -65.76 -32.67
C THR CA 128 -12.14 -64.37 -32.43
N LEU CA 129 -10.83 -64.20 -32.58
CA LEU CA 129 -10.13 -62.95 -32.28
C LEU CA 129 -9.51 -62.41 -33.56
N VAL CA 130 -9.82 -61.16 -33.88
CA VAL CA 130 -9.29 -60.45 -35.04
C VAL CA 130 -8.59 -59.20 -34.57
N ARG CA 131 -7.38 -58.96 -35.09
CA ARG CA 131 -6.57 -57.81 -34.70
C ARG CA 131 -6.42 -56.86 -35.88
N VAL CA 132 -6.54 -55.56 -35.62
CA VAL CA 132 -6.44 -54.54 -36.66
C VAL CA 132 -5.41 -53.49 -36.22
N PRO CA 133 -4.82 -52.74 -37.17
CA PRO CA 133 -3.74 -51.82 -36.78
C PRO CA 133 -4.19 -50.63 -35.94
N GLY CA 134 -5.45 -50.23 -35.99
CA GLY CA 134 -5.87 -49.05 -35.26
C GLY CA 134 -7.37 -49.02 -35.06
N SER CA 135 -7.81 -48.05 -34.25
CA SER CA 135 -9.23 -47.93 -33.95
C SER CA 135 -10.05 -47.57 -35.18
N TRP CA 136 -9.44 -46.83 -36.13
CA TRP CA 136 -10.17 -46.44 -37.33
C TRP CA 136 -10.62 -47.66 -38.13
N GLU CA 137 -9.88 -48.76 -38.06
CA GLU CA 137 -10.19 -49.96 -38.83
C GLU CA 137 -11.13 -50.92 -38.11
N ILE CA 138 -11.55 -50.60 -36.88
CA ILE CA 138 -12.44 -51.52 -36.15
C ILE CA 138 -13.78 -51.70 -36.85
N PRO CA 139 -14.49 -50.65 -37.26
CA PRO CA 139 -15.83 -50.86 -37.81
C PRO CA 139 -15.87 -51.75 -39.04
N VAL CA 140 -14.90 -51.62 -39.96
CA VAL CA 140 -14.92 -52.43 -41.16
C VAL CA 140 -14.61 -53.89 -40.84
N ALA CA 141 -13.71 -54.14 -39.90
CA ALA CA 141 -13.42 -55.50 -39.49
C ALA CA 141 -14.60 -56.12 -38.74
N ALA CA 142 -15.26 -55.32 -37.88
CA ALA CA 142 -16.42 -55.83 -37.16
C ALA CA 142 -17.54 -56.22 -38.10
N GLY CA 143 -17.64 -55.55 -39.26
CA GLY CA 143 -18.66 -55.87 -40.22
C GLY CA 143 -18.50 -57.24 -40.84
N GLU CA 144 -17.28 -57.75 -40.94
CA GLU CA 144 -17.06 -59.09 -41.49
C GLU CA 144 -17.48 -60.18 -40.51
N LEU CA 145 -17.17 -59.99 -39.22
CA LEU CA 145 -17.56 -60.97 -38.22
C LEU CA 145 -19.08 -60.99 -38.01
N ALA CA 146 -19.70 -59.81 -37.97
CA ALA CA 146 -21.13 -59.74 -37.67
C ALA CA 146 -21.97 -60.43 -38.75
N ARG CA 147 -21.44 -60.57 -39.96
CA ARG CA 147 -22.19 -61.20 -41.04
C ARG CA 147 -22.08 -62.71 -41.04
N LYS CA 148 -21.23 -63.29 -40.20
CA LYS CA 148 -21.15 -64.74 -40.11
C LYS CA 148 -22.35 -65.29 -39.34
N GLU CA 149 -22.86 -66.43 -39.80
CA GLU CA 149 -24.08 -66.99 -39.23
C GLU CA 149 -23.86 -67.59 -37.85
N ASP CA 150 -22.64 -68.04 -37.56
CA ASP CA 150 -22.34 -68.75 -36.32
C ASP CA 150 -21.70 -67.84 -35.27
N ILE CA 151 -21.95 -66.53 -35.33
CA ILE CA 151 -21.49 -65.58 -34.34
C ILE CA 151 -22.71 -64.97 -33.68
N ASP CA 152 -22.74 -64.98 -32.35
CA ASP CA 152 -23.88 -64.46 -31.60
C ASP CA 152 -23.72 -63.00 -31.20
N ALA CA 153 -22.50 -62.56 -30.90
CA ALA CA 153 -22.27 -61.17 -30.52
C ALA CA 153 -20.81 -60.83 -30.80
N VAL CA 154 -20.53 -59.53 -30.91
CA VAL CA 154 -19.20 -59.02 -31.21
C VAL CA 154 -18.81 -58.02 -30.13
N ILE CA 155 -17.53 -58.06 -29.74
CA ILE CA 155 -16.98 -57.18 -28.72
C ILE CA 155 -15.86 -56.36 -29.35
N ALA CA 156 -15.94 -55.04 -29.22
CA ALA CA 156 -14.96 -54.11 -29.78
C ALA CA 156 -14.13 -53.51 -28.65
N ILE CA 157 -12.81 -53.53 -28.82
CA ILE CA 157 -11.87 -53.11 -27.79
C ILE CA 157 -10.86 -52.16 -28.40
N GLY CA 158 -10.56 -51.06 -27.70
CA GLY CA 158 -9.56 -50.12 -28.15
C GLY CA 158 -9.31 -49.08 -27.08
N VAL CA 159 -8.25 -48.31 -27.28
CA VAL CA 159 -7.85 -47.26 -26.35
C VAL CA 159 -7.50 -46.00 -27.15
N LEU CA 160 -8.12 -44.88 -26.79
CA LEU CA 160 -7.81 -43.58 -27.37
C LEU CA 160 -7.50 -42.58 -26.25
N ILE CA 161 -6.40 -41.85 -26.40
CA ILE CA 161 -5.97 -40.88 -25.40
C ILE CA 161 -5.79 -39.54 -26.10
N ARG CA 162 -6.38 -38.49 -25.52
CA ARG CA 162 -6.32 -37.16 -26.11
C ARG CA 162 -4.90 -36.60 -26.01
N THR DA 3 -11.25 -19.55 -37.68
CA THR DA 3 -12.63 -19.47 -38.15
C THR DA 3 -13.29 -20.85 -38.12
N PRO DA 4 -14.62 -20.89 -38.01
CA PRO DA 4 -15.31 -22.19 -37.98
C PRO DA 4 -15.27 -22.96 -39.30
N HIS DA 5 -14.72 -22.37 -40.36
CA HIS DA 5 -14.61 -23.07 -41.63
C HIS DA 5 -13.86 -24.39 -41.47
N PHE DA 6 -12.87 -24.42 -40.58
CA PHE DA 6 -12.06 -25.62 -40.38
C PHE DA 6 -12.92 -26.80 -39.91
N ASP DA 7 -13.84 -26.55 -38.98
CA ASP DA 7 -14.57 -27.65 -38.35
C ASP DA 7 -15.46 -28.38 -39.36
N TYR DA 8 -16.20 -27.64 -40.19
CA TYR DA 8 -17.19 -28.27 -41.05
C TYR DA 8 -16.52 -29.12 -42.13
N ILE DA 9 -15.41 -28.65 -42.68
CA ILE DA 9 -14.70 -29.42 -43.70
C ILE DA 9 -14.15 -30.70 -43.08
N ALA DA 10 -13.54 -30.59 -41.90
CA ALA DA 10 -12.94 -31.75 -41.26
C ALA DA 10 -14.00 -32.80 -40.92
N SER DA 11 -15.16 -32.37 -40.44
CA SER DA 11 -16.21 -33.31 -40.08
C SER DA 11 -16.72 -34.08 -41.29
N GLU DA 12 -16.88 -33.41 -42.42
CA GLU DA 12 -17.46 -34.07 -43.60
C GLU DA 12 -16.48 -35.00 -44.27
N VAL DA 13 -15.19 -34.66 -44.29
CA VAL DA 13 -14.20 -35.52 -44.93
C VAL DA 13 -14.07 -36.82 -44.15
N SER DA 14 -13.96 -36.73 -42.83
CA SER DA 14 -13.84 -37.94 -42.02
C SER DA 14 -15.10 -38.80 -42.10
N LYS DA 15 -16.27 -38.17 -42.05
CA LYS DA 15 -17.52 -38.92 -42.12
C LYS DA 15 -17.69 -39.59 -43.47
N GLY DA 16 -17.33 -38.89 -44.55
CA GLY DA 16 -17.50 -39.46 -45.87
C GLY DA 16 -16.68 -40.71 -46.09
N LEU DA 17 -15.40 -40.67 -45.68
CA LEU DA 17 -14.53 -41.82 -45.88
C LEU DA 17 -14.98 -43.02 -45.06
N ALA DA 18 -15.44 -42.77 -43.83
CA ALA DA 18 -15.86 -43.86 -42.96
C ALA DA 18 -17.07 -44.60 -43.53
N ASN DA 19 -18.10 -43.86 -43.96
CA ASN DA 19 -19.27 -44.50 -44.54
C ASN DA 19 -18.93 -45.24 -45.82
N LEU DA 20 -18.03 -44.68 -46.62
CA LEU DA 20 -17.66 -45.30 -47.89
C LEU DA 20 -17.02 -46.66 -47.66
N SER DA 21 -16.17 -46.78 -46.64
CA SER DA 21 -15.51 -48.05 -46.37
C SER DA 21 -16.50 -49.14 -45.99
N LEU DA 22 -17.53 -48.77 -45.21
CA LEU DA 22 -18.51 -49.77 -44.79
C LEU DA 22 -19.42 -50.16 -45.95
N GLU DA 23 -19.78 -49.21 -46.82
CA GLU DA 23 -20.68 -49.52 -47.92
C GLU DA 23 -20.02 -50.45 -48.93
N LEU DA 24 -18.77 -50.17 -49.31
CA LEU DA 24 -18.05 -50.99 -50.28
C LEU DA 24 -17.30 -52.15 -49.63
N ARG DA 25 -17.20 -52.18 -48.30
CA ARG DA 25 -16.53 -53.27 -47.59
C ARG DA 25 -15.10 -53.44 -48.07
N LYS DA 26 -14.39 -52.32 -48.18
CA LYS DA 26 -12.99 -52.30 -48.59
C LYS DA 26 -12.21 -51.38 -47.66
N PRO DA 27 -10.94 -51.68 -47.36
CA PRO DA 27 -10.18 -50.82 -46.45
C PRO DA 27 -9.87 -49.46 -47.05
N ILE DA 28 -10.08 -48.41 -46.25
CA ILE DA 28 -9.67 -47.05 -46.58
C ILE DA 28 -9.00 -46.46 -45.35
N THR DA 29 -7.80 -45.91 -45.52
CA THR DA 29 -6.99 -45.42 -44.41
C THR DA 29 -7.02 -43.90 -44.36
N PHE DA 30 -7.00 -43.36 -43.13
CA PHE DA 30 -7.15 -41.92 -42.90
C PHE DA 30 -5.77 -41.32 -42.70
N GLY DA 31 -5.26 -40.68 -43.75
CA GLY DA 31 -3.95 -40.04 -43.70
C GLY DA 31 -4.01 -38.53 -43.77
N VAL DA 32 -5.01 -37.93 -43.11
CA VAL DA 32 -5.22 -36.48 -43.18
C VAL DA 32 -4.77 -35.86 -41.86
N ILE DA 33 -3.90 -34.85 -41.97
CA ILE DA 33 -3.44 -34.11 -40.80
C ILE DA 33 -4.47 -33.04 -40.45
N THR DA 34 -4.78 -32.91 -39.17
CA THR DA 34 -5.69 -31.88 -38.65
C THR DA 34 -4.97 -31.19 -37.50
N ALA DA 35 -4.35 -30.05 -37.79
CA ALA DA 35 -3.49 -29.35 -36.84
C ALA DA 35 -4.08 -27.99 -36.48
N ASP DA 36 -3.71 -27.50 -35.30
CA ASP DA 36 -4.14 -26.18 -34.86
C ASP DA 36 -3.17 -25.08 -35.28
N THR DA 37 -1.92 -25.41 -35.54
CA THR DA 37 -0.91 -24.42 -35.89
C THR DA 37 -0.02 -24.97 -37.00
N LEU DA 38 0.66 -24.05 -37.69
CA LEU DA 38 1.58 -24.47 -38.75
C LEU DA 38 2.72 -25.31 -38.20
N GLU DA 39 3.21 -24.98 -37.00
CA GLU DA 39 4.31 -25.73 -36.42
C GLU DA 39 3.91 -27.18 -36.17
N GLN DA 40 2.68 -27.40 -35.68
CA GLN DA 40 2.22 -28.76 -35.45
C GLN DA 40 2.16 -29.56 -36.74
N ALA DA 41 1.87 -28.91 -37.86
CA ALA DA 41 1.78 -29.63 -39.13
C ALA DA 41 3.15 -30.04 -39.64
N ILE DA 42 4.14 -29.15 -39.54
CA ILE DA 42 5.49 -29.49 -39.97
C ILE DA 42 6.05 -30.64 -39.14
N GLU DA 43 5.62 -30.73 -37.89
CA GLU DA 43 6.12 -31.79 -37.01
C GLU DA 43 5.78 -33.17 -37.56
N ARG DA 44 4.60 -33.32 -38.14
CA ARG DA 44 4.08 -34.61 -38.57
C ARG DA 44 4.26 -34.87 -40.07
N ALA DA 45 4.96 -33.99 -40.79
CA ALA DA 45 5.14 -34.11 -42.24
C ALA DA 45 6.56 -34.52 -42.62
N GLY DA 46 7.17 -35.41 -41.85
CA GLY DA 46 8.53 -35.85 -42.10
C GLY DA 46 9.55 -35.31 -41.14
N THR DA 47 9.14 -34.91 -39.93
CA THR DA 47 10.01 -34.34 -38.93
C THR DA 47 9.78 -35.03 -37.58
N LYS DA 48 10.25 -34.41 -36.49
CA LYS DA 48 10.46 -35.07 -35.21
C LYS DA 48 9.30 -35.97 -34.77
N HIS DA 49 8.08 -35.77 -35.26
CA HIS DA 49 6.97 -36.65 -34.93
C HIS DA 49 6.61 -37.60 -36.06
N GLY DA 50 7.52 -37.83 -37.00
CA GLY DA 50 7.31 -38.83 -38.03
C GLY DA 50 6.58 -38.31 -39.24
N ASN DA 51 6.16 -39.25 -40.08
CA ASN DA 51 5.46 -38.96 -41.33
C ASN DA 51 4.13 -39.71 -41.32
N LYS DA 52 3.03 -38.96 -41.43
CA LYS DA 52 1.72 -39.58 -41.41
C LYS DA 52 1.43 -40.34 -42.71
N GLY DA 53 2.06 -39.93 -43.81
CA GLY DA 53 1.89 -40.66 -45.05
C GLY DA 53 2.47 -42.06 -44.99
N TRP DA 54 3.62 -42.21 -44.32
CA TRP DA 54 4.21 -43.52 -44.13
C TRP DA 54 3.30 -44.41 -43.28
N GLU DA 55 2.74 -43.85 -42.20
CA GLU DA 55 1.92 -44.64 -41.30
C GLU DA 55 0.65 -45.12 -41.98
N ALA DA 56 0.02 -44.26 -42.79
CA ALA DA 56 -1.21 -44.66 -43.47
C ALA DA 56 -0.96 -45.80 -44.45
N ALA DA 57 0.17 -45.77 -45.15
CA ALA DA 57 0.49 -46.85 -46.09
C ALA DA 57 0.70 -48.17 -45.35
N LEU DA 58 1.36 -48.12 -44.19
CA LEU DA 58 1.61 -49.34 -43.44
C LEU DA 58 0.30 -49.97 -42.97
N SER DA 59 -0.67 -49.15 -42.57
CA SER DA 59 -1.97 -49.68 -42.17
C SER DA 59 -2.68 -50.34 -43.35
N ALA DA 60 -2.58 -49.75 -44.54
CA ALA DA 60 -3.24 -50.33 -45.71
C ALA DA 60 -2.68 -51.70 -46.05
N ILE DA 61 -1.36 -51.87 -45.95
CA ILE DA 61 -0.75 -53.15 -46.28
C ILE DA 61 -1.27 -54.24 -45.35
N GLU DA 62 -1.32 -53.94 -44.04
CA GLU DA 62 -1.78 -54.93 -43.07
C GLU DA 62 -3.23 -55.30 -43.32
N MET DA 63 -4.09 -54.31 -43.56
CA MET DA 63 -5.51 -54.59 -43.75
C MET DA 63 -5.75 -55.42 -45.00
N ALA DA 64 -4.98 -55.17 -46.07
CA ALA DA 64 -5.14 -55.95 -47.29
C ALA DA 64 -4.81 -57.41 -47.05
N ASN DA 65 -3.75 -57.69 -46.30
CA ASN DA 65 -3.40 -59.08 -45.99
C ASN DA 65 -4.42 -59.72 -45.07
N LEU DA 66 -4.95 -58.95 -44.12
CA LEU DA 66 -5.95 -59.50 -43.20
C LEU DA 66 -7.21 -59.94 -43.94
N PHE DA 67 -7.68 -59.10 -44.85
CA PHE DA 67 -8.91 -59.45 -45.57
C PHE DA 67 -8.69 -60.64 -46.49
N LYS DA 68 -7.48 -60.80 -47.03
CA LYS DA 68 -7.14 -62.00 -47.83
C LYS DA 68 -7.26 -63.21 -46.92
N SER DA 69 -6.90 -63.10 -45.63
CA SER DA 69 -6.91 -64.24 -44.72
C SER DA 69 -8.33 -64.58 -44.27
N LEU DA 70 -9.16 -63.57 -43.99
CA LEU DA 70 -10.52 -63.84 -43.54
C LEU DA 70 -11.32 -64.58 -44.60
N ARG DA 71 -11.16 -64.19 -45.86
CA ARG DA 71 -11.94 -64.77 -46.95
C ARG DA 71 -11.36 -66.09 -47.46
N GLY DA 72 -10.24 -66.53 -46.90
CA GLY DA 72 -9.66 -67.82 -47.25
C GLY DA 72 -10.19 -68.94 -46.37
N THR DA 73 -9.41 -70.02 -46.31
CA THR DA 73 -9.84 -71.18 -45.52
C THR DA 73 -9.79 -70.89 -44.03
N GLY DA 74 -8.81 -70.11 -43.57
CA GLY DA 74 -8.66 -69.83 -42.16
C GLY DA 74 -7.86 -70.89 -41.43
N GLY DA 75 -8.27 -72.15 -41.56
CA GLY DA 75 -7.53 -73.25 -40.96
C GLY DA 75 -7.68 -73.29 -39.45
N SER DA 76 -6.72 -73.97 -38.82
CA SER DA 76 -6.70 -74.14 -37.36
C SER DA 76 -7.90 -74.94 -36.88
N GLY DA 77 -7.85 -75.40 -35.64
CA GLY DA 77 -8.95 -76.17 -35.08
C GLY DA 77 -8.63 -76.58 -33.65
N SER DA 78 -9.69 -76.89 -32.92
CA SER DA 78 -9.60 -77.31 -31.52
C SER DA 78 -8.93 -76.26 -30.64
N SER DA 79 -8.92 -75.00 -31.08
CA SER DA 79 -8.28 -73.92 -30.33
C SER DA 79 -8.84 -72.59 -30.83
N MET DA 80 -8.51 -71.53 -30.11
CA MET DA 80 -8.97 -70.20 -30.46
C MET DA 80 -8.39 -69.77 -31.81
N GLU DA 81 -9.27 -69.36 -32.72
CA GLU DA 81 -8.84 -68.86 -34.01
C GLU DA 81 -8.39 -67.42 -33.90
N ILE DA 82 -7.21 -67.12 -34.46
CA ILE DA 82 -6.65 -65.78 -34.45
C ILE DA 82 -6.34 -65.38 -35.89
N TYR DA 83 -6.82 -64.20 -36.28
CA TYR DA 83 -6.59 -63.65 -37.62
C TYR DA 83 -5.72 -62.40 -37.51
N GLU DA 84 -4.67 -62.34 -38.32
CA GLU DA 84 -3.79 -61.18 -38.34
C GLU DA 84 -3.16 -61.06 -39.72
N GLY DA 85 -2.65 -59.86 -40.01
CA GLY DA 85 -2.09 -59.55 -41.30
C GLY DA 85 -0.59 -59.35 -41.25
N LYS DA 86 0.09 -59.86 -42.29
CA LYS DA 86 1.55 -59.73 -42.41
C LYS DA 86 1.84 -58.31 -42.89
N LEU DA 87 3.10 -57.97 -43.04
CA LEU DA 87 3.57 -56.69 -43.56
C LEU DA 87 4.40 -56.87 -44.82
N THR DA 88 3.98 -57.76 -45.71
CA THR DA 88 4.60 -57.95 -47.02
C THR DA 88 3.65 -57.42 -48.09
N ALA DA 89 4.19 -56.61 -49.01
CA ALA DA 89 3.39 -55.94 -50.02
C ALA DA 89 3.50 -56.59 -51.39
N GLU DA 90 4.12 -57.76 -51.50
CA GLU DA 90 4.29 -58.40 -52.79
C GLU DA 90 2.94 -58.81 -53.37
N GLY DA 91 2.66 -58.35 -54.60
CA GLY DA 91 1.45 -58.72 -55.30
C GLY DA 91 0.25 -57.82 -55.06
N LEU DA 92 0.34 -56.84 -54.17
CA LEU DA 92 -0.79 -55.98 -53.85
C LEU DA 92 -0.81 -54.74 -54.75
N ARG DA 93 -2.01 -54.18 -54.92
CA ARG DA 93 -2.24 -53.01 -55.76
C ARG DA 93 -2.95 -51.94 -54.94
N PHE DA 94 -2.44 -50.71 -55.01
CA PHE DA 94 -2.87 -49.63 -54.14
C PHE DA 94 -3.28 -48.40 -54.95
N GLY DA 95 -4.24 -47.65 -54.42
CA GLY DA 95 -4.62 -46.36 -54.95
C GLY DA 95 -4.41 -45.26 -53.91
N ILE DA 96 -4.03 -44.08 -54.38
CA ILE DA 96 -3.75 -42.94 -53.51
C ILE DA 96 -4.52 -41.73 -54.03
N VAL DA 97 -5.18 -41.02 -53.12
CA VAL DA 97 -5.88 -39.77 -53.41
C VAL DA 97 -5.24 -38.67 -52.56
N ALA DA 98 -4.76 -37.61 -53.21
CA ALA DA 98 -4.05 -36.53 -52.54
C ALA DA 98 -4.60 -35.19 -52.99
N SER DA 99 -4.64 -34.23 -52.07
CA SER DA 99 -5.12 -32.89 -52.36
C SER DA 99 -3.96 -31.96 -52.68
N ARG DA 100 -4.29 -30.83 -53.33
CA ARG DA 100 -3.29 -29.87 -53.77
C ARG DA 100 -3.09 -28.70 -52.82
N PHE DA 101 -4.00 -28.47 -51.88
CA PHE DA 101 -3.86 -27.35 -50.96
C PHE DA 101 -2.79 -27.67 -49.92
N ASN DA 102 -1.99 -26.67 -49.58
CA ASN DA 102 -0.80 -26.85 -48.74
C ASN DA 102 0.14 -27.89 -49.37
N HIS DA 103 0.43 -27.71 -50.65
CA HIS DA 103 1.19 -28.72 -51.37
C HIS DA 103 2.63 -28.83 -50.86
N ALA DA 104 3.14 -27.78 -50.21
CA ALA DA 104 4.48 -27.86 -49.66
C ALA DA 104 4.61 -28.97 -48.63
N LEU DA 105 3.51 -29.31 -47.95
CA LEU DA 105 3.50 -30.38 -46.96
C LEU DA 105 2.96 -31.68 -47.55
N VAL DA 106 1.96 -31.59 -48.43
CA VAL DA 106 1.32 -32.80 -48.95
C VAL DA 106 2.30 -33.64 -49.75
N ASP DA 107 3.16 -33.00 -50.55
CA ASP DA 107 4.11 -33.75 -51.34
C ASP DA 107 5.11 -34.53 -50.49
N ARG DA 108 5.35 -34.10 -49.26
CA ARG DA 108 6.18 -34.89 -48.35
C ARG DA 108 5.45 -36.15 -47.91
N LEU DA 109 4.13 -36.07 -47.71
CA LEU DA 109 3.36 -37.24 -47.29
C LEU DA 109 3.25 -38.27 -48.42
N VAL DA 110 3.10 -37.80 -49.66
CA VAL DA 110 2.99 -38.73 -50.78
C VAL DA 110 4.29 -39.48 -50.98
N GLU DA 111 5.43 -38.80 -50.79
CA GLU DA 111 6.72 -39.46 -50.91
C GLU DA 111 6.86 -40.58 -49.89
N GLY DA 112 6.43 -40.33 -48.65
CA GLY DA 112 6.52 -41.36 -47.63
C GLY DA 112 5.69 -42.58 -47.95
N ALA DA 113 4.47 -42.38 -48.46
CA ALA DA 113 3.60 -43.50 -48.78
C ALA DA 113 4.19 -44.38 -49.86
N ILE DA 114 4.78 -43.77 -50.89
CA ILE DA 114 5.39 -44.56 -51.96
C ILE DA 114 6.63 -45.28 -51.47
N ASP DA 115 7.42 -44.63 -50.61
CA ASP DA 115 8.62 -45.25 -50.08
C ASP DA 115 8.28 -46.49 -49.27
N CYS DA 116 7.22 -46.42 -48.45
CA CYS DA 116 6.83 -47.56 -47.63
C CYS DA 116 6.46 -48.76 -48.48
N ILE DA 117 5.68 -48.53 -49.54
CA ILE DA 117 5.19 -49.64 -50.36
C ILE DA 117 6.35 -50.32 -51.07
N VAL DA 118 7.29 -49.54 -51.60
CA VAL DA 118 8.35 -50.13 -52.43
C VAL DA 118 9.31 -50.95 -51.58
N ARG DA 119 9.69 -50.45 -50.41
CA ARG DA 119 10.68 -51.15 -49.60
C ARG DA 119 10.10 -52.34 -48.85
N HIS DA 120 8.78 -52.47 -48.79
CA HIS DA 120 8.14 -53.69 -48.26
C HIS DA 120 7.86 -54.72 -49.34
N GLY DA 121 8.27 -54.48 -50.59
CA GLY DA 121 8.17 -55.47 -51.64
C GLY DA 121 7.18 -55.16 -52.75
N GLY DA 122 6.62 -53.96 -52.79
CA GLY DA 122 5.69 -53.60 -53.84
C GLY DA 122 6.37 -53.00 -55.06
N ARG DA 123 5.58 -52.80 -56.10
CA ARG DA 123 6.05 -52.21 -57.35
C ARG DA 123 5.37 -50.87 -57.58
N GLU DA 124 6.13 -49.92 -58.14
CA GLU DA 124 5.54 -48.63 -58.50
C GLU DA 124 4.50 -48.79 -59.61
N GLU DA 125 4.63 -49.82 -60.43
CA GLU DA 125 3.67 -50.05 -61.50
C GLU DA 125 2.27 -50.38 -60.97
N ASP DA 126 2.17 -50.79 -59.70
CA ASP DA 126 0.90 -51.19 -59.11
C ASP DA 126 0.26 -50.07 -58.29
N ILE DA 127 0.75 -48.84 -58.41
CA ILE DA 127 0.24 -47.70 -57.65
C ILE DA 127 -0.45 -46.75 -58.63
N THR DA 128 -1.69 -46.36 -58.28
CA THR DA 128 -2.46 -45.39 -59.04
C THR DA 128 -2.64 -44.15 -58.17
N LEU DA 129 -2.27 -42.99 -58.70
CA LEU DA 129 -2.29 -41.74 -57.97
C LEU DA 129 -3.28 -40.77 -58.62
N VAL DA 130 -4.21 -40.24 -57.84
CA VAL DA 130 -5.21 -39.29 -58.28
C VAL DA 130 -5.09 -38.03 -57.44
N ARG DA 131 -5.09 -36.87 -58.09
CA ARG DA 131 -4.94 -35.58 -57.42
C ARG DA 131 -6.22 -34.78 -57.55
N VAL DA 132 -6.63 -34.14 -56.46
CA VAL DA 132 -7.86 -33.35 -56.42
C VAL DA 132 -7.54 -31.95 -55.89
N PRO DA 133 -8.35 -30.94 -56.19
CA PRO DA 133 -8.01 -29.56 -55.79
C PRO DA 133 -8.04 -29.32 -54.28
N GLY DA 134 -8.80 -30.09 -53.51
CA GLY DA 134 -8.91 -29.82 -52.09
C GLY DA 134 -9.41 -31.02 -51.33
N SER DA 135 -9.38 -30.89 -50.00
CA SER DA 135 -9.81 -31.99 -49.13
C SER DA 135 -11.29 -32.29 -49.29
N TRP DA 136 -12.10 -31.29 -49.61
CA TRP DA 136 -13.53 -31.50 -49.77
C TRP DA 136 -13.83 -32.50 -50.89
N GLU DA 137 -12.97 -32.57 -51.91
CA GLU DA 137 -13.19 -33.44 -53.05
C GLU DA 137 -12.60 -34.83 -52.88
N ILE DA 138 -11.93 -35.11 -51.75
CA ILE DA 138 -11.34 -36.43 -51.56
C ILE DA 138 -12.38 -37.54 -51.55
N PRO DA 139 -13.48 -37.45 -50.77
CA PRO DA 139 -14.40 -38.60 -50.69
C PRO DA 139 -15.00 -39.01 -52.03
N VAL DA 140 -15.37 -38.07 -52.89
CA VAL DA 140 -15.98 -38.43 -54.16
C VAL DA 140 -14.94 -39.08 -55.08
N ALA DA 141 -13.70 -38.60 -55.05
CA ALA DA 141 -12.66 -39.22 -55.87
C ALA DA 141 -12.30 -40.59 -55.33
N ALA DA 142 -12.25 -40.76 -54.01
CA ALA DA 142 -11.94 -42.05 -53.42
C ALA DA 142 -13.01 -43.08 -53.80
N GLY DA 143 -14.26 -42.64 -53.99
CA GLY DA 143 -15.31 -43.55 -54.37
C GLY DA 143 -15.14 -44.17 -55.74
N GLU DA 144 -14.47 -43.47 -56.66
CA GLU DA 144 -14.23 -44.02 -57.99
C GLU DA 144 -13.15 -45.10 -57.95
N LEU DA 145 -12.08 -44.89 -57.18
CA LEU DA 145 -11.03 -45.89 -57.09
C LEU DA 145 -11.51 -47.12 -56.35
N ALA DA 146 -12.26 -46.94 -55.26
CA ALA DA 146 -12.65 -48.08 -54.44
C ALA DA 146 -13.56 -49.04 -55.19
N ARG DA 147 -14.24 -48.57 -56.23
CA ARG DA 147 -15.13 -49.42 -57.01
C ARG DA 147 -14.42 -50.22 -58.08
N LYS DA 148 -13.14 -49.98 -58.32
CA LYS DA 148 -12.40 -50.77 -59.29
C LYS DA 148 -12.07 -52.14 -58.70
N GLU DA 149 -12.15 -53.17 -59.55
CA GLU DA 149 -11.98 -54.54 -59.07
C GLU DA 149 -10.52 -54.86 -58.74
N ASP DA 150 -9.58 -54.18 -59.37
CA ASP DA 150 -8.16 -54.48 -59.23
C ASP DA 150 -7.45 -53.56 -58.25
N ILE DA 151 -8.17 -52.98 -57.30
CA ILE DA 151 -7.60 -52.15 -56.24
C ILE DA 151 -7.88 -52.85 -54.92
N ASP DA 152 -6.83 -53.02 -54.11
CA ASP DA 152 -6.96 -53.71 -52.84
C ASP DA 152 -7.21 -52.76 -51.66
N ALA DA 153 -6.66 -51.55 -51.69
CA ALA DA 153 -6.86 -50.60 -50.62
C ALA DA 153 -6.60 -49.19 -51.16
N VAL DA 154 -7.14 -48.20 -50.47
CA VAL DA 154 -7.04 -46.80 -50.86
C VAL DA 154 -6.45 -46.01 -49.69
N ILE DA 155 -5.58 -45.05 -50.02
CA ILE DA 155 -4.92 -44.20 -49.04
C ILE DA 155 -5.30 -42.76 -49.32
N ALA DA 156 -5.81 -42.06 -48.31
CA ALA DA 156 -6.25 -40.67 -48.43
C ALA DA 156 -5.27 -39.76 -47.69
N ILE DA 157 -4.82 -38.70 -48.36
CA ILE DA 157 -3.79 -37.81 -47.83
C ILE DA 157 -4.26 -36.37 -48.00
N GLY DA 158 -4.06 -35.57 -46.95
CA GLY DA 158 -4.41 -34.16 -46.99
C GLY DA 158 -3.90 -33.46 -45.75
N VAL DA 159 -3.94 -32.13 -45.78
CA VAL DA 159 -3.50 -31.29 -44.67
C VAL DA 159 -4.53 -30.19 -44.45
N LEU DA 160 -5.00 -30.07 -43.21
CA LEU DA 160 -5.90 -28.99 -42.81
C LEU DA 160 -5.32 -28.29 -41.59
N ILE DA 161 -5.29 -26.96 -41.64
CA ILE DA 161 -4.74 -26.13 -40.56
C ILE DA 161 -5.79 -25.13 -40.15
N ARG DA 162 -6.05 -25.05 -38.84
CA ARG DA 162 -7.07 -24.15 -38.31
C ARG DA 162 -6.64 -22.70 -38.46
N THR EA 3 24.06 -22.30 -29.25
CA THR EA 3 23.64 -23.63 -29.67
C THR EA 3 24.64 -24.69 -29.18
N PRO EA 4 24.19 -25.93 -29.02
CA PRO EA 4 25.10 -26.99 -28.54
C PRO EA 4 26.16 -27.39 -29.55
N HIS EA 5 26.13 -26.84 -30.76
CA HIS EA 5 27.16 -27.15 -31.76
C HIS EA 5 28.55 -26.84 -31.22
N PHE EA 6 28.67 -25.79 -30.40
CA PHE EA 6 29.97 -25.39 -29.86
C PHE EA 6 30.58 -26.49 -29.02
N ASP EA 7 29.78 -27.15 -28.18
CA ASP EA 7 30.34 -28.10 -27.21
C ASP EA 7 30.97 -29.31 -27.89
N TYR EA 8 30.28 -29.88 -28.88
CA TYR EA 8 30.74 -31.13 -29.47
C TYR EA 8 32.03 -30.94 -30.26
N ILE EA 9 32.16 -29.82 -30.97
CA ILE EA 9 33.38 -29.56 -31.71
C ILE EA 9 34.55 -29.35 -30.75
N ALA EA 10 34.33 -28.57 -29.69
CA ALA EA 10 35.39 -28.30 -28.74
C ALA EA 10 35.87 -29.57 -28.05
N SER EA 11 34.94 -30.46 -27.69
CA SER EA 11 35.31 -31.69 -27.00
C SER EA 11 36.18 -32.59 -27.89
N GLU EA 12 35.83 -32.69 -29.17
CA GLU EA 12 36.54 -33.61 -30.05
C GLU EA 12 37.91 -33.09 -30.43
N VAL EA 13 38.05 -31.77 -30.61
CA VAL EA 13 39.35 -31.21 -30.99
C VAL EA 13 40.35 -31.38 -29.85
N SER EA 14 39.93 -31.07 -28.62
CA SER EA 14 40.83 -31.23 -27.48
C SER EA 14 41.18 -32.69 -27.24
N LYS EA 15 40.19 -33.58 -27.34
CA LYS EA 15 40.45 -35.00 -27.12
C LYS EA 15 41.37 -35.56 -28.19
N GLY EA 16 41.17 -35.17 -29.44
CA GLY EA 16 42.00 -35.70 -30.52
C GLY EA 16 43.46 -35.35 -30.36
N LEU EA 17 43.75 -34.09 -30.03
CA LEU EA 17 45.15 -33.68 -29.90
C LEU EA 17 45.82 -34.35 -28.72
N ALA EA 18 45.09 -34.54 -27.62
CA ALA EA 18 45.68 -35.15 -26.44
C ALA EA 18 46.08 -36.60 -26.71
N ASN EA 19 45.18 -37.38 -27.29
CA ASN EA 19 45.50 -38.78 -27.59
C ASN EA 19 46.65 -38.87 -28.59
N LEU EA 20 46.68 -37.96 -29.57
CA LEU EA 20 47.73 -38.00 -30.58
C LEU EA 20 49.11 -37.81 -29.97
N SER EA 21 49.23 -36.90 -28.99
CA SER EA 21 50.52 -36.64 -28.37
C SER EA 21 51.03 -37.86 -27.62
N LEU EA 22 50.14 -38.60 -26.96
CA LEU EA 22 50.55 -39.78 -26.22
C LEU EA 22 50.92 -40.92 -27.15
N GLU EA 23 50.19 -41.08 -28.26
CA GLU EA 23 50.46 -42.18 -29.17
C GLU EA 23 51.81 -42.00 -29.86
N LEU EA 24 52.10 -40.79 -30.36
CA LEU EA 24 53.36 -40.54 -31.04
C LEU EA 24 54.48 -40.11 -30.10
N ARG EA 25 54.16 -39.83 -28.83
CA ARG EA 25 55.17 -39.45 -27.84
C ARG EA 25 55.95 -38.23 -28.30
N LYS EA 26 55.23 -37.22 -28.78
CA LYS EA 26 55.81 -35.96 -29.23
C LYS EA 26 55.00 -34.80 -28.66
N PRO EA 27 55.63 -33.68 -28.34
CA PRO EA 27 54.87 -32.56 -27.77
C PRO EA 27 53.93 -31.91 -28.78
N ILE EA 28 52.69 -31.66 -28.35
CA ILE EA 28 51.71 -30.89 -29.11
C ILE EA 28 51.07 -29.90 -28.16
N THR EA 29 51.05 -28.62 -28.53
CA THR EA 29 50.58 -27.54 -27.68
C THR EA 29 49.19 -27.08 -28.09
N PHE EA 30 48.37 -26.71 -27.11
CA PHE EA 30 46.96 -26.36 -27.33
C PHE EA 30 46.85 -24.83 -27.37
N GLY EA 31 46.75 -24.31 -28.60
CA GLY EA 31 46.62 -22.88 -28.80
C GLY EA 31 45.27 -22.46 -29.34
N VAL EA 32 44.20 -23.11 -28.87
CA VAL EA 32 42.85 -22.86 -29.38
C VAL EA 32 42.08 -22.05 -28.35
N ILE EA 33 41.51 -20.93 -28.79
CA ILE EA 33 40.68 -20.10 -27.93
C ILE EA 33 39.27 -20.66 -27.91
N THR EA 34 38.68 -20.73 -26.71
CA THR EA 34 37.29 -21.17 -26.51
C THR EA 34 36.60 -20.11 -25.67
N ALA EA 35 35.89 -19.20 -26.32
CA ALA EA 35 35.29 -18.04 -25.67
C ALA EA 35 33.77 -18.10 -25.75
N ASP EA 36 33.13 -17.44 -24.78
CA ASP EA 36 31.67 -17.35 -24.76
C ASP EA 36 31.13 -16.16 -25.54
N THR EA 37 31.95 -15.12 -25.74
CA THR EA 37 31.51 -13.91 -26.43
C THR EA 37 32.62 -13.41 -27.33
N LEU EA 38 32.24 -12.58 -28.31
CA LEU EA 38 33.23 -12.01 -29.22
C LEU EA 38 34.23 -11.13 -28.47
N GLU EA 39 33.76 -10.39 -27.48
CA GLU EA 39 34.65 -9.52 -26.72
C GLU EA 39 35.73 -10.32 -26.01
N GLN EA 40 35.37 -11.47 -25.43
CA GLN EA 40 36.37 -12.30 -24.77
C GLN EA 40 37.42 -12.80 -25.73
N ALA EA 41 37.05 -13.03 -26.99
CA ALA EA 41 38.02 -13.53 -27.97
C ALA EA 41 39.01 -12.45 -28.38
N ILE EA 42 38.54 -11.22 -28.60
CA ILE EA 42 39.43 -10.13 -28.95
C ILE EA 42 40.42 -9.86 -27.83
N GLU EA 43 40.00 -10.09 -26.59
CA GLU EA 43 40.86 -9.85 -25.44
C GLU EA 43 42.14 -10.68 -25.52
N ARG EA 44 42.03 -11.92 -25.99
CA ARG EA 44 43.12 -12.88 -25.96
C ARG EA 44 43.84 -13.01 -27.30
N ALA EA 45 43.50 -12.18 -28.29
CA ALA EA 45 44.07 -12.26 -29.64
C ALA EA 45 45.04 -11.11 -29.91
N GLY EA 46 45.84 -10.72 -28.94
CA GLY EA 46 46.78 -9.63 -29.10
C GLY EA 46 46.38 -8.35 -28.38
N THR EA 47 45.54 -8.44 -27.35
CA THR EA 47 45.05 -7.29 -26.61
C THR EA 47 45.20 -7.53 -25.12
N LYS EA 48 44.51 -6.74 -24.29
CA LYS EA 48 44.81 -6.57 -22.87
C LYS EA 48 45.09 -7.87 -22.12
N HIS EA 49 44.62 -9.03 -22.61
CA HIS EA 49 44.92 -10.31 -21.98
C HIS EA 49 45.96 -11.11 -22.74
N GLY EA 50 46.75 -10.46 -23.59
CA GLY EA 50 47.87 -11.12 -24.24
C GLY EA 50 47.48 -11.82 -25.52
N ASN EA 51 48.42 -12.63 -26.01
CA ASN EA 51 48.27 -13.37 -27.26
C ASN EA 51 48.47 -14.86 -26.97
N LYS EA 52 47.45 -15.66 -27.26
CA LYS EA 52 47.54 -17.09 -27.00
C LYS EA 52 48.48 -17.79 -27.98
N GLY EA 53 48.65 -17.23 -29.18
CA GLY EA 53 49.59 -17.80 -30.12
C GLY EA 53 51.03 -17.69 -29.64
N TRP EA 54 51.37 -16.57 -29.00
CA TRP EA 54 52.70 -16.41 -28.43
C TRP EA 54 52.94 -17.43 -27.31
N GLU EA 55 51.94 -17.60 -26.45
CA GLU EA 55 52.10 -18.50 -25.31
C GLU EA 55 52.28 -19.94 -25.76
N ALA EA 56 51.52 -20.37 -26.76
CA ALA EA 56 51.64 -21.75 -27.24
C ALA EA 56 53.02 -22.03 -27.82
N ALA EA 57 53.59 -21.06 -28.54
CA ALA EA 57 54.93 -21.24 -29.10
C ALA EA 57 55.97 -21.35 -28.00
N LEU EA 58 55.83 -20.56 -26.93
CA LEU EA 58 56.80 -20.60 -25.84
C LEU EA 58 56.78 -21.96 -25.16
N SER EA 59 55.60 -22.56 -24.99
CA SER EA 59 55.51 -23.88 -24.40
C SER EA 59 56.18 -24.93 -25.27
N ALA EA 60 56.03 -24.81 -26.60
CA ALA EA 60 56.63 -25.78 -27.50
C ALA EA 60 58.15 -25.75 -27.41
N ILE EA 61 58.74 -24.55 -27.32
CA ILE EA 61 60.19 -24.45 -27.26
C ILE EA 61 60.72 -25.13 -26.00
N GLU EA 62 60.07 -24.90 -24.86
CA GLU EA 62 60.51 -25.51 -23.61
C GLU EA 62 60.41 -27.03 -23.68
N MET EA 63 59.29 -27.54 -24.18
CA MET EA 63 59.09 -28.99 -24.22
C MET EA 63 60.12 -29.66 -25.14
N ALA EA 64 60.45 -29.01 -26.25
CA ALA EA 64 61.44 -29.59 -27.16
C ALA EA 64 62.80 -29.71 -26.49
N ASN EA 65 63.21 -28.70 -25.73
CA ASN EA 65 64.48 -28.78 -25.02
C ASN EA 65 64.44 -29.80 -23.90
N LEU EA 66 63.30 -29.92 -23.21
CA LEU EA 66 63.18 -30.88 -22.12
C LEU EA 66 63.35 -32.31 -22.64
N PHE EA 67 62.70 -32.63 -23.75
CA PHE EA 67 62.78 -33.98 -24.30
C PHE EA 67 64.18 -34.30 -24.79
N LYS EA 68 64.89 -33.29 -25.31
CA LYS EA 68 66.31 -33.48 -25.70
C LYS EA 68 67.09 -33.85 -24.44
N SER EA 69 66.75 -33.28 -23.27
CA SER EA 69 67.50 -33.53 -22.05
C SER EA 69 67.20 -34.90 -21.45
N LEU EA 70 65.93 -35.31 -21.48
CA LEU EA 70 65.57 -36.61 -20.91
C LEU EA 70 66.25 -37.75 -21.65
N ARG EA 71 66.31 -37.65 -22.98
CA ARG EA 71 66.86 -38.73 -23.80
C ARG EA 71 68.39 -38.68 -23.89
N GLY EA 72 69.02 -37.69 -23.27
CA GLY EA 72 70.47 -37.61 -23.21
C GLY EA 72 71.04 -38.34 -22.01
N THR EA 73 72.26 -37.95 -21.64
CA THR EA 73 72.92 -38.60 -20.51
C THR EA 73 72.27 -38.25 -19.19
N GLY EA 74 71.78 -37.01 -19.04
CA GLY EA 74 71.18 -36.58 -17.79
C GLY EA 74 72.21 -36.06 -16.80
N GLY EA 75 73.23 -36.86 -16.52
CA GLY EA 75 74.29 -36.43 -15.62
C GLY EA 75 73.85 -36.37 -14.17
N SER EA 76 74.61 -35.60 -13.39
CA SER EA 76 74.37 -35.42 -11.96
C SER EA 76 74.53 -36.74 -11.21
N GLY EA 77 74.61 -36.65 -9.88
CA GLY EA 77 74.76 -37.85 -9.07
C GLY EA 77 74.83 -37.47 -7.60
N SER EA 78 74.53 -38.46 -6.76
CA SER EA 78 74.54 -38.31 -5.31
C SER EA 78 73.58 -37.22 -4.84
N SER EA 79 72.59 -36.87 -5.65
CA SER EA 79 71.64 -35.82 -5.29
C SER EA 79 70.40 -35.99 -6.18
N MET EA 80 69.37 -35.23 -5.83
CA MET EA 80 68.11 -35.30 -6.57
C MET EA 80 68.30 -34.82 -8.00
N GLU EA 81 67.89 -35.64 -8.96
CA GLU EA 81 67.96 -35.27 -10.36
C GLU EA 81 66.80 -34.36 -10.73
N ILE EA 82 67.09 -33.25 -11.40
CA ILE EA 82 66.09 -32.29 -11.83
C ILE EA 82 66.24 -32.08 -13.33
N TYR EA 83 65.13 -32.20 -14.06
CA TYR EA 83 65.10 -32.01 -15.50
C TYR EA 83 64.25 -30.78 -15.83
N GLU EA 84 64.79 -29.90 -16.66
CA GLU EA 84 64.08 -28.70 -17.08
C GLU EA 84 64.57 -28.27 -18.46
N GLY EA 85 63.76 -27.46 -19.11
CA GLY EA 85 64.03 -27.02 -20.47
C GLY EA 85 64.37 -25.55 -20.54
N LYS EA 86 65.35 -25.22 -21.39
CA LYS EA 86 65.78 -23.82 -21.61
C LYS EA 86 64.74 -23.17 -22.52
N LEU EA 87 64.92 -21.90 -22.82
CA LEU EA 87 64.09 -21.13 -23.73
C LEU EA 87 64.90 -20.58 -24.91
N THR EA 88 65.80 -21.40 -25.45
CA THR EA 88 66.55 -21.07 -26.66
C THR EA 88 66.04 -21.94 -27.81
N ALA EA 89 65.76 -21.31 -28.95
CA ALA EA 89 65.18 -21.99 -30.09
C ALA EA 89 66.19 -22.30 -31.19
N GLU EA 90 67.48 -22.11 -30.94
CA GLU EA 90 68.48 -22.34 -31.98
C GLU EA 90 68.53 -23.82 -32.35
N GLY EA 91 68.36 -24.11 -33.63
CA GLY EA 91 68.47 -25.46 -34.14
C GLY EA 91 67.19 -26.27 -34.15
N LEU EA 92 66.09 -25.73 -33.62
CA LEU EA 92 64.84 -26.48 -33.55
C LEU EA 92 63.97 -26.23 -34.78
N ARG EA 93 63.10 -27.19 -35.08
CA ARG EA 93 62.22 -27.15 -36.23
C ARG EA 93 60.78 -27.36 -35.77
N PHE EA 94 59.88 -26.50 -36.24
CA PHE EA 94 58.51 -26.43 -35.73
C PHE EA 94 57.50 -26.53 -36.86
N GLY EA 95 56.35 -27.12 -36.56
CA GLY EA 95 55.21 -27.14 -37.47
C GLY EA 95 54.02 -26.45 -36.83
N ILE EA 96 53.21 -25.79 -37.66
CA ILE EA 96 52.05 -25.03 -37.21
C ILE EA 96 50.85 -25.45 -38.05
N VAL EA 97 49.72 -25.71 -37.38
CA VAL EA 97 48.44 -25.99 -38.04
C VAL EA 97 47.45 -24.93 -37.59
N ALA EA 98 46.85 -24.24 -38.56
CA ALA EA 98 45.95 -23.13 -38.30
C ALA EA 98 44.68 -23.27 -39.12
N SER EA 99 43.54 -22.88 -38.53
CA SER EA 99 42.26 -22.95 -39.21
C SER EA 99 41.92 -21.60 -39.87
N ARG EA 100 40.99 -21.64 -40.81
CA ARG EA 100 40.60 -20.46 -41.57
C ARG EA 100 39.34 -19.77 -41.06
N PHE EA 101 38.57 -20.41 -40.19
CA PHE EA 101 37.36 -19.79 -39.68
C PHE EA 101 37.72 -18.74 -38.64
N ASN EA 102 37.01 -17.62 -38.66
CA ASN EA 102 37.35 -16.45 -37.85
C ASN EA 102 38.77 -15.98 -38.16
N HIS EA 103 39.09 -15.84 -39.45
CA HIS EA 103 40.47 -15.55 -39.83
C HIS EA 103 40.90 -14.17 -39.38
N ALA EA 104 39.97 -13.27 -39.11
CA ALA EA 104 40.35 -11.95 -38.62
C ALA EA 104 41.10 -12.04 -37.30
N LEU EA 105 40.82 -13.08 -36.50
CA LEU EA 105 41.50 -13.29 -35.23
C LEU EA 105 42.64 -14.30 -35.35
N VAL EA 106 42.46 -15.33 -36.17
CA VAL EA 106 43.46 -16.39 -36.27
C VAL EA 106 44.78 -15.85 -36.79
N ASP EA 107 44.74 -14.96 -37.79
CA ASP EA 107 45.97 -14.42 -38.34
C ASP EA 107 46.77 -13.61 -37.33
N ARG EA 108 46.11 -13.06 -36.30
CA ARG EA 108 46.86 -12.41 -35.22
C ARG EA 108 47.61 -13.45 -34.38
N LEU EA 109 47.02 -14.62 -34.17
CA LEU EA 109 47.68 -15.65 -33.37
C LEU EA 109 48.87 -16.24 -34.11
N VAL EA 110 48.76 -16.42 -35.43
CA VAL EA 110 49.86 -16.98 -36.20
C VAL EA 110 51.05 -16.03 -36.21
N GLU EA 111 50.78 -14.72 -36.28
CA GLU EA 111 51.85 -13.74 -36.24
C GLU EA 111 52.61 -13.82 -34.93
N GLY EA 112 51.89 -13.97 -33.81
CA GLY EA 112 52.55 -14.07 -32.52
C GLY EA 112 53.45 -15.28 -32.41
N ALA EA 113 52.98 -16.42 -32.91
CA ALA EA 113 53.78 -17.65 -32.82
C ALA EA 113 55.08 -17.52 -33.60
N ILE EA 114 55.03 -16.93 -34.79
CA ILE EA 114 56.24 -16.77 -35.59
C ILE EA 114 57.18 -15.76 -34.94
N ASP EA 115 56.62 -14.69 -34.36
CA ASP EA 115 57.46 -13.69 -33.70
C ASP EA 115 58.22 -14.28 -32.53
N CYS EA 116 57.55 -15.14 -31.74
CA CYS EA 116 58.21 -15.74 -30.58
C CYS EA 116 59.39 -16.60 -31.01
N ILE EA 117 59.21 -17.42 -32.05
CA ILE EA 117 60.27 -18.34 -32.46
C ILE EA 117 61.49 -17.59 -32.97
N VAL EA 118 61.27 -16.53 -33.75
CA VAL EA 118 62.38 -15.84 -34.39
C VAL EA 118 63.22 -15.08 -33.37
N ARG EA 119 62.58 -14.40 -32.42
CA ARG EA 119 63.32 -13.58 -31.48
C ARG EA 119 63.97 -14.39 -30.36
N HIS EA 120 63.61 -15.66 -30.22
CA HIS EA 120 64.31 -16.56 -29.32
C HIS EA 120 65.46 -17.32 -29.99
N GLY EA 121 65.73 -17.04 -31.27
CA GLY EA 121 66.87 -17.60 -31.95
C GLY EA 121 66.57 -18.58 -33.07
N GLY EA 122 65.30 -18.74 -33.46
CA GLY EA 122 64.96 -19.64 -34.53
C GLY EA 122 65.01 -18.99 -35.90
N ARG EA 123 64.85 -19.82 -36.93
CA ARG EA 123 64.83 -19.38 -38.31
C ARG EA 123 63.46 -19.61 -38.93
N GLU EA 124 63.03 -18.68 -39.78
CA GLU EA 124 61.78 -18.88 -40.51
C GLU EA 124 61.87 -20.05 -41.47
N GLU EA 125 63.07 -20.39 -41.94
CA GLU EA 125 63.25 -21.51 -42.83
C GLU EA 125 62.90 -22.84 -42.16
N ASP EA 126 62.87 -22.89 -40.84
CA ASP EA 126 62.62 -24.12 -40.10
C ASP EA 126 61.17 -24.24 -39.65
N ILE EA 127 60.27 -23.41 -40.18
CA ILE EA 127 58.86 -23.41 -39.80
C ILE EA 127 58.05 -23.91 -40.98
N THR EA 128 57.18 -24.88 -40.73
CA THR EA 128 56.24 -25.41 -41.73
C THR EA 128 54.83 -25.05 -41.29
N LEU EA 129 54.07 -24.41 -42.17
CA LEU EA 129 52.73 -23.92 -41.87
C LEU EA 129 51.72 -24.64 -42.76
N VAL EA 130 50.71 -25.23 -42.14
CA VAL EA 130 49.62 -25.92 -42.82
C VAL EA 130 48.31 -25.28 -42.42
N ARG EA 131 47.45 -25.00 -43.41
CA ARG EA 131 46.17 -24.36 -43.18
C ARG EA 131 45.03 -25.33 -43.51
N VAL EA 132 44.01 -25.35 -42.66
CA VAL EA 132 42.86 -26.24 -42.82
C VAL EA 132 41.57 -25.42 -42.77
N PRO EA 133 40.48 -25.90 -43.34
CA PRO EA 133 39.26 -25.07 -43.40
C PRO EA 133 38.60 -24.81 -42.05
N GLY EA 134 38.80 -25.66 -41.04
CA GLY EA 134 38.12 -25.47 -39.78
C GLY EA 134 38.81 -26.21 -38.66
N SER EA 135 38.33 -25.96 -37.44
CA SER EA 135 38.93 -26.58 -36.26
C SER EA 135 38.72 -28.09 -36.25
N TRP EA 136 37.63 -28.57 -36.84
CA TRP EA 136 37.36 -30.00 -36.87
C TRP EA 136 38.46 -30.76 -37.61
N GLU EA 137 39.11 -30.11 -38.59
CA GLU EA 137 40.13 -30.78 -39.38
C GLU EA 137 41.54 -30.64 -38.81
N ILE EA 138 41.70 -29.94 -37.67
CA ILE EA 138 43.04 -29.78 -37.10
C ILE EA 138 43.66 -31.12 -36.70
N PRO EA 139 42.98 -31.99 -35.95
CA PRO EA 139 43.66 -33.21 -35.48
C PRO EA 139 44.20 -34.10 -36.58
N VAL EA 140 43.47 -34.26 -37.69
CA VAL EA 140 43.95 -35.14 -38.76
C VAL EA 140 45.14 -34.51 -39.47
N ALA EA 141 45.14 -33.19 -39.65
CA ALA EA 141 46.29 -32.53 -40.26
C ALA EA 141 47.50 -32.56 -39.34
N ALA EA 142 47.27 -32.37 -38.03
CA ALA EA 142 48.38 -32.41 -37.08
C ALA EA 142 49.04 -33.79 -37.07
N GLY EA 143 48.26 -34.85 -37.35
CA GLY EA 143 48.82 -36.19 -37.37
C GLY EA 143 49.81 -36.41 -38.50
N GLU EA 144 49.68 -35.70 -39.60
CA GLU EA 144 50.62 -35.84 -40.70
C GLU EA 144 51.96 -35.17 -40.37
N LEU EA 145 51.92 -34.00 -39.75
CA LEU EA 145 53.15 -33.31 -39.38
C LEU EA 145 53.89 -34.04 -38.28
N ALA EA 146 53.16 -34.52 -37.28
CA ALA EA 146 53.80 -35.15 -36.11
C ALA EA 146 54.56 -36.41 -36.49
N ARG EA 147 54.19 -37.05 -37.61
CA ARG EA 147 54.87 -38.27 -38.03
C ARG EA 147 56.14 -38.02 -38.83
N LYS EA 148 56.42 -36.77 -39.19
CA LYS EA 148 57.67 -36.46 -39.88
C LYS EA 148 58.84 -36.51 -38.91
N GLU EA 149 59.97 -37.04 -39.38
CA GLU EA 149 61.12 -37.25 -38.50
C GLU EA 149 61.82 -35.94 -38.15
N ASP EA 150 61.72 -34.92 -39.00
CA ASP EA 150 62.45 -33.67 -38.83
C ASP EA 150 61.59 -32.57 -38.21
N ILE EA 151 60.55 -32.93 -37.47
CA ILE EA 151 59.71 -31.98 -36.74
C ILE EA 151 59.87 -32.27 -35.26
N ASP EA 152 60.16 -31.23 -34.48
CA ASP EA 152 60.37 -31.38 -33.05
C ASP EA 152 59.10 -31.15 -32.23
N ALA EA 153 58.23 -30.24 -32.66
CA ALA EA 153 57.00 -29.97 -31.94
C ALA EA 153 55.99 -29.36 -32.90
N VAL EA 154 54.71 -29.45 -32.53
CA VAL EA 154 53.61 -28.96 -33.34
C VAL EA 154 52.78 -27.99 -32.51
N ILE EA 155 52.31 -26.92 -33.16
CA ILE EA 155 51.51 -25.88 -32.52
C ILE EA 155 50.17 -25.82 -33.23
N ALA EA 156 49.08 -25.93 -32.47
CA ALA EA 156 47.72 -25.91 -33.00
C ALA EA 156 47.05 -24.61 -32.62
N ILE EA 157 46.44 -23.93 -33.60
CA ILE EA 157 45.85 -22.62 -33.43
C ILE EA 157 44.45 -22.61 -34.02
N GLY EA 158 43.51 -22.03 -33.28
CA GLY EA 158 42.13 -21.90 -33.76
C GLY EA 158 41.34 -21.03 -32.81
N VAL EA 159 40.15 -20.65 -33.26
CA VAL EA 159 39.24 -19.80 -32.50
C VAL EA 159 37.83 -20.38 -32.59
N LEU EA 160 37.21 -20.61 -31.43
CA LEU EA 160 35.82 -21.04 -31.35
C LEU EA 160 35.04 -20.11 -30.45
N ILE EA 161 33.87 -19.66 -30.90
CA ILE EA 161 33.03 -18.72 -30.16
C ILE EA 161 31.65 -19.33 -30.04
N ARG EA 162 31.12 -19.36 -28.82
CA ARG EA 162 29.82 -19.95 -28.56
C ARG EA 162 28.71 -19.10 -29.18
N THR FA 3 14.45 -34.31 -23.45
CA THR FA 3 14.90 -35.51 -22.77
C THR FA 3 16.40 -35.71 -22.97
N PRO FA 4 17.06 -36.42 -22.04
CA PRO FA 4 18.51 -36.63 -22.19
C PRO FA 4 18.89 -37.56 -23.32
N HIS FA 5 17.92 -38.14 -24.03
CA HIS FA 5 18.23 -39.01 -25.17
C HIS FA 5 19.07 -38.27 -26.21
N PHE FA 6 18.82 -36.96 -26.36
CA PHE FA 6 19.55 -36.17 -27.35
C PHE FA 6 21.05 -36.17 -27.07
N ASP FA 7 21.44 -36.02 -25.81
CA ASP FA 7 22.85 -35.82 -25.49
C ASP FA 7 23.69 -37.04 -25.82
N TYR FA 8 23.21 -38.23 -25.46
CA TYR FA 8 24.02 -39.43 -25.60
C TYR FA 8 24.25 -39.79 -27.06
N ILE FA 9 23.22 -39.62 -27.90
CA ILE FA 9 23.37 -39.91 -29.32
C ILE FA 9 24.35 -38.93 -29.96
N ALA FA 10 24.22 -37.64 -29.62
CA ALA FA 10 25.10 -36.63 -30.20
C ALA FA 10 26.56 -36.87 -29.81
N SER FA 11 26.80 -37.24 -28.56
CA SER FA 11 28.17 -37.45 -28.09
C SER FA 11 28.83 -38.62 -28.82
N GLU FA 12 28.08 -39.71 -29.04
CA GLU FA 12 28.68 -40.89 -29.64
C GLU FA 12 28.90 -40.73 -31.14
N VAL FA 13 28.02 -40.03 -31.84
CA VAL FA 13 28.20 -39.83 -33.27
C VAL FA 13 29.43 -38.97 -33.54
N SER FA 14 29.58 -37.87 -32.80
CA SER FA 14 30.74 -37.01 -32.99
C SER FA 14 32.03 -37.72 -32.62
N LYS FA 15 32.02 -38.45 -31.50
CA LYS FA 15 33.22 -39.16 -31.07
C LYS FA 15 33.60 -40.25 -32.07
N GLY FA 16 32.62 -40.98 -32.58
CA GLY FA 16 32.92 -42.06 -33.51
C GLY FA 16 33.59 -41.58 -34.77
N LEU FA 17 33.07 -40.50 -35.37
CA LEU FA 17 33.64 -40.01 -36.62
C LEU FA 17 35.04 -39.46 -36.41
N ALA FA 18 35.29 -38.80 -35.28
CA ALA FA 18 36.61 -38.23 -35.02
C ALA FA 18 37.67 -39.31 -34.90
N ASN FA 19 37.41 -40.34 -34.11
CA ASN FA 19 38.37 -41.43 -33.96
C ASN FA 19 38.61 -42.15 -35.29
N LEU FA 20 37.55 -42.32 -36.08
CA LEU FA 20 37.67 -43.02 -37.35
C LEU FA 20 38.61 -42.29 -38.29
N SER FA 21 38.55 -40.96 -38.32
CA SER FA 21 39.40 -40.20 -39.22
C SER FA 21 40.87 -40.34 -38.85
N LEU FA 22 41.18 -40.40 -37.56
CA LEU FA 22 42.57 -40.53 -37.13
C LEU FA 22 43.09 -41.94 -37.38
N GLU FA 23 42.24 -42.95 -37.18
CA GLU FA 23 42.68 -44.33 -37.37
C GLU FA 23 42.99 -44.61 -38.83
N LEU FA 24 42.11 -44.20 -39.75
CA LEU FA 24 42.31 -44.44 -41.17
C LEU FA 24 43.12 -43.34 -41.85
N ARG FA 25 43.37 -42.22 -41.17
CA ARG FA 25 44.16 -41.13 -41.73
C ARG FA 25 43.56 -40.62 -43.04
N LYS FA 26 42.24 -40.42 -43.04
CA LYS FA 26 41.52 -39.92 -44.19
C LYS FA 26 40.55 -38.83 -43.73
N PRO FA 27 40.30 -37.80 -44.55
CA PRO FA 27 39.40 -36.73 -44.12
C PRO FA 27 37.96 -37.19 -44.02
N ILE FA 28 37.29 -36.81 -42.93
CA ILE FA 28 35.86 -37.00 -42.75
C ILE FA 28 35.30 -35.70 -42.19
N THR FA 29 34.25 -35.18 -42.82
CA THR FA 29 33.68 -33.89 -42.50
C THR FA 29 32.37 -34.05 -41.71
N PHE FA 30 32.14 -33.13 -40.77
CA PHE FA 30 31.02 -33.21 -39.84
C PHE FA 30 29.90 -32.30 -40.36
N GLY FA 31 28.91 -32.91 -41.00
CA GLY FA 31 27.78 -32.17 -41.53
C GLY FA 31 26.47 -32.45 -40.81
N VAL FA 32 26.53 -32.61 -39.49
CA VAL FA 32 25.36 -32.96 -38.70
C VAL FA 32 24.88 -31.73 -37.94
N ILE FA 33 23.59 -31.42 -38.09
CA ILE FA 33 22.97 -30.31 -37.37
C ILE FA 33 22.57 -30.78 -35.98
N THR FA 34 22.87 -29.96 -34.97
CA THR FA 34 22.47 -30.22 -33.58
C THR FA 34 21.79 -28.97 -33.06
N ALA FA 35 20.45 -28.96 -33.10
CA ALA FA 35 19.65 -27.79 -32.80
C ALA FA 35 18.80 -28.03 -31.56
N ASP FA 36 18.46 -26.93 -30.87
CA ASP FA 36 17.59 -26.99 -29.71
C ASP FA 36 16.12 -26.89 -30.07
N THR FA 37 15.78 -26.31 -31.21
CA THR FA 37 14.39 -26.11 -31.61
C THR FA 37 14.25 -26.38 -33.10
N LEU FA 38 13.01 -26.64 -33.52
CA LEU FA 38 12.74 -26.88 -34.93
C LEU FA 38 13.07 -25.67 -35.78
N GLU FA 39 12.80 -24.46 -35.26
CA GLU FA 39 13.08 -23.25 -36.01
C GLU FA 39 14.58 -23.12 -36.29
N GLN FA 40 15.41 -23.43 -35.30
CA GLN FA 40 16.86 -23.35 -35.51
C GLN FA 40 17.32 -24.31 -36.60
N ALA FA 41 16.65 -25.46 -36.73
CA ALA FA 41 17.06 -26.43 -37.75
C ALA FA 41 16.70 -25.97 -39.15
N ILE FA 42 15.51 -25.39 -39.32
CA ILE FA 42 15.10 -24.90 -40.64
C ILE FA 42 16.02 -23.76 -41.07
N GLU FA 43 16.54 -23.00 -40.11
CA GLU FA 43 17.42 -21.88 -40.43
C GLU FA 43 18.67 -22.35 -41.19
N ARG FA 44 19.20 -23.51 -40.82
CA ARG FA 44 20.47 -24.00 -41.34
C ARG FA 44 20.32 -25.03 -42.44
N ALA FA 45 19.10 -25.30 -42.90
CA ALA FA 45 18.82 -26.33 -43.90
C ALA FA 45 18.46 -25.73 -45.25
N GLY FA 46 19.12 -24.65 -45.65
CA GLY FA 46 18.85 -23.99 -46.91
C GLY FA 46 18.11 -22.67 -46.77
N THR FA 47 18.19 -22.02 -45.62
CA THR FA 47 17.50 -20.76 -45.35
C THR FA 47 18.47 -19.75 -44.75
N LYS FA 48 17.95 -18.69 -44.13
CA LYS FA 48 18.69 -17.46 -43.85
C LYS FA 48 20.08 -17.68 -43.26
N HIS FA 49 20.36 -18.83 -42.64
CA HIS FA 49 21.69 -19.13 -42.13
C HIS FA 49 22.46 -20.12 -42.99
N GLY FA 50 22.06 -20.29 -44.25
CA GLY FA 50 22.81 -21.10 -45.19
C GLY FA 50 22.44 -22.57 -45.14
N ASN FA 51 23.28 -23.37 -45.80
CA ASN FA 51 23.08 -24.81 -45.91
C ASN FA 51 24.33 -25.51 -45.38
N LYS FA 52 24.15 -26.34 -44.35
CA LYS FA 52 25.29 -27.04 -43.77
C LYS FA 52 25.80 -28.14 -44.68
N GLY FA 53 24.95 -28.69 -45.54
CA GLY FA 53 25.42 -29.68 -46.50
C GLY FA 53 26.39 -29.11 -47.51
N TRP FA 54 26.13 -27.88 -47.96
CA TRP FA 54 27.06 -27.21 -48.86
C TRP FA 54 28.40 -26.97 -48.20
N GLU FA 55 28.38 -26.52 -46.94
CA GLU FA 55 29.62 -26.20 -46.24
C GLU FA 55 30.47 -27.43 -46.03
N ALA FA 56 29.85 -28.55 -45.66
CA ALA FA 56 30.61 -29.78 -45.43
C ALA FA 56 31.29 -30.27 -46.69
N ALA FA 57 30.61 -30.16 -47.84
CA ALA FA 57 31.22 -30.57 -49.10
C ALA FA 57 32.41 -29.69 -49.45
N LEU FA 58 32.32 -28.39 -49.19
CA LEU FA 58 33.42 -27.49 -49.51
C LEU FA 58 34.65 -27.82 -48.68
N SER FA 59 34.46 -28.19 -47.42
CA SER FA 59 35.58 -28.59 -46.57
C SER FA 59 36.24 -29.86 -47.09
N ALA FA 60 35.44 -30.82 -47.57
CA ALA FA 60 36.00 -32.07 -48.07
C ALA FA 60 36.88 -31.83 -49.30
N ILE FA 61 36.44 -30.94 -50.19
CA ILE FA 61 37.22 -30.68 -51.40
C ILE FA 61 38.59 -30.11 -51.04
N GLU FA 62 38.61 -29.15 -50.12
CA GLU FA 62 39.88 -28.54 -49.72
C GLU FA 62 40.80 -29.55 -49.07
N MET FA 63 40.27 -30.37 -48.17
CA MET FA 63 41.12 -31.35 -47.47
C MET FA 63 41.70 -32.36 -48.43
N ALA FA 64 40.92 -32.79 -49.43
CA ALA FA 64 41.42 -33.76 -50.40
C ALA FA 64 42.60 -33.18 -51.19
N ASN FA 65 42.51 -31.92 -51.59
CA ASN FA 65 43.62 -31.30 -52.30
C ASN FA 65 44.83 -31.10 -51.40
N LEU FA 66 44.60 -30.76 -50.13
CA LEU FA 66 45.71 -30.55 -49.20
C LEU FA 66 46.50 -31.84 -49.00
N PHE FA 67 45.81 -32.96 -48.82
CA PHE FA 67 46.50 -34.21 -48.58
C PHE FA 67 47.27 -34.65 -49.82
N LYS FA 68 46.74 -34.35 -51.02
CA LYS FA 68 47.48 -34.64 -52.27
C LYS FA 68 48.78 -33.82 -52.24
N SER FA 69 48.77 -32.60 -51.68
CA SER FA 69 49.95 -31.74 -51.70
C SER FA 69 50.98 -32.19 -50.66
N LEU FA 70 50.53 -32.59 -49.47
CA LEU FA 70 51.47 -33.01 -48.43
C LEU FA 70 52.26 -34.24 -48.87
N ARG FA 71 51.60 -35.20 -49.51
CA ARG FA 71 52.22 -36.45 -49.89
C ARG FA 71 53.00 -36.34 -51.20
N GLY FA 72 53.01 -35.18 -51.84
CA GLY FA 72 53.79 -34.95 -53.03
C GLY FA 72 55.17 -34.43 -52.71
N THR FA 73 55.79 -33.78 -53.71
CA THR FA 73 57.14 -33.27 -53.53
C THR FA 73 57.18 -32.09 -52.57
N GLY FA 74 56.15 -31.24 -52.58
CA GLY FA 74 56.13 -30.06 -51.74
C GLY FA 74 56.84 -28.88 -52.36
N GLY FA 75 58.08 -29.07 -52.76
CA GLY FA 75 58.82 -28.02 -53.42
C GLY FA 75 59.24 -26.90 -52.47
N SER FA 76 59.53 -25.74 -53.06
CA SER FA 76 59.97 -24.56 -52.34
C SER FA 76 61.29 -24.79 -51.64
N GLY FA 77 61.93 -23.71 -51.18
CA GLY FA 77 63.20 -23.83 -50.49
C GLY FA 77 63.71 -22.47 -50.09
N SER FA 78 64.60 -22.48 -49.09
CA SER FA 78 65.21 -21.26 -48.55
C SER FA 78 64.16 -20.30 -47.98
N SER FA 79 62.98 -20.79 -47.66
CA SER FA 79 61.92 -19.96 -47.13
C SER FA 79 60.90 -20.85 -46.42
N MET FA 80 59.97 -20.21 -45.72
CA MET FA 80 58.95 -20.93 -44.97
C MET FA 80 58.05 -21.71 -45.92
N GLU FA 81 57.90 -23.01 -45.67
CA GLU FA 81 57.02 -23.84 -46.47
C GLU FA 81 55.58 -23.66 -46.01
N ILE FA 82 54.67 -23.44 -46.97
CA ILE FA 82 53.26 -23.26 -46.70
C ILE FA 82 52.48 -24.26 -47.54
N TYR FA 83 51.58 -25.00 -46.90
CA TYR FA 83 50.73 -25.99 -47.55
C TYR FA 83 49.28 -25.55 -47.47
N GLU FA 84 48.58 -25.58 -48.60
CA GLU FA 84 47.18 -25.20 -48.65
C GLU FA 84 46.51 -25.95 -49.80
N GLY FA 85 45.19 -26.01 -49.73
CA GLY FA 85 44.40 -26.75 -50.70
C GLY FA 85 43.56 -25.83 -51.58
N LYS FA 86 43.49 -26.19 -52.87
CA LYS FA 86 42.70 -25.42 -53.84
C LYS FA 86 41.24 -25.81 -53.63
N LEU FA 87 40.33 -25.21 -54.39
CA LEU FA 87 38.90 -25.51 -54.40
C LEU FA 87 38.43 -25.99 -55.76
N THR FA 88 39.22 -26.84 -56.41
CA THR FA 88 38.84 -27.48 -57.67
C THR FA 88 38.59 -28.96 -57.40
N ALA FA 89 37.46 -29.46 -57.90
CA ALA FA 89 37.03 -30.82 -57.64
C ALA FA 89 37.26 -31.78 -58.81
N GLU FA 90 37.98 -31.34 -59.84
CA GLU FA 90 38.21 -32.19 -61.00
C GLU FA 90 39.06 -33.40 -60.64
N GLY FA 91 38.53 -34.59 -60.92
CA GLY FA 91 39.25 -35.83 -60.70
C GLY FA 91 39.06 -36.46 -59.34
N LEU FA 92 38.34 -35.83 -58.43
CA LEU FA 92 38.17 -36.36 -57.08
C LEU FA 92 36.92 -37.23 -56.99
N ARG FA 93 36.93 -38.15 -56.02
CA ARG FA 93 35.85 -39.10 -55.80
C ARG FA 93 35.40 -39.01 -54.34
N PHE FA 94 34.09 -38.91 -54.14
CA PHE FA 94 33.51 -38.61 -52.84
C PHE FA 94 32.48 -39.64 -52.44
N GLY FA 95 32.36 -39.89 -51.14
CA GLY FA 95 31.29 -40.70 -50.58
C GLY FA 95 30.46 -39.90 -49.59
N ILE FA 96 29.16 -40.18 -49.55
CA ILE FA 96 28.22 -39.48 -48.70
C ILE FA 96 27.42 -40.50 -47.91
N VAL FA 97 27.27 -40.25 -46.60
CA VAL FA 97 26.43 -41.06 -45.72
C VAL FA 97 25.37 -40.15 -45.12
N ALA FA 98 24.10 -40.50 -45.31
CA ALA FA 98 22.98 -39.68 -44.89
C ALA FA 98 21.96 -40.53 -44.13
N SER FA 99 21.33 -39.93 -43.12
CA SER FA 99 20.33 -40.63 -42.33
C SER FA 99 18.92 -40.30 -42.84
N ARG FA 100 17.96 -41.14 -42.46
CA ARG FA 100 16.59 -41.02 -42.92
C ARG FA 100 15.67 -40.30 -41.93
N PHE FA 101 16.08 -40.13 -40.68
CA PHE FA 101 15.22 -39.45 -39.72
C PHE FA 101 15.24 -37.95 -39.98
N ASN FA 102 14.07 -37.32 -39.84
CA ASN FA 102 13.86 -35.93 -40.23
C ASN FA 102 14.22 -35.73 -41.70
N HIS FA 103 13.67 -36.60 -42.56
CA HIS FA 103 14.06 -36.59 -43.97
C HIS FA 103 13.61 -35.31 -44.68
N ALA FA 104 12.60 -34.62 -44.15
CA ALA FA 104 12.17 -33.37 -44.76
C ALA FA 104 13.30 -32.35 -44.78
N LEU FA 105 14.22 -32.41 -43.82
CA LEU FA 105 15.36 -31.51 -43.75
C LEU FA 105 16.61 -32.14 -44.36
N VAL FA 106 16.82 -33.44 -44.16
CA VAL FA 106 18.04 -34.09 -44.60
C VAL FA 106 18.18 -34.03 -46.12
N ASP FA 107 17.07 -34.23 -46.84
CA ASP FA 107 17.13 -34.20 -48.30
C ASP FA 107 17.53 -32.83 -48.83
N ARG FA 108 17.29 -31.75 -48.07
CA ARG FA 108 17.80 -30.45 -48.49
C ARG FA 108 19.32 -30.39 -48.35
N LEU FA 109 19.88 -31.03 -47.31
CA LEU FA 109 21.32 -31.00 -47.13
C LEU FA 109 22.04 -31.83 -48.19
N VAL FA 110 21.45 -32.96 -48.58
CA VAL FA 110 22.08 -33.81 -49.59
C VAL FA 110 22.10 -33.10 -50.94
N GLU FA 111 21.04 -32.35 -51.26
CA GLU FA 111 21.01 -31.59 -52.50
C GLU FA 111 22.13 -30.56 -52.54
N GLY FA 112 22.36 -29.87 -51.41
CA GLY FA 112 23.42 -28.88 -51.38
C GLY FA 112 24.80 -29.47 -51.60
N ALA FA 113 25.06 -30.63 -50.98
CA ALA FA 113 26.36 -31.26 -51.12
C ALA FA 113 26.64 -31.66 -52.56
N ILE FA 114 25.64 -32.20 -53.26
CA ILE FA 114 25.83 -32.59 -54.65
C ILE FA 114 26.00 -31.37 -55.53
N ASP FA 115 25.25 -30.30 -55.26
CA ASP FA 115 25.36 -29.08 -56.05
C ASP FA 115 26.77 -28.48 -55.94
N CYS FA 116 27.34 -28.48 -54.73
CA CYS FA 116 28.67 -27.92 -54.55
C CYS FA 116 29.71 -28.67 -55.37
N ILE FA 117 29.65 -30.00 -55.34
CA ILE FA 117 30.67 -30.80 -56.02
C ILE FA 117 30.60 -30.60 -57.53
N VAL FA 118 29.39 -30.55 -58.08
CA VAL FA 118 29.25 -30.49 -59.54
C VAL FA 118 29.71 -29.16 -60.09
N ARG FA 119 29.35 -28.06 -59.42
CA ARG FA 119 29.67 -26.73 -59.95
C ARG FA 119 31.12 -26.34 -59.70
N HIS FA 120 31.84 -27.07 -58.85
CA HIS FA 120 33.28 -26.88 -58.70
C HIS FA 120 34.10 -27.77 -59.63
N GLY FA 121 33.45 -28.54 -60.50
CA GLY FA 121 34.15 -29.32 -61.51
C GLY FA 121 34.09 -30.82 -61.35
N GLY FA 122 33.29 -31.34 -60.42
CA GLY FA 122 33.18 -32.78 -60.24
C GLY FA 122 32.12 -33.40 -61.11
N ARG FA 123 32.08 -34.73 -61.10
CA ARG FA 123 31.11 -35.52 -61.84
C ARG FA 123 30.19 -36.26 -60.88
N GLU FA 124 28.92 -36.38 -61.25
CA GLU FA 124 27.99 -37.17 -60.45
C GLU FA 124 28.36 -38.65 -60.47
N GLU FA 125 29.04 -39.10 -61.53
CA GLU FA 125 29.46 -40.49 -61.61
C GLU FA 125 30.48 -40.86 -60.53
N ASP FA 126 31.14 -39.87 -59.93
CA ASP FA 126 32.17 -40.11 -58.93
C ASP FA 126 31.65 -39.98 -57.51
N ILE FA 127 30.33 -39.94 -57.31
CA ILE FA 127 29.73 -39.78 -56.00
C ILE FA 127 29.03 -41.09 -55.64
N THR FA 128 29.31 -41.60 -54.45
CA THR FA 128 28.66 -42.78 -53.90
C THR FA 128 27.83 -42.35 -52.69
N LEU FA 129 26.55 -42.70 -52.69
CA LEU FA 129 25.61 -42.28 -51.65
C LEU FA 129 25.09 -43.51 -50.93
N VAL FA 130 25.21 -43.50 -49.59
CA VAL FA 130 24.73 -44.59 -48.73
C VAL FA 130 23.75 -43.99 -47.73
N ARG FA 131 22.61 -44.66 -47.55
CA ARG FA 131 21.57 -44.19 -46.65
C ARG FA 131 21.42 -45.16 -45.49
N VAL FA 132 21.26 -44.62 -44.28
CA VAL FA 132 21.14 -45.43 -43.07
C VAL FA 132 19.89 -44.98 -42.31
N PRO FA 133 19.31 -45.84 -41.46
CA PRO FA 133 18.04 -45.47 -40.80
C PRO FA 133 18.14 -44.34 -39.79
N GLY FA 134 19.32 -44.08 -39.21
CA GLY FA 134 19.42 -43.06 -38.18
C GLY FA 134 20.84 -42.60 -38.00
N SER FA 135 20.98 -41.55 -37.18
CA SER FA 135 22.30 -40.98 -36.93
C SER FA 135 23.21 -41.95 -36.19
N TRP FA 136 22.63 -42.81 -35.34
CA TRP FA 136 23.43 -43.77 -34.59
C TRP FA 136 24.20 -44.70 -35.52
N GLU FA 137 23.66 -44.99 -36.70
CA GLU FA 137 24.29 -45.92 -37.62
C GLU FA 137 25.27 -45.26 -38.59
N ILE FA 138 25.45 -43.93 -38.51
CA ILE FA 138 26.37 -43.26 -39.43
C ILE FA 138 27.81 -43.73 -39.25
N PRO FA 139 28.37 -43.79 -38.03
CA PRO FA 139 29.80 -44.14 -37.93
C PRO FA 139 30.17 -45.49 -38.50
N VAL FA 140 29.33 -46.51 -38.30
CA VAL FA 140 29.67 -47.84 -38.80
C VAL FA 140 29.57 -47.88 -40.31
N ALA FA 141 28.61 -47.18 -40.91
CA ALA FA 141 28.51 -47.12 -42.36
C ALA FA 141 29.66 -46.31 -42.95
N ALA FA 142 30.05 -45.21 -42.29
CA ALA FA 142 31.16 -44.41 -42.78
C ALA FA 142 32.46 -45.20 -42.77
N GLY FA 143 32.59 -46.16 -41.86
CA GLY FA 143 33.78 -46.98 -41.81
C GLY FA 143 33.96 -47.88 -43.01
N GLU FA 144 32.87 -48.30 -43.64
CA GLU FA 144 32.97 -49.14 -44.82
C GLU FA 144 33.43 -48.33 -46.03
N LEU FA 145 32.92 -47.12 -46.19
CA LEU FA 145 33.34 -46.28 -47.32
C LEU FA 145 34.78 -45.83 -47.17
N ALA FA 146 35.18 -45.44 -45.96
CA ALA FA 146 36.51 -44.88 -45.77
C ALA FA 146 37.60 -45.91 -46.05
N ARG FA 147 37.29 -47.19 -45.98
CA ARG FA 147 38.27 -48.23 -46.23
C ARG FA 147 38.44 -48.57 -47.70
N LYS FA 148 37.59 -48.01 -48.58
CA LYS FA 148 37.76 -48.24 -50.01
C LYS FA 148 38.92 -47.40 -50.54
N GLU FA 149 39.68 -47.99 -51.47
CA GLU FA 149 40.89 -47.35 -51.96
C GLU FA 149 40.59 -46.18 -52.89
N ASP FA 150 39.43 -46.20 -53.57
CA ASP FA 150 39.10 -45.20 -54.56
C ASP FA 150 38.17 -44.11 -54.03
N ILE FA 151 38.19 -43.87 -52.72
CA ILE FA 151 37.43 -42.80 -52.10
C ILE FA 151 38.41 -41.82 -51.49
N ASP FA 152 38.26 -40.54 -51.80
CA ASP FA 152 39.18 -39.51 -51.31
C ASP FA 152 38.70 -38.86 -50.02
N ALA FA 153 37.39 -38.70 -49.83
CA ALA FA 153 36.87 -38.09 -48.62
C ALA FA 153 35.42 -38.53 -48.43
N VAL FA 154 34.94 -38.43 -47.20
CA VAL FA 154 33.60 -38.85 -46.82
C VAL FA 154 32.89 -37.67 -46.17
N ILE FA 155 31.59 -37.54 -46.47
CA ILE FA 155 30.75 -36.46 -45.94
C ILE FA 155 29.61 -37.11 -45.17
N ALA FA 156 29.43 -36.70 -43.92
CA ALA FA 156 28.40 -37.22 -43.03
C ALA FA 156 27.32 -36.16 -42.83
N ILE FA 157 26.07 -36.55 -43.00
CA ILE FA 157 24.93 -35.63 -42.96
C ILE FA 157 23.85 -36.21 -42.05
N GLY FA 158 23.28 -35.37 -41.20
CA GLY FA 158 22.20 -35.78 -40.32
C GLY FA 158 21.62 -34.58 -39.61
N VAL FA 159 20.48 -34.80 -38.97
CA VAL FA 159 19.77 -33.76 -38.23
C VAL FA 159 19.32 -34.34 -36.89
N LEU FA 160 19.67 -33.66 -35.80
CA LEU FA 160 19.22 -34.00 -34.46
C LEU FA 160 18.59 -32.78 -33.81
N ILE FA 161 17.41 -32.96 -33.21
CA ILE FA 161 16.67 -31.88 -32.58
C ILE FA 161 16.35 -32.31 -31.14
N ARG FA 162 16.66 -31.44 -30.20
CA ARG FA 162 16.45 -31.74 -28.78
C ARG FA 162 14.96 -31.79 -28.47
N THR GA 3 19.79 -38.38 -8.45
CA THR GA 3 21.18 -38.57 -8.07
C THR GA 3 22.06 -38.71 -9.31
N PRO GA 4 23.34 -38.38 -9.19
CA PRO GA 4 24.24 -38.49 -10.35
C PRO GA 4 24.53 -39.91 -10.78
N HIS GA 5 24.04 -40.92 -10.06
CA HIS GA 5 24.24 -42.31 -10.46
C HIS GA 5 23.71 -42.55 -11.87
N PHE GA 6 22.63 -41.87 -12.24
CA PHE GA 6 22.03 -42.07 -13.56
C PHE GA 6 23.01 -41.71 -14.67
N ASP GA 7 23.73 -40.60 -14.52
CA ASP GA 7 24.55 -40.10 -15.62
C ASP GA 7 25.68 -41.05 -15.97
N TYR GA 8 26.39 -41.56 -14.96
CA TYR GA 8 27.59 -42.35 -15.23
C TYR GA 8 27.25 -43.68 -15.89
N ILE GA 9 26.15 -44.32 -15.46
CA ILE GA 9 25.74 -45.58 -16.08
C ILE GA 9 25.34 -45.35 -17.53
N ALA GA 10 24.57 -44.29 -17.79
CA ALA GA 10 24.11 -44.02 -19.14
C ALA GA 10 25.27 -43.72 -20.08
N SER GA 11 26.26 -42.97 -19.60
CA SER GA 11 27.40 -42.62 -20.44
C SER GA 11 28.20 -43.86 -20.84
N GLU GA 12 28.40 -44.79 -19.90
CA GLU GA 12 29.25 -45.93 -20.18
C GLU GA 12 28.55 -46.96 -21.07
N VAL GA 13 27.23 -47.13 -20.90
CA VAL GA 13 26.52 -48.10 -21.74
C VAL GA 13 26.50 -47.64 -23.19
N SER GA 14 26.21 -46.36 -23.42
CA SER GA 14 26.18 -45.85 -24.79
C SER GA 14 27.57 -45.89 -25.41
N LYS GA 15 28.60 -45.50 -24.65
CA LYS GA 15 29.95 -45.50 -25.19
C LYS GA 15 30.42 -46.91 -25.50
N GLY GA 16 30.11 -47.87 -24.62
CA GLY GA 16 30.56 -49.23 -24.84
C GLY GA 16 30.00 -49.84 -26.11
N LEU GA 17 28.71 -49.67 -26.35
CA LEU GA 17 28.09 -50.25 -27.54
C LEU GA 17 28.62 -49.62 -28.82
N ALA GA 18 28.86 -48.31 -28.79
CA ALA GA 18 29.34 -47.62 -29.99
C ALA GA 18 30.72 -48.11 -30.39
N ASN GA 19 31.66 -48.18 -29.43
CA ASN GA 19 33.00 -48.66 -29.75
C ASN GA 19 32.97 -50.12 -30.22
N LEU GA 20 32.10 -50.93 -29.62
CA LEU GA 20 32.03 -52.34 -29.97
C LEU GA 20 31.62 -52.51 -31.44
N SER GA 21 30.68 -51.70 -31.91
CA SER GA 21 30.21 -51.83 -33.28
C SER GA 21 31.32 -51.49 -34.28
N LEU GA 22 32.14 -50.50 -33.96
CA LEU GA 22 33.23 -50.13 -34.87
C LEU GA 22 34.34 -51.17 -34.85
N GLU GA 23 34.64 -51.74 -33.69
CA GLU GA 23 35.73 -52.70 -33.60
C GLU GA 23 35.40 -53.98 -34.36
N LEU GA 24 34.18 -54.50 -34.18
CA LEU GA 24 33.76 -55.73 -34.85
C LEU GA 24 33.16 -55.48 -36.23
N ARG GA 25 32.87 -54.23 -36.57
CA ARG GA 25 32.32 -53.88 -37.88
C ARG GA 25 31.01 -54.64 -38.14
N LYS GA 26 30.13 -54.63 -37.13
CA LYS GA 26 28.83 -55.28 -37.22
C LYS GA 26 27.77 -54.32 -36.66
N PRO GA 27 26.55 -54.32 -37.20
CA PRO GA 27 25.53 -53.39 -36.69
C PRO GA 27 25.07 -53.75 -35.28
N ILE GA 28 24.97 -52.74 -34.43
CA ILE GA 28 24.38 -52.85 -33.10
C ILE GA 28 23.45 -51.66 -32.91
N THR GA 29 22.21 -51.93 -32.52
CA THR GA 29 21.17 -50.91 -32.41
C THR GA 29 20.93 -50.53 -30.95
N PHE GA 30 20.64 -49.25 -30.72
CA PHE GA 30 20.49 -48.70 -29.37
C PHE GA 30 19.02 -48.63 -29.03
N GLY GA 31 18.55 -49.59 -28.25
CA GLY GA 31 17.16 -49.65 -27.83
C GLY GA 31 16.96 -49.40 -26.35
N VAL GA 32 17.73 -48.48 -25.78
CA VAL GA 32 17.70 -48.20 -24.35
C VAL GA 32 16.96 -46.89 -24.10
N ILE GA 33 15.95 -46.93 -23.24
CA ILE GA 33 15.20 -45.74 -22.86
C ILE GA 33 15.96 -45.00 -21.76
N THR GA 34 16.06 -43.69 -21.90
CA THR GA 34 16.69 -42.82 -20.89
C THR GA 34 15.71 -41.69 -20.58
N ALA GA 35 14.94 -41.84 -19.51
CA ALA GA 35 13.84 -40.94 -19.19
C ALA GA 35 14.13 -40.22 -17.88
N ASP GA 36 13.51 -39.04 -17.73
CA ASP GA 36 13.64 -38.27 -16.50
C ASP GA 36 12.56 -38.61 -15.48
N THR GA 37 11.42 -39.16 -15.91
CA THR GA 37 10.32 -39.47 -15.02
C THR GA 37 9.71 -40.81 -15.43
N LEU GA 38 8.98 -41.41 -14.48
CA LEU GA 38 8.32 -42.68 -14.76
C LEU GA 38 7.27 -42.53 -15.87
N GLU GA 39 6.56 -41.39 -15.89
CA GLU GA 39 5.54 -41.18 -16.91
C GLU GA 39 6.16 -41.17 -18.30
N GLN GA 40 7.32 -40.52 -18.46
CA GLN GA 40 7.98 -40.49 -19.75
C GLN GA 40 8.36 -41.90 -20.22
N ALA GA 41 8.69 -42.79 -19.29
CA ALA GA 41 9.09 -44.14 -19.66
C ALA GA 41 7.90 -44.96 -20.14
N ILE GA 42 6.75 -44.85 -19.45
CA ILE GA 42 5.56 -45.58 -19.87
C ILE GA 42 5.12 -45.11 -21.25
N GLU GA 43 5.36 -43.84 -21.56
CA GLU GA 43 4.94 -43.30 -22.86
C GLU GA 43 5.60 -44.05 -24.02
N ARG GA 44 6.86 -44.44 -23.85
CA ARG GA 44 7.65 -45.03 -24.92
C ARG GA 44 7.73 -46.55 -24.86
N ALA GA 45 6.99 -47.19 -23.95
CA ALA GA 45 7.05 -48.63 -23.75
C ALA GA 45 5.79 -49.33 -24.26
N GLY GA 46 5.25 -48.90 -25.38
CA GLY GA 46 4.04 -49.47 -25.94
C GLY GA 46 2.81 -48.60 -25.79
N THR GA 47 2.98 -47.30 -25.62
CA THR GA 47 1.87 -46.36 -25.43
C THR GA 47 2.04 -45.16 -26.37
N LYS GA 48 1.32 -44.07 -26.09
CA LYS GA 48 1.05 -43.01 -27.06
C LYS GA 48 2.27 -42.56 -27.86
N HIS GA 49 3.49 -42.78 -27.38
CA HIS GA 49 4.70 -42.45 -28.14
C HIS GA 49 5.37 -43.67 -28.74
N GLY GA 50 4.65 -44.78 -28.88
CA GLY GA 50 5.17 -45.94 -29.58
C GLY GA 50 5.97 -46.87 -28.68
N ASN GA 51 6.66 -47.80 -29.34
CA ASN GA 51 7.47 -48.81 -28.68
C ASN GA 51 8.89 -48.73 -29.21
N LYS GA 52 9.85 -48.48 -28.30
CA LYS GA 52 11.24 -48.36 -28.72
C LYS GA 52 11.83 -49.71 -29.11
N GLY GA 53 11.30 -50.80 -28.55
CA GLY GA 53 11.77 -52.12 -28.95
C GLY GA 53 11.44 -52.44 -30.39
N TRP GA 54 10.26 -52.04 -30.85
CA TRP GA 54 9.89 -52.22 -32.25
C TRP GA 54 10.81 -51.43 -33.16
N GLU GA 55 11.10 -50.17 -32.79
CA GLU GA 55 11.92 -49.31 -33.65
C GLU GA 55 13.33 -49.85 -33.76
N ALA GA 56 13.91 -50.34 -32.67
CA ALA GA 56 15.28 -50.86 -32.72
C ALA GA 56 15.37 -52.08 -33.63
N ALA GA 57 14.37 -52.96 -33.59
CA ALA GA 57 14.39 -54.13 -34.46
C ALA GA 57 14.30 -53.73 -35.93
N LEU GA 58 13.50 -52.71 -36.24
CA LEU GA 58 13.36 -52.28 -37.64
C LEU GA 58 14.68 -51.74 -38.16
N SER GA 59 15.42 -51.01 -37.33
CA SER GA 59 16.73 -50.51 -37.75
C SER GA 59 17.70 -51.64 -38.01
N ALA GA 60 17.66 -52.69 -37.19
CA ALA GA 60 18.57 -53.82 -37.37
C ALA GA 60 18.32 -54.52 -38.69
N ILE GA 61 17.05 -54.70 -39.07
CA ILE GA 61 16.74 -55.38 -40.32
C ILE GA 61 17.29 -54.61 -41.51
N GLU GA 62 17.11 -53.29 -41.50
CA GLU GA 62 17.60 -52.48 -42.61
C GLU GA 62 19.11 -52.54 -42.71
N MET GA 63 19.81 -52.41 -41.57
CA MET GA 63 21.27 -52.40 -41.59
C MET GA 63 21.82 -53.74 -42.08
N ALA GA 64 21.18 -54.84 -41.70
CA ALA GA 64 21.65 -56.15 -42.15
C ALA GA 64 21.55 -56.29 -43.65
N ASN GA 65 20.47 -55.80 -44.25
CA ASN GA 65 20.32 -55.86 -45.70
C ASN GA 65 21.31 -54.91 -46.39
N LEU GA 66 21.56 -53.75 -45.79
CA LEU GA 66 22.49 -52.80 -46.40
C LEU GA 66 23.89 -53.37 -46.47
N PHE GA 67 24.35 -54.01 -45.38
CA PHE GA 67 25.70 -54.56 -45.37
C PHE GA 67 25.83 -55.71 -46.35
N LYS GA 68 24.75 -56.49 -46.53
CA LYS GA 68 24.74 -57.57 -47.55
C LYS GA 68 24.95 -56.91 -48.92
N SER GA 69 24.39 -55.71 -49.16
CA SER GA 69 24.48 -55.06 -50.46
C SER GA 69 25.86 -54.44 -50.71
N LEU GA 70 26.45 -53.83 -49.68
CA LEU GA 70 27.77 -53.20 -49.85
C LEU GA 70 28.82 -54.24 -50.20
N ARG GA 71 28.78 -55.40 -49.55
CA ARG GA 71 29.79 -56.43 -49.75
C ARG GA 71 29.53 -57.29 -50.98
N GLY GA 72 28.44 -57.05 -51.71
CA GLY GA 72 28.14 -57.74 -52.94
C GLY GA 72 28.74 -57.03 -54.14
N THR GA 73 28.18 -57.33 -55.31
CA THR GA 73 28.67 -56.74 -56.54
C THR GA 73 28.37 -55.25 -56.62
N GLY GA 74 27.21 -54.83 -56.11
CA GLY GA 74 26.82 -53.43 -56.20
C GLY GA 74 26.12 -53.09 -57.50
N GLY GA 75 26.77 -53.41 -58.62
CA GLY GA 75 26.15 -53.17 -59.91
C GLY GA 75 26.10 -51.69 -60.28
N SER GA 76 25.20 -51.40 -61.22
CA SER GA 76 24.99 -50.04 -61.73
C SER GA 76 26.24 -49.52 -62.44
N GLY GA 77 26.10 -48.43 -63.18
CA GLY GA 77 27.22 -47.86 -63.88
C GLY GA 77 26.78 -46.63 -64.66
N SER GA 78 27.77 -45.80 -64.97
CA SER GA 78 27.55 -44.55 -65.71
C SER GA 78 26.60 -43.61 -64.99
N SER GA 79 26.43 -43.78 -63.69
CA SER GA 79 25.51 -42.95 -62.91
C SER GA 79 25.87 -43.06 -61.44
N MET GA 80 25.27 -42.21 -60.63
CA MET GA 80 25.54 -42.19 -59.20
C MET GA 80 25.09 -43.50 -58.56
N GLU GA 81 26.00 -44.14 -57.83
CA GLU GA 81 25.67 -45.36 -57.12
C GLU GA 81 24.96 -45.03 -55.81
N ILE GA 82 23.84 -45.72 -55.56
CA ILE GA 82 23.06 -45.53 -54.35
C ILE GA 82 22.88 -46.89 -53.68
N TYR GA 83 23.19 -46.95 -52.39
CA TYR GA 83 23.06 -48.16 -51.59
C TYR GA 83 21.98 -47.95 -50.53
N GLU GA 84 21.06 -48.91 -50.43
CA GLU GA 84 19.99 -48.85 -49.44
C GLU GA 84 19.56 -50.26 -49.09
N GLY GA 85 18.89 -50.38 -47.94
CA GLY GA 85 18.47 -51.67 -47.42
C GLY GA 85 16.97 -51.85 -47.46
N LYS GA 86 16.54 -53.06 -47.81
CA LYS GA 86 15.11 -53.41 -47.86
C LYS GA 86 14.65 -53.63 -46.43
N LEU GA 87 13.37 -53.93 -46.24
CA LEU GA 87 12.77 -54.26 -44.95
C LEU GA 87 12.16 -55.67 -44.96
N THR GA 88 12.86 -56.62 -45.55
CA THR GA 88 12.49 -58.02 -45.52
C THR GA 88 13.46 -58.78 -44.63
N ALA GA 89 12.92 -59.59 -43.71
CA ALA GA 89 13.72 -60.29 -42.72
C ALA GA 89 13.93 -61.77 -43.05
N GLU GA 90 13.55 -62.21 -44.24
CA GLU GA 90 13.68 -63.62 -44.59
C GLU GA 90 15.15 -64.03 -44.65
N GLY GA 91 15.51 -65.05 -43.88
CA GLY GA 91 16.85 -65.60 -43.90
C GLY GA 91 17.83 -64.97 -42.93
N LEU GA 92 17.44 -63.94 -42.19
CA LEU GA 92 18.35 -63.25 -41.28
C LEU GA 92 18.27 -63.85 -39.88
N ARG GA 93 19.36 -63.69 -39.13
CA ARG GA 93 19.49 -64.22 -37.78
C ARG GA 93 19.87 -63.09 -36.84
N PHE GA 94 19.18 -63.00 -35.70
CA PHE GA 94 19.28 -61.86 -34.80
C PHE GA 94 19.57 -62.30 -33.38
N GLY GA 95 20.31 -61.48 -32.65
CA GLY GA 95 20.51 -61.67 -31.22
C GLY GA 95 19.98 -60.47 -30.44
N ILE GA 96 19.47 -60.75 -29.25
CA ILE GA 96 18.87 -59.73 -28.39
C ILE GA 96 19.48 -59.84 -26.99
N VAL GA 97 19.86 -58.71 -26.42
CA VAL GA 97 20.35 -58.61 -25.05
C VAL GA 97 19.43 -57.68 -24.29
N ALA GA 98 18.86 -58.17 -23.19
CA ALA GA 98 17.88 -57.44 -22.40
C ALA GA 98 18.24 -57.49 -20.92
N SER GA 99 17.98 -56.40 -20.22
CA SER GA 99 18.26 -56.32 -18.78
C SER GA 99 17.00 -56.65 -17.98
N ARG GA 100 17.21 -56.98 -16.69
CA ARG GA 100 16.12 -57.39 -15.82
C ARG GA 100 15.60 -56.27 -14.92
N PHE GA 101 16.32 -55.15 -14.80
CA PHE GA 101 15.84 -54.07 -13.96
C PHE GA 101 14.71 -53.31 -14.65
N ASN GA 102 13.70 -52.92 -13.88
CA ASN GA 102 12.46 -52.36 -14.42
C ASN GA 102 11.82 -53.34 -15.40
N HIS GA 103 11.68 -54.60 -14.98
CA HIS GA 103 11.22 -55.64 -15.90
C HIS GA 103 9.77 -55.42 -16.32
N ALA GA 104 8.99 -54.67 -15.54
CA ALA GA 104 7.62 -54.39 -15.93
C ALA GA 104 7.55 -53.65 -17.26
N LEU GA 105 8.58 -52.87 -17.58
CA LEU GA 105 8.65 -52.13 -18.84
C LEU GA 105 9.49 -52.87 -19.88
N VAL GA 106 10.56 -53.53 -19.45
CA VAL GA 106 11.48 -54.16 -20.39
C VAL GA 106 10.78 -55.27 -21.16
N ASP GA 107 9.95 -56.06 -20.49
CA ASP GA 107 9.27 -57.16 -21.17
C ASP GA 107 8.31 -56.66 -22.24
N ARG GA 108 7.82 -55.43 -22.15
CA ARG GA 108 7.04 -54.87 -23.24
C ARG GA 108 7.92 -54.58 -24.45
N LEU GA 109 9.15 -54.14 -24.23
CA LEU GA 109 10.05 -53.83 -25.35
C LEU GA 109 10.50 -55.10 -26.06
N VAL GA 110 10.74 -56.18 -25.30
CA VAL GA 110 11.17 -57.43 -25.92
C VAL GA 110 10.06 -58.01 -26.78
N GLU GA 111 8.81 -57.88 -26.33
CA GLU GA 111 7.67 -58.37 -27.13
C GLU GA 111 7.60 -57.64 -28.46
N GLY GA 112 7.80 -56.32 -28.44
CA GLY GA 112 7.75 -55.56 -29.68
C GLY GA 112 8.83 -55.97 -30.67
N ALA GA 113 10.04 -56.20 -30.17
CA ALA GA 113 11.14 -56.58 -31.07
C ALA GA 113 10.86 -57.91 -31.74
N ILE GA 114 10.34 -58.88 -31.00
CA ILE GA 114 10.03 -60.18 -31.59
C ILE GA 114 8.88 -60.07 -32.58
N ASP GA 115 7.87 -59.25 -32.27
CA ASP GA 115 6.74 -59.09 -33.16
C ASP GA 115 7.18 -58.49 -34.49
N CYS GA 116 8.08 -57.51 -34.46
CA CYS GA 116 8.54 -56.88 -35.69
C CYS GA 116 9.23 -57.88 -36.60
N ILE GA 117 10.11 -58.71 -36.03
CA ILE GA 117 10.90 -59.65 -36.84
C ILE GA 117 10.00 -60.67 -37.49
N VAL GA 118 9.01 -61.19 -36.76
CA VAL GA 118 8.20 -62.30 -37.27
C VAL GA 118 7.29 -61.82 -38.40
N ARG GA 119 6.67 -60.65 -38.24
CA ARG GA 119 5.72 -60.19 -39.25
C ARG GA 119 6.38 -59.61 -40.48
N HIS GA 120 7.68 -59.35 -40.44
CA HIS GA 120 8.44 -58.97 -41.63
C HIS GA 120 9.06 -60.17 -42.35
N GLY GA 121 8.79 -61.40 -41.88
CA GLY GA 121 9.22 -62.59 -42.57
C GLY GA 121 10.28 -63.43 -41.88
N GLY GA 122 10.62 -63.11 -40.63
CA GLY GA 122 11.61 -63.90 -39.91
C GLY GA 122 11.01 -65.06 -39.16
N ARG GA 123 11.89 -65.89 -38.61
CA ARG GA 123 11.51 -67.06 -37.82
C ARG GA 123 11.97 -66.87 -36.38
N GLU GA 124 11.14 -67.35 -35.44
CA GLU GA 124 11.53 -67.33 -34.03
C GLU GA 124 12.72 -68.24 -33.78
N GLU GA 125 12.90 -69.28 -34.61
CA GLU GA 125 14.04 -70.18 -34.45
C GLU GA 125 15.36 -69.49 -34.68
N ASP GA 126 15.36 -68.34 -35.36
CA ASP GA 126 16.59 -67.62 -35.70
C ASP GA 126 16.90 -66.49 -34.71
N ILE GA 127 16.22 -66.44 -33.57
CA ILE GA 127 16.41 -65.40 -32.57
C ILE GA 127 17.06 -66.01 -31.34
N THR GA 128 18.14 -65.39 -30.87
CA THR GA 128 18.82 -65.78 -29.65
C THR GA 128 18.66 -64.66 -28.63
N LEU GA 129 18.16 -65.00 -27.45
CA LEU GA 129 17.85 -64.02 -26.40
C LEU GA 129 18.74 -64.29 -25.19
N VAL GA 130 19.44 -63.26 -24.73
CA VAL GA 130 20.31 -63.33 -23.57
C VAL GA 130 19.85 -62.27 -22.56
N ARG GA 131 19.73 -62.66 -21.30
CA ARG GA 131 19.26 -61.77 -20.24
C ARG GA 131 20.40 -61.51 -19.25
N VAL GA 132 20.53 -60.26 -18.83
CA VAL GA 132 21.58 -59.84 -17.90
C VAL GA 132 20.94 -59.10 -16.72
N PRO GA 133 21.60 -59.04 -15.56
CA PRO GA 133 20.95 -58.44 -14.39
C PRO GA 133 20.74 -56.93 -14.49
N GLY GA 134 21.51 -56.21 -15.30
CA GLY GA 134 21.37 -54.77 -15.35
C GLY GA 134 21.95 -54.19 -16.61
N SER GA 135 21.71 -52.89 -16.80
CA SER GA 135 22.20 -52.21 -17.99
C SER GA 135 23.72 -52.15 -18.05
N TRP GA 136 24.37 -52.11 -16.89
CA TRP GA 136 25.84 -52.06 -16.85
C TRP GA 136 26.46 -53.29 -17.51
N GLU GA 137 25.77 -54.43 -17.45
CA GLU GA 137 26.31 -55.68 -18.00
C GLU GA 137 25.95 -55.90 -19.46
N ILE GA 138 25.20 -54.99 -20.09
CA ILE GA 138 24.82 -55.18 -21.50
C ILE GA 138 26.04 -55.21 -22.42
N PRO GA 139 26.98 -54.25 -22.35
CA PRO GA 139 28.06 -54.25 -23.34
C PRO GA 139 28.92 -55.50 -23.35
N VAL GA 140 29.22 -56.08 -22.19
CA VAL GA 140 30.06 -57.27 -22.17
C VAL GA 140 29.30 -58.47 -22.72
N ALA GA 141 28.01 -58.57 -22.43
CA ALA GA 141 27.21 -59.66 -22.99
C ALA GA 141 27.03 -59.49 -24.50
N ALA GA 142 26.82 -58.25 -24.96
CA ALA GA 142 26.68 -58.01 -26.39
C ALA GA 142 27.94 -58.40 -27.14
N GLY GA 143 29.11 -58.27 -26.49
CA GLY GA 143 30.36 -58.64 -27.13
C GLY GA 143 30.49 -60.12 -27.44
N GLU GA 144 29.83 -60.97 -26.64
CA GLU GA 144 29.90 -62.40 -26.90
C GLU GA 144 29.03 -62.79 -28.10
N LEU GA 145 27.84 -62.19 -28.23
CA LEU GA 145 26.98 -62.49 -29.36
C LEU GA 145 27.56 -61.94 -30.66
N ALA GA 146 28.11 -60.73 -30.63
CA ALA GA 146 28.58 -60.09 -31.85
C ALA GA 146 29.74 -60.86 -32.48
N ARG GA 147 30.46 -61.65 -31.68
CA ARG GA 147 31.60 -62.41 -32.21
C ARG GA 147 31.20 -63.73 -32.83
N LYS GA 148 29.94 -64.14 -32.72
CA LYS GA 148 29.48 -65.36 -33.37
C LYS GA 148 29.33 -65.13 -34.87
N GLU GA 149 29.70 -66.15 -35.65
CA GLU GA 149 29.72 -65.99 -37.10
C GLU GA 149 28.31 -66.01 -37.70
N ASP GA 150 27.36 -66.64 -37.03
CA ASP GA 150 26.02 -66.82 -37.56
C ASP GA 150 25.02 -65.80 -36.99
N ILE GA 151 25.49 -64.65 -36.55
CA ILE GA 151 24.64 -63.56 -36.08
C ILE GA 151 24.85 -62.38 -37.02
N ASP GA 152 23.74 -61.83 -37.51
CA ASP GA 152 23.80 -60.71 -38.46
C ASP GA 152 23.72 -59.35 -37.77
N ALA GA 153 22.97 -59.23 -36.69
CA ALA GA 153 22.84 -57.96 -35.98
C ALA GA 153 22.42 -58.24 -34.55
N VAL GA 154 22.67 -57.27 -33.67
CA VAL GA 154 22.38 -57.38 -32.24
C VAL GA 154 21.50 -56.21 -31.84
N ILE GA 155 20.53 -56.47 -30.96
CA ILE GA 155 19.59 -55.48 -30.46
C ILE GA 155 19.76 -55.39 -28.96
N ALA GA 156 19.98 -54.19 -28.44
CA ALA GA 156 20.17 -53.93 -27.02
C ALA GA 156 18.96 -53.20 -26.46
N ILE GA 157 18.42 -53.71 -25.35
CA ILE GA 157 17.19 -53.21 -24.75
C ILE GA 157 17.42 -52.98 -23.26
N GLY GA 158 16.93 -51.85 -22.76
CA GLY GA 158 17.02 -51.54 -21.34
C GLY GA 158 16.23 -50.28 -21.03
N VAL GA 159 16.04 -50.04 -19.74
CA VAL GA 159 15.30 -48.88 -19.25
C VAL GA 159 16.08 -48.26 -18.09
N LEU GA 160 16.35 -46.96 -18.20
CA LEU GA 160 16.97 -46.19 -17.12
C LEU GA 160 16.11 -44.98 -16.81
N ILE GA 161 15.85 -44.75 -15.52
CA ILE GA 161 15.02 -43.65 -15.06
C ILE GA 161 15.81 -42.86 -14.03
N ARG GA 162 15.86 -41.54 -14.22
CA ARG GA 162 16.62 -40.66 -13.34
C ARG GA 162 15.96 -40.60 -11.96
N THR HA 3 32.75 -28.91 -4.95
CA THR HA 3 33.85 -28.60 -5.84
C THR HA 3 33.85 -29.56 -7.04
N PRO HA 4 34.41 -29.14 -8.17
CA PRO HA 4 34.43 -30.01 -9.36
C PRO HA 4 35.34 -31.23 -9.22
N HIS HA 5 36.08 -31.35 -8.12
CA HIS HA 5 36.93 -32.51 -7.92
C HIS HA 5 36.13 -33.80 -7.99
N PHE HA 6 34.87 -33.76 -7.52
CA PHE HA 6 34.03 -34.95 -7.50
C PHE HA 6 33.80 -35.50 -8.91
N ASP HA 7 33.55 -34.61 -9.87
CA ASP HA 7 33.14 -35.06 -11.20
C ASP HA 7 34.25 -35.81 -11.92
N TYR HA 8 35.48 -35.29 -11.86
CA TYR HA 8 36.55 -35.89 -12.65
C TYR HA 8 36.94 -37.27 -12.13
N ILE HA 9 36.96 -37.45 -10.81
CA ILE HA 9 37.26 -38.76 -10.25
C ILE HA 9 36.18 -39.77 -10.62
N ALA HA 10 34.92 -39.36 -10.50
CA ALA HA 10 33.82 -40.28 -10.80
C ALA HA 10 33.82 -40.70 -12.26
N SER HA 11 34.12 -39.76 -13.16
CA SER HA 11 34.11 -40.08 -14.59
C SER HA 11 35.20 -41.10 -14.93
N GLU HA 12 36.39 -40.94 -14.34
CA GLU HA 12 37.51 -41.80 -14.70
C GLU HA 12 37.37 -43.20 -14.11
N VAL HA 13 36.82 -43.31 -12.90
CA VAL HA 13 36.66 -44.63 -12.29
C VAL HA 13 35.65 -45.45 -13.07
N SER HA 14 34.50 -44.86 -13.41
CA SER HA 14 33.50 -45.59 -14.17
C SER HA 14 34.00 -45.96 -15.56
N LYS HA 15 34.69 -45.03 -16.23
CA LYS HA 15 35.20 -45.31 -17.56
C LYS HA 15 36.26 -46.39 -17.54
N GLY HA 16 37.15 -46.36 -16.54
CA GLY HA 16 38.22 -47.35 -16.47
C GLY HA 16 37.69 -48.77 -16.32
N LEU HA 17 36.72 -48.96 -15.42
CA LEU HA 17 36.20 -50.29 -15.18
C LEU HA 17 35.46 -50.82 -16.40
N ALA HA 18 34.72 -49.95 -17.10
CA ALA HA 18 33.96 -50.39 -18.26
C ALA HA 18 34.87 -50.89 -19.37
N ASN HA 19 35.91 -50.11 -19.71
CA ASN HA 19 36.83 -50.52 -20.75
C ASN HA 19 37.56 -51.81 -20.37
N LEU HA 20 37.92 -51.94 -19.09
CA LEU HA 20 38.65 -53.12 -18.64
C LEU HA 20 37.83 -54.39 -18.84
N SER HA 21 36.53 -54.33 -18.58
CA SER HA 21 35.68 -55.51 -18.73
C SER HA 21 35.60 -55.95 -20.18
N LEU HA 22 35.55 -55.01 -21.12
CA LEU HA 22 35.48 -55.36 -22.52
C LEU HA 22 36.81 -55.91 -23.04
N GLU HA 23 37.92 -55.33 -22.57
CA GLU HA 23 39.23 -55.78 -23.05
C GLU HA 23 39.53 -57.21 -22.60
N LEU HA 24 39.28 -57.51 -21.32
CA LEU HA 24 39.54 -58.84 -20.79
C LEU HA 24 38.37 -59.80 -20.97
N ARG HA 25 37.20 -59.30 -21.37
CA ARG HA 25 36.03 -60.14 -21.59
C ARG HA 25 35.67 -60.93 -20.34
N LYS HA 26 35.66 -60.25 -19.20
CA LYS HA 26 35.31 -60.85 -17.92
C LYS HA 26 34.35 -59.92 -17.18
N PRO HA 27 33.40 -60.44 -16.41
CA PRO HA 27 32.44 -59.56 -15.72
C PRO HA 27 33.11 -58.75 -14.60
N ILE HA 28 32.78 -57.46 -14.56
CA ILE HA 28 33.16 -56.57 -13.47
C ILE HA 28 31.94 -55.75 -13.10
N THR HA 29 31.60 -55.74 -11.80
CA THR HA 29 30.38 -55.11 -11.31
C THR HA 29 30.70 -53.79 -10.63
N PHE HA 30 29.79 -52.82 -10.80
CA PHE HA 30 29.99 -51.44 -10.33
C PHE HA 30 29.27 -51.28 -9.00
N GLY HA 31 30.04 -51.33 -7.91
CA GLY HA 31 29.49 -51.18 -6.58
C GLY HA 31 29.92 -49.90 -5.89
N VAL HA 32 30.01 -48.81 -6.64
CA VAL HA 32 30.50 -47.54 -6.11
C VAL HA 32 29.32 -46.59 -5.91
N ILE HA 33 29.20 -46.05 -4.70
CA ILE HA 33 28.16 -45.08 -4.40
C ILE HA 33 28.63 -43.69 -4.84
N THR HA 34 27.73 -42.95 -5.50
CA THR HA 34 27.98 -41.57 -5.92
C THR HA 34 26.83 -40.72 -5.42
N ALA HA 35 27.01 -40.06 -4.28
CA ALA HA 35 25.95 -39.35 -3.60
C ALA HA 35 26.26 -37.85 -3.55
N ASP HA 36 25.19 -37.05 -3.44
CA ASP HA 36 25.34 -35.61 -3.32
C ASP HA 36 25.46 -35.15 -1.88
N THR HA 37 24.97 -35.93 -0.92
CA THR HA 37 24.98 -35.55 0.48
C THR HA 37 25.34 -36.76 1.33
N LEU HA 38 25.78 -36.49 2.56
CA LEU HA 38 26.13 -37.57 3.48
C LEU HA 38 24.90 -38.41 3.81
N GLU HA 39 23.74 -37.78 3.94
CA GLU HA 39 22.53 -38.53 4.27
C GLU HA 39 22.19 -39.54 3.16
N GLN HA 40 22.34 -39.13 1.90
CA GLN HA 40 22.07 -40.05 0.80
C GLN HA 40 23.00 -41.26 0.84
N ALA HA 41 24.23 -41.08 1.31
CA ALA HA 41 25.18 -42.19 1.35
C ALA HA 41 24.82 -43.19 2.44
N ILE HA 42 24.44 -42.70 3.62
CA ILE HA 42 24.06 -43.60 4.71
C ILE HA 42 22.83 -44.40 4.32
N GLU HA 43 21.96 -43.81 3.49
CA GLU HA 43 20.74 -44.50 3.08
C GLU HA 43 21.05 -45.80 2.35
N ARG HA 44 22.11 -45.81 1.53
CA ARG HA 44 22.43 -46.92 0.66
C ARG HA 44 23.53 -47.84 1.21
N ALA HA 45 23.98 -47.61 2.45
CA ALA HA 45 25.08 -48.36 3.04
C ALA HA 45 24.59 -49.31 4.13
N GLY HA 46 23.44 -49.95 3.93
CA GLY HA 46 22.88 -50.86 4.91
C GLY HA 46 21.68 -50.32 5.65
N THR HA 47 20.97 -49.34 5.07
CA THR HA 47 19.81 -48.71 5.70
C THR HA 47 18.66 -48.66 4.71
N LYS HA 48 17.65 -47.82 5.00
CA LYS HA 48 16.32 -47.92 4.39
C LYS HA 48 16.32 -48.13 2.88
N HIS HA 49 17.40 -47.79 2.16
CA HIS HA 49 17.48 -48.04 0.73
C HIS HA 49 18.39 -49.22 0.39
N GLY HA 50 18.66 -50.09 1.35
CA GLY HA 50 19.39 -51.32 1.09
C GLY HA 50 20.90 -51.15 1.16
N ASN HA 51 21.60 -52.16 0.68
CA ASN HA 51 23.05 -52.23 0.70
C ASN HA 51 23.55 -52.44 -0.73
N LYS HA 52 24.35 -51.49 -1.23
CA LYS HA 52 24.85 -51.61 -2.59
C LYS HA 52 25.90 -52.70 -2.72
N GLY HA 53 26.61 -53.02 -1.63
CA GLY HA 53 27.56 -54.11 -1.67
C GLY HA 53 26.90 -55.45 -1.89
N TRP HA 54 25.73 -55.66 -1.26
CA TRP HA 54 24.98 -56.90 -1.47
C TRP HA 54 24.53 -57.01 -2.93
N GLU HA 55 24.03 -55.90 -3.49
CA GLU HA 55 23.51 -55.93 -4.86
C GLU HA 55 24.61 -56.24 -5.87
N ALA HA 56 25.79 -55.65 -5.68
CA ALA HA 56 26.88 -55.88 -6.61
C ALA HA 56 27.32 -57.34 -6.61
N ALA HA 57 27.35 -57.97 -5.43
CA ALA HA 57 27.72 -59.37 -5.36
C ALA HA 57 26.71 -60.26 -6.05
N LEU HA 58 25.41 -59.93 -5.92
CA LEU HA 58 24.39 -60.74 -6.56
C LEU HA 58 24.51 -60.67 -8.08
N SER HA 59 24.84 -59.50 -8.63
CA SER HA 59 25.04 -59.38 -10.06
C SER HA 59 26.22 -60.21 -10.53
N ALA HA 60 27.30 -60.25 -9.75
CA ALA HA 60 28.48 -61.01 -10.13
C ALA HA 60 28.18 -62.50 -10.22
N ILE HA 61 27.40 -63.02 -9.26
CA ILE HA 61 27.07 -64.45 -9.26
C ILE HA 61 26.30 -64.82 -10.52
N GLU HA 62 25.31 -64.00 -10.88
CA GLU HA 62 24.50 -64.29 -12.06
C GLU HA 62 25.36 -64.25 -13.32
N MET HA 63 26.21 -63.23 -13.46
CA MET HA 63 27.02 -63.11 -14.66
C MET HA 63 27.99 -64.28 -14.81
N ALA HA 64 28.55 -64.74 -13.70
CA ALA HA 64 29.48 -65.87 -13.76
C ALA HA 64 28.78 -67.12 -14.27
N ASN HA 65 27.56 -67.38 -13.81
CA ASN HA 65 26.82 -68.54 -14.29
C ASN HA 65 26.41 -68.38 -15.75
N LEU HA 66 26.05 -67.16 -16.16
CA LEU HA 66 25.65 -66.93 -17.54
C LEU HA 66 26.79 -67.22 -18.49
N PHE HA 67 27.99 -66.74 -18.17
CA PHE HA 67 29.14 -66.96 -19.06
C PHE HA 67 29.52 -68.43 -19.13
N LYS HA 68 29.34 -69.16 -18.03
CA LYS HA 68 29.56 -70.62 -18.03
C LYS HA 68 28.57 -71.23 -19.03
N SER HA 69 27.34 -70.71 -19.14
CA SER HA 69 26.34 -71.29 -20.00
C SER HA 69 26.58 -70.96 -21.48
N LEU HA 70 27.00 -69.73 -21.77
CA LEU HA 70 27.24 -69.34 -23.15
C LEU HA 70 28.36 -70.16 -23.77
N ARG HA 71 29.42 -70.41 -23.02
CA ARG HA 71 30.59 -71.11 -23.53
C ARG HA 71 30.43 -72.63 -23.50
N GLY HA 72 29.30 -73.13 -23.01
CA GLY HA 72 29.00 -74.55 -23.01
C GLY HA 72 28.29 -74.96 -24.28
N THR HA 73 27.60 -76.10 -24.20
CA THR HA 73 26.90 -76.63 -25.36
C THR HA 73 25.68 -75.79 -25.71
N GLY HA 74 24.99 -75.24 -24.72
CA GLY HA 74 23.79 -74.45 -24.97
C GLY HA 74 22.54 -75.31 -25.08
N GLY HA 75 22.58 -76.31 -25.96
CA GLY HA 75 21.45 -77.21 -26.08
C GLY HA 75 20.25 -76.57 -26.77
N SER HA 76 19.09 -77.17 -26.54
CA SER HA 76 17.82 -76.73 -27.12
C SER HA 76 17.84 -76.83 -28.64
N GLY HA 77 16.67 -76.72 -29.24
CA GLY HA 77 16.57 -76.79 -30.70
C GLY HA 77 15.14 -76.65 -31.14
N SER HA 78 14.97 -76.26 -32.40
CA SER HA 78 13.66 -76.07 -33.02
C SER HA 78 12.84 -75.01 -32.30
N SER HA 79 13.48 -74.13 -31.54
CA SER HA 79 12.79 -73.10 -30.79
C SER HA 79 13.78 -72.01 -30.43
N MET HA 80 13.25 -70.90 -29.92
CA MET HA 80 14.08 -69.77 -29.54
C MET HA 80 15.02 -70.14 -28.40
N GLU HA 81 16.32 -69.90 -28.59
CA GLU HA 81 17.30 -70.17 -27.55
C GLU HA 81 17.31 -69.02 -26.54
N ILE HA 82 17.25 -69.37 -25.25
CA ILE HA 82 17.27 -68.39 -24.16
C ILE HA 82 18.40 -68.76 -23.22
N TYR HA 83 19.24 -67.77 -22.90
CA TYR HA 83 20.36 -67.93 -21.99
C TYR HA 83 20.13 -67.09 -20.74
N GLU HA 84 20.30 -67.71 -19.58
CA GLU HA 84 20.13 -67.02 -18.31
C GLU HA 84 21.00 -67.68 -17.26
N GLY HA 85 21.26 -66.94 -16.18
CA GLY HA 85 22.14 -67.38 -15.12
C GLY HA 85 21.38 -67.67 -13.83
N LYS HA 86 21.80 -68.75 -13.16
CA LYS HA 86 21.20 -69.14 -11.87
C LYS HA 86 21.78 -68.23 -10.80
N LEU HA 87 21.34 -68.40 -9.56
CA LEU HA 87 21.84 -67.67 -8.39
C LEU HA 87 22.44 -68.62 -7.35
N THR HA 88 23.19 -69.62 -7.81
CA THR HA 88 23.93 -70.51 -6.93
C THR HA 88 25.42 -70.22 -7.07
N ALA HA 89 26.10 -70.07 -5.93
CA ALA HA 89 27.50 -69.68 -5.90
C ALA HA 89 28.45 -70.84 -5.64
N GLU HA 90 27.96 -72.08 -5.65
CA GLU HA 90 28.81 -73.23 -5.35
C GLU HA 90 29.88 -73.39 -6.43
N GLY HA 91 31.14 -73.41 -6.01
CA GLY HA 91 32.25 -73.64 -6.91
C GLY HA 91 32.86 -72.41 -7.54
N LEU HA 92 32.30 -71.23 -7.32
CA LEU HA 92 32.79 -70.01 -7.93
C LEU HA 92 33.82 -69.32 -7.05
N ARG HA 93 34.69 -68.54 -7.69
CA ARG HA 93 35.77 -67.82 -7.03
C ARG HA 93 35.69 -66.35 -7.39
N PHE HA 94 35.77 -65.48 -6.37
CA PHE HA 94 35.50 -64.06 -6.52
C PHE HA 94 36.65 -63.22 -5.99
N GLY HA 95 36.87 -62.07 -6.60
CA GLY HA 95 37.80 -61.07 -6.10
C GLY HA 95 37.08 -59.77 -5.79
N ILE HA 96 37.54 -59.07 -4.75
CA ILE HA 96 36.94 -57.82 -4.30
C ILE HA 96 38.03 -56.77 -4.17
N VAL HA 97 37.76 -55.57 -4.69
CA VAL HA 97 38.64 -54.41 -4.55
C VAL HA 97 37.86 -53.32 -3.83
N ALA HA 98 38.41 -52.84 -2.71
CA ALA HA 98 37.73 -51.86 -1.86
C ALA HA 98 38.69 -50.73 -1.51
N SER HA 99 38.15 -49.52 -1.42
CA SER HA 99 38.94 -48.34 -1.08
C SER HA 99 38.84 -48.05 0.41
N ARG HA 100 39.80 -47.26 0.91
CA ARG HA 100 39.89 -46.94 2.33
C ARG HA 100 39.27 -45.60 2.70
N PHE HA 101 38.98 -44.73 1.74
CA PHE HA 101 38.39 -43.44 2.06
C PHE HA 101 36.92 -43.60 2.41
N ASN HA 102 36.46 -42.86 3.40
CA ASN HA 102 35.12 -43.04 3.97
C ASN HA 102 34.95 -44.47 4.47
N HIS HA 103 35.91 -44.96 5.24
CA HIS HA 103 35.91 -46.37 5.64
C HIS HA 103 34.74 -46.68 6.57
N ALA HA 104 34.17 -45.68 7.24
CA ALA HA 104 33.03 -45.94 8.10
C ALA HA 104 31.86 -46.50 7.31
N LEU HA 105 31.76 -46.15 6.03
CA LEU HA 105 30.69 -46.65 5.16
C LEU HA 105 31.16 -47.84 4.32
N VAL HA 106 32.41 -47.82 3.86
CA VAL HA 106 32.90 -48.86 2.96
C VAL HA 106 32.87 -50.22 3.63
N ASP HA 107 33.26 -50.28 4.92
CA ASP HA 107 33.28 -51.56 5.61
C ASP HA 107 31.89 -52.17 5.75
N ARG HA 108 30.84 -51.35 5.71
CA ARG HA 108 29.49 -51.92 5.68
C ARG HA 108 29.20 -52.58 4.34
N LEU HA 109 29.72 -52.02 3.25
CA LEU HA 109 29.47 -52.59 1.93
C LEU HA 109 30.24 -53.90 1.75
N VAL HA 110 31.46 -53.98 2.29
CA VAL HA 110 32.24 -55.21 2.15
C VAL HA 110 31.59 -56.34 2.94
N GLU HA 111 31.02 -56.03 4.10
CA GLU HA 111 30.32 -57.06 4.88
C GLU HA 111 29.15 -57.62 4.09
N GLY HA 112 28.39 -56.76 3.42
CA GLY HA 112 27.25 -57.23 2.65
C GLY HA 112 27.66 -58.15 1.51
N ALA HA 113 28.74 -57.80 0.81
CA ALA HA 113 29.18 -58.62 -0.31
C ALA HA 113 29.59 -60.02 0.14
N ILE HA 114 30.30 -60.11 1.26
CA ILE HA 114 30.71 -61.42 1.77
C ILE HA 114 29.51 -62.21 2.26
N ASP HA 115 28.55 -61.55 2.90
CA ASP HA 115 27.37 -62.23 3.39
C ASP HA 115 26.57 -62.84 2.24
N CYS HA 116 26.44 -62.11 1.13
CA CYS HA 116 25.68 -62.61 -0.01
C CYS HA 116 26.31 -63.88 -0.58
N ILE HA 117 27.64 -63.89 -0.74
CA ILE HA 117 28.31 -65.02 -1.36
C ILE HA 117 28.18 -66.27 -0.50
N VAL HA 118 28.33 -66.12 0.82
CA VAL HA 118 28.36 -67.29 1.70
C VAL HA 118 26.99 -67.94 1.78
N ARG HA 119 25.93 -67.15 1.91
CA ARG HA 119 24.60 -67.71 2.09
C ARG HA 119 23.98 -68.23 0.80
N HIS HA 120 24.57 -67.91 -0.35
CA HIS HA 120 24.17 -68.51 -1.62
C HIS HA 120 24.98 -69.77 -1.96
N GLY HA 121 25.87 -70.20 -1.07
CA GLY HA 121 26.58 -71.45 -1.25
C GLY HA 121 28.06 -71.35 -1.50
N GLY HA 122 28.66 -70.16 -1.37
CA GLY HA 122 30.08 -70.01 -1.58
C GLY HA 122 30.89 -70.22 -0.33
N ARG HA 123 32.22 -70.24 -0.49
CA ARG HA 123 33.15 -70.40 0.60
C ARG HA 123 33.98 -69.14 0.77
N GLU HA 124 34.29 -68.80 2.02
CA GLU HA 124 35.18 -67.67 2.29
C GLU HA 124 36.59 -67.94 1.77
N GLU HA 125 36.98 -69.21 1.68
CA GLU HA 125 38.29 -69.56 1.16
C GLU HA 125 38.47 -69.17 -0.30
N ASP HA 126 37.37 -68.96 -1.02
CA ASP HA 126 37.42 -68.65 -2.45
C ASP HA 126 37.31 -67.15 -2.73
N ILE HA 127 37.46 -66.31 -1.71
CA ILE HA 127 37.33 -64.86 -1.85
C ILE HA 127 38.70 -64.24 -1.63
N THR HA 128 39.12 -63.39 -2.55
CA THR HA 128 40.36 -62.63 -2.45
C THR HA 128 40.01 -61.15 -2.32
N LEU HA 129 40.53 -60.50 -1.29
CA LEU HA 129 40.21 -59.12 -0.97
C LEU HA 129 41.47 -58.27 -1.08
N VAL HA 130 41.39 -57.19 -1.86
CA VAL HA 130 42.48 -56.26 -2.06
C VAL HA 130 42.00 -54.87 -1.67
N ARG HA 131 42.82 -54.15 -0.89
CA ARG HA 131 42.46 -52.82 -0.41
C ARG HA 131 43.40 -51.79 -1.01
N VAL HA 132 42.84 -50.65 -1.43
CA VAL HA 132 43.60 -49.58 -2.07
C VAL HA 132 43.31 -48.27 -1.34
N PRO HA 133 44.21 -47.27 -1.41
CA PRO HA 133 44.00 -46.04 -0.63
C PRO HA 133 42.82 -45.20 -1.07
N GLY HA 134 42.38 -45.29 -2.32
CA GLY HA 134 41.31 -44.43 -2.79
C GLY HA 134 40.64 -44.98 -4.03
N SER HA 135 39.55 -44.32 -4.42
CA SER HA 135 38.78 -44.76 -5.59
C SER HA 135 39.59 -44.62 -6.87
N TRP HA 136 40.48 -43.64 -6.93
CA TRP HA 136 41.29 -43.44 -8.14
C TRP HA 136 42.14 -44.67 -8.44
N GLU HA 137 42.55 -45.42 -7.42
CA GLU HA 137 43.43 -46.56 -7.61
C GLU HA 137 42.66 -47.87 -7.84
N ILE HA 138 41.33 -47.84 -7.85
CA ILE HA 138 40.57 -49.08 -8.05
C ILE HA 138 40.83 -49.69 -9.42
N PRO HA 139 40.75 -48.95 -10.53
CA PRO HA 139 40.88 -49.60 -11.85
C PRO HA 139 42.20 -50.33 -12.06
N VAL HA 140 43.32 -49.76 -11.59
CA VAL HA 140 44.60 -50.42 -11.81
C VAL HA 140 44.72 -51.69 -10.96
N ALA HA 141 44.19 -51.65 -9.74
CA ALA HA 141 44.20 -52.85 -8.90
C ALA HA 141 43.26 -53.91 -9.46
N ALA HA 142 42.09 -53.50 -9.96
CA ALA HA 142 41.16 -54.46 -10.53
C ALA HA 142 41.77 -55.16 -11.75
N GLY HA 143 42.65 -54.48 -12.47
CA GLY HA 143 43.29 -55.08 -13.62
C GLY HA 143 44.21 -56.24 -13.28
N GLU HA 144 44.80 -56.23 -12.08
CA GLU HA 144 45.67 -57.34 -11.69
C GLU HA 144 44.85 -58.58 -11.33
N LEU HA 145 43.72 -58.40 -10.65
CA LEU HA 145 42.90 -59.55 -10.29
C LEU HA 145 42.23 -60.14 -11.53
N ALA HA 146 41.73 -59.30 -12.43
CA ALA HA 146 40.99 -59.79 -13.58
C ALA HA 146 41.86 -60.65 -14.50
N ARG HA 147 43.18 -60.47 -14.46
CA ARG HA 147 44.07 -61.24 -15.31
C ARG HA 147 44.43 -62.60 -14.73
N LYS HA 148 44.06 -62.89 -13.49
CA LYS HA 148 44.30 -64.20 -12.92
C LYS HA 148 43.34 -65.23 -13.52
N GLU HA 149 43.85 -66.44 -13.76
CA GLU HA 149 43.06 -67.45 -14.44
C GLU HA 149 41.99 -68.05 -13.54
N ASP HA 150 42.20 -68.03 -12.22
CA ASP HA 150 41.30 -68.68 -11.27
C ASP HA 150 40.33 -67.70 -10.62
N ILE HA 151 40.04 -66.57 -11.27
CA ILE HA 151 39.06 -65.61 -10.79
C ILE HA 151 37.93 -65.56 -11.81
N ASP HA 152 36.69 -65.70 -11.33
CA ASP HA 152 35.52 -65.71 -12.21
C ASP HA 152 34.89 -64.34 -12.39
N ALA HA 153 34.92 -63.49 -11.36
CA ALA HA 153 34.34 -62.16 -11.44
C ALA HA 153 34.97 -61.28 -10.38
N VAL HA 154 34.89 -59.97 -10.60
CA VAL HA 154 35.48 -58.97 -9.72
C VAL HA 154 34.40 -57.99 -9.28
N ILE HA 155 34.46 -57.58 -8.01
CA ILE HA 155 33.49 -56.65 -7.42
C ILE HA 155 34.26 -55.43 -6.95
N ALA HA 156 33.82 -54.25 -7.39
CA ALA HA 156 34.45 -52.98 -7.05
C ALA HA 156 33.55 -52.21 -6.09
N ILE HA 157 34.12 -51.72 -4.99
CA ILE HA 157 33.38 -51.06 -3.93
C ILE HA 157 34.07 -49.75 -3.57
N GLY HA 158 33.27 -48.70 -3.41
CA GLY HA 158 33.81 -47.41 -3.00
C GLY HA 158 32.66 -46.45 -2.71
N VAL HA 159 33.02 -45.32 -2.11
CA VAL HA 159 32.06 -44.28 -1.73
C VAL HA 159 32.65 -42.93 -2.13
N LEU HA 160 31.88 -42.15 -2.89
CA LEU HA 160 32.22 -40.78 -3.26
C LEU HA 160 31.08 -39.85 -2.89
N ILE HA 161 31.40 -38.75 -2.22
CA ILE HA 161 30.41 -37.77 -1.77
C ILE HA 161 30.82 -36.41 -2.30
N ARG HA 162 29.88 -35.72 -2.93
CA ARG HA 162 30.15 -34.41 -3.52
C ARG HA 162 30.39 -33.38 -2.43
N THR IA 3 35.45 -18.99 -17.75
CA THR IA 3 35.43 -19.39 -19.15
C THR IA 3 35.49 -20.91 -19.27
N PRO IA 4 34.98 -21.46 -20.39
CA PRO IA 4 35.00 -22.92 -20.56
C PRO IA 4 36.39 -23.50 -20.78
N HIS IA 5 37.42 -22.66 -20.88
CA HIS IA 5 38.78 -23.16 -21.04
C HIS IA 5 39.16 -24.10 -19.90
N PHE IA 6 38.66 -23.84 -18.70
CA PHE IA 6 38.99 -24.67 -17.55
C PHE IA 6 38.54 -26.11 -17.74
N ASP IA 7 37.33 -26.31 -18.27
CA ASP IA 7 36.77 -27.65 -18.33
C ASP IA 7 37.56 -28.57 -19.24
N TYR IA 8 37.92 -28.09 -20.43
CA TYR IA 8 38.54 -28.98 -21.42
C TYR IA 8 39.94 -29.40 -20.98
N ILE IA 9 40.71 -28.51 -20.36
CA ILE IA 9 42.03 -28.87 -19.87
C ILE IA 9 41.93 -29.90 -18.76
N ALA IA 10 40.99 -29.67 -17.82
CA ALA IA 10 40.85 -30.58 -16.69
C ALA IA 10 40.42 -31.97 -17.15
N SER IA 11 39.53 -32.04 -18.13
CA SER IA 11 39.05 -33.34 -18.61
C SER IA 11 40.18 -34.15 -19.25
N GLU IA 12 41.03 -33.48 -20.04
CA GLU IA 12 42.06 -34.20 -20.77
C GLU IA 12 43.21 -34.64 -19.87
N VAL IA 13 43.56 -33.83 -18.87
CA VAL IA 13 44.65 -34.21 -17.97
C VAL IA 13 44.26 -35.43 -17.14
N SER IA 14 43.05 -35.42 -16.58
CA SER IA 14 42.60 -36.56 -15.79
C SER IA 14 42.47 -37.81 -16.65
N LYS IA 15 41.91 -37.68 -17.85
CA LYS IA 15 41.73 -38.83 -18.72
C LYS IA 15 43.08 -39.40 -19.17
N GLY IA 16 44.03 -38.53 -19.48
CA GLY IA 16 45.32 -38.99 -19.94
C GLY IA 16 46.06 -39.83 -18.91
N LEU IA 17 46.07 -39.34 -17.66
CA LEU IA 17 46.80 -40.07 -16.61
C LEU IA 17 46.15 -41.41 -16.31
N ALA IA 18 44.81 -41.46 -16.34
CA ALA IA 18 44.11 -42.70 -16.03
C ALA IA 18 44.42 -43.78 -17.06
N ASN IA 19 44.32 -43.45 -18.35
CA ASN IA 19 44.62 -44.43 -19.40
C ASN IA 19 46.07 -44.88 -19.33
N LEU IA 20 46.98 -43.95 -19.03
CA LEU IA 20 48.39 -44.28 -18.98
C LEU IA 20 48.68 -45.31 -17.91
N SER IA 21 48.04 -45.20 -16.75
CA SER IA 21 48.29 -46.14 -15.66
C SER IA 21 47.84 -47.54 -16.04
N LEU IA 22 46.73 -47.67 -16.76
CA LEU IA 22 46.23 -48.98 -17.15
C LEU IA 22 47.11 -49.59 -18.24
N GLU IA 23 47.57 -48.77 -19.18
CA GLU IA 23 48.38 -49.29 -20.28
C GLU IA 23 49.73 -49.82 -19.79
N LEU IA 24 50.41 -49.07 -18.94
CA LEU IA 24 51.71 -49.47 -18.41
C LEU IA 24 51.60 -50.31 -17.15
N ARG IA 25 50.41 -50.41 -16.55
CA ARG IA 25 50.20 -51.24 -15.36
C ARG IA 25 51.15 -50.81 -14.23
N LYS IA 26 51.23 -49.50 -14.01
CA LYS IA 26 52.04 -48.92 -12.95
C LYS IA 26 51.23 -47.87 -12.21
N PRO IA 27 51.43 -47.69 -10.91
CA PRO IA 27 50.64 -46.70 -10.17
C PRO IA 27 51.00 -45.27 -10.57
N ILE IA 28 49.97 -44.45 -10.78
CA ILE IA 28 50.11 -43.01 -10.97
C ILE IA 28 49.06 -42.33 -10.12
N THR IA 29 49.48 -41.36 -9.32
CA THR IA 29 48.62 -40.69 -8.35
C THR IA 29 48.23 -39.31 -8.83
N PHE IA 30 46.99 -38.91 -8.53
CA PHE IA 30 46.41 -37.66 -9.03
C PHE IA 30 46.53 -36.60 -7.95
N GLY IA 31 47.52 -35.72 -8.10
CA GLY IA 31 47.76 -34.66 -7.14
C GLY IA 31 47.47 -33.27 -7.70
N VAL IA 32 46.43 -33.15 -8.51
CA VAL IA 32 46.10 -31.89 -9.19
C VAL IA 32 44.90 -31.26 -8.50
N ILE IA 33 45.05 -30.00 -8.11
CA ILE IA 33 43.96 -29.24 -7.50
C ILE IA 33 43.09 -28.66 -8.60
N THR IA 34 41.77 -28.78 -8.44
CA THR IA 34 40.79 -28.21 -9.35
C THR IA 34 39.79 -27.40 -8.52
N ALA IA 35 40.02 -26.08 -8.44
CA ALA IA 35 39.26 -25.21 -7.57
C ALA IA 35 38.46 -24.21 -8.37
N ASP IA 36 37.37 -23.72 -7.77
CA ASP IA 36 36.54 -22.69 -8.40
C ASP IA 36 37.00 -21.28 -8.06
N THR IA 37 37.71 -21.09 -6.96
CA THR IA 37 38.14 -19.76 -6.52
C THR IA 37 39.57 -19.85 -5.99
N LEU IA 38 40.23 -18.69 -5.94
CA LEU IA 38 41.59 -18.63 -5.42
C LEU IA 38 41.63 -19.03 -3.95
N GLU IA 39 40.61 -18.64 -3.18
CA GLU IA 39 40.58 -18.99 -1.76
C GLU IA 39 40.53 -20.50 -1.56
N GLN IA 40 39.74 -21.20 -2.37
CA GLN IA 40 39.67 -22.65 -2.25
C GLN IA 40 41.02 -23.30 -2.54
N ALA IA 41 41.82 -22.71 -3.42
CA ALA IA 41 43.12 -23.29 -3.75
C ALA IA 41 44.12 -23.12 -2.61
N ILE IA 42 44.15 -21.93 -2.00
CA ILE IA 42 45.06 -21.70 -0.87
C ILE IA 42 44.71 -22.63 0.28
N GLU IA 43 43.44 -22.98 0.42
CA GLU IA 43 43.01 -23.85 1.51
C GLU IA 43 43.70 -25.20 1.45
N ARG IA 44 43.90 -25.73 0.25
CA ARG IA 44 44.42 -27.08 0.05
C ARG IA 44 45.91 -27.12 -0.27
N ALA IA 45 46.61 -25.99 -0.21
CA ALA IA 45 48.02 -25.90 -0.57
C ALA IA 45 48.92 -25.72 0.66
N GLY IA 46 48.60 -26.38 1.77
CA GLY IA 46 49.36 -26.25 2.98
C GLY IA 46 48.67 -25.46 4.07
N THR IA 47 47.35 -25.35 4.03
CA THR IA 47 46.58 -24.58 5.00
C THR IA 47 45.41 -25.42 5.51
N LYS IA 48 44.42 -24.77 6.13
CA LYS IA 48 43.45 -25.41 7.01
C LYS IA 48 42.86 -26.71 6.46
N HIS IA 49 42.89 -26.94 5.15
CA HIS IA 49 42.41 -28.20 4.57
C HIS IA 49 43.56 -29.12 4.14
N GLY IA 50 44.76 -28.90 4.65
CA GLY IA 50 45.86 -29.81 4.41
C GLY IA 50 46.63 -29.50 3.14
N ASN IA 51 47.47 -30.45 2.76
CA ASN IA 51 48.34 -30.34 1.60
C ASN IA 51 48.08 -31.52 0.68
N LYS IA 52 47.66 -31.24 -0.55
CA LYS IA 52 47.36 -32.30 -1.50
C LYS IA 52 48.63 -32.99 -2.00
N GLY IA 53 49.76 -32.29 -1.98
CA GLY IA 53 51.01 -32.92 -2.37
C GLY IA 53 51.43 -34.00 -1.39
N TRP IA 54 51.22 -33.76 -0.09
CA TRP IA 54 51.52 -34.78 0.91
C TRP IA 54 50.63 -36.01 0.71
N GLU IA 55 49.34 -35.79 0.46
CA GLU IA 55 48.41 -36.91 0.33
C GLU IA 55 48.74 -37.77 -0.88
N ALA IA 56 49.09 -37.14 -2.00
CA ALA IA 56 49.41 -37.91 -3.20
C ALA IA 56 50.65 -38.78 -3.00
N ALA IA 57 51.66 -38.27 -2.28
CA ALA IA 57 52.85 -39.07 -2.01
C ALA IA 57 52.53 -40.26 -1.13
N LEU IA 58 51.65 -40.08 -0.14
CA LEU IA 58 51.30 -41.18 0.75
C LEU IA 58 50.60 -42.30 -0.01
N SER IA 59 49.74 -41.94 -0.97
CA SER IA 59 49.07 -42.94 -1.79
C SER IA 59 50.07 -43.72 -2.64
N ALA IA 60 51.07 -43.03 -3.17
CA ALA IA 60 52.07 -43.70 -4.01
C ALA IA 60 52.86 -44.74 -3.22
N ILE IA 61 53.23 -44.41 -1.98
CA ILE IA 61 54.01 -45.33 -1.16
C ILE IA 61 53.20 -46.61 -0.91
N GLU IA 62 51.93 -46.47 -0.57
CA GLU IA 62 51.10 -47.64 -0.29
C GLU IA 62 50.94 -48.51 -1.53
N MET IA 63 50.68 -47.89 -2.68
CA MET IA 63 50.46 -48.66 -3.90
C MET IA 63 51.73 -49.41 -4.31
N ALA IA 64 52.90 -48.79 -4.13
CA ALA IA 64 54.14 -49.46 -4.47
C ALA IA 64 54.34 -50.72 -3.63
N ASN IA 65 54.04 -50.65 -2.34
CA ASN IA 65 54.18 -51.82 -1.48
C ASN IA 65 53.13 -52.88 -1.82
N LEU IA 66 51.92 -52.45 -2.17
CA LEU IA 66 50.87 -53.40 -2.51
C LEU IA 66 51.25 -54.22 -3.75
N PHE IA 67 51.77 -53.55 -4.77
CA PHE IA 67 52.12 -54.25 -6.00
C PHE IA 67 53.28 -55.20 -5.77
N LYS IA 68 54.20 -54.84 -4.88
CA LYS IA 68 55.31 -55.76 -4.51
C LYS IA 68 54.69 -57.00 -3.88
N SER IA 69 53.59 -56.87 -3.11
CA SER IA 69 52.99 -58.00 -2.42
C SER IA 69 52.20 -58.90 -3.37
N LEU IA 70 51.46 -58.30 -4.32
CA LEU IA 70 50.66 -59.10 -5.24
C LEU IA 70 51.55 -59.99 -6.11
N ARG IA 71 52.68 -59.46 -6.57
CA ARG IA 71 53.57 -60.19 -7.46
C ARG IA 71 54.50 -61.14 -6.74
N GLY IA 72 54.45 -61.19 -5.41
CA GLY IA 72 55.23 -62.13 -4.63
C GLY IA 72 54.49 -63.42 -4.41
N THR IA 73 54.91 -64.14 -3.36
CA THR IA 73 54.30 -65.45 -3.07
C THR IA 73 52.88 -65.30 -2.55
N GLY IA 74 52.60 -64.25 -1.78
CA GLY IA 74 51.28 -64.05 -1.20
C GLY IA 74 51.10 -64.80 0.11
N GLY IA 75 51.36 -66.10 0.10
CA GLY IA 75 51.27 -66.88 1.31
C GLY IA 75 49.84 -67.11 1.76
N SER IA 76 49.71 -67.44 3.05
CA SER IA 76 48.42 -67.72 3.67
C SER IA 76 47.76 -68.94 3.06
N GLY IA 77 46.73 -69.46 3.72
CA GLY IA 77 46.03 -70.63 3.22
C GLY IA 77 44.90 -71.01 4.15
N SER IA 78 43.95 -71.76 3.60
CA SER IA 78 42.78 -72.23 4.34
C SER IA 78 41.95 -71.08 4.91
N SER IA 79 42.10 -69.89 4.36
CA SER IA 79 41.37 -68.72 4.86
C SER IA 79 41.37 -67.66 3.78
N MET IA 80 40.58 -66.61 3.99
CA MET IA 80 40.47 -65.53 3.03
C MET IA 80 41.80 -64.79 2.89
N GLU IA 81 42.27 -64.67 1.65
CA GLU IA 81 43.50 -63.93 1.38
C GLU IA 81 43.23 -62.44 1.36
N ILE IA 82 44.04 -61.68 2.07
CA ILE IA 82 43.93 -60.23 2.14
C ILE IA 82 45.27 -59.62 1.75
N TYR IA 83 45.24 -58.67 0.82
CA TYR IA 83 46.42 -57.96 0.34
C TYR IA 83 46.33 -56.50 0.73
N GLU IA 84 47.40 -55.98 1.32
CA GLU IA 84 47.44 -54.58 1.73
C GLU IA 84 48.89 -54.10 1.71
N GLY IA 85 49.05 -52.79 1.67
CA GLY IA 85 50.37 -52.18 1.57
C GLY IA 85 50.75 -51.44 2.84
N LYS IA 86 52.04 -51.56 3.20
CA LYS IA 86 52.58 -50.88 4.38
C LYS IA 86 52.80 -49.43 4.01
N LEU IA 87 53.28 -48.61 4.94
CA LEU IA 87 53.64 -47.22 4.75
C LEU IA 87 55.11 -46.96 5.06
N THR IA 88 55.98 -47.87 4.63
CA THR IA 88 57.42 -47.70 4.74
C THR IA 88 58.01 -47.47 3.35
N ALA IA 89 58.83 -46.44 3.22
CA ALA IA 89 59.37 -46.03 1.93
C ALA IA 89 60.82 -46.47 1.71
N GLU IA 90 61.36 -47.31 2.58
CA GLU IA 90 62.75 -47.73 2.45
C GLU IA 90 62.95 -48.56 1.19
N GLY IA 91 63.88 -48.14 0.34
CA GLY IA 91 64.23 -48.87 -0.86
C GLY IA 91 63.43 -48.51 -2.10
N LEU IA 92 62.43 -47.64 -2.00
CA LEU IA 92 61.59 -47.30 -3.14
C LEU IA 92 62.14 -46.09 -3.88
N ARG IA 93 61.80 -46.00 -5.17
CA ARG IA 93 62.25 -44.94 -6.06
C ARG IA 93 61.03 -44.28 -6.71
N PHE IA 94 60.99 -42.95 -6.68
CA PHE IA 94 59.81 -42.19 -7.07
C PHE IA 94 60.16 -41.14 -8.12
N GLY IA 95 59.21 -40.85 -9.00
CA GLY IA 95 59.30 -39.75 -9.94
C GLY IA 95 58.18 -38.76 -9.72
N ILE IA 96 58.47 -37.48 -9.93
CA ILE IA 96 57.52 -36.39 -9.73
C ILE IA 96 57.48 -35.53 -10.98
N VAL IA 97 56.28 -35.19 -11.43
CA VAL IA 97 56.06 -34.27 -12.55
C VAL IA 97 55.24 -33.10 -12.03
N ALA IA 98 55.76 -31.88 -12.19
CA ALA IA 98 55.14 -30.68 -11.66
C ALA IA 98 55.08 -29.61 -12.74
N SER IA 99 54.01 -28.82 -12.72
CA SER IA 99 53.83 -27.73 -13.68
C SER IA 99 54.30 -26.40 -13.08
N ARG IA 100 54.54 -25.44 -13.97
CA ARG IA 100 55.06 -24.14 -13.58
C ARG IA 100 53.99 -23.06 -13.42
N PHE IA 101 52.79 -23.28 -13.93
CA PHE IA 101 51.75 -22.27 -13.81
C PHE IA 101 51.20 -22.26 -12.40
N ASN IA 102 50.92 -21.05 -11.88
CA ASN IA 102 50.56 -20.86 -10.48
C ASN IA 102 51.66 -21.41 -9.56
N HIS IA 103 52.91 -21.02 -9.85
CA HIS IA 103 54.04 -21.61 -9.13
C HIS IA 103 54.04 -21.21 -7.66
N ALA IA 104 53.38 -20.11 -7.30
CA ALA IA 104 53.32 -19.72 -5.90
C ALA IA 104 52.65 -20.80 -5.05
N LEU IA 105 51.74 -21.57 -5.64
CA LEU IA 105 51.06 -22.66 -4.95
C LEU IA 105 51.72 -24.02 -5.23
N VAL IA 106 52.19 -24.23 -6.45
CA VAL IA 106 52.72 -25.53 -6.83
C VAL IA 106 53.95 -25.88 -6.00
N ASP IA 107 54.82 -24.90 -5.75
CA ASP IA 107 56.03 -25.17 -4.98
C ASP IA 107 55.73 -25.57 -3.55
N ARG IA 108 54.56 -25.19 -3.01
CA ARG IA 108 54.17 -25.71 -1.71
C ARG IA 108 53.80 -27.19 -1.77
N LEU IA 109 53.18 -27.62 -2.87
CA LEU IA 109 52.81 -29.02 -3.01
C LEU IA 109 54.02 -29.90 -3.20
N VAL IA 110 55.02 -29.43 -3.95
CA VAL IA 110 56.22 -30.23 -4.17
C VAL IA 110 57.00 -30.41 -2.87
N GLU IA 111 57.03 -29.37 -2.03
CA GLU IA 111 57.69 -29.50 -0.74
C GLU IA 111 57.04 -30.57 0.13
N GLY IA 112 55.70 -30.61 0.12
CA GLY IA 112 55.01 -31.61 0.91
C GLY IA 112 55.30 -33.03 0.46
N ALA IA 113 55.34 -33.24 -0.86
CA ALA IA 113 55.60 -34.58 -1.38
C ALA IA 113 56.99 -35.08 -0.99
N ILE IA 114 57.99 -34.20 -1.05
CA ILE IA 114 59.34 -34.60 -0.68
C ILE IA 114 59.43 -34.84 0.82
N ASP IA 115 58.75 -34.03 1.62
CA ASP IA 115 58.79 -34.20 3.07
C ASP IA 115 58.19 -35.55 3.47
N CYS IA 116 57.09 -35.94 2.83
CA CYS IA 116 56.45 -37.21 3.16
C CYS IA 116 57.38 -38.39 2.90
N ILE IA 117 58.05 -38.38 1.75
CA ILE IA 117 58.90 -39.51 1.37
C ILE IA 117 60.08 -39.65 2.32
N VAL IA 118 60.69 -38.54 2.70
CA VAL IA 118 61.92 -38.60 3.49
C VAL IA 118 61.63 -39.07 4.91
N ARG IA 119 60.55 -38.59 5.52
CA ARG IA 119 60.27 -38.92 6.91
C ARG IA 119 59.65 -40.30 7.07
N HIS IA 120 59.20 -40.93 5.98
CA HIS IA 120 58.78 -42.32 6.00
C HIS IA 120 59.91 -43.29 5.69
N GLY IA 121 61.13 -42.81 5.51
CA GLY IA 121 62.28 -43.67 5.33
C GLY IA 121 62.93 -43.66 3.96
N GLY IA 122 62.53 -42.75 3.06
CA GLY IA 122 63.12 -42.68 1.75
C GLY IA 122 64.34 -41.77 1.70
N ARG IA 123 65.01 -41.79 0.56
CA ARG IA 123 66.18 -40.95 0.30
C ARG IA 123 65.88 -39.95 -0.80
N GLU IA 124 66.44 -38.74 -0.64
CA GLU IA 124 66.30 -37.74 -1.71
C GLU IA 124 67.03 -38.17 -2.97
N GLU IA 125 68.05 -39.01 -2.84
CA GLU IA 125 68.79 -39.50 -4.01
C GLU IA 125 67.92 -40.36 -4.92
N ASP IA 126 66.81 -40.88 -4.40
CA ASP IA 126 65.93 -41.78 -5.16
C ASP IA 126 64.74 -41.06 -5.76
N ILE IA 127 64.74 -39.73 -5.78
CA ILE IA 127 63.63 -38.93 -6.29
C ILE IA 127 64.10 -38.24 -7.57
N THR IA 128 63.31 -38.38 -8.63
CA THR IA 128 63.55 -37.69 -9.90
C THR IA 128 62.42 -36.70 -10.13
N LEU IA 129 62.78 -35.44 -10.38
CA LEU IA 129 61.83 -34.35 -10.51
C LEU IA 129 61.91 -33.77 -11.92
N VAL IA 130 60.77 -33.70 -12.61
CA VAL IA 130 60.67 -33.16 -13.95
C VAL IA 130 59.65 -32.02 -13.92
N ARG IA 131 60.00 -30.89 -14.54
CA ARG IA 131 59.15 -29.71 -14.57
C ARG IA 131 58.69 -29.44 -15.99
N VAL IA 132 57.42 -29.10 -16.14
CA VAL IA 132 56.81 -28.83 -17.44
C VAL IA 132 56.12 -27.47 -17.41
N PRO IA 133 55.92 -26.81 -18.56
CA PRO IA 133 55.36 -25.45 -18.53
C PRO IA 133 53.91 -25.37 -18.08
N GLY IA 134 53.12 -26.43 -18.21
CA GLY IA 134 51.71 -26.35 -17.86
C GLY IA 134 51.11 -27.71 -17.62
N SER IA 135 49.87 -27.70 -17.15
CA SER IA 135 49.18 -28.94 -16.84
C SER IA 135 48.91 -29.76 -18.09
N TRP IA 136 48.73 -29.10 -19.24
CA TRP IA 136 48.47 -29.83 -20.48
C TRP IA 136 49.62 -30.76 -20.83
N GLU IA 137 50.85 -30.41 -20.45
CA GLU IA 137 52.02 -31.20 -20.80
C GLU IA 137 52.35 -32.28 -19.77
N ILE IA 138 51.58 -32.39 -18.68
CA ILE IA 138 51.88 -33.40 -17.67
C ILE IA 138 51.77 -34.82 -18.23
N PRO IA 139 50.69 -35.21 -18.92
CA PRO IA 139 50.57 -36.62 -19.33
C PRO IA 139 51.70 -37.12 -20.21
N VAL IA 140 52.17 -36.30 -21.16
CA VAL IA 140 53.24 -36.76 -22.04
C VAL IA 140 54.55 -36.89 -21.29
N ALA IA 141 54.82 -35.98 -20.35
CA ALA IA 141 56.04 -36.09 -19.55
C ALA IA 141 55.96 -37.28 -18.60
N ALA IA 142 54.79 -37.52 -18.01
CA ALA IA 142 54.62 -38.66 -17.12
C ALA IA 142 54.85 -39.97 -17.85
N GLY IA 143 54.54 -40.01 -19.15
CA GLY IA 143 54.75 -41.22 -19.93
C GLY IA 143 56.21 -41.60 -20.09
N GLU IA 144 57.12 -40.62 -20.08
CA GLU IA 144 58.53 -40.93 -20.19
C GLU IA 144 59.08 -41.52 -18.89
N LEU IA 145 58.66 -41.00 -17.75
CA LEU IA 145 59.13 -41.53 -16.47
C LEU IA 145 58.56 -42.92 -16.22
N ALA IA 146 57.28 -43.12 -16.52
CA ALA IA 146 56.63 -44.39 -16.20
C ALA IA 146 57.25 -45.56 -16.96
N ARG IA 147 57.89 -45.28 -18.10
CA ARG IA 147 58.51 -46.34 -18.89
C ARG IA 147 59.90 -46.72 -18.42
N LYS IA 148 60.48 -45.98 -17.48
CA LYS IA 148 61.78 -46.37 -16.93
C LYS IA 148 61.63 -47.56 -16.00
N GLU IA 149 62.61 -48.46 -16.06
CA GLU IA 149 62.52 -49.70 -15.30
C GLU IA 149 62.75 -49.48 -13.81
N ASP IA 150 63.50 -48.44 -13.43
CA ASP IA 150 63.88 -48.22 -12.04
C ASP IA 150 63.00 -47.18 -11.35
N ILE IA 151 61.76 -47.00 -11.82
CA ILE IA 151 60.79 -46.11 -11.19
C ILE IA 151 59.63 -46.97 -10.71
N ASP IA 152 59.26 -46.81 -9.44
CA ASP IA 152 58.19 -47.60 -8.85
C ASP IA 152 56.82 -46.92 -8.94
N ALA IA 153 56.77 -45.60 -8.84
CA ALA IA 153 55.51 -44.88 -8.92
C ALA IA 153 55.79 -43.44 -9.35
N VAL IA 154 54.75 -42.80 -9.87
CA VAL IA 154 54.84 -41.42 -10.37
C VAL IA 154 53.79 -40.58 -9.67
N ILE IA 155 54.16 -39.34 -9.35
CA ILE IA 155 53.28 -38.39 -8.67
C ILE IA 155 53.11 -37.17 -9.58
N ALA IA 156 51.87 -36.81 -9.85
CA ALA IA 156 51.53 -35.68 -10.71
C ALA IA 156 50.97 -34.54 -9.87
N ILE IA 157 51.49 -33.34 -10.08
CA ILE IA 157 51.15 -32.17 -9.26
C ILE IA 157 50.83 -31.01 -10.19
N GLY IA 158 49.76 -30.28 -9.88
CA GLY IA 158 49.39 -29.11 -10.64
C GLY IA 158 48.24 -28.39 -9.96
N VAL IA 159 47.98 -27.18 -10.43
CA VAL IA 159 46.92 -26.32 -9.89
C VAL IA 159 46.14 -25.72 -11.05
N LEU IA 160 44.83 -25.88 -11.05
CA LEU IA 160 43.93 -25.26 -12.01
C LEU IA 160 42.83 -24.50 -11.27
N ILE IA 161 42.60 -23.25 -11.69
CA ILE IA 161 41.61 -22.38 -11.07
C ILE IA 161 40.66 -21.89 -12.15
N ARG IA 162 39.36 -22.03 -11.92
CA ARG IA 162 38.35 -21.63 -12.88
C ARG IA 162 38.32 -20.11 -13.03
N THR JA 3 -7.07 -34.72 25.99
CA THR JA 3 -5.98 -35.63 26.28
C THR JA 3 -6.26 -37.00 25.66
N PRO JA 4 -5.20 -37.77 25.39
CA PRO JA 4 -5.40 -39.10 24.78
C PRO JA 4 -6.04 -40.12 25.70
N HIS JA 5 -6.28 -39.77 26.98
CA HIS JA 5 -6.94 -40.69 27.89
C HIS JA 5 -8.29 -41.14 27.35
N PHE JA 6 -8.99 -40.24 26.64
CA PHE JA 6 -10.31 -40.57 26.11
C PHE JA 6 -10.25 -41.74 25.14
N ASP JA 7 -9.24 -41.76 24.25
CA ASP JA 7 -9.22 -42.74 23.18
C ASP JA 7 -9.05 -44.16 23.72
N TYR JA 8 -8.14 -44.37 24.66
CA TYR JA 8 -7.83 -45.73 25.09
C TYR JA 8 -8.99 -46.35 25.86
N ILE JA 9 -9.68 -45.56 26.68
CA ILE JA 9 -10.84 -46.09 27.42
C ILE JA 9 -11.95 -46.46 26.44
N ALA JA 10 -12.22 -45.59 25.47
CA ALA JA 10 -13.29 -45.84 24.52
C ALA JA 10 -13.01 -47.09 23.68
N SER JA 11 -11.76 -47.28 23.27
CA SER JA 11 -11.42 -48.42 22.45
C SER JA 11 -11.63 -49.73 23.21
N GLU JA 12 -11.25 -49.77 24.49
CA GLU JA 12 -11.31 -51.01 25.24
C GLU JA 12 -12.73 -51.37 25.64
N VAL JA 13 -13.57 -50.37 25.95
CA VAL JA 13 -14.94 -50.65 26.33
C VAL JA 13 -15.72 -51.22 25.15
N SER JA 14 -15.58 -50.61 23.97
CA SER JA 14 -16.28 -51.10 22.80
C SER JA 14 -15.78 -52.49 22.41
N LYS JA 15 -14.47 -52.70 22.44
CA LYS JA 15 -13.92 -54.00 22.06
C LYS JA 15 -14.35 -55.08 23.04
N GLY JA 16 -14.36 -54.78 24.34
CA GLY JA 16 -14.72 -55.78 25.32
C GLY JA 16 -16.14 -56.28 25.16
N LEU JA 17 -17.09 -55.36 24.96
CA LEU JA 17 -18.49 -55.75 24.83
C LEU JA 17 -18.71 -56.57 23.57
N ALA JA 18 -18.04 -56.20 22.47
CA ALA JA 18 -18.22 -56.92 21.21
C ALA JA 18 -17.77 -58.36 21.31
N ASN JA 19 -16.56 -58.59 21.85
CA ASN JA 19 -16.06 -59.95 21.99
C ASN JA 19 -16.94 -60.76 22.94
N LEU JA 20 -17.43 -60.12 24.00
CA LEU JA 20 -18.26 -60.84 24.98
C LEU JA 20 -19.54 -61.36 24.35
N SER JA 21 -20.16 -60.57 23.47
CA SER JA 21 -21.41 -60.99 22.84
C SER JA 21 -21.18 -62.21 21.94
N LEU JA 22 -20.06 -62.27 21.24
CA LEU JA 22 -19.78 -63.40 20.37
C LEU JA 22 -19.44 -64.65 21.17
N GLU JA 23 -18.70 -64.49 22.27
CA GLU JA 23 -18.31 -65.65 23.06
C GLU JA 23 -19.50 -66.31 23.72
N LEU JA 24 -20.39 -65.52 24.33
CA LEU JA 24 -21.57 -66.06 24.99
C LEU JA 24 -22.77 -66.22 24.08
N ARG JA 25 -22.70 -65.69 22.86
CA ARG JA 25 -23.77 -65.82 21.87
C ARG JA 25 -25.10 -65.28 22.43
N LYS JA 26 -25.02 -64.09 23.03
CA LYS JA 26 -26.18 -63.41 23.59
C LYS JA 26 -26.15 -61.95 23.17
N PRO JA 27 -27.30 -61.32 22.96
CA PRO JA 27 -27.30 -59.90 22.52
C PRO JA 27 -26.83 -58.97 23.63
N ILE JA 28 -25.95 -58.04 23.25
CA ILE JA 28 -25.53 -56.95 24.13
C ILE JA 28 -25.55 -55.66 23.29
N THR JA 29 -26.22 -54.63 23.81
CA THR JA 29 -26.45 -53.39 23.07
C THR JA 29 -25.52 -52.30 23.59
N PHE JA 30 -25.06 -51.44 22.67
CA PHE JA 30 -24.08 -50.40 22.96
C PHE JA 30 -24.81 -49.08 23.18
N GLY JA 31 -24.98 -48.71 24.44
CA GLY JA 31 -25.65 -47.47 24.79
C GLY JA 31 -24.73 -46.44 25.41
N VAL JA 32 -23.50 -46.35 24.93
CA VAL JA 32 -22.48 -45.46 25.49
C VAL JA 32 -22.31 -44.25 24.58
N ILE JA 33 -22.44 -43.06 25.15
CA ILE JA 33 -22.23 -41.81 24.41
C ILE JA 33 -20.73 -41.52 24.36
N THR JA 34 -20.25 -41.13 23.18
CA THR JA 34 -18.85 -40.72 22.99
C THR JA 34 -18.87 -39.37 22.27
N ALA JA 35 -18.75 -38.29 23.04
CA ALA JA 35 -18.91 -36.94 22.54
C ALA JA 35 -17.60 -36.17 22.65
N ASP JA 36 -17.45 -35.16 21.78
CA ASP JA 36 -16.28 -34.29 21.81
C ASP JA 36 -16.46 -33.09 22.73
N THR JA 37 -17.71 -32.69 23.01
CA THR JA 37 -17.98 -31.52 23.83
C THR JA 37 -19.16 -31.80 24.75
N LEU JA 38 -19.26 -31.01 25.82
CA LEU JA 38 -20.37 -31.17 26.75
C LEU JA 38 -21.71 -30.90 26.07
N GLU JA 39 -21.75 -29.93 25.16
CA GLU JA 39 -23.00 -29.62 24.48
C GLU JA 39 -23.48 -30.80 23.66
N GLN JA 40 -22.58 -31.49 22.97
CA GLN JA 40 -22.96 -32.66 22.19
C GLN JA 40 -23.55 -33.76 23.07
N ALA JA 41 -23.08 -33.87 24.31
CA ALA JA 41 -23.59 -34.91 25.20
C ALA JA 41 -24.99 -34.60 25.69
N ILE JA 42 -25.26 -33.34 26.05
CA ILE JA 42 -26.60 -32.96 26.50
C ILE JA 42 -27.60 -33.16 25.37
N GLU JA 43 -27.16 -33.00 24.12
CA GLU JA 43 -28.06 -33.14 22.98
C GLU JA 43 -28.66 -34.55 22.93
N ARG JA 44 -27.88 -35.57 23.27
CA ARG JA 44 -28.27 -36.96 23.12
C ARG JA 44 -28.76 -37.59 24.42
N ALA JA 45 -28.90 -36.83 25.50
CA ALA JA 45 -29.29 -37.34 26.81
C ALA JA 45 -30.72 -36.94 27.17
N GLY JA 46 -31.64 -36.95 26.22
CA GLY JA 46 -33.01 -36.58 26.46
C GLY JA 46 -33.39 -35.22 25.89
N THR JA 47 -32.67 -34.73 24.89
CA THR JA 47 -32.92 -33.43 24.28
C THR JA 47 -32.96 -33.56 22.76
N LYS JA 48 -32.84 -32.44 22.05
CA LYS JA 48 -33.23 -32.32 20.64
C LYS JA 48 -32.77 -33.47 19.76
N HIS JA 49 -31.74 -34.23 20.14
CA HIS JA 49 -31.31 -35.38 19.36
C HIS JA 49 -31.73 -36.71 20.01
N GLY JA 50 -32.71 -36.69 20.90
CA GLY JA 50 -33.27 -37.91 21.44
C GLY JA 50 -32.51 -38.42 22.66
N ASN JA 51 -32.83 -39.66 23.03
CA ASN JA 51 -32.27 -40.32 24.20
C ASN JA 51 -31.64 -41.63 23.75
N LYS JA 52 -30.33 -41.76 23.98
CA LYS JA 52 -29.63 -42.98 23.58
C LYS JA 52 -30.02 -44.17 24.46
N GLY JA 53 -30.42 -43.92 25.70
CA GLY JA 53 -30.87 -45.01 26.54
C GLY JA 53 -32.15 -45.66 26.03
N TRP JA 54 -33.07 -44.84 25.51
CA TRP JA 54 -34.28 -45.38 24.92
C TRP JA 54 -33.96 -46.24 23.70
N GLU JA 55 -33.05 -45.75 22.85
CA GLU JA 55 -32.74 -46.47 21.61
C GLU JA 55 -32.09 -47.81 21.90
N ALA JA 56 -31.19 -47.86 22.88
CA ALA JA 56 -30.52 -49.12 23.21
C ALA JA 56 -31.50 -50.16 23.72
N ALA JA 57 -32.48 -49.74 24.52
CA ALA JA 57 -33.48 -50.68 25.01
C ALA JA 57 -34.33 -51.23 23.87
N LEU JA 58 -34.69 -50.38 22.90
CA LEU JA 58 -35.51 -50.84 21.79
C LEU JA 58 -34.76 -51.88 20.95
N SER JA 59 -33.46 -51.71 20.78
CA SER JA 59 -32.67 -52.70 20.05
C SER JA 59 -32.64 -54.04 20.79
N ALA JA 60 -32.53 -53.99 22.12
CA ALA JA 60 -32.48 -55.22 22.90
C ALA JA 60 -33.77 -56.02 22.77
N ILE JA 61 -34.92 -55.34 22.79
CA ILE JA 61 -36.20 -56.03 22.69
C ILE JA 61 -36.30 -56.76 21.35
N GLU JA 62 -35.92 -56.10 20.27
CA GLU JA 62 -36.00 -56.71 18.95
C GLU JA 62 -35.09 -57.92 18.86
N MET JA 63 -33.85 -57.80 19.34
CA MET JA 63 -32.89 -58.90 19.24
C MET JA 63 -33.35 -60.10 20.04
N ALA JA 64 -33.95 -59.87 21.22
CA ALA JA 64 -34.44 -60.99 22.02
C ALA JA 64 -35.53 -61.75 21.29
N ASN JA 65 -36.44 -61.06 20.63
CA ASN JA 65 -37.50 -61.74 19.89
C ASN JA 65 -36.93 -62.46 18.66
N LEU JA 66 -35.93 -61.86 18.01
CA LEU JA 66 -35.34 -62.49 16.83
C LEU JA 66 -34.68 -63.82 17.19
N PHE JA 67 -33.92 -63.85 18.28
CA PHE JA 67 -33.24 -65.06 18.67
C PHE JA 67 -34.23 -66.14 19.08
N LYS JA 68 -35.35 -65.75 19.69
CA LYS JA 68 -36.43 -66.71 20.02
C LYS JA 68 -36.92 -67.33 18.70
N SER JA 69 -36.98 -66.54 17.61
CA SER JA 69 -37.52 -67.04 16.35
C SER JA 69 -36.53 -67.95 15.62
N LEU JA 70 -35.24 -67.61 15.65
CA LEU JA 70 -34.25 -68.42 14.96
C LEU JA 70 -34.17 -69.82 15.56
N ARG JA 71 -34.23 -69.92 16.88
CA ARG JA 71 -34.09 -71.20 17.57
C ARG JA 71 -35.39 -71.99 17.62
N GLY JA 72 -36.48 -71.45 17.08
CA GLY JA 72 -37.73 -72.17 17.00
C GLY JA 72 -37.84 -72.96 15.71
N THR JA 73 -39.09 -73.27 15.34
CA THR JA 73 -39.33 -74.06 14.13
C THR JA 73 -39.01 -73.27 12.87
N GLY JA 74 -39.28 -71.96 12.86
CA GLY JA 74 -39.06 -71.14 11.68
C GLY JA 74 -40.22 -71.18 10.72
N GLY JA 75 -40.65 -72.38 10.32
CA GLY JA 75 -41.80 -72.49 9.45
C GLY JA 75 -41.51 -72.05 8.03
N SER JA 76 -42.60 -71.76 7.31
CA SER JA 76 -42.54 -71.33 5.91
C SER JA 76 -41.97 -72.42 5.02
N GLY JA 77 -42.13 -72.26 3.71
CA GLY JA 77 -41.62 -73.24 2.77
C GLY JA 77 -41.93 -72.83 1.36
N SER JA 78 -41.17 -73.40 0.42
CA SER JA 78 -41.31 -73.13 -1.01
C SER JA 78 -41.11 -71.65 -1.34
N SER JA 79 -40.45 -70.90 -0.46
CA SER JA 79 -40.23 -69.48 -0.67
C SER JA 79 -39.09 -69.02 0.22
N MET JA 80 -38.64 -67.80 -0.01
CA MET JA 80 -37.53 -67.24 0.76
C MET JA 80 -37.91 -67.09 2.23
N GLU JA 81 -37.08 -67.65 3.11
CA GLU JA 81 -37.31 -67.53 4.53
C GLU JA 81 -36.81 -66.17 5.03
N ILE JA 82 -37.65 -65.48 5.80
CA ILE JA 82 -37.32 -64.18 6.36
C ILE JA 82 -37.52 -64.25 7.87
N TYR JA 83 -36.50 -63.82 8.62
CA TYR JA 83 -36.54 -63.79 10.07
C TYR JA 83 -36.49 -62.34 10.55
N GLU JA 84 -37.39 -61.98 11.46
CA GLU JA 84 -37.44 -60.64 12.01
C GLU JA 84 -38.04 -60.70 13.41
N GLY JA 85 -37.78 -59.64 14.17
CA GLY JA 85 -38.22 -59.57 15.56
C GLY JA 85 -39.30 -58.53 15.77
N LYS JA 86 -40.27 -58.89 16.62
CA LYS JA 86 -41.38 -57.98 16.96
C LYS JA 86 -40.86 -56.97 17.97
N LEU JA 87 -41.68 -56.04 18.39
CA LEU JA 87 -41.38 -55.04 19.41
C LEU JA 87 -42.32 -55.15 20.61
N THR JA 88 -42.60 -56.38 21.03
CA THR JA 88 -43.38 -56.64 22.24
C THR JA 88 -42.45 -57.21 23.31
N ALA JA 89 -42.52 -56.65 24.52
CA ALA JA 89 -41.63 -57.01 25.60
C ALA JA 89 -42.27 -57.93 26.63
N GLU JA 90 -43.46 -58.45 26.37
CA GLU JA 90 -44.13 -59.30 27.34
C GLU JA 90 -43.37 -60.59 27.56
N GLY JA 91 -43.02 -60.88 28.82
CA GLY JA 91 -42.36 -62.11 29.18
C GLY JA 91 -40.85 -62.08 29.14
N LEU JA 92 -40.23 -60.98 28.71
CA LEU JA 92 -38.79 -60.91 28.59
C LEU JA 92 -38.15 -60.35 29.86
N ARG JA 93 -36.89 -60.71 30.08
CA ARG JA 93 -36.13 -60.32 31.27
C ARG JA 93 -34.84 -59.66 30.83
N PHE JA 94 -34.54 -58.49 31.41
CA PHE JA 94 -33.45 -57.64 30.96
C PHE JA 94 -32.51 -57.29 32.11
N GLY JA 95 -31.23 -57.13 31.78
CA GLY JA 95 -30.24 -56.60 32.71
C GLY JA 95 -29.63 -55.31 32.19
N ILE JA 96 -29.31 -54.40 33.11
CA ILE JA 96 -28.76 -53.09 32.77
C ILE JA 96 -27.49 -52.87 33.60
N VAL JA 97 -26.43 -52.39 32.95
CA VAL JA 97 -25.19 -52.01 33.60
C VAL JA 97 -24.95 -50.54 33.30
N ALA JA 98 -24.80 -49.73 34.36
CA ALA JA 98 -24.66 -48.29 34.23
C ALA JA 98 -23.48 -47.81 35.07
N SER JA 99 -22.78 -46.80 34.57
CA SER JA 99 -21.65 -46.22 35.28
C SER JA 99 -22.08 -44.98 36.08
N ARG JA 100 -21.24 -44.61 37.04
CA ARG JA 100 -21.53 -43.49 37.94
C ARG JA 100 -20.88 -42.17 37.53
N PHE JA 101 -19.90 -42.19 36.63
CA PHE JA 101 -19.25 -40.96 36.22
C PHE JA 101 -20.16 -40.18 35.28
N ASN JA 102 -20.17 -38.86 35.44
CA ASN JA 102 -21.13 -37.99 34.75
C ASN JA 102 -22.56 -38.42 35.05
N HIS JA 103 -22.86 -38.61 36.34
CA HIS JA 103 -24.16 -39.15 36.71
C HIS JA 103 -25.30 -38.20 36.39
N ALA JA 104 -25.02 -36.91 36.24
CA ALA JA 104 -26.07 -35.98 35.88
C ALA JA 104 -26.69 -36.32 34.54
N LEU JA 105 -25.92 -36.95 33.64
CA LEU JA 105 -26.41 -37.37 32.34
C LEU JA 105 -26.81 -38.84 32.32
N VAL JA 106 -26.07 -39.69 33.04
CA VAL JA 106 -26.32 -41.12 32.99
C VAL JA 106 -27.70 -41.46 33.53
N ASP JA 107 -28.12 -40.79 34.61
CA ASP JA 107 -29.44 -41.07 35.18
C ASP JA 107 -30.57 -40.73 34.24
N ARG JA 108 -30.36 -39.81 33.29
CA ARG JA 108 -31.37 -39.57 32.26
C ARG JA 108 -31.46 -40.75 31.30
N LEU JA 109 -30.33 -41.39 30.98
CA LEU JA 109 -30.35 -42.51 30.06
C LEU JA 109 -30.99 -43.74 30.70
N VAL JA 110 -30.76 -43.96 32.00
CA VAL JA 110 -31.36 -45.11 32.67
C VAL JA 110 -32.87 -44.96 32.74
N GLU JA 111 -33.35 -43.73 32.95
CA GLU JA 111 -34.80 -43.50 32.98
C GLU JA 111 -35.43 -43.85 31.64
N GLY JA 112 -34.77 -43.47 30.54
CA GLY JA 112 -35.32 -43.77 29.23
C GLY JA 112 -35.40 -45.27 28.96
N ALA JA 113 -34.37 -46.01 29.36
CA ALA JA 113 -34.37 -47.45 29.12
C ALA JA 113 -35.51 -48.14 29.86
N ILE JA 114 -35.75 -47.74 31.11
CA ILE JA 114 -36.83 -48.35 31.88
C ILE JA 114 -38.19 -47.96 31.31
N ASP JA 115 -38.33 -46.71 30.87
CA ASP JA 115 -39.59 -46.27 30.29
C ASP JA 115 -39.94 -47.05 29.04
N CYS JA 116 -38.95 -47.32 28.19
CA CYS JA 116 -39.19 -48.05 26.96
C CYS JA 116 -39.70 -49.47 27.25
N ILE JA 117 -39.08 -50.15 28.21
CA ILE JA 117 -39.44 -51.53 28.49
C ILE JA 117 -40.85 -51.63 29.03
N VAL JA 118 -41.23 -50.71 29.93
CA VAL JA 118 -42.52 -50.81 30.61
C VAL JA 118 -43.66 -50.54 29.64
N ARG JA 119 -43.52 -49.52 28.79
CA ARG JA 119 -44.63 -49.14 27.90
C ARG JA 119 -44.76 -50.05 26.70
N HIS JA 120 -43.76 -50.91 26.43
CA HIS JA 120 -43.89 -51.95 25.42
C HIS JA 120 -44.41 -53.27 25.99
N GLY JA 121 -44.76 -53.32 27.27
CA GLY JA 121 -45.38 -54.48 27.86
C GLY JA 121 -44.56 -55.24 28.88
N GLY JA 122 -43.40 -54.72 29.29
CA GLY JA 122 -42.59 -55.40 30.27
C GLY JA 122 -42.94 -55.03 31.70
N ARG JA 123 -42.33 -55.73 32.64
CA ARG JA 123 -42.52 -55.50 34.06
C ARG JA 123 -41.22 -55.00 34.68
N GLU JA 124 -41.34 -54.09 35.65
CA GLU JA 124 -40.17 -53.63 36.39
C GLU JA 124 -39.56 -54.76 37.22
N GLU JA 125 -40.38 -55.74 37.61
CA GLU JA 125 -39.87 -56.87 38.39
C GLU JA 125 -38.88 -57.72 37.60
N ASP JA 126 -38.88 -57.60 36.27
CA ASP JA 126 -38.01 -58.40 35.42
C ASP JA 126 -36.74 -57.68 35.00
N ILE JA 127 -36.43 -56.54 35.63
CA ILE JA 127 -35.26 -55.74 35.30
C ILE JA 127 -34.27 -55.82 36.46
N THR JA 128 -33.02 -56.14 36.13
CA THR JA 128 -31.93 -56.17 37.10
C THR JA 128 -30.95 -55.06 36.74
N LEU JA 129 -30.63 -54.20 37.71
CA LEU JA 129 -29.79 -53.03 37.49
C LEU JA 129 -28.53 -53.16 38.34
N VAL JA 130 -27.37 -53.02 37.68
CA VAL JA 130 -26.07 -53.09 38.34
C VAL JA 130 -25.32 -51.80 38.05
N ARG JA 131 -24.73 -51.21 39.07
CA ARG JA 131 -24.01 -49.94 38.96
C ARG JA 131 -22.53 -50.16 39.21
N VAL JA 132 -21.68 -49.53 38.40
CA VAL JA 132 -20.23 -49.66 38.51
C VAL JA 132 -19.61 -48.28 38.57
N PRO JA 133 -18.40 -48.13 39.13
CA PRO JA 133 -17.84 -46.78 39.31
C PRO JA 133 -17.47 -46.06 38.02
N GLY JA 134 -17.21 -46.78 36.93
CA GLY JA 134 -16.78 -46.12 35.71
C GLY JA 134 -16.98 -46.99 34.49
N SER JA 135 -16.76 -46.39 33.32
CA SER JA 135 -16.96 -47.11 32.07
C SER JA 135 -15.97 -48.25 31.91
N TRP JA 136 -14.77 -48.12 32.48
CA TRP JA 136 -13.77 -49.17 32.37
C TRP JA 136 -14.25 -50.47 32.99
N GLU JA 137 -15.10 -50.40 34.01
CA GLU JA 137 -15.58 -51.58 34.71
C GLU JA 137 -16.85 -52.18 34.10
N ILE JA 138 -17.40 -51.58 33.04
CA ILE JA 138 -18.63 -52.11 32.45
C ILE JA 138 -18.43 -53.52 31.89
N PRO JA 139 -17.40 -53.79 31.08
CA PRO JA 139 -17.32 -55.13 30.46
C PRO JA 139 -17.26 -56.29 31.46
N VAL JA 140 -16.52 -56.13 32.55
CA VAL JA 140 -16.41 -57.22 33.51
C VAL JA 140 -17.73 -57.43 34.25
N ALA JA 141 -18.44 -56.35 34.57
CA ALA JA 141 -19.74 -56.49 35.20
C ALA JA 141 -20.77 -57.08 34.24
N ALA JA 142 -20.73 -56.68 32.97
CA ALA JA 142 -21.66 -57.22 31.99
C ALA JA 142 -21.45 -58.72 31.82
N GLY JA 143 -20.22 -59.19 32.01
CA GLY JA 143 -19.95 -60.61 31.88
C GLY JA 143 -20.63 -61.46 32.94
N GLU JA 144 -20.87 -60.91 34.13
CA GLU JA 144 -21.55 -61.67 35.17
C GLU JA 144 -23.05 -61.80 34.87
N LEU JA 145 -23.67 -60.74 34.37
CA LEU JA 145 -25.10 -60.80 34.05
C LEU JA 145 -25.34 -61.70 32.84
N ALA JA 146 -24.49 -61.60 31.81
CA ALA JA 146 -24.73 -62.35 30.59
C ALA JA 146 -24.66 -63.85 30.81
N ARG JA 147 -23.98 -64.30 31.86
CA ARG JA 147 -23.86 -65.73 32.13
C ARG JA 147 -25.03 -66.29 32.92
N LYS JA 148 -25.94 -65.45 33.39
CA LYS JA 148 -27.13 -65.95 34.07
C LYS JA 148 -28.11 -66.52 33.07
N GLU JA 149 -28.76 -67.63 33.45
CA GLU JA 149 -29.63 -68.34 32.52
C GLU JA 149 -30.95 -67.60 32.28
N ASP JA 150 -31.40 -66.79 33.24
CA ASP JA 150 -32.69 -66.13 33.17
C ASP JA 150 -32.60 -64.68 32.70
N ILE JA 151 -31.55 -64.34 31.96
CA ILE JA 151 -31.38 -63.02 31.36
C ILE JA 151 -31.41 -63.18 29.85
N ASP JA 152 -32.24 -62.40 29.17
CA ASP JA 152 -32.37 -62.49 27.73
C ASP JA 152 -31.47 -61.53 26.98
N ALA JA 153 -31.22 -60.33 27.52
CA ALA JA 153 -30.36 -59.36 26.87
C ALA JA 153 -29.82 -58.40 27.92
N VAL JA 154 -28.71 -57.74 27.58
CA VAL JA 154 -28.04 -56.81 28.47
C VAL JA 154 -27.89 -55.47 27.77
N ILE JA 155 -28.07 -54.40 28.54
CA ILE JA 155 -27.99 -53.02 28.04
C ILE JA 155 -26.87 -52.32 28.80
N ALA JA 156 -25.93 -51.73 28.06
CA ALA JA 156 -24.78 -51.03 28.63
C ALA JA 156 -24.94 -49.54 28.41
N ILE JA 157 -24.77 -48.75 29.47
CA ILE JA 157 -25.01 -47.31 29.46
C ILE JA 157 -23.81 -46.60 30.08
N GLY JA 158 -23.37 -45.53 29.44
CA GLY JA 158 -22.28 -44.72 29.96
C GLY JA 158 -22.12 -43.46 29.14
N VAL JA 159 -21.31 -42.54 29.67
CA VAL JA 159 -21.04 -41.26 29.02
C VAL JA 159 -19.54 -40.98 29.09
N LEU JA 160 -18.92 -40.71 27.94
CA LEU JA 160 -17.53 -40.31 27.85
C LEU JA 160 -17.43 -39.01 27.07
N ILE JA 161 -16.68 -38.05 27.62
CA ILE JA 161 -16.51 -36.74 27.01
C ILE JA 161 -15.01 -36.47 26.86
N ARG JA 162 -14.60 -36.07 25.66
CA ARG JA 162 -13.19 -35.83 25.38
C ARG JA 162 -12.71 -34.58 26.12
N THR KA 3 7.35 -38.84 19.28
CA THR KA 3 7.61 -40.01 18.47
C THR KA 3 6.47 -41.02 18.60
N PRO KA 4 6.28 -41.88 17.59
CA PRO KA 4 5.20 -42.86 17.66
C PRO KA 4 5.41 -43.96 18.70
N HIS KA 5 6.57 -43.99 19.36
CA HIS KA 5 6.81 -44.98 20.40
C HIS KA 5 5.74 -44.93 21.48
N PHE KA 6 5.23 -43.73 21.77
CA PHE KA 6 4.22 -43.58 22.81
C PHE KA 6 2.96 -44.36 22.50
N ASP KA 7 2.50 -44.32 21.24
CA ASP KA 7 1.21 -44.89 20.90
C ASP KA 7 1.20 -46.41 21.08
N TYR KA 8 2.24 -47.09 20.60
CA TYR KA 8 2.21 -48.55 20.60
C TYR KA 8 2.26 -49.12 22.01
N ILE KA 9 3.06 -48.51 22.89
CA ILE KA 9 3.13 -48.98 24.28
C ILE KA 9 1.79 -48.76 24.97
N ALA KA 10 1.19 -47.60 24.78
CA ALA KA 10 -0.08 -47.29 25.44
C ALA KA 10 -1.19 -48.24 24.97
N SER KA 11 -1.21 -48.56 23.68
CA SER KA 11 -2.26 -49.44 23.15
C SER KA 11 -2.15 -50.84 23.74
N GLU KA 12 -0.92 -51.35 23.88
CA GLU KA 12 -0.76 -52.73 24.33
C GLU KA 12 -0.99 -52.87 25.82
N VAL KA 13 -0.62 -51.88 26.62
CA VAL KA 13 -0.83 -51.96 28.06
C VAL KA 13 -2.32 -51.94 28.38
N SER KA 14 -3.07 -51.03 27.75
CA SER KA 14 -4.51 -50.96 28.00
C SER KA 14 -5.21 -52.22 27.51
N LYS KA 15 -4.84 -52.71 26.33
CA LYS KA 15 -5.47 -53.92 25.78
C LYS KA 15 -5.16 -55.14 26.64
N GLY KA 16 -3.92 -55.25 27.12
CA GLY KA 16 -3.56 -56.41 27.92
C GLY KA 16 -4.35 -56.52 29.21
N LEU KA 17 -4.48 -55.40 29.92
CA LEU KA 17 -5.19 -55.42 31.19
C LEU KA 17 -6.67 -55.71 31.00
N ALA KA 18 -7.27 -55.19 29.94
CA ALA KA 18 -8.69 -55.40 29.70
C ALA KA 18 -8.99 -56.87 29.45
N ASN KA 19 -8.23 -57.51 28.55
CA ASN KA 19 -8.45 -58.92 28.27
C ASN KA 19 -8.20 -59.78 29.50
N LEU KA 20 -7.20 -59.43 30.30
CA LEU KA 20 -6.88 -60.21 31.49
C LEU KA 20 -8.05 -60.22 32.48
N SER KA 21 -8.71 -59.07 32.65
CA SER KA 21 -9.82 -58.99 33.60
C SER KA 21 -10.98 -59.89 33.17
N LEU KA 22 -11.25 -59.95 31.86
CA LEU KA 22 -12.35 -60.79 31.38
C LEU KA 22 -12.01 -62.26 31.47
N GLU KA 23 -10.75 -62.62 31.20
CA GLU KA 23 -10.36 -64.03 31.23
C GLU KA 23 -10.43 -64.60 32.64
N LEU KA 24 -9.89 -63.87 33.62
CA LEU KA 24 -9.88 -64.32 35.00
C LEU KA 24 -11.13 -63.91 35.77
N ARG KA 25 -11.97 -63.05 35.20
CA ARG KA 25 -13.22 -62.63 35.84
C ARG KA 25 -12.95 -62.02 37.22
N LYS KA 26 -11.96 -61.14 37.28
CA LYS KA 26 -11.59 -60.43 38.50
C LYS KA 26 -11.40 -58.95 38.18
N PRO KA 27 -11.72 -58.06 39.11
CA PRO KA 27 -11.57 -56.62 38.82
C PRO KA 27 -10.11 -56.21 38.72
N ILE KA 28 -9.79 -55.42 37.69
CA ILE KA 28 -8.50 -54.78 37.53
C ILE KA 28 -8.76 -53.32 37.13
N THR KA 29 -8.13 -52.39 37.84
CA THR KA 29 -8.38 -50.96 37.67
C THR KA 29 -7.22 -50.31 36.92
N PHE KA 30 -7.56 -49.33 36.08
CA PHE KA 30 -6.60 -48.67 35.19
C PHE KA 30 -6.16 -47.37 35.83
N GLY KA 31 -4.97 -47.38 36.43
CA GLY KA 31 -4.41 -46.21 37.08
C GLY KA 31 -3.19 -45.65 36.37
N VAL KA 32 -3.19 -45.68 35.04
CA VAL KA 32 -2.04 -45.26 34.25
C VAL KA 32 -2.33 -43.89 33.64
N ILE KA 33 -1.42 -42.95 33.86
CA ILE KA 33 -1.53 -41.61 33.28
C ILE KA 33 -0.98 -41.63 31.86
N THR KA 34 -1.71 -41.02 30.93
CA THR KA 34 -1.29 -40.87 29.53
C THR KA 34 -1.41 -39.40 29.17
N ALA KA 35 -0.30 -38.68 29.25
CA ALA KA 35 -0.28 -37.23 29.09
C ALA KA 35 0.52 -36.83 27.85
N ASP KA 36 0.20 -35.66 27.31
CA ASP KA 36 0.93 -35.12 26.16
C ASP KA 36 2.12 -34.27 26.58
N THR KA 37 2.11 -33.71 27.79
CA THR KA 37 3.17 -32.84 28.25
C THR KA 37 3.49 -33.14 29.70
N LEU KA 38 4.68 -32.71 30.14
CA LEU KA 38 5.09 -32.92 31.52
C LEU KA 38 4.17 -32.17 32.48
N GLU KA 39 3.73 -30.97 32.09
CA GLU KA 39 2.84 -30.20 32.95
C GLU KA 39 1.52 -30.93 33.21
N GLN KA 40 0.96 -31.55 32.17
CA GLN KA 40 -0.28 -32.29 32.33
C GLN KA 40 -0.11 -33.45 33.30
N ALA KA 41 1.08 -34.06 33.34
CA ALA KA 41 1.30 -35.19 34.23
C ALA KA 41 1.40 -34.75 35.68
N ILE KA 42 2.09 -33.65 35.96
CA ILE KA 42 2.19 -33.15 37.33
C ILE KA 42 0.82 -32.75 37.84
N GLU KA 43 -0.06 -32.31 36.95
CA GLU KA 43 -1.39 -31.89 37.37
C GLU KA 43 -2.16 -33.03 38.03
N ARG KA 44 -1.99 -34.25 37.52
CA ARG KA 44 -2.77 -35.40 37.95
C ARG KA 44 -2.04 -36.29 38.94
N ALA KA 45 -0.86 -35.90 39.41
CA ALA KA 45 -0.04 -36.71 40.31
C ALA KA 45 -0.02 -36.15 41.73
N GLY KA 46 -1.15 -35.66 42.22
CA GLY KA 46 -1.24 -35.08 43.54
C GLY KA 46 -1.35 -33.58 43.57
N THR KA 47 -1.81 -32.96 42.48
CA THR KA 47 -1.93 -31.52 42.37
C THR KA 47 -3.31 -31.14 41.84
N LYS KA 48 -3.47 -29.90 41.35
CA LYS KA 48 -4.77 -29.26 41.18
C LYS KA 48 -5.83 -30.15 40.52
N HIS KA 49 -5.45 -31.19 39.78
CA HIS KA 49 -6.42 -32.11 39.19
C HIS KA 49 -6.49 -33.45 39.94
N GLY KA 50 -6.03 -33.49 41.18
CA GLY KA 50 -6.18 -34.67 42.00
C GLY KA 50 -5.08 -35.69 41.81
N ASN KA 51 -5.32 -36.88 42.35
CA ASN KA 51 -4.37 -37.98 42.34
C ASN KA 51 -5.05 -39.19 41.69
N LYS KA 52 -4.47 -39.67 40.59
CA LYS KA 52 -5.06 -40.82 39.90
C LYS KA 52 -4.87 -42.11 40.68
N GLY KA 53 -3.82 -42.19 41.51
CA GLY KA 53 -3.64 -43.37 42.34
C GLY KA 53 -4.74 -43.53 43.37
N TRP KA 54 -5.18 -42.41 43.96
CA TRP KA 54 -6.29 -42.45 44.90
C TRP KA 54 -7.56 -42.92 44.22
N GLU KA 55 -7.84 -42.40 43.02
CA GLU KA 55 -9.08 -42.74 42.32
C GLU KA 55 -9.11 -44.21 41.95
N ALA KA 56 -7.99 -44.77 41.49
CA ALA KA 56 -7.97 -46.17 41.10
C ALA KA 56 -8.22 -47.08 42.29
N ALA KA 57 -7.68 -46.74 43.47
CA ALA KA 57 -7.93 -47.55 44.65
C ALA KA 57 -9.41 -47.51 45.06
N LEU KA 58 -10.04 -46.34 44.94
CA LEU KA 58 -11.45 -46.23 45.32
C LEU KA 58 -12.32 -47.10 44.42
N SER KA 59 -11.99 -47.16 43.13
CA SER KA 59 -12.75 -48.02 42.22
C SER KA 59 -12.58 -49.49 42.58
N ALA KA 60 -11.38 -49.89 42.98
CA ALA KA 60 -11.14 -51.29 43.33
C ALA KA 60 -11.97 -51.70 44.55
N ILE KA 61 -12.06 -50.82 45.55
CA ILE KA 61 -12.82 -51.15 46.76
C ILE KA 61 -14.29 -51.39 46.41
N GLU KA 62 -14.87 -50.51 45.59
CA GLU KA 62 -16.26 -50.64 45.22
C GLU KA 62 -16.51 -51.94 44.45
N MET KA 63 -15.64 -52.23 43.48
CA MET KA 63 -15.85 -53.43 42.66
C MET KA 63 -15.74 -54.70 43.49
N ALA KA 64 -14.83 -54.73 44.46
CA ALA KA 64 -14.69 -55.90 45.30
C ALA KA 64 -15.96 -56.15 46.11
N ASN KA 65 -16.58 -55.10 46.64
CA ASN KA 65 -17.81 -55.26 47.39
C ASN KA 65 -18.97 -55.65 46.47
N LEU KA 66 -18.99 -55.12 45.25
CA LEU KA 66 -20.06 -55.45 44.31
C LEU KA 66 -20.03 -56.93 43.97
N PHE KA 67 -18.85 -57.47 43.68
CA PHE KA 67 -18.75 -58.88 43.29
C PHE KA 67 -19.11 -59.78 44.46
N LYS KA 68 -18.80 -59.37 45.69
CA LYS KA 68 -19.22 -60.13 46.89
C LYS KA 68 -20.75 -60.17 46.90
N SER KA 69 -21.42 -59.08 46.48
CA SER KA 69 -22.88 -59.02 46.54
C SER KA 69 -23.53 -59.85 45.44
N LEU KA 70 -22.98 -59.81 44.22
CA LEU KA 70 -23.57 -60.57 43.12
C LEU KA 70 -23.54 -62.07 43.40
N ARG KA 71 -22.44 -62.56 43.97
CA ARG KA 71 -22.28 -63.99 44.20
C ARG KA 71 -22.95 -64.46 45.49
N GLY KA 72 -23.57 -63.56 46.25
CA GLY KA 72 -24.31 -63.92 47.43
C GLY KA 72 -25.76 -64.22 47.11
N THR KA 73 -26.59 -64.12 48.15
CA THR KA 73 -28.02 -64.41 47.99
C THR KA 73 -28.72 -63.35 47.15
N GLY KA 74 -28.32 -62.09 47.29
CA GLY KA 74 -28.97 -61.00 46.56
C GLY KA 74 -30.20 -60.47 47.28
N GLY KA 75 -31.12 -61.37 47.63
CA GLY KA 75 -32.30 -60.95 48.37
C GLY KA 75 -33.28 -60.15 47.52
N SER KA 76 -34.14 -59.41 48.24
CA SER KA 76 -35.17 -58.59 47.62
C SER KA 76 -36.18 -59.44 46.86
N GLY KA 77 -37.32 -58.85 46.49
CA GLY KA 77 -38.34 -59.57 45.76
C GLY KA 77 -39.52 -58.66 45.47
N SER KA 78 -40.29 -59.06 44.47
CA SER KA 78 -41.47 -58.32 44.03
C SER KA 78 -41.15 -56.90 43.60
N SER KA 79 -39.90 -56.62 43.26
CA SER KA 79 -39.48 -55.30 42.86
C SER KA 79 -38.17 -55.41 42.09
N MET KA 80 -37.77 -54.29 41.48
CA MET KA 80 -36.54 -54.26 40.70
C MET KA 80 -35.32 -54.51 41.59
N GLU KA 81 -34.50 -55.48 41.20
CA GLU KA 81 -33.28 -55.77 41.95
C GLU KA 81 -32.18 -54.79 41.56
N ILE KA 82 -31.52 -54.22 42.56
CA ILE KA 82 -30.44 -53.26 42.36
C ILE KA 82 -29.21 -53.76 43.11
N TYR KA 83 -28.08 -53.82 42.42
CA TYR KA 83 -26.82 -54.25 43.00
C TYR KA 83 -25.84 -53.07 43.00
N GLU KA 84 -25.21 -52.84 44.15
CA GLU KA 84 -24.24 -51.76 44.28
C GLU KA 84 -23.24 -52.12 45.36
N GLY KA 85 -22.09 -51.45 45.33
CA GLY KA 85 -21.00 -51.74 46.24
C GLY KA 85 -20.77 -50.60 47.23
N LYS KA 86 -20.48 -50.99 48.48
CA LYS KA 86 -20.20 -50.03 49.55
C LYS KA 86 -18.78 -49.52 49.35
N LEU KA 87 -18.32 -48.62 50.20
CA LEU KA 87 -16.96 -48.08 50.21
C LEU KA 87 -16.26 -48.36 51.54
N THR KA 88 -16.45 -49.57 52.07
CA THR KA 88 -15.73 -50.03 53.26
C THR KA 88 -14.72 -51.09 52.86
N ALA KA 89 -13.48 -50.94 53.33
CA ALA KA 89 -12.39 -51.82 52.94
C ALA KA 89 -12.04 -52.85 54.00
N GLU KA 90 -12.84 -52.99 55.05
CA GLU KA 90 -12.53 -53.94 56.11
C GLU KA 90 -12.58 -55.36 55.59
N GLY KA 91 -11.48 -56.10 55.78
CA GLY KA 91 -11.42 -57.50 55.40
C GLY KA 91 -10.96 -57.79 54.00
N LEU KA 92 -10.73 -56.77 53.17
CA LEU KA 92 -10.34 -56.98 51.78
C LEU KA 92 -8.82 -57.00 51.64
N ARG KA 93 -8.36 -57.69 50.59
CA ARG KA 93 -6.94 -57.85 50.29
C ARG KA 93 -6.66 -57.39 48.88
N PHE KA 94 -5.62 -56.57 48.71
CA PHE KA 94 -5.34 -55.86 47.47
C PHE KA 94 -3.92 -56.12 47.01
N GLY KA 95 -3.73 -56.13 45.68
CA GLY KA 95 -2.41 -56.16 45.08
C GLY KA 95 -2.19 -54.93 44.21
N ILE KA 96 -0.94 -54.46 44.18
CA ILE KA 96 -0.56 -53.27 43.43
C ILE KA 96 0.64 -53.59 42.56
N VAL KA 97 0.59 -53.18 41.30
CA VAL KA 97 1.71 -53.29 40.36
C VAL KA 97 2.07 -51.89 39.90
N ALA KA 98 3.33 -51.52 40.09
CA ALA KA 98 3.81 -50.18 39.78
C ALA KA 98 5.11 -50.25 38.97
N SER KA 99 5.28 -49.31 38.05
CA SER KA 99 6.46 -49.25 37.22
C SER KA 99 7.48 -48.27 37.81
N ARG KA 100 8.74 -48.41 37.37
CA ARG KA 100 9.84 -47.60 37.88
C ARG KA 100 10.18 -46.40 37.01
N PHE KA 101 9.70 -46.34 35.77
CA PHE KA 101 10.01 -45.21 34.91
C PHE KA 101 9.20 -44.00 35.32
N ASN KA 102 9.83 -42.82 35.28
CA ASN KA 102 9.25 -41.60 35.82
C ASN KA 102 8.90 -41.77 37.29
N HIS KA 103 9.85 -42.30 38.08
CA HIS KA 103 9.56 -42.64 39.47
C HIS KA 103 9.26 -41.41 40.31
N ALA KA 104 9.71 -40.23 39.88
CA ALA KA 104 9.41 -39.02 40.64
C ALA KA 104 7.91 -38.79 40.74
N LEU KA 105 7.14 -39.25 39.74
CA LEU KA 105 5.70 -39.11 39.73
C LEU KA 105 5.00 -40.38 40.23
N VAL KA 106 5.54 -41.55 39.89
CA VAL KA 106 4.89 -42.81 40.23
C VAL KA 106 4.78 -42.98 41.74
N ASP KA 107 5.84 -42.62 42.46
CA ASP KA 107 5.82 -42.78 43.92
C ASP KA 107 4.76 -41.92 44.58
N ARG KA 108 4.34 -40.82 43.95
CA ARG KA 108 3.21 -40.05 44.47
C ARG KA 108 1.91 -40.81 44.29
N LEU KA 109 1.75 -41.54 43.19
CA LEU KA 109 0.53 -42.29 42.95
C LEU KA 109 0.42 -43.47 43.90
N VAL KA 110 1.54 -44.15 44.19
CA VAL KA 110 1.50 -45.29 45.10
C VAL KA 110 1.14 -44.85 46.50
N GLU KA 111 1.63 -43.68 46.92
CA GLU KA 111 1.27 -43.17 48.25
C GLU KA 111 -0.22 -42.93 48.35
N GLY KA 112 -0.82 -42.36 47.31
CA GLY KA 112 -2.26 -42.11 47.34
C GLY KA 112 -3.08 -43.38 47.45
N ALA KA 113 -2.69 -44.42 46.71
CA ALA KA 113 -3.43 -45.67 46.74
C ALA KA 113 -3.40 -46.30 48.13
N ILE KA 114 -2.24 -46.28 48.79
CA ILE KA 114 -2.14 -46.85 50.13
C ILE KA 114 -2.93 -46.01 51.13
N ASP KA 115 -2.89 -44.70 50.99
CA ASP KA 115 -3.63 -43.83 51.90
C ASP KA 115 -5.14 -44.08 51.81
N CYS KA 116 -5.65 -44.27 50.60
CA CYS KA 116 -7.08 -44.51 50.42
C CYS KA 116 -7.51 -45.79 51.14
N ILE KA 117 -6.74 -46.86 50.97
CA ILE KA 117 -7.13 -48.15 51.53
C ILE KA 117 -7.14 -48.10 53.05
N VAL KA 118 -6.14 -47.46 53.65
CA VAL KA 118 -6.00 -47.49 55.11
C VAL KA 118 -7.11 -46.68 55.77
N ARG KA 119 -7.42 -45.49 55.23
CA ARG KA 119 -8.40 -44.63 55.89
C ARG KA 119 -9.83 -45.07 55.64
N HIS KA 120 -10.07 -45.98 54.70
CA HIS KA 120 -11.38 -46.59 54.52
C HIS KA 120 -11.55 -47.88 55.33
N GLY KA 121 -10.56 -48.25 56.14
CA GLY KA 121 -10.68 -49.38 57.04
C GLY KA 121 -9.82 -50.59 56.73
N GLY KA 122 -8.89 -50.48 55.77
CA GLY KA 122 -8.03 -51.60 55.44
C GLY KA 122 -6.76 -51.63 56.28
N ARG KA 123 -6.01 -52.72 56.13
CA ARG KA 123 -4.75 -52.91 56.81
C ARG KA 123 -3.59 -52.93 55.81
N GLU KA 124 -2.46 -52.37 56.21
CA GLU KA 124 -1.27 -52.44 55.36
C GLU KA 124 -0.77 -53.87 55.22
N GLU KA 125 -1.06 -54.72 56.20
CA GLU KA 125 -0.65 -56.12 56.13
C GLU KA 125 -1.34 -56.87 54.98
N ASP KA 126 -2.45 -56.35 54.47
CA ASP KA 126 -3.21 -57.00 53.42
C ASP KA 126 -2.89 -56.47 52.03
N ILE KA 127 -1.82 -55.69 51.89
CA ILE KA 127 -1.44 -55.09 50.62
C ILE KA 127 -0.15 -55.76 50.14
N THR KA 128 -0.15 -56.21 48.89
CA THR KA 128 1.04 -56.79 48.25
C THR KA 128 1.45 -55.86 47.11
N LEU KA 129 2.72 -55.44 47.12
CA LEU KA 129 3.24 -54.47 46.16
C LEU KA 129 4.33 -55.14 45.32
N VAL KA 130 4.18 -55.06 44.00
CA VAL KA 130 5.15 -55.61 43.04
C VAL KA 130 5.61 -54.48 42.14
N ARG KA 131 6.92 -54.39 41.92
CA ARG KA 131 7.51 -53.34 41.11
C ARG KA 131 8.14 -53.94 39.86
N VAL KA 132 7.93 -53.29 38.72
CA VAL KA 132 8.44 -53.76 37.43
C VAL KA 132 9.22 -52.63 36.76
N PRO KA 133 10.14 -52.94 35.85
CA PRO KA 133 10.99 -51.87 35.27
C PRO KA 133 10.24 -50.87 34.39
N GLY KA 134 9.11 -51.25 33.79
CA GLY KA 134 8.43 -50.35 32.88
C GLY KA 134 6.99 -50.73 32.69
N SER KA 135 6.26 -49.84 31.99
CA SER KA 135 4.84 -50.07 31.76
C SER KA 135 4.60 -51.29 30.88
N TRP KA 136 5.53 -51.60 29.98
CA TRP KA 136 5.36 -52.76 29.10
C TRP KA 136 5.25 -54.06 29.90
N GLU KA 137 5.89 -54.12 31.07
CA GLU KA 137 5.90 -55.33 31.87
C GLU KA 137 4.75 -55.41 32.86
N ILE KA 138 3.87 -54.40 32.92
CA ILE KA 138 2.76 -54.44 33.88
C ILE KA 138 1.81 -55.61 33.61
N PRO KA 139 1.33 -55.83 32.38
CA PRO KA 139 0.32 -56.89 32.19
C PRO KA 139 0.78 -58.27 32.61
N VAL KA 140 2.03 -58.65 32.33
CA VAL KA 140 2.49 -59.99 32.68
C VAL KA 140 2.63 -60.13 34.19
N ALA KA 141 3.08 -59.07 34.87
CA ALA KA 141 3.17 -59.13 36.34
C ALA KA 141 1.78 -59.14 36.96
N ALA KA 142 0.84 -58.37 36.42
CA ALA KA 142 -0.51 -58.35 36.95
C ALA KA 142 -1.16 -59.73 36.82
N GLY KA 143 -0.78 -60.49 35.80
CA GLY KA 143 -1.33 -61.83 35.63
C GLY KA 143 -0.95 -62.80 36.72
N GLU KA 144 0.22 -62.61 37.35
CA GLU KA 144 0.62 -63.49 38.44
C GLU KA 144 -0.17 -63.21 39.71
N LEU KA 145 -0.40 -61.93 40.01
CA LEU KA 145 -1.17 -61.57 41.20
C LEU KA 145 -2.63 -61.98 41.06
N ALA KA 146 -3.22 -61.74 39.87
CA ALA KA 146 -4.64 -61.98 39.69
C ALA KA 146 -4.99 -63.46 39.85
N ARG KA 147 -4.02 -64.36 39.65
CA ARG KA 147 -4.27 -65.78 39.77
C ARG KA 147 -4.18 -66.30 41.20
N LYS KA 148 -3.74 -65.48 42.15
CA LYS KA 148 -3.72 -65.89 43.54
C LYS KA 148 -5.13 -65.89 44.12
N GLU KA 149 -5.41 -66.89 44.95
CA GLU KA 149 -6.77 -67.07 45.47
C GLU KA 149 -7.12 -66.02 46.53
N ASP KA 150 -6.13 -65.48 47.23
CA ASP KA 150 -6.36 -64.57 48.34
C ASP KA 150 -6.20 -63.10 47.95
N ILE KA 151 -6.38 -62.78 46.67
CA ILE KA 151 -6.35 -61.40 46.19
C ILE KA 151 -7.73 -61.08 45.65
N ASP KA 152 -8.29 -59.96 46.10
CA ASP KA 152 -9.64 -59.55 45.69
C ASP KA 152 -9.63 -58.62 44.48
N ALA KA 153 -8.64 -57.75 44.36
CA ALA KA 153 -8.56 -56.83 43.23
C ALA KA 153 -7.11 -56.39 43.05
N VAL KA 154 -6.81 -55.91 41.84
CA VAL KA 154 -5.46 -55.49 41.47
C VAL KA 154 -5.53 -54.05 40.96
N ILE KA 155 -4.51 -53.26 41.32
CA ILE KA 155 -4.41 -51.86 40.93
C ILE KA 155 -3.13 -51.69 40.13
N ALA KA 156 -3.26 -51.12 38.93
CA ALA KA 156 -2.12 -50.90 38.02
C ALA KA 156 -1.81 -49.41 37.97
N ILE KA 157 -0.53 -49.07 38.14
CA ILE KA 157 -0.09 -47.69 38.22
C ILE KA 157 1.10 -47.48 37.29
N GLY KA 158 1.09 -46.39 36.56
CA GLY KA 158 2.20 -46.04 35.67
C GLY KA 158 2.00 -44.66 35.10
N VAL KA 159 3.06 -44.14 34.48
CA VAL KA 159 3.06 -42.81 33.87
C VAL KA 159 3.71 -42.91 32.49
N LEU KA 160 3.02 -42.42 31.47
CA LEU KA 160 3.53 -42.33 30.11
C LEU KA 160 3.37 -40.90 29.62
N ILE KA 161 4.44 -40.35 29.04
CA ILE KA 161 4.46 -38.98 28.54
C ILE KA 161 4.91 -39.01 27.08
N ARG KA 162 4.14 -38.36 26.22
CA ARG KA 162 4.44 -38.34 24.79
C ARG KA 162 5.71 -37.54 24.52
N THR LA 3 4.65 -43.59 3.80
CA THR LA 3 3.58 -44.47 3.34
C THR LA 3 2.95 -45.19 4.55
N PRO LA 4 1.70 -45.61 4.41
CA PRO LA 4 1.04 -46.32 5.53
C PRO LA 4 1.60 -47.70 5.81
N HIS LA 5 2.53 -48.19 4.99
CA HIS LA 5 3.13 -49.50 5.25
C HIS LA 5 3.76 -49.56 6.64
N PHE LA 6 4.30 -48.44 7.12
CA PHE LA 6 4.94 -48.41 8.42
C PHE LA 6 3.97 -48.76 9.54
N ASP LA 7 2.75 -48.22 9.48
CA ASP LA 7 1.82 -48.36 10.60
C ASP LA 7 1.41 -49.81 10.81
N TYR LA 8 1.06 -50.52 9.73
CA TYR LA 8 0.51 -51.86 9.89
C TYR LA 8 1.54 -52.84 10.40
N ILE LA 9 2.79 -52.73 9.95
CA ILE LA 9 3.83 -53.62 10.45
C ILE LA 9 4.09 -53.35 11.93
N ALA LA 10 4.17 -52.08 12.31
CA ALA LA 10 4.45 -51.74 13.70
C ALA LA 10 3.34 -52.23 14.62
N SER LA 11 2.08 -52.10 14.20
CA SER LA 11 0.97 -52.51 15.04
C SER LA 11 0.99 -54.03 15.29
N GLU LA 12 1.30 -54.80 14.24
CA GLU LA 12 1.22 -56.25 14.38
C GLU LA 12 2.40 -56.81 15.17
N VAL LA 13 3.58 -56.23 15.04
CA VAL LA 13 4.74 -56.72 15.79
C VAL LA 13 4.54 -56.49 17.28
N SER LA 14 4.11 -55.28 17.66
CA SER LA 14 3.89 -54.99 19.07
C SER LA 14 2.77 -55.84 19.64
N LYS LA 15 1.67 -56.00 18.89
CA LYS LA 15 0.55 -56.79 19.38
C LYS LA 15 0.94 -58.26 19.53
N GLY LA 16 1.70 -58.79 18.57
CA GLY LA 16 2.07 -60.20 18.63
C GLY LA 16 2.91 -60.53 19.86
N LEU LA 17 3.91 -59.69 20.15
CA LEU LA 17 4.78 -59.97 21.28
C LEU LA 17 4.03 -59.86 22.60
N ALA LA 18 3.11 -58.90 22.70
CA ALA LA 18 2.37 -58.72 23.95
C ALA LA 18 1.50 -59.92 24.26
N ASN LA 19 0.73 -60.40 23.27
CA ASN LA 19 -0.13 -61.55 23.50
C ASN LA 19 0.70 -62.79 23.81
N LEU LA 20 1.85 -62.94 23.15
CA LEU LA 20 2.69 -64.11 23.37
C LEU LA 20 3.18 -64.18 24.82
N SER LA 21 3.55 -63.04 25.40
CA SER LA 21 4.05 -63.03 26.77
C SER LA 21 2.97 -63.46 27.75
N LEU LA 22 1.72 -63.05 27.52
CA LEU LA 22 0.64 -63.43 28.42
C LEU LA 22 0.28 -64.90 28.27
N GLU LA 23 0.29 -65.41 27.04
CA GLU LA 23 -0.08 -66.80 26.83
C GLU LA 23 0.91 -67.76 27.46
N LEU LA 24 2.21 -67.52 27.27
CA LEU LA 24 3.25 -68.37 27.82
C LEU LA 24 3.67 -67.97 29.22
N ARG LA 25 3.23 -66.81 29.71
CA ARG LA 25 3.55 -66.36 31.06
C ARG LA 25 5.06 -66.30 31.28
N LYS LA 26 5.76 -65.71 30.31
CA LYS LA 26 7.21 -65.53 30.37
C LYS LA 26 7.55 -64.12 29.94
N PRO LA 27 8.60 -63.51 30.51
CA PRO LA 27 8.92 -62.12 30.13
C PRO LA 27 9.46 -62.03 28.72
N ILE LA 28 8.96 -61.04 27.97
CA ILE LA 28 9.48 -60.68 26.66
C ILE LA 28 9.60 -59.16 26.62
N THR LA 29 10.76 -58.66 26.24
CA THR LA 29 11.08 -57.23 26.27
C THR LA 29 11.04 -56.64 24.87
N PHE LA 30 10.57 -55.40 24.79
CA PHE LA 30 10.34 -54.72 23.50
C PHE LA 30 11.54 -53.81 23.21
N GLY LA 31 12.42 -54.27 22.35
CA GLY LA 31 13.61 -53.52 21.97
C GLY LA 31 13.59 -53.05 20.54
N VAL LA 32 12.42 -52.65 20.04
CA VAL LA 32 12.26 -52.25 18.65
C VAL LA 32 12.15 -50.73 18.56
N ILE LA 33 12.99 -50.13 17.73
CA ILE LA 33 12.96 -48.69 17.50
C ILE LA 33 11.88 -48.39 16.45
N THR LA 34 11.08 -47.36 16.72
CA THR LA 34 10.06 -46.87 15.79
C THR LA 34 10.25 -45.37 15.64
N ALA LA 35 10.95 -44.97 14.59
CA ALA LA 35 11.36 -43.58 14.38
C ALA LA 35 10.69 -43.00 13.14
N ASP LA 36 10.55 -41.67 13.14
CA ASP LA 36 9.99 -40.96 11.99
C ASP LA 36 11.05 -40.57 10.97
N THR LA 37 12.31 -40.45 11.38
CA THR LA 37 13.37 -40.01 10.50
C THR LA 37 14.63 -40.82 10.79
N LEU LA 38 15.54 -40.83 9.81
CA LEU LA 38 16.80 -41.55 9.97
C LEU LA 38 17.62 -40.97 11.11
N GLU LA 39 17.59 -39.63 11.28
CA GLU LA 39 18.35 -39.01 12.35
C GLU LA 39 17.88 -39.48 13.72
N GLN LA 40 16.57 -39.59 13.89
CA GLN LA 40 16.04 -40.06 15.17
C GLN LA 40 16.49 -41.49 15.48
N ALA LA 41 16.68 -42.31 14.44
CA ALA LA 41 17.10 -43.69 14.68
C ALA LA 41 18.57 -43.77 15.10
N ILE LA 42 19.43 -42.99 14.46
CA ILE LA 42 20.84 -42.98 14.83
C ILE LA 42 21.01 -42.49 16.27
N GLU LA 43 20.12 -41.60 16.71
CA GLU LA 43 20.21 -41.06 18.06
C GLU LA 43 20.11 -42.16 19.11
N ARG LA 44 19.26 -43.16 18.87
CA ARG LA 44 18.95 -44.19 19.85
C ARG LA 44 19.71 -45.49 19.62
N ALA LA 45 20.65 -45.52 18.68
CA ALA LA 45 21.39 -46.74 18.33
C ALA LA 45 22.83 -46.68 18.79
N GLY LA 46 23.09 -46.13 19.98
CA GLY LA 46 24.42 -46.01 20.51
C GLY LA 46 24.98 -44.61 20.49
N THR LA 47 24.13 -43.59 20.45
CA THR LA 47 24.53 -42.19 20.40
C THR LA 47 23.78 -41.38 21.44
N LYS LA 48 23.77 -40.05 21.30
CA LYS LA 48 23.44 -39.12 22.38
C LYS LA 48 22.20 -39.50 23.19
N HIS LA 49 21.28 -40.30 22.65
CA HIS LA 49 20.11 -40.75 23.41
C HIS LA 49 20.23 -42.21 23.86
N GLY LA 50 21.45 -42.75 23.90
CA GLY LA 50 21.67 -44.06 24.46
C GLY LA 50 21.48 -45.18 23.45
N ASN LA 51 21.42 -46.40 23.99
CA ASN LA 51 21.29 -47.62 23.20
C ASN LA 51 20.07 -48.38 23.69
N LYS LA 52 19.11 -48.60 22.78
CA LYS LA 52 17.89 -49.30 23.17
C LYS LA 52 18.14 -50.80 23.40
N GLY LA 53 19.16 -51.35 22.75
CA GLY LA 53 19.50 -52.75 23.00
C GLY LA 53 20.00 -52.98 24.41
N TRP LA 54 20.78 -52.05 24.94
CA TRP LA 54 21.24 -52.15 26.32
C TRP LA 54 20.05 -52.08 27.28
N GLU LA 55 19.12 -51.16 27.04
CA GLU LA 55 17.99 -50.98 27.94
C GLU LA 55 17.10 -52.22 27.97
N ALA LA 56 16.85 -52.82 26.81
CA ALA LA 56 15.99 -54.01 26.76
C ALA LA 56 16.61 -55.17 27.54
N ALA LA 57 17.92 -55.35 27.44
CA ALA LA 57 18.57 -56.41 28.19
C ALA LA 57 18.47 -56.18 29.69
N LEU LA 58 18.61 -54.93 30.14
CA LEU LA 58 18.53 -54.64 31.56
C LEU LA 58 17.14 -54.97 32.11
N SER LA 59 16.09 -54.69 31.33
CA SER LA 59 14.74 -55.03 31.75
C SER LA 59 14.56 -56.53 31.86
N ALA LA 60 15.14 -57.29 30.95
CA ALA LA 60 14.99 -58.74 30.98
C ALA LA 60 15.64 -59.33 32.24
N ILE LA 61 16.80 -58.82 32.62
CA ILE LA 61 17.49 -59.34 33.80
C ILE LA 61 16.63 -59.14 35.05
N GLU LA 62 16.06 -57.94 35.20
CA GLU LA 62 15.24 -57.64 36.36
C GLU LA 62 14.00 -58.54 36.41
N MET LA 63 13.33 -58.68 35.27
CA MET LA 63 12.10 -59.48 35.25
C MET LA 63 12.38 -60.94 35.58
N ALA LA 64 13.51 -61.47 35.10
CA ALA LA 64 13.85 -62.86 35.39
C ALA LA 64 14.04 -63.08 36.89
N ASN LA 65 14.71 -62.13 37.56
CA ASN LA 65 14.91 -62.25 39.00
C ASN LA 65 13.58 -62.08 39.75
N LEU LA 66 12.72 -61.19 39.28
CA LEU LA 66 11.44 -60.97 39.94
C LEU LA 66 10.58 -62.23 39.91
N PHE LA 67 10.51 -62.88 38.75
CA PHE LA 67 9.68 -64.08 38.64
C PHE LA 67 10.24 -65.21 39.49
N LYS LA 68 11.57 -65.28 39.63
CA LYS LA 68 12.20 -66.28 40.53
C LYS LA 68 11.70 -65.99 41.96
N SER LA 69 11.52 -64.71 42.33
CA SER LA 69 11.13 -64.36 43.68
C SER LA 69 9.65 -64.62 43.95
N LEU LA 70 8.79 -64.33 42.98
CA LEU LA 70 7.35 -64.54 43.17
C LEU LA 70 7.04 -66.02 43.38
N ARG LA 71 7.69 -66.89 42.62
CA ARG LA 71 7.42 -68.33 42.68
C ARG LA 71 8.15 -69.03 43.82
N GLY LA 72 8.95 -68.30 44.59
CA GLY LA 72 9.61 -68.84 45.76
C GLY LA 72 8.76 -68.71 47.01
N THR LA 73 9.44 -68.77 48.16
CA THR LA 73 8.73 -68.67 49.44
C THR LA 73 8.18 -67.27 49.68
N GLY LA 74 8.89 -66.24 49.25
CA GLY LA 74 8.47 -64.87 49.49
C GLY LA 74 8.90 -64.34 50.83
N GLY LA 75 8.57 -65.07 51.90
CA GLY LA 75 9.00 -64.68 53.23
C GLY LA 75 8.25 -63.46 53.75
N SER LA 76 8.87 -62.81 54.74
CA SER LA 76 8.31 -61.63 55.40
C SER LA 76 7.01 -61.95 56.11
N GLY LA 77 6.55 -61.05 56.97
CA GLY LA 77 5.32 -61.25 57.69
C GLY LA 77 5.04 -60.07 58.60
N SER LA 78 3.76 -59.94 58.97
CA SER LA 78 3.28 -58.88 59.84
C SER LA 78 3.55 -57.50 59.25
N SER LA 79 3.75 -57.41 57.94
CA SER LA 79 4.04 -56.14 57.29
C SER LA 79 3.75 -56.28 55.80
N MET LA 80 3.77 -55.15 55.11
CA MET LA 80 3.49 -55.13 53.68
C MET LA 80 4.55 -55.92 52.91
N GLU LA 81 4.12 -56.87 52.09
CA GLU LA 81 5.04 -57.64 51.27
C GLU LA 81 5.42 -56.85 50.03
N ILE LA 82 6.72 -56.77 49.75
CA ILE LA 82 7.25 -56.06 48.58
C ILE LA 82 8.10 -57.03 47.78
N TYR LA 83 7.84 -57.11 46.48
CA TYR LA 83 8.59 -57.96 45.56
C TYR LA 83 9.34 -57.10 44.57
N GLU LA 84 10.63 -57.38 44.40
CA GLU LA 84 11.46 -56.64 43.46
C GLU LA 84 12.59 -57.54 42.97
N GLY LA 85 13.18 -57.16 41.84
CA GLY LA 85 14.21 -57.95 41.20
C GLY LA 85 15.57 -57.27 41.27
N LYS LA 86 16.61 -58.09 41.50
CA LYS LA 86 17.99 -57.60 41.56
C LYS LA 86 18.46 -57.38 40.13
N LEU LA 87 19.68 -56.91 39.95
CA LEU LA 87 20.33 -56.72 38.66
C LEU LA 87 21.60 -57.56 38.53
N THR LA 88 21.56 -58.80 39.00
CA THR LA 88 22.65 -59.75 38.84
C THR LA 88 22.22 -60.82 37.84
N ALA LA 89 23.08 -61.11 36.86
CA ALA LA 89 22.76 -62.03 35.78
C ALA LA 89 23.40 -63.40 35.95
N GLU LA 90 24.00 -63.69 37.09
CA GLU LA 90 24.67 -64.96 37.29
C GLU LA 90 23.66 -66.10 37.27
N GLY LA 91 23.90 -67.08 36.39
CA GLY LA 91 23.07 -68.26 36.31
C GLY LA 91 21.89 -68.18 35.38
N LEU LA 92 21.63 -67.03 34.77
CA LEU LA 92 20.46 -66.86 33.91
C LEU LA 92 20.81 -67.17 32.45
N ARG LA 93 19.79 -67.56 31.69
CA ARG LA 93 19.92 -67.94 30.29
C ARG LA 93 18.95 -67.11 29.46
N PHE LA 94 19.45 -66.53 28.37
CA PHE LA 94 18.72 -65.54 27.59
C PHE LA 94 18.68 -65.93 26.11
N GLY LA 95 17.59 -65.57 25.45
CA GLY LA 95 17.47 -65.68 24.00
C GLY LA 95 17.24 -64.33 23.36
N ILE LA 96 17.79 -64.15 22.16
CA ILE LA 96 17.71 -62.89 21.43
C ILE LA 96 17.21 -63.18 20.02
N VAL LA 97 16.25 -62.38 19.55
CA VAL LA 97 15.75 -62.44 18.18
C VAL LA 97 15.99 -61.07 17.55
N ALA LA 98 16.70 -61.06 16.42
CA ALA LA 98 17.09 -59.83 15.75
C ALA LA 98 16.77 -59.92 14.26
N SER LA 99 16.37 -58.80 13.68
CA SER LA 99 16.06 -58.73 12.26
C SER LA 99 17.27 -58.23 11.45
N ARG LA 100 17.22 -58.49 10.15
CA ARG LA 100 18.32 -58.15 9.26
C ARG LA 100 18.13 -56.84 8.51
N PHE LA 101 16.93 -56.28 8.48
CA PHE LA 101 16.70 -55.04 7.76
C PHE LA 101 17.26 -53.87 8.57
N ASN LA 102 17.86 -52.92 7.87
CA ASN LA 102 18.61 -51.83 8.51
C ASN LA 102 19.71 -52.39 9.40
N HIS LA 103 20.50 -53.32 8.86
CA HIS LA 103 21.49 -54.02 9.67
C HIS LA 103 22.60 -53.09 10.16
N ALA LA 104 22.81 -51.96 9.48
CA ALA LA 104 23.81 -51.02 9.94
C ALA LA 104 23.52 -50.51 11.34
N LEU LA 105 22.24 -50.45 11.71
CA LEU LA 105 21.81 -50.02 13.03
C LEU LA 105 21.55 -51.19 13.97
N VAL LA 106 20.98 -52.28 13.45
CA VAL LA 106 20.59 -53.41 14.29
C VAL LA 106 21.80 -54.02 14.96
N ASP LA 107 22.91 -54.16 14.23
CA ASP LA 107 24.11 -54.76 14.81
C ASP LA 107 24.68 -53.94 15.97
N ARG LA 108 24.41 -52.64 16.02
CA ARG LA 108 24.79 -51.86 17.19
C ARG LA 108 23.93 -52.22 18.39
N LEU LA 109 22.65 -52.50 18.18
CA LEU LA 109 21.77 -52.86 19.29
C LEU LA 109 22.11 -54.23 19.84
N VAL LA 110 22.47 -55.18 18.99
CA VAL LA 110 22.81 -56.52 19.46
C VAL LA 110 24.09 -56.48 20.28
N GLU LA 111 25.06 -55.65 19.88
CA GLU LA 111 26.28 -55.52 20.66
C GLU LA 111 25.99 -55.00 22.07
N GLY LA 112 25.10 -54.02 22.18
CA GLY LA 112 24.76 -53.48 23.49
C GLY LA 112 24.12 -54.51 24.40
N ALA LA 113 23.21 -55.32 23.85
CA ALA LA 113 22.53 -56.33 24.66
C ALA LA 113 23.51 -57.36 25.20
N ILE LA 114 24.47 -57.80 24.38
CA ILE LA 114 25.45 -58.77 24.84
C ILE LA 114 26.38 -58.15 25.88
N ASP LA 115 26.77 -56.89 25.67
CA ASP LA 115 27.65 -56.22 26.62
C ASP LA 115 27.00 -56.10 27.99
N CYS LA 116 25.71 -55.78 28.03
CA CYS LA 116 25.01 -55.63 29.31
C CYS LA 116 25.01 -56.95 30.08
N ILE LA 117 24.71 -58.06 29.40
CA ILE LA 117 24.59 -59.34 30.09
C ILE LA 117 25.93 -59.77 30.66
N VAL LA 118 27.01 -59.59 29.90
CA VAL LA 118 28.31 -60.11 30.33
C VAL LA 118 28.84 -59.34 31.53
N ARG LA 119 28.72 -58.01 31.52
CA ARG LA 119 29.30 -57.21 32.58
C ARG LA 119 28.46 -57.21 33.85
N HIS LA 120 27.22 -57.70 33.80
CA HIS LA 120 26.42 -57.94 35.00
C HIS LA 120 26.59 -59.34 35.56
N GLY LA 121 27.46 -60.16 34.99
CA GLY LA 121 27.78 -61.46 35.53
C GLY LA 121 27.34 -62.66 34.73
N GLY LA 122 26.84 -62.46 33.50
CA GLY LA 122 26.41 -63.59 32.68
C GLY LA 122 27.53 -64.15 31.82
N ARG LA 123 27.22 -65.26 31.17
CA ARG LA 123 28.15 -65.94 30.28
C ARG LA 123 27.63 -65.88 28.85
N GLU LA 124 28.56 -65.74 27.89
CA GLU LA 124 28.18 -65.79 26.49
C GLU LA 124 27.67 -67.17 26.10
N GLU LA 125 28.11 -68.21 26.81
CA GLU LA 125 27.65 -69.56 26.52
C GLU LA 125 26.16 -69.74 26.79
N ASP LA 126 25.56 -68.85 27.58
CA ASP LA 126 24.15 -68.95 27.95
C ASP LA 126 23.24 -68.09 27.08
N ILE LA 127 23.75 -67.56 25.98
CA ILE LA 127 22.99 -66.68 25.09
C ILE LA 127 22.74 -67.43 23.78
N THR LA 128 21.49 -67.45 23.35
CA THR LA 128 21.08 -68.03 22.07
C THR LA 128 20.58 -66.90 21.17
N LEU LA 129 21.14 -66.79 19.97
CA LEU LA 129 20.84 -65.70 19.05
C LEU LA 129 20.22 -66.28 17.78
N VAL LA 130 19.04 -65.76 17.42
CA VAL LA 130 18.31 -66.17 16.22
C VAL LA 130 18.10 -64.94 15.35
N ARG LA 131 18.37 -65.07 14.06
CA ARG LA 131 18.24 -63.97 13.11
C ARG LA 131 17.12 -64.27 12.12
N VAL LA 132 16.31 -63.25 11.82
CA VAL LA 132 15.18 -63.38 10.91
C VAL LA 132 15.27 -62.30 9.84
N PRO LA 133 14.65 -62.49 8.67
CA PRO LA 133 14.82 -61.50 7.58
C PRO LA 133 14.19 -60.15 7.85
N GLY LA 134 13.17 -60.06 8.70
CA GLY LA 134 12.50 -58.78 8.91
C GLY LA 134 11.73 -58.76 10.21
N SER LA 135 11.22 -57.57 10.54
CA SER LA 135 10.48 -57.39 11.78
C SER LA 135 9.18 -58.18 11.78
N TRP LA 136 8.57 -58.38 10.61
CA TRP LA 136 7.32 -59.14 10.54
C TRP LA 136 7.50 -60.57 11.05
N GLU LA 137 8.69 -61.13 10.90
CA GLU LA 137 8.94 -62.52 11.30
C GLU LA 137 9.41 -62.66 12.74
N ILE LA 138 9.55 -61.55 13.48
CA ILE LA 138 10.01 -61.65 14.87
C ILE LA 138 9.04 -62.44 15.75
N PRO LA 139 7.73 -62.14 15.75
CA PRO LA 139 6.85 -62.84 16.71
C PRO LA 139 6.83 -64.35 16.55
N VAL LA 140 6.86 -64.88 15.33
CA VAL LA 140 6.81 -66.33 15.16
C VAL LA 140 8.11 -66.96 15.61
N ALA LA 141 9.24 -66.31 15.36
CA ALA LA 141 10.52 -66.85 15.82
C ALA LA 141 10.63 -66.76 17.34
N ALA LA 142 10.14 -65.67 17.94
CA ALA LA 142 10.17 -65.53 19.39
C ALA LA 142 9.34 -66.62 20.06
N GLY LA 143 8.28 -67.08 19.39
CA GLY LA 143 7.46 -68.14 19.95
C GLY LA 143 8.16 -69.47 20.10
N GLU LA 144 9.15 -69.74 19.24
CA GLU LA 144 9.89 -70.99 19.35
C GLU LA 144 10.86 -70.96 20.53
N LEU LA 145 11.53 -69.83 20.75
CA LEU LA 145 12.45 -69.72 21.87
C LEU LA 145 11.71 -69.72 23.20
N ALA LA 146 10.59 -69.00 23.27
CA ALA LA 146 9.88 -68.86 24.54
C ALA LA 146 9.35 -70.19 25.05
N ARG LA 147 9.15 -71.17 24.16
CA ARG LA 147 8.63 -72.46 24.56
C ARG LA 147 9.71 -73.42 25.06
N LYS LA 148 10.98 -73.06 24.94
CA LYS LA 148 12.05 -73.89 25.48
C LYS LA 148 12.10 -73.77 27.00
N GLU LA 149 12.36 -74.90 27.66
CA GLU LA 149 12.31 -74.93 29.12
C GLU LA 149 13.51 -74.23 29.75
N ASP LA 150 14.64 -74.17 29.05
CA ASP LA 150 15.88 -73.64 29.60
C ASP LA 150 16.14 -72.19 29.17
N ILE LA 151 15.10 -71.45 28.84
CA ILE LA 151 15.20 -70.03 28.50
C ILE LA 151 14.41 -69.25 29.55
N ASP LA 152 15.05 -68.24 30.15
CA ASP LA 152 14.42 -67.45 31.19
C ASP LA 152 13.72 -66.20 30.65
N ALA LA 153 14.26 -65.57 29.61
CA ALA LA 153 13.64 -64.38 29.03
C ALA LA 153 14.11 -64.23 27.60
N VAL LA 154 13.34 -63.47 26.82
CA VAL LA 154 13.60 -63.25 25.41
C VAL LA 154 13.68 -61.76 25.15
N ILE LA 155 14.61 -61.36 24.28
CA ILE LA 155 14.84 -59.97 23.92
C ILE LA 155 14.61 -59.83 22.41
N ALA LA 156 13.74 -58.89 22.03
CA ALA LA 156 13.39 -58.65 20.63
C ALA LA 156 14.00 -57.32 20.19
N ILE LA 157 14.69 -57.33 19.04
CA ILE LA 157 15.43 -56.18 18.55
C ILE LA 157 15.08 -55.96 17.08
N GLY LA 158 14.85 -54.71 16.71
CA GLY LA 158 14.56 -54.35 15.33
C GLY LA 158 14.52 -52.84 15.18
N VAL LA 159 14.50 -52.40 13.92
CA VAL LA 159 14.47 -50.99 13.57
C VAL LA 159 13.45 -50.78 12.48
N LEU LA 160 12.52 -49.85 12.69
CA LEU LA 160 11.54 -49.44 11.70
C LEU LA 160 11.60 -47.93 11.53
N ILE LA 161 11.65 -47.47 10.29
CA ILE LA 161 11.73 -46.05 9.96
C ILE LA 161 10.60 -45.71 9.00
N ARG LA 162 9.84 -44.66 9.32
CA ARG LA 162 8.70 -44.26 8.51
C ARG LA 162 9.17 -43.70 7.18
N THR MA 3 -11.48 -42.45 0.89
CA THR MA 3 -12.54 -42.89 1.78
C THR MA 3 -11.97 -43.79 2.87
N PRO MA 4 -12.65 -43.87 4.02
CA PRO MA 4 -12.14 -44.73 5.11
C PRO MA 4 -12.25 -46.22 4.82
N HIS MA 5 -12.84 -46.62 3.69
CA HIS MA 5 -12.92 -48.03 3.34
C HIS MA 5 -11.53 -48.67 3.30
N PHE MA 6 -10.52 -47.90 2.88
CA PHE MA 6 -9.17 -48.44 2.76
C PHE MA 6 -8.64 -48.90 4.12
N ASP MA 7 -8.88 -48.12 5.17
CA ASP MA 7 -8.25 -48.40 6.46
C ASP MA 7 -8.75 -49.72 7.06
N TYR MA 8 -10.07 -49.96 7.02
CA TYR MA 8 -10.60 -51.12 7.72
C TYR MA 8 -10.19 -52.42 7.04
N ILE MA 9 -10.15 -52.44 5.70
CA ILE MA 9 -9.72 -53.65 5.01
C ILE MA 9 -8.25 -53.93 5.30
N ALA MA 10 -7.41 -52.89 5.26
CA ALA MA 10 -5.98 -53.08 5.49
C ALA MA 10 -5.71 -53.58 6.91
N SER MA 11 -6.44 -53.06 7.90
CA SER MA 11 -6.22 -53.47 9.28
C SER MA 11 -6.57 -54.94 9.48
N GLU MA 12 -7.67 -55.40 8.87
CA GLU MA 12 -8.12 -56.77 9.11
C GLU MA 12 -7.26 -57.79 8.38
N VAL MA 13 -6.77 -57.46 7.19
CA VAL MA 13 -5.94 -58.40 6.44
C VAL MA 13 -4.62 -58.62 7.16
N SER MA 14 -3.98 -57.53 7.60
CA SER MA 14 -2.71 -57.67 8.31
C SER MA 14 -2.89 -58.39 9.64
N LYS MA 15 -3.94 -58.06 10.37
CA LYS MA 15 -4.18 -58.71 11.66
C LYS MA 15 -4.48 -60.19 11.48
N GLY MA 16 -5.27 -60.54 10.48
CA GLY MA 16 -5.62 -61.94 10.27
C GLY MA 16 -4.41 -62.82 9.99
N LEU MA 17 -3.53 -62.35 9.10
CA LEU MA 17 -2.37 -63.16 8.75
C LEU MA 17 -1.42 -63.32 9.93
N ALA MA 18 -1.26 -62.27 10.73
CA ALA MA 18 -0.34 -62.33 11.86
C ALA MA 18 -0.80 -63.37 12.89
N ASN MA 19 -2.08 -63.31 13.28
CA ASN MA 19 -2.60 -64.27 14.24
C ASN MA 19 -2.53 -65.69 13.71
N LEU MA 20 -2.78 -65.87 12.41
CA LEU MA 20 -2.76 -67.20 11.82
C LEU MA 20 -1.38 -67.82 11.92
N SER MA 21 -0.33 -67.04 11.69
CA SER MA 21 1.03 -67.57 11.75
C SER MA 21 1.38 -68.06 13.15
N LEU MA 22 0.93 -67.33 14.18
CA LEU MA 22 1.23 -67.73 15.55
C LEU MA 22 0.44 -68.96 15.96
N GLU MA 23 -0.82 -69.05 15.52
CA GLU MA 23 -1.65 -70.18 15.91
C GLU MA 23 -1.15 -71.48 15.31
N LEU MA 24 -0.81 -71.49 14.02
CA LEU MA 24 -0.32 -72.67 13.35
C LEU MA 24 1.19 -72.84 13.45
N ARG MA 25 1.90 -71.83 13.93
CA ARG MA 25 3.36 -71.91 14.11
C ARG MA 25 4.06 -72.25 12.79
N LYS MA 26 3.65 -71.55 11.73
CA LYS MA 26 4.23 -71.72 10.40
C LYS MA 26 4.51 -70.34 9.80
N PRO MA 27 5.56 -70.19 9.01
CA PRO MA 27 5.86 -68.87 8.44
C PRO MA 27 4.83 -68.44 7.39
N ILE MA 28 4.39 -67.18 7.50
CA ILE MA 28 3.56 -66.54 6.50
C ILE MA 28 4.13 -65.15 6.24
N THR MA 29 4.35 -64.83 4.97
CA THR MA 29 5.01 -63.58 4.57
C THR MA 29 4.00 -62.58 4.04
N PHE MA 30 4.25 -61.30 4.32
CA PHE MA 30 3.31 -60.22 4.00
C PHE MA 30 3.78 -59.55 2.71
N GLY MA 31 3.13 -59.90 1.60
CA GLY MA 31 3.47 -59.33 0.31
C GLY MA 31 2.39 -58.43 -0.26
N VAL MA 32 1.74 -57.66 0.59
CA VAL MA 32 0.62 -56.81 0.19
C VAL MA 32 1.08 -55.36 0.13
N ILE MA 33 0.85 -54.73 -1.02
CA ILE MA 33 1.18 -53.31 -1.18
C ILE MA 33 0.05 -52.47 -0.61
N THR MA 34 0.41 -51.42 0.14
CA THR MA 34 -0.54 -50.46 0.69
C THR MA 34 -0.05 -49.06 0.32
N ALA MA 35 -0.60 -48.51 -0.75
CA ALA MA 35 -0.12 -47.26 -1.32
C ALA MA 35 -1.20 -46.18 -1.22
N ASP MA 36 -0.75 -44.93 -1.21
CA ASP MA 36 -1.67 -43.80 -1.19
C ASP MA 36 -2.06 -43.32 -2.58
N THR MA 37 -1.26 -43.61 -3.60
CA THR MA 37 -1.52 -43.16 -4.96
C THR MA 37 -1.18 -44.27 -5.94
N LEU MA 38 -1.73 -44.16 -7.15
CA LEU MA 38 -1.46 -45.15 -8.18
C LEU MA 38 0.01 -45.15 -8.56
N GLU MA 39 0.64 -43.97 -8.59
CA GLU MA 39 2.05 -43.90 -8.94
C GLU MA 39 2.92 -44.66 -7.95
N GLN MA 40 2.60 -44.55 -6.66
CA GLN MA 40 3.37 -45.28 -5.65
C GLN MA 40 3.25 -46.78 -5.84
N ALA MA 41 2.11 -47.25 -6.33
CA ALA MA 41 1.92 -48.70 -6.51
C ALA MA 41 2.73 -49.21 -7.68
N ILE MA 42 2.74 -48.47 -8.80
CA ILE MA 42 3.52 -48.90 -9.96
C ILE MA 42 5.00 -48.94 -9.61
N GLU MA 43 5.44 -48.06 -8.70
CA GLU MA 43 6.84 -48.01 -8.33
C GLU MA 43 7.32 -49.34 -7.74
N ARG MA 44 6.46 -50.00 -6.98
CA ARG MA 44 6.83 -51.20 -6.23
C ARG MA 44 6.39 -52.49 -6.90
N ALA MA 45 5.85 -52.42 -8.12
CA ALA MA 45 5.33 -53.59 -8.83
C ALA MA 45 6.22 -54.01 -10.00
N GLY MA 46 7.53 -53.93 -9.83
CA GLY MA 46 8.47 -54.27 -10.88
C GLY MA 46 9.16 -53.09 -11.52
N THR MA 47 9.23 -51.96 -10.83
CA THR MA 47 9.84 -50.73 -11.34
C THR MA 47 10.81 -50.15 -10.32
N LYS MA 48 11.18 -48.88 -10.49
CA LYS MA 48 12.37 -48.30 -9.85
C LYS MA 48 12.53 -48.64 -8.37
N HIS MA 49 11.47 -49.00 -7.66
CA HIS MA 49 11.58 -49.41 -6.27
C HIS MA 49 11.47 -50.93 -6.08
N GLY MA 50 11.69 -51.70 -7.14
CA GLY MA 50 11.75 -53.14 -7.02
C GLY MA 50 10.40 -53.81 -7.12
N ASN MA 51 10.40 -55.10 -6.77
CA ASN MA 51 9.21 -55.94 -6.83
C ASN MA 51 8.95 -56.54 -5.45
N LYS MA 52 7.78 -56.24 -4.88
CA LYS MA 52 7.46 -56.75 -3.56
C LYS MA 52 7.18 -58.25 -3.57
N GLY MA 53 6.74 -58.78 -4.72
CA GLY MA 53 6.54 -60.22 -4.81
C GLY MA 53 7.84 -60.99 -4.72
N TRP MA 54 8.90 -60.47 -5.33
CA TRP MA 54 10.21 -61.10 -5.22
C TRP MA 54 10.70 -61.09 -3.77
N GLU MA 55 10.52 -59.96 -3.08
CA GLU MA 55 11.02 -59.84 -1.72
C GLU MA 55 10.30 -60.80 -0.77
N ALA MA 56 8.98 -60.93 -0.94
CA ALA MA 56 8.23 -61.83 -0.06
C ALA MA 56 8.65 -63.28 -0.23
N ALA MA 57 8.93 -63.69 -1.47
CA ALA MA 57 9.38 -65.06 -1.70
C ALA MA 57 10.74 -65.31 -1.06
N LEU MA 58 11.64 -64.33 -1.13
CA LEU MA 58 12.97 -64.49 -0.53
C LEU MA 58 12.88 -64.67 0.98
N SER MA 59 11.97 -63.93 1.62
CA SER MA 59 11.78 -64.08 3.06
C SER MA 59 11.27 -65.47 3.41
N ALA MA 60 10.36 -66.00 2.58
CA ALA MA 60 9.80 -67.33 2.85
C ALA MA 60 10.87 -68.40 2.79
N ILE MA 61 11.77 -68.32 1.82
CA ILE MA 61 12.82 -69.32 1.67
C ILE MA 61 13.72 -69.33 2.91
N GLU MA 62 14.11 -68.15 3.38
CA GLU MA 62 14.98 -68.08 4.56
C GLU MA 62 14.28 -68.65 5.79
N MET MA 63 13.02 -68.28 6.00
CA MET MA 63 12.31 -68.74 7.19
C MET MA 63 12.14 -70.25 7.18
N ALA MA 64 11.88 -70.84 6.02
CA ALA MA 64 11.73 -72.28 5.93
C ALA MA 64 13.01 -73.00 6.34
N ASN MA 65 14.16 -72.49 5.88
CA ASN MA 65 15.43 -73.11 6.26
C ASN MA 65 15.73 -72.90 7.74
N LEU MA 66 15.37 -71.72 8.29
CA LEU MA 66 15.62 -71.46 9.69
C LEU MA 66 14.85 -72.42 10.59
N PHE MA 67 13.58 -72.66 10.27
CA PHE MA 67 12.77 -73.55 11.10
C PHE MA 67 13.26 -74.98 11.01
N LYS MA 68 13.78 -75.38 9.83
CA LYS MA 68 14.39 -76.72 9.69
C LYS MA 68 15.58 -76.80 10.65
N SER MA 69 16.33 -75.69 10.84
CA SER MA 69 17.52 -75.72 11.68
C SER MA 69 17.17 -75.72 13.16
N LEU MA 70 16.16 -74.97 13.57
CA LEU MA 70 15.79 -74.91 14.98
C LEU MA 70 15.32 -76.27 15.48
N ARG MA 71 14.55 -76.98 14.66
CA ARG MA 71 13.97 -78.26 15.08
C ARG MA 71 14.93 -79.43 14.89
N GLY MA 72 16.13 -79.18 14.38
CA GLY MA 72 17.15 -80.20 14.25
C GLY MA 72 18.02 -80.29 15.49
N THR MA 73 19.22 -80.85 15.30
CA THR MA 73 20.13 -81.02 16.43
C THR MA 73 20.70 -79.68 16.90
N GLY MA 74 20.94 -78.74 15.99
CA GLY MA 74 21.53 -77.47 16.36
C GLY MA 74 23.04 -77.50 16.42
N GLY MA 75 23.59 -78.44 17.19
CA GLY MA 75 25.02 -78.59 17.26
C GLY MA 75 25.69 -77.47 18.05
N SER MA 76 27.00 -77.32 17.79
CA SER MA 76 27.83 -76.32 18.44
C SER MA 76 27.92 -76.57 19.95
N GLY MA 77 28.85 -75.90 20.61
CA GLY MA 77 29.02 -76.07 22.03
C GLY MA 77 30.16 -75.20 22.53
N SER MA 78 30.12 -74.93 23.83
CA SER MA 78 31.12 -74.11 24.51
C SER MA 78 31.22 -72.70 23.93
N SER MA 79 30.18 -72.25 23.24
CA SER MA 79 30.18 -70.93 22.63
C SER MA 79 28.74 -70.53 22.35
N MET MA 80 28.56 -69.27 21.97
CA MET MA 80 27.23 -68.74 21.69
C MET MA 80 26.62 -69.45 20.48
N GLU MA 81 25.41 -69.97 20.66
CA GLU MA 81 24.69 -70.61 19.57
C GLU MA 81 24.03 -69.57 18.68
N ILE MA 82 24.23 -69.69 17.37
CA ILE MA 82 23.65 -68.78 16.39
C ILE MA 82 22.86 -69.61 15.38
N TYR MA 83 21.61 -69.21 15.14
CA TYR MA 83 20.74 -69.87 14.18
C TYR MA 83 20.44 -68.91 13.03
N GLU MA 84 20.60 -69.40 11.80
CA GLU MA 84 20.32 -68.59 10.63
C GLU MA 84 19.92 -69.51 9.47
N GLY MA 85 19.27 -68.92 8.47
CA GLY MA 85 18.74 -69.68 7.34
C GLY MA 85 19.49 -69.36 6.06
N LYS MA 86 19.72 -70.42 5.27
CA LYS MA 86 20.39 -70.28 3.97
C LYS MA 86 19.37 -69.73 2.98
N LEU MA 87 19.78 -69.51 1.75
CA LEU MA 87 18.94 -69.06 0.64
C LEU MA 87 18.92 -70.06 -0.50
N THR MA 88 18.86 -71.35 -0.17
CA THR MA 88 18.70 -72.41 -1.16
C THR MA 88 17.29 -72.99 -1.05
N ALA MA 89 16.62 -73.12 -2.18
CA ALA MA 89 15.22 -73.56 -2.22
C ALA MA 89 15.06 -75.02 -2.64
N GLU MA 90 16.14 -75.79 -2.73
CA GLU MA 90 16.05 -77.16 -3.17
C GLU MA 90 15.27 -78.00 -2.14
N GLY MA 91 14.22 -78.67 -2.61
CA GLY MA 91 13.44 -79.56 -1.77
C GLY MA 91 12.28 -78.92 -1.03
N LEU MA 92 12.10 -77.62 -1.12
CA LEU MA 92 11.04 -76.94 -0.39
C LEU MA 92 9.77 -76.83 -1.23
N ARG MA 93 8.64 -76.72 -0.54
CA ARG MA 93 7.32 -76.66 -1.16
C ARG MA 93 6.59 -75.41 -0.65
N PHE MA 94 6.02 -74.64 -1.57
CA PHE MA 94 5.48 -73.33 -1.26
C PHE MA 94 4.03 -73.21 -1.75
N GLY MA 95 3.24 -72.42 -1.03
CA GLY MA 95 1.90 -72.04 -1.45
C GLY MA 95 1.79 -70.54 -1.60
N ILE MA 96 0.98 -70.11 -2.57
CA ILE MA 96 0.79 -68.69 -2.87
C ILE MA 96 -0.71 -68.40 -2.92
N VAL MA 97 -1.11 -67.31 -2.28
CA VAL MA 97 -2.49 -66.81 -2.32
C VAL MA 97 -2.45 -65.41 -2.91
N ALA MA 98 -3.20 -65.19 -3.98
CA ALA MA 98 -3.20 -63.93 -4.70
C ALA MA 98 -4.63 -63.47 -4.97
N SER MA 99 -4.84 -62.16 -4.90
CA SER MA 99 -6.16 -61.57 -5.15
C SER MA 99 -6.29 -61.13 -6.60
N ARG MA 100 -7.53 -60.94 -7.05
CA ARG MA 100 -7.82 -60.58 -8.43
C ARG MA 100 -8.04 -59.09 -8.64
N PHE MA 101 -8.26 -58.31 -7.58
CA PHE MA 101 -8.48 -56.88 -7.75
C PHE MA 101 -7.17 -56.18 -8.06
N ASN MA 102 -7.22 -55.20 -8.97
CA ASN MA 102 -6.03 -54.56 -9.52
C ASN MA 102 -5.10 -55.60 -10.14
N HIS MA 103 -5.67 -56.47 -11.00
CA HIS MA 103 -4.91 -57.58 -11.54
C HIS MA 103 -3.78 -57.11 -12.46
N ALA MA 104 -3.89 -55.91 -13.00
CA ALA MA 104 -2.80 -55.40 -13.86
C ALA MA 104 -1.49 -55.31 -13.09
N LEU MA 105 -1.56 -55.09 -11.77
CA LEU MA 105 -0.38 -55.02 -10.92
C LEU MA 105 -0.09 -56.35 -10.23
N VAL MA 106 -1.13 -57.07 -9.81
CA VAL MA 106 -0.94 -58.29 -9.03
C VAL MA 106 -0.20 -59.34 -9.85
N ASP MA 107 -0.54 -59.47 -11.14
CA ASP MA 107 0.13 -60.46 -11.97
C ASP MA 107 1.62 -60.21 -12.12
N ARG MA 108 2.06 -58.95 -11.97
CA ARG MA 108 3.50 -58.68 -11.95
C ARG MA 108 4.14 -59.22 -10.68
N LEU MA 109 3.43 -59.14 -9.55
CA LEU MA 109 3.99 -59.63 -8.29
C LEU MA 109 4.07 -61.15 -8.28
N VAL MA 110 3.08 -61.83 -8.86
CA VAL MA 110 3.09 -63.29 -8.87
C VAL MA 110 4.24 -63.80 -9.75
N GLU MA 111 4.51 -63.11 -10.85
CA GLU MA 111 5.63 -63.50 -11.71
C GLU MA 111 6.95 -63.40 -10.95
N GLY MA 112 7.13 -62.34 -10.17
CA GLY MA 112 8.36 -62.19 -9.42
C GLY MA 112 8.57 -63.30 -8.40
N ALA MA 113 7.49 -63.68 -7.70
CA ALA MA 113 7.60 -64.71 -6.68
C ALA MA 113 8.01 -66.05 -7.29
N ILE MA 114 7.43 -66.40 -8.44
CA ILE MA 114 7.79 -67.66 -9.09
C ILE MA 114 9.21 -67.61 -9.61
N ASP MA 115 9.62 -66.47 -10.16
CA ASP MA 115 10.99 -66.34 -10.67
C ASP MA 115 12.02 -66.53 -9.57
N CYS MA 116 11.75 -65.96 -8.39
CA CYS MA 116 12.70 -66.09 -7.28
C CYS MA 116 12.89 -67.54 -6.87
N ILE MA 117 11.78 -68.29 -6.75
CA ILE MA 117 11.86 -69.66 -6.28
C ILE MA 117 12.62 -70.54 -7.26
N VAL MA 118 12.38 -70.36 -8.56
CA VAL MA 118 12.97 -71.25 -9.55
C VAL MA 118 14.47 -71.03 -9.66
N ARG MA 119 14.92 -69.78 -9.66
CA ARG MA 119 16.33 -69.50 -9.87
C ARG MA 119 17.17 -69.74 -8.62
N HIS MA 120 16.54 -69.91 -7.45
CA HIS MA 120 17.24 -70.33 -6.25
C HIS MA 120 17.26 -71.84 -6.07
N GLY MA 121 16.74 -72.60 -7.01
CA GLY MA 121 16.83 -74.05 -6.99
C GLY MA 121 15.52 -74.80 -6.78
N GLY MA 122 14.38 -74.12 -6.80
CA GLY MA 122 13.11 -74.79 -6.61
C GLY MA 122 12.51 -75.29 -7.92
N ARG MA 123 11.42 -76.04 -7.79
CA ARG MA 123 10.69 -76.58 -8.93
C ARG MA 123 9.30 -75.96 -8.99
N GLU MA 124 8.82 -75.72 -10.21
CA GLU MA 124 7.45 -75.24 -10.38
C GLU MA 124 6.44 -76.28 -9.94
N GLU MA 125 6.80 -77.57 -9.99
CA GLU MA 125 5.90 -78.63 -9.55
C GLU MA 125 5.59 -78.55 -8.07
N ASP MA 126 6.42 -77.86 -7.29
CA ASP MA 126 6.26 -77.77 -5.85
C ASP MA 126 5.54 -76.49 -5.41
N ILE MA 127 4.93 -75.76 -6.34
CA ILE MA 127 4.24 -74.51 -6.05
C ILE MA 127 2.74 -74.72 -6.24
N THR MA 128 1.96 -74.33 -5.24
CA THR MA 128 0.50 -74.37 -5.30
C THR MA 128 -0.02 -72.93 -5.27
N LEU MA 129 -0.84 -72.58 -6.26
CA LEU MA 129 -1.34 -71.22 -6.41
C LEU MA 129 -2.85 -71.21 -6.26
N VAL MA 130 -3.35 -70.36 -5.36
CA VAL MA 130 -4.77 -70.19 -5.10
C VAL MA 130 -5.14 -68.73 -5.34
N ARG MA 131 -6.23 -68.50 -6.06
CA ARG MA 131 -6.69 -67.16 -6.40
C ARG MA 131 -8.01 -66.87 -5.71
N VAL MA 132 -8.15 -65.67 -5.16
CA VAL MA 132 -9.36 -65.26 -4.45
C VAL MA 132 -9.85 -63.93 -5.02
N PRO MA 133 -11.14 -63.60 -4.87
CA PRO MA 133 -11.66 -62.38 -5.53
C PRO MA 133 -11.12 -61.08 -4.96
N GLY MA 134 -10.66 -61.05 -3.71
CA GLY MA 134 -10.22 -59.79 -3.13
C GLY MA 134 -9.33 -60.02 -1.93
N SER MA 135 -8.76 -58.91 -1.43
CA SER MA 135 -7.85 -58.99 -0.30
C SER MA 135 -8.55 -59.44 0.97
N TRP MA 136 -9.85 -59.11 1.10
CA TRP MA 136 -10.59 -59.52 2.30
C TRP MA 136 -10.63 -61.04 2.45
N GLU MA 137 -10.59 -61.77 1.34
CA GLU MA 137 -10.69 -63.23 1.38
C GLU MA 137 -9.33 -63.92 1.51
N ILE MA 138 -8.22 -63.18 1.55
CA ILE MA 138 -6.91 -63.80 1.65
C ILE MA 138 -6.75 -64.59 2.95
N PRO MA 139 -7.05 -64.04 4.13
CA PRO MA 139 -6.76 -64.79 5.37
C PRO MA 139 -7.46 -66.14 5.46
N VAL MA 140 -8.73 -66.24 5.02
CA VAL MA 140 -9.44 -67.51 5.13
C VAL MA 140 -8.87 -68.53 4.15
N ALA MA 141 -8.47 -68.09 2.95
CA ALA MA 141 -7.87 -69.00 2.00
C ALA MA 141 -6.48 -69.44 2.46
N ALA MA 142 -5.71 -68.51 3.05
CA ALA MA 142 -4.38 -68.85 3.54
C ALA MA 142 -4.47 -69.89 4.66
N GLY MA 143 -5.57 -69.88 5.42
CA GLY MA 143 -5.73 -70.85 6.49
C GLY MA 143 -5.88 -72.28 5.99
N GLU MA 144 -6.41 -72.47 4.80
CA GLU MA 144 -6.55 -73.82 4.25
C GLU MA 144 -5.20 -74.38 3.80
N LEU MA 145 -4.38 -73.55 3.17
CA LEU MA 145 -3.06 -74.00 2.73
C LEU MA 145 -2.14 -74.27 3.92
N ALA MA 146 -2.16 -73.39 4.91
CA ALA MA 146 -1.23 -73.51 6.03
C ALA MA 146 -1.45 -74.78 6.83
N ARG MA 147 -2.66 -75.36 6.76
CA ARG MA 147 -2.96 -76.57 7.50
C ARG MA 147 -2.55 -77.84 6.78
N LYS MA 148 -2.11 -77.74 5.53
CA LYS MA 148 -1.61 -78.91 4.82
C LYS MA 148 -0.23 -79.30 5.33
N GLU MA 149 0.01 -80.61 5.44
CA GLU MA 149 1.25 -81.09 6.03
C GLU MA 149 2.45 -80.91 5.10
N ASP MA 150 2.22 -80.87 3.79
CA ASP MA 150 3.30 -80.82 2.80
C ASP MA 150 3.55 -79.41 2.29
N ILE MA 151 3.20 -78.39 3.06
CA ILE MA 151 3.47 -76.99 2.71
C ILE MA 151 4.43 -76.45 3.77
N ASP MA 152 5.52 -75.84 3.31
CA ASP MA 152 6.53 -75.29 4.22
C ASP MA 152 6.31 -73.83 4.55
N ALA MA 153 5.81 -73.03 3.62
CA ALA MA 153 5.57 -71.62 3.86
C ALA MA 153 4.52 -71.12 2.88
N VAL MA 154 3.88 -70.01 3.24
CA VAL MA 154 2.81 -69.41 2.44
C VAL MA 154 3.17 -67.96 2.14
N ILE MA 155 2.86 -67.53 0.93
CA ILE MA 155 3.13 -66.17 0.46
C ILE MA 155 1.81 -65.51 0.10
N ALA MA 156 1.55 -64.34 0.67
CA ALA MA 156 0.31 -63.59 0.44
C ALA MA 156 0.62 -62.37 -0.40
N ILE MA 157 -0.16 -62.15 -1.46
CA ILE MA 157 0.08 -61.10 -2.43
C ILE MA 157 -1.24 -60.35 -2.68
N GLY MA 158 -1.15 -59.02 -2.70
CA GLY MA 158 -2.32 -58.19 -2.99
C GLY MA 158 -1.90 -56.74 -3.15
N VAL MA 159 -2.83 -55.94 -3.64
CA VAL MA 159 -2.61 -54.51 -3.87
C VAL MA 159 -3.82 -53.74 -3.36
N LEU MA 160 -3.57 -52.76 -2.50
CA LEU MA 160 -4.61 -51.85 -2.00
C LEU MA 160 -4.16 -50.41 -2.24
N ILE MA 161 -5.07 -49.60 -2.80
CA ILE MA 161 -4.78 -48.21 -3.12
C ILE MA 161 -5.85 -47.34 -2.46
N ARG MA 162 -5.42 -46.32 -1.74
CA ARG MA 162 -6.34 -45.44 -1.02
C ARG MA 162 -7.15 -44.60 -2.01
N THR NA 3 -18.76 -36.99 14.56
CA THR NA 3 -18.48 -37.46 15.91
C THR NA 3 -17.70 -38.77 15.87
N PRO NA 4 -16.94 -39.06 16.94
CA PRO NA 4 -16.16 -40.31 16.95
C PRO NA 4 -17.00 -41.57 17.07
N HIS NA 5 -18.32 -41.45 17.23
CA HIS NA 5 -19.17 -42.63 17.29
C HIS NA 5 -19.01 -43.49 16.06
N PHE NA 6 -18.77 -42.87 14.90
CA PHE NA 6 -18.64 -43.62 13.66
C PHE NA 6 -17.46 -44.59 13.71
N ASP NA 7 -16.33 -44.15 14.27
CA ASP NA 7 -15.11 -44.97 14.19
C ASP NA 7 -15.25 -46.27 14.99
N TYR NA 8 -15.78 -46.19 16.21
CA TYR NA 8 -15.79 -47.36 17.08
C TYR NA 8 -16.73 -48.44 16.55
N ILE NA 9 -17.89 -48.05 16.01
CA ILE NA 9 -18.81 -49.03 15.45
C ILE NA 9 -18.19 -49.70 14.24
N ALA NA 10 -17.57 -48.91 13.35
CA ALA NA 10 -16.99 -49.48 12.15
C ALA NA 10 -15.86 -50.44 12.47
N SER NA 11 -15.04 -50.12 13.46
CA SER NA 11 -13.91 -50.98 13.81
C SER NA 11 -14.39 -52.33 14.34
N GLU NA 12 -15.45 -52.32 15.16
CA GLU NA 12 -15.89 -53.57 15.79
C GLU NA 12 -16.64 -54.46 14.82
N VAL NA 13 -17.41 -53.88 13.89
CA VAL NA 13 -18.15 -54.69 12.93
C VAL NA 13 -17.18 -55.40 11.99
N SER NA 14 -16.18 -54.69 11.48
CA SER NA 14 -15.21 -55.31 10.58
C SER NA 14 -14.39 -56.36 11.31
N LYS NA 15 -13.96 -56.06 12.53
CA LYS NA 15 -13.15 -57.03 13.28
C LYS NA 15 -13.95 -58.27 13.62
N GLY NA 16 -15.22 -58.10 14.00
CA GLY NA 16 -16.04 -59.25 14.38
C GLY NA 16 -16.23 -60.23 13.23
N LEU NA 17 -16.53 -59.71 12.05
CA LEU NA 17 -16.77 -60.59 10.91
C LEU NA 17 -15.51 -61.33 10.49
N ALA NA 18 -14.36 -60.64 10.55
CA ALA NA 18 -13.11 -61.26 10.13
C ALA NA 18 -12.75 -62.43 11.04
N ASN NA 19 -12.81 -62.24 12.35
CA ASN NA 19 -12.48 -63.32 13.28
C ASN NA 19 -13.46 -64.48 13.13
N LEU NA 20 -14.74 -64.17 12.89
CA LEU NA 20 -15.75 -65.21 12.77
C LEU NA 20 -15.46 -66.12 11.59
N SER NA 21 -15.01 -65.55 10.47
CA SER NA 21 -14.74 -66.35 9.28
C SER NA 21 -13.58 -67.33 9.53
N LEU NA 22 -12.56 -66.89 10.26
CA LEU NA 22 -11.42 -67.76 10.53
C LEU NA 22 -11.78 -68.85 11.53
N GLU NA 23 -12.60 -68.52 12.53
CA GLU NA 23 -12.95 -69.50 13.55
C GLU NA 23 -13.79 -70.63 12.97
N LEU NA 24 -14.81 -70.29 12.17
CA LEU NA 24 -15.69 -71.28 11.57
C LEU NA 24 -15.18 -71.79 10.24
N ARG NA 25 -14.15 -71.17 9.67
CA ARG NA 25 -13.57 -71.61 8.40
C ARG NA 25 -14.61 -71.66 7.29
N LYS NA 26 -15.41 -70.59 7.20
CA LYS NA 26 -16.44 -70.46 6.19
C LYS NA 26 -16.36 -69.05 5.58
N PRO NA 27 -16.66 -68.88 4.30
CA PRO NA 27 -16.57 -67.54 3.70
C PRO NA 27 -17.64 -66.60 4.22
N ILE NA 28 -17.22 -65.38 4.55
CA ILE NA 28 -18.12 -64.29 4.89
C ILE NA 28 -17.64 -63.04 4.15
N THR NA 29 -18.56 -62.38 3.44
CA THR NA 29 -18.22 -61.26 2.56
C THR NA 29 -18.63 -59.94 3.21
N PHE NA 30 -17.82 -58.90 2.99
CA PHE NA 30 -18.00 -57.61 3.63
C PHE NA 30 -18.72 -56.67 2.65
N GLY NA 31 -20.02 -56.50 2.86
CA GLY NA 31 -20.83 -55.64 2.02
C GLY NA 31 -21.33 -54.40 2.73
N VAL NA 32 -20.50 -53.81 3.58
CA VAL NA 32 -20.90 -52.66 4.39
C VAL NA 32 -20.26 -51.40 3.81
N ILE NA 33 -21.09 -50.40 3.54
CA ILE NA 33 -20.61 -49.11 3.05
C ILE NA 33 -20.15 -48.26 4.23
N THR NA 34 -19.00 -47.62 4.09
CA THR NA 34 -18.46 -46.70 5.09
C THR NA 34 -18.09 -45.41 4.38
N ALA NA 35 -19.00 -44.44 4.44
CA ALA NA 35 -18.87 -43.20 3.67
C ALA NA 35 -18.73 -42.00 4.61
N ASP NA 36 -18.10 -40.94 4.09
CA ASP NA 36 -17.94 -39.70 4.84
C ASP NA 36 -19.10 -38.74 4.64
N THR NA 37 -19.85 -38.86 3.55
CA THR NA 37 -20.95 -37.95 3.24
C THR NA 37 -22.10 -38.75 2.65
N LEU NA 38 -23.29 -38.14 2.70
CA LEU NA 38 -24.48 -38.78 2.15
C LEU NA 38 -24.34 -38.98 0.65
N GLU NA 39 -23.73 -38.02 -0.05
CA GLU NA 39 -23.55 -38.14 -1.50
C GLU NA 39 -22.71 -39.36 -1.85
N GLN NA 40 -21.62 -39.59 -1.09
CA GLN NA 40 -20.78 -40.74 -1.35
C GLN NA 40 -21.54 -42.05 -1.18
N ALA NA 41 -22.52 -42.09 -0.26
CA ALA NA 41 -23.27 -43.32 -0.04
C ALA NA 41 -24.23 -43.60 -1.19
N ILE NA 42 -24.92 -42.57 -1.68
CA ILE NA 42 -25.84 -42.76 -2.80
C ILE NA 42 -25.09 -43.22 -4.03
N GLU NA 43 -23.83 -42.80 -4.16
CA GLU NA 43 -23.03 -43.17 -5.33
C GLU NA 43 -22.87 -44.69 -5.42
N ARG NA 44 -22.72 -45.36 -4.29
CA ARG NA 44 -22.40 -46.78 -4.24
C ARG NA 44 -23.61 -47.67 -3.98
N ALA NA 45 -24.82 -47.10 -3.95
CA ALA NA 45 -26.04 -47.84 -3.63
C ALA NA 45 -26.93 -48.04 -4.85
N GLY NA 46 -26.34 -48.31 -6.01
CA GLY NA 46 -27.08 -48.49 -7.23
C GLY NA 46 -26.98 -47.35 -8.21
N THR NA 47 -25.92 -46.54 -8.12
CA THR NA 47 -25.73 -45.38 -8.97
C THR NA 47 -24.31 -45.38 -9.54
N LYS NA 48 -23.85 -44.23 -10.06
CA LYS NA 48 -22.71 -44.15 -10.97
C LYS NA 48 -21.49 -44.96 -10.53
N HIS NA 49 -21.34 -45.31 -9.25
CA HIS NA 49 -20.24 -46.15 -8.80
C HIS NA 49 -20.69 -47.58 -8.50
N GLY NA 50 -21.83 -48.00 -9.03
CA GLY NA 50 -22.25 -49.39 -8.92
C GLY NA 50 -23.02 -49.68 -7.65
N ASN NA 51 -23.19 -50.98 -7.39
CA ASN NA 51 -23.94 -51.48 -6.25
C ASN NA 51 -23.05 -52.41 -5.44
N LYS NA 52 -22.82 -52.07 -4.17
CA LYS NA 52 -21.96 -52.90 -3.34
C LYS NA 52 -22.62 -54.21 -2.96
N GLY NA 53 -23.96 -54.24 -2.93
CA GLY NA 53 -24.65 -55.49 -2.65
C GLY NA 53 -24.44 -56.52 -3.75
N TRP NA 54 -24.43 -56.07 -5.00
CA TRP NA 54 -24.15 -56.97 -6.12
C TRP NA 54 -22.74 -57.53 -6.02
N GLU NA 55 -21.77 -56.67 -5.71
CA GLU NA 55 -20.38 -57.10 -5.67
C GLU NA 55 -20.15 -58.12 -4.56
N ALA NA 56 -20.75 -57.91 -3.39
CA ALA NA 56 -20.57 -58.85 -2.29
C ALA NA 56 -21.13 -60.23 -2.62
N ALA NA 57 -22.27 -60.28 -3.30
CA ALA NA 57 -22.83 -61.57 -3.69
C ALA NA 57 -21.94 -62.29 -4.68
N LEU NA 58 -21.34 -61.56 -5.62
CA LEU NA 58 -20.47 -62.20 -6.61
C LEU NA 58 -19.25 -62.81 -5.94
N SER NA 59 -18.70 -62.14 -4.93
CA SER NA 59 -17.57 -62.70 -4.20
C SER NA 59 -17.95 -63.98 -3.47
N ALA NA 60 -19.15 -64.01 -2.90
CA ALA NA 60 -19.59 -65.20 -2.16
C ALA NA 60 -19.71 -66.41 -3.08
N ILE NA 61 -20.24 -66.21 -4.29
CA ILE NA 61 -20.40 -67.32 -5.23
C ILE NA 61 -19.05 -67.92 -5.58
N GLU NA 62 -18.07 -67.06 -5.87
CA GLU NA 62 -16.74 -67.55 -6.24
C GLU NA 62 -16.10 -68.32 -5.09
N MET NA 63 -16.18 -67.77 -3.87
CA MET NA 63 -15.55 -68.43 -2.73
C MET NA 63 -16.18 -69.78 -2.44
N ALA NA 64 -17.49 -69.89 -2.60
CA ALA NA 64 -18.16 -71.17 -2.37
C ALA NA 64 -17.67 -72.23 -3.34
N ASN NA 65 -17.50 -71.88 -4.60
CA ASN NA 65 -17.00 -72.83 -5.58
C ASN NA 65 -15.54 -73.18 -5.32
N LEU NA 66 -14.74 -72.20 -4.89
CA LEU NA 66 -13.33 -72.45 -4.61
C LEU NA 66 -13.17 -73.46 -3.49
N PHE NA 67 -13.93 -73.30 -2.41
CA PHE NA 67 -13.80 -74.20 -1.27
C PHE NA 67 -14.26 -75.61 -1.63
N LYS NA 68 -15.27 -75.72 -2.51
CA LYS NA 68 -15.70 -77.03 -3.02
C LYS NA 68 -14.52 -77.67 -3.75
N SER NA 69 -13.69 -76.88 -4.46
CA SER NA 69 -12.60 -77.42 -5.25
C SER NA 69 -11.42 -77.83 -4.37
N LEU NA 70 -11.09 -77.03 -3.35
CA LEU NA 70 -9.97 -77.35 -2.49
C LEU NA 70 -10.20 -78.66 -1.74
N ARG NA 71 -11.42 -78.90 -1.26
CA ARG NA 71 -11.73 -80.08 -0.48
C ARG NA 71 -12.02 -81.30 -1.33
N GLY NA 72 -11.99 -81.18 -2.65
CA GLY NA 72 -12.15 -82.29 -3.55
C GLY NA 72 -10.83 -82.96 -3.88
N THR NA 73 -10.82 -83.68 -5.00
CA THR NA 73 -9.61 -84.39 -5.41
C THR NA 73 -8.51 -83.43 -5.87
N GLY NA 74 -8.88 -82.34 -6.52
CA GLY NA 74 -7.90 -81.40 -7.03
C GLY NA 74 -7.37 -81.77 -8.40
N GLY NA 75 -6.89 -83.00 -8.54
CA GLY NA 75 -6.42 -83.47 -9.83
C GLY NA 75 -5.11 -82.84 -10.25
N SER NA 76 -4.86 -82.90 -11.57
CA SER NA 76 -3.65 -82.37 -12.17
C SER NA 76 -2.41 -83.09 -11.66
N GLY NA 77 -1.29 -82.89 -12.34
CA GLY NA 77 -0.04 -83.52 -11.95
C GLY NA 77 1.08 -83.14 -12.88
N SER NA 78 2.31 -83.29 -12.39
CA SER NA 78 3.52 -82.98 -13.13
C SER NA 78 3.56 -81.51 -13.56
N SER NA 79 2.81 -80.64 -12.89
CA SER NA 79 2.76 -79.23 -13.23
C SER NA 79 2.21 -78.46 -12.05
N MET NA 80 2.30 -77.14 -12.14
CA MET NA 80 1.83 -76.27 -11.06
C MET NA 80 0.32 -76.41 -10.88
N GLU NA 81 -0.11 -76.68 -9.65
CA GLU NA 81 -1.53 -76.78 -9.36
C GLU NA 81 -2.12 -75.39 -9.16
N ILE NA 82 -3.24 -75.13 -9.83
CA ILE NA 82 -3.95 -73.85 -9.74
C ILE NA 82 -5.38 -74.12 -9.33
N TYR NA 83 -5.84 -73.40 -8.30
CA TYR NA 83 -7.20 -73.52 -7.79
C TYR NA 83 -7.94 -72.21 -8.03
N GLU NA 84 -9.13 -72.30 -8.59
CA GLU NA 84 -9.95 -71.12 -8.84
C GLU NA 84 -11.43 -71.51 -8.83
N GLY NA 85 -12.28 -70.52 -8.66
CA GLY NA 85 -13.71 -70.74 -8.53
C GLY NA 85 -14.48 -70.20 -9.73
N LYS NA 86 -15.50 -70.97 -10.14
CA LYS NA 86 -16.35 -70.58 -11.26
C LYS NA 86 -17.33 -69.53 -10.75
N LEU NA 87 -18.20 -69.02 -11.61
CA LEU NA 87 -19.25 -68.07 -11.28
C LEU NA 87 -20.63 -68.63 -11.61
N THR NA 88 -20.86 -69.91 -11.31
CA THR NA 88 -22.16 -70.55 -11.44
C THR NA 88 -22.73 -70.81 -10.06
N ALA NA 89 -23.98 -70.42 -9.84
CA ALA NA 89 -24.61 -70.52 -8.53
C ALA NA 89 -25.58 -71.69 -8.41
N GLU NA 90 -25.60 -72.60 -9.38
CA GLU NA 90 -26.54 -73.72 -9.33
C GLU NA 90 -26.20 -74.65 -8.17
N GLY NA 91 -27.19 -74.89 -7.31
CA GLY NA 91 -27.04 -75.81 -6.20
C GLY NA 91 -26.53 -75.21 -4.91
N LEU NA 92 -26.18 -73.92 -4.89
CA LEU NA 92 -25.62 -73.30 -3.69
C LEU NA 92 -26.72 -72.67 -2.85
N ARG NA 93 -26.44 -72.54 -1.54
CA ARG NA 93 -27.37 -72.00 -0.57
C ARG NA 93 -26.70 -70.86 0.19
N PHE NA 94 -27.39 -69.72 0.29
CA PHE NA 94 -26.81 -68.48 0.80
C PHE NA 94 -27.64 -67.91 1.94
N GLY NA 95 -26.97 -67.24 2.87
CA GLY NA 95 -27.62 -66.48 3.92
C GLY NA 95 -27.22 -65.01 3.84
N ILE NA 96 -28.17 -64.14 4.17
CA ILE NA 96 -27.97 -62.69 4.12
C ILE NA 96 -28.38 -62.09 5.45
N VAL NA 97 -27.53 -61.19 5.97
CA VAL NA 97 -27.83 -60.42 7.18
C VAL NA 97 -27.79 -58.94 6.81
N ALA NA 98 -28.89 -58.24 7.08
CA ALA NA 98 -29.04 -56.84 6.70
C ALA NA 98 -29.55 -56.03 7.88
N SER NA 99 -29.08 -54.78 7.98
CA SER NA 99 -29.49 -53.89 9.05
C SER NA 99 -30.63 -52.98 8.58
N ARG NA 100 -31.34 -52.40 9.56
CA ARG NA 100 -32.50 -51.57 9.28
C ARG NA 100 -32.20 -50.07 9.27
N PHE NA 101 -31.05 -49.64 9.79
CA PHE NA 101 -30.73 -48.23 9.81
C PHE NA 101 -30.33 -47.77 8.41
N ASN NA 102 -30.77 -46.56 8.05
CA ASN NA 102 -30.62 -46.06 6.67
C ASN NA 102 -31.26 -47.01 5.68
N HIS NA 103 -32.51 -47.41 5.96
CA HIS NA 103 -33.16 -48.44 5.14
C HIS NA 103 -33.43 -47.97 3.73
N ALA NA 104 -33.47 -46.65 3.51
CA ALA NA 104 -33.69 -46.15 2.16
C ALA NA 104 -32.57 -46.59 1.22
N LEU NA 105 -31.35 -46.80 1.76
CA LEU NA 105 -30.21 -47.25 0.98
C LEU NA 105 -30.02 -48.77 1.09
N VAL NA 106 -30.26 -49.33 2.27
CA VAL NA 106 -29.98 -50.75 2.50
C VAL NA 106 -30.84 -51.62 1.60
N ASP NA 107 -32.12 -51.25 1.43
CA ASP NA 107 -33.01 -52.06 0.60
C ASP NA 107 -32.57 -52.09 -0.86
N ARG NA 108 -31.83 -51.08 -1.32
CA ARG NA 108 -31.26 -51.15 -2.67
C ARG NA 108 -30.15 -52.19 -2.73
N LEU NA 109 -29.36 -52.32 -1.67
CA LEU NA 109 -28.26 -53.29 -1.67
C LEU NA 109 -28.80 -54.72 -1.60
N VAL NA 110 -29.87 -54.94 -0.85
CA VAL NA 110 -30.43 -56.29 -0.73
C VAL NA 110 -31.02 -56.73 -2.07
N GLU NA 111 -31.63 -55.80 -2.80
CA GLU NA 111 -32.16 -56.12 -4.12
C GLU NA 111 -31.05 -56.57 -5.07
N GLY NA 112 -29.92 -55.87 -5.03
CA GLY NA 112 -28.81 -56.25 -5.89
C GLY NA 112 -28.27 -57.63 -5.60
N ALA NA 113 -28.15 -57.97 -4.31
CA ALA NA 113 -27.61 -59.27 -3.95
C ALA NA 113 -28.52 -60.40 -4.43
N ILE NA 114 -29.83 -60.23 -4.30
CA ILE NA 114 -30.76 -61.27 -4.76
C ILE NA 114 -30.75 -61.37 -6.28
N ASP NA 115 -30.65 -60.23 -6.97
CA ASP NA 115 -30.63 -60.24 -8.42
C ASP NA 115 -29.40 -61.00 -8.94
N CYS NA 116 -28.24 -60.79 -8.31
CA CYS NA 116 -27.03 -61.46 -8.76
C CYS NA 116 -27.16 -62.97 -8.65
N ILE NA 117 -27.69 -63.45 -7.52
CA ILE NA 117 -27.76 -64.89 -7.29
C ILE NA 117 -28.70 -65.56 -8.29
N VAL NA 118 -29.84 -64.93 -8.56
CA VAL NA 118 -30.86 -65.56 -9.40
C VAL NA 118 -30.40 -65.65 -10.85
N ARG NA 119 -29.78 -64.59 -11.37
CA ARG NA 119 -29.41 -64.58 -12.78
C ARG NA 119 -28.14 -65.38 -13.06
N HIS NA 120 -27.39 -65.76 -12.03
CA HIS NA 120 -26.27 -66.68 -12.19
C HIS NA 120 -26.68 -68.14 -12.01
N GLY NA 121 -27.96 -68.43 -11.81
CA GLY NA 121 -28.45 -69.80 -11.76
C GLY NA 121 -28.96 -70.27 -10.42
N GLY NA 122 -29.09 -69.40 -9.42
CA GLY NA 122 -29.58 -69.80 -8.13
C GLY NA 122 -31.09 -69.70 -8.02
N ARG NA 123 -31.61 -70.21 -6.91
CA ARG NA 123 -33.04 -70.18 -6.60
C ARG NA 123 -33.30 -69.30 -5.40
N GLU NA 124 -34.43 -68.58 -5.43
CA GLU NA 124 -34.84 -67.78 -4.27
C GLU NA 124 -35.17 -68.67 -3.08
N GLU NA 125 -35.57 -69.92 -3.33
CA GLU NA 125 -35.88 -70.83 -2.24
C GLU NA 125 -34.65 -71.17 -1.41
N ASP NA 126 -33.45 -70.96 -1.93
CA ASP NA 126 -32.21 -71.30 -1.25
C ASP NA 126 -31.58 -70.10 -0.53
N ILE NA 127 -32.32 -69.00 -0.38
CA ILE NA 127 -31.81 -67.80 0.25
C ILE NA 127 -32.54 -67.60 1.57
N THR NA 128 -31.77 -67.39 2.64
CA THR NA 128 -32.30 -67.09 3.97
C THR NA 128 -31.90 -65.67 4.33
N LEU NA 129 -32.88 -64.84 4.69
CA LEU NA 129 -32.66 -63.43 4.97
C LEU NA 129 -33.01 -63.14 6.42
N VAL NA 130 -32.08 -62.54 7.14
CA VAL NA 130 -32.24 -62.16 8.55
C VAL NA 130 -32.01 -60.66 8.66
N ARG NA 131 -32.91 -59.97 9.38
CA ARG NA 131 -32.84 -58.52 9.55
C ARG NA 131 -32.56 -58.19 11.02
N VAL NA 132 -31.67 -57.23 11.24
CA VAL NA 132 -31.27 -56.81 12.59
C VAL NA 132 -31.44 -55.31 12.71
N PRO NA 133 -31.60 -54.76 13.92
CA PRO NA 133 -31.88 -53.32 14.06
C PRO NA 133 -30.73 -52.42 13.66
N GLY NA 134 -29.48 -52.88 13.70
CA GLY NA 134 -28.35 -52.01 13.41
C GLY NA 134 -27.11 -52.79 13.05
N SER NA 135 -26.09 -52.05 12.61
CA SER NA 135 -24.84 -52.67 12.20
C SER NA 135 -24.13 -53.34 13.37
N TRP NA 136 -24.30 -52.81 14.58
CA TRP NA 136 -23.65 -53.40 15.75
C TRP NA 136 -24.09 -54.84 15.97
N GLU NA 137 -25.33 -55.18 15.59
CA GLU NA 137 -25.87 -56.51 15.81
C GLU NA 137 -25.58 -57.48 14.68
N ILE NA 138 -24.91 -57.04 13.61
CA ILE NA 138 -24.64 -57.95 12.49
C ILE NA 138 -23.76 -59.12 12.89
N PRO NA 139 -22.62 -58.93 13.57
CA PRO NA 139 -21.73 -60.08 13.84
C PRO NA 139 -22.38 -61.20 14.64
N VAL NA 140 -23.20 -60.87 15.64
CA VAL NA 140 -23.81 -61.92 16.45
C VAL NA 140 -24.87 -62.68 15.64
N ALA NA 141 -25.62 -61.98 14.80
CA ALA NA 141 -26.60 -62.64 13.95
C ALA NA 141 -25.91 -63.49 12.89
N ALA NA 142 -24.82 -62.99 12.31
CA ALA NA 142 -24.08 -63.75 11.31
C ALA NA 142 -23.53 -65.05 11.90
N GLY NA 143 -23.21 -65.05 13.19
CA GLY NA 143 -22.70 -66.24 13.84
C GLY NA 143 -23.71 -67.37 13.91
N GLU NA 144 -25.00 -67.06 13.97
CA GLU NA 144 -26.02 -68.10 14.01
C GLU NA 144 -26.19 -68.76 12.64
N LEU NA 145 -26.17 -67.97 11.57
CA LEU NA 145 -26.30 -68.53 10.24
C LEU NA 145 -25.08 -69.36 9.85
N ALA NA 146 -23.89 -68.86 10.17
CA ALA NA 146 -22.66 -69.52 9.74
C ALA NA 146 -22.51 -70.91 10.36
N ARG NA 147 -23.17 -71.15 11.50
CA ARG NA 147 -23.08 -72.45 12.16
C ARG NA 147 -24.05 -73.48 11.62
N LYS NA 148 -24.96 -73.08 10.73
CA LYS NA 148 -25.86 -74.05 10.12
C LYS NA 148 -25.13 -74.87 9.06
N GLU NA 149 -25.45 -76.15 8.99
CA GLU NA 149 -24.71 -77.06 8.11
C GLU NA 149 -25.08 -76.86 6.65
N ASP NA 150 -26.27 -76.36 6.36
CA ASP NA 150 -26.77 -76.23 5.00
C ASP NA 150 -26.61 -74.81 4.44
N ILE NA 151 -25.67 -74.04 4.96
CA ILE NA 151 -25.36 -72.71 4.45
C ILE NA 151 -23.93 -72.74 3.92
N ASP NA 152 -23.75 -72.27 2.69
CA ASP NA 152 -22.44 -72.28 2.06
C ASP NA 152 -21.66 -70.99 2.25
N ALA NA 153 -22.34 -69.84 2.30
CA ALA NA 153 -21.67 -68.56 2.50
C ALA NA 153 -22.68 -67.57 3.05
N VAL NA 154 -22.16 -66.51 3.67
CA VAL NA 154 -22.96 -65.48 4.31
C VAL NA 154 -22.57 -64.13 3.73
N ILE NA 155 -23.56 -63.26 3.53
CA ILE NA 155 -23.37 -61.93 2.99
C ILE NA 155 -23.86 -60.92 4.01
N ALA NA 156 -23.01 -59.96 4.36
CA ALA NA 156 -23.32 -58.94 5.35
C ALA NA 156 -23.50 -57.59 4.64
N ILE NA 157 -24.59 -56.90 4.95
CA ILE NA 157 -24.96 -55.65 4.28
C ILE NA 157 -25.31 -54.60 5.33
N GLY NA 158 -24.81 -53.39 5.12
CA GLY NA 158 -25.12 -52.28 6.02
C GLY NA 158 -24.57 -50.99 5.45
N VAL NA 159 -25.01 -49.89 6.05
CA VAL NA 159 -24.60 -48.55 5.64
C VAL NA 159 -24.24 -47.74 6.88
N LEU NA 160 -23.05 -47.16 6.90
CA LEU NA 160 -22.61 -46.25 7.94
C LEU NA 160 -22.14 -44.94 7.32
N ILE NA 161 -22.61 -43.83 7.87
CA ILE NA 161 -22.27 -42.50 7.38
C ILE NA 161 -21.72 -41.68 8.54
N ARG NA 162 -20.56 -41.06 8.32
CA ARG NA 162 -19.90 -40.27 9.36
C ARG NA 162 -20.70 -39.01 9.66
N THR OA 3 43.55 5.06 3.18
CA THR OA 3 44.10 6.35 3.55
C THR OA 3 44.88 6.95 2.37
N PRO OA 4 45.01 8.27 2.34
CA PRO OA 4 45.75 8.91 1.24
C PRO OA 4 47.24 8.65 1.26
N HIS OA 5 47.77 7.98 2.29
CA HIS OA 5 49.19 7.66 2.33
C HIS OA 5 49.62 6.88 1.09
N PHE OA 6 48.73 6.03 0.57
CA PHE OA 6 49.07 5.22 -0.59
C PHE OA 6 49.40 6.09 -1.81
N ASP OA 7 48.63 7.14 -2.04
CA ASP OA 7 48.76 7.91 -3.28
C ASP OA 7 50.11 8.61 -3.35
N TYR OA 8 50.54 9.25 -2.26
CA TYR OA 8 51.74 10.08 -2.32
C TYR OA 8 53.00 9.24 -2.50
N ILE OA 9 53.06 8.07 -1.86
CA ILE OA 9 54.22 7.19 -2.04
C ILE OA 9 54.27 6.68 -3.46
N ALA OA 10 53.13 6.26 -4.01
CA ALA OA 10 53.11 5.71 -5.35
C ALA OA 10 53.51 6.76 -6.38
N SER OA 11 53.05 8.00 -6.21
CA SER OA 11 53.38 9.05 -7.17
C SER OA 11 54.88 9.35 -7.19
N GLU OA 12 55.51 9.37 -6.02
CA GLU OA 12 56.92 9.75 -5.95
C GLU OA 12 57.84 8.64 -6.45
N VAL OA 13 57.48 7.38 -6.18
CA VAL OA 13 58.32 6.28 -6.64
C VAL OA 13 58.32 6.20 -8.16
N SER OA 14 57.14 6.29 -8.77
CA SER OA 14 57.06 6.23 -10.23
C SER OA 14 57.76 7.43 -10.86
N LYS OA 15 57.55 8.63 -10.31
CA LYS OA 15 58.18 9.83 -10.86
C LYS OA 15 59.70 9.76 -10.73
N GLY OA 16 60.19 9.29 -9.59
CA GLY OA 16 61.63 9.24 -9.39
C GLY OA 16 62.34 8.34 -10.38
N LEU OA 17 61.79 7.15 -10.61
CA LEU OA 17 62.43 6.20 -11.52
C LEU OA 17 62.41 6.72 -12.96
N ALA OA 18 61.31 7.37 -13.36
CA ALA OA 18 61.20 7.86 -14.73
C ALA OA 18 62.25 8.94 -15.01
N ASN OA 19 62.37 9.92 -14.12
CA ASN OA 19 63.36 10.98 -14.32
C ASN OA 19 64.77 10.42 -14.31
N LEU OA 20 65.04 9.44 -13.45
CA LEU OA 20 66.36 8.86 -13.35
C LEU OA 20 66.79 8.21 -14.67
N SER OA 21 65.86 7.51 -15.33
CA SER OA 21 66.20 6.84 -16.57
C SER OA 21 66.57 7.84 -17.66
N LEU OA 22 65.88 8.98 -17.71
CA LEU OA 22 66.18 9.97 -18.73
C LEU OA 22 67.50 10.69 -18.44
N GLU OA 23 67.78 10.95 -17.16
CA GLU OA 23 69.00 11.67 -16.82
C GLU OA 23 70.24 10.84 -17.13
N LEU OA 24 70.23 9.55 -16.74
CA LEU OA 24 71.37 8.68 -16.98
C LEU OA 24 71.32 7.99 -18.33
N ARG OA 25 70.19 8.07 -19.04
CA ARG OA 25 70.06 7.48 -20.37
C ARG OA 25 70.34 5.97 -20.32
N LYS OA 26 69.75 5.30 -19.34
CA LYS OA 26 69.89 3.86 -19.16
C LYS OA 26 68.51 3.26 -18.89
N PRO OA 27 68.23 2.04 -19.35
CA PRO OA 27 66.90 1.45 -19.12
C PRO OA 27 66.67 1.12 -17.65
N ILE OA 28 65.49 1.48 -17.16
CA ILE OA 28 65.01 1.08 -15.84
C ILE OA 28 63.56 0.63 -15.99
N THR OA 29 63.25 -0.57 -15.49
CA THR OA 29 61.95 -1.19 -15.67
C THR OA 29 61.12 -1.09 -14.39
N PHE OA 30 59.81 -0.90 -14.56
CA PHE OA 30 58.88 -0.66 -13.45
C PHE OA 30 58.21 -1.98 -13.09
N GLY OA 31 58.69 -2.62 -12.02
CA GLY OA 31 58.13 -3.87 -11.56
C GLY OA 31 57.41 -3.75 -10.22
N VAL OA 32 56.70 -2.65 -10.00
CA VAL OA 32 56.05 -2.39 -8.73
C VAL OA 32 54.55 -2.63 -8.88
N ILE OA 33 53.99 -3.46 -8.00
CA ILE OA 33 52.55 -3.71 -7.99
C ILE OA 33 51.86 -2.60 -7.21
N THR OA 34 50.75 -2.10 -7.76
CA THR OA 34 49.91 -1.09 -7.10
C THR OA 34 48.47 -1.60 -7.12
N ALA OA 35 48.04 -2.22 -6.03
CA ALA OA 35 46.76 -2.89 -5.95
C ALA OA 35 45.85 -2.22 -4.95
N ASP OA 36 44.54 -2.38 -5.15
CA ASP OA 36 43.55 -1.84 -4.24
C ASP OA 36 43.20 -2.80 -3.11
N THR OA 37 43.40 -4.11 -3.30
CA THR OA 37 43.05 -5.12 -2.32
C THR OA 37 44.14 -6.18 -2.26
N LEU OA 38 44.15 -6.91 -1.15
CA LEU OA 38 45.13 -7.99 -0.99
C LEU OA 38 44.93 -9.08 -2.04
N GLU OA 39 43.68 -9.37 -2.39
CA GLU OA 39 43.41 -10.40 -3.38
C GLU OA 39 44.01 -10.03 -4.73
N GLN OA 40 43.89 -8.76 -5.13
CA GLN OA 40 44.46 -8.32 -6.40
C GLN OA 40 45.97 -8.48 -6.41
N ALA OA 41 46.63 -8.33 -5.27
CA ALA OA 41 48.08 -8.45 -5.21
C ALA OA 41 48.52 -9.90 -5.36
N ILE OA 42 47.84 -10.83 -4.70
CA ILE OA 42 48.19 -12.24 -4.82
C ILE OA 42 48.00 -12.72 -6.25
N GLU OA 43 47.04 -12.11 -6.96
CA GLU OA 43 46.77 -12.53 -8.34
C GLU OA 43 47.99 -12.33 -9.23
N ARG OA 44 48.75 -11.25 -9.00
CA ARG OA 44 49.85 -10.85 -9.86
C ARG OA 44 51.21 -11.25 -9.33
N ALA OA 45 51.27 -12.01 -8.23
CA ALA OA 45 52.53 -12.40 -7.59
C ALA OA 45 52.85 -13.87 -7.80
N GLY OA 46 52.59 -14.41 -8.99
CA GLY OA 46 52.82 -15.81 -9.29
C GLY OA 46 51.58 -16.65 -9.37
N THR OA 47 50.42 -16.05 -9.63
CA THR OA 47 49.15 -16.75 -9.69
C THR OA 47 48.40 -16.36 -10.96
N LYS OA 48 47.09 -16.64 -11.01
CA LYS OA 48 46.32 -16.69 -12.25
C LYS OA 48 46.57 -15.51 -13.20
N HIS OA 49 47.06 -14.38 -12.73
CA HIS OA 49 47.40 -13.26 -13.60
C HIS OA 49 48.90 -13.10 -13.82
N GLY OA 50 49.67 -14.15 -13.58
CA GLY OA 50 51.09 -14.14 -13.90
C GLY OA 50 51.95 -13.56 -12.79
N ASN OA 51 53.21 -13.31 -13.14
CA ASN OA 51 54.22 -12.80 -12.23
C ASN OA 51 54.78 -11.50 -12.82
N LYS OA 52 54.65 -10.40 -12.07
CA LYS OA 52 55.15 -9.12 -12.56
C LYS OA 52 56.67 -9.06 -12.52
N GLY OA 53 57.30 -9.83 -11.64
CA GLY OA 53 58.75 -9.86 -11.63
C GLY OA 53 59.33 -10.48 -12.88
N TRP OA 54 58.68 -11.54 -13.39
CA TRP OA 54 59.11 -12.14 -14.65
C TRP OA 54 58.99 -11.16 -15.80
N GLU OA 55 57.86 -10.43 -15.85
CA GLU OA 55 57.62 -9.51 -16.96
C GLU OA 55 58.63 -8.38 -16.97
N ALA OA 56 58.96 -7.83 -15.79
CA ALA OA 56 59.92 -6.73 -15.74
C ALA OA 56 61.29 -7.17 -16.21
N ALA OA 57 61.72 -8.39 -15.87
CA ALA OA 57 63.01 -8.87 -16.33
C ALA OA 57 63.04 -9.04 -17.85
N LEU OA 58 61.94 -9.52 -18.42
CA LEU OA 58 61.90 -9.70 -19.88
C LEU OA 58 62.03 -8.37 -20.61
N SER OA 59 61.40 -7.32 -20.06
CA SER OA 59 61.52 -6.00 -20.67
C SER OA 59 62.96 -5.49 -20.61
N ALA OA 60 63.65 -5.75 -19.49
CA ALA OA 60 65.02 -5.28 -19.35
C ALA OA 60 65.94 -5.94 -20.37
N ILE OA 61 65.76 -7.24 -20.63
CA ILE OA 61 66.61 -7.94 -21.58
C ILE OA 61 66.45 -7.34 -22.97
N GLU OA 62 65.21 -7.09 -23.38
CA GLU OA 62 64.96 -6.53 -24.71
C GLU OA 62 65.57 -5.14 -24.84
N MET OA 63 65.38 -4.29 -23.84
CA MET OA 63 65.89 -2.93 -23.91
C MET OA 63 67.42 -2.91 -23.97
N ALA OA 64 68.08 -3.81 -23.24
CA ALA OA 64 69.54 -3.86 -23.28
C ALA OA 64 70.04 -4.21 -24.67
N ASN OA 65 69.39 -5.16 -25.34
CA ASN OA 65 69.80 -5.52 -26.69
C ASN OA 65 69.50 -4.40 -27.68
N LEU OA 66 68.38 -3.71 -27.49
CA LEU OA 66 68.02 -2.61 -28.39
C LEU OA 66 69.06 -1.50 -28.34
N PHE OA 67 69.47 -1.12 -27.13
CA PHE OA 67 70.44 -0.03 -27.00
C PHE OA 67 71.79 -0.42 -27.57
N LYS OA 68 72.15 -1.71 -27.46
CA LYS OA 68 73.40 -2.21 -28.09
C LYS OA 68 73.27 -2.00 -29.60
N SER OA 69 72.06 -2.17 -30.17
CA SER OA 69 71.89 -2.07 -31.62
C SER OA 69 71.89 -0.62 -32.10
N LEU OA 70 71.26 0.29 -31.34
CA LEU OA 70 71.21 1.69 -31.75
C LEU OA 70 72.60 2.29 -31.80
N ARG OA 71 73.45 1.96 -30.83
CA ARG OA 71 74.78 2.56 -30.73
C ARG OA 71 75.80 1.86 -31.61
N GLY OA 72 75.40 0.81 -32.33
CA GLY OA 72 76.27 0.13 -33.28
C GLY OA 72 76.19 0.74 -34.66
N THR OA 73 76.57 -0.06 -35.65
CA THR OA 73 76.57 0.43 -37.03
C THR OA 73 75.15 0.60 -37.57
N GLY OA 74 74.23 -0.27 -37.17
CA GLY OA 74 72.86 -0.21 -37.67
C GLY OA 74 72.68 -0.93 -38.98
N GLY OA 75 73.50 -0.59 -39.97
CA GLY OA 75 73.44 -1.28 -41.25
C GLY OA 75 72.21 -0.92 -42.06
N SER OA 76 71.88 -1.80 -43.00
CA SER OA 76 70.75 -1.63 -43.91
C SER OA 76 70.92 -0.40 -44.79
N GLY OA 77 70.10 -0.28 -45.82
CA GLY OA 77 70.19 0.85 -46.73
C GLY OA 77 69.15 0.72 -47.82
N SER OA 78 68.84 1.87 -48.42
CA SER OA 78 67.86 1.96 -49.51
C SER OA 78 66.48 1.47 -49.09
N SER OA 79 66.20 1.44 -47.79
CA SER OA 79 64.92 0.98 -47.28
C SER OA 79 64.74 1.49 -45.86
N MET OA 80 63.53 1.31 -45.33
CA MET OA 80 63.22 1.78 -43.99
C MET OA 80 64.04 1.04 -42.96
N GLU OA 81 64.73 1.79 -42.10
CA GLU OA 81 65.51 1.20 -41.03
C GLU OA 81 64.61 0.82 -39.86
N ILE OA 82 64.75 -0.41 -39.36
CA ILE OA 82 63.97 -0.91 -38.25
C ILE OA 82 64.94 -1.40 -37.17
N TYR OA 83 64.73 -0.95 -35.95
CA TYR OA 83 65.54 -1.34 -34.80
C TYR OA 83 64.69 -2.13 -33.81
N GLU OA 84 65.19 -3.28 -33.38
CA GLU OA 84 64.47 -4.12 -32.43
C GLU OA 84 65.49 -4.92 -31.63
N GLY OA 85 65.03 -5.43 -30.48
CA GLY OA 85 65.89 -6.15 -29.55
C GLY OA 85 65.53 -7.62 -29.48
N LYS OA 86 66.57 -8.47 -29.41
CA LYS OA 86 66.39 -9.92 -29.29
C LYS OA 86 66.03 -10.22 -27.85
N LEU OA 87 65.78 -11.48 -27.52
CA LEU OA 87 65.51 -11.96 -26.18
C LEU OA 87 66.55 -12.98 -25.71
N THR OA 88 67.82 -12.72 -26.01
CA THR OA 88 68.93 -13.53 -25.51
C THR OA 88 69.70 -12.73 -24.48
N ALA OA 89 69.97 -13.35 -23.33
CA ALA OA 89 70.60 -12.69 -22.20
C ALA OA 89 72.09 -13.02 -22.06
N GLU OA 90 72.68 -13.69 -23.02
CA GLU OA 90 74.09 -14.07 -22.92
C GLU OA 90 74.98 -12.85 -22.91
N GLY OA 91 75.81 -12.71 -21.89
CA GLY OA 91 76.77 -11.64 -21.78
C GLY OA 91 76.29 -10.38 -21.09
N LEU OA 92 75.01 -10.31 -20.71
CA LEU OA 92 74.47 -9.11 -20.10
C LEU OA 92 74.58 -9.17 -18.58
N ARG OA 93 74.61 -7.99 -17.96
CA ARG OA 93 74.76 -7.83 -16.52
C ARG OA 93 73.62 -6.96 -15.98
N PHE OA 94 72.96 -7.43 -14.92
CA PHE OA 94 71.73 -6.84 -14.43
C PHE OA 94 71.84 -6.51 -12.95
N GLY OA 95 71.15 -5.44 -12.54
CA GLY OA 95 70.99 -5.10 -11.14
C GLY OA 95 69.52 -5.11 -10.75
N ILE OA 96 69.25 -5.50 -9.51
CA ILE OA 96 67.89 -5.61 -8.98
C ILE OA 96 67.81 -4.86 -7.65
N VAL OA 97 66.77 -4.05 -7.49
CA VAL OA 97 66.48 -3.36 -6.23
C VAL OA 97 65.11 -3.82 -5.76
N ALA OA 98 65.04 -4.34 -4.53
CA ALA OA 98 63.81 -4.91 -3.98
C ALA OA 98 63.57 -4.37 -2.58
N SER OA 99 62.31 -4.17 -2.24
CA SER OA 99 61.94 -3.67 -0.93
C SER OA 99 61.56 -4.84 0.00
N ARG OA 100 61.57 -4.56 1.30
CA ARG OA 100 61.31 -5.57 2.31
C ARG OA 100 59.87 -5.57 2.82
N PHE OA 101 59.09 -4.52 2.57
CA PHE OA 101 57.72 -4.50 3.05
C PHE OA 101 56.85 -5.41 2.20
N ASN OA 102 55.92 -6.12 2.85
CA ASN OA 102 55.15 -7.17 2.21
C ASN OA 102 56.06 -8.24 1.61
N HIS OA 103 57.03 -8.70 2.41
CA HIS OA 103 58.04 -9.61 1.88
C HIS OA 103 57.45 -10.95 1.47
N ALA OA 104 56.29 -11.32 2.02
CA ALA OA 104 55.67 -12.58 1.61
C ALA OA 104 55.37 -12.60 0.12
N LEU OA 105 55.11 -11.43 -0.47
CA LEU OA 105 54.84 -11.31 -1.90
C LEU OA 105 56.08 -10.92 -2.69
N VAL OA 106 56.93 -10.05 -2.12
CA VAL OA 106 58.08 -9.54 -2.86
C VAL OA 106 59.04 -10.66 -3.21
N ASP OA 107 59.26 -11.60 -2.29
CA ASP OA 107 60.19 -12.70 -2.56
C ASP OA 107 59.72 -13.59 -3.69
N ARG OA 108 58.42 -13.63 -3.97
CA ARG OA 108 57.95 -14.35 -5.16
C ARG OA 108 58.33 -13.61 -6.44
N LEU OA 109 58.31 -12.27 -6.41
CA LEU OA 109 58.66 -11.51 -7.60
C LEU OA 109 60.16 -11.60 -7.89
N VAL OA 110 61.00 -11.61 -6.85
CA VAL OA 110 62.43 -11.70 -7.07
C VAL OA 110 62.81 -13.06 -7.65
N GLU OA 111 62.13 -14.12 -7.21
CA GLU OA 111 62.38 -15.43 -7.77
C GLU OA 111 62.08 -15.48 -9.26
N GLY OA 112 60.97 -14.86 -9.66
CA GLY OA 112 60.61 -14.84 -11.08
C GLY OA 112 61.64 -14.11 -11.92
N ALA OA 113 62.14 -12.97 -11.44
CA ALA OA 113 63.11 -12.20 -12.20
C ALA OA 113 64.40 -12.99 -12.42
N ILE OA 114 64.87 -13.69 -11.39
CA ILE OA 114 66.09 -14.48 -11.53
C ILE OA 114 65.86 -15.67 -12.46
N ASP OA 115 64.69 -16.29 -12.37
CA ASP OA 115 64.39 -17.43 -13.23
C ASP OA 115 64.39 -17.03 -14.70
N CYS OA 116 63.82 -15.86 -15.01
CA CYS OA 116 63.77 -15.41 -16.40
C CYS OA 116 65.16 -15.21 -16.97
N ILE OA 117 66.05 -14.57 -16.20
CA ILE OA 117 67.38 -14.26 -16.70
C ILE OA 117 68.18 -15.54 -16.97
N VAL OA 118 68.08 -16.51 -16.07
CA VAL OA 118 68.92 -17.70 -16.18
C VAL OA 118 68.50 -18.56 -17.36
N ARG OA 119 67.20 -18.74 -17.56
CA ARG OA 119 66.73 -19.64 -18.61
C ARG OA 119 66.78 -19.01 -20.00
N HIS OA 120 67.00 -17.69 -20.09
CA HIS OA 120 67.27 -17.04 -21.37
C HIS OA 120 68.75 -16.95 -21.69
N GLY OA 121 69.62 -17.54 -20.86
CA GLY OA 121 71.04 -17.62 -21.16
C GLY OA 121 71.96 -16.79 -20.28
N GLY OA 122 71.45 -16.20 -19.20
CA GLY OA 122 72.30 -15.42 -18.33
C GLY OA 122 72.92 -16.24 -17.22
N ARG OA 123 73.81 -15.60 -16.47
CA ARG OA 123 74.49 -16.22 -15.33
C ARG OA 123 74.08 -15.53 -14.05
N GLU OA 124 73.96 -16.32 -12.97
CA GLU OA 124 73.69 -15.73 -11.66
C GLU OA 124 74.85 -14.88 -11.18
N GLU OA 125 76.07 -15.17 -11.65
CA GLU OA 125 77.23 -14.37 -11.26
C GLU OA 125 77.14 -12.94 -11.75
N ASP OA 126 76.31 -12.67 -12.75
CA ASP OA 126 76.19 -11.35 -13.34
C ASP OA 126 75.02 -10.55 -12.79
N ILE OA 127 74.41 -11.00 -11.70
CA ILE OA 127 73.26 -10.34 -11.08
C ILE OA 127 73.70 -9.75 -9.75
N THR OA 128 73.39 -8.47 -9.54
CA THR OA 128 73.63 -7.77 -8.29
C THR OA 128 72.29 -7.42 -7.67
N LEU OA 129 72.09 -7.82 -6.41
CA LEU OA 129 70.82 -7.65 -5.72
C LEU OA 129 71.02 -6.72 -4.52
N VAL OA 130 70.22 -5.67 -4.44
CA VAL OA 130 70.25 -4.70 -3.34
C VAL OA 130 68.87 -4.65 -2.71
N ARG OA 131 68.82 -4.70 -1.38
CA ARG OA 131 67.57 -4.70 -0.62
C ARG OA 131 67.45 -3.41 0.19
N VAL OA 132 66.26 -2.82 0.18
CA VAL OA 132 66.00 -1.57 0.88
C VAL OA 132 64.78 -1.75 1.79
N PRO OA 133 64.64 -0.95 2.86
CA PRO OA 133 63.54 -1.19 3.80
C PRO OA 133 62.14 -0.92 3.24
N GLY OA 134 62.00 -0.08 2.21
CA GLY OA 134 60.67 0.25 1.72
C GLY OA 134 60.73 0.80 0.31
N SER OA 135 59.53 0.97 -0.26
CA SER OA 135 59.43 1.47 -1.63
C SER OA 135 59.93 2.89 -1.75
N TRP OA 136 59.79 3.69 -0.68
CA TRP OA 136 60.25 5.08 -0.73
C TRP OA 136 61.75 5.16 -1.00
N GLU OA 137 62.52 4.16 -0.55
CA GLU OA 137 63.96 4.18 -0.71
C GLU OA 137 64.45 3.57 -2.02
N ILE OA 138 63.55 3.06 -2.87
CA ILE OA 138 63.99 2.44 -4.12
C ILE OA 138 64.69 3.44 -5.04
N PRO OA 139 64.15 4.63 -5.30
CA PRO OA 139 64.81 5.51 -6.30
C PRO OA 139 66.24 5.89 -5.95
N VAL OA 140 66.52 6.16 -4.67
CA VAL OA 140 67.88 6.57 -4.31
C VAL OA 140 68.85 5.39 -4.42
N ALA OA 141 68.40 4.19 -4.08
CA ALA OA 141 69.25 3.01 -4.23
C ALA OA 141 69.46 2.68 -5.71
N ALA OA 142 68.41 2.82 -6.51
CA ALA OA 142 68.55 2.56 -7.94
C ALA OA 142 69.55 3.51 -8.59
N GLY OA 143 69.66 4.73 -8.06
CA GLY OA 143 70.60 5.68 -8.60
C GLY OA 143 72.05 5.28 -8.44
N GLU OA 144 72.37 4.51 -7.39
CA GLU OA 144 73.74 4.06 -7.19
C GLU OA 144 74.12 2.97 -8.17
N LEU OA 145 73.20 2.02 -8.43
CA LEU OA 145 73.47 0.96 -9.38
C LEU OA 145 73.56 1.49 -10.81
N ALA OA 146 72.65 2.39 -11.17
CA ALA OA 146 72.60 2.87 -12.55
C ALA OA 146 73.87 3.60 -12.95
N ARG OA 147 74.61 4.14 -11.98
CA ARG OA 147 75.82 4.88 -12.29
C ARG OA 147 77.04 4.00 -12.44
N LYS OA 148 76.94 2.70 -12.15
CA LYS OA 148 78.05 1.79 -12.37
C LYS OA 148 78.22 1.50 -13.86
N GLU OA 149 79.47 1.41 -14.30
CA GLU OA 149 79.75 1.26 -15.73
C GLU OA 149 79.43 -0.14 -16.23
N ASP OA 150 79.47 -1.15 -15.36
CA ASP OA 150 79.31 -2.54 -15.75
C ASP OA 150 77.89 -3.06 -15.49
N ILE OA 151 76.91 -2.18 -15.46
CA ILE OA 151 75.50 -2.55 -15.31
C ILE OA 151 74.78 -2.12 -16.58
N ASP OA 152 74.04 -3.05 -17.19
CA ASP OA 152 73.32 -2.77 -18.43
C ASP OA 152 71.89 -2.31 -18.21
N ALA OA 153 71.21 -2.82 -17.19
CA ALA OA 153 69.84 -2.42 -16.90
C ALA OA 153 69.54 -2.70 -15.44
N VAL OA 154 68.51 -2.02 -14.92
CA VAL OA 154 68.11 -2.13 -13.53
C VAL OA 154 66.64 -2.51 -13.47
N ILE OA 155 66.29 -3.37 -12.52
CA ILE OA 155 64.92 -3.85 -12.32
C ILE OA 155 64.48 -3.45 -10.92
N ALA OA 156 63.34 -2.78 -10.82
CA ALA OA 156 62.79 -2.31 -9.57
C ALA OA 156 61.56 -3.13 -9.20
N ILE OA 157 61.50 -3.63 -7.98
CA ILE OA 157 60.45 -4.53 -7.52
C ILE OA 157 59.91 -4.03 -6.18
N GLY OA 158 58.59 -4.05 -6.05
CA GLY OA 158 57.95 -3.66 -4.81
C GLY OA 158 56.47 -3.95 -4.87
N VAL OA 159 55.82 -3.85 -3.72
CA VAL OA 159 54.39 -4.10 -3.58
C VAL OA 159 53.78 -3.01 -2.71
N LEU OA 160 52.74 -2.35 -3.22
CA LEU OA 160 51.97 -1.36 -2.48
C LEU OA 160 50.49 -1.74 -2.52
N ILE OA 161 49.84 -1.71 -1.36
CA ILE OA 161 48.43 -2.07 -1.24
C ILE OA 161 47.71 -0.92 -0.54
N ARG OA 162 46.61 -0.48 -1.14
CA ARG OA 162 45.84 0.65 -0.61
C ARG OA 162 45.17 0.25 0.70
N THR PA 3 38.70 20.75 2.95
CA THR PA 3 39.07 21.75 1.95
C THR PA 3 40.25 21.26 1.13
N PRO PA 4 40.40 21.77 -0.10
CA PRO PA 4 41.51 21.33 -0.96
C PRO PA 4 42.88 21.81 -0.48
N HIS PA 5 42.94 22.63 0.57
CA HIS PA 5 44.23 23.08 1.10
C HIS PA 5 45.11 21.89 1.48
N PHE PA 6 44.51 20.80 1.96
CA PHE PA 6 45.28 19.63 2.37
C PHE PA 6 46.07 19.04 1.21
N ASP PA 7 45.46 18.95 0.03
CA ASP PA 7 46.08 18.23 -1.07
C ASP PA 7 47.36 18.93 -1.55
N TYR PA 8 47.31 20.25 -1.72
CA TYR PA 8 48.44 20.95 -2.32
C TYR PA 8 49.66 20.94 -1.41
N ILE PA 9 49.46 21.08 -0.10
CA ILE PA 9 50.58 21.04 0.84
C ILE PA 9 51.20 19.65 0.84
N ALA PA 10 50.36 18.60 0.88
CA ALA PA 10 50.88 17.24 0.93
C ALA PA 10 51.66 16.90 -0.33
N SER PA 11 51.19 17.35 -1.49
CA SER PA 11 51.87 17.04 -2.74
C SER PA 11 53.25 17.68 -2.79
N GLU PA 12 53.37 18.92 -2.32
CA GLU PA 12 54.64 19.63 -2.45
C GLU PA 12 55.66 19.15 -1.44
N VAL PA 13 55.23 18.77 -0.23
CA VAL PA 13 56.17 18.29 0.77
C VAL PA 13 56.79 16.96 0.33
N SER PA 14 55.94 16.03 -0.14
CA SER PA 14 56.45 14.75 -0.59
C SER PA 14 57.36 14.90 -1.81
N LYS PA 15 56.95 15.74 -2.76
CA LYS PA 15 57.76 15.93 -3.96
C LYS PA 15 59.09 16.58 -3.64
N GLY PA 16 59.09 17.57 -2.74
CA GLY PA 16 60.33 18.26 -2.40
C GLY PA 16 61.37 17.33 -1.79
N LEU PA 17 60.95 16.49 -0.85
CA LEU PA 17 61.89 15.60 -0.17
C LEU PA 17 62.45 14.56 -1.14
N ALA PA 18 61.61 14.06 -2.05
CA ALA PA 18 62.05 13.04 -2.98
C ALA PA 18 63.14 13.57 -3.92
N ASN PA 19 62.89 14.74 -4.52
CA ASN PA 19 63.89 15.32 -5.42
C ASN PA 19 65.18 15.65 -4.68
N LEU PA 20 65.06 16.12 -3.43
CA LEU PA 20 66.25 16.49 -2.67
C LEU PA 20 67.15 15.29 -2.43
N SER PA 21 66.56 14.12 -2.15
CA SER PA 21 67.36 12.93 -1.89
C SER PA 21 68.15 12.51 -3.13
N LEU PA 22 67.54 12.63 -4.30
CA LEU PA 22 68.23 12.23 -5.53
C LEU PA 22 69.32 13.23 -5.89
N GLU PA 23 69.07 14.52 -5.68
CA GLU PA 23 70.06 15.54 -6.04
C GLU PA 23 71.31 15.42 -5.18
N LEU PA 24 71.15 15.27 -3.86
CA LEU PA 24 72.28 15.17 -2.95
C LEU PA 24 72.78 13.74 -2.77
N ARG PA 25 72.03 12.75 -3.26
CA ARG PA 25 72.43 11.34 -3.16
C ARG PA 25 72.66 10.93 -1.71
N LYS PA 26 71.72 11.31 -0.84
CA LYS PA 26 71.77 10.98 0.58
C LYS PA 26 70.40 10.48 1.01
N PRO PA 27 70.32 9.54 1.95
CA PRO PA 27 69.00 9.03 2.37
C PRO PA 27 68.20 10.07 3.14
N ILE PA 28 66.92 10.19 2.79
CA ILE PA 28 65.95 10.99 3.53
C ILE PA 28 64.68 10.16 3.69
N THR PA 29 64.19 10.04 4.91
CA THR PA 29 63.06 9.17 5.24
C THR PA 29 61.80 10.00 5.44
N PHE PA 30 60.66 9.43 5.02
CA PHE PA 30 59.38 10.13 5.02
C PHE PA 30 58.60 9.70 6.26
N GLY PA 31 58.61 10.56 7.29
CA GLY PA 31 57.90 10.29 8.52
C GLY PA 31 56.71 11.20 8.76
N VAL PA 32 55.99 11.53 7.70
CA VAL PA 32 54.87 12.48 7.77
C VAL PA 32 53.56 11.71 7.72
N ILE PA 33 52.69 11.94 8.70
CA ILE PA 33 51.37 11.33 8.72
C ILE PA 33 50.43 12.15 7.85
N THR PA 34 49.63 11.46 7.03
CA THR PA 34 48.61 12.07 6.19
C THR PA 34 47.31 11.34 6.43
N ALA PA 35 46.46 11.88 7.31
CA ALA PA 35 45.25 11.22 7.77
C ALA PA 35 44.02 12.00 7.33
N ASP PA 36 42.90 11.27 7.22
CA ASP PA 36 41.62 11.90 6.87
C ASP PA 36 40.85 12.36 8.09
N THR PA 37 41.11 11.80 9.28
CA THR PA 37 40.38 12.13 10.48
C THR PA 37 41.34 12.20 11.66
N LEU PA 38 40.92 12.89 12.72
CA LEU PA 38 41.74 12.98 13.92
C LEU PA 38 41.98 11.62 14.54
N GLU PA 39 40.97 10.75 14.52
CA GLU PA 39 41.12 9.42 15.10
C GLU PA 39 42.20 8.63 14.39
N GLN PA 40 42.25 8.71 13.06
CA GLN PA 40 43.29 8.00 12.31
C GLN PA 40 44.68 8.49 12.69
N ALA PA 41 44.82 9.77 13.03
CA ALA PA 41 46.14 10.30 13.38
C ALA PA 41 46.59 9.80 14.74
N ILE PA 42 45.69 9.78 15.73
CA ILE PA 42 46.05 9.29 17.06
C ILE PA 42 46.45 7.82 16.99
N GLU PA 43 45.85 7.08 16.05
CA GLU PA 43 46.16 5.65 15.92
C GLU PA 43 47.63 5.42 15.62
N ARG PA 44 48.23 6.29 14.81
CA ARG PA 44 49.60 6.10 14.33
C ARG PA 44 50.63 6.92 15.08
N ALA PA 45 50.25 7.59 16.17
CA ALA PA 45 51.14 8.46 16.94
C ALA PA 45 51.51 7.86 18.29
N GLY PA 46 51.73 6.56 18.34
CA GLY PA 46 52.07 5.88 19.57
C GLY PA 46 50.95 5.02 20.15
N THR PA 47 49.99 4.61 19.33
CA THR PA 47 48.86 3.81 19.77
C THR PA 47 48.67 2.61 18.86
N LYS PA 48 47.49 1.98 18.90
CA LYS PA 48 47.28 0.61 18.42
C LYS PA 48 47.90 0.33 17.05
N HIS PA 49 48.17 1.34 16.21
CA HIS PA 49 48.83 1.12 14.94
C HIS PA 49 50.30 1.55 14.95
N GLY PA 50 50.90 1.66 16.13
CA GLY PA 50 52.33 1.91 16.22
C GLY PA 50 52.67 3.39 16.18
N ASN PA 51 53.97 3.63 16.02
CA ASN PA 51 54.54 4.98 16.00
C ASN PA 51 55.29 5.17 14.70
N LYS PA 52 54.88 6.15 13.89
CA LYS PA 52 55.54 6.39 12.62
C LYS PA 52 56.93 7.01 12.80
N GLY PA 53 57.15 7.72 13.91
CA GLY PA 53 58.48 8.25 14.17
C GLY PA 53 59.49 7.17 14.42
N TRP PA 54 59.10 6.11 15.12
CA TRP PA 54 59.99 4.97 15.33
C TRP PA 54 60.34 4.30 14.00
N GLU PA 55 59.33 4.11 13.15
CA GLU PA 55 59.56 3.41 11.89
C GLU PA 55 60.50 4.19 10.97
N ALA PA 56 60.34 5.52 10.92
CA ALA PA 56 61.20 6.33 10.07
C ALA PA 56 62.65 6.27 10.51
N ALA PA 57 62.89 6.27 11.82
CA ALA PA 57 64.26 6.17 12.32
C ALA PA 57 64.89 4.83 11.97
N LEU PA 58 64.11 3.76 12.05
CA LEU PA 58 64.64 2.43 11.73
C LEU PA 58 65.06 2.35 10.27
N SER PA 59 64.28 2.96 9.38
CA SER PA 59 64.65 2.98 7.96
C SER PA 59 65.94 3.75 7.74
N ALA PA 60 66.12 4.86 8.45
CA ALA PA 60 67.33 5.66 8.27
C ALA PA 60 68.58 4.89 8.68
N ILE PA 61 68.50 4.13 9.78
CA ILE PA 61 69.66 3.37 10.23
C ILE PA 61 70.07 2.34 9.19
N GLU PA 62 69.10 1.62 8.63
CA GLU PA 62 69.40 0.61 7.63
C GLU PA 62 70.03 1.24 6.39
N MET PA 63 69.46 2.34 5.90
CA MET PA 63 69.97 2.96 4.69
C MET PA 63 71.39 3.47 4.89
N ALA PA 64 71.69 4.02 6.06
CA ALA PA 64 73.04 4.50 6.32
C ALA PA 64 74.06 3.37 6.25
N ASN PA 65 73.72 2.21 6.82
CA ASN PA 65 74.64 1.08 6.76
C ASN PA 65 74.77 0.54 5.35
N LEU PA 66 73.67 0.54 4.59
CA LEU PA 66 73.70 0.03 3.22
C LEU PA 66 74.64 0.88 2.35
N PHE PA 67 74.54 2.20 2.47
CA PHE PA 67 75.38 3.07 1.65
C PHE PA 67 76.85 2.94 2.02
N LYS PA 68 77.13 2.69 3.32
CA LYS PA 68 78.52 2.43 3.76
C LYS PA 68 79.01 1.17 3.04
N SER PA 69 78.13 0.17 2.83
CA SER PA 69 78.54 -1.09 2.22
C SER PA 69 78.74 -0.96 0.71
N LEU PA 70 77.86 -0.22 0.03
CA LEU PA 70 78.00 -0.07 -1.42
C LEU PA 70 79.30 0.62 -1.79
N ARG PA 71 79.68 1.65 -1.03
CA ARG PA 71 80.87 2.44 -1.34
C ARG PA 71 82.15 1.80 -0.84
N GLY PA 72 82.07 0.66 -0.16
CA GLY PA 72 83.23 -0.08 0.28
C GLY PA 72 83.71 -1.06 -0.76
N THR PA 73 84.46 -2.06 -0.30
CA THR PA 73 85.01 -3.06 -1.21
C THR PA 73 83.92 -3.97 -1.76
N GLY PA 74 82.91 -4.30 -0.96
CA GLY PA 74 81.86 -5.20 -1.40
C GLY PA 74 82.22 -6.66 -1.19
N GLY PA 75 83.37 -7.07 -1.71
CA GLY PA 75 83.82 -8.44 -1.50
C GLY PA 75 83.01 -9.45 -2.31
N SER PA 76 83.09 -10.71 -1.84
CA SER PA 76 82.41 -11.83 -2.48
C SER PA 76 82.93 -12.07 -3.89
N GLY PA 77 82.59 -13.21 -4.47
CA GLY PA 77 83.03 -13.53 -5.82
C GLY PA 77 82.52 -14.91 -6.22
N SER PA 78 82.47 -15.11 -7.54
CA SER PA 78 82.02 -16.35 -8.14
C SER PA 78 80.58 -16.69 -7.75
N SER PA 79 79.81 -15.69 -7.33
CA SER PA 79 78.42 -15.90 -6.92
C SER PA 79 77.70 -14.57 -6.95
N MET PA 80 76.38 -14.64 -6.79
CA MET PA 80 75.55 -13.43 -6.83
C MET PA 80 75.90 -12.52 -5.66
N GLU PA 81 76.19 -11.26 -5.97
CA GLU PA 81 76.47 -10.26 -4.94
C GLU PA 81 75.17 -9.75 -4.34
N ILE PA 82 75.10 -9.72 -3.01
CA ILE PA 82 73.93 -9.23 -2.28
C ILE PA 82 74.38 -8.16 -1.32
N TYR PA 83 73.72 -7.01 -1.36
CA TYR PA 83 74.00 -5.87 -0.48
C TYR PA 83 72.82 -5.65 0.45
N GLU PA 84 73.10 -5.52 1.73
CA GLU PA 84 72.06 -5.27 2.73
C GLU PA 84 72.66 -4.51 3.90
N GLY PA 85 71.78 -3.88 4.68
CA GLY PA 85 72.20 -3.04 5.79
C GLY PA 85 71.82 -3.66 7.13
N LYS PA 86 72.75 -3.52 8.10
CA LYS PA 86 72.53 -4.02 9.46
C LYS PA 86 71.61 -3.04 10.16
N LEU PA 87 71.26 -3.31 11.41
CA LEU PA 87 70.46 -2.44 12.27
C LEU PA 87 71.23 -2.04 13.54
N THR PA 88 72.51 -1.72 13.38
CA THR PA 88 73.33 -1.19 14.47
C THR PA 88 73.62 0.28 14.19
N ALA PA 89 73.41 1.12 15.20
CA ALA PA 89 73.55 2.57 15.05
C ALA PA 89 74.84 3.12 15.63
N GLU PA 90 75.78 2.26 16.03
CA GLU PA 90 77.01 2.74 16.63
C GLU PA 90 77.84 3.52 15.62
N GLY PA 91 78.18 4.75 15.98
CA GLY PA 91 79.03 5.59 15.15
C GLY PA 91 78.32 6.46 14.14
N LEU PA 92 77.01 6.35 14.01
CA LEU PA 92 76.27 7.11 13.02
C LEU PA 92 75.76 8.43 13.59
N ARG PA 93 75.55 9.40 12.71
CA ARG PA 93 75.11 10.74 13.07
C ARG PA 93 73.86 11.08 12.27
N PHE PA 94 72.83 11.58 12.96
CA PHE PA 94 71.50 11.77 12.39
C PHE PA 94 71.02 13.19 12.59
N GLY PA 95 70.23 13.68 11.64
CA GLY PA 95 69.52 14.94 11.76
C GLY PA 95 68.02 14.73 11.67
N ILE PA 96 67.27 15.55 12.42
CA ILE PA 96 65.81 15.45 12.48
C ILE PA 96 65.23 16.83 12.23
N VAL PA 97 64.20 16.89 11.37
CA VAL PA 97 63.43 18.10 11.10
C VAL PA 97 61.99 17.83 11.48
N ALA PA 98 61.43 18.65 12.37
CA ALA PA 98 60.08 18.47 12.90
C ALA PA 98 59.31 19.78 12.83
N SER PA 99 58.02 19.67 12.55
CA SER PA 99 57.14 20.84 12.48
C SER PA 99 56.43 21.06 13.81
N ARG PA 100 55.92 22.28 13.99
CA ARG PA 100 55.27 22.67 15.23
C ARG PA 100 53.75 22.58 15.19
N PHE PA 101 53.15 22.45 14.01
CA PHE PA 101 51.69 22.37 13.94
C PHE PA 101 51.23 20.99 14.37
N ASN PA 102 50.12 20.94 15.10
CA ASN PA 102 49.65 19.72 15.75
C ASN PA 102 50.72 19.15 16.68
N HIS PA 103 51.28 20.02 17.53
CA HIS PA 103 52.42 19.61 18.35
C HIS PA 103 52.04 18.55 19.38
N ALA PA 104 50.75 18.45 19.73
CA ALA PA 104 50.34 17.41 20.66
C ALA PA 104 50.66 16.02 20.13
N LEU PA 105 50.67 15.85 18.80
CA LEU PA 105 50.98 14.57 18.19
C LEU PA 105 52.45 14.50 17.74
N VAL PA 106 53.00 15.62 17.26
CA VAL PA 106 54.35 15.61 16.71
C VAL PA 106 55.37 15.25 17.78
N ASP PA 107 55.20 15.77 18.99
CA ASP PA 107 56.15 15.48 20.06
C ASP PA 107 56.17 14.00 20.44
N ARG PA 108 55.08 13.27 20.18
CA ARG PA 108 55.12 11.83 20.38
C ARG PA 108 55.99 11.15 19.32
N LEU PA 109 55.97 11.66 18.09
CA LEU PA 109 56.77 11.05 17.03
C LEU PA 109 58.25 11.33 17.24
N VAL PA 110 58.61 12.52 17.74
CA VAL PA 110 60.01 12.84 17.96
C VAL PA 110 60.58 11.97 19.09
N GLU PA 111 59.77 11.70 20.11
CA GLU PA 111 60.22 10.84 21.21
C GLU PA 111 60.55 9.44 20.69
N GLY PA 112 59.68 8.91 19.81
CA GLY PA 112 59.93 7.58 19.26
C GLY PA 112 61.22 7.50 18.45
N ALA PA 113 61.48 8.52 17.64
CA ALA PA 113 62.69 8.51 16.82
C ALA PA 113 63.94 8.51 17.67
N ILE PA 114 63.96 9.31 18.74
CA ILE PA 114 65.13 9.35 19.61
C ILE PA 114 65.29 8.04 20.37
N ASP PA 115 64.17 7.45 20.80
CA ASP PA 115 64.24 6.18 21.53
C ASP PA 115 64.82 5.08 20.66
N CYS PA 116 64.43 5.03 19.39
CA CYS PA 116 64.93 4.00 18.49
C CYS PA 116 66.45 4.10 18.33
N ILE PA 117 66.96 5.31 18.12
CA ILE PA 117 68.39 5.48 17.86
C ILE PA 117 69.21 5.09 19.08
N VAL PA 118 68.76 5.46 20.29
CA VAL PA 118 69.56 5.25 21.48
C VAL PA 118 69.64 3.76 21.82
N ARG PA 119 68.52 3.04 21.72
CA ARG PA 119 68.51 1.64 22.13
C ARG PA 119 69.13 0.71 21.08
N HIS PA 120 69.36 1.20 19.87
CA HIS PA 120 70.12 0.45 18.88
C HIS PA 120 71.62 0.75 18.91
N GLY PA 121 72.08 1.57 19.85
CA GLY PA 121 73.49 1.80 20.05
C GLY PA 121 73.99 3.20 19.73
N GLY PA 122 73.11 4.15 19.45
CA GLY PA 122 73.52 5.50 19.14
C GLY PA 122 73.64 6.37 20.38
N ARG PA 123 74.18 7.57 20.17
CA ARG PA 123 74.34 8.56 21.23
C ARG PA 123 73.46 9.77 20.95
N GLU PA 124 72.92 10.35 22.03
CA GLU PA 124 72.15 11.58 21.89
C GLU PA 124 73.02 12.74 21.43
N GLU PA 125 74.32 12.68 21.72
CA GLU PA 125 75.24 13.73 21.29
C GLU PA 125 75.37 13.81 19.78
N ASP PA 126 75.00 12.75 19.07
CA ASP PA 126 75.13 12.67 17.62
C ASP PA 126 73.84 13.01 16.88
N ILE PA 127 72.84 13.57 17.58
CA ILE PA 127 71.55 13.89 17.00
C ILE PA 127 71.42 15.41 16.96
N THR PA 128 71.06 15.95 15.80
CA THR PA 128 70.79 17.36 15.60
C THR PA 128 69.31 17.53 15.27
N LEU PA 129 68.62 18.38 16.04
CA LEU PA 129 67.18 18.58 15.92
C LEU PA 129 66.89 20.01 15.50
N VAL PA 130 66.13 20.17 14.42
CA VAL PA 130 65.74 21.47 13.89
C VAL PA 130 64.21 21.52 13.85
N ARG PA 131 63.64 22.62 14.33
CA ARG PA 131 62.19 22.80 14.39
C ARG PA 131 61.77 23.92 13.45
N VAL PA 132 60.68 23.69 12.72
CA VAL PA 132 60.17 24.66 11.75
C VAL PA 132 58.69 24.92 12.04
N PRO PA 133 58.14 26.07 11.63
CA PRO PA 133 56.74 26.37 12.00
C PRO PA 133 55.69 25.48 11.35
N GLY PA 134 55.97 24.86 10.21
CA GLY PA 134 54.97 24.07 9.54
C GLY PA 134 55.57 23.09 8.56
N SER PA 135 54.70 22.22 8.02
CA SER PA 135 55.16 21.20 7.10
C SER PA 135 55.68 21.81 5.79
N TRP PA 136 55.13 22.96 5.39
CA TRP PA 136 55.58 23.60 4.15
C TRP PA 136 57.06 23.96 4.22
N GLU PA 137 57.58 24.25 5.41
CA GLU PA 137 58.97 24.66 5.55
C GLU PA 137 59.93 23.50 5.77
N ILE PA 138 59.44 22.25 5.81
CA ILE PA 138 60.34 21.12 6.03
C ILE PA 138 61.36 20.96 4.91
N PRO PA 139 60.98 20.97 3.63
CA PRO PA 139 61.98 20.69 2.58
C PRO PA 139 63.15 21.66 2.56
N VAL PA 140 62.91 22.96 2.77
CA VAL PA 140 64.02 23.92 2.73
C VAL PA 140 64.94 23.74 3.93
N ALA PA 141 64.38 23.43 5.10
CA ALA PA 141 65.22 23.18 6.27
C ALA PA 141 65.99 21.88 6.12
N ALA PA 142 65.36 20.84 5.56
CA ALA PA 142 66.05 19.58 5.35
C ALA PA 142 67.23 19.74 4.39
N GLY PA 143 67.13 20.69 3.46
CA GLY PA 143 68.22 20.93 2.53
C GLY PA 143 69.48 21.47 3.18
N GLU PA 144 69.34 22.19 4.29
CA GLU PA 144 70.52 22.70 4.98
C GLU PA 144 71.24 21.60 5.73
N LEU PA 145 70.50 20.69 6.38
CA LEU PA 145 71.13 19.59 7.10
C LEU PA 145 71.78 18.60 6.14
N ALA PA 146 71.11 18.29 5.04
CA ALA PA 146 71.61 17.26 4.13
C ALA PA 146 72.93 17.66 3.49
N ARG PA 147 73.22 18.96 3.43
CA ARG PA 147 74.47 19.42 2.83
C ARG PA 147 75.64 19.41 3.79
N LYS PA 148 75.42 19.14 5.07
CA LYS PA 148 76.53 19.04 6.01
C LYS PA 148 77.27 17.71 5.81
N GLU PA 149 78.59 17.77 5.93
CA GLU PA 149 79.42 16.60 5.65
C GLU PA 149 79.32 15.54 6.73
N ASP PA 150 79.00 15.93 7.97
CA ASP PA 150 79.00 15.02 9.10
C ASP PA 150 77.60 14.53 9.46
N ILE PA 151 76.68 14.52 8.49
CA ILE PA 151 75.34 13.99 8.68
C ILE PA 151 75.18 12.79 7.75
N ASP PA 152 74.75 11.66 8.30
CA ASP PA 152 74.59 10.44 7.51
C ASP PA 152 73.19 10.27 6.93
N ALA PA 153 72.15 10.70 7.65
CA ALA PA 153 70.79 10.58 7.17
C ALA PA 153 69.92 11.62 7.87
N VAL PA 154 68.78 11.93 7.26
CA VAL PA 154 67.85 12.93 7.75
C VAL PA 154 66.48 12.29 7.91
N ILE PA 155 65.77 12.66 8.98
CA ILE PA 155 64.44 12.15 9.28
C ILE PA 155 63.48 13.33 9.32
N ALA PA 156 62.40 13.23 8.55
CA ALA PA 156 61.38 14.28 8.45
C ALA PA 156 60.12 13.82 9.15
N ILE PA 157 59.57 14.68 10.01
CA ILE PA 157 58.42 14.35 10.85
C ILE PA 157 57.40 15.47 10.75
N GLY PA 158 56.13 15.10 10.61
CA GLY PA 158 55.05 16.06 10.57
C GLY PA 158 53.72 15.35 10.59
N VAL PA 159 52.66 16.14 10.79
CA VAL PA 159 51.29 15.63 10.85
C VAL PA 159 50.39 16.54 10.02
N LEU PA 160 49.64 15.96 9.09
CA LEU PA 160 48.65 16.68 8.30
C LEU PA 160 47.31 15.96 8.41
N ILE PA 161 46.25 16.72 8.67
CA ILE PA 161 44.90 16.17 8.84
C ILE PA 161 43.97 16.92 7.89
N ARG PA 162 43.21 16.17 7.11
CA ARG PA 162 42.30 16.75 6.13
C ARG PA 162 41.15 17.48 6.84
N THR QA 3 34.38 24.58 -12.43
CA THR QA 3 35.12 24.23 -13.63
C THR QA 3 36.53 23.78 -13.27
N PRO QA 4 37.16 22.97 -14.13
CA PRO QA 4 38.52 22.49 -13.83
C PRO QA 4 39.58 23.58 -13.92
N HIS QA 5 39.23 24.80 -14.32
CA HIS QA 5 40.20 25.88 -14.37
C HIS QA 5 40.86 26.10 -13.01
N PHE QA 6 40.10 25.89 -11.92
CA PHE QA 6 40.63 26.10 -10.58
C PHE QA 6 41.82 25.19 -10.30
N ASP QA 7 41.73 23.92 -10.70
CA ASP QA 7 42.73 22.94 -10.30
C ASP QA 7 44.10 23.26 -10.92
N TYR QA 8 44.13 23.58 -12.21
CA TYR QA 8 45.41 23.74 -12.89
C TYR QA 8 46.17 24.96 -12.39
N ILE QA 9 45.46 26.06 -12.12
CA ILE QA 9 46.12 27.26 -11.60
C ILE QA 9 46.68 26.98 -10.21
N ALA QA 10 45.89 26.33 -9.36
CA ALA QA 10 46.33 26.06 -7.99
C ALA QA 10 47.56 25.15 -7.97
N SER QA 11 47.58 24.15 -8.85
CA SER QA 11 48.71 23.21 -8.87
C SER QA 11 49.99 23.91 -9.29
N GLU QA 12 49.92 24.80 -10.27
CA GLU QA 12 51.13 25.43 -10.78
C GLU QA 12 51.67 26.50 -9.83
N VAL QA 13 50.79 27.23 -9.14
CA VAL QA 13 51.27 28.26 -8.22
C VAL QA 13 51.98 27.61 -7.04
N SER QA 14 51.40 26.57 -6.46
CA SER QA 14 52.04 25.90 -5.34
C SER QA 14 53.35 25.24 -5.75
N LYS QA 15 53.37 24.59 -6.91
CA LYS QA 15 54.58 23.93 -7.37
C LYS QA 15 55.68 24.94 -7.67
N GLY QA 16 55.33 26.07 -8.28
CA GLY QA 16 56.33 27.06 -8.62
C GLY QA 16 57.03 27.63 -7.41
N LEU QA 17 56.27 27.98 -6.37
CA LEU QA 17 56.87 28.58 -5.18
C LEU QA 17 57.76 27.58 -4.45
N ALA QA 18 57.34 26.30 -4.40
CA ALA QA 18 58.12 25.30 -3.70
C ALA QA 18 59.49 25.09 -4.34
N ASN QA 19 59.51 24.91 -5.67
CA ASN QA 19 60.78 24.72 -6.36
C ASN QA 19 61.67 25.95 -6.22
N LEU QA 20 61.08 27.15 -6.26
CA LEU QA 20 61.86 28.38 -6.17
C LEU QA 20 62.58 28.46 -4.84
N SER QA 21 61.92 28.07 -3.74
CA SER QA 21 62.55 28.14 -2.43
C SER QA 21 63.76 27.22 -2.33
N LEU QA 22 63.68 26.04 -2.93
CA LEU QA 22 64.79 25.09 -2.87
C LEU QA 22 65.94 25.55 -3.76
N GLU QA 23 65.64 26.12 -4.92
CA GLU QA 23 66.70 26.55 -5.83
C GLU QA 23 67.50 27.71 -5.25
N LEU QA 24 66.83 28.71 -4.70
CA LEU QA 24 67.50 29.87 -4.13
C LEU QA 24 67.86 29.68 -2.66
N ARG QA 25 67.38 28.63 -2.01
CA ARG QA 25 67.69 28.35 -0.62
C ARG QA 25 67.33 29.52 0.28
N LYS QA 26 66.12 30.05 0.08
CA LYS QA 26 65.60 31.16 0.86
C LYS QA 26 64.16 30.85 1.26
N PRO QA 27 63.71 31.27 2.44
CA PRO QA 27 62.33 30.96 2.86
C PRO QA 27 61.30 31.70 2.03
N ILE QA 28 60.27 30.98 1.61
CA ILE QA 28 59.09 31.55 0.96
C ILE QA 28 57.86 30.91 1.60
N THR QA 29 56.92 31.73 2.04
CA THR QA 29 55.75 31.27 2.79
C THR QA 29 54.51 31.28 1.90
N PHE QA 30 53.63 30.30 2.12
CA PHE QA 30 52.46 30.08 1.28
C PHE QA 30 51.24 30.71 1.97
N GLY QA 31 50.85 31.89 1.51
CA GLY QA 31 49.71 32.59 2.07
C GLY QA 31 48.53 32.69 1.13
N VAL QA 32 48.29 31.63 0.35
CA VAL QA 32 47.24 31.63 -0.67
C VAL QA 32 46.06 30.82 -0.18
N ILE QA 33 44.87 31.43 -0.19
CA ILE QA 33 43.65 30.74 0.19
C ILE QA 33 43.13 29.93 -1.01
N THR QA 34 42.73 28.70 -0.76
CA THR QA 34 42.13 27.83 -1.78
C THR QA 34 40.83 27.28 -1.20
N ALA QA 35 39.71 27.92 -1.54
CA ALA QA 35 38.42 27.63 -0.96
C ALA QA 35 37.46 27.08 -2.01
N ASP QA 36 36.47 26.31 -1.55
CA ASP QA 36 35.45 25.77 -2.43
C ASP QA 36 34.25 26.70 -2.57
N THR QA 37 34.01 27.59 -1.62
CA THR QA 37 32.87 28.48 -1.64
C THR QA 37 33.29 29.87 -1.15
N LEU QA 38 32.48 30.86 -1.51
CA LEU QA 38 32.76 32.23 -1.07
C LEU QA 38 32.71 32.35 0.44
N GLU QA 39 31.79 31.64 1.08
CA GLU QA 39 31.68 31.70 2.54
C GLU QA 39 32.96 31.20 3.20
N GLN QA 40 33.54 30.12 2.69
CA GLN QA 40 34.78 29.61 3.26
C GLN QA 40 35.92 30.62 3.15
N ALA QA 41 35.91 31.43 2.09
CA ALA QA 41 36.99 32.41 1.91
C ALA QA 41 36.86 33.55 2.89
N ILE QA 42 35.63 34.06 3.11
CA ILE QA 42 35.43 35.15 4.07
C ILE QA 42 35.82 34.69 5.46
N GLU QA 43 35.65 33.40 5.75
CA GLU QA 43 35.97 32.88 7.08
C GLU QA 43 37.43 33.09 7.42
N ARG QA 44 38.32 32.93 6.44
CA ARG QA 44 39.75 32.95 6.65
C ARG QA 44 40.41 34.28 6.31
N ALA QA 45 39.62 35.31 5.98
CA ALA QA 45 40.14 36.62 5.55
C ALA QA 45 39.95 37.68 6.63
N GLY QA 46 40.12 37.34 7.89
CA GLY QA 46 39.94 38.26 8.99
C GLY QA 46 38.67 38.04 9.79
N THR QA 47 38.12 36.83 9.77
CA THR QA 47 36.90 36.49 10.48
C THR QA 47 37.08 35.21 11.28
N LYS QA 48 35.98 34.58 11.70
CA LYS QA 48 35.98 33.58 12.78
C LYS QA 48 37.08 32.54 12.68
N HIS QA 49 37.67 32.30 11.50
CA HIS QA 49 38.78 31.37 11.37
C HIS QA 49 40.13 32.08 11.21
N GLY QA 50 40.22 33.34 11.58
CA GLY QA 50 41.48 34.04 11.59
C GLY QA 50 41.82 34.68 10.27
N ASN QA 51 43.08 35.11 10.17
CA ASN QA 51 43.61 35.79 9.00
C ASN QA 51 44.84 35.03 8.50
N LYS QA 52 44.77 34.55 7.25
CA LYS QA 52 45.90 33.79 6.71
C LYS QA 52 47.09 34.69 6.40
N GLY QA 53 46.85 35.97 6.15
CA GLY QA 53 47.97 36.88 5.93
C GLY QA 53 48.81 37.07 7.18
N TRP QA 54 48.16 37.14 8.35
CA TRP QA 54 48.89 37.23 9.60
C TRP QA 54 49.72 35.98 9.84
N GLU QA 55 49.16 34.80 9.58
CA GLU QA 55 49.86 33.56 9.84
C GLU QA 55 51.09 33.41 8.95
N ALA QA 56 50.96 33.78 7.68
CA ALA QA 56 52.10 33.66 6.76
C ALA QA 56 53.26 34.57 7.19
N ALA QA 57 52.96 35.78 7.66
CA ALA QA 57 54.01 36.67 8.12
C ALA QA 57 54.72 36.11 9.35
N LEU QA 58 53.96 35.49 10.27
CA LEU QA 58 54.57 34.95 11.47
C LEU QA 58 55.54 33.81 11.12
N SER QA 59 55.18 32.99 10.14
CA SER QA 59 56.07 31.92 9.70
C SER QA 59 57.36 32.49 9.10
N ALA QA 60 57.25 33.56 8.33
CA ALA QA 60 58.43 34.16 7.71
C ALA QA 60 59.41 34.68 8.76
N ILE QA 61 58.89 35.31 9.82
CA ILE QA 61 59.77 35.85 10.85
C ILE QA 61 60.55 34.73 11.52
N GLU QA 62 59.89 33.63 11.85
CA GLU QA 62 60.56 32.52 12.51
C GLU QA 62 61.63 31.93 11.62
N MET QA 63 61.31 31.70 10.34
CA MET QA 63 62.26 31.07 9.43
C MET QA 63 63.50 31.95 9.23
N ALA QA 64 63.30 33.28 9.17
CA ALA QA 64 64.44 34.17 9.00
C ALA QA 64 65.39 34.08 10.18
N ASN QA 65 64.86 34.01 11.40
CA ASN QA 65 65.71 33.88 12.58
C ASN QA 65 66.39 32.51 12.63
N LEU QA 66 65.68 31.47 12.21
CA LEU QA 66 66.26 30.12 12.22
C LEU QA 66 67.46 30.04 11.30
N PHE QA 67 67.34 30.58 10.08
CA PHE QA 67 68.44 30.51 9.13
C PHE QA 67 69.63 31.33 9.59
N LYS QA 68 69.38 32.44 10.30
CA LYS QA 68 70.48 33.24 10.90
C LYS QA 68 71.20 32.34 11.91
N SER QA 69 70.47 31.47 12.63
CA SER QA 69 71.09 30.64 13.67
C SER QA 69 71.87 29.47 13.07
N LEU QA 70 71.35 28.84 12.02
CA LEU QA 70 72.04 27.71 11.43
C LEU QA 70 73.39 28.12 10.85
N ARG QA 71 73.44 29.29 10.20
CA ARG QA 71 74.66 29.74 9.55
C ARG QA 71 75.63 30.42 10.50
N GLY QA 72 75.27 30.55 11.78
CA GLY QA 72 76.16 31.09 12.78
C GLY QA 72 77.02 30.01 13.43
N THR QA 73 77.51 30.32 14.63
CA THR QA 73 78.37 29.38 15.34
C THR QA 73 77.59 28.17 15.84
N GLY QA 74 76.34 28.36 16.25
CA GLY QA 74 75.55 27.28 16.79
C GLY QA 74 75.78 27.05 18.27
N GLY QA 75 77.04 26.88 18.65
CA GLY QA 75 77.36 26.71 20.06
C GLY QA 75 76.94 25.36 20.62
N SER QA 76 76.82 25.32 21.94
CA SER QA 76 76.45 24.12 22.68
C SER QA 76 77.48 23.01 22.51
N GLY QA 77 77.40 21.98 23.33
CA GLY QA 77 78.33 20.87 23.25
C GLY QA 77 78.01 19.84 24.31
N SER QA 78 78.50 18.62 24.05
CA SER QA 78 78.31 17.48 24.94
C SER QA 78 76.83 17.16 25.17
N SER QA 79 75.97 17.60 24.26
CA SER QA 79 74.54 17.37 24.39
C SER QA 79 73.88 17.56 23.02
N MET QA 80 72.62 17.18 22.94
CA MET QA 80 71.88 17.29 21.69
C MET QA 80 71.73 18.75 21.27
N GLU QA 81 72.13 19.05 20.04
CA GLU QA 81 71.98 20.41 19.51
C GLU QA 81 70.55 20.63 19.02
N ILE QA 82 69.96 21.75 19.44
CA ILE QA 82 68.61 22.12 19.06
C ILE QA 82 68.65 23.50 18.43
N TYR QA 83 68.05 23.64 17.25
CA TYR QA 83 67.97 24.90 16.53
C TYR QA 83 66.52 25.35 16.45
N GLU QA 84 66.26 26.60 16.80
CA GLU QA 84 64.91 27.16 16.75
C GLU QA 84 65.01 28.66 16.53
N GLY QA 85 63.90 29.23 16.07
CA GLY QA 85 63.84 30.65 15.73
C GLY QA 85 62.95 31.42 16.69
N LYS QA 86 63.41 32.64 17.02
CA LYS QA 86 62.67 33.55 17.91
C LYS QA 86 61.56 34.17 17.09
N LEU QA 87 60.73 35.00 17.70
CA LEU QA 87 59.67 35.76 17.06
C LEU QA 87 59.86 37.26 17.23
N THR QA 88 61.10 37.72 17.07
CA THR QA 88 61.42 39.15 17.06
C THR QA 88 61.82 39.56 15.65
N ALA QA 89 61.22 40.65 15.17
CA ALA QA 89 61.41 41.10 13.79
C ALA QA 89 62.38 42.28 13.67
N GLU QA 90 63.07 42.64 14.74
CA GLU QA 90 63.97 43.80 14.69
C GLU QA 90 65.13 43.52 13.75
N GLY QA 91 65.32 44.41 12.77
CA GLY QA 91 66.43 44.32 11.85
C GLY QA 91 66.18 43.52 10.59
N LEU QA 92 65.03 42.87 10.45
CA LEU QA 92 64.75 42.03 9.29
C LEU QA 92 64.06 42.82 8.19
N ARG QA 93 64.22 42.34 6.95
CA ARG QA 93 63.68 42.98 5.77
C ARG QA 93 62.86 41.97 4.98
N PHE QA 94 61.64 42.36 4.60
CA PHE QA 94 60.66 41.44 4.03
C PHE QA 94 60.14 41.97 2.70
N GLY QA 95 59.80 41.03 1.81
CA GLY QA 95 59.10 41.33 0.57
C GLY QA 95 57.76 40.63 0.51
N ILE QA 96 56.78 41.29 -0.11
CA ILE QA 96 55.43 40.78 -0.22
C ILE QA 96 54.99 40.84 -1.68
N VAL QA 97 54.40 39.76 -2.17
CA VAL QA 97 53.81 39.70 -3.51
C VAL QA 97 52.33 39.38 -3.34
N ALA QA 98 51.47 40.24 -3.89
CA ALA QA 98 50.02 40.11 -3.75
C ALA QA 98 49.34 40.26 -5.10
N SER QA 99 48.27 39.50 -5.30
CA SER QA 99 47.51 39.55 -6.54
C SER QA 99 46.32 40.51 -6.41
N ARG QA 100 45.79 40.92 -7.56
CA ARG QA 100 44.70 41.89 -7.61
C ARG QA 100 43.32 41.26 -7.76
N PHE QA 101 43.23 39.98 -8.13
CA PHE QA 101 41.93 39.35 -8.30
C PHE QA 101 41.32 39.04 -6.93
N ASN QA 102 40.01 39.24 -6.81
CA ASN QA 102 39.32 39.17 -5.53
C ASN QA 102 39.93 40.16 -4.53
N HIS QA 103 40.11 41.41 -4.97
CA HIS QA 103 40.83 42.38 -4.15
C HIS QA 103 40.06 42.73 -2.88
N ALA QA 104 38.75 42.51 -2.86
CA ALA QA 104 37.99 42.78 -1.64
C ALA QA 104 38.48 41.93 -0.48
N LEU QA 105 39.01 40.74 -0.76
CA LEU QA 105 39.55 39.86 0.26
C LEU QA 105 41.06 39.99 0.40
N VAL QA 106 41.76 40.20 -0.71
CA VAL QA 106 43.23 40.22 -0.69
C VAL QA 106 43.73 41.37 0.17
N ASP QA 107 43.10 42.54 0.06
CA ASP QA 107 43.54 43.70 0.83
C ASP QA 107 43.41 43.49 2.33
N ARG QA 108 42.50 42.61 2.76
CA ARG QA 108 42.45 42.26 4.18
C ARG QA 108 43.66 41.43 4.59
N LEU QA 109 44.13 40.55 3.71
CA LEU QA 109 45.29 39.72 4.03
C LEU QA 109 46.57 40.56 4.08
N VAL QA 110 46.71 41.54 3.18
CA VAL QA 110 47.90 42.37 3.17
C VAL QA 110 47.97 43.21 4.43
N GLU QA 111 46.82 43.70 4.90
CA GLU QA 111 46.80 44.48 6.15
C GLU QA 111 47.28 43.64 7.32
N GLY QA 112 46.85 42.38 7.38
CA GLY QA 112 47.28 41.52 8.47
C GLY QA 112 48.78 41.27 8.48
N ALA QA 113 49.36 41.05 7.29
CA ALA QA 113 50.79 40.78 7.21
C ALA QA 113 51.60 41.98 7.69
N ILE QA 114 51.19 43.19 7.31
CA ILE QA 114 51.92 44.38 7.74
C ILE QA 114 51.76 44.61 9.23
N ASP QA 115 50.56 44.35 9.76
CA ASP QA 115 50.32 44.53 11.18
C ASP QA 115 51.20 43.60 12.01
N CYS QA 116 51.34 42.35 11.57
CA CYS QA 116 52.16 41.39 12.31
C CYS QA 116 53.61 41.85 12.40
N ILE QA 117 54.16 42.31 11.27
CA ILE QA 117 55.58 42.68 11.24
C ILE QA 117 55.85 43.88 12.14
N VAL QA 118 54.96 44.87 12.12
CA VAL QA 118 55.23 46.11 12.85
C VAL QA 118 55.15 45.89 14.35
N ARG QA 119 54.16 45.12 14.82
CA ARG QA 119 53.98 44.96 16.25
C ARG QA 119 54.95 43.96 16.87
N HIS QA 120 55.66 43.18 16.05
CA HIS QA 120 56.74 42.34 16.52
C HIS QA 120 58.10 43.03 16.49
N GLY QA 121 58.15 44.30 16.11
CA GLY QA 121 59.37 45.08 16.17
C GLY QA 121 59.97 45.49 14.83
N GLY QA 122 59.27 45.28 13.72
CA GLY QA 122 59.78 45.67 12.43
C GLY QA 122 59.41 47.09 12.05
N ARG QA 123 59.99 47.55 10.94
CA ARG QA 123 59.73 48.88 10.40
C ARG QA 123 59.03 48.75 9.05
N GLU QA 124 58.11 49.68 8.79
CA GLU QA 124 57.46 49.73 7.48
C GLU QA 124 58.46 50.08 6.38
N GLU QA 125 59.53 50.79 6.72
CA GLU QA 125 60.55 51.15 5.74
C GLU QA 125 61.27 49.93 5.19
N ASP QA 126 61.21 48.80 5.88
CA ASP QA 126 61.91 47.58 5.48
C ASP QA 126 61.01 46.61 4.73
N ILE QA 127 59.83 47.03 4.30
CA ILE QA 127 58.88 46.19 3.60
C ILE QA 127 58.78 46.66 2.15
N THR QA 128 58.92 45.72 1.21
CA THR QA 128 58.76 45.98 -0.21
C THR QA 128 57.53 45.22 -0.69
N LEU QA 129 56.60 45.93 -1.33
CA LEU QA 129 55.33 45.36 -1.77
C LEU QA 129 55.24 45.42 -3.29
N VAL QA 130 54.97 44.27 -3.92
CA VAL QA 130 54.83 44.15 -5.36
C VAL QA 130 53.44 43.58 -5.65
N ARG QA 131 52.73 44.18 -6.60
CA ARG QA 131 51.38 43.76 -6.97
C ARG QA 131 51.38 43.22 -8.39
N VAL QA 132 50.67 42.10 -8.58
CA VAL QA 132 50.59 41.44 -9.88
C VAL QA 132 49.11 41.24 -10.25
N PRO QA 133 48.78 41.10 -11.54
CA PRO QA 133 47.36 41.01 -11.92
C PRO QA 133 46.64 39.75 -11.46
N GLY QA 134 47.36 38.66 -11.22
CA GLY QA 134 46.69 37.42 -10.86
C GLY QA 134 47.63 36.45 -10.18
N SER QA 135 47.05 35.35 -9.69
CA SER QA 135 47.83 34.35 -8.97
C SER QA 135 48.83 33.66 -9.89
N TRP QA 136 48.49 33.53 -11.18
CA TRP QA 136 49.40 32.88 -12.12
C TRP QA 136 50.73 33.60 -12.22
N GLU QA 137 50.74 34.92 -12.01
CA GLU QA 137 51.96 35.71 -12.14
C GLU QA 137 52.75 35.82 -10.83
N ILE QA 138 52.27 35.22 -9.74
CA ILE QA 138 53.01 35.33 -8.47
C ILE QA 138 54.38 34.68 -8.55
N PRO QA 139 54.55 33.45 -9.04
CA PRO QA 139 55.88 32.82 -8.98
C PRO QA 139 56.96 33.59 -9.71
N VAL QA 140 56.67 34.17 -10.88
CA VAL QA 140 57.71 34.88 -11.62
C VAL QA 140 58.07 36.17 -10.92
N ALA QA 141 57.09 36.86 -10.33
CA ALA QA 141 57.39 38.08 -9.58
C ALA QA 141 58.15 37.75 -8.30
N ALA QA 142 57.79 36.67 -7.62
CA ALA QA 142 58.50 36.28 -6.41
C ALA QA 142 59.96 35.95 -6.70
N GLY QA 143 60.26 35.47 -7.91
CA GLY QA 143 61.62 35.17 -8.27
C GLY QA 143 62.52 36.37 -8.36
N GLU QA 144 61.96 37.55 -8.69
CA GLU QA 144 62.77 38.76 -8.76
C GLU QA 144 63.13 39.27 -7.37
N LEU QA 145 62.19 39.21 -6.43
CA LEU QA 145 62.47 39.65 -5.07
C LEU QA 145 63.44 38.72 -4.37
N ALA QA 146 63.25 37.40 -4.54
CA ALA QA 146 64.08 36.44 -3.81
C ALA QA 146 65.54 36.53 -4.20
N ARG QA 147 65.84 37.06 -5.38
CA ARG QA 147 67.23 37.17 -5.84
C ARG QA 147 67.93 38.42 -5.33
N LYS QA 148 67.22 39.34 -4.68
CA LYS QA 148 67.85 40.51 -4.10
C LYS QA 148 68.60 40.13 -2.83
N GLU QA 149 69.77 40.74 -2.63
CA GLU QA 149 70.63 40.37 -1.52
C GLU QA 149 70.10 40.87 -0.19
N ASP QA 150 69.32 41.96 -0.18
CA ASP QA 150 68.86 42.59 1.05
C ASP QA 150 67.44 42.19 1.41
N ILE QA 151 66.97 41.03 0.96
CA ILE QA 151 65.66 40.51 1.32
C ILE QA 151 65.89 39.21 2.09
N ASP QA 152 65.26 39.09 3.25
CA ASP QA 152 65.43 37.93 4.11
C ASP QA 152 64.37 36.85 3.87
N ALA QA 153 63.14 37.25 3.54
CA ALA QA 153 62.07 36.29 3.29
C ALA QA 153 61.01 36.95 2.44
N VAL QA 154 60.21 36.11 1.76
CA VAL QA 154 59.16 36.57 0.85
C VAL QA 154 57.84 35.96 1.29
N ILE QA 155 56.76 36.75 1.20
CA ILE QA 155 55.42 36.33 1.58
C ILE QA 155 54.53 36.44 0.34
N ALA QA 156 53.85 35.35 0.01
CA ALA QA 156 52.96 35.27 -1.14
C ALA QA 156 51.51 35.23 -0.68
N ILE QA 157 50.68 36.08 -1.26
CA ILE QA 157 49.29 36.26 -0.85
C ILE QA 157 48.39 36.20 -2.08
N GLY QA 158 47.28 35.48 -1.97
CA GLY QA 158 46.31 35.39 -3.05
C GLY QA 158 45.08 34.65 -2.58
N VAL QA 159 44.03 34.72 -3.40
CA VAL QA 159 42.75 34.09 -3.12
C VAL QA 159 42.26 33.39 -4.38
N LEU QA 160 41.95 32.10 -4.27
CA LEU QA 160 41.35 31.32 -5.35
C LEU QA 160 40.08 30.66 -4.85
N ILE QA 161 39.00 30.77 -5.62
CA ILE QA 161 37.70 30.22 -5.26
C ILE QA 161 37.23 29.34 -6.40
N ARG QA 162 36.82 28.12 -6.09
CA ARG QA 162 36.39 27.16 -7.09
C ARG QA 162 35.07 27.60 -7.70
N THR RA 3 36.57 11.24 -21.77
CA THR RA 3 37.72 10.36 -21.74
C THR RA 3 38.88 11.03 -20.98
N PRO RA 4 39.79 10.22 -20.42
CA PRO RA 4 40.92 10.80 -19.68
C PRO RA 4 41.93 11.52 -20.55
N HIS RA 5 41.77 11.49 -21.88
CA HIS RA 5 42.69 12.21 -22.75
C HIS RA 5 42.74 13.70 -22.40
N PHE RA 6 41.62 14.26 -21.96
CA PHE RA 6 41.57 15.68 -21.63
C PHE RA 6 42.54 16.03 -20.50
N ASP RA 7 42.61 15.19 -19.47
CA ASP RA 7 43.37 15.54 -18.28
C ASP RA 7 44.87 15.64 -18.58
N TYR RA 8 45.42 14.67 -19.30
CA TYR RA 8 46.87 14.62 -19.48
C TYR RA 8 47.37 15.77 -20.34
N ILE RA 9 46.61 16.13 -21.37
CA ILE RA 9 47.01 17.27 -22.22
C ILE RA 9 46.98 18.57 -21.41
N ALA RA 10 45.91 18.75 -20.63
CA ALA RA 10 45.77 19.98 -19.86
C ALA RA 10 46.88 20.12 -18.82
N SER RA 11 47.24 19.01 -18.18
CA SER RA 11 48.27 19.07 -17.14
C SER RA 11 49.63 19.46 -17.74
N GLU RA 12 49.96 18.91 -18.92
CA GLU RA 12 51.27 19.15 -19.48
C GLU RA 12 51.40 20.56 -20.08
N VAL RA 13 50.33 21.08 -20.67
CA VAL RA 13 50.39 22.41 -21.24
C VAL RA 13 50.57 23.46 -20.15
N SER RA 14 49.80 23.35 -19.06
CA SER RA 14 49.93 24.31 -17.96
C SER RA 14 51.30 24.20 -17.30
N LYS RA 15 51.77 22.98 -17.07
CA LYS RA 15 53.07 22.79 -16.43
C LYS RA 15 54.20 23.31 -17.30
N GLY RA 16 54.13 23.07 -18.61
CA GLY RA 16 55.19 23.51 -19.50
C GLY RA 16 55.35 25.02 -19.52
N LEU RA 17 54.24 25.74 -19.60
CA LEU RA 17 54.32 27.20 -19.67
C LEU RA 17 54.83 27.79 -18.36
N ALA RA 18 54.43 27.21 -17.23
CA ALA RA 18 54.86 27.73 -15.93
C ALA RA 18 56.36 27.60 -15.76
N ASN RA 19 56.91 26.42 -16.03
CA ASN RA 19 58.35 26.23 -15.90
C ASN RA 19 59.12 27.13 -16.86
N LEU RA 20 58.60 27.32 -18.07
CA LEU RA 20 59.29 28.13 -19.06
C LEU RA 20 59.42 29.57 -18.59
N SER RA 21 58.38 30.11 -17.96
CA SER RA 21 58.42 31.49 -17.50
C SER RA 21 59.49 31.69 -16.43
N LEU RA 22 59.65 30.71 -15.53
CA LEU RA 22 60.63 30.83 -14.47
C LEU RA 22 62.06 30.67 -15.02
N GLU RA 23 62.24 29.77 -15.99
CA GLU RA 23 63.57 29.54 -16.53
C GLU RA 23 64.09 30.76 -17.29
N LEU RA 24 63.26 31.35 -18.14
CA LEU RA 24 63.65 32.51 -18.93
C LEU RA 24 63.41 33.83 -18.21
N ARG RA 25 62.69 33.81 -17.09
CA ARG RA 25 62.43 35.01 -16.30
C ARG RA 25 61.73 36.08 -17.15
N LYS RA 26 60.71 35.66 -17.89
CA LYS RA 26 59.92 36.54 -18.74
C LYS RA 26 58.44 36.23 -18.53
N PRO RA 27 57.56 37.24 -18.60
CA PRO RA 27 56.13 36.96 -18.39
C PRO RA 27 55.52 36.15 -19.51
N ILE RA 28 54.73 35.13 -19.12
CA ILE RA 28 53.91 34.36 -20.06
C ILE RA 28 52.53 34.22 -19.43
N THR RA 29 51.49 34.55 -20.18
CA THR RA 29 50.12 34.58 -19.69
C THR RA 29 49.34 33.37 -20.18
N PHE RA 30 48.45 32.87 -19.33
CA PHE RA 30 47.70 31.64 -19.59
C PHE RA 30 46.32 32.01 -20.11
N GLY RA 31 46.15 31.91 -21.43
CA GLY RA 31 44.88 32.22 -22.07
C GLY RA 31 44.18 31.01 -22.65
N VAL RA 32 44.26 29.88 -21.96
CA VAL RA 32 43.71 28.62 -22.47
C VAL RA 32 42.42 28.30 -21.72
N ILE RA 33 41.34 28.08 -22.47
CA ILE RA 33 40.06 27.69 -21.88
C ILE RA 33 40.06 26.19 -21.62
N THR RA 34 39.59 25.80 -20.44
CA THR RA 34 39.44 24.39 -20.06
C THR RA 34 38.02 24.20 -19.56
N ALA RA 35 37.13 23.73 -20.44
CA ALA RA 35 35.70 23.65 -20.16
C ALA RA 35 35.25 22.19 -20.16
N ASP RA 36 34.16 21.94 -19.42
CA ASP RA 36 33.56 20.61 -19.37
C ASP RA 36 32.53 20.39 -20.47
N THR RA 37 31.94 21.44 -21.01
CA THR RA 37 30.90 21.33 -22.02
C THR RA 37 31.10 22.39 -23.09
N LEU RA 38 30.50 22.17 -24.26
CA LEU RA 38 30.59 23.14 -25.35
C LEU RA 38 29.94 24.46 -24.95
N GLU RA 39 28.84 24.40 -24.21
CA GLU RA 39 28.17 25.64 -23.80
C GLU RA 39 29.07 26.49 -22.92
N GLN RA 40 29.80 25.87 -22.00
CA GLN RA 40 30.71 26.63 -21.15
C GLN RA 40 31.79 27.31 -21.95
N ALA RA 41 32.21 26.71 -23.07
CA ALA RA 41 33.27 27.31 -23.87
C ALA RA 41 32.77 28.52 -24.63
N ILE RA 42 31.57 28.45 -25.21
CA ILE RA 42 31.01 29.59 -25.93
C ILE RA 42 30.80 30.76 -24.98
N GLU RA 43 30.51 30.47 -23.71
CA GLU RA 43 30.28 31.53 -22.74
C GLU RA 43 31.49 32.44 -22.59
N ARG RA 44 32.69 31.87 -22.65
CA ARG RA 44 33.93 32.59 -22.37
C ARG RA 44 34.67 33.02 -23.63
N ALA RA 45 34.09 32.82 -24.82
CA ALA RA 45 34.74 33.14 -26.09
C ALA RA 45 34.14 34.36 -26.75
N GLY RA 46 33.79 35.39 -25.98
CA GLY RA 46 33.18 36.60 -26.51
C GLY RA 46 31.70 36.74 -26.22
N THR RA 47 31.20 36.07 -25.19
CA THR RA 47 29.79 36.10 -24.82
C THR RA 47 29.64 36.38 -23.32
N LYS RA 48 28.46 36.10 -22.77
CA LYS RA 48 28.02 36.65 -21.49
C LYS RA 48 29.07 36.59 -20.37
N HIS RA 49 30.07 35.71 -20.46
CA HIS RA 49 31.15 35.68 -19.47
C HIS RA 49 32.44 36.29 -19.98
N GLY RA 50 32.38 37.11 -21.02
CA GLY RA 50 33.53 37.84 -21.48
C GLY RA 50 34.39 37.06 -22.47
N ASN RA 51 35.59 37.61 -22.70
CA ASN RA 51 36.54 37.05 -23.65
C ASN RA 51 37.86 36.80 -22.92
N LYS RA 52 38.30 35.55 -22.90
CA LYS RA 52 39.53 35.21 -22.21
C LYS RA 52 40.76 35.72 -22.96
N GLY RA 53 40.65 35.89 -24.28
CA GLY RA 53 41.76 36.45 -25.03
C GLY RA 53 42.04 37.90 -24.66
N TRP RA 54 40.97 38.67 -24.43
CA TRP RA 54 41.14 40.05 -23.98
C TRP RA 54 41.82 40.10 -22.62
N GLU RA 55 41.38 39.24 -21.70
CA GLU RA 55 41.93 39.27 -20.34
C GLU RA 55 43.40 38.91 -20.32
N ALA RA 56 43.80 37.91 -21.11
CA ALA RA 56 45.20 37.51 -21.14
C ALA RA 56 46.10 38.63 -21.66
N ALA RA 57 45.64 39.37 -22.68
CA ALA RA 57 46.43 40.47 -23.19
C ALA RA 57 46.57 41.58 -22.16
N LEU RA 58 45.52 41.85 -21.39
CA LEU RA 58 45.60 42.90 -20.38
C LEU RA 58 46.61 42.55 -19.30
N SER RA 59 46.68 41.27 -18.92
CA SER RA 59 47.66 40.84 -17.93
C SER RA 59 49.08 41.01 -18.46
N ALA RA 60 49.30 40.72 -19.75
CA ALA RA 60 50.63 40.84 -20.32
C ALA RA 60 51.11 42.28 -20.31
N ILE RA 61 50.22 43.23 -20.62
CA ILE RA 61 50.62 44.64 -20.65
C ILE RA 61 51.07 45.09 -19.27
N GLU RA 62 50.31 44.71 -18.23
CA GLU RA 62 50.66 45.13 -16.87
C GLU RA 62 51.99 44.53 -16.46
N MET RA 63 52.21 43.24 -16.73
CA MET RA 63 53.44 42.59 -16.30
C MET RA 63 54.65 43.20 -17.00
N ALA RA 64 54.52 43.55 -18.28
CA ALA RA 64 55.63 44.17 -19.01
C ALA RA 64 56.03 45.50 -18.37
N ASN RA 65 55.05 46.30 -17.99
CA ASN RA 65 55.37 47.58 -17.34
C ASN RA 65 55.96 47.37 -15.95
N LEU RA 66 55.47 46.37 -15.23
CA LEU RA 66 55.99 46.10 -13.89
C LEU RA 66 57.46 45.72 -13.93
N PHE RA 67 57.83 44.84 -14.87
CA PHE RA 67 59.22 44.40 -14.95
C PHE RA 67 60.14 45.55 -15.38
N LYS RA 68 59.62 46.47 -16.22
CA LYS RA 68 60.40 47.68 -16.59
C LYS RA 68 60.66 48.47 -15.31
N SER RA 69 59.70 48.51 -14.36
CA SER RA 69 59.84 49.31 -13.15
C SER RA 69 60.79 48.67 -12.15
N LEU RA 70 60.72 47.34 -11.99
CA LEU RA 70 61.59 46.67 -11.03
C LEU RA 70 63.06 46.83 -11.41
N ARG RA 71 63.38 46.73 -12.70
CA ARG RA 71 64.75 46.78 -13.16
C ARG RA 71 65.27 48.21 -13.32
N GLY RA 72 64.44 49.22 -13.07
CA GLY RA 72 64.85 50.60 -13.10
C GLY RA 72 65.37 51.06 -11.76
N THR RA 73 65.35 52.38 -11.57
CA THR RA 73 65.85 52.96 -10.32
C THR RA 73 64.92 52.66 -9.15
N GLY RA 74 63.62 52.62 -9.38
CA GLY RA 74 62.66 52.39 -8.30
C GLY RA 74 62.29 53.65 -7.57
N GLY RA 75 63.29 54.39 -7.08
CA GLY RA 75 63.02 55.65 -6.42
C GLY RA 75 62.40 55.47 -5.03
N SER RA 76 61.76 56.54 -4.58
CA SER RA 76 61.12 56.59 -3.27
C SER RA 76 62.13 56.42 -2.14
N GLY RA 77 61.72 56.72 -0.92
CA GLY RA 77 62.61 56.59 0.22
C GLY RA 77 61.89 56.99 1.50
N SER RA 78 62.43 56.51 2.61
CA SER RA 78 61.89 56.79 3.94
C SER RA 78 60.44 56.31 4.09
N SER RA 79 60.01 55.38 3.25
CA SER RA 79 58.65 54.88 3.29
C SER RA 79 58.61 53.54 2.56
N MET RA 80 57.47 52.86 2.70
CA MET RA 80 57.29 51.56 2.06
C MET RA 80 57.34 51.68 0.55
N GLU RA 81 58.19 50.89 -0.09
CA GLU RA 81 58.28 50.88 -1.54
C GLU RA 81 57.16 50.02 -2.13
N ILE RA 82 56.46 50.56 -3.12
CA ILE RA 82 55.37 49.86 -3.80
C ILE RA 82 55.67 49.86 -5.29
N TYR RA 83 55.59 48.68 -5.90
CA TYR RA 83 55.81 48.51 -7.33
C TYR RA 83 54.51 48.06 -7.98
N GLU RA 84 54.14 48.73 -9.08
CA GLU RA 84 52.93 48.38 -9.81
C GLU RA 84 53.11 48.77 -11.28
N GLY RA 85 52.28 48.18 -12.13
CA GLY RA 85 52.37 48.39 -13.56
C GLY RA 85 51.18 49.17 -14.10
N LYS RA 86 51.48 50.07 -15.05
CA LYS RA 86 50.45 50.88 -15.71
C LYS RA 86 49.75 50.00 -16.73
N LEU RA 87 48.76 50.52 -17.43
CA LEU RA 87 48.04 49.86 -18.51
C LEU RA 87 48.17 50.62 -19.82
N THR RA 88 49.36 51.12 -20.11
CA THR RA 88 49.67 51.75 -21.39
C THR RA 88 50.59 50.84 -22.19
N ALA RA 89 50.25 50.61 -23.45
CA ALA RA 89 50.98 49.68 -24.30
C ALA RA 89 51.91 50.36 -25.30
N GLU RA 90 52.12 51.67 -25.18
CA GLU RA 90 52.97 52.37 -26.12
C GLU RA 90 54.41 51.90 -26.01
N GLY RA 91 54.99 51.46 -27.13
CA GLY RA 91 56.37 51.05 -27.19
C GLY RA 91 56.64 49.59 -26.90
N LEU RA 92 55.63 48.81 -26.52
CA LEU RA 92 55.84 47.41 -26.17
C LEU RA 92 55.65 46.50 -27.38
N ARG RA 93 56.29 45.34 -27.32
CA ARG RA 93 56.27 44.35 -28.40
C ARG RA 93 55.82 43.01 -27.83
N PHE RA 94 54.86 42.37 -28.51
CA PHE RA 94 54.18 41.19 -28.00
C PHE RA 94 54.23 40.05 -29.00
N GLY RA 95 54.28 38.83 -28.49
CA GLY RA 95 54.14 37.62 -29.29
C GLY RA 95 52.92 36.82 -28.86
N ILE RA 96 52.28 36.16 -29.82
CA ILE RA 96 51.07 35.38 -29.58
C ILE RA 96 51.26 34.00 -30.20
N VAL RA 97 50.91 32.97 -29.45
CA VAL RA 97 50.90 31.58 -29.93
C VAL RA 97 49.47 31.06 -29.80
N ALA RA 98 48.92 30.58 -30.91
CA ALA RA 98 47.53 30.12 -30.97
C ALA RA 98 47.45 28.77 -31.65
N SER RA 99 46.53 27.93 -31.19
CA SER RA 99 46.33 26.60 -31.76
C SER RA 99 45.20 26.63 -32.78
N ARG RA 100 45.17 25.61 -33.63
CA ARG RA 100 44.20 25.51 -34.70
C ARG RA 100 42.99 24.64 -34.37
N PHE RA 101 43.05 23.82 -33.33
CA PHE RA 101 41.92 22.97 -33.00
C PHE RA 101 40.82 23.79 -32.35
N ASN RA 102 39.57 23.49 -32.69
CA ASN RA 102 38.41 24.31 -32.30
C ASN RA 102 38.59 25.74 -32.80
N HIS RA 103 38.94 25.89 -34.07
CA HIS RA 103 39.27 27.22 -34.59
C HIS RA 103 38.06 28.15 -34.61
N ALA RA 104 36.85 27.60 -34.60
CA ALA RA 104 35.66 28.45 -34.56
C ALA RA 104 35.65 29.32 -33.31
N LEU RA 105 36.24 28.84 -32.22
CA LEU RA 105 36.32 29.59 -30.97
C LEU RA 105 37.65 30.31 -30.81
N VAL RA 106 38.75 29.70 -31.27
CA VAL RA 106 40.07 30.27 -31.06
C VAL RA 106 40.20 31.61 -31.78
N ASP RA 107 39.67 31.70 -33.00
CA ASP RA 107 39.77 32.95 -33.75
C ASP RA 107 39.05 34.10 -33.07
N ARG RA 108 38.04 33.82 -32.25
CA ARG RA 108 37.43 34.88 -31.45
C ARG RA 108 38.37 35.38 -30.37
N LEU RA 109 39.16 34.48 -29.77
CA LEU RA 109 40.08 34.87 -28.72
C LEU RA 109 41.24 35.70 -29.28
N VAL RA 110 41.73 35.34 -30.47
CA VAL RA 110 42.83 36.08 -31.07
C VAL RA 110 42.40 37.50 -31.43
N GLU RA 111 41.16 37.65 -31.89
CA GLU RA 111 40.65 38.98 -32.21
C GLU RA 111 40.62 39.86 -30.96
N GLY RA 112 40.19 39.30 -29.83
CA GLY RA 112 40.15 40.07 -28.59
C GLY RA 112 41.51 40.53 -28.15
N ALA RA 113 42.51 39.66 -28.24
CA ALA RA 113 43.86 40.02 -27.81
C ALA RA 113 44.42 41.16 -28.64
N ILE RA 114 44.21 41.13 -29.95
CA ILE RA 114 44.71 42.20 -30.81
C ILE RA 114 43.96 43.50 -30.54
N ASP RA 115 42.64 43.41 -30.31
CA ASP RA 115 41.86 44.61 -30.03
C ASP RA 115 42.33 45.30 -28.76
N CYS RA 116 42.64 44.52 -27.73
CA CYS RA 116 43.08 45.10 -26.46
C CYS RA 116 44.38 45.87 -26.64
N ILE RA 117 45.34 45.29 -27.36
CA ILE RA 117 46.65 45.91 -27.50
C ILE RA 117 46.55 47.23 -28.27
N VAL RA 118 45.75 47.25 -29.34
CA VAL RA 118 45.70 48.42 -30.21
C VAL RA 118 45.04 49.60 -29.51
N ARG RA 119 43.93 49.35 -28.80
CA ARG RA 119 43.19 50.45 -28.19
C ARG RA 119 43.84 50.96 -26.91
N HIS RA 120 44.81 50.24 -26.35
CA HIS RA 120 45.61 50.74 -25.24
C HIS RA 120 46.87 51.45 -25.70
N GLY RA 121 47.07 51.62 -27.01
CA GLY RA 121 48.17 52.41 -27.52
C GLY RA 121 49.26 51.64 -28.26
N GLY RA 122 49.05 50.35 -28.54
CA GLY RA 122 50.05 49.59 -29.25
C GLY RA 122 49.86 49.64 -30.76
N ARG RA 123 50.84 49.07 -31.46
CA ARG RA 123 50.83 49.00 -32.92
C ARG RA 123 50.72 47.54 -33.37
N GLU RA 124 49.98 47.32 -34.46
CA GLU RA 124 49.91 45.99 -35.04
C GLU RA 124 51.27 45.55 -35.58
N GLU RA 125 52.12 46.50 -35.96
CA GLU RA 125 53.45 46.16 -36.47
C GLU RA 125 54.32 45.51 -35.41
N ASP RA 126 53.99 45.67 -34.14
CA ASP RA 126 54.78 45.14 -33.03
C ASP RA 126 54.26 43.81 -32.51
N ILE RA 127 53.35 43.16 -33.24
CA ILE RA 127 52.75 41.89 -32.82
C ILE RA 127 53.23 40.80 -33.76
N THR RA 128 53.73 39.71 -33.19
CA THR RA 128 54.15 38.53 -33.92
C THR RA 128 53.22 37.38 -33.56
N LEU RA 129 52.63 36.75 -34.57
CA LEU RA 129 51.63 35.70 -34.38
C LEU RA 129 52.16 34.39 -34.97
N VAL RA 130 52.15 33.34 -34.15
CA VAL RA 130 52.60 32.01 -34.54
C VAL RA 130 51.44 31.04 -34.30
N ARG RA 131 51.17 30.18 -35.29
CA ARG RA 131 50.08 29.23 -35.23
C ARG RA 131 50.64 27.81 -35.19
N VAL RA 132 50.06 26.97 -34.34
CA VAL RA 132 50.50 25.58 -34.17
C VAL RA 132 49.29 24.65 -34.32
N PRO RA 133 49.50 23.38 -34.67
CA PRO RA 133 48.35 22.50 -34.93
C PRO RA 133 47.51 22.17 -33.72
N GLY RA 134 48.06 22.23 -32.50
CA GLY RA 134 47.30 21.83 -31.33
C GLY RA 134 47.89 22.41 -30.06
N SER RA 135 47.14 22.21 -28.97
CA SER RA 135 47.57 22.74 -27.68
C SER RA 135 48.85 22.07 -27.19
N TRP RA 136 49.06 20.81 -27.55
CA TRP RA 136 50.26 20.10 -27.13
C TRP RA 136 51.53 20.78 -27.62
N GLU RA 137 51.46 21.44 -28.78
CA GLU RA 137 52.63 22.07 -29.38
C GLU RA 137 52.83 23.51 -28.93
N ILE RA 138 51.96 24.06 -28.07
CA ILE RA 138 52.11 25.44 -27.64
C ILE RA 138 53.42 25.65 -26.85
N PRO RA 139 53.76 24.84 -25.86
CA PRO RA 139 54.95 25.15 -25.05
C PRO RA 139 56.24 25.21 -25.84
N VAL RA 140 56.44 24.31 -26.81
CA VAL RA 140 57.68 24.33 -27.57
C VAL RA 140 57.75 25.54 -28.48
N ALA RA 141 56.62 25.93 -29.07
CA ALA RA 141 56.60 27.13 -29.91
C ALA RA 141 56.79 28.39 -29.06
N ALA RA 142 56.18 28.43 -27.88
CA ALA RA 142 56.34 29.59 -27.00
C ALA RA 142 57.80 29.76 -26.59
N GLY RA 143 58.55 28.65 -26.49
CA GLY RA 143 59.95 28.74 -26.12
C GLY RA 143 60.81 29.43 -27.14
N GLU RA 144 60.44 29.38 -28.42
CA GLU RA 144 61.21 30.07 -29.45
C GLU RA 144 60.99 31.57 -29.41
N LEU RA 145 59.75 32.00 -29.18
CA LEU RA 145 59.46 33.43 -29.11
C LEU RA 145 60.07 34.05 -27.85
N ALA RA 146 59.97 33.36 -26.71
CA ALA RA 146 60.42 33.92 -25.45
C ALA RA 146 61.92 34.16 -25.45
N ARG RA 147 62.67 33.47 -26.29
CA ARG RA 147 64.12 33.63 -26.32
C ARG RA 147 64.56 34.78 -27.22
N LYS RA 148 63.65 35.40 -27.96
CA LYS RA 148 64.01 36.56 -28.76
C LYS RA 148 64.19 37.79 -27.86
N GLU RA 149 65.18 38.61 -28.20
CA GLU RA 149 65.53 39.74 -27.35
C GLU RA 149 64.52 40.87 -27.45
N ASP RA 150 63.82 40.98 -28.57
CA ASP RA 150 62.90 42.10 -28.83
C ASP RA 150 61.44 41.74 -28.56
N ILE RA 151 61.19 40.74 -27.69
CA ILE RA 151 59.85 40.38 -27.27
C ILE RA 151 59.74 40.64 -25.78
N ASP RA 152 58.69 41.37 -25.38
CA ASP RA 152 58.50 41.73 -23.98
C ASP RA 152 57.62 40.73 -23.23
N ALA RA 153 56.62 40.15 -23.88
CA ALA RA 153 55.74 39.18 -23.23
C ALA RA 153 55.11 38.30 -24.30
N VAL RA 154 54.65 37.13 -23.87
CA VAL RA 154 54.04 36.14 -24.74
C VAL RA 154 52.66 35.80 -24.24
N ILE RA 155 51.72 35.60 -25.16
CA ILE RA 155 50.33 35.29 -24.85
C ILE RA 155 50.01 33.94 -25.50
N ALA RA 156 49.51 33.00 -24.69
CA ALA RA 156 49.16 31.66 -25.15
C ALA RA 156 47.64 31.51 -25.17
N ILE RA 157 47.12 31.01 -26.29
CA ILE RA 157 45.67 30.92 -26.51
C ILE RA 157 45.35 29.52 -27.02
N GLY RA 158 44.28 28.93 -26.46
CA GLY RA 158 43.82 27.62 -26.90
C GLY RA 158 42.50 27.30 -26.24
N VAL RA 159 41.87 26.23 -26.73
CA VAL RA 159 40.58 25.77 -26.24
C VAL RA 159 40.63 24.26 -26.10
N LEU RA 160 40.29 23.77 -24.90
CA LEU RA 160 40.17 22.34 -24.63
C LEU RA 160 38.79 22.05 -24.03
N ILE RA 161 38.12 21.03 -24.57
CA ILE RA 161 36.78 20.66 -24.13
C ILE RA 161 36.81 19.18 -23.77
N ARG RA 162 36.30 18.86 -22.58
CA ARG RA 162 36.29 17.49 -22.09
C ARG RA 162 35.33 16.63 -22.90
N THR SA 3 42.25 -0.83 -12.20
CA THR SA 3 43.29 -0.69 -11.18
C THR SA 3 44.05 0.62 -11.38
N PRO SA 4 44.65 1.14 -10.30
CA PRO SA 4 45.39 2.41 -10.42
C PRO SA 4 46.67 2.31 -11.23
N HIS SA 5 47.06 1.11 -11.68
CA HIS SA 5 48.25 0.96 -12.50
C HIS SA 5 48.17 1.82 -13.75
N PHE SA 6 46.97 1.99 -14.30
CA PHE SA 6 46.80 2.77 -15.52
C PHE SA 6 47.24 4.23 -15.32
N ASP SA 7 46.88 4.82 -14.18
CA ASP SA 7 47.11 6.26 -13.99
C ASP SA 7 48.60 6.59 -13.95
N TYR SA 8 49.39 5.82 -13.21
CA TYR SA 8 50.79 6.18 -13.00
C TYR SA 8 51.60 6.05 -14.29
N ILE SA 9 51.32 5.02 -15.10
CA ILE SA 9 52.03 4.87 -16.37
C ILE SA 9 51.68 6.02 -17.30
N ALA SA 10 50.39 6.36 -17.39
CA ALA SA 10 49.97 7.41 -18.30
C ALA SA 10 50.57 8.76 -17.90
N SER SA 11 50.65 9.04 -16.61
CA SER SA 11 51.18 10.32 -16.16
C SER SA 11 52.66 10.45 -16.51
N GLU SA 12 53.43 9.38 -16.35
CA GLU SA 12 54.87 9.46 -16.56
C GLU SA 12 55.22 9.52 -18.04
N VAL SA 13 54.48 8.82 -18.89
CA VAL SA 13 54.77 8.83 -20.32
C VAL SA 13 54.51 10.22 -20.90
N SER SA 14 53.37 10.82 -20.55
CA SER SA 14 53.06 12.15 -21.06
C SER SA 14 54.04 13.19 -20.52
N LYS SA 15 54.38 13.12 -19.23
CA LYS SA 15 55.31 14.07 -18.65
C LYS SA 15 56.70 13.94 -19.27
N GLY SA 16 57.15 12.70 -19.48
CA GLY SA 16 58.49 12.50 -20.03
C GLY SA 16 58.65 13.10 -21.41
N LEU SA 17 57.67 12.88 -22.29
CA LEU SA 17 57.77 13.38 -23.65
C LEU SA 17 57.72 14.90 -23.69
N ALA SA 18 56.90 15.51 -22.83
CA ALA SA 18 56.78 16.96 -22.81
C ALA SA 18 58.09 17.63 -22.40
N ASN SA 19 58.70 17.16 -21.32
CA ASN SA 19 59.96 17.74 -20.88
C ASN SA 19 61.05 17.53 -21.92
N LEU SA 20 61.06 16.37 -22.57
CA LEU SA 20 62.09 16.07 -23.55
C LEU SA 20 62.03 17.05 -24.72
N SER SA 21 60.83 17.40 -25.17
CA SER SA 21 60.70 18.32 -26.30
C SER SA 21 61.25 19.70 -25.96
N LEU SA 22 61.03 20.16 -24.72
CA LEU SA 22 61.52 21.48 -24.34
C LEU SA 22 63.03 21.48 -24.15
N GLU SA 23 63.59 20.39 -23.61
CA GLU SA 23 65.02 20.35 -23.37
C GLU SA 23 65.80 20.33 -24.68
N LEU SA 24 65.38 19.50 -25.64
CA LEU SA 24 66.07 19.41 -26.93
C LEU SA 24 65.56 20.41 -27.95
N ARG SA 25 64.46 21.10 -27.66
CA ARG SA 25 63.91 22.11 -28.56
C ARG SA 25 63.62 21.52 -29.95
N LYS SA 26 62.98 20.36 -29.96
CA LYS SA 26 62.60 19.67 -31.18
C LYS SA 26 61.16 19.19 -31.05
N PRO SA 27 60.39 19.17 -32.14
CA PRO SA 27 58.99 18.73 -32.03
C PRO SA 27 58.86 17.24 -31.73
N ILE SA 28 57.98 16.91 -30.79
CA ILE SA 28 57.60 15.53 -30.50
C ILE SA 28 56.09 15.50 -30.36
N THR SA 29 55.44 14.59 -31.08
CA THR SA 29 53.99 14.52 -31.16
C THR SA 29 53.46 13.36 -30.31
N PHE SA 30 52.29 13.58 -29.70
CA PHE SA 30 51.71 12.63 -28.76
C PHE SA 30 50.65 11.81 -29.48
N GLY SA 31 51.02 10.58 -29.85
CA GLY SA 31 50.12 9.69 -30.55
C GLY SA 31 49.70 8.48 -29.72
N VAL SA 32 49.49 8.68 -28.43
CA VAL SA 32 49.17 7.59 -27.52
C VAL SA 32 47.69 7.64 -27.16
N ILE SA 33 47.00 6.52 -27.36
CA ILE SA 33 45.59 6.40 -27.00
C ILE SA 33 45.48 6.08 -25.52
N THR SA 34 44.56 6.76 -24.83
CA THR SA 34 44.28 6.52 -23.42
C THR SA 34 42.77 6.35 -23.29
N ALA SA 35 42.30 5.10 -23.28
CA ALA SA 35 40.89 4.78 -23.32
C ALA SA 35 40.46 4.08 -22.04
N ASP SA 36 39.16 4.21 -21.73
CA ASP SA 36 38.59 3.54 -20.57
C ASP SA 36 38.08 2.14 -20.87
N THR SA 37 37.76 1.85 -22.13
CA THR SA 37 37.21 0.56 -22.52
C THR SA 37 37.82 0.12 -23.84
N LEU SA 38 37.74 -1.18 -24.11
CA LEU SA 38 38.26 -1.72 -25.36
C LEU SA 38 37.52 -1.14 -26.56
N GLU SA 39 36.21 -0.94 -26.43
CA GLU SA 39 35.43 -0.38 -27.54
C GLU SA 39 35.92 1.01 -27.90
N GLN SA 40 36.22 1.84 -26.90
CA GLN SA 40 36.72 3.19 -27.18
C GLN SA 40 38.04 3.15 -27.93
N ALA SA 41 38.87 2.13 -27.68
CA ALA SA 41 40.17 2.05 -28.34
C ALA SA 41 40.02 1.67 -29.80
N ILE SA 42 39.14 0.70 -30.10
CA ILE SA 42 38.92 0.29 -31.49
C ILE SA 42 38.36 1.45 -32.30
N GLU SA 43 37.59 2.33 -31.64
CA GLU SA 43 36.99 3.46 -32.34
C GLU SA 43 38.05 4.37 -32.95
N ARG SA 44 39.17 4.56 -32.26
CA ARG SA 44 40.19 5.51 -32.65
C ARG SA 44 41.38 4.87 -33.36
N ALA SA 45 41.32 3.57 -33.66
CA ALA SA 45 42.42 2.84 -34.29
C ALA SA 45 42.14 2.50 -35.74
N GLY SA 46 41.53 3.40 -36.49
CA GLY SA 46 41.19 3.17 -37.88
C GLY SA 46 39.72 2.93 -38.13
N THR SA 47 38.84 3.38 -37.24
CA THR SA 47 37.41 3.18 -37.36
C THR SA 47 36.67 4.50 -37.14
N LYS SA 48 35.37 4.44 -36.88
CA LYS SA 48 34.45 5.57 -37.03
C LYS SA 48 34.97 6.88 -36.45
N HIS SA 49 35.91 6.87 -35.51
CA HIS SA 49 36.50 8.09 -34.98
C HIS SA 49 37.90 8.36 -35.52
N GLY SA 50 38.26 7.75 -36.64
CA GLY SA 50 39.52 8.05 -37.30
C GLY SA 50 40.69 7.24 -36.78
N ASN SA 51 41.88 7.68 -37.18
CA ASN SA 51 43.13 7.02 -36.84
C ASN SA 51 44.04 8.04 -36.17
N LYS SA 52 44.43 7.76 -34.92
CA LYS SA 52 45.29 8.69 -34.18
C LYS SA 52 46.71 8.68 -34.72
N GLY SA 53 47.14 7.57 -35.34
CA GLY SA 53 48.47 7.55 -35.95
C GLY SA 53 48.58 8.49 -37.13
N TRP SA 54 47.52 8.58 -37.93
CA TRP SA 54 47.49 9.53 -39.04
C TRP SA 54 47.57 10.97 -38.53
N GLU SA 55 46.80 11.28 -37.49
CA GLU SA 55 46.76 12.64 -36.98
C GLU SA 55 48.10 13.07 -36.41
N ALA SA 56 48.78 12.18 -35.69
CA ALA SA 56 50.07 12.54 -35.11
C ALA SA 56 51.10 12.82 -36.19
N ALA SA 57 51.09 12.07 -37.28
CA ALA SA 57 52.03 12.31 -38.37
C ALA SA 57 51.76 13.66 -39.03
N LEU SA 58 50.49 14.03 -39.19
CA LEU SA 58 50.16 15.31 -39.82
C LEU SA 58 50.66 16.47 -38.98
N SER SA 59 50.55 16.36 -37.64
CA SER SA 59 51.07 17.40 -36.77
C SER SA 59 52.59 17.54 -36.90
N ALA SA 60 53.29 16.41 -37.00
CA ALA SA 60 54.74 16.45 -37.11
C ALA SA 60 55.18 17.17 -38.39
N ILE SA 61 54.50 16.93 -39.50
CA ILE SA 61 54.88 17.57 -40.76
C ILE SA 61 54.74 19.08 -40.65
N GLU SA 62 53.64 19.55 -40.08
CA GLU SA 62 53.41 20.98 -39.95
C GLU SA 62 54.47 21.62 -39.05
N MET SA 63 54.76 20.99 -37.91
CA MET SA 63 55.72 21.57 -36.98
C MET SA 63 57.12 21.64 -37.59
N ALA SA 64 57.50 20.63 -38.37
CA ALA SA 64 58.81 20.65 -39.01
C ALA SA 64 58.94 21.82 -39.97
N ASN SA 65 57.89 22.09 -40.75
CA ASN SA 65 57.93 23.22 -41.68
C ASN SA 65 57.92 24.55 -40.92
N LEU SA 66 57.17 24.63 -39.83
CA LEU SA 66 57.11 25.86 -39.06
C LEU SA 66 58.48 26.23 -38.49
N PHE SA 67 59.18 25.25 -37.93
CA PHE SA 67 60.49 25.52 -37.34
C PHE SA 67 61.50 25.92 -38.41
N LYS SA 68 61.38 25.35 -39.62
CA LYS SA 68 62.25 25.76 -40.75
C LYS SA 68 61.97 27.24 -41.02
N SER SA 69 60.72 27.71 -40.88
CA SER SA 69 60.37 29.09 -41.21
C SER SA 69 60.84 30.06 -40.13
N LEU SA 70 60.71 29.68 -38.86
CA LEU SA 70 61.11 30.58 -37.78
C LEU SA 70 62.61 30.86 -37.83
N ARG SA 71 63.41 29.84 -38.12
CA ARG SA 71 64.86 29.97 -38.11
C ARG SA 71 65.41 30.54 -39.41
N GLY SA 72 64.55 30.83 -40.39
CA GLY SA 72 64.95 31.45 -41.63
C GLY SA 72 64.89 32.97 -41.53
N THR SA 73 64.81 33.61 -42.71
CA THR SA 73 64.77 35.05 -42.75
C THR SA 73 63.45 35.62 -42.22
N GLY SA 74 62.34 34.92 -42.46
CA GLY SA 74 61.05 35.40 -42.03
C GLY SA 74 60.41 36.36 -43.01
N GLY SA 75 61.14 37.40 -43.39
CA GLY SA 75 60.64 38.34 -44.38
C GLY SA 75 59.51 39.22 -43.84
N SER SA 76 58.75 39.78 -44.79
CA SER SA 76 57.64 40.67 -44.49
C SER SA 76 58.12 41.95 -43.81
N GLY SA 77 57.25 42.94 -43.73
CA GLY SA 77 57.61 44.20 -43.09
C GLY SA 77 56.45 45.17 -43.16
N SER SA 78 56.49 46.15 -42.25
CA SER SA 78 55.46 47.18 -42.14
C SER SA 78 54.08 46.60 -41.87
N SER SA 79 54.02 45.38 -41.35
CA SER SA 79 52.74 44.74 -41.08
C SER SA 79 52.99 43.61 -40.08
N MET SA 80 51.89 43.04 -39.58
CA MET SA 80 51.97 41.96 -38.60
C MET SA 80 52.61 40.73 -39.22
N GLU SA 81 53.65 40.22 -38.57
CA GLU SA 81 54.31 39.00 -39.03
C GLU SA 81 53.52 37.77 -38.59
N ILE SA 82 53.28 36.86 -39.53
CA ILE SA 82 52.54 35.63 -39.29
C ILE SA 82 53.40 34.46 -39.73
N TYR SA 83 53.56 33.48 -38.84
CA TYR SA 83 54.34 32.27 -39.12
C TYR SA 83 53.41 31.06 -39.13
N GLU SA 84 53.51 30.24 -40.16
CA GLU SA 84 52.70 29.04 -40.28
C GLU SA 84 53.44 28.02 -41.10
N GLY SA 85 53.02 26.76 -40.97
CA GLY SA 85 53.68 25.64 -41.62
C GLY SA 85 52.82 25.03 -42.70
N LYS SA 86 53.47 24.65 -43.81
CA LYS SA 86 52.79 24.01 -44.95
C LYS SA 86 52.56 22.55 -44.57
N LEU SA 87 51.93 21.79 -45.44
CA LEU SA 87 51.70 20.35 -45.30
C LEU SA 87 52.34 19.56 -46.43
N THR SA 88 53.56 19.93 -46.81
CA THR SA 88 54.36 19.18 -47.78
C THR SA 88 55.52 18.51 -47.06
N ALA SA 89 55.70 17.23 -47.31
CA ALA SA 89 56.70 16.42 -46.62
C ALA SA 89 57.96 16.17 -47.44
N GLU SA 90 58.11 16.84 -48.57
CA GLU SA 90 59.27 16.60 -49.42
C GLU SA 90 60.55 17.06 -48.72
N GLY SA 91 61.51 16.14 -48.61
CA GLY SA 91 62.81 16.45 -48.03
C GLY SA 91 62.92 16.27 -46.54
N LEU SA 92 61.85 15.93 -45.84
CA LEU SA 92 61.89 15.80 -44.39
C LEU SA 92 62.19 14.37 -43.98
N ARG SA 93 62.75 14.22 -42.77
CA ARG SA 93 63.16 12.93 -42.22
C ARG SA 93 62.51 12.76 -40.85
N PHE SA 94 61.91 11.59 -40.63
CA PHE SA 94 61.06 11.34 -39.47
C PHE SA 94 61.51 10.08 -38.73
N GLY SA 95 61.33 10.10 -37.42
CA GLY SA 95 61.52 8.91 -36.58
C GLY SA 95 60.22 8.54 -35.87
N ILE SA 96 60.02 7.24 -35.69
CA ILE SA 96 58.81 6.71 -35.06
C ILE SA 96 59.22 5.74 -33.95
N VAL SA 97 58.59 5.88 -32.79
CA VAL SA 97 58.76 4.96 -31.66
C VAL SA 97 57.40 4.35 -31.35
N ALA SA 98 57.33 3.03 -31.36
CA ALA SA 98 56.09 2.30 -31.17
C ALA SA 98 56.28 1.18 -30.15
N SER SA 99 55.24 0.94 -29.35
CA SER SA 99 55.27 -0.11 -28.34
C SER SA 99 54.65 -1.40 -28.88
N ARG SA 100 54.96 -2.50 -28.20
CA ARG SA 100 54.49 -3.82 -28.63
C ARG SA 100 53.25 -4.30 -27.89
N PHE SA 101 52.88 -3.68 -26.77
CA PHE SA 101 51.71 -4.13 -26.04
C PHE SA 101 50.44 -3.68 -26.76
N ASN SA 102 49.43 -4.54 -26.78
CA ASN SA 102 48.22 -4.34 -27.58
C ASN SA 102 48.59 -4.17 -29.05
N HIS SA 103 49.42 -5.08 -29.57
CA HIS SA 103 49.94 -4.92 -30.92
C HIS SA 103 48.84 -5.04 -31.98
N ALA SA 104 47.72 -5.68 -31.64
CA ALA SA 104 46.63 -5.77 -32.61
C ALA SA 104 46.12 -4.39 -33.00
N LEU SA 105 46.23 -3.41 -32.10
CA LEU SA 105 45.80 -2.05 -32.37
C LEU SA 105 46.97 -1.16 -32.79
N VAL SA 106 48.15 -1.36 -32.20
CA VAL SA 106 49.29 -0.49 -32.46
C VAL SA 106 49.70 -0.56 -33.93
N ASP SA 107 49.70 -1.77 -34.50
CA ASP SA 107 50.11 -1.91 -35.89
C ASP SA 107 49.17 -1.18 -36.86
N ARG SA 108 47.92 -0.95 -36.47
CA ARG SA 108 47.05 -0.11 -37.29
C ARG SA 108 47.48 1.36 -37.24
N LEU SA 109 47.96 1.81 -36.08
CA LEU SA 109 48.38 3.21 -35.97
C LEU SA 109 49.68 3.45 -36.74
N VAL SA 110 50.60 2.48 -36.73
CA VAL SA 110 51.86 2.65 -37.45
C VAL SA 110 51.60 2.71 -38.96
N GLU SA 111 50.66 1.90 -39.45
CA GLU SA 111 50.32 1.95 -40.87
C GLU SA 111 49.80 3.32 -41.27
N GLY SA 112 48.96 3.91 -40.44
CA GLY SA 112 48.43 5.23 -40.74
C GLY SA 112 49.50 6.30 -40.83
N ALA SA 113 50.45 6.26 -39.88
CA ALA SA 113 51.52 7.26 -39.87
C ALA SA 113 52.37 7.19 -41.13
N ILE SA 114 52.69 5.97 -41.57
CA ILE SA 114 53.51 5.81 -42.78
C ILE SA 114 52.72 6.23 -44.01
N ASP SA 115 51.42 5.92 -44.05
CA ASP SA 115 50.60 6.30 -45.19
C ASP SA 115 50.53 7.82 -45.34
N CYS SA 116 50.39 8.53 -44.22
CA CYS SA 116 50.30 9.99 -44.27
C CYS SA 116 51.56 10.59 -44.85
N ILE SA 117 52.73 10.12 -44.40
CA ILE SA 117 53.99 10.72 -44.84
C ILE SA 117 54.22 10.50 -46.33
N VAL SA 118 53.90 9.30 -46.82
CA VAL SA 118 54.22 8.97 -48.21
C VAL SA 118 53.34 9.75 -49.18
N ARG SA 119 52.04 9.86 -48.87
CA ARG SA 119 51.12 10.51 -49.80
C ARG SA 119 51.20 12.04 -49.76
N HIS SA 120 51.87 12.60 -48.75
CA HIS SA 120 52.17 14.03 -48.72
C HIS SA 120 53.51 14.37 -49.36
N GLY SA 121 54.21 13.39 -49.91
CA GLY SA 121 55.43 13.64 -50.65
C GLY SA 121 56.71 13.13 -50.03
N GLY SA 122 56.64 12.35 -48.95
CA GLY SA 122 57.83 11.82 -48.32
C GLY SA 122 58.26 10.49 -48.90
N ARG SA 123 59.43 10.04 -48.46
CA ARG SA 123 60.00 8.76 -48.88
C ARG SA 123 60.07 7.81 -47.70
N GLU SA 124 59.83 6.52 -47.96
CA GLU SA 124 60.00 5.52 -46.93
C GLU SA 124 61.45 5.38 -46.49
N GLU SA 125 62.39 5.72 -47.37
CA GLU SA 125 63.80 5.65 -47.03
C GLU SA 125 64.18 6.65 -45.94
N ASP SA 126 63.36 7.68 -45.71
CA ASP SA 126 63.65 8.71 -44.73
C ASP SA 126 62.95 8.48 -43.39
N ILE SA 127 62.41 7.28 -43.17
CA ILE SA 127 61.68 6.95 -41.95
C ILE SA 127 62.49 5.93 -41.17
N THR SA 128 62.71 6.20 -39.89
CA THR SA 128 63.39 5.30 -38.97
C THR SA 128 62.38 4.84 -37.92
N LEU SA 129 62.23 3.52 -37.76
CA LEU SA 129 61.23 2.94 -36.87
C LEU SA 129 61.94 2.15 -35.77
N VAL SA 130 61.61 2.47 -34.52
CA VAL SA 130 62.16 1.81 -33.35
C VAL SA 130 61.01 1.23 -32.53
N ARG SA 131 61.15 -0.03 -32.11
CA ARG SA 131 60.12 -0.73 -31.37
C ARG SA 131 60.61 -1.02 -29.95
N VAL SA 132 59.73 -0.80 -28.97
CA VAL SA 132 60.05 -1.00 -27.55
C VAL SA 132 59.01 -1.92 -26.93
N PRO SA 133 59.33 -2.61 -25.83
CA PRO SA 133 58.38 -3.58 -25.27
C PRO SA 133 57.12 -2.97 -24.68
N GLY SA 134 57.13 -1.71 -24.26
CA GLY SA 134 55.97 -1.14 -23.62
C GLY SA 134 56.00 0.37 -23.63
N SER SA 135 54.88 0.96 -23.21
CA SER SA 135 54.77 2.42 -23.19
C SER SA 135 55.74 3.06 -22.21
N TRP SA 136 56.07 2.36 -21.12
CA TRP SA 136 56.99 2.92 -20.14
C TRP SA 136 58.36 3.20 -20.75
N GLU SA 137 58.76 2.43 -21.76
CA GLU SA 137 60.07 2.58 -22.37
C GLU SA 137 60.09 3.57 -23.53
N ILE SA 138 58.95 4.18 -23.88
CA ILE SA 138 58.93 5.12 -25.00
C ILE SA 138 59.81 6.34 -24.75
N PRO SA 139 59.71 7.03 -23.60
CA PRO SA 139 60.49 8.27 -23.45
C PRO SA 139 61.99 8.09 -23.57
N VAL SA 140 62.55 7.00 -23.02
CA VAL SA 140 64.00 6.83 -23.10
C VAL SA 140 64.43 6.51 -24.52
N ALA SA 141 63.63 5.74 -25.26
CA ALA SA 141 63.95 5.46 -26.65
C ALA SA 141 63.80 6.71 -27.51
N ALA SA 142 62.77 7.51 -27.26
CA ALA SA 142 62.58 8.74 -28.01
C ALA SA 142 63.75 9.70 -27.81
N GLY SA 143 64.38 9.65 -26.64
CA GLY SA 143 65.52 10.51 -26.38
C GLY SA 143 66.73 10.22 -27.24
N GLU SA 144 66.89 8.96 -27.67
CA GLU SA 144 68.02 8.62 -28.54
C GLU SA 144 67.81 9.14 -29.95
N LEU SA 145 66.58 9.02 -30.47
CA LEU SA 145 66.29 9.51 -31.82
C LEU SA 145 66.36 11.03 -31.87
N ALA SA 146 65.81 11.71 -30.87
CA ALA SA 146 65.71 13.16 -30.91
C ALA SA 146 67.10 13.81 -30.91
N ARG SA 147 68.11 13.11 -30.42
CA ARG SA 147 69.46 13.67 -30.37
C ARG SA 147 70.23 13.50 -31.67
N LYS SA 148 69.70 12.75 -32.63
CA LYS SA 148 70.35 12.63 -33.93
C LYS SA 148 70.17 13.91 -34.73
N GLU SA 149 71.21 14.30 -35.46
CA GLU SA 149 71.20 15.56 -36.18
C GLU SA 149 70.32 15.51 -37.42
N ASP SA 150 70.12 14.34 -38.01
CA ASP SA 150 69.39 14.19 -39.25
C ASP SA 150 67.95 13.75 -39.05
N ILE SA 151 67.36 14.03 -37.89
CA ILE SA 151 65.96 13.75 -37.60
C ILE SA 151 65.27 15.09 -37.37
N ASP SA 152 64.16 15.31 -38.07
CA ASP SA 152 63.42 16.56 -37.96
C ASP SA 152 62.31 16.52 -36.93
N ALA SA 153 61.65 15.38 -36.75
CA ALA SA 153 60.58 15.25 -35.77
C ALA SA 153 60.42 13.80 -35.40
N VAL SA 154 59.82 13.56 -34.24
CA VAL SA 154 59.61 12.22 -33.70
C VAL SA 154 58.13 12.01 -33.42
N ILE SA 155 57.63 10.81 -33.70
CA ILE SA 155 56.24 10.44 -33.50
C ILE SA 155 56.19 9.29 -32.51
N ALA SA 156 55.40 9.44 -31.45
CA ALA SA 156 55.27 8.43 -30.40
C ALA SA 156 53.88 7.79 -30.51
N ILE SA 157 53.84 6.47 -30.49
CA ILE SA 157 52.61 5.70 -30.70
C ILE SA 157 52.49 4.64 -29.61
N GLY SA 158 51.30 4.50 -29.04
CA GLY SA 158 51.05 3.49 -28.04
C GLY SA 158 49.57 3.44 -27.72
N VAL SA 159 49.18 2.39 -26.99
CA VAL SA 159 47.79 2.16 -26.59
C VAL SA 159 47.77 1.76 -25.12
N LEU SA 160 46.98 2.46 -24.32
CA LEU SA 160 46.76 2.14 -22.92
C LEU SA 160 45.26 2.03 -22.66
N ILE SA 161 44.84 0.95 -22.01
CA ILE SA 161 43.44 0.70 -21.70
C ILE SA 161 43.30 0.47 -20.20
N ARG SA 162 42.37 1.18 -19.59
CA ARG SA 162 42.16 1.09 -18.15
C ARG SA 162 41.59 -0.27 -17.77
N THR TA 3 9.86 20.68 37.50
CA THR TA 3 9.41 22.05 37.70
C THR TA 3 10.61 23.00 37.75
N PRO TA 4 10.40 24.28 37.43
CA PRO TA 4 11.52 25.24 37.45
C PRO TA 4 12.03 25.56 38.84
N HIS TA 5 11.40 25.04 39.90
CA HIS TA 5 11.88 25.27 41.26
C HIS TA 5 13.32 24.82 41.42
N PHE TA 6 13.70 23.75 40.72
CA PHE TA 6 15.07 23.23 40.82
C PHE TA 6 16.10 24.26 40.39
N ASP TA 7 15.84 24.97 39.29
CA ASP TA 7 16.85 25.83 38.71
C ASP TA 7 17.20 27.00 39.63
N TYR TA 8 16.19 27.66 40.20
CA TYR TA 8 16.46 28.87 40.97
C TYR TA 8 17.21 28.58 42.26
N ILE TA 9 16.89 27.46 42.93
CA ILE TA 9 17.61 27.11 44.15
C ILE TA 9 19.06 26.78 43.82
N ALA TA 10 19.28 26.01 42.75
CA ALA TA 10 20.64 25.61 42.40
C ALA TA 10 21.50 26.83 42.03
N SER TA 11 20.91 27.78 41.31
CA SER TA 11 21.67 28.96 40.89
C SER TA 11 22.11 29.79 42.10
N GLU TA 12 21.22 29.95 43.09
CA GLU TA 12 21.52 30.82 44.21
C GLU TA 12 22.51 30.19 45.18
N VAL TA 13 22.44 28.87 45.37
CA VAL TA 13 23.36 28.21 46.29
C VAL TA 13 24.78 28.26 45.74
N SER TA 14 24.95 27.96 44.44
CA SER TA 14 26.28 28.01 43.84
C SER TA 14 26.83 29.43 43.83
N LYS TA 15 25.99 30.40 43.49
CA LYS TA 15 26.45 31.78 43.44
C LYS TA 15 26.82 32.29 44.83
N GLY TA 16 26.03 31.94 45.84
CA GLY TA 16 26.31 32.42 47.19
C GLY TA 16 27.65 31.94 47.71
N LEU TA 17 27.95 30.65 47.53
CA LEU TA 17 29.20 30.10 48.05
C LEU TA 17 30.40 30.69 47.32
N ALA TA 18 30.28 30.92 46.01
CA ALA TA 18 31.40 31.46 45.24
C ALA TA 18 31.76 32.86 45.70
N ASN TA 19 30.77 33.74 45.83
CA ASN TA 19 31.03 35.10 46.28
C ASN TA 19 31.60 35.11 47.69
N LEU TA 20 31.10 34.23 48.55
CA LEU TA 20 31.56 34.19 49.94
C LEU TA 20 33.04 33.85 50.02
N SER TA 21 33.51 32.93 49.19
CA SER TA 21 34.92 32.54 49.23
C SER TA 21 35.82 33.69 48.82
N LEU TA 22 35.40 34.50 47.84
CA LEU TA 22 36.22 35.62 47.40
C LEU TA 22 36.22 36.74 48.43
N GLU TA 23 35.07 36.99 49.07
CA GLU TA 23 34.99 38.08 50.04
C GLU TA 23 35.86 37.79 51.26
N LEU TA 24 35.78 36.58 51.81
CA LEU TA 24 36.54 36.21 53.00
C LEU TA 24 37.93 35.67 52.66
N ARG TA 25 38.21 35.39 51.38
CA ARG TA 25 39.52 34.91 50.96
C ARG TA 25 39.89 33.62 51.70
N LYS TA 26 38.94 32.70 51.78
CA LYS TA 26 39.14 31.40 52.41
C LYS TA 26 38.58 30.31 51.50
N PRO TA 27 39.17 29.12 51.48
CA PRO TA 27 38.66 28.06 50.59
C PRO TA 27 37.30 27.54 51.05
N ILE TA 28 36.40 27.37 50.09
CA ILE TA 28 35.11 26.72 50.30
C ILE TA 28 34.90 25.77 49.12
N THR TA 29 34.58 24.51 49.42
CA THR TA 29 34.47 23.46 48.42
C THR TA 29 33.01 23.13 48.15
N PHE TA 30 32.70 22.82 46.88
CA PHE TA 30 31.33 22.60 46.43
C PHE TA 30 31.06 21.10 46.38
N GLY TA 31 30.37 20.61 47.40
CA GLY TA 31 30.04 19.20 47.49
C GLY TA 31 28.56 18.91 47.34
N VAL TA 32 27.89 19.65 46.45
CA VAL TA 32 26.44 19.54 46.27
C VAL TA 32 26.16 18.77 44.98
N ILE TA 33 25.35 17.71 45.09
CA ILE TA 33 24.94 16.95 43.93
C ILE TA 33 23.75 17.64 43.26
N THR TA 34 23.79 17.73 41.93
CA THR TA 34 22.71 18.29 41.14
C THR TA 34 22.38 17.28 40.04
N ALA TA 35 21.36 16.46 40.27
CA ALA TA 35 21.04 15.34 39.39
C ALA TA 35 19.67 15.54 38.76
N ASP TA 36 19.47 14.92 37.59
CA ASP TA 36 18.19 14.97 36.91
C ASP TA 36 17.26 13.84 37.32
N THR TA 37 17.78 12.74 37.84
CA THR TA 37 16.97 11.59 38.23
C THR TA 37 17.50 11.00 39.54
N LEU TA 38 16.64 10.24 40.20
CA LEU TA 38 17.04 9.60 41.45
C LEU TA 38 18.18 8.61 41.23
N GLU TA 39 18.16 7.90 40.11
CA GLU TA 39 19.22 6.94 39.83
C GLU TA 39 20.57 7.63 39.72
N GLN TA 40 20.63 8.79 39.06
CA GLN TA 40 21.88 9.51 38.94
C GLN TA 40 22.42 9.93 40.31
N ALA TA 41 21.53 10.22 41.26
CA ALA TA 41 21.98 10.65 42.58
C ALA TA 41 22.58 9.49 43.37
N ILE TA 42 21.94 8.32 43.32
CA ILE TA 42 22.46 7.15 44.03
C ILE TA 42 23.83 6.78 43.48
N GLU TA 43 24.05 7.03 42.18
CA GLU TA 43 25.32 6.67 41.56
C GLU TA 43 26.49 7.39 42.23
N ARG TA 44 26.28 8.64 42.63
CA ARG TA 44 27.34 9.50 43.14
C ARG TA 44 27.38 9.59 44.66
N ALA TA 45 26.55 8.82 45.36
CA ALA TA 45 26.45 8.87 46.82
C ALA TA 45 27.06 7.65 47.49
N GLY TA 46 28.19 7.16 46.98
CA GLY TA 46 28.84 6.00 47.52
C GLY TA 46 28.70 4.75 46.68
N THR TA 47 28.44 4.89 45.38
CA THR TA 47 28.25 3.77 44.47
C THR TA 47 29.10 3.97 43.21
N LYS TA 48 28.78 3.22 42.15
CA LYS TA 48 29.69 3.00 41.02
C LYS TA 48 30.40 4.26 40.52
N HIS TA 49 29.87 5.46 40.76
CA HIS TA 49 30.54 6.69 40.36
C HIS TA 49 31.19 7.41 41.54
N GLY TA 50 31.43 6.71 42.65
CA GLY TA 50 32.18 7.28 43.76
C GLY TA 50 31.31 8.04 44.74
N ASN TA 51 31.99 8.78 45.61
CA ASN TA 51 31.34 9.56 46.67
C ASN TA 51 31.79 11.01 46.54
N LYS TA 52 30.82 11.90 46.34
CA LYS TA 52 31.16 13.31 46.19
C LYS TA 52 31.60 13.94 47.50
N GLY TA 53 31.15 13.40 48.64
CA GLY TA 53 31.60 13.90 49.92
C GLY TA 53 33.08 13.65 50.14
N TRP TA 54 33.57 12.49 49.72
CA TRP TA 54 35.00 12.20 49.82
C TRP TA 54 35.80 13.16 48.95
N GLU TA 55 35.34 13.41 47.73
CA GLU TA 55 36.09 14.26 46.81
C GLU TA 55 36.17 15.70 47.33
N ALA TA 56 35.07 16.22 47.89
CA ALA TA 56 35.09 17.59 48.39
C ALA TA 56 36.05 17.75 49.55
N ALA TA 57 36.14 16.75 50.43
CA ALA TA 57 37.08 16.82 51.54
C ALA TA 57 38.52 16.81 51.05
N LEU TA 58 38.82 16.01 50.02
CA LEU TA 58 40.18 15.96 49.50
C LEU TA 58 40.60 17.29 48.91
N SER TA 59 39.68 17.98 48.24
CA SER TA 59 39.99 19.30 47.70
C SER TA 59 40.29 20.30 48.81
N ALA TA 60 39.53 20.23 49.91
CA ALA TA 60 39.73 21.15 51.02
C ALA TA 60 41.12 20.99 51.64
N ILE TA 61 41.57 19.74 51.79
CA ILE TA 61 42.88 19.49 52.41
C ILE TA 61 43.98 20.11 51.55
N GLU TA 62 43.90 19.91 50.24
CA GLU TA 62 44.93 20.45 49.35
C GLU TA 62 44.95 21.97 49.39
N MET TA 63 43.77 22.60 49.33
CA MET TA 63 43.72 24.06 49.31
C MET TA 63 44.26 24.65 50.61
N ALA TA 64 43.97 24.00 51.74
CA ALA TA 64 44.49 24.50 53.01
C ALA TA 64 46.01 24.49 53.04
N ASN TA 65 46.62 23.43 52.54
CA ASN TA 65 48.08 23.37 52.49
C ASN TA 65 48.65 24.38 51.50
N LEU TA 66 47.97 24.58 50.37
CA LEU TA 66 48.46 25.53 49.38
C LEU TA 66 48.50 26.95 49.95
N PHE TA 67 47.43 27.35 50.64
CA PHE TA 67 47.38 28.70 51.19
C PHE TA 67 48.42 28.90 52.27
N LYS TA 68 48.72 27.84 53.04
CA LYS TA 68 49.80 27.90 54.05
C LYS TA 68 51.11 28.17 53.30
N SER TA 69 51.29 27.61 52.10
CA SER TA 69 52.55 27.76 51.36
C SER TA 69 52.68 29.15 50.73
N LEU TA 70 51.58 29.67 50.17
CA LEU TA 70 51.64 30.98 49.53
C LEU TA 70 52.00 32.08 50.53
N ARG TA 71 51.43 32.01 51.74
CA ARG TA 71 51.65 33.04 52.73
C ARG TA 71 52.94 32.85 53.52
N GLY TA 72 53.70 31.80 53.23
CA GLY TA 72 54.99 31.58 53.85
C GLY TA 72 56.11 32.23 53.06
N THR TA 73 57.33 31.73 53.29
CA THR TA 73 58.49 32.30 52.61
C THR TA 73 58.50 31.97 51.12
N GLY TA 74 58.02 30.79 50.73
CA GLY TA 74 58.03 30.38 49.34
C GLY TA 74 59.34 29.76 48.93
N GLY TA 75 60.45 30.46 49.16
CA GLY TA 75 61.76 29.91 48.85
C GLY TA 75 62.03 29.87 47.35
N SER TA 76 62.99 29.01 46.99
CA SER TA 76 63.42 28.82 45.61
C SER TA 76 64.03 30.10 45.04
N GLY TA 77 64.70 29.98 43.91
CA GLY TA 77 65.31 31.13 43.28
C GLY TA 77 66.03 30.73 42.00
N SER TA 78 66.23 31.73 41.14
CA SER TA 78 66.89 31.54 39.85
C SER TA 78 66.17 30.53 38.96
N SER TA 79 64.88 30.29 39.23
CA SER TA 79 64.12 29.34 38.45
C SER TA 79 62.63 29.62 38.66
N MET TA 80 61.81 28.95 37.86
CA MET TA 80 60.37 29.15 37.94
C MET TA 80 59.84 28.68 39.28
N GLU TA 81 59.11 29.57 39.97
CA GLU TA 81 58.48 29.21 41.24
C GLU TA 81 57.20 28.42 41.01
N ILE TA 82 57.06 27.30 41.71
CA ILE TA 82 55.88 26.45 41.61
C ILE TA 82 55.31 26.26 43.01
N TYR TA 83 54.01 26.49 43.15
CA TYR TA 83 53.30 26.33 44.41
C TYR TA 83 52.29 25.20 44.29
N GLU TA 84 52.30 24.29 45.25
CA GLU TA 84 51.37 23.17 45.26
C GLU TA 84 51.13 22.73 46.70
N GLY TA 85 50.04 22.00 46.89
CA GLY TA 85 49.62 21.57 48.22
C GLY TA 85 49.75 20.07 48.39
N LYS TA 86 50.20 19.67 49.60
CA LYS TA 86 50.35 18.26 49.94
C LYS TA 86 48.96 17.72 50.26
N LEU TA 87 48.86 16.44 50.58
CA LEU TA 87 47.63 15.77 51.00
C LEU TA 87 47.77 15.18 52.40
N THR TA 88 48.38 15.92 53.32
CA THR TA 88 48.46 15.55 54.72
C THR TA 88 47.57 16.49 55.53
N ALA TA 89 46.74 15.91 56.40
CA ALA TA 89 45.75 16.67 57.16
C ALA TA 89 46.16 16.89 58.60
N GLU TA 90 47.39 16.59 58.98
CA GLU TA 90 47.83 16.75 60.36
C GLU TA 90 47.84 18.23 60.74
N GLY TA 91 47.12 18.56 61.82
CA GLY TA 91 47.11 19.91 62.35
C GLY TA 91 46.04 20.82 61.79
N LEU TA 92 45.26 20.38 60.80
CA LEU TA 92 44.26 21.23 60.17
C LEU TA 92 42.91 21.09 60.86
N ARG TA 93 42.10 22.13 60.74
CA ARG TA 93 40.78 22.21 61.37
C ARG TA 93 39.74 22.53 60.30
N PHE TA 94 38.65 21.76 60.28
CA PHE TA 94 37.67 21.80 59.20
C PHE TA 94 36.26 22.03 59.74
N GLY TA 95 35.44 22.71 58.96
CA GLY TA 95 34.01 22.84 59.23
C GLY TA 95 33.19 22.26 58.10
N ILE TA 96 32.04 21.68 58.46
CA ILE TA 96 31.15 21.03 57.51
C ILE TA 96 29.74 21.57 57.71
N VAL TA 97 29.08 21.91 56.60
CA VAL TA 97 27.68 22.32 56.60
C VAL TA 97 26.90 21.35 55.73
N ALA TA 98 25.87 20.73 56.30
CA ALA TA 98 25.09 19.71 55.62
C ALA TA 98 23.60 19.99 55.76
N SER TA 99 22.84 19.68 54.72
CA SER TA 99 21.40 19.88 54.73
C SER TA 99 20.68 18.58 55.12
N ARG TA 100 19.42 18.73 55.53
CA ARG TA 100 18.62 17.61 56.01
C ARG TA 100 17.69 17.02 54.95
N PHE TA 101 17.45 17.72 53.85
CA PHE TA 101 16.57 17.19 52.82
C PHE TA 101 17.27 16.10 52.04
N ASN TA 102 16.53 15.04 51.69
CA ASN TA 102 17.10 13.83 51.11
C ASN TA 102 18.17 13.24 52.02
N HIS TA 103 17.85 13.10 53.31
CA HIS TA 103 18.85 12.69 54.28
C HIS TA 103 19.33 11.26 54.05
N ALA TA 104 18.54 10.44 53.36
CA ALA TA 104 18.99 9.08 53.07
C ALA TA 104 20.27 9.08 52.25
N LEU TA 105 20.48 10.12 51.43
CA LEU TA 105 21.69 10.24 50.62
C LEU TA 105 22.73 11.15 51.28
N VAL TA 106 22.29 12.21 51.95
CA VAL TA 106 23.23 13.18 52.51
C VAL TA 106 24.10 12.54 53.58
N ASP TA 107 23.52 11.68 54.42
CA ASP TA 107 24.30 11.04 55.47
C ASP TA 107 25.40 10.14 54.92
N ARG TA 108 25.25 9.63 53.69
CA ARG TA 108 26.34 8.90 53.07
C ARG TA 108 27.48 9.84 52.69
N LEU TA 109 27.17 11.06 52.26
CA LEU TA 109 28.21 12.01 51.88
C LEU TA 109 28.98 12.50 53.10
N VAL TA 110 28.29 12.72 54.22
CA VAL TA 110 28.97 13.19 55.42
C VAL TA 110 29.91 12.13 55.96
N GLU TA 111 29.52 10.86 55.86
CA GLU TA 111 30.40 9.78 56.30
C GLU TA 111 31.69 9.76 55.48
N GLY TA 112 31.58 9.96 54.17
CA GLY TA 112 32.76 9.96 53.32
C GLY TA 112 33.72 11.10 53.66
N ALA TA 113 33.18 12.29 53.93
CA ALA TA 113 34.03 13.43 54.23
C ALA TA 113 34.81 13.20 55.52
N ILE TA 114 34.16 12.64 56.55
CA ILE TA 114 34.85 12.38 57.81
C ILE TA 114 35.89 11.28 57.63
N ASP TA 115 35.57 10.25 56.84
CA ASP TA 115 36.52 9.17 56.62
C ASP TA 115 37.79 9.67 55.95
N CYS TA 116 37.64 10.57 54.96
CA CYS TA 116 38.80 11.08 54.24
C CYS TA 116 39.73 11.84 55.18
N ILE TA 117 39.17 12.69 56.05
CA ILE TA 117 39.99 13.52 56.91
C ILE TA 117 40.77 12.67 57.91
N VAL TA 118 40.12 11.65 58.48
CA VAL TA 118 40.74 10.88 59.55
C VAL TA 118 41.89 10.03 59.01
N ARG TA 119 41.69 9.39 57.86
CA ARG TA 119 42.71 8.48 57.34
C ARG TA 119 43.87 9.21 56.67
N HIS TA 120 43.73 10.51 56.41
CA HIS TA 120 44.86 11.32 55.95
C HIS TA 120 45.61 11.98 57.09
N GLY TA 121 45.25 11.71 58.35
CA GLY TA 121 46.00 12.18 59.50
C GLY TA 121 45.30 13.20 60.37
N GLY TA 122 44.02 13.48 60.13
CA GLY TA 122 43.30 14.44 60.95
C GLY TA 122 42.65 13.81 62.17
N ARG TA 123 42.12 14.67 63.02
CA ARG TA 123 41.42 14.26 64.24
C ARG TA 123 39.95 14.63 64.15
N GLU TA 124 39.09 13.76 64.70
CA GLU TA 124 37.67 14.08 64.77
C GLU TA 124 37.41 15.27 65.69
N GLU TA 125 38.29 15.50 66.66
CA GLU TA 125 38.13 16.64 67.57
C GLU TA 125 38.25 17.97 66.85
N ASP TA 126 38.84 17.99 65.67
CA ASP TA 126 39.07 19.22 64.92
C ASP TA 126 38.01 19.47 63.85
N ILE TA 127 36.90 18.73 63.88
CA ILE TA 127 35.82 18.85 62.90
C ILE TA 127 34.61 19.44 63.58
N THR TA 128 34.04 20.49 62.99
CA THR TA 128 32.81 21.11 63.46
C THR TA 128 31.73 20.89 62.41
N LEU TA 129 30.60 20.33 62.83
CA LEU TA 129 29.51 19.96 61.93
C LEU TA 129 28.27 20.78 62.27
N VAL TA 130 27.71 21.45 61.26
CA VAL TA 130 26.51 22.25 61.40
C VAL TA 130 25.47 21.72 60.41
N ARG TA 131 24.23 21.55 60.89
CA ARG TA 131 23.14 21.02 60.08
C ARG TA 131 22.08 22.09 59.88
N VAL TA 132 21.58 22.19 58.64
CA VAL TA 132 20.57 23.18 58.29
C VAL TA 132 19.38 22.48 57.63
N PRO TA 133 18.18 23.08 57.64
CA PRO TA 133 17.00 22.36 57.11
C PRO TA 133 17.02 22.13 55.61
N GLY TA 134 17.75 22.94 54.83
CA GLY TA 134 17.71 22.79 53.39
C GLY TA 134 18.90 23.44 52.73
N SER TA 135 19.01 23.20 51.41
CA SER TA 135 20.14 23.74 50.65
C SER TA 135 20.10 25.25 50.59
N TRP TA 136 18.91 25.84 50.62
CA TRP TA 136 18.79 27.30 50.56
C TRP TA 136 19.49 27.96 51.74
N GLU TA 137 19.55 27.29 52.89
CA GLU TA 137 20.15 27.87 54.09
C GLU TA 137 21.64 27.60 54.22
N ILE TA 138 22.25 26.87 53.27
CA ILE TA 138 23.67 26.57 53.38
C ILE TA 138 24.53 27.83 53.33
N PRO TA 139 24.35 28.76 52.37
CA PRO TA 139 25.28 29.90 52.30
C PRO TA 139 25.33 30.76 53.55
N VAL TA 140 24.18 31.01 54.20
CA VAL TA 140 24.20 31.85 55.38
C VAL TA 140 24.87 31.15 56.55
N ALA TA 141 24.66 29.83 56.68
CA ALA TA 141 25.33 29.08 57.73
C ALA TA 141 26.83 28.98 57.47
N ALA TA 142 27.22 28.78 56.21
CA ALA TA 142 28.64 28.71 55.87
C ALA TA 142 29.34 30.03 56.19
N GLY TA 143 28.63 31.14 56.11
CA GLY TA 143 29.22 32.43 56.43
C GLY TA 143 29.61 32.59 57.87
N GLU TA 144 28.91 31.91 58.79
CA GLU TA 144 29.26 31.99 60.20
C GLU TA 144 30.53 31.20 60.50
N LEU TA 145 30.67 30.01 59.90
CA LEU TA 145 31.87 29.22 60.13
C LEU TA 145 33.11 29.86 59.50
N ALA TA 146 32.96 30.38 58.29
CA ALA TA 146 34.12 30.92 57.57
C ALA TA 146 34.72 32.11 58.29
N ARG TA 147 33.94 32.80 59.13
CA ARG TA 147 34.45 33.97 59.84
C ARG TA 147 35.18 33.62 61.13
N LYS TA 148 35.16 32.36 61.55
CA LYS TA 148 35.91 31.96 62.72
C LYS TA 148 37.40 31.88 62.40
N GLU TA 149 38.24 32.31 63.36
CA GLU TA 149 39.67 32.40 63.11
C GLU TA 149 40.33 31.02 63.10
N ASP TA 150 39.76 30.04 63.79
CA ASP TA 150 40.37 28.73 63.92
C ASP TA 150 39.80 27.69 62.96
N ILE TA 151 39.25 28.14 61.83
CA ILE TA 151 38.76 27.25 60.78
C ILE TA 151 39.61 27.49 59.54
N ASP TA 152 40.13 26.41 58.96
CA ASP TA 152 40.98 26.51 57.79
C ASP TA 152 40.22 26.38 56.48
N ALA TA 153 39.18 25.56 56.43
CA ALA TA 153 38.39 25.39 55.22
C ALA TA 153 37.01 24.89 55.60
N VAL TA 154 36.06 25.09 54.68
CA VAL TA 154 34.66 24.72 54.88
C VAL TA 154 34.22 23.80 53.74
N ILE TA 155 33.42 22.80 54.08
CA ILE TA 155 32.90 21.83 53.11
C ILE TA 155 31.39 21.90 53.13
N ALA TA 156 30.79 22.09 51.96
CA ALA TA 156 29.34 22.21 51.80
C ALA TA 156 28.80 20.96 51.12
N ILE TA 157 27.76 20.37 51.70
CA ILE TA 157 27.20 19.11 51.25
C ILE TA 157 25.69 19.24 51.11
N GLY TA 158 25.15 18.73 50.02
CA GLY TA 158 23.70 18.74 49.81
C GLY TA 158 23.36 17.92 48.58
N VAL TA 159 22.06 17.66 48.42
CA VAL TA 159 21.54 16.88 47.31
C VAL TA 159 20.31 17.59 46.75
N LEU TA 160 20.30 17.85 45.45
CA LEU TA 160 19.15 18.41 44.74
C LEU TA 160 18.81 17.52 43.56
N ILE TA 161 17.52 17.19 43.42
CA ILE TA 161 17.03 16.32 42.36
C ILE TA 161 15.92 17.05 41.62
N ARG TA 162 16.02 17.09 40.30
CA ARG TA 162 15.04 17.80 39.48
C ARG TA 162 13.71 17.07 39.50
N THR UA 3 5.12 33.37 28.20
CA THR UA 3 5.93 34.52 27.83
C THR UA 3 7.20 34.58 28.71
N PRO UA 4 8.26 35.21 28.20
CA PRO UA 4 9.50 35.31 29.00
C PRO UA 4 9.39 36.21 30.21
N HIS UA 5 8.26 36.90 30.40
CA HIS UA 5 8.09 37.76 31.57
C HIS UA 5 8.28 36.96 32.87
N PHE UA 6 7.88 35.69 32.86
CA PHE UA 6 7.99 34.86 34.06
C PHE UA 6 9.44 34.71 34.50
N ASP UA 7 10.36 34.49 33.55
CA ASP UA 7 11.73 34.16 33.91
C ASP UA 7 12.42 35.32 34.62
N TYR UA 8 12.29 36.54 34.10
CA TYR UA 8 13.05 37.66 34.64
C TYR UA 8 12.60 38.03 36.04
N ILE UA 9 11.29 37.97 36.31
CA ILE UA 9 10.80 38.27 37.66
C ILE UA 9 11.30 37.22 38.64
N ALA UA 10 11.22 35.94 38.25
CA ALA UA 10 11.62 34.87 39.16
C ALA UA 10 13.12 34.96 39.48
N SER UA 11 13.94 35.29 38.48
CA SER UA 11 15.37 35.37 38.71
C SER UA 11 15.73 36.49 39.68
N GLU UA 12 15.06 37.64 39.56
CA GLU UA 12 15.43 38.78 40.40
C GLU UA 12 14.93 38.63 41.82
N VAL UA 13 13.76 38.02 42.03
CA VAL UA 13 13.24 37.84 43.37
C VAL UA 13 14.12 36.88 44.16
N SER UA 14 14.49 35.75 43.55
CA SER UA 14 15.35 34.79 44.24
C SER UA 14 16.73 35.37 44.51
N LYS UA 15 17.30 36.08 43.54
CA LYS UA 15 18.63 36.67 43.72
C LYS UA 15 18.61 37.74 44.80
N GLY UA 16 17.56 38.57 44.82
CA GLY UA 16 17.50 39.64 45.81
C GLY UA 16 17.46 39.13 47.24
N LEU UA 17 16.64 38.11 47.49
CA LEU UA 17 16.52 37.59 48.85
C LEU UA 17 17.81 36.92 49.30
N ALA UA 18 18.48 36.21 48.40
CA ALA UA 18 19.72 35.52 48.76
C ALA UA 18 20.80 36.50 49.17
N ASN UA 19 21.03 37.54 48.37
CA ASN UA 19 22.05 38.53 48.71
C ASN UA 19 21.70 39.25 50.00
N LEU UA 20 20.42 39.53 50.22
CA LEU UA 20 20.01 40.25 51.43
C LEU UA 20 20.34 39.45 52.69
N SER UA 21 20.15 38.13 52.65
CA SER UA 21 20.42 37.32 53.82
C SER UA 21 21.91 37.33 54.17
N LEU UA 22 22.77 37.32 53.17
CA LEU UA 22 24.21 37.32 53.42
C LEU UA 22 24.67 38.68 53.92
N GLU UA 23 24.12 39.76 53.38
CA GLU UA 23 24.55 41.10 53.79
C GLU UA 23 24.18 41.38 55.23
N LEU UA 24 22.95 41.07 55.63
CA LEU UA 24 22.48 41.32 56.99
C LEU UA 24 22.78 40.17 57.94
N ARG UA 25 23.21 39.02 57.42
CA ARG UA 25 23.56 37.86 58.26
C ARG UA 25 22.38 37.45 59.13
N LYS UA 26 21.20 37.36 58.52
CA LYS UA 26 19.98 36.96 59.20
C LYS UA 26 19.24 35.94 58.32
N PRO UA 27 18.55 34.96 58.91
CA PRO UA 27 17.86 33.96 58.08
C PRO UA 27 16.66 34.55 57.35
N ILE UA 28 16.56 34.22 56.06
CA ILE UA 28 15.39 34.53 55.25
C ILE UA 28 15.03 33.27 54.46
N THR UA 29 13.76 32.88 54.53
CA THR UA 29 13.29 31.62 53.94
C THR UA 29 12.52 31.88 52.66
N PHE UA 30 12.67 30.97 51.69
CA PHE UA 30 12.10 31.14 50.35
C PHE UA 30 10.80 30.35 50.28
N GLY UA 31 9.69 31.05 50.40
CA GLY UA 31 8.37 30.43 50.33
C GLY UA 31 7.58 30.80 49.10
N VAL UA 32 8.25 30.93 47.96
CA VAL UA 32 7.62 31.37 46.72
C VAL UA 32 7.42 30.18 45.80
N ILE UA 33 6.19 29.99 45.34
CA ILE UA 33 5.87 28.92 44.39
C ILE UA 33 6.20 29.40 42.98
N THR UA 34 6.86 28.53 42.20
CA THR UA 34 7.17 28.80 40.80
C THR UA 34 6.69 27.60 39.99
N ALA UA 35 5.49 27.71 39.41
CA ALA UA 35 4.82 26.61 38.74
C ALA UA 35 4.67 26.90 37.25
N ASP UA 36 4.57 25.83 36.47
CA ASP UA 36 4.35 25.95 35.03
C ASP UA 36 2.87 25.99 34.67
N THR UA 37 2.00 25.46 35.52
CA THR UA 37 0.57 25.39 35.23
C THR UA 37 -0.22 25.71 36.50
N LEU UA 38 -1.48 26.09 36.30
CA LEU UA 38 -2.35 26.39 37.44
C LEU UA 38 -2.55 25.15 38.31
N GLU UA 39 -2.67 23.98 37.69
CA GLU UA 39 -2.87 22.75 38.46
C GLU UA 39 -1.69 22.50 39.40
N GLN UA 40 -0.46 22.71 38.92
CA GLN UA 40 0.71 22.50 39.76
C GLN UA 40 0.69 23.44 40.96
N ALA UA 41 0.15 24.65 40.80
CA ALA UA 41 0.13 25.60 41.91
C ALA UA 41 -0.88 25.20 42.98
N ILE UA 42 -2.06 24.74 42.57
CA ILE UA 42 -3.07 24.32 43.53
C ILE UA 42 -2.56 23.11 44.32
N GLU UA 43 -1.72 22.29 43.69
CA GLU UA 43 -1.20 21.10 44.36
C GLU UA 43 -0.40 21.47 45.60
N ARG UA 44 0.35 22.56 45.55
CA ARG UA 44 1.28 22.95 46.61
C ARG UA 44 0.72 24.02 47.54
N ALA UA 45 -0.54 24.39 47.39
CA ALA UA 45 -1.15 25.46 48.18
C ALA UA 45 -2.15 24.93 49.21
N GLY UA 46 -1.84 23.81 49.84
CA GLY UA 46 -2.73 23.20 50.81
C GLY UA 46 -3.44 21.95 50.33
N THR UA 47 -2.89 21.27 49.31
CA THR UA 47 -3.49 20.08 48.73
C THR UA 47 -2.44 18.97 48.62
N LYS UA 48 -2.73 17.95 47.82
CA LYS UA 48 -2.04 16.65 47.87
C LYS UA 48 -0.52 16.74 48.00
N HIS UA 49 0.11 17.84 47.60
CA HIS UA 49 1.55 18.00 47.76
C HIS UA 49 1.91 18.95 48.90
N GLY UA 50 0.99 19.18 49.84
CA GLY UA 50 1.30 19.93 51.03
C GLY UA 50 1.13 21.42 50.85
N ASN UA 51 1.64 22.16 51.84
CA ASN UA 51 1.55 23.61 51.90
C ASN UA 51 2.95 24.19 52.01
N LYS UA 52 3.34 25.00 51.03
CA LYS UA 52 4.68 25.58 51.06
C LYS UA 52 4.82 26.66 52.13
N GLY UA 53 3.71 27.30 52.51
CA GLY UA 53 3.77 28.27 53.59
C GLY UA 53 4.11 27.63 54.93
N TRP UA 54 3.58 26.44 55.18
CA TRP UA 54 3.91 25.71 56.40
C TRP UA 54 5.38 25.33 56.42
N GLU UA 55 5.90 24.85 55.29
CA GLU UA 55 7.29 24.41 55.23
C GLU UA 55 8.26 25.56 55.46
N ALA UA 56 7.97 26.72 54.87
CA ALA UA 56 8.86 27.87 55.04
C ALA UA 56 8.92 28.32 56.49
N ALA UA 57 7.79 28.30 57.19
CA ALA UA 57 7.78 28.68 58.60
C ALA UA 57 8.60 27.71 59.44
N LEU UA 58 8.50 26.41 59.14
CA LEU UA 58 9.26 25.42 59.91
C LEU UA 58 10.77 25.63 59.74
N SER UA 59 11.20 25.98 58.53
CA SER UA 59 12.62 26.25 58.32
C SER UA 59 13.08 27.47 59.12
N ALA UA 60 12.24 28.51 59.18
CA ALA UA 60 12.61 29.71 59.92
C ALA UA 60 12.80 29.43 61.40
N ILE UA 61 11.93 28.60 61.99
CA ILE UA 61 12.03 28.30 63.41
C ILE UA 61 13.36 27.59 63.71
N GLU UA 62 13.72 26.62 62.87
CA GLU UA 62 14.96 25.88 63.08
C GLU UA 62 16.17 26.80 62.97
N MET UA 63 16.19 27.64 61.94
CA MET UA 63 17.34 28.51 61.73
C MET UA 63 17.51 29.51 62.87
N ALA UA 64 16.40 30.02 63.40
CA ALA UA 64 16.48 30.96 64.52
C ALA UA 64 17.11 30.30 65.75
N ASN UA 65 16.73 29.05 66.04
CA ASN UA 65 17.32 28.35 67.18
C ASN UA 65 18.79 28.02 66.92
N LEU UA 66 19.14 27.67 65.68
CA LEU UA 66 20.52 27.35 65.36
C LEU UA 66 21.44 28.55 65.58
N PHE UA 67 21.01 29.72 65.11
CA PHE UA 67 21.85 30.91 65.26
C PHE UA 67 22.00 31.31 66.72
N LYS UA 68 20.95 31.08 67.53
CA LYS UA 68 21.04 31.32 68.99
C LYS UA 68 22.13 30.40 69.54
N SER UA 69 22.28 29.17 69.01
CA SER UA 69 23.23 28.20 69.55
C SER UA 69 24.65 28.53 69.12
N LEU UA 70 24.85 28.96 67.87
CA LEU UA 70 26.20 29.26 67.39
C LEU UA 70 26.80 30.42 68.16
N ARG UA 71 26.00 31.45 68.44
CA ARG UA 71 26.50 32.64 69.11
C ARG UA 71 26.58 32.50 70.62
N GLY UA 72 26.17 31.35 71.17
CA GLY UA 72 26.30 31.07 72.58
C GLY UA 72 27.63 30.43 72.93
N THR UA 73 27.65 29.75 74.07
CA THR UA 73 28.88 29.11 74.53
C THR UA 73 29.25 27.91 73.65
N GLY UA 74 28.25 27.17 73.18
CA GLY UA 74 28.51 25.98 72.39
C GLY UA 74 28.76 24.74 73.24
N GLY UA 75 29.69 24.83 74.18
CA GLY UA 75 29.94 23.72 75.08
C GLY UA 75 30.64 22.56 74.40
N SER UA 76 30.52 21.39 75.04
CA SER UA 76 31.13 20.16 74.56
C SER UA 76 32.65 20.25 74.56
N GLY UA 77 33.33 19.12 74.42
CA GLY UA 77 34.78 19.11 74.40
C GLY UA 77 35.29 17.68 74.24
N SER UA 78 36.53 17.60 73.77
CA SER UA 78 37.21 16.32 73.55
C SER UA 78 36.46 15.45 72.54
N SER UA 79 35.62 16.04 71.71
CA SER UA 79 34.84 15.29 70.73
C SER UA 79 34.35 16.25 69.66
N MET UA 80 33.80 15.68 68.59
CA MET UA 80 33.30 16.48 67.48
C MET UA 80 32.13 17.36 67.92
N GLU UA 81 32.25 18.66 67.66
CA GLU UA 81 31.17 19.58 67.99
C GLU UA 81 30.09 19.53 66.90
N ILE UA 82 28.83 19.41 67.34
CA ILE UA 82 27.68 19.35 66.44
C ILE UA 82 26.70 20.44 66.85
N TYR UA 83 26.28 21.25 65.88
CA TYR UA 83 25.31 22.32 66.10
C TYR UA 83 24.03 22.01 65.34
N GLU UA 84 22.90 22.12 66.04
CA GLU UA 84 21.60 21.88 65.42
C GLU UA 84 20.54 22.70 66.15
N GLY UA 85 19.41 22.89 65.48
CA GLY UA 85 18.34 23.72 66.00
C GLY UA 85 17.11 22.89 66.37
N LYS UA 86 16.48 23.28 67.49
CA LYS UA 86 15.27 22.62 67.96
C LYS UA 86 14.11 23.13 67.12
N LEU UA 87 12.90 22.63 67.37
CA LEU UA 87 11.67 23.05 66.72
C LEU UA 87 10.66 23.60 67.73
N THR UA 88 11.14 24.40 68.69
CA THR UA 88 10.29 25.09 69.64
C THR UA 88 10.33 26.59 69.33
N ALA UA 89 9.14 27.20 69.26
CA ALA UA 89 9.01 28.59 68.85
C ALA UA 89 8.77 29.53 70.02
N GLU UA 90 8.89 29.06 71.27
CA GLU UA 90 8.62 29.90 72.42
C GLU UA 90 9.64 31.03 72.50
N GLY UA 91 9.16 32.27 72.55
CA GLY UA 91 10.01 33.43 72.72
C GLY UA 91 10.52 34.05 71.44
N LEU UA 92 10.25 33.47 70.28
CA LEU UA 92 10.77 33.98 69.02
C LEU UA 92 9.78 34.95 68.38
N ARG UA 93 10.32 35.85 67.55
CA ARG UA 93 9.56 36.89 66.87
C ARG UA 93 9.82 36.82 65.37
N PHE UA 94 8.75 36.83 64.58
CA PHE UA 94 8.82 36.55 63.15
C PHE UA 94 8.17 37.67 62.35
N GLY UA 95 8.68 37.90 61.15
CA GLY UA 95 8.07 38.80 60.18
C GLY UA 95 7.72 38.04 58.91
N ILE UA 96 6.63 38.44 58.27
CA ILE UA 96 6.12 37.80 57.07
C ILE UA 96 5.86 38.88 56.01
N VAL UA 97 6.32 38.63 54.79
CA VAL UA 97 6.06 39.48 53.63
C VAL UA 97 5.31 38.65 52.60
N ALA UA 98 4.13 39.13 52.19
CA ALA UA 98 3.26 38.41 51.28
C ALA UA 98 2.79 39.33 50.16
N SER UA 99 2.66 38.77 48.96
CA SER UA 99 2.19 39.53 47.81
C SER UA 99 0.69 39.35 47.62
N ARG UA 100 0.09 40.27 46.85
CA ARG UA 100 -1.35 40.28 46.62
C ARG UA 100 -1.77 39.63 45.31
N PHE UA 101 -0.85 39.38 44.39
CA PHE UA 101 -1.22 38.77 43.12
C PHE UA 101 -1.47 37.29 43.32
N ASN UA 102 -2.50 36.76 42.64
CA ASN UA 102 -2.98 35.40 42.87
C ASN UA 102 -3.37 35.21 44.33
N HIS UA 103 -4.16 36.14 44.86
CA HIS UA 103 -4.46 36.11 46.29
C HIS UA 103 -5.31 34.90 46.68
N ALA UA 104 -6.01 34.30 45.72
CA ALA UA 104 -6.78 33.11 46.04
C ALA UA 104 -5.90 31.98 46.57
N LEU UA 105 -4.64 31.95 46.13
CA LEU UA 105 -3.68 30.94 46.58
C LEU UA 105 -2.79 31.46 47.71
N VAL UA 106 -2.41 32.74 47.64
CA VAL UA 106 -1.46 33.29 48.62
C VAL UA 106 -2.05 33.24 50.03
N ASP UA 107 -3.34 33.55 50.16
CA ASP UA 107 -3.96 33.55 51.48
C ASP UA 107 -3.97 32.16 52.11
N ARG UA 108 -3.94 31.10 51.31
CA ARG UA 108 -3.79 29.77 51.87
C ARG UA 108 -2.40 29.55 52.45
N LEU UA 109 -1.37 30.12 51.81
CA LEU UA 109 -0.01 29.97 52.30
C LEU UA 109 0.21 30.75 53.59
N VAL UA 110 -0.39 31.94 53.70
CA VAL UA 110 -0.22 32.74 54.90
C VAL UA 110 -0.89 32.06 56.10
N GLU UA 111 -2.04 31.42 55.86
CA GLU UA 111 -2.71 30.70 56.94
C GLU UA 111 -1.82 29.56 57.47
N GLY UA 112 -1.17 28.84 56.56
CA GLY UA 112 -0.31 27.75 57.00
C GLY UA 112 0.87 28.22 57.83
N ALA UA 113 1.48 29.34 57.43
CA ALA UA 113 2.63 29.85 58.17
C ALA UA 113 2.24 30.25 59.59
N ILE UA 114 1.08 30.89 59.76
CA ILE UA 114 0.65 31.30 61.09
C ILE UA 114 0.28 30.08 61.92
N ASP UA 115 -0.34 29.08 61.30
CA ASP UA 115 -0.72 27.87 62.04
C ASP UA 115 0.51 27.15 62.57
N CYS UA 116 1.58 27.07 61.76
CA CYS UA 116 2.78 26.39 62.20
C CYS UA 116 3.39 27.05 63.42
N ILE UA 117 3.47 28.39 63.40
CA ILE UA 117 4.13 29.11 64.50
C ILE UA 117 3.36 28.94 65.80
N VAL UA 118 2.03 29.01 65.73
CA VAL UA 118 1.23 29.01 66.95
C VAL UA 118 1.27 27.64 67.63
N ARG UA 119 1.15 26.56 66.84
CA ARG UA 119 1.07 25.23 67.43
C ARG UA 119 2.43 24.69 67.86
N HIS UA 120 3.53 25.34 67.46
CA HIS UA 120 4.85 25.02 67.99
C HIS UA 120 5.22 25.85 69.21
N GLY UA 121 4.32 26.70 69.70
CA GLY UA 121 4.55 27.43 70.94
C GLY UA 121 4.70 28.92 70.81
N GLY UA 122 4.47 29.50 69.62
CA GLY UA 122 4.59 30.94 69.45
C GLY UA 122 3.29 31.67 69.73
N ARG UA 123 3.40 33.00 69.74
CA ARG UA 123 2.27 33.88 69.96
C ARG UA 123 1.97 34.69 68.71
N GLU UA 124 0.68 34.92 68.45
CA GLU UA 124 0.30 35.79 67.34
C GLU UA 124 0.75 37.22 67.56
N GLU UA 125 0.91 37.63 68.82
CA GLU UA 125 1.36 38.98 69.12
C GLU UA 125 2.79 39.23 68.64
N ASP UA 126 3.56 38.18 68.39
CA ASP UA 126 4.96 38.29 67.99
C ASP UA 126 5.14 38.18 66.48
N ILE UA 127 4.07 38.26 65.70
CA ILE UA 127 4.12 38.14 64.25
C ILE UA 127 3.78 39.49 63.64
N THR UA 128 4.63 39.94 62.72
CA THR UA 128 4.41 41.17 61.96
C THR UA 128 4.20 40.80 60.50
N LEU UA 129 3.10 41.26 59.91
CA LEU UA 129 2.71 40.90 58.55
C LEU UA 129 2.70 42.16 57.69
N VAL UA 130 3.41 42.11 56.57
CA VAL UA 130 3.49 43.21 55.62
C VAL UA 130 3.03 42.69 54.26
N ARG UA 131 2.16 43.45 53.58
CA ARG UA 131 1.62 43.06 52.29
C ARG UA 131 2.10 44.02 51.22
N VAL UA 132 2.48 43.48 50.06
CA VAL UA 132 2.99 44.26 48.94
C VAL UA 132 2.21 43.91 47.69
N PRO UA 133 2.16 44.80 46.69
CA PRO UA 133 1.31 44.54 45.51
C PRO UA 133 1.76 43.37 44.64
N GLY UA 134 3.04 43.00 44.65
CA GLY UA 134 3.51 41.96 43.77
C GLY UA 134 4.82 41.36 44.24
N SER UA 135 5.22 40.28 43.57
CA SER UA 135 6.45 39.59 43.94
C SER UA 135 7.68 40.46 43.71
N TRP UA 136 7.63 41.36 42.72
CA TRP UA 136 8.77 42.22 42.44
C TRP UA 136 9.12 43.10 43.64
N GLU UA 137 8.12 43.46 44.45
CA GLU UA 137 8.33 44.35 45.58
C GLU UA 137 8.69 43.62 46.87
N ILE UA 138 8.77 42.28 46.85
CA ILE UA 138 9.10 41.55 48.07
C ILE UA 138 10.49 41.89 48.59
N PRO UA 139 11.55 41.87 47.77
CA PRO UA 139 12.90 42.08 48.34
C PRO UA 139 13.07 43.41 49.05
N VAL UA 140 12.52 44.49 48.50
CA VAL UA 140 12.71 45.80 49.14
C VAL UA 140 11.94 45.87 50.45
N ALA UA 141 10.74 45.28 50.51
CA ALA UA 141 9.99 45.26 51.76
C ALA UA 141 10.66 44.36 52.78
N ALA UA 142 11.20 43.23 52.35
CA ALA UA 142 11.88 42.33 53.28
C ALA UA 142 13.10 43.00 53.89
N GLY UA 143 13.74 43.93 53.16
CA GLY UA 143 14.88 44.63 53.68
C GLY UA 143 14.57 45.54 54.85
N GLU UA 144 13.35 46.07 54.92
CA GLU UA 144 12.96 46.92 56.04
C GLU UA 144 12.75 46.11 57.31
N LEU UA 145 12.11 44.94 57.19
CA LEU UA 145 11.89 44.10 58.35
C LEU UA 145 13.19 43.51 58.87
N ALA UA 146 14.06 43.06 57.97
CA ALA UA 146 15.28 42.38 58.40
C ALA UA 146 16.20 43.30 59.19
N ARG UA 147 16.08 44.62 59.01
CA ARG UA 147 16.93 45.57 59.71
C ARG UA 147 16.42 45.91 61.10
N LYS UA 148 15.22 45.46 61.48
CA LYS UA 148 14.73 45.70 62.82
C LYS UA 148 15.44 44.78 63.81
N GLU UA 149 15.73 45.31 65.00
CA GLU UA 149 16.52 44.56 65.98
C GLU UA 149 15.71 43.46 66.63
N ASP UA 150 14.39 43.59 66.70
CA ASP UA 150 13.54 42.65 67.41
C ASP UA 150 12.87 41.65 66.49
N ILE UA 151 13.46 41.37 65.33
CA ILE UA 151 12.98 40.35 64.39
C ILE UA 151 14.05 39.28 64.29
N ASP UA 152 13.66 38.02 64.47
CA ASP UA 152 14.60 36.91 64.43
C ASP UA 152 14.71 36.28 63.05
N ALA UA 153 13.63 36.22 62.28
CA ALA UA 153 13.66 35.65 60.95
C ALA UA 153 12.51 36.22 60.13
N VAL UA 154 12.65 36.12 58.81
CA VAL UA 154 11.68 36.66 57.87
C VAL UA 154 11.24 35.54 56.93
N ILE UA 155 9.95 35.53 56.60
CA ILE UA 155 9.35 34.52 55.72
C ILE UA 155 8.76 35.25 54.52
N ALA UA 156 9.15 34.83 53.32
CA ALA UA 156 8.68 35.42 52.07
C ALA UA 156 7.73 34.46 51.37
N ILE UA 157 6.57 34.98 50.94
CA ILE UA 157 5.51 34.17 50.36
C ILE UA 157 5.03 34.82 49.08
N GLY UA 158 4.85 34.01 48.05
CA GLY UA 158 4.33 34.50 46.78
C GLY UA 158 4.04 33.34 45.85
N VAL UA 159 3.34 33.66 44.76
CA VAL UA 159 2.96 32.67 43.75
C VAL UA 159 3.23 33.25 42.37
N LEU UA 160 3.98 32.52 41.55
CA LEU UA 160 4.24 32.88 40.16
C LEU UA 160 3.87 31.70 39.27
N ILE UA 161 3.12 31.97 38.20
CA ILE UA 161 2.66 30.95 37.26
C ILE UA 161 3.08 31.38 35.86
N ARG UA 162 3.71 30.46 35.14
CA ARG UA 162 4.20 30.75 33.80
C ARG UA 162 3.03 30.93 32.83
N THR VA 3 17.10 36.64 17.44
CA THR VA 3 18.52 36.68 17.75
C THR VA 3 18.74 36.77 19.26
N PRO VA 4 19.91 36.33 19.74
CA PRO VA 4 20.17 36.38 21.18
C PRO VA 4 20.36 37.79 21.74
N HIS VA 5 20.35 38.81 20.89
CA HIS VA 5 20.47 40.18 21.37
C HIS VA 5 19.38 40.52 22.38
N PHE VA 6 18.18 39.94 22.20
CA PHE VA 6 17.06 40.21 23.09
C PHE VA 6 17.38 39.79 24.52
N ASP VA 7 18.00 38.62 24.70
CA ASP VA 7 18.16 38.07 26.04
C ASP VA 7 19.09 38.92 26.89
N TYR VA 8 20.22 39.34 26.33
CA TYR VA 8 21.23 40.03 27.14
C TYR VA 8 20.74 41.40 27.60
N ILE VA 9 20.04 42.12 26.74
CA ILE VA 9 19.50 43.43 27.12
C ILE VA 9 18.45 43.26 28.22
N ALA VA 10 17.57 42.29 28.06
CA ALA VA 10 16.50 42.08 29.04
C ALA VA 10 17.07 41.71 30.40
N SER VA 11 18.10 40.86 30.42
CA SER VA 11 18.69 40.42 31.69
C SER VA 11 19.33 41.59 32.43
N GLU VA 12 20.02 42.47 31.71
CA GLU VA 12 20.74 43.55 32.38
C GLU VA 12 19.81 44.65 32.87
N VAL VA 13 18.74 44.94 32.13
CA VAL VA 13 17.80 45.98 32.55
C VAL VA 13 17.09 45.56 33.83
N SER VA 14 16.60 44.33 33.87
CA SER VA 14 15.90 43.85 35.05
C SER VA 14 16.84 43.76 36.26
N LYS VA 15 18.06 43.27 36.04
CA LYS VA 15 19.01 43.16 37.13
C LYS VA 15 19.42 44.53 37.66
N GLY VA 16 19.63 45.49 36.76
CA GLY VA 16 20.06 46.81 37.20
C GLY VA 16 19.03 47.50 38.09
N LEU VA 17 17.76 47.44 37.69
CA LEU VA 17 16.72 48.11 38.47
C LEU VA 17 16.54 47.46 39.83
N ALA VA 18 16.64 46.13 39.90
CA ALA VA 18 16.46 45.42 41.16
C ALA VA 18 17.54 45.80 42.17
N ASN VA 19 18.80 45.77 41.75
CA ASN VA 19 19.89 46.13 42.66
C ASN VA 19 19.79 47.58 43.09
N LEU VA 20 19.37 48.46 42.19
CA LEU VA 20 19.27 49.89 42.51
C LEU VA 20 18.25 50.12 43.62
N SER VA 21 17.12 49.41 43.58
CA SER VA 21 16.08 49.61 44.59
C SER VA 21 16.59 49.20 45.97
N LEU VA 22 17.37 48.12 46.05
CA LEU VA 22 17.87 47.67 47.34
C LEU VA 22 18.95 48.60 47.87
N GLU VA 23 19.81 49.11 46.98
CA GLU VA 23 20.89 49.98 47.43
C GLU VA 23 20.36 51.30 47.98
N LEU VA 24 19.42 51.93 47.27
CA LEU VA 24 18.86 53.20 47.71
C LEU VA 24 17.67 53.04 48.64
N ARG VA 25 17.14 51.82 48.79
CA ARG VA 25 16.01 51.56 49.68
C ARG VA 25 14.81 52.42 49.33
N LYS VA 26 14.49 52.49 48.03
CA LYS VA 26 13.37 53.24 47.52
C LYS VA 26 12.60 52.37 46.52
N PRO VA 27 11.27 52.50 46.43
CA PRO VA 27 10.53 51.67 45.49
C PRO VA 27 10.80 52.04 44.04
N ILE VA 28 11.02 51.01 43.21
CA ILE VA 28 11.11 51.15 41.76
C ILE VA 28 10.27 50.04 41.14
N THR VA 29 9.38 50.41 40.22
CA THR VA 29 8.43 49.49 39.64
C THR VA 29 8.85 49.11 38.21
N PHE VA 30 8.58 47.85 37.85
CA PHE VA 30 9.04 47.29 36.58
C PHE VA 30 7.87 47.34 35.59
N GLY VA 31 7.91 48.33 34.69
CA GLY VA 31 6.88 48.50 33.69
C GLY VA 31 7.35 48.24 32.28
N VAL VA 32 8.22 47.24 32.10
CA VAL VA 32 8.83 46.94 30.82
C VAL VA 32 8.16 45.70 30.22
N ILE VA 33 7.68 45.82 28.99
CA ILE VA 33 7.09 44.67 28.29
C ILE VA 33 8.20 43.86 27.65
N THR VA 34 8.11 42.54 27.78
CA THR VA 34 9.04 41.59 27.16
C THR VA 34 8.22 40.55 26.42
N ALA VA 35 8.03 40.76 25.11
CA ALA VA 35 7.14 39.95 24.30
C ALA VA 35 7.93 39.19 23.24
N ASP VA 36 7.36 38.06 22.80
CA ASP VA 36 7.96 37.25 21.75
C ASP VA 36 7.51 37.67 20.36
N THR VA 37 6.36 38.33 20.23
CA THR VA 37 5.82 38.72 18.94
C THR VA 37 5.21 40.12 19.04
N LEU VA 38 5.05 40.76 17.89
CA LEU VA 38 4.45 42.09 17.86
C LEU VA 38 3.01 42.05 18.36
N GLU VA 39 2.28 40.99 18.01
CA GLU VA 39 0.88 40.89 18.46
C GLU VA 39 0.79 40.85 19.98
N GLN VA 40 1.68 40.11 20.63
CA GLN VA 40 1.67 40.05 22.09
C GLN VA 40 1.92 41.41 22.70
N ALA VA 41 2.71 42.25 22.05
CA ALA VA 41 3.01 43.58 22.60
C ALA VA 41 1.81 44.51 22.50
N ILE VA 42 1.11 44.50 21.36
CA ILE VA 42 -0.07 45.34 21.20
C ILE VA 42 -1.14 44.94 22.20
N GLU VA 43 -1.18 43.66 22.57
CA GLU VA 43 -2.19 43.19 23.51
C GLU VA 43 -2.08 43.90 24.85
N ARG VA 44 -0.85 44.17 25.29
CA ARG VA 44 -0.60 44.70 26.62
C ARG VA 44 -0.36 46.21 26.64
N ALA VA 45 -0.54 46.90 25.51
CA ALA VA 45 -0.26 48.33 25.39
C ALA VA 45 -1.54 49.14 25.28
N GLY VA 46 -2.58 48.78 26.02
CA GLY VA 46 -3.85 49.47 25.97
C GLY VA 46 -4.95 48.72 25.25
N THR VA 47 -4.85 47.40 25.15
CA THR VA 47 -5.81 46.57 24.45
C THR VA 47 -6.21 45.37 25.32
N LYS VA 48 -6.82 44.35 24.72
CA LYS VA 48 -7.59 43.34 25.43
C LYS VA 48 -6.92 42.80 26.70
N HIS VA 49 -5.60 42.89 26.84
CA HIS VA 49 -4.93 42.46 28.06
C HIS VA 49 -4.49 43.63 28.94
N GLY VA 50 -5.09 44.80 28.75
CA GLY VA 50 -4.85 45.92 29.63
C GLY VA 50 -3.64 46.76 29.23
N ASN VA 51 -3.25 47.63 30.16
CA ASN VA 51 -2.15 48.56 29.96
C ASN VA 51 -1.14 48.36 31.08
N LYS VA 52 0.10 48.01 30.71
CA LYS VA 52 1.12 47.78 31.72
C LYS VA 52 1.59 49.07 32.37
N GLY VA 53 1.48 50.20 31.66
CA GLY VA 53 1.82 51.47 32.26
C GLY VA 53 0.90 51.84 33.40
N TRP VA 54 -0.39 51.57 33.25
CA TRP VA 54 -1.34 51.82 34.32
C TRP VA 54 -1.02 50.96 35.54
N GLU VA 55 -0.71 49.68 35.32
CA GLU VA 55 -0.46 48.77 36.43
C GLU VA 55 0.79 49.17 37.21
N ALA VA 56 1.84 49.59 36.51
CA ALA VA 56 3.07 49.98 37.19
C ALA VA 56 2.86 51.21 38.06
N ALA VA 57 2.06 52.17 37.60
CA ALA VA 57 1.78 53.35 38.41
C ALA VA 57 0.99 52.99 39.66
N LEU VA 58 0.04 52.06 39.54
CA LEU VA 58 -0.75 51.67 40.70
C LEU VA 58 0.12 51.02 41.77
N SER VA 59 1.09 50.21 41.35
CA SER VA 59 2.01 49.60 42.31
C SER VA 59 2.85 50.66 43.02
N ALA VA 60 3.29 51.68 42.29
CA ALA VA 60 4.11 52.73 42.90
C ALA VA 60 3.34 53.48 43.98
N ILE VA 61 2.07 53.79 43.73
CA ILE VA 61 1.27 54.52 44.71
C ILE VA 61 1.14 53.72 46.00
N GLU VA 62 0.87 52.42 45.89
CA GLU VA 62 0.71 51.59 47.08
C GLU VA 62 2.02 51.51 47.87
N MET VA 63 3.14 51.30 47.17
CA MET VA 63 4.42 51.16 47.86
C MET VA 63 4.80 52.45 48.58
N ALA VA 64 4.51 53.60 47.96
CA ALA VA 64 4.84 54.87 48.61
C ALA VA 64 4.07 55.04 49.92
N ASN VA 65 2.79 54.67 49.93
CA ASN VA 65 2.00 54.77 51.15
C ASN VA 65 2.47 53.76 52.19
N LEU VA 66 2.86 52.57 51.76
CA LEU VA 66 3.32 51.54 52.69
C LEU VA 66 4.58 51.99 53.41
N PHE VA 67 5.54 52.56 52.68
CA PHE VA 67 6.78 52.99 53.30
C PHE VA 67 6.56 54.15 54.26
N LYS VA 68 5.58 55.02 53.94
CA LYS VA 68 5.21 56.11 54.88
C LYS VA 68 4.70 55.47 56.17
N SER VA 69 3.99 54.33 56.09
CA SER VA 69 3.42 53.70 57.27
C SER VA 69 4.46 52.97 58.10
N LEU VA 70 5.40 52.28 57.45
CA LEU VA 70 6.43 51.55 58.19
C LEU VA 70 7.30 52.49 59.02
N ARG VA 71 7.66 53.64 58.46
CA ARG VA 71 8.55 54.57 59.12
C ARG VA 71 7.83 55.48 60.11
N GLY VA 72 6.52 55.35 60.24
CA GLY VA 72 5.75 56.09 61.22
C GLY VA 72 5.66 55.37 62.54
N THR VA 73 4.64 55.73 63.32
CA THR VA 73 4.47 55.13 64.64
C THR VA 73 4.03 53.67 64.54
N GLY VA 74 3.20 53.34 63.55
CA GLY VA 74 2.69 51.99 63.39
C GLY VA 74 1.45 51.74 64.23
N GLY VA 75 1.53 52.02 65.52
CA GLY VA 75 0.36 51.87 66.39
C GLY VA 75 0.01 50.42 66.65
N SER VA 76 -1.24 50.21 67.06
CA SER VA 76 -1.77 48.90 67.39
C SER VA 76 -1.05 48.28 68.58
N GLY VA 77 -1.61 47.23 69.14
CA GLY VA 77 -1.00 46.57 70.28
C GLY VA 77 -1.85 45.40 70.74
N SER VA 78 -1.20 44.49 71.44
CA SER VA 78 -1.84 43.28 71.98
C SER VA 78 -2.44 42.41 70.88
N SER VA 79 -1.98 42.57 69.64
CA SER VA 79 -2.50 41.81 68.52
C SER VA 79 -1.49 41.86 67.38
N MET VA 80 -1.74 41.05 66.37
CA MET VA 80 -0.84 40.98 65.22
C MET VA 80 -0.82 42.30 64.47
N GLU VA 81 0.38 42.84 64.26
CA GLU VA 81 0.52 44.08 63.50
C GLU VA 81 0.47 43.79 62.01
N ILE VA 82 -0.34 44.56 61.29
CA ILE VA 82 -0.50 44.43 59.84
C ILE VA 82 -0.22 45.79 59.20
N TYR VA 83 0.65 45.79 58.20
CA TYR VA 83 1.02 46.98 57.46
C TYR VA 83 0.53 46.85 56.02
N GLU VA 84 -0.15 47.90 55.53
CA GLU VA 84 -0.64 47.90 54.16
C GLU VA 84 -0.73 49.34 53.68
N GLY VA 85 -0.79 49.50 52.36
CA GLY VA 85 -0.79 50.81 51.73
C GLY VA 85 -2.13 51.11 51.07
N LYS VA 86 -2.56 52.38 51.21
CA LYS VA 86 -3.81 52.85 50.62
C LYS VA 86 -3.54 53.09 49.13
N LEU VA 87 -4.55 53.50 48.38
CA LEU VA 87 -4.47 53.85 46.98
C LEU VA 87 -4.88 55.30 46.73
N THR VA 88 -4.45 56.21 47.60
CA THR VA 88 -4.64 57.64 47.43
C THR VA 88 -3.30 58.29 47.11
N ALA VA 89 -3.28 59.12 46.06
CA ALA VA 89 -2.05 59.72 45.57
C ALA VA 89 -1.89 61.18 45.99
N GLU VA 90 -2.73 61.69 46.88
CA GLU VA 90 -2.65 63.09 47.28
C GLU VA 90 -1.35 63.35 48.02
N GLY VA 91 -0.58 64.33 47.53
CA GLY VA 91 0.64 64.74 48.18
C GLY VA 91 1.90 64.02 47.76
N LEU VA 92 1.80 63.01 46.90
CA LEU VA 92 2.95 62.22 46.48
C LEU VA 92 3.59 62.80 45.22
N ARG VA 93 4.88 62.52 45.06
CA ARG VA 93 5.67 63.01 43.93
C ARG VA 93 6.35 61.83 43.24
N PHE VA 94 6.24 61.77 41.91
CA PHE VA 94 6.64 60.61 41.14
C PHE VA 94 7.59 61.01 40.02
N GLY VA 95 8.50 60.09 39.68
CA GLY VA 95 9.36 60.23 38.52
C GLY VA 95 9.13 59.08 37.55
N ILE VA 96 9.26 59.38 36.26
CA ILE VA 96 9.03 58.40 35.19
C ILE VA 96 10.23 58.43 34.24
N VAL VA 97 10.72 57.24 33.89
CA VAL VA 97 11.78 57.09 32.90
C VAL VA 97 11.23 56.22 31.77
N ALA VA 98 11.28 56.74 30.55
CA ALA VA 98 10.72 56.07 29.38
C ALA VA 98 11.72 56.07 28.23
N SER VA 99 11.71 54.99 27.46
CA SER VA 99 12.61 54.85 26.32
C SER VA 99 11.90 55.28 25.04
N ARG VA 100 12.71 55.56 24.01
CA ARG VA 100 12.20 56.05 22.73
C ARG VA 100 12.03 54.96 21.68
N PHE VA 101 12.62 53.78 21.86
CA PHE VA 101 12.50 52.73 20.87
C PHE VA 101 11.12 52.10 20.95
N ASN VA 102 10.54 51.79 19.79
CA ASN VA 102 9.15 51.35 19.69
C ASN VA 102 8.22 52.40 20.29
N HIS VA 103 8.41 53.66 19.88
CA HIS VA 103 7.66 54.75 20.50
C HIS VA 103 6.17 54.68 20.20
N ALA VA 104 5.78 53.98 19.13
CA ALA VA 104 4.36 53.84 18.84
C ALA VA 104 3.62 53.14 19.98
N LEU VA 105 4.32 52.27 20.72
CA LEU VA 105 3.73 51.56 21.84
C LEU VA 105 4.05 52.24 23.18
N VAL VA 106 5.26 52.79 23.31
CA VAL VA 106 5.70 53.35 24.58
C VAL VA 106 4.82 54.54 24.97
N ASP VA 107 4.47 55.38 24.01
CA ASP VA 107 3.66 56.55 24.31
C ASP VA 107 2.27 56.17 24.82
N ARG VA 108 1.77 54.98 24.48
CA ARG VA 108 0.53 54.52 25.08
C ARG VA 108 0.71 54.17 26.55
N LEU VA 109 1.87 53.61 26.92
CA LEU VA 109 2.12 53.26 28.30
C LEU VA 109 2.30 54.50 29.18
N VAL VA 110 2.96 55.53 28.64
CA VAL VA 110 3.16 56.75 29.42
C VAL VA 110 1.84 57.45 29.68
N GLU VA 111 0.93 57.42 28.70
CA GLU VA 111 -0.38 58.03 28.91
C GLU VA 111 -1.13 57.33 30.03
N GLY VA 112 -1.06 56.00 30.08
CA GLY VA 112 -1.74 55.28 31.14
C GLY VA 112 -1.22 55.61 32.52
N ALA VA 113 0.11 55.72 32.65
CA ALA VA 113 0.70 56.02 33.95
C ALA VA 113 0.26 57.38 34.46
N ILE VA 114 0.22 58.39 33.58
CA ILE VA 114 -0.20 59.72 33.99
C ILE VA 114 -1.68 59.73 34.34
N ASP VA 115 -2.50 59.00 33.57
CA ASP VA 115 -3.93 58.96 33.85
C ASP VA 115 -4.21 58.35 35.22
N CYS VA 116 -3.49 57.30 35.57
CA CYS VA 116 -3.70 56.64 36.86
C CYS VA 116 -3.41 57.61 38.02
N ILE VA 117 -2.30 58.34 37.93
CA ILE VA 117 -1.90 59.21 39.04
C ILE VA 117 -2.90 60.34 39.23
N VAL VA 118 -3.38 60.92 38.12
CA VAL VA 118 -4.24 62.11 38.23
C VAL VA 118 -5.60 61.73 38.81
N ARG VA 119 -6.19 60.63 38.36
CA ARG VA 119 -7.54 60.28 38.79
C ARG VA 119 -7.57 59.66 40.19
N HIS VA 120 -6.41 59.28 40.75
CA HIS VA 120 -6.33 58.87 42.13
C HIS VA 120 -6.01 60.03 43.08
N GLY VA 121 -5.92 61.25 42.58
CA GLY VA 121 -5.75 62.42 43.42
C GLY VA 121 -4.43 63.14 43.31
N GLY VA 122 -3.58 62.77 42.35
CA GLY VA 122 -2.30 63.45 42.19
C GLY VA 122 -2.38 64.64 41.27
N ARG VA 123 -1.27 65.39 41.21
CA ARG VA 123 -1.14 66.56 40.35
C ARG VA 123 -0.10 66.31 39.28
N GLU VA 124 -0.35 66.84 38.08
CA GLU VA 124 0.64 66.76 37.01
C GLU VA 124 1.89 67.55 37.36
N GLU VA 125 1.76 68.58 38.19
CA GLU VA 125 2.92 69.38 38.60
C GLU VA 125 3.93 68.57 39.41
N ASP VA 126 3.51 67.43 39.98
CA ASP VA 126 4.37 66.61 40.82
C ASP VA 126 4.99 65.44 40.07
N ILE VA 127 4.91 65.44 38.74
CA ILE VA 127 5.44 64.35 37.91
C ILE VA 127 6.65 64.88 37.14
N THR VA 128 7.76 64.15 37.20
CA THR VA 128 8.96 64.45 36.44
C THR VA 128 9.19 63.33 35.43
N LEU VA 129 9.32 63.69 34.17
CA LEU VA 129 9.44 62.73 33.08
C LEU VA 129 10.81 62.88 32.41
N VAL VA 130 11.54 61.79 32.31
CA VAL VA 130 12.86 61.75 31.67
C VAL VA 130 12.81 60.72 30.55
N ARG VA 131 13.33 61.08 29.38
CA ARG VA 131 13.33 60.23 28.20
C ARG VA 131 14.75 59.84 27.84
N VAL VA 132 14.95 58.58 27.49
CA VAL VA 132 16.27 58.05 27.14
C VAL VA 132 16.18 57.34 25.80
N PRO VA 133 17.29 57.19 25.06
CA PRO VA 133 17.21 56.62 23.71
C PRO VA 133 16.83 55.15 23.67
N GLY VA 134 17.07 54.37 24.72
CA GLY VA 134 16.80 52.96 24.67
C GLY VA 134 16.68 52.36 26.05
N SER VA 135 16.28 51.08 26.08
CA SER VA 135 16.09 50.38 27.34
C SER VA 135 17.41 50.20 28.08
N TRP VA 136 18.52 50.07 27.35
CA TRP VA 136 19.81 49.88 28.00
C TRP VA 136 20.16 51.07 28.89
N GLU VA 137 19.69 52.27 28.55
CA GLU VA 137 20.03 53.46 29.32
C GLU VA 137 19.06 53.75 30.46
N ILE VA 138 18.02 52.93 30.65
CA ILE VA 138 17.06 53.18 31.72
C ILE VA 138 17.71 53.11 33.10
N PRO VA 139 18.49 52.08 33.45
CA PRO VA 139 18.99 52.00 34.84
C PRO VA 139 19.84 53.17 35.26
N VAL VA 140 20.71 53.69 34.38
CA VAL VA 140 21.57 54.80 34.77
C VAL VA 140 20.75 56.09 34.94
N ALA VA 141 19.74 56.29 34.10
CA ALA VA 141 18.88 57.46 34.26
C ALA VA 141 18.01 57.34 35.51
N ALA VA 142 17.51 56.14 35.79
CA ALA VA 142 16.70 55.94 36.99
C ALA VA 142 17.51 56.21 38.25
N GLY VA 143 18.82 55.98 38.20
CA GLY VA 143 19.67 56.25 39.36
C GLY VA 143 19.77 57.71 39.72
N GLU VA 144 19.64 58.61 38.74
CA GLU VA 144 19.70 60.03 39.02
C GLU VA 144 18.41 60.51 39.70
N LEU VA 145 17.25 60.03 39.25
CA LEU VA 145 16.00 60.43 39.86
C LEU VA 145 15.86 59.87 41.28
N ALA VA 146 16.26 58.60 41.47
CA ALA VA 146 16.05 57.95 42.76
C ALA VA 146 16.85 58.62 43.86
N ARG VA 147 17.93 59.33 43.51
CA ARG VA 147 18.76 59.99 44.51
C ARG VA 147 18.24 61.36 44.91
N LYS VA 148 17.22 61.88 44.24
CA LYS VA 148 16.63 63.15 44.65
C LYS VA 148 15.78 62.96 45.89
N GLU VA 149 15.84 63.95 46.79
CA GLU VA 149 15.17 63.84 48.07
C GLU VA 149 13.66 63.99 47.96
N ASP VA 150 13.18 64.70 46.94
CA ASP VA 150 11.77 65.00 46.80
C ASP VA 150 11.06 64.08 45.81
N ILE VA 151 11.57 62.86 45.61
CA ILE VA 151 10.95 61.85 44.78
C ILE VA 151 10.58 60.67 45.67
N ASP VA 152 9.33 60.23 45.60
CA ASP VA 152 8.85 59.14 46.44
C ASP VA 152 8.97 57.78 45.76
N ALA VA 153 8.79 57.70 44.44
CA ALA VA 153 8.90 56.43 43.74
C ALA VA 153 9.20 56.72 42.27
N VAL VA 154 9.74 55.71 41.59
CA VAL VA 154 10.15 55.82 40.19
C VAL VA 154 9.45 54.72 39.40
N ILE VA 155 9.03 55.06 38.18
CA ILE VA 155 8.34 54.13 37.28
C ILE VA 155 9.17 54.01 36.01
N ALA VA 156 9.50 52.77 35.64
CA ALA VA 156 10.29 52.47 34.45
C ALA VA 156 9.41 51.86 33.38
N ILE VA 157 9.51 52.38 32.16
CA ILE VA 157 8.64 51.98 31.05
C ILE VA 157 9.50 51.70 29.83
N GLY VA 158 9.21 50.61 29.14
CA GLY VA 158 9.91 50.26 27.91
C GLY VA 158 9.25 49.07 27.25
N VAL VA 159 9.65 48.82 26.01
CA VAL VA 159 9.12 47.73 25.20
C VAL VA 159 10.28 47.02 24.52
N LEU VA 160 10.35 45.70 24.70
CA LEU VA 160 11.33 44.85 24.02
C LEU VA 160 10.60 43.71 23.32
N ILE VA 161 10.95 43.49 22.05
CA ILE VA 161 10.32 42.46 21.24
C ILE VA 161 11.42 41.57 20.67
N ARG VA 162 11.26 40.25 20.83
CA ARG VA 162 12.26 39.29 20.37
C ARG VA 162 12.30 39.26 18.85
N THR WA 3 29.31 25.96 20.08
CA THR WA 3 29.85 25.57 21.38
C THR WA 3 29.37 26.54 22.45
N PRO WA 4 29.32 26.10 23.72
CA PRO WA 4 28.86 27.00 24.79
C PRO WA 4 29.84 28.12 25.12
N HIS WA 5 31.01 28.15 24.49
CA HIS WA 5 31.96 29.24 24.73
C HIS WA 5 31.34 30.59 24.44
N PHE WA 6 30.44 30.65 23.44
CA PHE WA 6 29.82 31.91 23.08
C PHE WA 6 29.01 32.50 24.23
N ASP WA 7 28.26 31.66 24.95
CA ASP WA 7 27.32 32.17 25.95
C ASP WA 7 28.05 32.84 27.11
N TYR WA 8 29.11 32.21 27.62
CA TYR WA 8 29.75 32.73 28.83
C TYR WA 8 30.45 34.06 28.57
N ILE WA 9 31.10 34.20 27.42
CA ILE WA 9 31.74 35.47 27.09
C ILE WA 9 30.71 36.58 26.95
N ALA WA 10 29.61 36.29 26.25
CA ALA WA 10 28.59 37.31 26.03
C ALA WA 10 27.96 37.75 27.34
N SER WA 11 27.71 36.81 28.25
CA SER WA 11 27.09 37.17 29.52
C SER WA 11 27.98 38.08 30.35
N GLU WA 12 29.29 37.80 30.37
CA GLU WA 12 30.18 38.57 31.22
C GLU WA 12 30.46 39.95 30.67
N VAL WA 13 30.55 40.10 29.34
CA VAL WA 13 30.80 41.40 28.76
C VAL WA 13 29.63 42.34 29.00
N SER WA 14 28.40 41.86 28.77
CA SER WA 14 27.23 42.69 28.99
C SER WA 14 27.07 43.04 30.46
N LYS WA 15 27.29 42.07 31.35
CA LYS WA 15 27.14 42.32 32.78
C LYS WA 15 28.19 43.32 33.27
N GLY WA 16 29.43 43.18 32.79
CA GLY WA 16 30.49 44.06 33.24
C GLY WA 16 30.23 45.52 32.90
N LEU WA 17 29.80 45.78 31.67
CA LEU WA 17 29.57 47.16 31.24
C LEU WA 17 28.40 47.78 31.99
N ALA WA 18 27.36 46.99 32.26
CA ALA WA 18 26.19 47.52 32.95
C ALA WA 18 26.53 47.95 34.36
N ASN WA 19 27.22 47.09 35.12
CA ASN WA 19 27.60 47.44 36.49
C ASN WA 19 28.53 48.64 36.51
N LEU WA 20 29.44 48.72 35.54
CA LEU WA 20 30.40 49.82 35.50
C LEU WA 20 29.69 51.16 35.34
N SER WA 21 28.66 51.21 34.50
CA SER WA 21 27.95 52.47 34.27
C SER WA 21 27.25 52.95 35.54
N LEU WA 22 26.70 52.03 36.33
CA LEU WA 22 26.01 52.42 37.55
C LEU WA 22 27.00 52.86 38.62
N GLU WA 23 28.14 52.17 38.71
CA GLU WA 23 29.12 52.51 39.74
C GLU WA 23 29.72 53.89 39.51
N LEU WA 24 30.11 54.19 38.28
CA LEU WA 24 30.71 55.48 37.96
C LEU WA 24 29.68 56.55 37.59
N ARG WA 25 28.42 56.16 37.40
CA ARG WA 25 27.36 57.11 37.09
C ARG WA 25 27.69 57.91 35.83
N LYS WA 26 28.14 57.20 34.79
CA LYS WA 26 28.48 57.79 33.50
C LYS WA 26 27.88 56.94 32.39
N PRO WA 27 27.46 57.54 31.28
CA PRO WA 27 26.85 56.74 30.20
C PRO WA 27 27.87 55.84 29.50
N ILE WA 28 27.49 54.59 29.29
CA ILE WA 28 28.25 53.65 28.47
C ILE WA 28 27.26 52.94 27.56
N THR WA 29 27.56 52.92 26.25
CA THR WA 29 26.65 52.40 25.24
C THR WA 29 27.12 51.03 24.76
N PHE WA 30 26.16 50.15 24.46
CA PHE WA 30 26.43 48.77 24.10
C PHE WA 30 26.38 48.63 22.59
N GLY WA 31 27.57 48.59 21.98
CA GLY WA 31 27.69 48.47 20.53
C GLY WA 31 28.27 47.13 20.09
N VAL WA 32 27.91 46.05 20.77
CA VAL WA 32 28.47 44.74 20.51
C VAL WA 32 27.43 43.89 19.77
N ILE WA 33 27.84 43.34 18.63
CA ILE WA 33 26.97 42.45 17.85
C ILE WA 33 27.05 41.05 18.43
N THR WA 34 25.89 40.40 18.58
CA THR WA 34 25.80 39.02 19.04
C THR WA 34 24.92 38.26 18.04
N ALA WA 35 25.55 37.57 17.10
CA ALA WA 35 24.87 36.94 15.99
C ALA WA 35 25.03 35.42 16.06
N ASP WA 36 24.06 34.72 15.46
CA ASP WA 36 24.11 33.27 15.38
C ASP WA 36 24.84 32.76 14.14
N THR WA 37 24.93 33.56 13.09
CA THR WA 37 25.55 33.16 11.84
C THR WA 37 26.37 34.32 11.27
N LEU WA 38 27.31 33.98 10.38
CA LEU WA 38 28.13 35.00 9.75
C LEU WA 38 27.27 35.95 8.92
N GLU WA 39 26.25 35.42 8.25
CA GLU WA 39 25.38 36.27 7.42
C GLU WA 39 24.68 37.32 8.27
N GLN WA 40 24.19 36.94 9.44
CA GLN WA 40 23.53 37.90 10.32
C GLN WA 40 24.47 39.01 10.75
N ALA WA 41 25.76 38.71 10.89
CA ALA WA 41 26.72 39.73 11.31
C ALA WA 41 27.00 40.74 10.21
N ILE WA 42 27.16 40.26 8.97
CA ILE WA 42 27.40 41.17 7.85
C ILE WA 42 26.21 42.08 7.64
N GLU WA 43 25.01 41.60 7.97
CA GLU WA 43 23.80 42.40 7.79
C GLU WA 43 23.85 43.68 8.61
N ARG WA 44 24.42 43.61 9.82
CA ARG WA 44 24.40 44.71 10.77
C ARG WA 44 25.71 45.50 10.81
N ALA WA 45 26.65 45.22 9.91
CA ALA WA 45 27.96 45.86 9.90
C ALA WA 45 28.12 46.83 8.73
N GLY WA 46 27.08 47.57 8.40
CA GLY WA 46 27.11 48.50 7.29
C GLY WA 46 26.33 48.05 6.07
N THR WA 47 25.36 47.16 6.23
CA THR WA 47 24.58 46.62 5.14
C THR WA 47 23.09 46.69 5.48
N LYS WA 48 22.26 45.94 4.75
CA LYS WA 48 20.81 46.18 4.67
C LYS WA 48 20.14 46.42 6.01
N HIS WA 49 20.72 45.99 7.14
CA HIS WA 49 20.16 46.28 8.45
C HIS WA 49 20.91 47.37 9.19
N GLY WA 50 21.68 48.19 8.49
CA GLY WA 50 22.31 49.34 9.10
C GLY WA 50 23.67 49.04 9.71
N ASN WA 51 24.15 50.01 10.49
CA ASN WA 51 25.45 49.93 11.15
C ASN WA 51 25.25 50.13 12.64
N LYS WA 52 25.65 49.13 13.43
CA LYS WA 52 25.47 49.22 14.88
C LYS WA 52 26.45 50.22 15.50
N GLY WA 53 27.59 50.45 14.85
CA GLY WA 53 28.51 51.46 15.37
C GLY WA 53 27.95 52.86 15.28
N TRP WA 54 27.23 53.16 14.20
CA TRP WA 54 26.57 54.46 14.07
C TRP WA 54 25.51 54.63 15.15
N GLU WA 55 24.72 53.60 15.39
CA GLU WA 55 23.63 53.70 16.36
C GLU WA 55 24.15 53.92 17.77
N ALA WA 56 25.24 53.22 18.14
CA ALA WA 56 25.79 53.38 19.48
C ALA WA 56 26.31 54.79 19.71
N ALA WA 57 26.94 55.39 18.70
CA ALA WA 57 27.43 56.75 18.84
C ALA WA 57 26.29 57.74 19.01
N LEU WA 58 25.18 57.53 18.28
CA LEU WA 58 24.04 58.45 18.40
C LEU WA 58 23.44 58.40 19.79
N SER WA 59 23.40 57.21 20.41
CA SER WA 59 22.89 57.10 21.77
C SER WA 59 23.80 57.84 22.75
N ALA WA 60 25.12 57.76 22.55
CA ALA WA 60 26.04 58.42 23.45
C ALA WA 60 25.87 59.93 23.42
N ILE WA 61 25.68 60.50 22.23
CA ILE WA 61 25.52 61.95 22.11
C ILE WA 61 24.29 62.41 22.88
N GLU WA 62 23.17 61.69 22.73
CA GLU WA 62 21.94 62.09 23.41
C GLU WA 62 22.11 62.01 24.92
N MET WA 63 22.71 60.91 25.42
CA MET WA 63 22.85 60.74 26.86
C MET WA 63 23.75 61.81 27.46
N ALA WA 64 24.81 62.20 26.75
CA ALA WA 64 25.70 63.24 27.24
C ALA WA 64 24.96 64.56 27.41
N ASN WA 65 24.11 64.92 26.45
CA ASN WA 65 23.34 66.15 26.55
C ASN WA 65 22.30 66.06 27.66
N LEU WA 66 21.69 64.89 27.82
CA LEU WA 66 20.67 64.73 28.86
C LEU WA 66 21.27 64.93 30.25
N PHE WA 67 22.44 64.34 30.50
CA PHE WA 67 23.05 64.46 31.82
C PHE WA 67 23.49 65.90 32.09
N LYS WA 68 23.90 66.62 31.04
CA LYS WA 68 24.23 68.06 31.18
C LYS WA 68 22.96 68.77 31.63
N SER WA 69 21.77 68.37 31.15
CA SER WA 69 20.53 69.07 31.47
C SER WA 69 20.04 68.74 32.88
N LEU WA 70 20.17 67.48 33.30
CA LEU WA 70 19.70 67.10 34.64
C LEU WA 70 20.48 67.82 35.72
N ARG WA 71 21.79 67.96 35.55
CA ARG WA 71 22.64 68.57 36.55
C ARG WA 71 22.66 70.09 36.49
N GLY WA 72 21.94 70.68 35.53
CA GLY WA 72 21.80 72.12 35.44
C GLY WA 72 20.62 72.63 36.25
N THR WA 73 20.16 73.83 35.88
CA THR WA 73 19.04 74.44 36.60
C THR WA 73 17.73 73.72 36.33
N GLY WA 74 17.53 73.20 35.12
CA GLY WA 74 16.29 72.53 34.77
C GLY WA 74 15.21 73.50 34.32
N GLY WA 75 14.93 74.52 35.13
CA GLY WA 75 13.95 75.52 34.75
C GLY WA 75 12.52 74.99 34.80
N SER WA 76 11.66 75.71 34.06
CA SER WA 76 10.23 75.40 33.98
C SER WA 76 9.56 75.53 35.34
N GLY WA 77 8.23 75.53 35.35
CA GLY WA 77 7.49 75.65 36.59
C GLY WA 77 6.00 75.64 36.32
N SER WA 78 5.25 75.31 37.36
CA SER WA 78 3.78 75.24 37.30
C SER WA 78 3.29 74.25 36.25
N SER WA 79 4.13 73.29 35.86
CA SER WA 79 3.76 72.31 34.85
C SER WA 79 4.72 71.12 34.95
N MET WA 80 4.39 70.06 34.23
CA MET WA 80 5.19 68.85 34.25
C MET WA 80 6.57 69.12 33.68
N GLU WA 81 7.61 68.76 34.44
CA GLU WA 81 8.98 68.91 33.98
C GLU WA 81 9.35 67.75 33.06
N ILE WA 82 9.92 68.07 31.90
CA ILE WA 82 10.35 67.09 30.92
C ILE WA 82 11.82 67.32 30.61
N TYR WA 83 12.61 66.25 30.70
CA TYR WA 83 14.04 66.30 30.40
C TYR WA 83 14.33 65.45 29.18
N GLU WA 84 15.08 66.03 28.23
CA GLU WA 84 15.45 65.32 27.01
C GLU WA 84 16.76 65.89 26.49
N GLY WA 85 17.42 65.10 25.63
CA GLY WA 85 18.72 65.45 25.11
C GLY WA 85 18.68 65.76 23.63
N LYS WA 86 19.45 66.79 23.24
CA LYS WA 86 19.55 67.21 21.83
C LYS WA 86 20.47 66.23 21.13
N LEU WA 87 20.68 66.41 19.84
CA LEU WA 87 21.59 65.61 19.01
C LEU WA 87 22.68 66.49 18.39
N THR WA 88 23.22 67.41 19.16
CA THR WA 88 24.36 68.22 18.74
C THR WA 88 25.59 67.80 19.54
N ALA WA 89 26.69 67.57 18.84
CA ALA WA 89 27.91 67.05 19.45
C ALA WA 89 28.98 68.11 19.68
N GLU WA 90 28.65 69.40 19.50
CA GLU WA 90 29.64 70.45 19.65
C GLU WA 90 30.10 70.54 21.10
N GLY WA 91 31.41 70.44 21.31
CA GLY WA 91 32.00 70.60 22.62
C GLY WA 91 32.14 69.32 23.43
N LEU WA 92 31.64 68.18 22.95
CA LEU WA 92 31.67 66.94 23.69
C LEU WA 92 32.93 66.14 23.37
N ARG WA 93 33.33 65.30 24.32
CA ARG WA 93 34.53 64.48 24.22
C ARG WA 93 34.16 63.02 24.46
N PHE WA 94 34.62 62.13 23.58
CA PHE WA 94 34.18 60.74 23.55
C PHE WA 94 35.38 59.80 23.58
N GLY WA 95 35.18 58.64 24.20
CA GLY WA 95 36.14 57.55 24.16
C GLY WA 95 35.53 56.31 23.52
N ILE WA 96 36.35 55.55 22.81
CA ILE WA 96 35.91 54.36 22.09
C ILE WA 96 36.84 53.20 22.47
N VAL WA 97 36.26 52.04 22.77
CA VAL WA 97 36.99 50.82 23.02
C VAL WA 97 36.54 49.78 22.00
N ALA WA 98 37.49 49.23 21.25
CA ALA WA 98 37.20 48.30 20.16
C ALA WA 98 38.10 47.07 20.27
N SER WA 99 37.56 45.92 19.91
CA SER WA 99 38.31 44.67 19.95
C SER WA 99 38.88 44.35 18.56
N ARG WA 100 39.88 43.47 18.55
CA ARG WA 100 40.58 43.11 17.33
C ARG WA 100 40.09 41.83 16.68
N PHE WA 101 39.31 41.01 17.38
CA PHE WA 101 38.83 39.76 16.79
C PHE WA 101 37.70 40.06 15.82
N ASN WA 102 37.69 39.33 14.70
CA ASN WA 102 36.79 39.63 13.58
C ASN WA 102 36.98 41.05 13.09
N HIS WA 103 38.24 41.44 12.87
CA HIS WA 103 38.54 42.83 12.53
C HIS WA 103 37.97 43.23 11.18
N ALA WA 104 37.69 42.27 10.30
CA ALA WA 104 37.10 42.62 9.02
C ALA WA 104 35.75 43.30 9.19
N LEU WA 105 35.03 42.99 10.28
CA LEU WA 105 33.74 43.60 10.58
C LEU WA 105 33.87 44.75 11.56
N VAL WA 106 34.77 44.63 12.54
CA VAL WA 106 34.88 45.64 13.59
C VAL WA 106 35.29 46.98 13.01
N ASP WA 107 36.23 46.98 12.06
CA ASP WA 107 36.68 48.24 11.47
C ASP WA 107 35.57 48.97 10.73
N ARG WA 108 34.55 48.26 10.25
CA ARG WA 108 33.39 48.94 9.68
C ARG WA 108 32.59 49.65 10.75
N LEU WA 109 32.49 49.07 11.94
CA LEU WA 109 31.72 49.69 13.01
C LEU WA 109 32.44 50.93 13.56
N VAL WA 110 33.76 50.89 13.64
CA VAL WA 110 34.50 52.04 14.14
C VAL WA 110 34.39 53.21 13.18
N GLU WA 111 34.40 52.93 11.88
CA GLU WA 111 34.22 54.00 10.89
C GLU WA 111 32.88 54.69 11.06
N GLY WA 112 31.82 53.91 11.29
CA GLY WA 112 30.50 54.49 11.46
C GLY WA 112 30.42 55.40 12.67
N ALA WA 113 31.02 54.97 13.79
CA ALA WA 113 30.98 55.77 15.01
C ALA WA 113 31.67 57.11 14.82
N ILE WA 114 32.82 57.11 14.15
CA ILE WA 114 33.54 58.37 13.93
C ILE WA 114 32.77 59.27 12.96
N ASP WA 115 32.16 58.67 11.94
CA ASP WA 115 31.40 59.46 10.97
C ASP WA 115 30.22 60.16 11.64
N CYS WA 116 29.53 59.46 12.55
CA CYS WA 116 28.38 60.06 13.22
C CYS WA 116 28.79 61.28 14.05
N ILE WA 117 29.89 61.16 14.79
CA ILE WA 117 30.30 62.23 15.68
C ILE WA 117 30.70 63.47 14.89
N VAL WA 118 31.42 63.29 13.79
CA VAL WA 118 31.95 64.43 13.04
C VAL WA 118 30.84 65.20 12.35
N ARG WA 119 29.88 64.51 11.74
CA ARG WA 119 28.84 65.18 10.97
C ARG WA 119 27.75 65.78 11.85
N HIS WA 120 27.71 65.43 13.13
CA HIS WA 120 26.84 66.09 14.09
C HIS WA 120 27.50 67.28 14.79
N GLY WA 121 28.73 67.62 14.42
CA GLY WA 121 29.40 68.80 14.94
C GLY WA 121 30.58 68.57 15.84
N GLY WA 122 31.06 67.33 15.97
CA GLY WA 122 32.20 67.05 16.81
C GLY WA 122 33.52 67.16 16.07
N ARG WA 123 34.61 67.08 16.83
CA ARG WA 123 35.96 67.12 16.30
C ARG WA 123 36.65 65.79 16.50
N GLU WA 124 37.47 65.39 15.52
CA GLU WA 124 38.28 64.18 15.67
C GLU WA 124 39.30 64.34 16.79
N GLU WA 125 39.73 65.56 17.07
CA GLU WA 125 40.69 65.80 18.15
C GLU WA 125 40.13 65.43 19.52
N ASP WA 126 38.81 65.34 19.65
CA ASP WA 126 38.17 65.06 20.93
C ASP WA 126 37.80 63.58 21.09
N ILE WA 127 38.32 62.71 20.23
CA ILE WA 127 38.03 61.28 20.26
C ILE WA 127 39.27 60.53 20.69
N THR WA 128 39.15 59.67 21.68
CA THR WA 128 40.22 58.79 22.14
C THR WA 128 39.83 57.35 21.84
N LEU WA 129 40.72 56.63 21.14
CA LEU WA 129 40.45 55.28 20.68
C LEU WA 129 41.43 54.32 21.34
N VAL WA 130 40.91 53.28 21.98
CA VAL WA 130 41.70 52.25 22.63
C VAL WA 130 41.33 50.90 22.03
N ARG WA 131 42.33 50.09 21.69
CA ARG WA 131 42.14 48.79 21.07
C ARG WA 131 42.59 47.69 22.02
N VAL WA 132 41.80 46.62 22.11
CA VAL WA 132 42.08 45.50 22.99
C VAL WA 132 42.05 44.20 22.18
N PRO WA 133 42.71 43.13 22.64
CA PRO WA 133 42.77 41.91 21.82
C PRO WA 133 41.46 41.18 21.65
N GLY WA 134 40.50 41.34 22.56
CA GLY WA 134 39.26 40.59 22.46
C GLY WA 134 38.14 41.22 23.27
N SER WA 135 36.95 40.68 23.09
CA SER WA 135 35.78 41.21 23.78
C SER WA 135 35.88 41.03 25.30
N TRP WA 136 36.56 39.96 25.74
CA TRP WA 136 36.70 39.72 27.17
C TRP WA 136 37.41 40.87 27.87
N GLU WA 137 38.32 41.56 27.17
CA GLU WA 137 39.10 42.63 27.76
C GLU WA 137 38.44 43.99 27.65
N ILE WA 138 37.26 44.10 27.04
CA ILE WA 138 36.60 45.41 26.90
C ILE WA 138 36.26 46.01 28.26
N PRO WA 139 35.61 45.30 29.18
CA PRO WA 139 35.18 45.97 30.43
C PRO WA 139 36.32 46.58 31.23
N VAL WA 140 37.46 45.90 31.32
CA VAL WA 140 38.56 46.45 32.12
C VAL WA 140 39.16 47.68 31.45
N ALA WA 141 39.26 47.67 30.12
CA ALA WA 141 39.76 48.84 29.42
C ALA WA 141 38.77 50.00 29.49
N ALA WA 142 37.47 49.71 29.40
CA ALA WA 142 36.47 50.76 29.50
C ALA WA 142 36.50 51.42 30.86
N GLY WA 143 36.90 50.68 31.90
CA GLY WA 143 36.98 51.25 33.23
C GLY WA 143 38.06 52.30 33.38
N GLU WA 144 39.13 52.22 32.59
CA GLU WA 144 40.18 53.24 32.66
C GLU WA 144 39.74 54.53 32.00
N LEU WA 145 39.04 54.45 30.87
CA LEU WA 145 38.57 55.66 30.20
C LEU WA 145 37.46 56.34 31.01
N ALA WA 146 36.54 55.56 31.57
CA ALA WA 146 35.40 56.14 32.25
C ALA WA 146 35.81 56.94 33.49
N ARG WA 147 36.99 56.64 34.05
CA ARG WA 147 37.45 57.34 35.24
C ARG WA 147 38.16 58.65 34.92
N LYS WA 148 38.43 58.95 33.65
CA LYS WA 148 39.02 60.23 33.30
C LYS WA 148 37.99 61.35 33.40
N GLU WA 149 38.44 62.50 33.88
CA GLU WA 149 37.51 63.60 34.14
C GLU WA 149 37.04 64.28 32.86
N ASP WA 150 37.83 64.21 31.78
CA ASP WA 150 37.53 64.92 30.55
C ASP WA 150 36.89 64.01 29.49
N ILE WA 151 36.23 62.94 29.91
CA ILE WA 151 35.50 62.05 29.02
C ILE WA 151 34.03 62.13 29.40
N ASP WA 152 33.16 62.37 28.41
CA ASP WA 152 31.74 62.50 28.65
C ASP WA 152 30.98 61.20 28.48
N ALA WA 153 31.39 60.33 27.55
CA ALA WA 153 30.72 59.07 27.34
C ALA WA 153 31.69 58.10 26.68
N VAL WA 154 31.40 56.81 26.80
CA VAL WA 154 32.24 55.74 26.27
C VAL WA 154 31.39 54.86 25.35
N ILE WA 155 31.99 54.42 24.25
CA ILE WA 155 31.33 53.57 23.26
C ILE WA 155 32.11 52.26 23.16
N ALA WA 156 31.42 51.15 23.32
CA ALA WA 156 32.01 49.82 23.28
C ALA WA 156 31.59 49.11 22.00
N ILE WA 157 32.56 48.55 21.28
CA ILE WA 157 32.34 47.94 19.97
C ILE WA 157 32.99 46.57 19.94
N GLY WA 158 32.27 45.59 19.40
CA GLY WA 158 32.81 44.24 19.26
C GLY WA 158 31.85 43.38 18.46
N VAL WA 159 32.34 42.21 18.06
CA VAL WA 159 31.58 41.26 17.27
C VAL WA 159 31.78 39.86 17.86
N LEU WA 160 30.68 39.18 18.16
CA LEU WA 160 30.69 37.79 18.61
C LEU WA 160 29.77 36.97 17.73
N ILE WA 161 30.27 35.81 17.27
CA ILE WA 161 29.51 34.93 16.39
C ILE WA 161 29.50 33.54 17.01
N ARG WA 162 28.32 32.95 17.12
CA ARG WA 162 28.17 31.64 17.74
C ARG WA 162 28.78 30.56 16.86
N THR XA 3 24.90 16.11 32.46
CA THR XA 3 24.28 16.53 33.71
C THR XA 3 24.41 18.05 33.87
N PRO XA 4 23.50 18.67 34.63
CA PRO XA 4 23.58 20.12 34.83
C PRO XA 4 24.75 20.57 35.68
N HIS XA 5 25.54 19.65 36.22
CA HIS XA 5 26.71 20.03 37.01
C HIS XA 5 27.66 20.91 36.19
N PHE XA 6 27.74 20.66 34.89
CA PHE XA 6 28.64 21.43 34.03
C PHE XA 6 28.28 22.91 34.02
N ASP XA 7 26.99 23.23 33.96
CA ASP XA 7 26.58 24.62 33.77
C ASP XA 7 26.95 25.49 34.97
N TYR XA 8 26.68 25.00 36.18
CA TYR XA 8 26.85 25.84 37.36
C TYR XA 8 28.33 26.14 37.63
N ILE XA 9 29.20 25.16 37.41
CA ILE XA 9 30.64 25.40 37.61
C ILE XA 9 31.15 26.40 36.58
N ALA XA 10 30.73 26.24 35.31
CA ALA XA 10 31.21 27.13 34.27
C ALA XA 10 30.75 28.57 34.52
N SER XA 11 29.51 28.75 34.97
CA SER XA 11 28.99 30.09 35.20
C SER XA 11 29.76 30.80 36.31
N GLU XA 12 30.09 30.08 37.39
CA GLU XA 12 30.72 30.72 38.53
C GLU XA 12 32.19 31.03 38.27
N VAL XA 13 32.89 30.17 37.52
CA VAL XA 13 34.30 30.43 37.24
C VAL XA 13 34.45 31.66 36.36
N SER XA 14 33.63 31.76 35.30
CA SER XA 14 33.71 32.91 34.42
C SER XA 14 33.31 34.20 35.14
N LYS XA 15 32.24 34.13 35.94
CA LYS XA 15 31.80 35.32 36.67
C LYS XA 15 32.83 35.76 37.69
N GLY XA 16 33.45 34.82 38.40
CA GLY XA 16 34.42 35.18 39.41
C GLY XA 16 35.62 35.91 38.84
N LEU XA 17 36.17 35.41 37.74
CA LEU XA 17 37.35 36.04 37.15
C LEU XA 17 37.03 37.43 36.62
N ALA XA 18 35.84 37.61 36.03
CA ALA XA 18 35.48 38.89 35.46
C ALA XA 18 35.38 39.97 36.54
N ASN XA 19 34.67 39.68 37.64
CA ASN XA 19 34.54 40.64 38.72
C ASN XA 19 35.89 40.95 39.34
N LEU XA 20 36.75 39.94 39.48
CA LEU XA 20 38.05 40.13 40.10
C LEU XA 20 38.90 41.12 39.29
N SER XA 21 38.84 41.04 37.96
CA SER XA 21 39.65 41.93 37.13
C SER XA 21 39.21 43.38 37.30
N LEU XA 22 37.90 43.62 37.43
CA LEU XA 22 37.41 44.98 37.58
C LEU XA 22 37.73 45.53 38.96
N GLU XA 23 37.64 44.69 40.00
CA GLU XA 23 37.89 45.16 41.36
C GLU XA 23 39.35 45.55 41.54
N LEU XA 24 40.28 44.72 41.09
CA LEU XA 24 41.70 45.00 41.23
C LEU XA 24 42.27 45.82 40.08
N ARG XA 25 41.50 46.02 39.01
CA ARG XA 25 41.94 46.83 37.87
C ARG XA 25 43.25 46.30 37.29
N LYS XA 26 43.31 44.98 37.10
CA LYS XA 26 44.47 44.32 36.53
C LYS XA 26 43.99 43.32 35.47
N PRO XA 27 44.76 43.10 34.40
CA PRO XA 27 44.30 42.16 33.36
C PRO XA 27 44.32 40.72 33.85
N ILE XA 28 43.24 39.99 33.54
CA ILE XA 28 43.14 38.56 33.75
C ILE XA 28 42.54 37.95 32.49
N THR XA 29 43.20 36.93 31.95
CA THR XA 29 42.82 36.33 30.67
C THR XA 29 42.12 34.98 30.89
N PHE XA 30 41.14 34.70 30.05
CA PHE XA 30 40.28 33.52 30.19
C PHE XA 30 40.79 32.43 29.26
N GLY XA 31 41.52 31.47 29.83
CA GLY XA 31 42.07 30.37 29.07
C GLY XA 31 41.44 29.03 29.40
N VAL XA 32 40.13 29.01 29.64
CA VAL XA 32 39.42 27.80 30.06
C VAL XA 32 38.62 27.27 28.88
N ILE XA 33 38.82 25.99 28.57
CA ILE XA 33 38.06 25.32 27.51
C ILE XA 33 36.73 24.85 28.07
N THR XA 34 35.66 25.09 27.32
CA THR XA 34 34.31 24.62 27.68
C THR XA 34 33.75 23.89 26.46
N ALA XA 35 33.86 22.57 26.45
CA ALA XA 35 33.53 21.74 25.31
C ALA XA 35 32.35 20.83 25.64
N ASP XA 36 31.63 20.43 24.59
CA ASP XA 36 30.51 19.50 24.73
C ASP XA 36 30.93 18.05 24.62
N THR XA 37 32.06 17.76 23.97
CA THR XA 37 32.52 16.39 23.75
C THR XA 37 34.04 16.34 23.93
N LEU XA 38 34.54 15.12 24.17
CA LEU XA 38 35.98 14.94 24.33
C LEU XA 38 36.72 15.29 23.05
N GLU XA 39 36.14 14.99 21.89
CA GLU XA 39 36.80 15.30 20.63
C GLU XA 39 36.98 16.80 20.47
N GLN XA 40 35.98 17.59 20.83
CA GLN XA 40 36.10 19.05 20.73
C GLN XA 40 37.22 19.58 21.61
N ALA XA 41 37.47 18.92 22.76
CA ALA XA 41 38.51 19.39 23.66
C ALA XA 41 39.90 19.11 23.11
N ILE XA 42 40.10 17.92 22.55
CA ILE XA 42 41.40 17.59 21.96
C ILE XA 42 41.72 18.51 20.80
N GLU XA 43 40.68 18.97 20.10
CA GLU XA 43 40.89 19.85 18.95
C GLU XA 43 41.59 21.14 19.36
N ARG XA 44 41.27 21.67 20.53
CA ARG XA 44 41.75 22.97 20.97
C ARG XA 44 42.92 22.88 21.94
N ALA XA 45 43.46 21.69 22.19
CA ALA XA 45 44.55 21.48 23.15
C ALA XA 45 45.88 21.19 22.47
N GLY XA 46 46.17 21.86 21.36
CA GLY XA 46 47.39 21.64 20.62
C GLY XA 46 47.22 20.89 19.32
N THR XA 47 46.01 20.90 18.75
CA THR XA 47 45.71 20.19 17.52
C THR XA 47 45.00 21.11 16.55
N LYS XA 48 44.34 20.54 15.52
CA LYS XA 48 43.94 21.25 14.30
C LYS XA 48 43.29 22.62 14.55
N HIS XA 49 42.73 22.87 15.75
CA HIS XA 49 42.16 24.18 16.06
C HIS XA 49 43.05 24.99 16.99
N GLY XA 50 44.33 24.66 17.09
CA GLY XA 50 45.28 25.47 17.83
C GLY XA 50 45.35 25.12 19.30
N ASN XA 51 46.00 26.01 20.05
CA ASN XA 51 46.22 25.84 21.48
C ASN XA 51 45.67 27.05 22.20
N LYS XA 52 44.71 26.83 23.10
CA LYS XA 52 44.11 27.94 23.82
C LYS XA 52 45.06 28.53 24.86
N GLY XA 53 46.00 27.72 25.36
CA GLY XA 53 46.98 28.25 26.29
C GLY XA 53 47.91 29.27 25.63
N TRP XA 54 48.30 29.02 24.38
CA TRP XA 54 49.10 29.98 23.65
C TRP XA 54 48.34 31.29 23.45
N GLU XA 55 47.07 31.20 23.08
CA GLU XA 55 46.29 32.40 22.78
C GLU XA 55 46.10 33.24 24.03
N ALA XA 56 45.85 32.62 25.18
CA ALA XA 56 45.65 33.37 26.41
C ALA XA 56 46.91 34.12 26.82
N ALA XA 57 48.08 33.52 26.63
CA ALA XA 57 49.33 34.19 26.96
C ALA XA 57 49.56 35.39 26.05
N LEU XA 58 49.22 35.27 24.77
CA LEU XA 58 49.42 36.38 23.85
C LEU XA 58 48.55 37.57 24.22
N SER XA 59 47.32 37.30 24.67
CA SER XA 59 46.45 38.39 25.11
C SER XA 59 47.01 39.09 26.34
N ALA XA 60 47.59 38.32 27.27
CA ALA XA 60 48.13 38.92 28.48
C ALA XA 60 49.29 39.86 28.16
N ILE XA 61 50.16 39.47 27.23
CA ILE XA 61 51.31 40.31 26.88
C ILE XA 61 50.83 41.65 26.32
N GLU XA 62 49.84 41.62 25.42
CA GLU XA 62 49.35 42.85 24.82
C GLU XA 62 48.71 43.75 25.87
N MET XA 63 47.90 43.18 26.76
CA MET XA 63 47.21 43.99 27.76
C MET XA 63 48.21 44.64 28.72
N ALA XA 64 49.27 43.92 29.08
CA ALA XA 64 50.27 44.48 29.98
C ALA XA 64 50.94 45.70 29.35
N ASN XA 65 51.28 45.62 28.07
CA ASN XA 65 51.90 46.75 27.39
C ASN XA 65 50.91 47.91 27.23
N LEU XA 66 49.63 47.61 26.98
CA LEU XA 66 48.64 48.65 26.82
C LEU XA 66 48.48 49.46 28.11
N PHE XA 67 48.40 48.76 29.25
CA PHE XA 67 48.21 49.47 30.52
C PHE XA 67 49.43 50.30 30.87
N LYS XA 68 50.63 49.84 30.49
CA LYS XA 68 51.86 50.64 30.69
C LYS XA 68 51.71 51.93 29.87
N SER XA 69 51.08 51.87 28.68
CA SER XA 69 50.97 53.04 27.83
C SER XA 69 49.92 54.02 28.33
N LEU XA 70 48.77 53.52 28.81
CA LEU XA 70 47.72 54.40 29.29
C LEU XA 70 48.18 55.22 30.48
N ARG XA 71 48.92 54.61 31.40
CA ARG XA 71 49.35 55.28 32.62
C ARG XA 71 50.61 56.12 32.42
N GLY XA 72 51.17 56.14 31.22
CA GLY XA 72 52.30 56.98 30.90
C GLY XA 72 51.87 58.35 30.40
N THR XA 73 52.79 59.01 29.68
CA THR XA 73 52.51 60.34 29.18
C THR XA 73 51.46 60.31 28.05
N GLY XA 74 51.48 59.28 27.22
CA GLY XA 74 50.57 59.19 26.10
C GLY XA 74 51.07 59.93 24.87
N GLY XA 75 51.42 61.20 25.04
CA GLY XA 75 51.97 61.96 23.93
C GLY XA 75 50.93 62.31 22.87
N SER XA 76 51.44 62.62 21.68
CA SER XA 76 50.61 63.00 20.54
C SER XA 76 49.85 64.30 20.81
N GLY XA 77 49.29 64.89 19.75
CA GLY XA 77 48.55 66.13 19.91
C GLY XA 77 48.03 66.59 18.57
N SER XA 78 47.00 67.43 18.63
CA SER XA 78 46.35 67.99 17.45
C SER XA 78 45.78 66.91 16.54
N SER XA 79 45.54 65.72 17.07
CA SER XA 79 45.03 64.62 16.27
C SER XA 79 44.43 63.58 17.21
N MET XA 80 43.74 62.60 16.62
CA MET XA 80 43.10 61.56 17.40
C MET XA 80 44.14 60.72 18.12
N GLU XA 81 43.98 60.56 19.43
CA GLU XA 81 44.88 59.73 20.22
C GLU XA 81 44.48 58.27 20.08
N ILE XA 82 45.48 57.41 19.80
CA ILE XA 82 45.27 55.98 19.66
C ILE XA 82 46.22 55.26 20.60
N TYR XA 83 45.67 54.35 21.39
CA TYR XA 83 46.43 53.54 22.35
C TYR XA 83 46.40 52.08 21.92
N GLU XA 84 47.57 51.45 21.88
CA GLU XA 84 47.67 50.04 21.51
C GLU XA 84 48.89 49.44 22.18
N GLY XA 85 48.91 48.11 22.26
CA GLY XA 85 49.96 47.39 22.94
C GLY XA 85 50.82 46.59 21.98
N LYS XA 86 52.13 46.60 22.25
CA LYS XA 86 53.10 45.85 21.43
C LYS XA 86 53.00 44.38 21.84
N LEU XA 87 53.76 43.51 21.20
CA LEU XA 87 53.87 42.09 21.52
C LEU XA 87 55.29 41.70 21.91
N THR XA 88 55.94 42.53 22.70
CA THR XA 88 57.25 42.23 23.27
C THR XA 88 57.10 41.98 24.77
N ALA XA 89 57.68 40.88 25.24
CA ALA XA 89 57.53 40.45 26.63
C ALA XA 89 58.74 40.77 27.50
N GLU XA 90 59.70 41.54 26.99
CA GLU XA 90 60.91 41.83 27.75
C GLU XA 90 60.57 42.67 28.99
N GLY XA 91 60.97 42.17 30.16
CA GLY XA 91 60.79 42.90 31.40
C GLY XA 91 59.49 42.64 32.13
N LEU XA 92 58.57 41.86 31.56
CA LEU XA 92 57.27 41.62 32.17
C LEU XA 92 57.30 40.37 33.06
N ARG XA 93 56.40 40.35 34.03
CA ARG XA 93 56.30 39.27 35.01
C ARG XA 93 54.86 38.74 35.01
N PHE XA 94 54.72 37.42 34.94
CA PHE XA 94 53.43 36.77 34.72
C PHE XA 94 53.17 35.72 35.79
N GLY XA 95 51.89 35.54 36.13
CA GLY XA 95 51.44 34.45 36.98
C GLY XA 95 50.45 33.56 36.23
N ILE XA 96 50.50 32.26 36.54
CA ILE XA 96 49.65 31.27 35.89
C ILE XA 96 48.97 30.44 36.97
N VAL XA 97 47.66 30.21 36.82
CA VAL XA 97 46.88 29.35 37.68
C VAL XA 97 46.29 28.25 36.81
N ALA XA 98 46.57 26.99 37.16
CA ALA XA 98 46.15 25.83 36.38
C ALA XA 98 45.51 24.79 37.29
N SER XA 99 44.49 24.10 36.77
CA SER XA 99 43.80 23.07 37.51
C SER XA 99 44.37 21.69 37.16
N ARG XA 100 44.09 20.71 38.04
CA ARG XA 100 44.62 19.36 37.90
C ARG XA 100 43.64 18.39 37.25
N PHE XA 101 42.37 18.73 37.14
CA PHE XA 101 41.41 17.82 36.54
C PHE XA 101 41.57 17.82 35.03
N ASN XA 102 41.45 16.64 34.42
CA ASN XA 102 41.77 16.45 33.01
C ASN XA 102 43.20 16.87 32.71
N HIS XA 103 44.14 16.39 33.53
CA HIS XA 103 45.52 16.85 33.42
C HIS XA 103 46.17 16.42 32.11
N ALA XA 104 45.65 15.38 31.46
CA ALA XA 104 46.21 14.96 30.19
C ALA XA 104 46.11 16.09 29.15
N LEU XA 105 45.10 16.95 29.27
CA LEU XA 105 44.92 18.08 28.36
C LEU XA 105 45.48 19.37 28.93
N VAL XA 106 45.36 19.57 30.25
CA VAL XA 106 45.77 20.83 30.87
C VAL XA 106 47.28 21.04 30.70
N ASP XA 107 48.07 19.98 30.87
CA ASP XA 107 49.51 20.12 30.74
C ASP XA 107 49.94 20.53 29.34
N ARG XA 108 49.13 20.25 28.31
CA ARG XA 108 49.43 20.76 26.99
C ARG XA 108 49.21 22.26 26.92
N LEU XA 109 48.19 22.77 27.61
CA LEU XA 109 47.92 24.21 27.59
C LEU XA 109 48.99 24.99 28.35
N VAL XA 110 49.49 24.43 29.46
CA VAL XA 110 50.52 25.13 30.22
C VAL XA 110 51.82 25.21 29.43
N GLU XA 111 52.13 24.16 28.67
CA GLU XA 111 53.33 24.19 27.84
C GLU XA 111 53.24 25.30 26.80
N GLY XA 112 52.07 25.46 26.18
CA GLY XA 112 51.91 26.50 25.18
C GLY XA 112 52.09 27.90 25.76
N ALA XA 113 51.53 28.14 26.95
CA ALA XA 113 51.64 29.46 27.56
C ALA XA 113 53.10 29.82 27.86
N ILE XA 114 53.87 28.86 28.36
CA ILE XA 114 55.28 29.13 28.66
C ILE XA 114 56.07 29.33 27.38
N ASP XA 115 55.76 28.55 26.34
CA ASP XA 115 56.46 28.70 25.08
C ASP XA 115 56.25 30.09 24.47
N CYS XA 116 55.02 30.60 24.54
CA CYS XA 116 54.72 31.90 23.98
C CYS XA 116 55.53 33.00 24.67
N ILE XA 117 55.59 32.96 26.00
CA ILE XA 117 56.26 34.01 26.75
C ILE XA 117 57.76 34.03 26.45
N VAL XA 118 58.38 32.85 26.38
CA VAL XA 118 59.83 32.78 26.23
C VAL XA 118 60.26 33.26 24.86
N ARG XA 119 59.55 32.85 23.81
CA ARG XA 119 59.98 33.19 22.45
C ARG XA 119 59.63 34.61 22.06
N HIS XA 120 58.79 35.30 22.83
CA HIS XA 120 58.55 36.72 22.65
C HIS XA 120 59.49 37.60 23.47
N GLY XA 121 60.44 37.01 24.19
CA GLY XA 121 61.45 37.77 24.90
C GLY XA 121 61.40 37.72 26.41
N GLY XA 122 60.55 36.88 26.99
CA GLY XA 122 60.46 36.78 28.43
C GLY XA 122 61.43 35.76 29.01
N ARG XA 123 61.49 35.75 30.34
CA ARG XA 123 62.34 34.81 31.08
C ARG XA 123 61.47 33.86 31.90
N GLU XA 124 61.92 32.60 31.99
CA GLU XA 124 61.23 31.64 32.84
C GLU XA 124 61.32 32.03 34.31
N GLU XA 125 62.37 32.77 34.70
CA GLU XA 125 62.52 33.22 36.08
C GLU XA 125 61.41 34.18 36.50
N ASP XA 126 60.72 34.80 35.55
CA ASP XA 126 59.68 35.77 35.84
C ASP XA 126 58.28 35.17 35.81
N ILE XA 127 58.15 33.85 35.78
CA ILE XA 127 56.87 33.17 35.73
C ILE XA 127 56.63 32.46 37.05
N THR XA 128 55.45 32.69 37.63
CA THR XA 128 55.02 32.02 38.86
C THR XA 128 53.83 31.13 38.52
N LEU XA 129 53.93 29.85 38.87
CA LEU XA 129 52.91 28.86 38.52
C LEU XA 129 52.29 28.30 39.81
N VAL XA 130 50.96 28.35 39.88
CA VAL XA 130 50.20 27.85 41.02
C VAL XA 130 49.21 26.81 40.50
N ARG XA 131 49.14 25.66 41.18
CA ARG XA 131 48.27 24.57 40.78
C ARG XA 131 47.18 24.37 41.83
N VAL XA 132 45.95 24.14 41.37
CA VAL XA 132 44.80 23.96 42.24
C VAL XA 132 44.08 22.67 41.86
N PRO XA 133 43.32 22.05 42.77
CA PRO XA 133 42.72 20.75 42.47
C PRO XA 133 41.63 20.79 41.39
N GLY XA 134 40.97 21.92 41.16
CA GLY XA 134 39.88 21.96 40.20
C GLY XA 134 39.58 23.36 39.75
N SER XA 135 38.70 23.46 38.75
CA SER XA 135 38.34 24.75 38.19
C SER XA 135 37.61 25.63 39.20
N TRP XA 136 36.86 25.01 40.12
CA TRP XA 136 36.12 25.78 41.12
C TRP XA 136 37.06 26.61 41.99
N GLU XA 137 38.29 26.14 42.21
CA GLU XA 137 39.24 26.82 43.07
C GLU XA 137 40.09 27.84 42.34
N ILE XA 138 39.93 28.01 41.02
CA ILE XA 138 40.75 28.97 40.28
C ILE XA 138 40.53 30.40 40.76
N PRO XA 139 39.30 30.90 40.88
CA PRO XA 139 39.13 32.33 41.21
C PRO XA 139 39.76 32.73 42.54
N VAL XA 140 39.67 31.90 43.58
CA VAL XA 140 40.24 32.28 44.86
C VAL XA 140 41.76 32.27 44.81
N ALA XA 141 42.35 31.32 44.08
CA ALA XA 141 43.80 31.31 43.93
C ALA XA 141 44.28 32.48 43.07
N ALA XA 142 43.53 32.81 42.02
CA ALA XA 142 43.91 33.94 41.17
C ALA XA 142 43.88 35.24 41.96
N GLY XA 143 43.01 35.34 42.97
CA GLY XA 143 42.95 36.54 43.79
C GLY XA 143 44.20 36.79 44.61
N GLU XA 144 44.92 35.74 44.99
CA GLU XA 144 46.15 35.91 45.75
C GLU XA 144 47.28 36.43 44.87
N LEU XA 145 47.39 35.91 43.65
CA LEU XA 145 48.44 36.38 42.74
C LEU XA 145 48.18 37.81 42.28
N ALA XA 146 46.93 38.13 41.96
CA ALA XA 146 46.62 39.45 41.41
C ALA XA 146 46.92 40.57 42.41
N ARG XA 147 46.94 40.26 43.70
CA ARG XA 147 47.20 41.28 44.71
C ARG XA 147 48.69 41.51 44.94
N LYS XA 148 49.57 40.71 44.36
CA LYS XA 148 51.00 40.96 44.48
C LYS XA 148 51.41 42.14 43.61
N GLU XA 149 52.33 42.96 44.13
CA GLU XA 149 52.71 44.19 43.44
C GLU XA 149 53.58 43.91 42.22
N ASP XA 150 54.32 42.80 42.21
CA ASP XA 150 55.27 42.51 41.15
C ASP XA 150 54.72 41.54 40.11
N ILE XA 151 53.40 41.48 39.95
CA ILE XA 151 52.75 40.68 38.93
C ILE XA 151 52.03 41.63 37.98
N ASP XA 152 52.27 41.48 36.68
CA ASP XA 152 51.66 42.35 35.68
C ASP XA 152 50.36 41.80 35.11
N ALA XA 153 50.24 40.48 34.98
CA ALA XA 153 49.02 39.88 34.45
C ALA XA 153 48.95 38.44 34.92
N VAL XA 154 47.72 37.89 34.89
CA VAL XA 154 47.45 36.53 35.35
C VAL XA 154 46.77 35.77 34.22
N ILE XA 155 47.13 34.50 34.08
CA ILE XA 155 46.58 33.62 33.06
C ILE XA 155 45.91 32.44 33.75
N ALA XA 156 44.64 32.20 33.42
CA ALA XA 156 43.85 31.12 34.00
C ALA XA 156 43.64 30.02 32.97
N ILE XA 157 43.90 28.78 33.36
CA ILE XA 157 43.86 27.63 32.45
C ILE XA 157 43.06 26.51 33.10
N GLY XA 158 42.19 25.89 32.32
CA GLY XA 158 41.40 24.77 32.80
C GLY XA 158 40.64 24.14 31.65
N VAL XA 159 40.07 22.97 31.92
CA VAL XA 159 39.32 22.21 30.93
C VAL XA 159 38.04 21.70 31.59
N LEU XA 160 36.89 21.97 30.98
CA LEU XA 160 35.60 21.47 31.41
C LEU XA 160 34.91 20.79 30.24
N ILE XA 161 34.40 19.58 30.47
CA ILE XA 161 33.72 18.79 29.44
C ILE XA 161 32.34 18.40 29.96
N ARG XA 162 31.33 18.65 29.14
CA ARG XA 162 29.95 18.36 29.54
C ARG XA 162 29.72 16.86 29.62
N THR YA 3 2.47 -11.00 42.46
CA THR YA 3 1.66 -12.10 42.96
C THR YA 3 0.61 -11.58 43.94
N PRO YA 4 -0.50 -12.31 44.10
CA PRO YA 4 -1.55 -11.86 45.03
C PRO YA 4 -1.16 -11.92 46.50
N HIS YA 5 0.02 -12.45 46.82
CA HIS YA 5 0.47 -12.49 48.21
C HIS YA 5 0.47 -11.09 48.83
N PHE YA 6 0.79 -10.08 48.02
CA PHE YA 6 0.86 -8.71 48.53
C PHE YA 6 -0.48 -8.24 49.09
N ASP YA 7 -1.57 -8.56 48.38
CA ASP YA 7 -2.87 -7.99 48.74
C ASP YA 7 -3.35 -8.50 50.10
N TYR YA 8 -3.23 -9.81 50.35
CA TYR YA 8 -3.82 -10.37 51.56
C TYR YA 8 -3.07 -9.91 52.81
N ILE YA 9 -1.75 -9.78 52.74
CA ILE YA 9 -0.99 -9.29 53.89
C ILE YA 9 -1.35 -7.85 54.18
N ALA YA 10 -1.42 -7.02 53.13
CA ALA YA 10 -1.72 -5.60 53.32
C ALA YA 10 -3.11 -5.41 53.92
N SER YA 11 -4.09 -6.19 53.46
CA SER YA 11 -5.45 -6.04 53.97
C SER YA 11 -5.53 -6.38 55.44
N GLU YA 12 -4.84 -7.43 55.88
CA GLU YA 12 -4.96 -7.88 57.26
C GLU YA 12 -4.21 -6.97 58.22
N VAL YA 13 -3.07 -6.43 57.81
CA VAL YA 13 -2.30 -5.55 58.69
C VAL YA 13 -3.08 -4.25 58.94
N SER YA 14 -3.62 -3.65 57.88
CA SER YA 14 -4.39 -2.43 58.05
C SER YA 14 -5.66 -2.66 58.87
N LYS YA 15 -6.36 -3.76 58.60
CA LYS YA 15 -7.58 -4.05 59.33
C LYS YA 15 -7.29 -4.32 60.80
N GLY YA 16 -6.22 -5.06 61.10
CA GLY YA 16 -5.91 -5.38 62.48
C GLY YA 16 -5.64 -4.15 63.32
N LEU YA 17 -4.83 -3.22 62.80
CA LEU YA 17 -4.48 -2.03 63.56
C LEU YA 17 -5.70 -1.15 63.79
N ALA YA 18 -6.58 -1.04 62.79
CA ALA YA 18 -7.76 -0.19 62.93
C ALA YA 18 -8.68 -0.69 64.02
N ASN YA 19 -9.00 -1.99 64.01
CA ASN YA 19 -9.88 -2.55 65.04
C ASN YA 19 -9.25 -2.41 66.43
N LEU YA 20 -7.93 -2.60 66.52
CA LEU YA 20 -7.26 -2.54 67.80
C LEU YA 20 -7.39 -1.15 68.42
N SER YA 21 -7.28 -0.10 67.60
CA SER YA 21 -7.37 1.25 68.13
C SER YA 21 -8.75 1.55 68.71
N LEU YA 22 -9.80 1.03 68.05
CA LEU YA 22 -11.16 1.27 68.55
C LEU YA 22 -11.44 0.46 69.80
N GLU YA 23 -10.93 -0.77 69.88
CA GLU YA 23 -11.19 -1.61 71.04
C GLU YA 23 -10.54 -1.05 72.29
N LEU YA 24 -9.27 -0.64 72.19
CA LEU YA 24 -8.54 -0.10 73.34
C LEU YA 24 -8.72 1.40 73.50
N ARG YA 25 -9.30 2.08 72.52
CA ARG YA 25 -9.56 3.52 72.59
C ARG YA 25 -8.26 4.29 72.84
N LYS YA 26 -7.22 3.93 72.07
CA LYS YA 26 -5.92 4.59 72.15
C LYS YA 26 -5.43 4.87 70.73
N PRO YA 27 -4.70 5.96 70.52
CA PRO YA 27 -4.24 6.27 69.15
C PRO YA 27 -3.17 5.29 68.67
N ILE YA 28 -3.33 4.84 67.43
CA ILE YA 28 -2.33 4.04 66.73
C ILE YA 28 -2.20 4.61 65.31
N THR YA 29 -0.97 4.90 64.90
CA THR YA 29 -0.69 5.57 63.64
C THR YA 29 -0.17 4.56 62.61
N PHE YA 30 -0.56 4.77 61.34
CA PHE YA 30 -0.24 3.85 60.25
C PHE YA 30 0.96 4.38 59.49
N GLY YA 31 2.13 3.79 59.77
CA GLY YA 31 3.36 4.18 59.13
C GLY YA 31 3.93 3.13 58.20
N VAL YA 32 3.06 2.42 57.48
CA VAL YA 32 3.46 1.31 56.62
C VAL YA 32 3.40 1.76 55.17
N ILE YA 33 4.51 1.58 54.45
CA ILE YA 33 4.57 1.90 53.03
C ILE YA 33 4.01 0.72 52.24
N THR YA 34 3.17 1.04 51.25
CA THR YA 34 2.60 0.04 50.34
C THR YA 34 2.85 0.53 48.91
N ALA YA 35 3.92 0.03 48.29
CA ALA YA 35 4.38 0.52 47.00
C ALA YA 35 4.26 -0.57 45.95
N ASP YA 36 4.15 -0.14 44.68
CA ASP YA 36 4.09 -1.06 43.56
C ASP YA 36 5.47 -1.40 43.01
N THR YA 37 6.47 -0.54 43.22
CA THR YA 37 7.81 -0.73 42.68
C THR YA 37 8.83 -0.32 43.72
N LEU YA 38 10.06 -0.82 43.54
CA LEU YA 38 11.14 -0.48 44.45
C LEU YA 38 11.44 1.02 44.41
N GLU YA 39 11.36 1.62 43.23
CA GLU YA 39 11.63 3.06 43.12
C GLU YA 39 10.64 3.87 43.94
N GLN YA 40 9.36 3.50 43.91
CA GLN YA 40 8.36 4.22 44.69
C GLN YA 40 8.66 4.13 46.18
N ALA YA 41 9.24 3.01 46.64
CA ALA YA 41 9.53 2.85 48.07
C ALA YA 41 10.70 3.73 48.50
N ILE YA 42 11.75 3.80 47.69
CA ILE YA 42 12.90 4.65 48.03
C ILE YA 42 12.47 6.11 48.07
N GLU YA 43 11.49 6.48 47.25
CA GLU YA 43 11.03 7.86 47.21
C GLU YA 43 10.51 8.32 48.57
N ARG YA 44 9.83 7.44 49.29
CA ARG YA 44 9.15 7.78 50.53
C ARG YA 44 9.93 7.40 51.78
N ALA YA 45 11.17 6.92 51.65
CA ALA YA 45 11.98 6.45 52.76
C ALA YA 45 13.13 7.41 53.08
N GLY YA 46 12.88 8.71 53.02
CA GLY YA 46 13.90 9.71 53.28
C GLY YA 46 14.42 10.41 52.04
N THR YA 47 13.65 10.43 50.95
CA THR YA 47 14.06 11.05 49.69
C THR YA 47 12.95 11.95 49.18
N LYS YA 48 13.01 12.32 47.90
CA LYS YA 48 12.28 13.45 47.34
C LYS YA 48 10.81 13.55 47.77
N HIS YA 49 10.18 12.46 48.21
CA HIS YA 49 8.81 12.50 48.70
C HIS YA 49 8.73 12.40 50.23
N GLY YA 50 9.83 12.68 50.93
CA GLY YA 50 9.80 12.76 52.37
C GLY YA 50 10.02 11.42 53.04
N ASN YA 51 9.75 11.41 54.35
CA ASN YA 51 9.94 10.25 55.19
C ASN YA 51 8.61 9.93 55.89
N LYS YA 52 8.10 8.72 55.64
CA LYS YA 52 6.82 8.34 56.24
C LYS YA 52 6.96 8.09 57.74
N GLY YA 53 8.15 7.71 58.20
CA GLY YA 53 8.36 7.53 59.63
C GLY YA 53 8.24 8.83 60.40
N TRP YA 54 8.75 9.92 59.82
CA TRP YA 54 8.62 11.23 60.44
C TRP YA 54 7.15 11.64 60.53
N GLU YA 55 6.40 11.42 59.45
CA GLU YA 55 5.01 11.84 59.42
C GLU YA 55 4.16 11.09 60.43
N ALA YA 56 4.41 9.78 60.58
CA ALA YA 56 3.63 8.99 61.53
C ALA YA 56 3.87 9.45 62.97
N ALA YA 57 5.12 9.79 63.29
CA ALA YA 57 5.42 10.28 64.64
C ALA YA 57 4.72 11.61 64.91
N LEU YA 58 4.68 12.50 63.92
CA LEU YA 58 4.03 13.78 64.12
C LEU YA 58 2.54 13.62 64.38
N SER YA 59 1.90 12.67 63.71
CA SER YA 59 0.48 12.41 63.95
C SER YA 59 0.26 11.89 65.37
N ALA YA 60 1.16 11.03 65.85
CA ALA YA 60 1.01 10.49 67.20
C ALA YA 60 1.09 11.57 68.26
N ILE YA 61 2.00 12.52 68.10
CA ILE YA 61 2.16 13.59 69.08
C ILE YA 61 0.88 14.41 69.17
N GLU YA 62 0.30 14.77 68.02
CA GLU YA 62 -0.91 15.57 68.01
C GLU YA 62 -2.07 14.82 68.67
N MET YA 63 -2.24 13.54 68.33
CA MET YA 63 -3.36 12.78 68.87
C MET YA 63 -3.24 12.63 70.38
N ALA YA 64 -2.02 12.44 70.89
CA ALA YA 64 -1.83 12.31 72.34
C ALA YA 64 -2.25 13.59 73.06
N ASN YA 65 -1.90 14.75 72.51
CA ASN YA 65 -2.30 16.01 73.14
C ASN YA 65 -3.81 16.23 73.03
N LEU YA 66 -4.41 15.82 71.90
CA LEU YA 66 -5.84 15.99 71.73
C LEU YA 66 -6.62 15.19 72.76
N PHE YA 67 -6.23 13.93 72.98
CA PHE YA 67 -6.95 13.09 73.93
C PHE YA 67 -6.78 13.61 75.35
N LYS YA 68 -5.62 14.19 75.67
CA LYS YA 68 -5.41 14.83 76.99
C LYS YA 68 -6.44 15.97 77.11
N SER YA 69 -6.75 16.69 76.02
CA SER YA 69 -7.64 17.84 76.09
C SER YA 69 -9.10 17.41 76.20
N LEU YA 70 -9.50 16.37 75.48
CA LEU YA 70 -10.89 15.93 75.52
C LEU YA 70 -11.28 15.44 76.92
N ARG YA 71 -10.38 14.72 77.58
CA ARG YA 71 -10.67 14.15 78.89
C ARG YA 71 -10.45 15.14 80.03
N GLY YA 72 -10.02 16.35 79.73
CA GLY YA 72 -9.89 17.39 80.73
C GLY YA 72 -11.16 18.20 80.90
N THR YA 73 -11.01 19.41 81.43
CA THR YA 73 -12.16 20.27 81.67
C THR YA 73 -12.76 20.78 80.36
N GLY YA 74 -11.92 21.07 79.36
CA GLY YA 74 -12.40 21.61 78.10
C GLY YA 74 -12.55 23.12 78.13
N GLY YA 75 -13.27 23.63 79.12
CA GLY YA 75 -13.42 25.08 79.26
C GLY YA 75 -14.30 25.69 78.18
N SER YA 76 -14.12 27.00 78.01
CA SER YA 76 -14.89 27.79 77.04
C SER YA 76 -16.38 27.80 77.39
N GLY YA 77 -17.12 28.69 76.76
CA GLY YA 77 -18.55 28.78 77.01
C GLY YA 77 -19.17 29.88 76.17
N SER YA 78 -20.48 29.77 75.99
CA SER YA 78 -21.26 30.73 75.21
C SER YA 78 -20.78 30.83 73.76
N SER YA 79 -20.07 29.81 73.27
CA SER YA 79 -19.55 29.83 71.91
C SER YA 79 -19.21 28.40 71.51
N MET YA 80 -18.91 28.23 70.23
CA MET YA 80 -18.59 26.91 69.70
C MET YA 80 -17.31 26.37 70.32
N GLU YA 81 -17.40 25.16 70.87
CA GLU YA 81 -16.22 24.51 71.46
C GLU YA 81 -15.37 23.89 70.35
N ILE YA 82 -14.07 24.15 70.39
CA ILE YA 82 -13.12 23.62 69.42
C ILE YA 82 -12.02 22.90 70.18
N TYR YA 83 -11.74 21.66 69.79
CA TYR YA 83 -10.69 20.84 70.39
C TYR YA 83 -9.59 20.59 69.36
N GLU YA 84 -8.35 20.82 69.76
CA GLU YA 84 -7.21 20.60 68.88
C GLU YA 84 -5.99 20.27 69.73
N GLY YA 85 -4.99 19.66 69.08
CA GLY YA 85 -3.79 19.20 69.76
C GLY YA 85 -2.57 20.01 69.35
N LYS YA 86 -1.72 20.29 70.35
CA LYS YA 86 -0.47 21.03 70.12
C LYS YA 86 0.53 20.06 69.51
N LEU YA 87 1.72 20.54 69.20
CA LEU YA 87 2.84 19.74 68.69
C LEU YA 87 4.05 19.81 69.61
N THR YA 88 3.81 19.73 70.92
CA THR YA 88 4.87 19.65 71.92
C THR YA 88 4.87 18.25 72.52
N ALA YA 89 6.04 17.63 72.58
CA ALA YA 89 6.18 16.25 73.03
C ALA YA 89 6.71 16.12 74.46
N GLU YA 90 6.79 17.22 75.20
CA GLU YA 90 7.32 17.16 76.55
C GLU YA 90 6.41 16.36 77.46
N GLY YA 91 6.96 15.34 78.11
CA GLY YA 91 6.23 14.53 79.06
C GLY YA 91 5.52 13.33 78.49
N LEU YA 92 5.53 13.13 77.18
CA LEU YA 92 4.81 12.02 76.56
C LEU YA 92 5.71 10.80 76.41
N ARG YA 93 5.07 9.63 76.36
CA ARG YA 93 5.75 8.34 76.27
C ARG YA 93 5.20 7.58 75.07
N PHE YA 94 6.10 7.04 74.24
CA PHE YA 94 5.75 6.47 72.95
C PHE YA 94 6.29 5.05 72.82
N GLY YA 95 5.56 4.21 72.09
CA GLY YA 95 6.03 2.89 71.70
C GLY YA 95 6.09 2.76 70.19
N ILE YA 96 7.07 2.00 69.70
CA ILE YA 96 7.29 1.81 68.27
C ILE YA 96 7.40 0.32 68.00
N VAL YA 97 6.71 -0.14 66.96
CA VAL YA 97 6.79 -1.51 66.47
C VAL YA 97 7.28 -1.47 65.03
N ALA YA 98 8.38 -2.17 64.74
CA ALA YA 98 9.01 -2.14 63.43
C ALA YA 98 9.32 -3.57 62.98
N SER YA 99 9.19 -3.80 61.67
CA SER YA 99 9.46 -5.10 61.09
C SER YA 99 10.89 -5.15 60.55
N ARG YA 100 11.38 -6.39 60.34
CA ARG YA 100 12.75 -6.61 59.88
C ARG YA 100 12.88 -6.84 58.39
N PHE YA 101 11.78 -7.11 57.68
CA PHE YA 101 11.86 -7.35 56.25
C PHE YA 101 12.06 -6.03 55.52
N ASN YA 102 12.90 -6.05 54.48
CA ASN YA 102 13.34 -4.83 53.80
C ASN YA 102 13.99 -3.87 54.78
N HIS YA 103 14.92 -4.38 55.59
CA HIS YA 103 15.49 -3.57 56.66
C HIS YA 103 16.32 -2.41 56.12
N ALA YA 104 16.79 -2.50 54.88
CA ALA YA 104 17.54 -1.38 54.32
C ALA YA 104 16.70 -0.11 54.26
N LEU YA 105 15.38 -0.25 54.14
CA LEU YA 105 14.47 0.89 54.10
C LEU YA 105 13.85 1.15 55.47
N VAL YA 106 13.54 0.10 56.23
CA VAL YA 106 12.83 0.26 57.49
C VAL YA 106 13.67 1.06 58.48
N ASP YA 107 14.98 0.80 58.53
CA ASP YA 107 15.84 1.51 59.46
C ASP YA 107 15.90 3.01 59.17
N ARG YA 108 15.64 3.43 57.93
CA ARG YA 108 15.53 4.85 57.65
C ARG YA 108 14.26 5.44 58.27
N LEU YA 109 13.16 4.67 58.27
CA LEU YA 109 11.92 5.17 58.83
C LEU YA 109 12.00 5.27 60.35
N VAL YA 110 12.67 4.32 61.00
CA VAL YA 110 12.79 4.36 62.45
C VAL YA 110 13.64 5.55 62.89
N GLU YA 111 14.68 5.87 62.12
CA GLU YA 111 15.50 7.04 62.45
C GLU YA 111 14.66 8.31 62.40
N GLY YA 112 13.80 8.44 61.38
CA GLY YA 112 12.98 9.63 61.27
C GLY YA 112 12.02 9.79 62.44
N ALA YA 113 11.40 8.68 62.87
CA ALA YA 113 10.46 8.76 63.98
C ALA YA 113 11.13 9.21 65.26
N ILE YA 114 12.33 8.70 65.54
CA ILE YA 114 13.04 9.10 66.75
C ILE YA 114 13.48 10.55 66.65
N ASP YA 115 13.92 10.99 65.48
CA ASP YA 115 14.36 12.37 65.30
C ASP YA 115 13.21 13.34 65.56
N CYS YA 116 12.02 13.01 65.07
CA CYS YA 116 10.87 13.90 65.25
C CYS YA 116 10.55 14.08 66.74
N ILE YA 117 10.55 12.98 67.49
CA ILE YA 117 10.15 13.05 68.90
C ILE YA 117 11.15 13.88 69.70
N VAL YA 118 12.44 13.69 69.44
CA VAL YA 118 13.47 14.35 70.26
C VAL YA 118 13.48 15.85 70.02
N ARG YA 119 13.38 16.29 68.76
CA ARG YA 119 13.48 17.70 68.46
C ARG YA 119 12.20 18.48 68.76
N HIS YA 120 11.09 17.79 69.02
CA HIS YA 120 9.88 18.43 69.51
C HIS YA 120 9.80 18.46 71.03
N GLY YA 121 10.83 17.99 71.74
CA GLY YA 121 10.89 18.11 73.17
C GLY YA 121 10.80 16.81 73.95
N GLY YA 122 10.83 15.65 73.29
CA GLY YA 122 10.77 14.39 73.98
C GLY YA 122 12.12 13.86 74.40
N ARG YA 123 12.11 12.79 75.17
CA ARG YA 123 13.32 12.11 75.63
C ARG YA 123 13.41 10.72 75.03
N GLU YA 124 14.63 10.31 74.71
CA GLU YA 124 14.85 8.94 74.24
C GLU YA 124 14.53 7.92 75.32
N GLU YA 125 14.65 8.31 76.59
CA GLU YA 125 14.34 7.40 77.69
C GLU YA 125 12.86 7.01 77.72
N ASP YA 126 12.00 7.79 77.06
CA ASP YA 126 10.56 7.54 77.06
C ASP YA 126 10.08 6.79 75.84
N ILE YA 127 10.99 6.21 75.05
CA ILE YA 127 10.65 5.50 73.82
C ILE YA 127 10.95 4.02 74.04
N THR YA 128 9.97 3.17 73.72
CA THR YA 128 10.11 1.73 73.78
C THR YA 128 10.01 1.19 72.35
N LEU YA 129 11.00 0.41 71.93
CA LEU YA 129 11.10 -0.09 70.56
C LEU YA 129 11.03 -1.62 70.59
N VAL YA 130 10.11 -2.17 69.81
CA VAL YA 130 9.91 -3.61 69.67
C VAL YA 130 10.07 -3.98 68.21
N ARG YA 131 10.83 -5.04 67.94
CA ARG YA 131 11.10 -5.49 66.58
C ARG YA 131 10.48 -6.86 66.35
N VAL YA 132 9.84 -7.04 65.19
CA VAL YA 132 9.17 -8.29 64.83
C VAL YA 132 9.69 -8.77 63.49
N PRO YA 133 9.59 -10.06 63.18
CA PRO YA 133 10.18 -10.56 61.92
C PRO YA 133 9.50 -10.08 60.65
N GLY YA 134 8.23 -9.69 60.70
CA GLY YA 134 7.54 -9.30 59.49
C GLY YA 134 6.31 -8.46 59.77
N SER YA 135 5.73 -7.94 58.70
CA SER YA 135 4.55 -7.08 58.84
C SER YA 135 3.35 -7.85 59.39
N TRP YA 136 3.27 -9.14 59.09
CA TRP YA 136 2.14 -9.94 59.58
C TRP YA 136 2.09 -9.97 61.10
N GLU YA 137 3.25 -9.87 61.77
CA GLU YA 137 3.30 -9.94 63.22
C GLU YA 137 3.15 -8.59 63.90
N ILE YA 138 3.00 -7.50 63.14
CA ILE YA 138 2.87 -6.18 63.77
C ILE YA 138 1.62 -6.08 64.64
N PRO YA 139 0.43 -6.46 64.18
CA PRO YA 139 -0.77 -6.23 65.01
C PRO YA 139 -0.74 -6.91 66.37
N VAL YA 140 -0.23 -8.14 66.45
CA VAL YA 140 -0.21 -8.84 67.72
C VAL YA 140 0.80 -8.20 68.67
N ALA YA 141 1.94 -7.76 68.15
CA ALA YA 141 2.93 -7.08 69.00
C ALA YA 141 2.41 -5.71 69.44
N ALA YA 142 1.73 -5.00 68.55
CA ALA YA 142 1.19 -3.69 68.91
C ALA YA 142 0.15 -3.82 70.02
N GLY YA 143 -0.56 -4.96 70.08
CA GLY YA 143 -1.54 -5.17 71.11
C GLY YA 143 -0.95 -5.27 72.51
N GLU YA 144 0.29 -5.74 72.63
CA GLU YA 144 0.92 -5.83 73.94
C GLU YA 144 1.33 -4.45 74.45
N LEU YA 145 1.87 -3.61 73.57
CA LEU YA 145 2.27 -2.26 73.98
C LEU YA 145 1.05 -1.40 74.32
N ALA YA 146 0.00 -1.49 73.51
CA ALA YA 146 -1.16 -0.61 73.69
C ALA YA 146 -1.85 -0.87 75.02
N ARG YA 147 -1.69 -2.06 75.60
CA ARG YA 147 -2.33 -2.39 76.86
C ARG YA 147 -1.55 -1.91 78.08
N LYS YA 148 -0.32 -1.41 77.89
CA LYS YA 148 0.44 -0.86 79.01
C LYS YA 148 -0.12 0.50 79.41
N GLU YA 149 -0.16 0.75 80.72
CA GLU YA 149 -0.79 1.96 81.23
C GLU YA 149 0.07 3.20 80.98
N ASP YA 150 1.38 3.05 80.85
CA ASP YA 150 2.30 4.17 80.73
C ASP YA 150 2.71 4.43 79.29
N ILE YA 151 1.90 4.03 78.32
CA ILE YA 151 2.13 4.30 76.90
C ILE YA 151 0.99 5.20 76.41
N ASP YA 152 1.35 6.30 75.76
CA ASP YA 152 0.35 7.25 75.28
C ASP YA 152 -0.07 7.00 73.84
N ALA YA 153 0.84 6.53 72.99
CA ALA YA 153 0.52 6.26 71.60
C ALA YA 153 1.52 5.25 71.05
N VAL YA 154 1.13 4.58 69.96
CA VAL YA 154 1.93 3.55 69.33
C VAL YA 154 2.12 3.91 67.86
N ILE YA 155 3.32 3.66 67.34
CA ILE YA 155 3.67 3.94 65.95
C ILE YA 155 4.06 2.63 65.29
N ALA YA 156 3.44 2.32 64.16
CA ALA YA 156 3.68 1.09 63.41
C ALA YA 156 4.42 1.42 62.12
N ILE YA 157 5.51 0.69 61.86
CA ILE YA 157 6.39 0.97 60.73
C ILE YA 157 6.65 -0.33 59.97
N GLY YA 158 6.59 -0.27 58.65
CA GLY YA 158 6.88 -1.42 57.82
C GLY YA 158 6.91 -1.02 56.36
N VAL YA 159 7.40 -1.94 55.53
CA VAL YA 159 7.53 -1.72 54.09
C VAL YA 159 7.03 -2.97 53.37
N LEU YA 160 6.09 -2.79 52.44
CA LEU YA 160 5.60 -3.85 51.58
C LEU YA 160 5.72 -3.42 50.13
N ILE YA 161 6.27 -4.29 49.29
CA ILE YA 161 6.48 -4.02 47.87
C ILE YA 161 5.82 -5.14 47.06
N ARG YA 162 5.01 -4.75 46.09
CA ARG YA 162 4.29 -5.72 45.27
C ARG YA 162 5.26 -6.48 44.38
N THR ZA 3 -11.20 -19.00 38.04
CA THR ZA 3 -12.53 -18.79 38.59
C THR ZA 3 -12.45 -17.98 39.88
N PRO ZA 4 -13.53 -17.28 40.24
CA PRO ZA 4 -13.51 -16.49 41.49
C PRO ZA 4 -13.49 -17.31 42.76
N HIS ZA 5 -13.59 -18.64 42.66
CA HIS ZA 5 -13.52 -19.49 43.85
C HIS ZA 5 -12.24 -19.25 44.63
N PHE ZA 6 -11.15 -18.95 43.93
CA PHE ZA 6 -9.86 -18.74 44.59
C PHE ZA 6 -9.92 -17.55 45.55
N ASP ZA 7 -10.56 -16.46 45.15
CA ASP ZA 7 -10.51 -15.24 45.94
C ASP ZA 7 -11.19 -15.40 47.28
N TYR ZA 8 -12.39 -15.99 47.29
CA TYR ZA 8 -13.17 -16.03 48.53
C TYR ZA 8 -12.52 -16.93 49.58
N ILE ZA 9 -11.95 -18.07 49.15
CA ILE ZA 9 -11.28 -18.94 50.11
C ILE ZA 9 -10.05 -18.25 50.69
N ALA ZA 10 -9.27 -17.59 49.84
CA ALA ZA 10 -8.05 -16.93 50.31
C ALA ZA 10 -8.37 -15.81 51.29
N SER ZA 11 -9.44 -15.05 51.02
CA SER ZA 11 -9.78 -13.94 51.90
C SER ZA 11 -10.19 -14.43 53.28
N GLU ZA 12 -10.96 -15.53 53.34
CA GLU ZA 12 -11.47 -15.99 54.62
C GLU ZA 12 -10.40 -16.67 55.46
N VAL ZA 13 -9.48 -17.39 54.82
CA VAL ZA 13 -8.42 -18.06 55.58
C VAL ZA 13 -7.49 -17.04 56.22
N SER ZA 14 -7.08 -16.03 55.45
CA SER ZA 14 -6.19 -15.00 56.01
C SER ZA 14 -6.90 -14.21 57.11
N LYS ZA 15 -8.16 -13.84 56.88
CA LYS ZA 15 -8.90 -13.08 57.88
C LYS ZA 15 -9.11 -13.88 59.16
N GLY ZA 16 -9.42 -15.17 59.03
CA GLY ZA 16 -9.67 -15.98 60.20
C GLY ZA 16 -8.46 -16.10 61.11
N LEU ZA 17 -7.29 -16.35 60.51
CA LEU ZA 17 -6.08 -16.52 61.31
C LEU ZA 17 -5.70 -15.22 62.01
N ALA ZA 18 -5.86 -14.08 61.32
CA ALA ZA 18 -5.48 -12.80 61.90
C ALA ZA 18 -6.32 -12.47 63.13
N ASN ZA 19 -7.65 -12.61 63.01
CA ASN ZA 19 -8.51 -12.32 64.16
C ASN ZA 19 -8.24 -13.28 65.31
N LEU ZA 20 -7.95 -14.54 65.00
CA LEU ZA 20 -7.70 -15.54 66.04
C LEU ZA 20 -6.47 -15.17 66.87
N SER ZA 21 -5.42 -14.66 66.22
CA SER ZA 21 -4.21 -14.32 66.94
C SER ZA 21 -4.44 -13.17 67.91
N LEU ZA 22 -5.27 -12.20 67.51
CA LEU ZA 22 -5.53 -11.06 68.39
C LEU ZA 22 -6.44 -11.46 69.56
N GLU ZA 23 -7.41 -12.33 69.30
CA GLU ZA 23 -8.34 -12.73 70.35
C GLU ZA 23 -7.63 -13.53 71.44
N LEU ZA 24 -6.81 -14.51 71.05
CA LEU ZA 24 -6.10 -15.33 72.01
C LEU ZA 24 -4.76 -14.74 72.44
N ARG ZA 25 -4.29 -13.69 71.76
CA ARG ZA 25 -3.04 -13.03 72.11
C ARG ZA 25 -1.87 -14.02 72.09
N LYS ZA 26 -1.81 -14.82 71.03
CA LYS ZA 26 -0.75 -15.80 70.83
C LYS ZA 26 -0.25 -15.70 69.39
N PRO ZA 27 1.04 -15.94 69.14
CA PRO ZA 27 1.54 -15.83 67.77
C PRO ZA 27 1.02 -16.94 66.86
N ILE ZA 28 0.59 -16.56 65.66
CA ILE ZA 28 0.22 -17.48 64.60
C ILE ZA 28 0.85 -16.97 63.31
N THR ZA 29 1.57 -17.86 62.62
CA THR ZA 29 2.34 -17.49 61.43
C THR ZA 29 1.63 -17.96 60.16
N PHE ZA 30 1.75 -17.15 59.11
CA PHE ZA 30 1.03 -17.38 57.85
C PHE ZA 30 1.98 -18.06 56.87
N GLY ZA 31 1.83 -19.37 56.72
CA GLY ZA 31 2.66 -20.14 55.81
C GLY ZA 31 1.90 -20.69 54.62
N VAL ZA 32 0.96 -19.92 54.09
CA VAL ZA 32 0.10 -20.38 53.00
C VAL ZA 32 0.56 -19.72 51.70
N ILE ZA 33 0.81 -20.54 50.69
CA ILE ZA 33 1.18 -20.06 49.36
C ILE ZA 33 -0.07 -19.67 48.60
N THR ZA 34 -0.04 -18.53 47.93
CA THR ZA 34 -1.13 -18.05 47.08
C THR ZA 34 -0.53 -17.67 45.73
N ALA ZA 35 -0.59 -18.58 44.78
CA ALA ZA 35 0.08 -18.44 43.49
C ALA ZA 35 -0.94 -18.35 42.36
N ASP ZA 36 -0.54 -17.71 41.27
CA ASP ZA 36 -1.38 -17.61 40.07
C ASP ZA 36 -1.18 -18.78 39.11
N THR ZA 37 -0.03 -19.45 39.17
CA THR ZA 37 0.27 -20.55 38.25
C THR ZA 37 0.97 -21.66 39.01
N LEU ZA 38 0.94 -22.86 38.42
CA LEU ZA 38 1.61 -24.01 39.03
C LEU ZA 38 3.10 -23.78 39.13
N GLU ZA 39 3.70 -23.14 38.12
CA GLU ZA 39 5.14 -22.89 38.15
C GLU ZA 39 5.53 -22.00 39.32
N GLN ZA 40 4.73 -20.97 39.60
CA GLN ZA 40 5.02 -20.09 40.72
C GLN ZA 40 4.98 -20.85 42.04
N ALA ZA 41 4.12 -21.87 42.15
CA ALA ZA 41 4.02 -22.61 43.40
C ALA ZA 41 5.23 -23.51 43.61
N ILE ZA 42 5.69 -24.19 42.56
CA ILE ZA 42 6.87 -25.04 42.68
C ILE ZA 42 8.10 -24.22 43.05
N GLU ZA 43 8.12 -22.96 42.60
CA GLU ZA 43 9.27 -22.10 42.90
C GLU ZA 43 9.46 -21.91 44.40
N ARG ZA 44 8.36 -21.81 45.15
CA ARG ZA 44 8.39 -21.48 46.57
C ARG ZA 44 8.26 -22.69 47.47
N ALA ZA 45 8.26 -23.90 46.93
CA ALA ZA 45 8.05 -25.14 47.70
C ALA ZA 45 9.34 -25.95 47.82
N GLY ZA 46 10.47 -25.29 48.00
CA GLY ZA 46 11.75 -25.96 48.11
C GLY ZA 46 12.64 -25.82 46.90
N THR ZA 47 12.43 -24.78 46.09
CA THR ZA 47 13.20 -24.56 44.88
C THR ZA 47 13.68 -23.11 44.82
N LYS ZA 48 14.10 -22.64 43.64
CA LYS ZA 48 14.93 -21.45 43.49
C LYS ZA 48 14.49 -20.25 44.32
N HIS ZA 49 13.23 -20.18 44.74
CA HIS ZA 49 12.77 -19.09 45.61
C HIS ZA 49 12.59 -19.52 47.06
N GLY ZA 50 13.21 -20.63 47.46
CA GLY ZA 50 13.21 -21.03 48.85
C GLY ZA 50 12.01 -21.87 49.23
N ASN ZA 51 11.85 -22.04 50.54
CA ASN ZA 51 10.79 -22.85 51.13
C ASN ZA 51 10.00 -21.98 52.10
N LYS ZA 52 8.70 -21.83 51.84
CA LYS ZA 52 7.87 -21.00 52.72
C LYS ZA 52 7.62 -21.68 54.06
N GLY ZA 53 7.67 -23.01 54.11
CA GLY ZA 53 7.51 -23.70 55.38
C GLY ZA 53 8.66 -23.42 56.33
N TRP ZA 54 9.89 -23.35 55.80
CA TRP ZA 54 11.03 -23.00 56.62
C TRP ZA 54 10.90 -21.58 57.17
N GLU ZA 55 10.47 -20.64 56.33
CA GLU ZA 55 10.39 -19.25 56.75
C GLU ZA 55 9.34 -19.06 57.85
N ALA ZA 56 8.20 -19.73 57.72
CA ALA ZA 56 7.15 -19.60 58.72
C ALA ZA 56 7.60 -20.13 60.07
N ALA ZA 57 8.36 -21.23 60.10
CA ALA ZA 57 8.86 -21.75 61.36
C ALA ZA 57 9.85 -20.80 62.01
N LEU ZA 58 10.70 -20.16 61.20
CA LEU ZA 58 11.67 -19.23 61.76
C LEU ZA 58 10.99 -18.03 62.42
N SER ZA 59 9.90 -17.55 61.81
CA SER ZA 59 9.15 -16.45 62.41
C SER ZA 59 8.52 -16.86 63.73
N ALA ZA 60 8.02 -18.09 63.81
CA ALA ZA 60 7.40 -18.56 65.05
C ALA ZA 60 8.40 -18.61 66.19
N ILE ZA 61 9.62 -19.07 65.93
CA ILE ZA 61 10.63 -19.17 66.98
C ILE ZA 61 10.95 -17.79 67.53
N GLU ZA 62 11.13 -16.80 66.65
CA GLU ZA 62 11.45 -15.46 67.11
C GLU ZA 62 10.32 -14.87 67.94
N MET ZA 63 9.08 -15.02 67.49
CA MET ZA 63 7.95 -14.44 68.20
C MET ZA 63 7.79 -15.06 69.58
N ALA ZA 64 8.03 -16.38 69.69
CA ALA ZA 64 7.92 -17.04 70.99
C ALA ZA 64 8.93 -16.48 71.98
N ASN ZA 65 10.16 -16.24 71.53
CA ASN ZA 65 11.17 -15.69 72.42
C ASN ZA 65 10.85 -14.23 72.77
N LEU ZA 66 10.31 -13.47 71.81
CA LEU ZA 66 9.98 -12.08 72.07
C LEU ZA 66 8.91 -11.96 73.16
N PHE ZA 67 7.87 -12.78 73.06
CA PHE ZA 67 6.79 -12.71 74.04
C PHE ZA 67 7.27 -13.14 75.42
N LYS ZA 68 8.22 -14.08 75.48
CA LYS ZA 68 8.82 -14.47 76.78
C LYS ZA 68 9.53 -13.25 77.35
N SER ZA 69 10.14 -12.39 76.50
CA SER ZA 69 10.89 -11.25 76.98
C SER ZA 69 9.98 -10.11 77.43
N LEU ZA 70 8.90 -9.86 76.71
CA LEU ZA 70 7.99 -8.77 77.07
C LEU ZA 70 7.36 -9.02 78.43
N ARG ZA 71 6.97 -10.26 78.71
CA ARG ZA 71 6.27 -10.61 79.95
C ARG ZA 71 7.23 -10.83 81.11
N GLY ZA 72 8.53 -10.73 80.89
CA GLY ZA 72 9.51 -10.83 81.95
C GLY ZA 72 9.81 -9.48 82.58
N THR ZA 73 10.98 -9.41 83.22
CA THR ZA 73 11.36 -8.17 83.89
C THR ZA 73 11.69 -7.06 82.90
N GLY ZA 74 12.29 -7.40 81.76
CA GLY ZA 74 12.68 -6.41 80.78
C GLY ZA 74 14.04 -5.80 81.06
N GLY ZA 75 14.23 -5.30 82.28
CA GLY ZA 75 15.52 -4.75 82.66
C GLY ZA 75 15.83 -3.43 81.97
N SER ZA 76 17.13 -3.10 81.95
CA SER ZA 76 17.63 -1.87 81.36
C SER ZA 76 17.11 -0.65 82.12
N GLY ZA 77 17.71 0.51 81.86
CA GLY ZA 77 17.28 1.73 82.51
C GLY ZA 77 18.13 2.90 82.05
N SER ZA 78 17.57 4.10 82.22
CA SER ZA 78 18.22 5.34 81.83
C SER ZA 78 18.55 5.40 80.35
N SER ZA 79 17.87 4.59 79.54
CA SER ZA 79 18.12 4.55 78.11
C SER ZA 79 16.92 3.92 77.43
N MET ZA 80 16.92 4.00 76.09
CA MET ZA 80 15.81 3.45 75.31
C MET ZA 80 15.73 1.95 75.47
N GLU ZA 81 14.55 1.45 75.83
CA GLU ZA 81 14.33 0.03 75.96
C GLU ZA 81 14.08 -0.60 74.59
N ILE ZA 82 14.79 -1.69 74.30
CA ILE ZA 82 14.66 -2.40 73.03
C ILE ZA 82 14.34 -3.86 73.34
N TYR ZA 83 13.29 -4.38 72.71
CA TYR ZA 83 12.87 -5.76 72.86
C TYR ZA 83 13.06 -6.50 71.55
N GLU ZA 84 13.70 -7.67 71.61
CA GLU ZA 84 13.92 -8.48 70.42
C GLU ZA 84 14.00 -9.95 70.83
N GLY ZA 85 13.81 -10.83 69.85
CA GLY ZA 85 13.78 -12.26 70.10
C GLY ZA 85 14.98 -12.97 69.49
N LYS ZA 86 15.50 -13.95 70.24
CA LYS ZA 86 16.64 -14.75 69.78
C LYS ZA 86 16.11 -15.77 68.78
N LEU ZA 87 16.98 -16.59 68.22
CA LEU ZA 87 16.64 -17.68 67.30
C LEU ZA 87 17.10 -19.03 67.86
N THR ZA 88 16.90 -19.26 69.15
CA THR ZA 88 17.14 -20.55 69.78
C THR ZA 88 15.80 -21.18 70.15
N ALA ZA 89 15.63 -22.45 69.79
CA ALA ZA 89 14.37 -23.15 69.98
C ALA ZA 89 14.38 -24.10 71.16
N GLU ZA 90 15.41 -24.06 72.01
CA GLU ZA 90 15.49 -24.98 73.13
C GLU ZA 90 14.37 -24.70 74.13
N GLY ZA 91 13.59 -25.74 74.44
CA GLY ZA 91 12.54 -25.64 75.44
C GLY ZA 91 11.18 -25.21 74.92
N LEU ZA 92 11.05 -24.86 73.64
CA LEU ZA 92 9.80 -24.39 73.09
C LEU ZA 92 8.97 -25.53 72.53
N ARG ZA 93 7.65 -25.33 72.49
CA ARG ZA 93 6.70 -26.32 72.02
C ARG ZA 93 5.83 -25.70 70.92
N PHE ZA 94 5.68 -26.42 69.80
CA PHE ZA 94 5.06 -25.88 68.59
C PHE ZA 94 3.94 -26.78 68.11
N GLY ZA 95 2.93 -26.17 67.50
CA GLY ZA 95 1.87 -26.89 66.81
C GLY ZA 95 1.84 -26.51 65.34
N ILE ZA 96 1.49 -27.48 64.49
CA ILE ZA 96 1.44 -27.29 63.05
C ILE ZA 96 0.09 -27.78 62.53
N VAL ZA 97 -0.54 -26.98 61.68
CA VAL ZA 97 -1.77 -27.34 60.99
C VAL ZA 97 -1.50 -27.31 59.49
N ALA ZA 98 -1.76 -28.43 58.82
CA ALA ZA 98 -1.46 -28.58 57.40
C ALA ZA 98 -2.67 -29.16 56.67
N SER ZA 99 -2.88 -28.71 55.43
CA SER ZA 99 -3.98 -29.20 54.62
C SER ZA 99 -3.51 -30.32 53.70
N ARG ZA 100 -4.48 -31.09 53.18
CA ARG ZA 100 -4.19 -32.24 52.33
C ARG ZA 100 -4.30 -31.96 50.84
N PHE ZA 101 -4.92 -30.85 50.44
CA PHE ZA 101 -5.05 -30.55 49.02
C PHE ZA 101 -3.71 -30.07 48.46
N ASN ZA 102 -3.40 -30.50 47.25
CA ASN ZA 102 -2.08 -30.29 46.65
C ASN ZA 102 -0.98 -30.87 47.55
N HIS ZA 103 -1.17 -32.12 47.98
CA HIS ZA 103 -0.26 -32.71 48.95
C HIS ZA 103 1.15 -32.91 48.38
N ALA ZA 104 1.28 -32.97 47.06
CA ALA ZA 104 2.61 -33.11 46.46
C ALA ZA 104 3.50 -31.92 46.84
N LEU ZA 105 2.92 -30.75 47.07
CA LEU ZA 105 3.66 -29.56 47.45
C LEU ZA 105 3.64 -29.34 48.97
N VAL ZA 106 2.51 -29.65 49.62
CA VAL ZA 106 2.36 -29.37 51.04
C VAL ZA 106 3.37 -30.17 51.86
N ASP ZA 107 3.58 -31.44 51.50
CA ASP ZA 107 4.51 -32.26 52.25
C ASP ZA 107 5.94 -31.75 52.18
N ARG ZA 108 6.30 -30.99 51.13
CA ARG ZA 108 7.60 -30.34 51.11
C ARG ZA 108 7.68 -29.22 52.13
N LEU ZA 109 6.58 -28.48 52.33
CA LEU ZA 109 6.58 -27.39 53.29
C LEU ZA 109 6.65 -27.90 54.72
N VAL ZA 110 5.97 -29.02 55.01
CA VAL ZA 110 5.98 -29.56 56.36
C VAL ZA 110 7.37 -30.07 56.71
N GLU ZA 111 8.08 -30.66 55.74
CA GLU ZA 111 9.44 -31.12 55.98
C GLU ZA 111 10.34 -29.95 56.35
N GLY ZA 112 10.20 -28.82 55.65
CA GLY ZA 112 11.03 -27.67 55.95
C GLY ZA 112 10.79 -27.13 57.35
N ALA ZA 113 9.53 -27.06 57.77
CA ALA ZA 113 9.22 -26.54 59.09
C ALA ZA 113 9.83 -27.39 60.19
N ILE ZA 114 9.77 -28.72 60.05
CA ILE ZA 114 10.34 -29.60 61.05
C ILE ZA 114 11.85 -29.51 61.06
N ASP ZA 115 12.46 -29.39 59.87
CA ASP ZA 115 13.92 -29.29 59.79
C ASP ZA 115 14.42 -28.03 60.49
N CYS ZA 116 13.71 -26.91 60.31
CA CYS ZA 116 14.13 -25.67 60.94
C CYS ZA 116 14.12 -25.78 62.46
N ILE ZA 117 13.06 -26.37 63.03
CA ILE ZA 117 12.94 -26.43 64.48
C ILE ZA 117 14.03 -27.31 65.08
N VAL ZA 118 14.32 -28.45 64.44
CA VAL ZA 118 15.25 -29.40 65.03
C VAL ZA 118 16.68 -28.86 65.02
N ARG ZA 119 17.09 -28.23 63.92
CA ARG ZA 119 18.48 -27.78 63.81
C ARG ZA 119 18.74 -26.49 64.57
N HIS ZA 120 17.70 -25.80 65.02
CA HIS ZA 120 17.85 -24.65 65.91
C HIS ZA 120 17.79 -25.05 67.40
N GLY ZA 121 17.69 -26.34 67.70
CA GLY ZA 121 17.75 -26.81 69.07
C GLY ZA 121 16.47 -27.38 69.65
N GLY ZA 122 15.43 -27.58 68.84
CA GLY ZA 122 14.20 -28.14 69.33
C GLY ZA 122 14.17 -29.66 69.26
N ARG ZA 123 13.12 -30.23 69.84
CA ARG ZA 123 12.90 -31.66 69.85
C ARG ZA 123 11.65 -32.02 69.04
N GLU ZA 124 11.70 -33.15 68.34
CA GLU ZA 124 10.52 -33.62 67.63
C GLU ZA 124 9.40 -34.01 68.59
N GLU ZA 125 9.76 -34.38 69.82
CA GLU ZA 125 8.75 -34.74 70.82
C GLU ZA 125 7.88 -33.55 71.20
N ASP ZA 126 8.33 -32.33 70.94
CA ASP ZA 126 7.60 -31.13 71.31
C ASP ZA 126 6.77 -30.55 70.16
N ILE ZA 127 6.58 -31.30 69.08
CA ILE ZA 127 5.85 -30.85 67.91
C ILE ZA 127 4.56 -31.65 67.82
N THR ZA 128 3.43 -30.94 67.67
CA THR ZA 128 2.12 -31.56 67.46
C THR ZA 128 1.64 -31.19 66.07
N LEU ZA 129 1.28 -32.20 65.28
CA LEU ZA 129 0.90 -32.02 63.88
C LEU ZA 129 -0.55 -32.45 63.70
N VAL ZA 130 -1.36 -31.56 63.14
CA VAL ZA 130 -2.78 -31.81 62.86
C VAL ZA 130 -3.01 -31.61 61.37
N ARG ZA 131 -3.71 -32.54 60.74
CA ARG ZA 131 -3.99 -32.50 59.31
C ARG ZA 131 -5.48 -32.31 59.07
N VAL ZA 132 -5.82 -31.45 58.12
CA VAL ZA 132 -7.21 -31.13 57.78
C VAL ZA 132 -7.42 -31.32 56.29
N PRO ZA 133 -8.67 -31.56 55.84
CA PRO ZA 133 -8.88 -31.86 54.41
C PRO ZA 133 -8.61 -30.70 53.46
N GLY ZA 134 -8.69 -29.45 53.92
CA GLY ZA 134 -8.52 -28.32 53.02
C GLY ZA 134 -8.18 -27.05 53.76
N SER ZA 135 -7.84 -26.02 52.99
CA SER ZA 135 -7.46 -24.74 53.58
C SER ZA 135 -8.62 -24.09 54.32
N TRP ZA 136 -9.86 -24.33 53.86
CA TRP ZA 136 -11.02 -23.74 54.53
C TRP ZA 136 -11.12 -24.18 55.98
N GLU ZA 137 -10.64 -25.38 56.30
CA GLU ZA 137 -10.75 -25.91 57.65
C GLU ZA 137 -9.56 -25.56 58.54
N ILE ZA 138 -8.56 -24.84 58.03
CA ILE ZA 138 -7.40 -24.49 58.85
C ILE ZA 138 -7.78 -23.61 60.04
N PRO ZA 139 -8.53 -22.52 59.88
CA PRO ZA 139 -8.77 -21.64 61.04
C PRO ZA 139 -9.45 -22.31 62.22
N VAL ZA 140 -10.43 -23.18 61.97
CA VAL ZA 140 -11.13 -23.82 63.08
C VAL ZA 140 -10.22 -24.83 63.79
N ALA ZA 141 -9.38 -25.54 63.04
CA ALA ZA 141 -8.44 -26.46 63.66
C ALA ZA 141 -7.36 -25.71 64.42
N ALA ZA 142 -6.88 -24.58 63.87
CA ALA ZA 142 -5.87 -23.79 64.57
C ALA ZA 142 -6.40 -23.26 65.89
N GLY ZA 143 -7.71 -23.02 65.97
CA GLY ZA 143 -8.30 -22.52 67.20
C GLY ZA 143 -8.25 -23.52 68.34
N GLU ZA 144 -8.25 -24.81 68.04
CA GLU ZA 144 -8.17 -25.82 69.09
C GLU ZA 144 -6.75 -25.91 69.66
N LEU ZA 145 -5.74 -25.83 68.80
CA LEU ZA 145 -4.36 -25.89 69.27
C LEU ZA 145 -4.00 -24.63 70.06
N ALA ZA 146 -4.41 -23.46 69.57
CA ALA ZA 146 -4.00 -22.21 70.21
C ALA ZA 146 -4.54 -22.09 71.62
N ARG ZA 147 -5.62 -22.81 71.95
CA ARG ZA 147 -6.20 -22.72 73.28
C ARG ZA 147 -5.53 -23.65 74.28
N LYS ZA 148 -4.63 -24.53 73.84
CA LYS ZA 148 -3.90 -25.37 74.77
C LYS ZA 148 -2.83 -24.57 75.50
N GLU ZA 149 -2.66 -24.87 76.80
CA GLU ZA 149 -1.76 -24.08 77.63
C GLU ZA 149 -0.29 -24.36 77.33
N ASP ZA 150 0.02 -25.55 76.82
CA ASP ZA 150 1.40 -25.97 76.60
C ASP ZA 150 1.85 -25.80 75.15
N ILE ZA 151 1.23 -24.90 74.41
CA ILE ZA 151 1.62 -24.57 73.04
C ILE ZA 151 2.07 -23.12 73.03
N ASP ZA 152 3.26 -22.88 72.48
CA ASP ZA 152 3.83 -21.53 72.43
C ASP ZA 152 3.49 -20.79 71.15
N ALA ZA 153 3.41 -21.48 70.02
CA ALA ZA 153 3.10 -20.85 68.74
C ALA ZA 153 2.53 -21.89 67.79
N VAL ZA 154 1.81 -21.41 66.78
CA VAL ZA 154 1.15 -22.27 65.79
C VAL ZA 154 1.61 -21.87 64.41
N ILE ZA 155 1.82 -22.85 63.54
CA ILE ZA 155 2.26 -22.64 62.17
C ILE ZA 155 1.19 -23.21 61.24
N ALA ZA 156 0.73 -22.38 60.30
CA ALA ZA 156 -0.30 -22.77 59.34
C ALA ZA 156 0.32 -22.92 57.96
N ILE ZA 157 0.03 -24.04 57.29
CA ILE ZA 157 0.64 -24.39 56.02
C ILE ZA 157 -0.46 -24.80 55.04
N GLY ZA 158 -0.37 -24.31 53.82
CA GLY ZA 158 -1.31 -24.69 52.77
C GLY ZA 158 -0.86 -24.12 51.43
N VAL ZA 159 -1.51 -24.60 50.38
CA VAL ZA 159 -1.21 -24.19 49.01
C VAL ZA 159 -2.52 -23.92 48.29
N LEU ZA 160 -2.64 -22.73 47.70
CA LEU ZA 160 -3.78 -22.36 46.86
C LEU ZA 160 -3.27 -21.87 45.51
N ILE ZA 161 -3.87 -22.38 44.43
CA ILE ZA 161 -3.48 -22.04 43.07
C ILE ZA 161 -4.72 -21.57 42.33
N ARG ZA 162 -4.61 -20.41 41.68
CA ARG ZA 162 -5.73 -19.81 40.97
C ARG ZA 162 -6.08 -20.65 39.73
N THR AB 3 -23.30 -8.01 36.44
CA THR AB 3 -23.59 -6.93 37.37
C THR AB 3 -22.86 -7.14 38.69
N PRO AB 4 -22.59 -6.06 39.43
CA PRO AB 4 -21.89 -6.22 40.71
C PRO AB 4 -22.71 -6.89 41.79
N HIS AB 5 -23.98 -7.20 41.54
CA HIS AB 5 -24.80 -7.90 42.53
C HIS AB 5 -24.16 -9.22 42.95
N PHE AB 6 -23.47 -9.88 42.02
CA PHE AB 6 -22.85 -11.16 42.32
C PHE AB 6 -21.81 -11.04 43.42
N ASP AB 7 -20.99 -9.99 43.37
CA ASP AB 7 -19.85 -9.90 44.29
C ASP AB 7 -20.30 -9.74 45.74
N TYR AB 8 -21.27 -8.87 45.99
CA TYR AB 8 -21.64 -8.57 47.38
C TYR AB 8 -22.29 -9.76 48.06
N ILE AB 9 -23.13 -10.51 47.34
CA ILE AB 9 -23.75 -11.69 47.92
C ILE AB 9 -22.70 -12.75 48.24
N ALA AB 10 -21.78 -12.97 47.31
CA ALA AB 10 -20.76 -13.99 47.50
C ALA AB 10 -19.86 -13.66 48.69
N SER AB 11 -19.50 -12.38 48.84
CA SER AB 11 -18.62 -11.98 49.93
C SER AB 11 -19.29 -12.21 51.29
N GLU AB 12 -20.58 -11.90 51.40
CA GLU AB 12 -21.24 -11.98 52.69
C GLU AB 12 -21.54 -13.42 53.09
N VAL AB 13 -21.86 -14.28 52.12
CA VAL AB 13 -22.16 -15.67 52.45
C VAL AB 13 -20.90 -16.37 52.95
N SER AB 14 -19.78 -16.18 52.25
CA SER AB 14 -18.53 -16.81 52.68
C SER AB 14 -18.08 -16.27 54.03
N LYS AB 15 -18.16 -14.96 54.22
CA LYS AB 15 -17.74 -14.37 55.49
C LYS AB 15 -18.62 -14.83 56.64
N GLY AB 16 -19.93 -14.92 56.41
CA GLY AB 16 -20.83 -15.33 57.49
C GLY AB 16 -20.55 -16.73 57.99
N LEU AB 17 -20.36 -17.67 57.06
CA LEU AB 17 -20.13 -19.05 57.46
C LEU AB 17 -18.80 -19.21 58.19
N ALA AB 18 -17.77 -18.48 57.76
CA ALA AB 18 -16.46 -18.59 58.38
C ALA AB 18 -16.49 -18.12 59.84
N ASN AB 19 -17.07 -16.94 60.08
CA ASN AB 19 -17.16 -16.43 61.44
C ASN AB 19 -17.99 -17.35 62.33
N LEU AB 20 -19.07 -17.91 61.76
CA LEU AB 20 -19.95 -18.77 62.54
C LEU AB 20 -19.21 -20.01 63.05
N SER AB 21 -18.36 -20.59 62.20
CA SER AB 21 -17.63 -21.79 62.60
C SER AB 21 -16.68 -21.50 63.75
N LEU AB 22 -16.03 -20.34 63.75
CA LEU AB 22 -15.10 -20.01 64.82
C LEU AB 22 -15.83 -19.69 66.11
N GLU AB 23 -16.98 -19.02 66.01
CA GLU AB 23 -17.72 -18.65 67.22
C GLU AB 23 -18.27 -19.87 67.94
N LEU AB 24 -18.87 -20.80 67.20
CA LEU AB 24 -19.44 -22.00 67.79
C LEU AB 24 -18.44 -23.14 67.91
N ARG AB 25 -17.27 -23.02 67.29
CA ARG AB 25 -16.23 -24.04 67.36
C ARG AB 25 -16.75 -25.39 66.88
N LYS AB 26 -17.43 -25.37 65.73
CA LYS AB 26 -17.97 -26.56 65.11
C LYS AB 26 -17.65 -26.53 63.62
N PRO AB 27 -17.41 -27.68 62.99
CA PRO AB 27 -17.07 -27.67 61.55
C PRO AB 27 -18.27 -27.27 60.69
N ILE AB 28 -18.00 -26.39 59.72
CA ILE AB 28 -18.96 -26.03 58.68
C ILE AB 28 -18.22 -26.03 57.36
N THR AB 29 -18.75 -26.74 56.36
CA THR AB 29 -18.10 -26.94 55.08
C THR AB 29 -18.73 -26.06 54.01
N PHE AB 30 -17.90 -25.58 53.09
CA PHE AB 30 -18.32 -24.62 52.06
C PHE AB 30 -18.58 -25.38 50.77
N GLY AB 31 -19.86 -25.62 50.48
CA GLY AB 31 -20.26 -26.32 49.28
C GLY AB 31 -20.99 -25.45 48.28
N VAL AB 32 -20.57 -24.19 48.14
CA VAL AB 32 -21.25 -23.23 47.29
C VAL AB 32 -20.43 -23.03 46.02
N ILE AB 33 -21.08 -23.20 44.87
CA ILE AB 33 -20.43 -22.96 43.57
C ILE AB 33 -20.48 -21.48 43.26
N THR AB 34 -19.36 -20.93 42.79
CA THR AB 34 -19.27 -19.54 42.36
C THR AB 34 -18.65 -19.53 40.96
N ALA AB 35 -19.49 -19.46 39.93
CA ALA AB 35 -19.06 -19.62 38.55
C ALA AB 35 -19.30 -18.33 37.77
N ASP AB 36 -18.52 -18.15 36.71
CA ASP AB 36 -18.67 -17.00 35.83
C ASP AB 36 -19.65 -17.24 34.69
N THR AB 37 -19.88 -18.50 34.33
CA THR AB 37 -20.76 -18.83 33.22
C THR AB 37 -21.59 -20.05 33.58
N LEU AB 38 -22.71 -20.22 32.85
CA LEU AB 38 -23.56 -21.38 33.09
C LEU AB 38 -22.84 -22.69 32.79
N GLU AB 39 -21.99 -22.69 31.75
CA GLU AB 39 -21.27 -23.91 31.42
C GLU AB 39 -20.34 -24.33 32.55
N GLN AB 40 -19.66 -23.38 33.19
CA GLN AB 40 -18.79 -23.71 34.31
C GLN AB 40 -19.56 -24.33 35.46
N ALA AB 41 -20.81 -23.92 35.65
CA ALA AB 41 -21.61 -24.45 36.76
C ALA AB 41 -22.04 -25.89 36.49
N ILE AB 42 -22.46 -26.20 35.26
CA ILE AB 42 -22.86 -27.56 34.92
C ILE AB 42 -21.67 -28.50 35.05
N GLU AB 43 -20.46 -27.99 34.80
CA GLU AB 43 -19.27 -28.83 34.89
C GLU AB 43 -19.08 -29.41 36.29
N ARG AB 44 -19.41 -28.63 37.32
CA ARG AB 44 -19.14 -29.00 38.70
C ARG AB 44 -20.36 -29.55 39.43
N ALA AB 45 -21.48 -29.75 38.74
CA ALA AB 45 -22.73 -30.21 39.34
C ALA AB 45 -23.05 -31.65 38.99
N GLY AB 46 -22.04 -32.52 38.94
CA GLY AB 46 -22.23 -33.91 38.59
C GLY AB 46 -21.74 -34.29 37.21
N THR AB 47 -20.81 -33.52 36.65
CA THR AB 47 -20.28 -33.75 35.31
C THR AB 47 -18.76 -33.70 35.34
N LYS AB 48 -18.13 -33.56 34.16
CA LYS AB 48 -16.72 -33.88 33.96
C LYS AB 48 -15.78 -33.35 35.05
N HIS AB 49 -16.16 -32.33 35.81
CA HIS AB 49 -15.34 -31.84 36.92
C HIS AB 49 -15.87 -32.28 38.28
N GLY AB 50 -16.70 -33.31 38.33
CA GLY AB 50 -17.13 -33.88 39.59
C GLY AB 50 -18.35 -33.19 40.17
N ASN AB 51 -18.63 -33.51 41.43
CA ASN AB 51 -19.77 -33.00 42.17
C ASN AB 51 -19.28 -32.33 43.44
N LYS AB 52 -19.58 -31.04 43.58
CA LYS AB 52 -19.12 -30.30 44.76
C LYS AB 52 -19.90 -30.71 46.01
N GLY AB 53 -21.13 -31.19 45.85
CA GLY AB 53 -21.87 -31.67 47.00
C GLY AB 53 -21.26 -32.90 47.62
N TRP AB 54 -20.74 -33.81 46.78
CA TRP AB 54 -20.04 -34.99 47.29
C TRP AB 54 -18.78 -34.58 48.06
N GLU AB 55 -18.02 -33.63 47.51
CA GLU AB 55 -16.76 -33.24 48.14
C GLU AB 55 -17.00 -32.59 49.50
N ALA AB 56 -18.02 -31.73 49.60
CA ALA AB 56 -18.30 -31.07 50.86
C ALA AB 56 -18.69 -32.07 51.95
N ALA AB 57 -19.46 -33.10 51.60
CA ALA AB 57 -19.83 -34.11 52.58
C ALA AB 57 -18.62 -34.89 53.05
N LEU AB 58 -17.68 -35.20 52.14
CA LEU AB 58 -16.49 -35.95 52.54
C LEU AB 58 -15.65 -35.15 53.53
N SER AB 59 -15.54 -33.84 53.32
CA SER AB 59 -14.80 -33.01 54.25
C SER AB 59 -15.45 -32.99 55.63
N ALA AB 60 -16.78 -32.96 55.67
CA ALA AB 60 -17.48 -32.94 56.95
C ALA AB 60 -17.24 -34.21 57.75
N ILE AB 61 -17.23 -35.36 57.08
CA ILE AB 61 -17.01 -36.63 57.78
C ILE AB 61 -15.64 -36.65 58.42
N GLU AB 62 -14.61 -36.21 57.68
CA GLU AB 62 -13.25 -36.21 58.21
C GLU AB 62 -13.13 -35.28 59.41
N MET AB 63 -13.68 -34.07 59.30
CA MET AB 63 -13.56 -33.10 60.38
C MET AB 63 -14.26 -33.59 61.64
N ALA AB 64 -15.42 -34.25 61.49
CA ALA AB 64 -16.13 -34.76 62.66
C ALA AB 64 -15.29 -35.80 63.40
N ASN AB 65 -14.62 -36.68 62.67
CA ASN AB 65 -13.77 -37.69 63.31
C ASN AB 65 -12.53 -37.05 63.93
N LEU AB 66 -11.98 -36.02 63.29
CA LEU AB 66 -10.80 -35.37 63.83
C LEU AB 66 -11.10 -34.71 65.17
N PHE AB 67 -12.23 -34.01 65.26
CA PHE AB 67 -12.58 -33.33 66.50
C PHE AB 67 -12.87 -34.32 67.62
N LYS AB 68 -13.43 -35.48 67.28
CA LYS AB 68 -13.64 -36.57 68.27
C LYS AB 68 -12.26 -36.98 68.79
N SER AB 69 -11.22 -36.99 67.94
CA SER AB 69 -9.89 -37.45 68.35
C SER AB 69 -9.16 -36.42 69.20
N LEU AB 70 -9.28 -35.13 68.85
CA LEU AB 70 -8.59 -34.09 69.61
C LEU AB 70 -9.11 -34.03 71.05
N ARG AB 71 -10.41 -34.16 71.23
CA ARG AB 71 -11.02 -34.04 72.55
C ARG AB 71 -10.96 -35.32 73.36
N GLY AB 72 -10.40 -36.38 72.80
CA GLY AB 72 -10.19 -37.62 73.52
C GLY AB 72 -8.85 -37.66 74.22
N THR AB 73 -8.39 -38.88 74.52
CA THR AB 73 -7.13 -39.04 75.22
C THR AB 73 -5.94 -38.67 74.36
N GLY AB 74 -6.01 -38.95 73.05
CA GLY AB 74 -4.90 -38.68 72.15
C GLY AB 74 -3.87 -39.80 72.13
N GLY AB 75 -3.37 -40.18 73.31
CA GLY AB 75 -2.43 -41.29 73.39
C GLY AB 75 -1.06 -40.92 72.85
N SER AB 76 -0.30 -41.97 72.50
CA SER AB 76 1.05 -41.84 71.99
C SER AB 76 1.99 -41.22 73.02
N GLY AB 77 3.29 -41.30 72.77
CA GLY AB 77 4.26 -40.73 73.69
C GLY AB 77 5.66 -40.98 73.18
N SER AB 78 6.59 -40.15 73.67
CA SER AB 78 8.00 -40.22 73.31
C SER AB 78 8.21 -40.03 71.81
N SER AB 79 7.26 -39.42 71.12
CA SER AB 79 7.36 -39.22 69.69
C SER AB 79 6.38 -38.13 69.28
N MET AB 80 6.51 -37.68 68.03
CA MET AB 80 5.65 -36.62 67.51
C MET AB 80 4.20 -37.09 67.47
N GLU AB 81 3.32 -36.30 68.08
CA GLU AB 81 1.89 -36.61 68.05
C GLU AB 81 1.28 -36.16 66.73
N ILE AB 82 0.52 -37.04 66.10
CA ILE AB 82 -0.16 -36.76 64.83
C ILE AB 82 -1.64 -37.03 65.00
N TYR AB 83 -2.46 -36.07 64.61
CA TYR AB 83 -3.91 -36.18 64.68
C TYR AB 83 -4.48 -36.17 63.27
N GLU AB 84 -5.37 -37.13 62.98
CA GLU AB 84 -6.00 -37.23 61.68
C GLU AB 84 -7.35 -37.90 61.83
N GLY AB 85 -8.21 -37.70 60.83
CA GLY AB 85 -9.57 -38.21 60.86
C GLY AB 85 -9.79 -39.32 59.86
N LYS AB 86 -10.56 -40.33 60.27
CA LYS AB 86 -10.90 -41.47 59.41
C LYS AB 86 -11.99 -41.00 58.45
N LEU AB 87 -12.43 -41.87 57.56
CA LEU AB 87 -13.54 -41.63 56.63
C LEU AB 87 -14.66 -42.64 56.83
N THR AB 88 -15.00 -42.93 58.08
CA THR AB 88 -16.14 -43.76 58.44
C THR AB 88 -17.22 -42.88 59.07
N ALA AB 89 -18.45 -43.03 58.59
CA ALA AB 89 -19.56 -42.19 59.01
C ALA AB 89 -20.50 -42.86 60.00
N GLU AB 90 -20.13 -44.03 60.52
CA GLU AB 90 -21.01 -44.75 61.44
C GLU AB 90 -21.18 -43.97 62.73
N GLY AB 91 -22.43 -43.70 63.10
CA GLY AB 91 -22.74 -43.03 64.35
C GLY AB 91 -22.79 -41.53 64.30
N LEU AB 92 -22.46 -40.91 63.17
CA LEU AB 92 -22.43 -39.45 63.07
C LEU AB 92 -23.77 -38.90 62.60
N ARG AB 93 -24.04 -37.64 62.95
CA ARG AB 93 -25.28 -36.95 62.64
C ARG AB 93 -24.96 -35.64 61.94
N PHE AB 94 -25.64 -35.39 60.81
CA PHE AB 94 -25.30 -34.30 59.91
C PHE AB 94 -26.52 -33.42 59.64
N GLY AB 95 -26.27 -32.13 59.43
CA GLY AB 95 -27.28 -31.20 58.97
C GLY AB 95 -26.87 -30.59 57.63
N ILE AB 96 -27.88 -30.32 56.79
CA ILE AB 96 -27.66 -29.77 55.46
C ILE AB 96 -28.57 -28.56 55.28
N VAL AB 97 -28.01 -27.47 54.74
CA VAL AB 97 -28.75 -26.27 54.39
C VAL AB 97 -28.56 -26.04 52.90
N ALA AB 98 -29.68 -25.95 52.17
CA ALA AB 98 -29.66 -25.82 50.71
C ALA AB 98 -30.59 -24.70 50.28
N SER AB 99 -30.19 -23.99 49.23
CA SER AB 99 -31.00 -22.90 48.69
C SER AB 99 -31.85 -23.39 47.52
N ARG AB 100 -32.88 -22.61 47.19
CA ARG AB 100 -33.83 -22.98 46.15
C ARG AB 100 -33.54 -22.32 44.80
N PHE AB 101 -32.70 -21.29 44.75
CA PHE AB 101 -32.42 -20.63 43.48
C PHE AB 101 -31.48 -21.50 42.65
N ASN AB 102 -31.73 -21.54 41.35
CA ASN AB 102 -31.04 -22.47 40.45
C ASN AB 102 -31.24 -23.90 40.90
N HIS AB 103 -32.49 -24.28 41.18
CA HIS AB 103 -32.76 -25.59 41.76
C HIS AB 103 -32.44 -26.73 40.80
N ALA AB 104 -32.40 -26.45 39.50
CA ALA AB 104 -32.04 -27.49 38.55
C ALA AB 104 -30.65 -28.04 38.82
N LEU AB 105 -29.76 -27.21 39.37
CA LEU AB 105 -28.40 -27.62 39.71
C LEU AB 105 -28.26 -28.01 41.18
N VAL AB 106 -28.96 -27.29 42.07
CA VAL AB 106 -28.80 -27.52 43.50
C VAL AB 106 -29.24 -28.92 43.88
N ASP AB 107 -30.34 -29.40 43.29
CA ASP AB 107 -30.82 -30.74 43.63
C ASP AB 107 -29.84 -31.83 43.24
N ARG AB 108 -28.97 -31.58 42.25
CA ARG AB 108 -27.91 -32.53 41.96
C ARG AB 108 -26.87 -32.56 43.07
N LEU AB 109 -26.57 -31.41 43.67
CA LEU AB 109 -25.58 -31.36 44.73
C LEU AB 109 -26.09 -32.02 46.01
N VAL AB 110 -27.38 -31.86 46.30
CA VAL AB 110 -27.95 -32.47 47.51
C VAL AB 110 -27.95 -33.99 47.37
N GLU AB 111 -28.22 -34.51 46.18
CA GLU AB 111 -28.18 -35.95 45.96
C GLU AB 111 -26.79 -36.50 46.23
N GLY AB 112 -25.76 -35.79 45.76
CA GLY AB 112 -24.40 -36.26 45.99
C GLY AB 112 -24.02 -36.31 47.46
N ALA AB 113 -24.42 -35.29 48.22
CA ALA AB 113 -24.09 -35.26 49.64
C ALA AB 113 -24.72 -36.43 50.38
N ILE AB 114 -25.98 -36.74 50.07
CA ILE AB 114 -26.66 -37.85 50.74
C ILE AB 114 -26.04 -39.18 50.33
N ASP AB 115 -25.67 -39.32 49.06
CA ASP AB 115 -25.06 -40.55 48.58
C ASP AB 115 -23.73 -40.82 49.29
N CYS AB 116 -22.92 -39.77 49.49
CA CYS AB 116 -21.64 -39.94 50.14
C CYS AB 116 -21.80 -40.46 51.58
N ILE AB 117 -22.75 -39.87 52.32
CA ILE AB 117 -22.92 -40.23 53.72
C ILE AB 117 -23.38 -41.67 53.87
N VAL AB 118 -24.31 -42.10 53.01
CA VAL AB 118 -24.91 -43.42 53.17
C VAL AB 118 -23.90 -44.52 52.84
N ARG AB 119 -23.13 -44.35 51.77
CA ARG AB 119 -22.22 -45.40 51.35
C ARG AB 119 -20.94 -45.46 52.18
N HIS AB 120 -20.68 -44.45 53.00
CA HIS AB 120 -19.59 -44.51 53.97
C HIS AB 120 -20.04 -45.04 55.34
N GLY AB 121 -21.30 -45.45 55.47
CA GLY AB 121 -21.77 -46.09 56.69
C GLY AB 121 -22.77 -45.31 57.50
N GLY AB 122 -23.29 -44.19 57.00
CA GLY AB 122 -24.26 -43.41 57.73
C GLY AB 122 -25.70 -43.85 57.45
N ARG AB 123 -26.62 -43.28 58.21
CA ARG AB 123 -28.04 -43.55 58.08
C ARG AB 123 -28.77 -42.28 57.61
N GLU AB 124 -29.79 -42.47 56.77
CA GLU AB 124 -30.61 -41.35 56.35
C GLU AB 124 -31.39 -40.78 57.53
N GLU AB 125 -31.67 -41.59 58.53
CA GLU AB 125 -32.39 -41.12 59.71
C GLU AB 125 -31.61 -40.08 60.49
N ASP AB 126 -30.30 -40.00 60.30
CA ASP AB 126 -29.44 -39.08 61.03
C ASP AB 126 -29.14 -37.80 60.26
N ILE AB 127 -29.87 -37.54 59.17
CA ILE AB 127 -29.65 -36.36 58.33
C ILE AB 127 -30.85 -35.44 58.48
N THR AB 128 -30.58 -34.17 58.76
CA THR AB 128 -31.59 -33.13 58.84
C THR AB 128 -31.37 -32.14 57.71
N LEU AB 129 -32.40 -31.90 56.91
CA LEU AB 129 -32.32 -31.06 55.72
C LEU AB 129 -33.21 -29.84 55.89
N VAL AB 130 -32.63 -28.65 55.71
CA VAL AB 130 -33.35 -27.38 55.79
C VAL AB 130 -33.19 -26.65 54.48
N ARG AB 131 -34.29 -26.11 53.94
CA ARG AB 131 -34.29 -25.41 52.67
C ARG AB 131 -34.62 -23.94 52.89
N VAL AB 132 -33.89 -23.06 52.20
CA VAL AB 132 -34.07 -21.61 52.33
C VAL AB 132 -34.26 -21.02 50.94
N PRO AB 133 -34.89 -19.84 50.81
CA PRO AB 133 -35.18 -19.31 49.47
C PRO AB 133 -33.97 -18.88 48.67
N GLY AB 134 -32.84 -18.55 49.31
CA GLY AB 134 -31.70 -18.06 48.57
C GLY AB 134 -30.42 -18.20 49.36
N SER AB 135 -29.30 -17.92 48.68
CA SER AB 135 -28.00 -18.03 49.32
C SER AB 135 -27.81 -17.02 50.43
N TRP AB 136 -28.46 -15.85 50.32
CA TRP AB 136 -28.34 -14.83 51.35
C TRP AB 136 -28.84 -15.34 52.71
N GLU AB 137 -29.81 -16.24 52.71
CA GLU AB 137 -30.41 -16.74 53.94
C GLU AB 137 -29.69 -17.97 54.50
N ILE AB 138 -28.65 -18.46 53.84
CA ILE AB 138 -27.95 -19.65 54.35
C ILE AB 138 -27.31 -19.41 55.71
N PRO AB 139 -26.55 -18.33 55.93
CA PRO AB 139 -25.85 -18.21 57.22
C PRO AB 139 -26.76 -18.18 58.43
N VAL AB 140 -27.91 -17.50 58.34
CA VAL AB 140 -28.80 -17.42 59.50
C VAL AB 140 -29.45 -18.78 59.77
N ALA AB 141 -29.79 -19.52 58.72
CA ALA AB 141 -30.35 -20.86 58.91
C ALA AB 141 -29.30 -21.82 59.44
N ALA AB 142 -28.07 -21.72 58.95
CA ALA AB 142 -27.00 -22.58 59.44
C ALA AB 142 -26.73 -22.35 60.92
N GLY AB 143 -26.96 -21.12 61.40
CA GLY AB 143 -26.76 -20.83 62.81
C GLY AB 143 -27.71 -21.55 63.73
N GLU AB 144 -28.92 -21.86 63.26
CA GLU AB 144 -29.87 -22.58 64.09
C GLU AB 144 -29.49 -24.06 64.22
N LEU AB 145 -29.03 -24.68 63.13
CA LEU AB 145 -28.61 -26.07 63.19
C LEU AB 145 -27.35 -26.24 64.02
N ALA AB 146 -26.37 -25.35 63.84
CA ALA AB 146 -25.09 -25.50 64.50
C ALA AB 146 -25.21 -25.43 66.01
N ARG AB 147 -26.27 -24.79 66.52
CA ARG AB 147 -26.45 -24.66 67.95
C ARG AB 147 -27.13 -25.88 68.59
N LYS AB 148 -27.61 -26.82 67.79
CA LYS AB 148 -28.19 -28.04 68.35
C LYS AB 148 -27.10 -28.96 68.87
N GLU AB 149 -27.37 -29.61 70.00
CA GLU AB 149 -26.35 -30.42 70.66
C GLU AB 149 -26.09 -31.73 69.92
N ASP AB 150 -27.08 -32.23 69.18
CA ASP AB 150 -26.98 -33.54 68.53
C ASP AB 150 -26.61 -33.44 67.05
N ILE AB 151 -25.94 -32.36 66.64
CA ILE AB 151 -25.45 -32.18 65.28
C ILE AB 151 -23.94 -32.12 65.35
N ASP AB 152 -23.27 -32.93 64.53
CA ASP AB 152 -21.81 -32.99 64.53
C ASP AB 152 -21.17 -32.06 63.51
N ALA AB 153 -21.81 -31.85 62.35
CA ALA AB 153 -21.27 -30.97 61.33
C ALA AB 153 -22.41 -30.51 60.43
N VAL AB 154 -22.18 -29.39 59.75
CA VAL AB 154 -23.17 -28.77 58.87
C VAL AB 154 -22.57 -28.61 57.48
N ILE AB 155 -23.39 -28.85 56.46
CA ILE AB 155 -22.99 -28.75 55.06
C ILE AB 155 -23.85 -27.69 54.39
N ALA AB 156 -23.21 -26.71 53.75
CA ALA AB 156 -23.88 -25.61 53.07
C ALA AB 156 -23.76 -25.78 51.56
N ILE AB 157 -24.87 -25.67 50.86
CA ILE AB 157 -24.95 -25.93 49.42
C ILE AB 157 -25.68 -24.78 48.75
N GLY AB 158 -25.14 -24.32 47.63
CA GLY AB 158 -25.77 -23.27 46.84
C GLY AB 158 -25.04 -23.08 45.54
N VAL AB 159 -25.66 -22.32 44.64
CA VAL AB 159 -25.13 -22.03 43.32
C VAL AB 159 -25.30 -20.54 43.03
N LEU AB 160 -24.20 -19.88 42.67
CA LEU AB 160 -24.21 -18.48 42.25
C LEU AB 160 -23.53 -18.36 40.90
N ILE AB 161 -24.17 -17.65 39.97
CA ILE AB 161 -23.66 -17.46 38.62
C ILE AB 161 -23.61 -15.97 38.33
N ARG AB 162 -22.47 -15.49 37.86
CA ARG AB 162 -22.28 -14.07 37.57
C ARG AB 162 -23.12 -13.65 36.38
N THR BB 3 -17.16 6.83 39.89
CA THR BB 3 -16.28 7.15 41.02
C THR BB 3 -16.29 6.01 42.03
N PRO BB 4 -15.21 5.89 42.83
CA PRO BB 4 -15.16 4.81 43.82
C PRO BB 4 -16.12 4.99 44.98
N HIS BB 5 -16.85 6.11 45.04
CA HIS BB 5 -17.83 6.31 46.12
C HIS BB 5 -18.85 5.18 46.14
N PHE BB 6 -19.20 4.65 44.97
CA PHE BB 6 -20.19 3.58 44.89
C PHE BB 6 -19.76 2.35 45.67
N ASP BB 7 -18.49 1.97 45.55
CA ASP BB 7 -18.04 0.69 46.10
C ASP BB 7 -18.11 0.69 47.63
N TYR BB 8 -17.64 1.76 48.27
CA TYR BB 8 -17.55 1.75 49.73
C TYR BB 8 -18.92 1.74 50.38
N ILE BB 9 -19.88 2.48 49.82
CA ILE BB 9 -21.23 2.48 50.39
C ILE BB 9 -21.86 1.10 50.24
N ALA BB 10 -21.72 0.50 49.06
CA ALA BB 10 -22.33 -0.81 48.81
C ALA BB 10 -21.74 -1.87 49.74
N SER BB 11 -20.43 -1.83 49.97
CA SER BB 11 -19.79 -2.83 50.82
C SER BB 11 -20.29 -2.74 52.25
N GLU BB 12 -20.45 -1.51 52.77
CA GLU BB 12 -20.81 -1.35 54.17
C GLU BB 12 -22.29 -1.67 54.42
N VAL BB 13 -23.17 -1.35 53.47
CA VAL BB 13 -24.58 -1.64 53.65
C VAL BB 13 -24.83 -3.14 53.68
N SER BB 14 -24.22 -3.87 52.73
CA SER BB 14 -24.40 -5.32 52.69
C SER BB 14 -23.79 -5.98 53.92
N LYS BB 15 -22.59 -5.54 54.33
CA LYS BB 15 -21.95 -6.13 55.49
C LYS BB 15 -22.73 -5.85 56.76
N GLY BB 16 -23.26 -4.63 56.91
CA GLY BB 16 -24.00 -4.29 58.11
C GLY BB 16 -25.24 -5.15 58.32
N LEU BB 17 -26.01 -5.33 57.25
CA LEU BB 17 -27.25 -6.10 57.36
C LEU BB 17 -26.96 -7.57 57.65
N ALA BB 18 -25.89 -8.12 57.06
CA ALA BB 18 -25.57 -9.53 57.27
C ALA BB 18 -25.20 -9.80 58.73
N ASN BB 19 -24.31 -8.98 59.29
CA ASN BB 19 -23.92 -9.16 60.69
C ASN BB 19 -25.11 -8.98 61.62
N LEU BB 20 -25.98 -8.02 61.31
CA LEU BB 20 -27.13 -7.76 62.17
C LEU BB 20 -28.05 -8.96 62.26
N SER BB 21 -28.26 -9.65 61.14
CA SER BB 21 -29.15 -10.81 61.13
C SER BB 21 -28.60 -11.94 62.00
N LEU BB 22 -27.28 -12.13 61.99
CA LEU BB 22 -26.69 -13.20 62.79
C LEU BB 22 -26.70 -12.85 64.27
N GLU BB 23 -26.47 -11.57 64.60
CA GLU BB 23 -26.43 -11.17 66.01
C GLU BB 23 -27.79 -11.31 66.66
N LEU BB 24 -28.84 -10.83 66.00
CA LEU BB 24 -30.19 -10.88 66.54
C LEU BB 24 -30.92 -12.17 66.20
N ARG BB 25 -30.36 -12.99 65.31
CA ARG BB 25 -30.96 -14.28 64.94
C ARG BB 25 -32.39 -14.09 64.43
N LYS BB 26 -32.55 -13.11 63.53
CA LYS BB 26 -33.84 -12.82 62.92
C LYS BB 26 -33.64 -12.63 61.42
N PRO BB 27 -34.61 -13.01 60.58
CA PRO BB 27 -34.42 -12.87 59.13
C PRO BB 27 -34.43 -11.41 58.69
N ILE BB 28 -33.47 -11.05 57.83
CA ILE BB 28 -33.43 -9.76 57.17
C ILE BB 28 -33.11 -10.00 55.70
N THR BB 29 -33.92 -9.44 54.81
CA THR BB 29 -33.83 -9.69 53.37
C THR BB 29 -33.19 -8.50 52.67
N PHE BB 30 -32.40 -8.81 51.64
CA PHE BB 30 -31.61 -7.81 50.91
C PHE BB 30 -32.35 -7.41 49.65
N GLY BB 31 -33.01 -6.26 49.70
CA GLY BB 31 -33.76 -5.75 48.56
C GLY BB 31 -33.16 -4.50 47.95
N VAL BB 32 -31.83 -4.44 47.89
CA VAL BB 32 -31.13 -3.25 47.39
C VAL BB 32 -30.60 -3.52 46.00
N ILE BB 33 -30.94 -2.65 45.06
CA ILE BB 33 -30.45 -2.74 43.69
C ILE BB 33 -29.06 -2.12 43.62
N THR BB 34 -28.14 -2.80 42.94
CA THR BB 34 -26.78 -2.31 42.70
C THR BB 34 -26.50 -2.42 41.21
N ALA BB 35 -26.70 -1.33 40.47
CA ALA BB 35 -26.63 -1.33 39.02
C ALA BB 35 -25.47 -0.46 38.54
N ASP BB 36 -24.99 -0.77 37.34
CA ASP BB 36 -23.92 0.00 36.72
C ASP BB 36 -24.45 1.16 35.87
N THR BB 37 -25.70 1.09 35.41
CA THR BB 37 -26.27 2.12 34.55
C THR BB 37 -27.72 2.35 34.95
N LEU BB 38 -28.24 3.52 34.55
CA LEU BB 38 -29.63 3.85 34.84
C LEU BB 38 -30.58 2.87 34.16
N GLU BB 39 -30.25 2.44 32.95
CA GLU BB 39 -31.12 1.50 32.24
C GLU BB 39 -31.25 0.18 33.01
N GLN BB 40 -30.14 -0.31 33.55
CA GLN BB 40 -30.19 -1.56 34.32
C GLN BB 40 -31.08 -1.42 35.54
N ALA BB 41 -31.16 -0.22 36.13
CA ALA BB 41 -31.97 -0.04 37.33
C ALA BB 41 -33.46 -0.03 36.99
N ILE BB 42 -33.84 0.63 35.89
CA ILE BB 42 -35.24 0.66 35.49
C ILE BB 42 -35.71 -0.74 35.15
N GLU BB 43 -34.81 -1.58 34.65
CA GLU BB 43 -35.17 -2.94 34.27
C GLU BB 43 -35.71 -3.73 35.46
N ARG BB 44 -35.14 -3.52 36.64
CA ARG BB 44 -35.45 -4.30 37.82
C ARG BB 44 -36.41 -3.61 38.78
N ALA BB 45 -36.97 -2.46 38.40
CA ALA BB 45 -37.86 -1.67 39.26
C ALA BB 45 -39.31 -1.75 38.80
N GLY BB 46 -39.77 -2.91 38.35
CA GLY BB 46 -41.12 -3.07 37.87
C GLY BB 46 -41.24 -3.21 36.37
N THR BB 47 -40.18 -3.61 35.69
CA THR BB 47 -40.16 -3.74 34.24
C THR BB 47 -39.58 -5.10 33.84
N LYS BB 48 -39.17 -5.25 32.57
CA LYS BB 48 -38.97 -6.55 31.93
C LYS BB 48 -38.21 -7.56 32.78
N HIS BB 49 -37.41 -7.13 33.76
CA HIS BB 49 -36.71 -8.06 34.65
C HIS BB 49 -37.36 -8.15 36.04
N GLY BB 50 -38.62 -7.75 36.16
CA GLY BB 50 -39.35 -7.93 37.39
C GLY BB 50 -39.16 -6.80 38.39
N ASN BB 51 -39.61 -7.07 39.62
CA ASN BB 51 -39.56 -6.10 40.71
C ASN BB 51 -38.80 -6.73 41.88
N LYS BB 52 -37.70 -6.08 42.29
CA LYS BB 52 -36.90 -6.63 43.38
C LYS BB 52 -37.61 -6.46 44.72
N GLY BB 53 -38.48 -5.46 44.85
CA GLY BB 53 -39.24 -5.30 46.07
C GLY BB 53 -40.20 -6.45 46.31
N TRP BB 54 -40.84 -6.94 45.24
CA TRP BB 54 -41.71 -8.09 45.36
C TRP BB 54 -40.93 -9.33 45.79
N GLU BB 55 -39.75 -9.54 45.20
CA GLU BB 55 -38.97 -10.73 45.49
C GLU BB 55 -38.51 -10.74 46.94
N ALA BB 56 -38.07 -9.58 47.46
CA ALA BB 56 -37.60 -9.52 48.83
C ALA BB 56 -38.70 -9.83 49.83
N ALA BB 57 -39.92 -9.36 49.55
CA ALA BB 57 -41.04 -9.66 50.44
C ALA BB 57 -41.36 -11.15 50.44
N LEU BB 58 -41.30 -11.79 49.28
CA LEU BB 58 -41.60 -13.22 49.20
C LEU BB 58 -40.60 -14.03 50.02
N SER BB 59 -39.32 -13.64 49.99
CA SER BB 59 -38.31 -14.33 50.79
C SER BB 59 -38.60 -14.17 52.28
N ALA BB 60 -39.03 -12.98 52.70
CA ALA BB 60 -39.30 -12.75 54.11
C ALA BB 60 -40.44 -13.62 54.62
N ILE BB 61 -41.49 -13.79 53.81
CA ILE BB 61 -42.63 -14.60 54.23
C ILE BB 61 -42.18 -16.05 54.45
N GLU BB 62 -41.40 -16.59 53.53
CA GLU BB 62 -40.95 -17.98 53.65
C GLU BB 62 -40.08 -18.16 54.88
N MET BB 63 -39.13 -17.24 55.11
CA MET BB 63 -38.23 -17.38 56.24
C MET BB 63 -38.97 -17.30 57.57
N ALA BB 64 -39.99 -16.44 57.65
CA ALA BB 64 -40.77 -16.33 58.88
C ALA BB 64 -41.48 -17.64 59.20
N ASN BB 65 -42.04 -18.29 58.19
CA ASN BB 65 -42.71 -19.57 58.41
C ASN BB 65 -41.71 -20.66 58.76
N LEU BB 66 -40.53 -20.63 58.14
CA LEU BB 66 -39.53 -21.65 58.41
C LEU BB 66 -39.08 -21.59 59.87
N PHE BB 67 -38.82 -20.38 60.37
CA PHE BB 67 -38.35 -20.25 61.75
C PHE BB 67 -39.43 -20.65 62.74
N LYS BB 68 -40.69 -20.41 62.40
CA LYS BB 68 -41.81 -20.89 63.24
C LYS BB 68 -41.75 -22.41 63.30
N SER BB 69 -41.36 -23.08 62.19
CA SER BB 69 -41.35 -24.54 62.16
C SER BB 69 -40.15 -25.12 62.91
N LEU BB 70 -38.99 -24.51 62.79
CA LEU BB 70 -37.80 -25.03 63.47
C LEU BB 70 -37.98 -24.99 64.99
N ARG BB 71 -38.57 -23.92 65.51
CA ARG BB 71 -38.71 -23.75 66.95
C ARG BB 71 -39.93 -24.47 67.51
N GLY BB 72 -40.71 -25.15 66.67
CA GLY BB 72 -41.82 -25.95 67.11
C GLY BB 72 -41.42 -27.38 67.40
N THR BB 73 -42.41 -28.26 67.38
CA THR BB 73 -42.15 -29.68 67.67
C THR BB 73 -41.35 -30.34 66.56
N GLY BB 74 -41.59 -29.97 65.31
CA GLY BB 74 -40.92 -30.59 64.19
C GLY BB 74 -41.60 -31.86 63.72
N GLY BB 75 -41.83 -32.80 64.64
CA GLY BB 75 -42.53 -34.01 64.29
C GLY BB 75 -41.70 -34.96 63.44
N SER BB 76 -42.41 -35.86 62.76
CA SER BB 76 -41.79 -36.87 61.91
C SER BB 76 -40.92 -37.83 62.71
N GLY BB 77 -40.54 -38.94 62.10
CA GLY BB 77 -39.71 -39.92 62.78
C GLY BB 77 -39.43 -41.09 61.87
N SER BB 78 -38.35 -41.81 62.20
CA SER BB 78 -37.90 -42.98 61.46
C SER BB 78 -37.59 -42.65 60.00
N SER BB 79 -37.32 -41.39 59.69
CA SER BB 79 -37.04 -40.96 58.34
C SER BB 79 -36.34 -39.61 58.38
N MET BB 80 -35.84 -39.19 57.23
CA MET BB 80 -35.12 -37.92 57.13
C MET BB 80 -36.06 -36.76 57.43
N GLU BB 81 -35.65 -35.90 58.37
CA GLU BB 81 -36.44 -34.72 58.69
C GLU BB 81 -36.17 -33.62 57.67
N ILE BB 82 -37.24 -33.02 57.17
CA ILE BB 82 -37.16 -31.94 56.19
C ILE BB 82 -37.94 -30.75 56.72
N TYR BB 83 -37.31 -29.57 56.73
CA TYR BB 83 -37.92 -28.34 57.18
C TYR BB 83 -38.06 -27.37 56.01
N GLU BB 84 -39.25 -26.82 55.84
CA GLU BB 84 -39.51 -25.86 54.77
C GLU BB 84 -40.62 -24.92 55.20
N GLY BB 85 -40.69 -23.78 54.51
CA GLY BB 85 -41.64 -22.73 54.85
C GLY BB 85 -42.71 -22.58 53.79
N LYS BB 86 -43.94 -22.34 54.25
CA LYS BB 86 -45.09 -22.13 53.35
C LYS BB 86 -45.00 -20.71 52.83
N LEU BB 87 -45.93 -20.30 51.98
CA LEU BB 87 -46.05 -18.96 51.44
C LEU BB 87 -47.40 -18.33 51.79
N THR BB 88 -47.84 -18.52 53.04
CA THR BB 88 -49.04 -17.87 53.56
C THR BB 88 -48.61 -16.83 54.59
N ALA BB 89 -49.16 -15.62 54.47
CA ALA BB 89 -48.76 -14.49 55.30
C ALA BB 89 -49.77 -14.18 56.41
N GLU BB 90 -50.77 -15.05 56.62
CA GLU BB 90 -51.78 -14.77 57.63
C GLU BB 90 -51.16 -14.78 59.02
N GLY BB 91 -51.36 -13.68 59.76
CA GLY BB 91 -50.90 -13.58 61.12
C GLY BB 91 -49.50 -13.03 61.32
N LEU BB 92 -48.75 -12.78 60.24
CA LEU BB 92 -47.38 -12.32 60.35
C LEU BB 92 -47.32 -10.79 60.36
N ARG BB 93 -46.24 -10.26 60.96
CA ARG BB 93 -46.02 -8.84 61.10
C ARG BB 93 -44.65 -8.48 60.53
N PHE BB 94 -44.60 -7.44 59.69
CA PHE BB 94 -43.42 -7.12 58.91
C PHE BB 94 -43.02 -5.66 59.11
N GLY BB 95 -41.71 -5.40 59.04
CA GLY BB 95 -41.18 -4.05 59.01
C GLY BB 95 -40.41 -3.80 57.73
N ILE BB 96 -40.47 -2.57 57.24
CA ILE BB 96 -39.83 -2.16 56.00
C ILE BB 96 -39.00 -0.90 56.25
N VAL BB 97 -37.76 -0.90 55.76
CA VAL BB 97 -36.89 0.27 55.80
C VAL BB 97 -36.54 0.64 54.36
N ALA BB 98 -36.82 1.89 53.99
CA ALA BB 98 -36.63 2.37 52.62
C ALA BB 98 -35.89 3.70 52.63
N SER BB 99 -35.04 3.90 51.63
CA SER BB 99 -34.29 5.13 51.51
C SER BB 99 -34.99 6.11 50.56
N ARG BB 100 -34.61 7.38 50.66
CA ARG BB 100 -35.24 8.44 49.87
C ARG BB 100 -34.47 8.81 48.62
N PHE BB 101 -33.21 8.41 48.48
CA PHE BB 101 -32.44 8.75 47.29
C PHE BB 101 -32.90 7.90 46.12
N ASN BB 102 -32.96 8.52 44.94
CA ASN BB 102 -33.56 7.88 43.75
C ASN BB 102 -34.99 7.46 44.03
N HIS BB 103 -35.79 8.37 44.60
CA HIS BB 103 -37.13 8.02 45.03
C HIS BB 103 -38.04 7.67 43.87
N ALA BB 104 -37.72 8.12 42.66
CA ALA BB 104 -38.53 7.76 41.51
C ALA BB 104 -38.57 6.26 41.29
N LEU BB 105 -37.50 5.55 41.69
CA LEU BB 105 -37.43 4.11 41.57
C LEU BB 105 -37.80 3.40 42.87
N VAL BB 106 -37.41 3.97 44.01
CA VAL BB 106 -37.63 3.31 45.30
C VAL BB 106 -39.11 3.13 45.57
N ASP BB 107 -39.93 4.15 45.25
CA ASP BB 107 -41.35 4.05 45.51
C ASP BB 107 -42.02 2.94 44.70
N ARG BB 108 -41.43 2.55 43.57
CA ARG BB 108 -41.95 1.39 42.85
C ARG BB 108 -41.66 0.10 43.61
N LEU BB 109 -40.50 0.02 44.26
CA LEU BB 109 -40.15 -1.19 45.01
C LEU BB 109 -41.01 -1.34 46.26
N VAL BB 110 -41.31 -0.22 46.93
CA VAL BB 110 -42.13 -0.29 48.14
C VAL BB 110 -43.55 -0.74 47.80
N GLU BB 111 -44.07 -0.28 46.66
CA GLU BB 111 -45.40 -0.71 46.23
C GLU BB 111 -45.44 -2.21 46.01
N GLY BB 112 -44.40 -2.77 45.38
CA GLY BB 112 -44.37 -4.20 45.15
C GLY BB 112 -44.36 -5.01 46.43
N ALA BB 113 -43.57 -4.57 47.42
CA ALA BB 113 -43.48 -5.29 48.68
C ALA BB 113 -44.83 -5.33 49.40
N ILE BB 114 -45.55 -4.21 49.40
CA ILE BB 114 -46.86 -4.17 50.07
C ILE BB 114 -47.86 -5.03 49.31
N ASP BB 115 -47.80 -5.00 47.97
CA ASP BB 115 -48.73 -5.79 47.18
C ASP BB 115 -48.55 -7.28 47.44
N CYS BB 116 -47.30 -7.73 47.55
CA CYS BB 116 -47.04 -9.15 47.79
C CYS BB 116 -47.63 -9.61 49.12
N ILE BB 117 -47.45 -8.81 50.17
CA ILE BB 117 -47.89 -9.21 51.50
C ILE BB 117 -49.42 -9.30 51.55
N VAL BB 118 -50.11 -8.34 50.94
CA VAL BB 118 -51.56 -8.28 51.07
C VAL BB 118 -52.22 -9.42 50.32
N ARG BB 119 -51.75 -9.73 49.11
CA ARG BB 119 -52.40 -10.74 48.30
C ARG BB 119 -52.04 -12.17 48.73
N HIS BB 120 -51.04 -12.33 49.57
CA HIS BB 120 -50.74 -13.63 50.19
C HIS BB 120 -51.46 -13.83 51.52
N GLY BB 121 -52.29 -12.88 51.95
CA GLY BB 121 -53.11 -13.03 53.14
C GLY BB 121 -52.76 -12.14 54.31
N GLY BB 122 -51.87 -11.17 54.13
CA GLY BB 122 -51.51 -10.27 55.22
C GLY BB 122 -52.41 -9.04 55.29
N ARG BB 123 -52.22 -8.27 56.35
CA ARG BB 123 -52.96 -7.05 56.58
C ARG BB 123 -52.02 -5.85 56.53
N GLU BB 124 -52.51 -4.74 55.98
CA GLU BB 124 -51.73 -3.51 55.99
C GLU BB 124 -51.52 -2.99 57.40
N GLU BB 125 -52.42 -3.31 58.32
CA GLU BB 125 -52.28 -2.88 59.71
C GLU BB 125 -51.05 -3.50 60.38
N ASP BB 126 -50.52 -4.59 59.84
CA ASP BB 126 -49.39 -5.29 60.43
C ASP BB 126 -48.06 -4.90 59.80
N ILE BB 127 -48.03 -3.83 59.00
CA ILE BB 127 -46.81 -3.39 58.32
C ILE BB 127 -46.37 -2.06 58.93
N THR BB 128 -45.09 -1.99 59.31
CA THR BB 128 -44.48 -0.78 59.82
C THR BB 128 -43.43 -0.31 58.81
N LEU BB 129 -43.53 0.94 58.39
CA LEU BB 129 -42.67 1.51 57.36
C LEU BB 129 -41.85 2.64 57.94
N VAL BB 130 -40.53 2.57 57.78
CA VAL BB 130 -39.60 3.58 58.26
C VAL BB 130 -38.79 4.09 57.07
N ARG BB 131 -38.65 5.40 56.94
CA ARG BB 131 -37.94 6.03 55.83
C ARG BB 131 -36.69 6.73 56.36
N VAL BB 132 -35.59 6.57 55.62
CA VAL BB 132 -34.30 7.15 56.00
C VAL BB 132 -33.75 7.95 54.82
N PRO BB 133 -32.86 8.93 55.05
CA PRO BB 133 -32.41 9.78 53.95
C PRO BB 133 -31.55 9.08 52.90
N GLY BB 134 -30.88 7.98 53.24
CA GLY BB 134 -29.99 7.34 52.30
C GLY BB 134 -29.70 5.90 52.67
N SER BB 135 -29.03 5.21 51.75
CA SER BB 135 -28.71 3.81 51.97
C SER BB 135 -27.74 3.62 53.14
N TRP BB 136 -26.87 4.60 53.38
CA TRP BB 136 -25.91 4.50 54.47
C TRP BB 136 -26.61 4.37 55.82
N GLU BB 137 -27.80 4.95 55.95
CA GLU BB 137 -28.53 4.93 57.22
C GLU BB 137 -29.45 3.73 57.37
N ILE BB 138 -29.52 2.84 56.39
CA ILE BB 138 -30.41 1.68 56.50
C ILE BB 138 -30.01 0.76 57.64
N PRO BB 139 -28.75 0.35 57.80
CA PRO BB 139 -28.44 -0.64 58.85
C PRO BB 139 -28.78 -0.19 60.25
N VAL BB 140 -28.55 1.09 60.59
CA VAL BB 140 -28.83 1.54 61.94
C VAL BB 140 -30.34 1.60 62.19
N ALA BB 141 -31.11 2.00 61.19
CA ALA BB 141 -32.57 2.01 61.33
C ALA BB 141 -33.12 0.60 61.40
N ALA BB 142 -32.57 -0.32 60.60
CA ALA BB 142 -33.03 -1.71 60.63
C ALA BB 142 -32.78 -2.33 62.00
N GLY BB 143 -31.73 -1.88 62.70
CA GLY BB 143 -31.44 -2.41 64.02
C GLY BB 143 -32.49 -2.08 65.07
N GLU BB 144 -33.19 -0.95 64.90
CA GLU BB 144 -34.23 -0.59 65.85
C GLU BB 144 -35.47 -1.45 65.66
N LEU BB 145 -35.85 -1.71 64.40
CA LEU BB 145 -37.02 -2.55 64.14
C LEU BB 145 -36.77 -4.00 64.54
N ALA BB 146 -35.58 -4.52 64.23
CA ALA BB 146 -35.31 -5.92 64.48
C ALA BB 146 -35.35 -6.26 65.97
N ARG BB 147 -35.14 -5.28 66.83
CA ARG BB 147 -35.14 -5.52 68.27
C ARG BB 147 -36.53 -5.49 68.88
N LYS BB 148 -37.56 -5.11 68.12
CA LYS BB 148 -38.92 -5.16 68.63
C LYS BB 148 -39.42 -6.60 68.68
N GLU BB 149 -40.18 -6.91 69.73
CA GLU BB 149 -40.60 -8.29 69.96
C GLU BB 149 -41.71 -8.71 69.00
N ASP BB 150 -42.49 -7.76 68.50
CA ASP BB 150 -43.66 -8.07 67.67
C ASP BB 150 -43.37 -7.90 66.17
N ILE BB 151 -42.11 -8.02 65.76
CA ILE BB 151 -41.71 -7.98 64.35
C ILE BB 151 -41.14 -9.34 64.00
N ASP BB 152 -41.62 -9.94 62.92
CA ASP BB 152 -41.17 -11.25 62.50
C ASP BB 152 -40.04 -11.21 61.49
N ALA BB 153 -40.02 -10.21 60.61
CA ALA BB 153 -38.96 -10.09 59.61
C ALA BB 153 -38.89 -8.65 59.15
N VAL BB 154 -37.74 -8.28 58.58
CA VAL BB 154 -37.46 -6.92 58.13
C VAL BB 154 -37.05 -6.98 56.67
N ILE BB 155 -37.52 -6.00 55.89
CA ILE BB 155 -37.22 -5.89 54.46
C ILE BB 155 -36.50 -4.57 54.22
N ALA BB 156 -35.34 -4.64 53.57
CA ALA BB 156 -34.52 -3.46 53.28
C ALA BB 156 -34.58 -3.17 51.79
N ILE BB 157 -34.83 -1.90 51.45
CA ILE BB 157 -35.04 -1.48 50.07
C ILE BB 157 -34.19 -0.25 49.80
N GLY BB 158 -33.53 -0.23 48.65
CA GLY BB 158 -32.73 0.92 48.24
C GLY BB 158 -32.24 0.73 46.81
N VAL BB 159 -31.71 1.81 46.26
CA VAL BB 159 -31.20 1.84 44.89
C VAL BB 159 -29.86 2.55 44.89
N LEU BB 160 -28.83 1.90 44.34
CA LEU BB 160 -27.51 2.49 44.15
C LEU BB 160 -27.10 2.34 42.69
N ILE BB 161 -26.63 3.44 42.09
CA ILE BB 161 -26.22 3.45 40.69
C ILE BB 161 -24.79 3.98 40.63
N ARG BB 162 -23.93 3.26 39.92
CA ARG BB 162 -22.53 3.63 39.80
C ARG BB 162 -22.38 4.89 38.97
N THR CB 3 -1.28 5.04 43.64
CA THR CB 3 -0.72 4.01 44.49
C THR CB 3 -1.82 3.32 45.30
N PRO CB 4 -1.60 2.08 45.73
CA PRO CB 4 -2.62 1.38 46.51
C PRO CB 4 -2.85 1.93 47.91
N HIS CB 5 -2.04 2.92 48.33
CA HIS CB 5 -2.24 3.52 49.65
C HIS CB 5 -3.65 4.07 49.79
N PHE CB 6 -4.24 4.58 48.70
CA PHE CB 6 -5.57 5.16 48.76
C PHE CB 6 -6.61 4.13 49.18
N ASP CB 7 -6.53 2.90 48.66
CA ASP CB 7 -7.58 1.93 48.89
C ASP CB 7 -7.67 1.51 50.35
N TYR CB 8 -6.53 1.23 50.99
CA TYR CB 8 -6.57 0.68 52.33
C TYR CB 8 -7.08 1.70 53.34
N ILE CB 9 -6.70 2.98 53.19
CA ILE CB 9 -7.19 4.01 54.10
C ILE CB 9 -8.69 4.18 53.93
N ALA CB 10 -9.17 4.22 52.70
CA ALA CB 10 -10.59 4.42 52.44
C ALA CB 10 -11.41 3.28 53.00
N SER CB 11 -10.93 2.05 52.85
CA SER CB 11 -11.69 0.89 53.33
C SER CB 11 -11.83 0.91 54.86
N GLU CB 12 -10.76 1.29 55.56
CA GLU CB 12 -10.79 1.23 57.02
C GLU CB 12 -11.61 2.36 57.62
N VAL CB 13 -11.58 3.55 57.01
CA VAL CB 13 -12.35 4.66 57.54
C VAL CB 13 -13.84 4.40 57.41
N SER CB 14 -14.27 3.92 56.24
CA SER CB 14 -15.69 3.63 56.05
C SER CB 14 -16.14 2.49 56.95
N LYS CB 15 -15.34 1.43 57.06
CA LYS CB 15 -15.70 0.29 57.90
C LYS CB 15 -15.78 0.69 59.37
N GLY CB 16 -14.83 1.51 59.83
CA GLY CB 16 -14.81 1.90 61.23
C GLY CB 16 -16.05 2.68 61.63
N LEU CB 17 -16.45 3.64 60.81
CA LEU CB 17 -17.61 4.46 61.16
C LEU CB 17 -18.90 3.64 61.15
N ALA CB 18 -19.01 2.71 60.20
CA ALA CB 18 -20.22 1.90 60.11
C ALA CB 18 -20.41 1.02 61.35
N ASN CB 19 -19.35 0.32 61.75
CA ASN CB 19 -19.45 -0.53 62.94
C ASN CB 19 -19.72 0.29 64.18
N LEU CB 20 -19.12 1.48 64.27
CA LEU CB 20 -19.30 2.32 65.44
C LEU CB 20 -20.76 2.73 65.61
N SER CB 21 -21.44 3.05 64.50
CA SER CB 21 -22.83 3.49 64.59
C SER CB 21 -23.73 2.35 65.09
N LEU CB 22 -23.45 1.11 64.68
CA LEU CB 22 -24.28 0.00 65.13
C LEU CB 22 -24.01 -0.35 66.59
N GLU CB 23 -22.75 -0.25 67.01
CA GLU CB 23 -22.41 -0.60 68.39
C GLU CB 23 -23.04 0.38 69.39
N LEU CB 24 -22.93 1.67 69.11
CA LEU CB 24 -23.48 2.70 70.00
C LEU CB 24 -24.93 3.03 69.69
N ARG CB 25 -25.47 2.56 68.57
CA ARG CB 25 -26.86 2.80 68.20
C ARG CB 25 -27.16 4.29 68.15
N LYS CB 26 -26.28 5.04 67.49
CA LYS CB 26 -26.42 6.47 67.31
C LYS CB 26 -26.11 6.83 65.85
N PRO CB 27 -26.78 7.83 65.27
CA PRO CB 27 -26.50 8.16 63.86
C PRO CB 27 -25.12 8.77 63.67
N ILE CB 28 -24.43 8.29 62.64
CA ILE CB 28 -23.17 8.88 62.18
C ILE CB 28 -23.24 8.98 60.66
N THR CB 29 -22.96 10.16 60.13
CA THR CB 29 -23.10 10.45 58.71
C THR CB 29 -21.74 10.48 58.01
N PHE CB 30 -21.71 10.00 56.77
CA PHE CB 30 -20.47 9.84 56.02
C PHE CB 30 -20.30 11.02 55.07
N GLY CB 31 -19.46 11.97 55.48
CA GLY CB 31 -19.19 13.16 54.69
C GLY CB 31 -17.79 13.21 54.12
N VAL CB 32 -17.27 12.06 53.69
CA VAL CB 32 -15.89 11.97 53.21
C VAL CB 32 -15.91 11.85 51.69
N ILE CB 33 -15.16 12.73 51.03
CA ILE CB 33 -15.02 12.68 49.57
C ILE CB 33 -13.95 11.65 49.20
N THR CB 34 -14.24 10.83 48.21
CA THR CB 34 -13.30 9.85 47.67
C THR CB 34 -13.25 10.03 46.16
N ALA CB 35 -12.26 10.78 45.68
CA ALA CB 35 -12.18 11.18 44.28
C ALA CB 35 -10.94 10.57 43.62
N ASP CB 36 -11.02 10.42 42.30
CA ASP CB 36 -9.90 9.91 41.52
C ASP CB 36 -8.96 11.01 41.05
N THR CB 37 -9.45 12.24 40.95
CA THR CB 37 -8.66 13.35 40.44
C THR CB 37 -8.95 14.60 41.25
N LEU CB 38 -8.02 15.56 41.19
CA LEU CB 38 -8.21 16.82 41.91
C LEU CB 38 -9.44 17.57 41.39
N GLU CB 39 -9.68 17.52 40.08
CA GLU CB 39 -10.83 18.22 39.51
C GLU CB 39 -12.13 17.68 40.08
N GLN CB 40 -12.24 16.35 40.22
CA GLN CB 40 -13.45 15.76 40.79
C GLN CB 40 -13.68 16.22 42.21
N ALA CB 41 -12.61 16.48 42.97
CA ALA CB 41 -12.77 16.90 44.36
C ALA CB 41 -13.26 18.33 44.44
N ILE CB 42 -12.72 19.23 43.62
CA ILE CB 42 -13.18 20.62 43.63
C ILE CB 42 -14.64 20.71 43.23
N GLU CB 43 -15.09 19.78 42.38
CA GLU CB 43 -16.48 19.79 41.92
C GLU CB 43 -17.45 19.65 43.09
N ARG CB 44 -17.10 18.83 44.08
CA ARG CB 44 -17.99 18.49 45.19
C ARG CB 44 -17.73 19.27 46.46
N ALA CB 45 -16.82 20.25 46.42
CA ALA CB 45 -16.44 21.03 47.60
C ALA CB 45 -16.98 22.45 47.57
N GLY CB 46 -18.22 22.63 47.09
CA GLY CB 46 -18.82 23.93 46.99
C GLY CB 46 -18.93 24.48 45.59
N THR CB 47 -18.91 23.61 44.57
CA THR CB 47 -18.96 24.00 43.18
C THR CB 47 -20.02 23.18 42.44
N LYS CB 48 -19.97 23.17 41.10
CA LYS CB 48 -21.09 22.77 40.25
C LYS CB 48 -21.80 21.49 40.70
N HIS CB 49 -21.16 20.61 41.47
CA HIS CB 49 -21.82 19.41 41.98
C HIS CB 49 -22.19 19.53 43.46
N GLY CB 50 -22.25 20.73 43.99
CA GLY CB 50 -22.73 20.95 45.34
C GLY CB 50 -21.65 20.83 46.39
N ASN CB 51 -22.09 20.76 47.64
CA ASN CB 51 -21.23 20.69 48.81
C ASN CB 51 -21.59 19.45 49.62
N LYS CB 52 -20.63 18.54 49.78
CA LYS CB 52 -20.90 17.31 50.53
C LYS CB 52 -21.04 17.57 52.02
N GLY CB 53 -20.41 18.63 52.52
CA GLY CB 53 -20.58 18.98 53.93
C GLY CB 53 -22.00 19.40 54.25
N TRP CB 54 -22.64 20.14 53.35
CA TRP CB 54 -24.03 20.52 53.53
C TRP CB 54 -24.93 19.29 53.54
N GLU CB 55 -24.69 18.36 52.62
CA GLU CB 55 -25.55 17.19 52.52
C GLU CB 55 -25.45 16.31 53.75
N ALA CB 56 -24.24 16.14 54.29
CA ALA CB 56 -24.06 15.29 55.46
C ALA CB 56 -24.79 15.88 56.67
N ALA CB 57 -24.76 17.20 56.83
CA ALA CB 57 -25.47 17.83 57.94
C ALA CB 57 -26.97 17.64 57.81
N LEU CB 58 -27.50 17.74 56.60
CA LEU CB 58 -28.94 17.58 56.41
C LEU CB 58 -29.39 16.17 56.78
N SER CB 59 -28.57 15.17 56.46
CA SER CB 59 -28.90 13.79 56.83
C SER CB 59 -28.91 13.62 58.34
N ALA CB 60 -27.96 14.26 59.03
CA ALA CB 60 -27.90 14.13 60.49
C ALA CB 60 -29.14 14.72 61.15
N ILE CB 61 -29.63 15.86 60.67
CA ILE CB 61 -30.80 16.48 61.26
C ILE CB 61 -32.01 15.56 61.14
N GLU CB 62 -32.21 14.97 59.96
CA GLU CB 62 -33.35 14.08 59.76
C GLU CB 62 -33.27 12.86 60.65
N MET CB 63 -32.09 12.25 60.74
CA MET CB 63 -31.95 11.03 61.54
C MET CB 63 -32.18 11.31 63.02
N ALA CB 64 -31.74 12.47 63.50
CA ALA CB 64 -31.96 12.81 64.90
C ALA CB 64 -33.45 12.92 65.22
N ASN CB 65 -34.21 13.54 64.32
CA ASN CB 65 -35.65 13.67 64.54
C ASN CB 65 -36.34 12.31 64.42
N LEU CB 66 -35.89 11.46 63.50
CA LEU CB 66 -36.49 10.14 63.34
C LEU CB 66 -36.33 9.30 64.60
N PHE CB 67 -35.13 9.31 65.19
CA PHE CB 67 -34.90 8.50 66.38
C PHE CB 67 -35.70 9.02 67.56
N LYS CB 68 -35.90 10.34 67.63
CA LYS CB 68 -36.77 10.93 68.69
C LYS CB 68 -38.17 10.36 68.49
N SER CB 69 -38.63 10.15 67.24
CA SER CB 69 -39.98 9.68 66.98
C SER CB 69 -40.14 8.19 67.28
N LEU CB 70 -39.14 7.38 66.93
CA LEU CB 70 -39.25 5.94 67.18
C LEU CB 70 -39.35 5.63 68.65
N ARG CB 71 -38.56 6.34 69.47
CA ARG CB 71 -38.51 6.08 70.90
C ARG CB 71 -39.64 6.75 71.67
N GLY CB 72 -40.50 7.50 71.00
CA GLY CB 72 -41.66 8.11 71.62
C GLY CB 72 -42.87 7.20 71.57
N THR CB 73 -44.06 7.81 71.69
CA THR CB 73 -45.29 7.04 71.70
C THR CB 73 -45.60 6.45 70.33
N GLY CB 74 -45.28 7.18 69.25
CA GLY CB 74 -45.58 6.72 67.91
C GLY CB 74 -46.99 7.08 67.47
N GLY CB 75 -47.98 6.71 68.28
CA GLY CB 75 -49.35 7.05 67.96
C GLY CB 75 -49.91 6.26 66.79
N SER CB 76 -50.97 6.82 66.21
CA SER CB 76 -51.68 6.22 65.07
C SER CB 76 -52.30 4.88 65.46
N GLY CB 77 -53.19 4.38 64.61
CA GLY CB 77 -53.83 3.11 64.88
C GLY CB 77 -54.80 2.77 63.77
N SER CB 78 -55.11 1.46 63.68
CA SER CB 78 -56.02 0.93 62.67
C SER CB 78 -55.54 1.20 61.25
N SER CB 79 -54.25 1.48 61.08
CA SER CB 79 -53.70 1.78 59.76
C SER CB 79 -52.19 1.57 59.81
N MET CB 80 -51.58 1.61 58.63
CA MET CB 80 -50.14 1.40 58.52
C MET CB 80 -49.39 2.52 59.24
N GLU CB 81 -48.48 2.14 60.15
CA GLU CB 81 -47.66 3.11 60.85
C GLU CB 81 -46.49 3.55 59.96
N ILE CB 82 -46.28 4.86 59.87
CA ILE CB 82 -45.20 5.44 59.07
C ILE CB 82 -44.39 6.35 59.97
N TYR CB 83 -43.07 6.16 59.97
CA TYR CB 83 -42.14 6.96 60.75
C TYR CB 83 -41.24 7.76 59.82
N GLU CB 84 -41.13 9.06 60.08
CA GLU CB 84 -40.28 9.92 59.26
C GLU CB 84 -39.80 11.08 60.12
N GLY CB 85 -38.73 11.73 59.65
CA GLY CB 85 -38.09 12.81 60.39
C GLY CB 85 -38.28 14.15 59.70
N LYS CB 86 -38.51 15.18 60.53
CA LYS CB 86 -38.68 16.55 60.03
C LYS CB 86 -37.29 17.09 59.71
N LEU CB 87 -37.21 18.31 59.22
CA LEU CB 87 -35.96 19.03 58.94
C LEU CB 87 -35.86 20.32 59.75
N THR CB 88 -36.23 20.26 61.02
CA THR CB 88 -36.06 21.37 61.96
C THR CB 88 -34.98 21.02 62.96
N ALA CB 89 -34.03 21.93 63.17
CA ALA CB 89 -32.88 21.67 64.01
C ALA CB 89 -32.98 22.33 65.39
N GLU CB 90 -34.14 22.87 65.75
CA GLU CB 90 -34.29 23.55 67.03
C GLU CB 90 -34.13 22.55 68.18
N GLY CB 91 -33.21 22.85 69.10
CA GLY CB 91 -33.01 22.04 70.28
C GLY CB 91 -32.02 20.90 70.14
N LEU CB 92 -31.47 20.66 68.96
CA LEU CB 92 -30.56 19.55 68.74
C LEU CB 92 -29.11 19.98 68.94
N ARG CB 93 -28.27 19.00 69.29
CA ARG CB 93 -26.86 19.21 69.57
C ARG CB 93 -26.03 18.28 68.70
N PHE CB 94 -25.01 18.83 68.04
CA PHE CB 94 -24.26 18.12 67.01
C PHE CB 94 -22.76 18.16 67.30
N GLY CB 95 -22.07 17.11 66.90
CA GLY CB 95 -20.61 17.06 66.93
C GLY CB 95 -20.06 16.85 65.53
N ILE CB 96 -18.90 17.46 65.27
CA ILE CB 96 -18.24 17.40 63.96
C ILE CB 96 -16.79 16.98 64.16
N VAL CB 97 -16.33 16.04 63.34
CA VAL CB 97 -14.94 15.61 63.30
C VAL CB 97 -14.42 15.87 61.90
N ALA CB 98 -13.33 16.63 61.80
CA ALA CB 98 -12.76 17.05 60.53
C ALA CB 98 -11.25 16.80 60.53
N SER CB 99 -10.73 16.42 59.36
CA SER CB 99 -9.30 16.18 59.21
C SER CB 99 -8.61 17.42 58.65
N ARG CB 100 -7.28 17.45 58.82
CA ARG CB 100 -6.47 18.59 58.41
C ARG CB 100 -5.81 18.42 57.05
N PHE CB 101 -5.74 17.21 56.51
CA PHE CB 101 -5.10 17.00 55.22
C PHE CB 101 -6.01 17.50 54.11
N ASN CB 102 -5.41 18.13 53.09
CA ASN CB 102 -6.15 18.83 52.05
C ASN CB 102 -7.07 19.89 52.65
N HIS CB 103 -6.51 20.72 53.54
CA HIS CB 103 -7.33 21.67 54.28
C HIS CB 103 -7.94 22.74 53.38
N ALA CB 104 -7.34 22.97 52.21
CA ALA CB 104 -7.92 23.95 51.29
C ALA CB 104 -9.34 23.56 50.88
N LEU CB 105 -9.64 22.26 50.86
CA LEU CB 105 -10.96 21.77 50.51
C LEU CB 105 -11.80 21.47 51.75
N VAL CB 106 -11.18 20.96 52.81
CA VAL CB 106 -11.92 20.53 53.99
C VAL CB 106 -12.62 21.72 54.65
N ASP CB 107 -11.94 22.87 54.71
CA ASP CB 107 -12.54 24.03 55.34
C ASP CB 107 -13.78 24.53 54.60
N ARG CB 108 -13.90 24.24 53.30
CA ARG CB 108 -15.13 24.54 52.60
C ARG CB 108 -16.26 23.64 53.05
N LEU CB 109 -15.96 22.37 53.33
CA LEU CB 109 -17.00 21.43 53.76
C LEU CB 109 -17.49 21.77 55.17
N VAL CB 110 -16.58 22.19 56.05
CA VAL CB 110 -16.98 22.52 57.42
C VAL CB 110 -17.88 23.75 57.43
N GLU CB 111 -17.59 24.72 56.56
CA GLU CB 111 -18.43 25.91 56.47
C GLU CB 111 -19.86 25.53 56.05
N GLY CB 112 -19.98 24.62 55.09
CA GLY CB 112 -21.30 24.21 54.65
C GLY CB 112 -22.11 23.53 55.74
N ALA CB 113 -21.45 22.67 56.52
CA ALA CB 113 -22.16 21.96 57.58
C ALA CB 113 -22.69 22.93 58.64
N ILE CB 114 -21.89 23.93 59.01
CA ILE CB 114 -22.34 24.89 60.01
C ILE CB 114 -23.46 25.76 59.45
N ASP CB 115 -23.36 26.14 58.17
CA ASP CB 115 -24.39 26.97 57.57
C ASP CB 115 -25.73 26.24 57.55
N CYS CB 116 -25.73 24.95 57.23
CA CYS CB 116 -26.97 24.19 57.18
C CYS CB 116 -27.66 24.16 58.54
N ILE CB 117 -26.89 23.91 59.60
CA ILE CB 117 -27.48 23.77 60.93
C ILE CB 117 -28.10 25.08 61.39
N VAL CB 118 -27.41 26.20 61.15
CA VAL CB 118 -27.87 27.48 61.69
C VAL CB 118 -29.14 27.94 60.99
N ARG CB 119 -29.21 27.79 59.66
CA ARG CB 119 -30.36 28.31 58.94
C ARG CB 119 -31.58 27.41 59.04
N HIS CB 120 -31.43 26.18 59.53
CA HIS CB 120 -32.56 25.33 59.85
C HIS CB 120 -33.05 25.48 61.29
N GLY CB 121 -32.46 26.39 62.06
CA GLY CB 121 -32.94 26.69 63.39
C GLY CB 121 -32.03 26.31 64.53
N GLY CB 122 -30.79 25.87 64.27
CA GLY CB 122 -29.89 25.51 65.32
C GLY CB 122 -29.05 26.68 65.82
N ARG CB 123 -28.31 26.42 66.89
CA ARG CB 123 -27.42 27.41 67.49
C ARG CB 123 -25.97 26.96 67.35
N GLU CB 124 -25.08 27.93 67.13
CA GLU CB 124 -23.65 27.62 67.09
C GLU CB 124 -23.15 27.16 68.45
N GLU CB 125 -23.81 27.57 69.53
CA GLU CB 125 -23.41 27.15 70.87
C GLU CB 125 -23.59 25.65 71.07
N ASP CB 126 -24.40 24.99 70.25
CA ASP CB 126 -24.69 23.57 70.39
C ASP CB 126 -23.84 22.70 69.47
N ILE CB 127 -22.79 23.25 68.87
CA ILE CB 127 -21.93 22.53 67.95
C ILE CB 127 -20.56 22.37 68.59
N THR CB 128 -20.06 21.13 68.61
CA THR CB 128 -18.72 20.80 69.09
C THR CB 128 -17.88 20.33 67.92
N LEU CB 129 -16.73 20.96 67.72
CA LEU CB 129 -15.86 20.69 66.58
C LEU CB 129 -14.53 20.13 67.08
N VAL CB 130 -14.13 18.98 66.54
CA VAL CB 130 -12.88 18.31 66.87
C VAL CB 130 -12.08 18.13 65.59
N ARG CB 131 -10.79 18.47 65.63
CA ARG CB 131 -9.91 18.38 64.47
C ARG CB 131 -8.85 17.32 64.71
N VAL CB 132 -8.58 16.51 63.69
CA VAL CB 132 -7.60 15.43 63.76
C VAL CB 132 -6.61 15.56 62.62
N PRO CB 133 -5.40 15.00 62.73
CA PRO CB 133 -4.39 15.22 61.67
C PRO CB 133 -4.71 14.56 60.35
N GLY CB 134 -5.53 13.50 60.32
CA GLY CB 134 -5.77 12.80 59.07
C GLY CB 134 -7.03 11.96 59.14
N SER CB 135 -7.40 11.42 57.98
CA SER CB 135 -8.62 10.62 57.89
C SER CB 135 -8.50 9.33 58.69
N TRP CB 136 -7.29 8.79 58.82
CA TRP CB 136 -7.10 7.56 59.58
C TRP CB 136 -7.53 7.72 61.03
N GLU CB 137 -7.39 8.93 61.58
CA GLU CB 137 -7.72 9.17 62.98
C GLU CB 137 -9.17 9.56 63.22
N ILE CB 138 -9.99 9.65 62.17
CA ILE CB 138 -11.39 10.05 62.36
C ILE CB 138 -12.16 9.04 63.20
N PRO CB 139 -12.11 7.72 62.93
CA PRO CB 139 -12.97 6.80 63.69
C PRO CB 139 -12.72 6.82 65.19
N VAL CB 140 -11.46 6.91 65.63
CA VAL CB 140 -11.19 6.88 67.06
C VAL CB 140 -11.66 8.17 67.73
N ALA CB 141 -11.52 9.31 67.04
CA ALA CB 141 -12.02 10.57 67.58
C ALA CB 141 -13.54 10.59 67.60
N ALA CB 142 -14.17 10.06 66.56
CA ALA CB 142 -15.63 10.01 66.52
C ALA CB 142 -16.19 9.16 67.66
N GLY CB 143 -15.43 8.15 68.09
CA GLY CB 143 -15.88 7.31 69.19
C GLY CB 143 -15.97 8.03 70.52
N GLU CB 144 -15.16 9.05 70.73
CA GLU CB 144 -15.22 9.81 71.97
C GLU CB 144 -16.44 10.71 72.02
N LEU CB 145 -16.78 11.36 70.89
CA LEU CB 145 -17.95 12.22 70.85
C LEU CB 145 -19.24 11.40 70.95
N ALA CB 146 -19.30 10.28 70.25
CA ALA CB 146 -20.54 9.50 70.20
C ALA CB 146 -20.93 8.95 71.56
N ARG CB 147 -19.96 8.81 72.48
CA ARG CB 147 -20.25 8.29 73.81
C ARG CB 147 -20.74 9.36 74.78
N LYS CB 148 -20.71 10.63 74.41
CA LYS CB 148 -21.25 11.67 75.26
C LYS CB 148 -22.77 11.65 75.24
N GLU CB 149 -23.37 11.88 76.41
CA GLU CB 149 -24.82 11.76 76.54
C GLU CB 149 -25.56 12.92 75.88
N ASP CB 150 -24.92 14.08 75.76
CA ASP CB 150 -25.58 15.29 75.25
C ASP CB 150 -25.26 15.55 73.78
N ILE CB 151 -24.92 14.51 73.02
CA ILE CB 151 -24.69 14.62 71.58
C ILE CB 151 -25.74 13.76 70.89
N ASP CB 152 -26.43 14.35 69.91
CA ASP CB 152 -27.49 13.66 69.19
C ASP CB 152 -27.01 12.98 67.92
N ALA CB 153 -26.04 13.56 67.22
CA ALA CB 153 -25.52 12.96 65.99
C ALA CB 153 -24.12 13.50 65.75
N VAL CB 154 -23.35 12.77 64.95
CA VAL CB 154 -21.97 13.10 64.63
C VAL CB 154 -21.81 13.17 63.12
N ILE CB 155 -21.02 14.14 62.65
CA ILE CB 155 -20.77 14.36 61.24
C ILE CB 155 -19.27 14.21 61.00
N ALA CB 156 -18.90 13.35 60.05
CA ALA CB 156 -17.51 13.08 59.71
C ALA CB 156 -17.19 13.70 58.35
N ILE CB 157 -16.09 14.44 58.29
CA ILE CB 157 -15.70 15.19 57.09
C ILE CB 157 -14.24 14.91 56.78
N GLY CB 158 -13.94 14.68 55.50
CA GLY CB 158 -12.58 14.47 55.06
C GLY CB 158 -12.53 14.42 53.54
N VAL CB 159 -11.30 14.46 53.03
CA VAL CB 159 -11.05 14.43 51.59
C VAL CB 159 -9.91 13.46 51.31
N LEU CB 160 -10.14 12.51 50.41
CA LEU CB 160 -9.12 11.58 49.94
C LEU CB 160 -9.05 11.62 48.42
N ILE CB 161 -7.84 11.73 47.88
CA ILE CB 161 -7.62 11.81 46.44
C ILE CB 161 -6.64 10.73 46.05
N ARG CB 162 -6.99 9.94 45.03
CA ARG CB 162 -6.14 8.85 44.60
C ARG CB 162 -4.87 9.38 43.93
N THR DB 3 31.82 -2.68 30.17
CA THR DB 3 33.20 -2.93 29.74
C THR DB 3 33.65 -4.31 30.24
N PRO DB 4 34.64 -4.91 29.56
CA PRO DB 4 35.11 -6.23 29.98
C PRO DB 4 35.88 -6.22 31.29
N HIS DB 5 36.13 -5.06 31.89
CA HIS DB 5 36.82 -5.00 33.17
C HIS DB 5 36.09 -5.83 34.22
N PHE DB 6 34.76 -5.87 34.15
CA PHE DB 6 33.98 -6.61 35.13
C PHE DB 6 34.32 -8.09 35.12
N ASP DB 7 34.48 -8.68 33.94
CA ASP DB 7 34.63 -10.13 33.86
C ASP DB 7 35.93 -10.61 34.49
N TYR DB 8 37.04 -9.93 34.22
CA TYR DB 8 38.33 -10.42 34.67
C TYR DB 8 38.48 -10.34 36.18
N ILE DB 9 37.95 -9.27 36.80
CA ILE DB 9 38.01 -9.16 38.25
C ILE DB 9 37.16 -10.24 38.90
N ALA DB 10 35.95 -10.46 38.37
CA ALA DB 10 35.06 -11.45 38.95
C ALA DB 10 35.64 -12.85 38.86
N SER DB 11 36.28 -13.18 37.73
CA SER DB 11 36.84 -14.51 37.56
C SER DB 11 37.97 -14.77 38.54
N GLU DB 12 38.82 -13.77 38.78
CA GLU DB 12 39.99 -13.99 39.63
C GLU DB 12 39.62 -14.05 41.11
N VAL DB 13 38.63 -13.25 41.53
CA VAL DB 13 38.23 -13.27 42.93
C VAL DB 13 37.61 -14.62 43.30
N SER DB 14 36.70 -15.11 42.45
CA SER DB 14 36.07 -16.40 42.73
C SER DB 14 37.08 -17.52 42.68
N LYS DB 15 37.99 -17.51 41.69
CA LYS DB 15 38.99 -18.57 41.59
C LYS DB 15 39.94 -18.54 42.77
N GLY DB 16 40.35 -17.35 43.21
CA GLY DB 16 41.30 -17.27 44.31
C GLY DB 16 40.74 -17.84 45.61
N LEU DB 17 39.51 -17.51 45.94
CA LEU DB 17 38.91 -17.99 47.18
C LEU DB 17 38.72 -19.50 47.16
N ALA DB 18 38.34 -20.04 46.00
CA ALA DB 18 38.09 -21.48 45.90
C ALA DB 18 39.38 -22.28 46.13
N ASN DB 19 40.45 -21.89 45.45
CA ASN DB 19 41.72 -22.59 45.63
C ASN DB 19 42.23 -22.47 47.07
N LEU DB 20 42.04 -21.30 47.67
CA LEU DB 20 42.52 -21.08 49.03
C LEU DB 20 41.84 -22.02 50.01
N SER DB 21 40.55 -22.25 49.84
CA SER DB 21 39.82 -23.13 50.77
C SER DB 21 40.33 -24.55 50.69
N LEU DB 22 40.66 -25.02 49.48
CA LEU DB 22 41.15 -26.39 49.33
C LEU DB 22 42.57 -26.53 49.87
N GLU DB 23 43.41 -25.52 49.66
CA GLU DB 23 44.80 -25.60 50.12
C GLU DB 23 44.88 -25.63 51.64
N LEU DB 24 44.14 -24.75 52.32
CA LEU DB 24 44.16 -24.68 53.77
C LEU DB 24 43.15 -25.61 54.42
N ARG DB 25 42.24 -26.20 53.64
CA ARG DB 25 41.25 -27.14 54.17
C ARG DB 25 40.41 -26.49 55.28
N LYS DB 26 39.96 -25.27 55.01
CA LYS DB 26 39.12 -24.52 55.94
C LYS DB 26 37.95 -23.91 55.17
N PRO DB 27 36.77 -23.79 55.78
CA PRO DB 27 35.63 -23.23 55.04
C PRO DB 27 35.79 -21.74 54.76
N ILE DB 28 35.48 -21.36 53.53
CA ILE DB 28 35.41 -19.95 53.12
C ILE DB 28 34.13 -19.79 52.30
N THR DB 29 33.32 -18.80 52.67
CA THR DB 29 32.00 -18.59 52.07
C THR DB 29 32.04 -17.42 51.10
N PHE DB 30 31.28 -17.54 50.01
CA PHE DB 30 31.28 -16.56 48.92
C PHE DB 30 30.08 -15.63 49.09
N GLY DB 31 30.36 -14.44 49.62
CA GLY DB 31 29.32 -13.44 49.84
C GLY DB 31 29.45 -12.23 48.95
N VAL DB 32 29.84 -12.44 47.69
CA VAL DB 32 30.08 -11.34 46.76
C VAL DB 32 28.94 -11.26 45.76
N ILE DB 33 28.34 -10.08 45.64
CA ILE DB 33 27.27 -9.83 44.68
C ILE DB 33 27.89 -9.54 43.32
N THR DB 34 27.34 -10.15 42.27
CA THR DB 34 27.75 -9.91 40.89
C THR DB 34 26.50 -9.61 40.08
N ALA DB 35 26.21 -8.32 39.89
CA ALA DB 35 24.97 -7.87 39.29
C ALA DB 35 25.24 -7.17 37.96
N ASP DB 36 24.24 -7.18 37.08
CA ASP DB 36 24.33 -6.49 35.80
C ASP DB 36 23.87 -5.05 35.87
N THR DB 37 23.04 -4.70 36.85
CA THR DB 37 22.49 -3.35 36.96
C THR DB 37 22.46 -2.94 38.43
N LEU DB 38 22.38 -1.63 38.66
CA LEU DB 38 22.32 -1.12 40.02
C LEU DB 38 21.06 -1.59 40.74
N GLU DB 39 19.94 -1.67 40.01
CA GLU DB 39 18.70 -2.12 40.62
C GLU DB 39 18.83 -3.55 41.14
N GLN DB 40 19.46 -4.43 40.37
CA GLN DB 40 19.65 -5.80 40.81
C GLN DB 40 20.48 -5.88 42.09
N ALA DB 41 21.42 -4.95 42.26
CA ALA DB 41 22.27 -4.98 43.46
C ALA DB 41 21.50 -4.55 44.70
N ILE DB 42 20.68 -3.49 44.58
CA ILE DB 42 19.89 -3.04 45.72
C ILE DB 42 18.91 -4.12 46.15
N GLU DB 43 18.45 -4.93 45.19
CA GLU DB 43 17.49 -5.99 45.51
C GLU DB 43 18.06 -6.97 46.53
N ARG DB 44 19.34 -7.28 46.42
CA ARG DB 44 19.98 -8.32 47.22
C ARG DB 44 20.76 -7.77 48.41
N ALA DB 45 20.69 -6.47 48.68
CA ALA DB 45 21.45 -5.83 49.76
C ALA DB 45 20.57 -5.43 50.93
N GLY DB 46 19.59 -6.25 51.28
CA GLY DB 46 18.67 -5.96 52.36
C GLY DB 46 17.27 -5.58 51.92
N THR DB 47 16.87 -5.97 50.71
CA THR DB 47 15.57 -5.63 50.17
C THR DB 47 14.89 -6.88 49.60
N LYS DB 48 13.87 -6.70 48.77
CA LYS DB 48 12.89 -7.74 48.45
C LYS DB 48 13.49 -9.11 48.15
N HIS DB 49 14.76 -9.21 47.75
CA HIS DB 49 15.42 -10.50 47.52
C HIS DB 49 16.38 -10.88 48.65
N GLY DB 50 16.23 -10.27 49.82
CA GLY DB 50 17.00 -10.68 50.98
C GLY DB 50 18.35 -10.00 51.07
N ASN DB 51 19.17 -10.53 51.97
CA ASN DB 51 20.51 -10.00 52.25
C ASN DB 51 21.53 -11.11 52.05
N LYS DB 52 22.47 -10.90 51.14
CA LYS DB 52 23.47 -11.91 50.86
C LYS DB 52 24.49 -12.03 52.00
N GLY DB 53 24.68 -10.96 52.76
CA GLY DB 53 25.56 -11.04 53.91
C GLY DB 53 25.03 -11.97 54.99
N TRP DB 54 23.72 -11.94 55.22
CA TRP DB 54 23.11 -12.85 56.18
C TRP DB 54 23.27 -14.30 55.72
N GLU DB 55 23.04 -14.56 54.43
CA GLU DB 55 23.12 -15.93 53.93
C GLU DB 55 24.52 -16.49 54.04
N ALA DB 56 25.54 -15.69 53.73
CA ALA DB 56 26.91 -16.17 53.80
C ALA DB 56 27.30 -16.53 55.23
N ALA DB 57 26.85 -15.75 56.21
CA ALA DB 57 27.16 -16.06 57.60
C ALA DB 57 26.49 -17.36 58.03
N LEU DB 58 25.25 -17.60 57.58
CA LEU DB 58 24.56 -18.83 57.96
C LEU DB 58 25.29 -20.06 57.41
N SER DB 59 25.81 -19.96 56.19
CA SER DB 59 26.57 -21.07 55.63
C SER DB 59 27.84 -21.34 56.42
N ALA DB 60 28.51 -20.28 56.88
CA ALA DB 60 29.75 -20.46 57.65
C ALA DB 60 29.48 -21.19 58.96
N ILE DB 61 28.38 -20.85 59.65
CA ILE DB 61 28.07 -21.49 60.93
C ILE DB 61 27.87 -22.99 60.73
N GLU DB 62 27.11 -23.37 59.69
CA GLU DB 62 26.85 -24.77 59.45
C GLU DB 62 28.13 -25.53 59.13
N MET DB 63 28.98 -24.96 58.27
CA MET DB 63 30.20 -25.64 57.87
C MET DB 63 31.14 -25.83 59.05
N ALA DB 64 31.21 -24.84 59.94
CA ALA DB 64 32.07 -24.96 61.11
C ALA DB 64 31.63 -26.13 62.00
N ASN DB 65 30.32 -26.28 62.20
CA ASN DB 65 29.82 -27.38 63.01
C ASN DB 65 30.03 -28.72 62.32
N LEU DB 66 29.87 -28.75 61.00
CA LEU DB 66 30.07 -30.00 60.25
C LEU DB 66 31.50 -30.49 60.38
N PHE DB 67 32.47 -29.60 60.23
CA PHE DB 67 33.87 -30.02 60.30
C PHE DB 67 34.23 -30.48 61.71
N LYS DB 68 33.62 -29.87 62.73
CA LYS DB 68 33.82 -30.33 64.13
C LYS DB 68 33.31 -31.78 64.21
N SER DB 69 32.22 -32.13 63.50
CA SER DB 69 31.64 -33.46 63.60
C SER DB 69 32.47 -34.49 62.84
N LEU DB 70 32.97 -34.14 61.65
CA LEU DB 70 33.75 -35.10 60.87
C LEU DB 70 35.02 -35.51 61.59
N ARG DB 71 35.69 -34.56 62.24
CA ARG DB 71 36.95 -34.83 62.91
C ARG DB 71 36.79 -35.41 64.30
N GLY DB 72 35.54 -35.59 64.77
CA GLY DB 72 35.28 -36.23 66.03
C GLY DB 72 35.12 -37.74 65.89
N THR DB 73 34.44 -38.32 66.87
CA THR DB 73 34.26 -39.77 66.87
C THR DB 73 33.30 -40.22 65.77
N GLY DB 74 32.26 -39.42 65.49
CA GLY DB 74 31.28 -39.79 64.49
C GLY DB 74 30.17 -40.65 65.05
N GLY DB 75 30.54 -41.76 65.70
CA GLY DB 75 29.56 -42.62 66.33
C GLY DB 75 28.74 -43.40 65.31
N SER DB 76 27.57 -43.87 65.78
CA SER DB 76 26.64 -44.66 64.99
C SER DB 76 27.27 -45.99 64.57
N GLY DB 77 26.45 -46.91 64.08
CA GLY DB 77 26.93 -48.20 63.66
C GLY DB 77 25.79 -49.06 63.16
N SER DB 78 26.15 -50.06 62.36
CA SER DB 78 25.20 -51.00 61.77
C SER DB 78 24.16 -50.30 60.90
N SER DB 79 24.46 -49.09 60.43
CA SER DB 79 23.53 -48.33 59.61
C SER DB 79 24.30 -47.25 58.88
N MET DB 80 23.62 -46.60 57.93
CA MET DB 80 24.24 -45.55 57.12
C MET DB 80 24.64 -44.38 58.01
N GLU DB 81 25.90 -43.97 57.91
CA GLU DB 81 26.39 -42.82 58.64
C GLU DB 81 26.00 -41.53 57.92
N ILE DB 82 25.43 -40.59 58.66
CA ILE DB 82 25.02 -39.29 58.13
C ILE DB 82 25.68 -38.19 58.96
N TYR DB 83 26.33 -37.25 58.26
CA TYR DB 83 26.99 -36.12 58.90
C TYR DB 83 26.28 -34.83 58.49
N GLU DB 84 25.97 -33.99 59.48
CA GLU DB 84 25.31 -32.73 59.23
C GLU DB 84 25.68 -31.75 60.33
N GLY DB 85 25.49 -30.46 60.04
CA GLY DB 85 25.87 -29.40 60.95
C GLY DB 85 24.67 -28.68 61.53
N LYS DB 86 24.77 -28.34 62.82
CA LYS DB 86 23.70 -27.62 63.52
C LYS DB 86 23.81 -26.15 63.12
N LEU DB 87 22.92 -25.32 63.62
CA LEU DB 87 22.91 -23.87 63.41
C LEU DB 87 23.04 -23.11 64.73
N THR DB 88 23.91 -23.59 65.62
CA THR DB 88 24.23 -22.90 66.86
C THR DB 88 25.65 -22.35 66.77
N ALA DB 89 25.81 -21.08 67.12
CA ALA DB 89 27.09 -20.39 66.98
C ALA DB 89 27.85 -20.23 68.29
N GLU DB 90 27.39 -20.88 69.37
CA GLU DB 90 28.04 -20.74 70.65
C GLU DB 90 29.45 -21.32 70.61
N GLY DB 91 30.45 -20.50 70.98
CA GLY DB 91 31.82 -20.95 71.06
C GLY DB 91 32.63 -20.81 69.79
N LEU DB 92 32.04 -20.39 68.68
CA LEU DB 92 32.74 -20.30 67.41
C LEU DB 92 33.34 -18.90 67.22
N ARG DB 93 34.41 -18.85 66.42
CA ARG DB 93 35.14 -17.62 66.14
C ARG DB 93 35.22 -17.40 64.63
N PHE DB 94 34.89 -16.20 64.18
CA PHE DB 94 34.71 -15.89 62.76
C PHE DB 94 35.56 -14.71 62.35
N GLY DB 95 36.01 -14.73 61.10
CA GLY DB 95 36.67 -13.59 60.47
C GLY DB 95 35.89 -13.12 59.25
N ILE DB 96 35.92 -11.81 59.02
CA ILE DB 96 35.19 -11.18 57.92
C ILE DB 96 36.15 -10.28 57.15
N VAL DB 97 36.12 -10.39 55.82
CA VAL DB 97 36.87 -9.52 54.92
C VAL DB 97 35.87 -8.79 54.04
N ALA DB 98 35.93 -7.46 54.04
CA ALA DB 98 34.99 -6.63 53.31
C ALA DB 98 35.73 -5.56 52.52
N SER DB 99 35.21 -5.24 51.34
CA SER DB 99 35.80 -4.22 50.48
C SER DB 99 35.12 -2.87 50.70
N ARG DB 100 35.80 -1.81 50.27
CA ARG DB 100 35.32 -0.45 50.46
C ARG DB 100 34.61 0.13 49.23
N PHE DB 101 34.74 -0.48 48.06
CA PHE DB 101 34.09 0.05 46.88
C PHE DB 101 32.60 -0.26 46.93
N ASN DB 102 31.78 0.71 46.49
CA ASN DB 102 30.33 0.62 46.65
C ASN DB 102 29.96 0.46 48.12
N HIS DB 103 30.53 1.30 48.98
CA HIS DB 103 30.36 1.12 50.42
C HIS DB 103 28.90 1.36 50.84
N ALA DB 104 28.13 2.09 50.05
CA ALA DB 104 26.74 2.31 50.41
C ALA DB 104 25.97 0.99 50.48
N LEU DB 105 26.39 0.00 49.71
CA LEU DB 105 25.77 -1.33 49.72
C LEU DB 105 26.52 -2.31 50.61
N VAL DB 106 27.85 -2.22 50.65
CA VAL DB 106 28.64 -3.20 51.39
C VAL DB 106 28.35 -3.12 52.87
N ASP DB 107 28.19 -1.91 53.41
CA ASP DB 107 27.92 -1.78 54.84
C ASP DB 107 26.58 -2.40 55.24
N ARG DB 108 25.64 -2.52 54.31
CA ARG DB 108 24.41 -3.25 54.61
C ARG DB 108 24.68 -4.74 54.74
N LEU DB 109 25.59 -5.28 53.93
CA LEU DB 109 25.90 -6.71 53.99
C LEU DB 109 26.66 -7.06 55.26
N VAL DB 110 27.56 -6.17 55.71
CA VAL DB 110 28.32 -6.45 56.92
C VAL DB 110 27.41 -6.43 58.14
N GLU DB 111 26.42 -5.54 58.15
CA GLU DB 111 25.46 -5.51 59.25
C GLU DB 111 24.69 -6.83 59.34
N GLY DB 112 24.27 -7.36 58.20
CA GLY DB 112 23.54 -8.62 58.21
C GLY DB 112 24.35 -9.78 58.74
N ALA DB 113 25.63 -9.84 58.35
CA ALA DB 113 26.48 -10.94 58.81
C ALA DB 113 26.65 -10.91 60.32
N ILE DB 114 26.86 -9.73 60.89
CA ILE DB 114 27.03 -9.62 62.34
C ILE DB 114 25.73 -9.94 63.05
N ASP DB 115 24.60 -9.50 62.51
CA ASP DB 115 23.31 -9.78 63.13
C ASP DB 115 23.04 -11.27 63.19
N CYS DB 116 23.36 -12.00 62.11
CA CYS DB 116 23.13 -13.44 62.08
C CYS DB 116 23.92 -14.16 63.18
N ILE DB 117 25.20 -13.80 63.33
CA ILE DB 117 26.05 -14.49 64.28
C ILE DB 117 25.58 -14.26 65.71
N VAL DB 118 25.18 -13.03 66.04
CA VAL DB 118 24.86 -12.70 67.41
C VAL DB 118 23.56 -13.38 67.84
N ARG DB 119 22.54 -13.38 66.97
CA ARG DB 119 21.25 -13.91 67.37
C ARG DB 119 21.20 -15.43 67.32
N HIS DB 120 22.20 -16.08 66.73
CA HIS DB 120 22.34 -17.53 66.80
C HIS DB 120 23.20 -17.98 67.98
N GLY DB 121 23.66 -17.06 68.82
CA GLY DB 121 24.37 -17.41 70.04
C GLY DB 121 25.84 -17.04 70.08
N GLY DB 122 26.33 -16.27 69.11
CA GLY DB 122 27.72 -15.87 69.11
C GLY DB 122 27.96 -14.57 69.85
N ARG DB 123 29.24 -14.24 70.02
CA ARG DB 123 29.66 -13.01 70.69
C ARG DB 123 30.37 -12.10 69.69
N GLU DB 124 30.15 -10.80 69.84
CA GLU DB 124 30.87 -9.83 69.01
C GLU DB 124 32.36 -9.85 69.30
N GLU DB 125 32.75 -10.24 70.51
CA GLU DB 125 34.17 -10.32 70.86
C GLU DB 125 34.91 -11.36 70.05
N ASP DB 126 34.20 -12.32 69.45
CA ASP DB 126 34.81 -13.40 68.69
C ASP DB 126 34.83 -13.13 67.19
N ILE DB 127 34.55 -11.90 66.76
CA ILE DB 127 34.51 -11.53 65.35
C ILE DB 127 35.69 -10.61 65.06
N THR DB 128 36.45 -10.93 64.01
CA THR DB 128 37.54 -10.11 63.53
C THR DB 128 37.19 -9.58 62.15
N LEU DB 129 37.26 -8.27 61.97
CA LEU DB 129 36.84 -7.61 60.73
C LEU DB 129 38.05 -6.92 60.10
N VAL DB 130 38.30 -7.23 58.83
CA VAL DB 130 39.40 -6.65 58.06
C VAL DB 130 38.80 -5.99 56.82
N ARG DB 131 39.24 -4.76 56.54
CA ARG DB 131 38.74 -3.99 55.41
C ARG DB 131 39.84 -3.78 54.39
N VAL DB 132 39.51 -3.93 53.11
CA VAL DB 132 40.46 -3.79 52.01
C VAL DB 132 39.92 -2.80 51.00
N PRO DB 133 40.77 -2.17 50.18
CA PRO DB 133 40.28 -1.12 49.27
C PRO DB 133 39.38 -1.63 48.15
N GLY DB 134 39.48 -2.90 47.75
CA GLY DB 134 38.68 -3.37 46.63
C GLY DB 134 38.57 -4.88 46.63
N SER DB 135 37.73 -5.38 45.72
CA SER DB 135 37.50 -6.81 45.63
C SER DB 135 38.74 -7.56 45.19
N TRP DB 136 39.60 -6.93 44.39
CA TRP DB 136 40.82 -7.58 43.94
C TRP DB 136 41.71 -7.99 45.10
N GLU DB 137 41.68 -7.23 46.20
CA GLU DB 137 42.54 -7.49 47.34
C GLU DB 137 41.93 -8.44 48.35
N ILE DB 138 40.71 -8.93 48.13
CA ILE DB 138 40.08 -9.84 49.09
C ILE DB 138 40.87 -11.14 49.24
N PRO DB 139 41.24 -11.85 48.17
CA PRO DB 139 41.88 -13.16 48.36
C PRO DB 139 43.17 -13.12 49.17
N VAL DB 140 44.01 -12.11 48.97
CA VAL DB 140 45.27 -12.06 49.70
C VAL DB 140 45.03 -11.75 51.17
N ALA DB 141 44.06 -10.89 51.48
CA ALA DB 141 43.72 -10.61 52.87
C ALA DB 141 43.08 -11.82 53.53
N ALA DB 142 42.21 -12.52 52.80
CA ALA DB 142 41.57 -13.71 53.36
C ALA DB 142 42.61 -14.78 53.70
N GLY DB 143 43.72 -14.82 52.96
CA GLY DB 143 44.76 -15.79 53.24
C GLY DB 143 45.45 -15.59 54.56
N GLU DB 144 45.52 -14.35 55.05
CA GLU DB 144 46.14 -14.09 56.34
C GLU DB 144 45.26 -14.54 57.49
N LEU DB 145 43.95 -14.31 57.39
CA LEU DB 145 43.03 -14.74 58.43
C LEU DB 145 42.92 -16.26 58.48
N ALA DB 146 42.83 -16.90 57.31
CA ALA DB 146 42.60 -18.34 57.28
C ALA DB 146 43.76 -19.12 57.90
N ARG DB 147 44.94 -18.53 57.95
CA ARG DB 147 46.10 -19.21 58.52
C ARG DB 147 46.20 -19.07 60.03
N LYS DB 148 45.35 -18.26 60.66
CA LYS DB 148 45.34 -18.17 62.11
C LYS DB 148 44.69 -19.41 62.71
N GLU DB 149 45.24 -19.87 63.84
CA GLU DB 149 44.78 -21.13 64.44
C GLU DB 149 43.43 -20.96 65.13
N ASP DB 150 43.10 -19.75 65.59
CA ASP DB 150 41.89 -19.52 66.37
C ASP DB 150 40.75 -18.95 65.52
N ILE DB 151 40.75 -19.20 64.22
CA ILE DB 151 39.66 -18.80 63.32
C ILE DB 151 39.04 -20.07 62.77
N ASP DB 152 37.71 -20.17 62.87
CA ASP DB 152 37.00 -21.35 62.41
C ASP DB 152 36.51 -21.23 60.97
N ALA DB 153 36.11 -20.03 60.54
CA ALA DB 153 35.62 -19.84 59.18
C ALA DB 153 35.80 -18.37 58.81
N VAL DB 154 35.81 -18.11 57.51
CA VAL DB 154 36.01 -16.77 56.95
C VAL DB 154 34.85 -16.44 56.04
N ILE DB 155 34.39 -15.19 56.08
CA ILE DB 155 33.29 -14.70 55.26
C ILE DB 155 33.81 -13.57 54.40
N ALA DB 156 33.60 -13.67 53.09
CA ALA DB 156 34.04 -12.68 52.12
C ALA DB 156 32.84 -11.91 51.58
N ILE DB 157 32.93 -10.58 51.59
CA ILE DB 157 31.82 -9.70 51.22
C ILE DB 157 32.32 -8.66 50.22
N GLY DB 158 31.54 -8.43 49.17
CA GLY DB 158 31.88 -7.41 48.19
C GLY DB 158 30.73 -7.24 47.21
N VAL DB 159 30.82 -6.18 46.42
CA VAL DB 159 29.80 -5.83 45.43
C VAL DB 159 30.50 -5.46 44.12
N LEU DB 160 30.10 -6.11 43.03
CA LEU DB 160 30.58 -5.79 41.70
C LEU DB 160 29.38 -5.55 40.78
N ILE DB 161 29.43 -4.46 40.02
CA ILE DB 161 28.35 -4.08 39.11
C ILE DB 161 28.94 -3.89 37.73
N ARG DB 162 28.33 -4.51 36.73
CA ARG DB 162 28.82 -4.45 35.36
C ARG DB 162 28.62 -3.04 34.80
N THR EB 3 39.48 -9.07 17.10
CA THR EB 3 40.02 -10.43 17.00
C THR EB 3 40.11 -11.07 18.38
N PRO EB 4 40.09 -12.40 18.45
CA PRO EB 4 40.17 -13.08 19.76
C PRO EB 4 41.52 -12.96 20.43
N HIS EB 5 42.52 -12.36 19.78
CA HIS EB 5 43.83 -12.17 20.40
C HIS EB 5 43.70 -11.41 21.71
N PHE EB 6 42.77 -10.47 21.79
CA PHE EB 6 42.60 -9.67 22.99
C PHE EB 6 42.25 -10.52 24.20
N ASP EB 7 41.37 -11.50 24.02
CA ASP EB 7 40.85 -12.25 25.17
C ASP EB 7 41.94 -13.08 25.84
N TYR EB 8 42.76 -13.78 25.06
CA TYR EB 8 43.72 -14.71 25.64
C TYR EB 8 44.82 -13.98 26.40
N ILE EB 9 45.27 -12.84 25.89
CA ILE EB 9 46.30 -12.07 26.60
C ILE EB 9 45.74 -11.54 27.90
N ALA EB 10 44.51 -11.00 27.86
CA ALA EB 10 43.92 -10.42 29.06
C ALA EB 10 43.71 -11.47 30.14
N SER EB 11 43.28 -12.68 29.75
CA SER EB 11 43.02 -13.73 30.72
C SER EB 11 44.31 -14.16 31.42
N GLU EB 12 45.41 -14.26 30.67
CA GLU EB 12 46.65 -14.79 31.25
C GLU EB 12 47.33 -13.75 32.14
N VAL EB 13 47.25 -12.47 31.78
CA VAL EB 13 47.89 -11.43 32.59
C VAL EB 13 47.19 -11.32 33.94
N SER EB 14 45.86 -11.30 33.94
CA SER EB 14 45.12 -11.20 35.20
C SER EB 14 45.34 -12.44 36.05
N LYS EB 15 45.30 -13.62 35.44
CA LYS EB 15 45.49 -14.85 36.20
C LYS EB 15 46.89 -14.94 36.78
N GLY EB 16 47.90 -14.54 36.01
CA GLY EB 16 49.27 -14.62 36.49
C GLY EB 16 49.52 -13.77 37.72
N LEU EB 17 49.03 -12.53 37.70
CA LEU EB 17 49.27 -11.62 38.82
C LEU EB 17 48.55 -12.11 40.07
N ALA EB 18 47.33 -12.64 39.91
CA ALA EB 18 46.56 -13.10 41.06
C ALA EB 18 47.25 -14.26 41.77
N ASN EB 19 47.68 -15.27 41.01
CA ASN EB 19 48.36 -16.41 41.62
C ASN EB 19 49.67 -15.98 42.27
N LEU EB 20 50.39 -15.04 41.65
CA LEU EB 20 51.65 -14.60 42.19
C LEU EB 20 51.49 -13.96 43.56
N SER EB 21 50.43 -13.17 43.74
CA SER EB 21 50.22 -12.49 45.01
C SER EB 21 49.95 -13.50 46.13
N LEU EB 22 49.22 -14.57 45.83
CA LEU EB 22 48.92 -15.56 46.85
C LEU EB 22 50.14 -16.40 47.18
N GLU EB 23 50.96 -16.72 46.18
CA GLU EB 23 52.14 -17.56 46.42
C GLU EB 23 53.16 -16.83 47.28
N LEU EB 24 53.45 -15.57 46.97
CA LEU EB 24 54.43 -14.80 47.72
C LEU EB 24 53.82 -14.07 48.91
N ARG EB 25 52.49 -14.03 49.03
CA ARG EB 25 51.81 -13.40 50.16
C ARG EB 25 52.22 -11.93 50.28
N LYS EB 26 52.21 -11.23 49.14
CA LYS EB 26 52.54 -9.81 49.09
C LYS EB 26 51.51 -9.09 48.23
N PRO EB 27 51.17 -7.84 48.53
CA PRO EB 27 50.16 -7.14 47.72
C PRO EB 27 50.66 -6.82 46.32
N ILE EB 28 49.81 -7.08 45.34
CA ILE EB 28 50.03 -6.67 43.95
C ILE EB 28 48.72 -6.08 43.43
N THR EB 29 48.80 -4.88 42.86
CA THR EB 29 47.61 -4.13 42.44
C THR EB 29 47.46 -4.19 40.92
N PHE EB 30 46.21 -4.24 40.47
CA PHE EB 30 45.89 -4.42 39.05
C PHE EB 30 45.58 -3.06 38.45
N GLY EB 31 46.55 -2.50 37.74
CA GLY EB 31 46.38 -1.21 37.09
C GLY EB 31 46.36 -1.28 35.58
N VAL EB 32 45.73 -2.32 35.03
CA VAL EB 32 45.71 -2.55 33.59
C VAL EB 32 44.33 -2.18 33.04
N ILE EB 33 44.33 -1.32 32.02
CA ILE EB 33 43.09 -0.93 31.36
C ILE EB 33 42.73 -1.99 30.32
N THR EB 34 41.45 -2.38 30.28
CA THR EB 34 40.93 -3.31 29.29
C THR EB 34 39.70 -2.67 28.66
N ALA EB 35 39.88 -2.05 27.51
CA ALA EB 35 38.83 -1.26 26.86
C ALA EB 35 38.44 -1.87 25.54
N ASP EB 36 37.19 -1.58 25.12
CA ASP EB 36 36.70 -2.05 23.83
C ASP EB 36 36.98 -1.08 22.70
N THR EB 37 37.20 0.20 23.01
CA THR EB 37 37.43 1.21 21.99
C THR EB 37 38.52 2.17 22.45
N LEU EB 38 39.11 2.88 21.49
CA LEU EB 38 40.15 3.85 21.82
C LEU EB 38 39.59 4.97 22.70
N GLU EB 39 38.36 5.40 22.43
CA GLU EB 39 37.76 6.47 23.21
C GLU EB 39 37.62 6.06 24.68
N GLN EB 40 37.21 4.82 24.94
CA GLN EB 40 37.10 4.37 26.32
C GLN EB 40 38.44 4.39 27.04
N ALA EB 41 39.54 4.15 26.31
CA ALA EB 41 40.85 4.13 26.95
C ALA EB 41 41.31 5.54 27.31
N ILE EB 42 41.09 6.51 26.42
CA ILE EB 42 41.48 7.89 26.73
C ILE EB 42 40.69 8.40 27.92
N GLU EB 43 39.46 7.92 28.09
CA GLU EB 43 38.63 8.38 29.21
C GLU EB 43 39.29 8.09 30.55
N ARG EB 44 39.95 6.94 30.67
CA ARG EB 44 40.49 6.46 31.93
C ARG EB 44 41.98 6.73 32.10
N ALA EB 45 42.60 7.45 31.17
CA ALA EB 45 44.05 7.71 31.19
C ALA EB 45 44.37 9.15 31.55
N GLY EB 46 43.64 9.74 32.50
CA GLY EB 46 43.84 11.11 32.90
C GLY EB 46 42.78 12.08 32.42
N THR EB 47 41.59 11.59 32.10
CA THR EB 47 40.49 12.40 31.59
C THR EB 47 39.21 12.10 32.36
N LYS EB 48 38.06 12.51 31.81
CA LYS EB 48 36.81 12.65 32.56
C LYS EB 48 36.48 11.49 33.50
N HIS EB 49 37.04 10.29 33.27
CA HIS EB 49 36.82 9.17 34.18
C HIS EB 49 38.04 8.89 35.06
N GLY EB 50 38.93 9.86 35.22
CA GLY EB 50 40.03 9.72 36.16
C GLY EB 50 41.25 9.04 35.56
N ASN EB 51 42.17 8.68 36.45
CA ASN EB 51 43.44 8.05 36.09
C ASN EB 51 43.55 6.73 36.85
N LYS EB 52 43.67 5.64 36.09
CA LYS EB 52 43.77 4.32 36.73
C LYS EB 52 45.12 4.12 37.40
N GLY EB 53 46.16 4.80 36.92
CA GLY EB 53 47.45 4.71 37.57
C GLY EB 53 47.44 5.31 38.97
N TRP EB 54 46.73 6.42 39.15
CA TRP EB 54 46.59 7.01 40.47
C TRP EB 54 45.85 6.07 41.42
N GLU EB 55 44.77 5.45 40.93
CA GLU EB 55 43.97 4.58 41.78
C GLU EB 55 44.75 3.35 42.23
N ALA EB 56 45.53 2.76 41.32
CA ALA EB 56 46.30 1.57 41.69
C ALA EB 56 47.34 1.89 42.76
N ALA EB 57 47.98 3.06 42.68
CA ALA EB 57 48.95 3.43 43.69
C ALA EB 57 48.30 3.63 45.06
N LEU EB 58 47.10 4.22 45.07
CA LEU EB 58 46.41 4.45 46.34
C LEU EB 58 46.07 3.12 47.02
N SER EB 59 45.67 2.12 46.23
CA SER EB 59 45.38 0.80 46.80
C SER EB 59 46.63 0.16 47.38
N ALA EB 60 47.77 0.33 46.72
CA ALA EB 60 49.01 -0.25 47.22
C ALA EB 60 49.41 0.33 48.56
N ILE EB 61 49.25 1.64 48.72
CA ILE EB 61 49.62 2.29 49.99
C ILE EB 61 48.79 1.74 51.13
N GLU EB 62 47.48 1.62 50.91
CA GLU EB 62 46.60 1.11 51.97
C GLU EB 62 46.96 -0.32 52.34
N MET EB 63 47.18 -1.18 51.33
CA MET EB 63 47.46 -2.58 51.62
C MET EB 63 48.77 -2.74 52.37
N ALA EB 64 49.79 -1.92 52.04
CA ALA EB 64 51.06 -2.00 52.74
C ALA EB 64 50.89 -1.66 54.22
N ASN EB 65 50.10 -0.65 54.53
CA ASN EB 65 49.87 -0.30 55.93
C ASN EB 65 49.05 -1.36 56.64
N LEU EB 66 48.08 -1.95 55.95
CA LEU EB 66 47.24 -2.99 56.56
C LEU EB 66 48.09 -4.19 56.96
N PHE EB 67 48.98 -4.64 56.07
CA PHE EB 67 49.79 -5.81 56.38
C PHE EB 67 50.76 -5.53 57.51
N LYS EB 68 51.24 -4.29 57.62
CA LYS EB 68 52.10 -3.90 58.76
C LYS EB 68 51.27 -4.06 60.04
N SER EB 69 49.95 -3.76 60.00
CA SER EB 69 49.12 -3.82 61.19
C SER EB 69 48.78 -5.25 61.59
N LEU EB 70 48.48 -6.10 60.60
CA LEU EB 70 48.12 -7.48 60.91
C LEU EB 70 49.28 -8.21 61.59
N ARG EB 71 50.50 -8.00 61.11
CA ARG EB 71 51.66 -8.70 61.63
C ARG EB 71 52.23 -8.07 62.90
N GLY EB 72 51.63 -6.98 63.38
CA GLY EB 72 52.03 -6.37 64.63
C GLY EB 72 51.27 -6.93 65.81
N THR EB 73 51.22 -6.15 66.88
CA THR EB 73 50.54 -6.61 68.09
C THR EB 73 49.02 -6.63 67.91
N GLY EB 74 48.47 -5.70 67.15
CA GLY EB 74 47.03 -5.63 66.96
C GLY EB 74 46.33 -4.85 68.06
N GLY EB 75 46.57 -5.24 69.32
CA GLY EB 75 45.99 -4.52 70.44
C GLY EB 75 44.50 -4.75 70.57
N SER EB 76 43.86 -3.82 71.29
CA SER EB 76 42.43 -3.87 71.56
C SER EB 76 42.06 -5.09 72.40
N GLY EB 77 40.85 -5.10 72.94
CA GLY EB 77 40.40 -6.22 73.75
C GLY EB 77 38.99 -5.98 74.25
N SER EB 78 38.33 -7.07 74.61
CA SER EB 78 36.96 -7.05 75.12
C SER EB 78 35.99 -6.45 74.12
N SER EB 79 36.34 -6.43 72.84
CA SER EB 79 35.49 -5.85 71.81
C SER EB 79 35.93 -6.38 70.46
N MET EB 80 35.13 -6.11 69.44
CA MET EB 80 35.41 -6.58 68.09
C MET EB 80 36.70 -5.93 67.57
N GLU EB 81 37.62 -6.76 67.11
CA GLU EB 81 38.86 -6.27 66.53
C GLU EB 81 38.64 -5.83 65.09
N ILE EB 82 39.11 -4.64 64.75
CA ILE EB 82 38.98 -4.09 63.39
C ILE EB 82 40.37 -3.71 62.91
N TYR EB 83 40.72 -4.17 61.71
CA TYR EB 83 41.99 -3.88 61.08
C TYR EB 83 41.76 -3.04 59.83
N GLU EB 84 42.51 -1.95 59.70
CA GLU EB 84 42.40 -1.07 58.54
C GLU EB 84 43.74 -0.38 58.32
N GLY EB 85 43.91 0.13 57.10
CA GLY EB 85 45.16 0.76 56.69
C GLY EB 85 45.01 2.25 56.49
N LYS EB 86 46.04 2.99 56.92
CA LYS EB 86 46.06 4.46 56.78
C LYS EB 86 46.43 4.75 55.33
N LEU EB 87 46.50 6.03 54.96
CA LEU EB 87 46.91 6.50 53.65
C LEU EB 87 48.14 7.40 53.74
N THR EB 88 49.10 7.04 54.57
CA THR EB 88 50.37 7.73 54.67
C THR EB 88 51.46 6.84 54.09
N ALA EB 89 52.29 7.41 53.21
CA ALA EB 89 53.31 6.66 52.48
C ALA EB 89 54.72 6.85 53.04
N GLU EB 90 54.85 7.50 54.20
CA GLU EB 90 56.18 7.74 54.75
C GLU EB 90 56.86 6.43 55.13
N GLY EB 91 58.05 6.21 54.60
CA GLY EB 91 58.85 5.05 54.93
C GLY EB 91 58.63 3.83 54.06
N LEU EB 92 57.67 3.86 53.13
CA LEU EB 92 57.35 2.70 52.31
C LEU EB 92 58.16 2.71 51.02
N ARG EB 93 58.37 1.52 50.46
CA ARG EB 93 59.15 1.32 49.24
C ARG EB 93 58.30 0.56 48.23
N PHE EB 94 58.26 1.05 46.99
CA PHE EB 94 57.35 0.57 45.97
C PHE EB 94 58.10 0.19 44.70
N GLY EB 95 57.57 -0.82 44.00
CA GLY EB 95 58.05 -1.17 42.67
C GLY EB 95 56.92 -1.04 41.65
N ILE EB 96 57.30 -0.65 40.43
CA ILE EB 96 56.34 -0.43 39.34
C ILE EB 96 56.83 -1.20 38.11
N VAL EB 97 55.90 -1.91 37.47
CA VAL EB 97 56.17 -2.60 36.20
C VAL EB 97 55.20 -2.02 35.16
N ALA EB 98 55.76 -1.52 34.06
CA ALA EB 98 54.99 -0.86 33.02
C ALA EB 98 55.37 -1.41 31.65
N SER EB 99 54.39 -1.51 30.76
CA SER EB 99 54.61 -1.99 29.41
C SER EB 99 54.82 -0.83 28.44
N ARG EB 100 55.40 -1.13 27.28
CA ARG EB 100 55.73 -0.12 26.28
C ARG EB 100 54.70 0.01 25.17
N PHE EB 101 53.79 -0.95 25.01
CA PHE EB 101 52.80 -0.87 23.96
C PHE EB 101 51.72 0.14 24.33
N ASN EB 102 51.27 0.91 23.35
CA ASN EB 102 50.38 2.05 23.58
C ASN EB 102 51.02 3.04 24.56
N HIS EB 103 52.28 3.39 24.30
CA HIS EB 103 53.02 4.22 25.26
C HIS EB 103 52.43 5.62 25.38
N ALA EB 104 51.70 6.08 24.38
CA ALA EB 104 51.07 7.40 24.47
C ALA EB 104 50.12 7.47 25.65
N LEU EB 105 49.52 6.35 26.04
CA LEU EB 105 48.61 6.29 27.18
C LEU EB 105 49.31 5.80 28.44
N VAL EB 106 50.23 4.85 28.30
CA VAL EB 106 50.87 4.25 29.48
C VAL EB 106 51.66 5.28 30.26
N ASP EB 107 52.36 6.18 29.57
CA ASP EB 107 53.15 7.19 30.26
C ASP EB 107 52.30 8.14 31.07
N ARG EB 108 51.02 8.32 30.72
CA ARG EB 108 50.13 9.10 31.57
C ARG EB 108 49.81 8.35 32.86
N LEU EB 109 49.68 7.03 32.80
CA LEU EB 109 49.38 6.26 34.00
C LEU EB 109 50.57 6.22 34.95
N VAL EB 110 51.79 6.13 34.42
CA VAL EB 110 52.98 6.09 35.26
C VAL EB 110 53.16 7.42 35.98
N GLU EB 111 52.86 8.53 35.31
CA GLU EB 111 52.94 9.84 35.95
C GLU EB 111 52.00 9.93 37.14
N GLY EB 112 50.77 9.43 36.97
CA GLY EB 112 49.81 9.47 38.06
C GLY EB 112 50.25 8.67 39.27
N ALA EB 113 50.82 7.48 39.04
CA ALA EB 113 51.25 6.64 40.15
C ALA EB 113 52.35 7.32 40.95
N ILE EB 114 53.31 7.96 40.27
CA ILE EB 114 54.40 8.62 40.97
C ILE EB 114 53.88 9.85 41.72
N ASP EB 115 52.94 10.58 41.11
CA ASP EB 115 52.39 11.76 41.77
C ASP EB 115 51.67 11.39 43.06
N CYS EB 116 50.92 10.29 43.05
CA CYS EB 116 50.19 9.87 44.24
C CYS EB 116 51.14 9.56 45.39
N ILE EB 117 52.22 8.83 45.10
CA ILE EB 117 53.13 8.40 46.16
C ILE EB 117 53.83 9.60 46.79
N VAL EB 118 54.26 10.57 45.97
CA VAL EB 118 55.06 11.68 46.47
C VAL EB 118 54.21 12.60 47.36
N ARG EB 119 52.99 12.91 46.93
CA ARG EB 119 52.17 13.86 47.67
C ARG EB 119 51.53 13.25 48.91
N HIS EB 120 51.56 11.93 49.06
CA HIS EB 120 51.14 11.28 50.30
C HIS EB 120 52.30 11.07 51.28
N GLY EB 121 53.50 11.55 50.95
CA GLY EB 121 54.62 11.52 51.86
C GLY EB 121 55.76 10.59 51.50
N GLY EB 122 55.76 10.01 50.30
CA GLY EB 122 56.83 9.14 49.88
C GLY EB 122 57.97 9.88 49.20
N ARG EB 123 59.04 9.15 48.93
CA ARG EB 123 60.22 9.67 48.27
C ARG EB 123 60.40 8.99 46.91
N GLU EB 124 60.85 9.76 45.92
CA GLU EB 124 61.17 9.18 44.62
C GLU EB 124 62.34 8.21 44.71
N GLU EB 125 63.22 8.39 45.69
CA GLU EB 125 64.35 7.49 45.86
C GLU EB 125 63.91 6.07 46.23
N ASP EB 126 62.69 5.90 46.72
CA ASP EB 126 62.18 4.61 47.17
C ASP EB 126 61.33 3.92 46.11
N ILE EB 127 61.36 4.40 44.86
CA ILE EB 127 60.55 3.84 43.79
C ILE EB 127 61.50 3.18 42.79
N THR EB 128 61.20 1.93 42.44
CA THR EB 128 61.93 1.19 41.42
C THR EB 128 61.00 0.94 40.24
N LEU EB 129 61.43 1.32 39.04
CA LEU EB 129 60.63 1.25 37.84
C LEU EB 129 61.27 0.29 36.84
N VAL EB 130 60.50 -0.68 36.38
CA VAL EB 130 60.95 -1.67 35.40
C VAL EB 130 60.02 -1.61 34.20
N ARG EB 131 60.59 -1.60 33.00
CA ARG EB 131 59.83 -1.49 31.76
C ARG EB 131 59.98 -2.78 30.96
N VAL EB 132 58.88 -3.26 30.40
CA VAL EB 132 58.85 -4.50 29.62
C VAL EB 132 58.21 -4.22 28.26
N PRO EB 133 58.49 -5.03 27.24
CA PRO EB 133 57.98 -4.72 25.90
C PRO EB 133 56.47 -4.84 25.75
N GLY EB 134 55.80 -5.64 26.57
CA GLY EB 134 54.37 -5.83 26.39
C GLY EB 134 53.71 -6.36 27.65
N SER EB 135 52.38 -6.41 27.61
CA SER EB 135 51.61 -6.86 28.76
C SER EB 135 51.87 -8.32 29.07
N TRP EB 136 52.16 -9.13 28.05
CA TRP EB 136 52.43 -10.55 28.27
C TRP EB 136 53.61 -10.76 29.19
N GLU EB 137 54.59 -9.85 29.18
CA GLU EB 137 55.80 -10.00 29.97
C GLU EB 137 55.68 -9.40 31.37
N ILE EB 138 54.54 -8.80 31.73
CA ILE EB 138 54.39 -8.19 33.05
C ILE EB 138 54.51 -9.23 34.16
N PRO EB 139 53.80 -10.36 34.13
CA PRO EB 139 53.84 -11.27 35.29
C PRO EB 139 55.23 -11.79 35.62
N VAL EB 140 56.05 -12.12 34.63
CA VAL EB 140 57.37 -12.65 34.92
C VAL EB 140 58.28 -11.57 35.49
N ALA EB 141 58.16 -10.34 35.00
CA ALA EB 141 58.95 -9.24 35.56
C ALA EB 141 58.48 -8.90 36.97
N ALA EB 142 57.16 -8.92 37.21
CA ALA EB 142 56.65 -8.64 38.54
C ALA EB 142 57.15 -9.66 39.55
N GLY EB 143 57.38 -10.90 39.11
CA GLY EB 143 57.88 -11.93 40.00
C GLY EB 143 59.28 -11.67 40.53
N GLU EB 144 60.10 -10.95 39.76
CA GLU EB 144 61.45 -10.63 40.22
C GLU EB 144 61.43 -9.55 41.30
N LEU EB 145 60.59 -8.53 41.13
CA LEU EB 145 60.49 -7.47 42.12
C LEU EB 145 59.87 -7.97 43.41
N ALA EB 146 58.81 -8.78 43.30
CA ALA EB 146 58.08 -9.21 44.49
C ALA EB 146 58.95 -10.06 45.41
N ARG EB 147 60.00 -10.70 44.88
CA ARG EB 147 60.86 -11.53 45.69
C ARG EB 147 61.96 -10.75 46.42
N LYS EB 148 62.11 -9.45 46.14
CA LYS EB 148 63.08 -8.65 46.87
C LYS EB 148 62.56 -8.34 48.27
N GLU EB 149 63.47 -8.36 49.24
CA GLU EB 149 63.07 -8.20 50.63
C GLU EB 149 62.69 -6.76 50.97
N ASP EB 150 63.23 -5.78 50.23
CA ASP EB 150 63.02 -4.38 50.54
C ASP EB 150 61.95 -3.74 49.67
N ILE EB 151 61.00 -4.53 49.16
CA ILE EB 151 59.87 -4.02 48.39
C ILE EB 151 58.61 -4.36 49.18
N ASP EB 152 57.76 -3.36 49.40
CA ASP EB 152 56.53 -3.54 50.16
C ASP EB 152 55.32 -3.87 49.30
N ALA EB 153 55.25 -3.32 48.09
CA ALA EB 153 54.13 -3.61 47.20
C ALA EB 153 54.56 -3.33 45.77
N VAL EB 154 53.84 -3.92 44.83
CA VAL EB 154 54.12 -3.81 43.40
C VAL EB 154 52.88 -3.30 42.69
N ILE EB 155 53.10 -2.43 41.69
CA ILE EB 155 52.03 -1.83 40.90
C ILE EB 155 52.25 -2.22 39.44
N ALA EB 156 51.22 -2.79 38.82
CA ALA EB 156 51.27 -3.23 37.43
C ALA EB 156 50.42 -2.30 36.57
N ILE EB 157 50.99 -1.84 35.46
CA ILE EB 157 50.36 -0.85 34.60
C ILE EB 157 50.45 -1.33 33.15
N GLY EB 158 49.35 -1.19 32.43
CA GLY EB 158 49.32 -1.55 31.01
C GLY EB 158 47.99 -1.13 30.40
N VAL EB 159 47.95 -1.18 29.07
CA VAL EB 159 46.78 -0.81 28.30
C VAL EB 159 46.53 -1.86 27.22
N LEU EB 160 45.32 -2.41 27.18
CA LEU EB 160 44.89 -3.33 26.15
C LEU EB 160 43.61 -2.83 25.51
N ILE EB 161 43.56 -2.82 24.19
CA ILE EB 161 42.41 -2.34 23.43
C ILE EB 161 41.98 -3.43 22.46
N ARG EB 162 40.70 -3.76 22.47
CA ARG EB 162 40.16 -4.81 21.63
C ARG EB 162 40.20 -4.40 20.16
N THR FB 3 33.65 -24.23 14.64
CA THR FB 3 33.41 -25.24 15.68
C THR FB 3 34.13 -24.84 16.97
N PRO FB 4 33.65 -25.33 18.11
CA PRO FB 4 34.27 -24.97 19.39
C PRO FB 4 35.66 -25.58 19.59
N HIS FB 5 36.12 -26.44 18.67
CA HIS FB 5 37.45 -27.01 18.79
C HIS FB 5 38.52 -25.92 18.89
N PHE FB 6 38.31 -24.80 18.21
CA PHE FB 6 39.29 -23.71 18.22
C PHE FB 6 39.50 -23.17 19.62
N ASP FB 7 38.43 -22.99 20.39
CA ASP FB 7 38.54 -22.31 21.67
C ASP FB 7 39.37 -23.10 22.66
N TYR FB 8 39.14 -24.41 22.76
CA TYR FB 8 39.79 -25.19 23.81
C TYR FB 8 41.28 -25.32 23.56
N ILE FB 9 41.70 -25.48 22.30
CA ILE FB 9 43.12 -25.56 22.00
C ILE FB 9 43.81 -24.24 22.30
N ALA FB 10 43.18 -23.12 21.90
CA ALA FB 10 43.79 -21.82 22.13
C ALA FB 10 43.93 -21.51 23.61
N SER FB 11 42.93 -21.89 24.42
CA SER FB 11 42.99 -21.61 25.85
C SER FB 11 44.12 -22.37 26.52
N GLU FB 12 44.32 -23.63 26.13
CA GLU FB 12 45.32 -24.46 26.81
C GLU FB 12 46.73 -24.09 26.40
N VAL FB 13 46.95 -23.71 25.15
CA VAL FB 13 48.28 -23.35 24.70
C VAL FB 13 48.74 -22.07 25.39
N SER FB 14 47.87 -21.06 25.44
CA SER FB 14 48.23 -19.80 26.10
C SER FB 14 48.45 -20.02 27.60
N LYS FB 15 47.58 -20.78 28.24
CA LYS FB 15 47.72 -21.02 29.68
C LYS FB 15 48.99 -21.81 29.99
N GLY FB 16 49.30 -22.80 29.16
CA GLY FB 16 50.49 -23.61 29.43
C GLY FB 16 51.78 -22.81 29.38
N LEU FB 17 51.92 -21.95 28.36
CA LEU FB 17 53.14 -21.18 28.23
C LEU FB 17 53.29 -20.17 29.36
N ALA FB 18 52.18 -19.56 29.79
CA ALA FB 18 52.24 -18.56 30.85
C ALA FB 18 52.71 -19.18 32.16
N ASN FB 19 52.11 -20.30 32.56
CA ASN FB 19 52.51 -20.94 33.81
C ASN FB 19 53.96 -21.42 33.74
N LEU FB 20 54.39 -21.90 32.57
CA LEU FB 20 55.75 -22.40 32.43
C LEU FB 20 56.77 -21.29 32.66
N SER FB 21 56.49 -20.08 32.16
CA SER FB 21 57.43 -18.97 32.32
C SER FB 21 57.60 -18.60 33.80
N LEU FB 22 56.50 -18.64 34.56
CA LEU FB 22 56.58 -18.28 35.98
C LEU FB 22 57.28 -19.36 36.78
N GLU FB 23 57.05 -20.63 36.45
CA GLU FB 23 57.66 -21.72 37.20
C GLU FB 23 59.17 -21.74 37.02
N LEU FB 24 59.65 -21.62 35.78
CA LEU FB 24 61.08 -21.64 35.50
C LEU FB 24 61.72 -20.26 35.58
N ARG FB 25 60.93 -19.19 35.70
CA ARG FB 25 61.46 -17.84 35.84
C ARG FB 25 62.37 -17.49 34.66
N LYS FB 26 61.91 -17.79 33.44
CA LYS FB 26 62.64 -17.51 32.22
C LYS FB 26 61.66 -16.89 31.21
N PRO FB 27 62.13 -15.97 30.36
CA PRO FB 27 61.20 -15.35 29.40
C PRO FB 27 60.75 -16.34 28.32
N ILE FB 28 59.46 -16.32 28.03
CA ILE FB 28 58.86 -17.05 26.92
C ILE FB 28 57.89 -16.11 26.21
N THR FB 29 58.03 -15.98 24.89
CA THR FB 29 57.28 -15.02 24.11
C THR FB 29 56.17 -15.72 23.33
N PHE FB 30 55.03 -15.05 23.19
CA PHE FB 30 53.84 -15.63 22.57
C PHE FB 30 53.76 -15.15 21.13
N GLY FB 31 54.15 -16.03 20.20
CA GLY FB 31 54.14 -15.73 18.79
C GLY FB 31 53.11 -16.53 18.01
N VAL FB 32 51.95 -16.77 18.60
CA VAL FB 32 50.91 -17.60 18.00
C VAL FB 32 49.80 -16.72 17.47
N ILE FB 33 49.46 -16.90 16.19
CA ILE FB 33 48.36 -16.16 15.57
C ILE FB 33 47.05 -16.87 15.89
N THR FB 34 46.04 -16.08 16.27
CA THR FB 34 44.70 -16.59 16.53
C THR FB 34 43.72 -15.74 15.72
N ALA FB 35 43.33 -16.23 14.54
CA ALA FB 35 42.54 -15.47 13.60
C ALA FB 35 41.18 -16.12 13.39
N ASP FB 36 40.21 -15.29 12.99
CA ASP FB 36 38.86 -15.78 12.70
C ASP FB 36 38.70 -16.21 11.25
N THR FB 37 39.53 -15.69 10.34
CA THR FB 37 39.41 -15.99 8.92
C THR FB 37 40.80 -16.17 8.32
N LEU FB 38 40.84 -16.83 7.17
CA LEU FB 38 42.12 -17.04 6.49
C LEU FB 38 42.74 -15.72 6.07
N GLU FB 39 41.91 -14.76 5.64
CA GLU FB 39 42.44 -13.47 5.22
C GLU FB 39 43.15 -12.76 6.37
N GLN FB 40 42.57 -12.83 7.57
CA GLN FB 40 43.20 -12.19 8.73
C GLN FB 40 44.56 -12.81 9.02
N ALA FB 41 44.72 -14.11 8.76
CA ALA FB 41 45.99 -14.77 9.05
C ALA FB 41 47.07 -14.36 8.06
N ILE FB 42 46.73 -14.27 6.77
CA ILE FB 42 47.72 -13.84 5.76
C ILE FB 42 48.16 -12.41 6.05
N GLU FB 43 47.27 -11.60 6.62
CA GLU FB 43 47.62 -10.21 6.90
C GLU FB 43 48.80 -10.10 7.85
N ARG FB 44 48.88 -11.00 8.83
CA ARG FB 44 49.87 -10.93 9.90
C ARG FB 44 51.07 -11.85 9.68
N ALA FB 45 51.16 -12.52 8.53
CA ALA FB 45 52.22 -13.48 8.24
C ALA FB 45 53.22 -12.95 7.23
N GLY FB 46 53.58 -11.68 7.31
CA GLY FB 46 54.50 -11.06 6.39
C GLY FB 46 53.86 -10.13 5.38
N THR FB 47 52.68 -9.60 5.68
CA THR FB 47 51.94 -8.72 4.77
C THR FB 47 51.48 -7.48 5.52
N LYS FB 48 50.52 -6.74 4.95
CA LYS FB 48 50.23 -5.36 5.31
C LYS FB 48 50.17 -5.09 6.82
N HIS FB 49 49.94 -6.11 7.66
CA HIS FB 49 49.94 -5.92 9.11
C HIS FB 49 51.20 -6.48 9.76
N GLY FB 50 52.27 -6.68 8.99
CA GLY FB 50 53.55 -7.06 9.56
C GLY FB 50 53.70 -8.57 9.72
N ASN FB 51 54.75 -8.93 10.46
CA ASN FB 51 55.10 -10.32 10.71
C ASN FB 51 55.16 -10.54 12.22
N LYS FB 52 54.34 -11.47 12.71
CA LYS FB 52 54.30 -11.73 14.15
C LYS FB 52 55.55 -12.48 14.61
N GLY FB 53 56.19 -13.23 13.71
CA GLY FB 53 57.44 -13.90 14.08
C GLY FB 53 58.55 -12.91 14.36
N TRP FB 54 58.63 -11.83 13.58
CA TRP FB 54 59.62 -10.80 13.83
C TRP FB 54 59.38 -10.13 15.17
N GLU FB 55 58.11 -9.82 15.48
CA GLU FB 55 57.79 -9.12 16.72
C GLU FB 55 58.13 -9.95 17.94
N ALA FB 56 57.84 -11.26 17.89
CA ALA FB 56 58.12 -12.12 19.03
C ALA FB 56 59.61 -12.22 19.30
N ALA FB 57 60.44 -12.27 18.25
CA ALA FB 57 61.87 -12.32 18.45
C ALA FB 57 62.40 -11.02 19.07
N LEU FB 58 61.84 -9.88 18.66
CA LEU FB 58 62.30 -8.61 19.22
C LEU FB 58 61.99 -8.53 20.72
N SER FB 59 60.84 -9.05 21.13
CA SER FB 59 60.51 -9.06 22.55
C SER FB 59 61.47 -9.95 23.34
N ALA FB 60 61.86 -11.08 22.76
CA ALA FB 60 62.77 -11.99 23.46
C ALA FB 60 64.13 -11.34 23.69
N ILE FB 61 64.63 -10.61 22.69
CA ILE FB 61 65.95 -9.97 22.84
C ILE FB 61 65.91 -8.96 23.98
N GLU FB 62 64.87 -8.15 24.04
CA GLU FB 62 64.77 -7.14 25.09
C GLU FB 62 64.70 -7.79 26.47
N MET FB 63 63.86 -8.82 26.62
CA MET FB 63 63.69 -9.46 27.91
C MET FB 63 64.99 -10.10 28.39
N ALA FB 64 65.75 -10.70 27.46
CA ALA FB 64 67.01 -11.32 27.85
C ALA FB 64 67.98 -10.29 28.40
N ASN FB 65 68.06 -9.11 27.77
CA ASN FB 65 68.94 -8.06 28.27
C ASN FB 65 68.45 -7.50 29.60
N LEU FB 66 67.13 -7.38 29.76
CA LEU FB 66 66.58 -6.85 31.01
C LEU FB 66 66.93 -7.76 32.18
N PHE FB 67 66.77 -9.07 32.00
CA PHE FB 67 67.06 -9.99 33.11
C PHE FB 67 68.54 -10.01 33.45
N LYS FB 68 69.40 -9.82 32.45
CA LYS FB 68 70.86 -9.70 32.69
C LYS FB 68 71.07 -8.47 33.58
N SER FB 69 70.29 -7.39 33.40
CA SER FB 69 70.49 -6.15 34.14
C SER FB 69 69.96 -6.26 35.57
N LEU FB 70 68.81 -6.91 35.76
CA LEU FB 70 68.24 -7.03 37.10
C LEU FB 70 69.15 -7.83 38.01
N ARG FB 71 69.74 -8.91 37.50
CA ARG FB 71 70.57 -9.80 38.30
C ARG FB 71 72.00 -9.30 38.45
N GLY FB 72 72.34 -8.17 37.85
CA GLY FB 72 73.65 -7.56 38.00
C GLY FB 72 73.68 -6.60 39.17
N THR FB 73 74.65 -5.68 39.13
CA THR FB 73 74.80 -4.71 40.21
C THR FB 73 73.68 -3.68 40.22
N GLY FB 74 73.18 -3.29 39.06
CA GLY FB 74 72.14 -2.28 38.97
C GLY FB 74 72.68 -0.87 38.99
N GLY FB 75 73.50 -0.55 39.98
CA GLY FB 75 74.11 0.76 40.04
C GLY FB 75 73.13 1.87 40.39
N SER FB 76 73.53 3.10 40.06
CA SER FB 76 72.74 4.29 40.33
C SER FB 76 72.57 4.52 41.83
N GLY FB 77 72.11 5.70 42.21
CA GLY FB 77 71.91 6.01 43.61
C GLY FB 77 71.40 7.43 43.76
N SER FB 78 70.78 7.67 44.91
CA SER FB 78 70.21 8.97 45.26
C SER FB 78 69.14 9.43 44.26
N SER FB 79 68.57 8.49 43.51
CA SER FB 79 67.56 8.82 42.51
C SER FB 79 66.78 7.56 42.18
N MET FB 80 65.69 7.75 41.43
CA MET FB 80 64.84 6.63 41.05
C MET FB 80 65.60 5.66 40.16
N GLU FB 81 65.59 4.38 40.54
CA GLU FB 81 66.22 3.35 39.73
C GLU FB 81 65.30 2.94 38.59
N ILE FB 82 65.86 2.88 37.38
CA ILE FB 82 65.12 2.49 36.18
C ILE FB 82 65.86 1.35 35.51
N TYR FB 83 65.13 0.27 35.21
CA TYR FB 83 65.69 -0.90 34.55
C TYR FB 83 65.05 -1.05 33.17
N GLU FB 84 65.88 -1.23 32.15
CA GLU FB 84 65.40 -1.41 30.80
C GLU FB 84 66.40 -2.25 30.01
N GLY FB 85 65.93 -2.82 28.91
CA GLY FB 85 66.74 -3.72 28.09
C GLY FB 85 67.08 -3.10 26.74
N LYS FB 86 68.32 -3.35 26.31
CA LYS FB 86 68.81 -2.86 25.01
C LYS FB 86 68.23 -3.78 23.94
N LEU FB 87 68.52 -3.51 22.68
CA LEU FB 87 68.13 -4.31 21.53
C LEU FB 87 69.35 -4.81 20.76
N THR FB 88 70.38 -5.24 21.47
CA THR FB 88 71.56 -5.87 20.88
C THR FB 88 71.55 -7.35 21.22
N ALA FB 89 71.75 -8.21 20.22
CA ALA FB 89 71.66 -9.65 20.39
C ALA FB 89 73.03 -10.33 20.45
N GLU FB 90 74.11 -9.58 20.55
CA GLU FB 90 75.44 -10.17 20.58
C GLU FB 90 75.63 -11.01 21.84
N GLY FB 91 75.98 -12.28 21.65
CA GLY FB 91 76.28 -13.16 22.75
C GLY FB 91 75.11 -13.94 23.30
N LEU FB 92 73.89 -13.70 22.82
CA LEU FB 92 72.70 -14.37 23.35
C LEU FB 92 72.41 -15.65 22.57
N ARG FB 93 71.72 -16.58 23.24
CA ARG FB 93 71.37 -17.88 22.68
C ARG FB 93 69.87 -18.09 22.80
N PHE FB 94 69.23 -18.51 21.72
CA PHE FB 94 67.78 -18.56 21.60
C PHE FB 94 67.31 -19.94 21.17
N GLY FB 95 66.12 -20.32 21.64
CA GLY FB 95 65.44 -21.52 21.17
C GLY FB 95 64.09 -21.17 20.56
N ILE FB 96 63.70 -21.92 19.55
CA ILE FB 96 62.46 -21.69 18.82
C ILE FB 96 61.69 -23.00 18.74
N VAL FB 97 60.39 -22.95 19.02
CA VAL FB 97 59.48 -24.08 18.89
C VAL FB 97 58.40 -23.69 17.89
N ALA FB 98 58.25 -24.47 16.83
CA ALA FB 98 57.31 -24.18 15.75
C ALA FB 98 56.47 -25.40 15.42
N SER FB 99 55.21 -25.17 15.07
CA SER FB 99 54.31 -26.26 14.71
C SER FB 99 54.27 -26.44 13.19
N ARG FB 100 53.79 -27.61 12.77
CA ARG FB 100 53.75 -27.97 11.36
C ARG FB 100 52.40 -27.73 10.70
N PHE FB 101 51.33 -27.52 11.46
CA PHE FB 101 50.02 -27.31 10.86
C PHE FB 101 49.95 -25.90 10.29
N ASN FB 102 49.30 -25.77 9.13
CA ASN FB 102 49.31 -24.53 8.37
C ASN FB 102 50.74 -24.09 8.05
N HIS FB 103 51.55 -25.02 7.54
CA HIS FB 103 52.96 -24.74 7.34
C HIS FB 103 53.20 -23.68 6.27
N ALA FB 104 52.23 -23.46 5.38
CA ALA FB 104 52.40 -22.42 4.38
C ALA FB 104 52.56 -21.05 5.03
N LEU FB 105 51.98 -20.84 6.20
CA LEU FB 105 52.09 -19.59 6.93
C LEU FB 105 53.18 -19.64 8.01
N VAL FB 106 53.34 -20.78 8.67
CA VAL FB 106 54.28 -20.89 9.78
C VAL FB 106 55.71 -20.65 9.31
N ASP FB 107 56.07 -21.19 8.13
CA ASP FB 107 57.42 -21.01 7.64
C ASP FB 107 57.75 -19.55 7.34
N ARG FB 108 56.75 -18.71 7.08
CA ARG FB 108 57.01 -17.30 6.95
C ARG FB 108 57.35 -16.67 8.30
N LEU FB 109 56.71 -17.14 9.38
CA LEU FB 109 56.99 -16.59 10.70
C LEU FB 109 58.38 -17.00 11.19
N VAL FB 110 58.80 -18.23 10.89
CA VAL FB 110 60.12 -18.68 11.34
C VAL FB 110 61.22 -17.91 10.62
N GLU FB 111 61.00 -17.59 9.34
CA GLU FB 111 61.99 -16.80 8.60
C GLU FB 111 62.15 -15.42 9.24
N GLY FB 112 61.04 -14.79 9.64
CA GLY FB 112 61.13 -13.48 10.26
C GLY FB 112 61.90 -13.50 11.56
N ALA FB 113 61.67 -14.52 12.39
CA ALA FB 113 62.34 -14.60 13.68
C ALA FB 113 63.86 -14.74 13.51
N ILE FB 114 64.28 -15.56 12.55
CA ILE FB 114 65.71 -15.73 12.31
C ILE FB 114 66.32 -14.45 11.74
N ASP FB 115 65.59 -13.77 10.86
CA ASP FB 115 66.11 -12.54 10.26
C ASP FB 115 66.33 -11.48 11.33
N CYS FB 116 65.39 -11.36 12.28
CA CYS FB 116 65.52 -10.36 13.33
C CYS FB 116 66.77 -10.59 14.17
N ILE FB 117 67.02 -11.85 14.56
CA ILE FB 117 68.14 -12.15 15.45
C ILE FB 117 69.47 -11.85 14.76
N VAL FB 118 69.59 -12.21 13.48
CA VAL FB 118 70.87 -12.10 12.79
C VAL FB 118 71.24 -10.64 12.56
N ARG FB 119 70.27 -9.81 12.14
CA ARG FB 119 70.58 -8.43 11.80
C ARG FB 119 70.72 -7.54 13.03
N HIS FB 120 70.33 -8.02 14.21
CA HIS FB 120 70.61 -7.32 15.46
C HIS FB 120 71.92 -7.75 16.10
N GLY FB 121 72.69 -8.63 15.46
CA GLY FB 121 74.00 -9.00 15.94
C GLY FB 121 74.16 -10.43 16.43
N GLY FB 122 73.16 -11.29 16.24
CA GLY FB 122 73.27 -12.66 16.69
C GLY FB 122 73.86 -13.57 15.63
N ARG FB 123 74.12 -14.81 16.03
CA ARG FB 123 74.67 -15.84 15.15
C ARG FB 123 73.64 -16.95 14.95
N GLU FB 124 73.60 -17.51 13.73
CA GLU FB 124 72.75 -18.65 13.48
C GLU FB 124 73.20 -19.88 14.27
N GLU FB 125 74.49 -19.95 14.61
CA GLU FB 125 75.00 -21.07 15.39
C GLU FB 125 74.41 -21.12 16.79
N ASP FB 126 73.85 -20.01 17.28
CA ASP FB 126 73.31 -19.92 18.63
C ASP FB 126 71.80 -20.12 18.67
N ILE FB 127 71.19 -20.58 17.58
CA ILE FB 127 69.75 -20.79 17.49
C ILE FB 127 69.48 -22.29 17.43
N THR FB 128 68.57 -22.75 18.29
CA THR FB 128 68.11 -24.14 18.30
C THR FB 128 66.64 -24.16 17.91
N LEU FB 129 66.30 -24.96 16.90
CA LEU FB 129 64.96 -25.01 16.34
C LEU FB 129 64.38 -26.40 16.55
N VAL FB 130 63.19 -26.46 17.15
CA VAL FB 130 62.48 -27.71 17.41
C VAL FB 130 61.12 -27.62 16.73
N ARG FB 131 60.72 -28.68 16.02
CA ARG FB 131 59.46 -28.72 15.29
C ARG FB 131 58.55 -29.77 15.91
N VAL FB 132 57.27 -29.43 16.06
CA VAL FB 132 56.28 -30.32 16.67
C VAL FB 132 55.08 -30.44 15.72
N PRO FB 133 54.30 -31.52 15.80
CA PRO FB 133 53.21 -31.72 14.83
C PRO FB 133 52.08 -30.72 14.93
N GLY FB 134 51.85 -30.10 16.09
CA GLY FB 134 50.72 -29.20 16.23
C GLY FB 134 50.90 -28.26 17.41
N SER FB 135 49.97 -27.30 17.50
CA SER FB 135 50.04 -26.30 18.56
C SER FB 135 49.84 -26.93 19.94
N TRP FB 136 49.07 -28.01 20.02
CA TRP FB 136 48.83 -28.65 21.30
C TRP FB 136 50.13 -29.15 21.93
N GLU FB 137 51.12 -29.52 21.11
CA GLU FB 137 52.37 -30.07 21.60
C GLU FB 137 53.42 -29.00 21.89
N ILE FB 138 53.13 -27.72 21.65
CA ILE FB 138 54.12 -26.68 21.89
C ILE FB 138 54.52 -26.59 23.36
N PRO FB 139 53.59 -26.53 24.32
CA PRO FB 139 54.02 -26.32 25.72
C PRO FB 139 54.95 -27.39 26.26
N VAL FB 140 54.72 -28.66 25.92
CA VAL FB 140 55.58 -29.72 26.45
C VAL FB 140 56.97 -29.66 25.82
N ALA FB 141 57.05 -29.33 24.53
CA ALA FB 141 58.34 -29.18 23.89
C ALA FB 141 59.07 -27.95 24.41
N ALA FB 142 58.36 -26.85 24.64
CA ALA FB 142 58.99 -25.65 25.17
C ALA FB 142 59.58 -25.90 26.55
N GLY FB 143 58.97 -26.81 27.32
CA GLY FB 143 59.48 -27.13 28.64
C GLY FB 143 60.83 -27.79 28.63
N GLU FB 144 61.17 -28.53 27.58
CA GLU FB 144 62.48 -29.16 27.49
C GLU FB 144 63.57 -28.15 27.18
N LEU FB 145 63.29 -27.19 26.28
CA LEU FB 145 64.28 -26.18 25.95
C LEU FB 145 64.51 -25.24 27.13
N ALA FB 146 63.43 -24.82 27.80
CA ALA FB 146 63.55 -23.83 28.86
C ALA FB 146 64.39 -24.34 30.03
N ARG FB 147 64.50 -25.65 30.19
CA ARG FB 147 65.27 -26.22 31.29
C ARG FB 147 66.75 -26.34 30.98
N LYS FB 148 67.17 -26.08 29.75
CA LYS FB 148 68.59 -26.09 29.42
C LYS FB 148 69.28 -24.84 29.97
N GLU FB 149 70.50 -25.03 30.47
CA GLU FB 149 71.20 -23.93 31.13
C GLU FB 149 71.71 -22.89 30.15
N ASP FB 150 71.97 -23.28 28.91
CA ASP FB 150 72.57 -22.40 27.91
C ASP FB 150 71.55 -21.79 26.96
N ILE FB 151 70.29 -21.68 27.39
CA ILE FB 151 69.24 -21.02 26.61
C ILE FB 151 68.79 -19.80 27.40
N ASP FB 152 68.75 -18.64 26.73
CA ASP FB 152 68.38 -17.40 27.39
C ASP FB 152 66.88 -17.08 27.25
N ALA FB 153 66.26 -17.43 26.13
CA ALA FB 153 64.84 -17.18 25.93
C ALA FB 153 64.32 -18.15 24.89
N VAL FB 154 62.99 -18.33 24.90
CA VAL FB 154 62.31 -19.26 24.00
C VAL FB 154 61.23 -18.50 23.25
N ILE FB 155 61.06 -18.83 21.97
CA ILE FB 155 60.08 -18.21 21.09
C ILE FB 155 59.14 -19.29 20.59
N ALA FB 156 57.84 -19.07 20.78
CA ALA FB 156 56.80 -20.02 20.38
C ALA FB 156 56.04 -19.47 19.18
N ILE FB 157 55.88 -20.29 18.15
CA ILE FB 157 55.29 -19.87 16.88
C ILE FB 157 54.23 -20.89 16.47
N GLY FB 158 53.08 -20.39 16.02
CA GLY FB 158 52.02 -21.26 15.54
C GLY FB 158 50.91 -20.43 14.92
N VAL FB 159 50.01 -21.12 14.23
CA VAL FB 159 48.87 -20.49 13.56
C VAL FB 159 47.62 -21.29 13.85
N LEU FB 160 46.58 -20.63 14.35
CA LEU FB 160 45.27 -21.23 14.58
C LEU FB 160 44.21 -20.39 13.88
N ILE FB 161 43.33 -21.05 13.14
CA ILE FB 161 42.26 -20.40 12.38
C ILE FB 161 40.94 -21.02 12.77
N ARG FB 162 39.96 -20.19 13.13
CA ARG FB 162 38.66 -20.66 13.56
C ARG FB 162 37.91 -21.29 12.40
N THR GB 3 22.38 -27.28 26.22
CA THR GB 3 22.51 -26.97 27.63
C THR GB 3 23.97 -26.66 27.98
N PRO GB 4 24.20 -25.88 29.05
CA PRO GB 4 25.57 -25.55 29.42
C PRO GB 4 26.38 -26.72 29.96
N HIS GB 5 25.76 -27.89 30.13
CA HIS GB 5 26.51 -29.07 30.59
C HIS GB 5 27.68 -29.37 29.68
N PHE GB 6 27.54 -29.12 28.38
CA PHE GB 6 28.60 -29.41 27.43
C PHE GB 6 29.87 -28.62 27.74
N ASP GB 7 29.72 -27.33 28.07
CA ASP GB 7 30.89 -26.47 28.22
C ASP GB 7 31.77 -26.89 29.38
N TYR GB 8 31.18 -27.18 30.54
CA TYR GB 8 31.99 -27.45 31.73
C TYR GB 8 32.76 -28.74 31.60
N ILE GB 9 32.16 -29.78 31.01
CA ILE GB 9 32.87 -31.04 30.83
C ILE GB 9 34.03 -30.86 29.86
N ALA GB 10 33.78 -30.15 28.75
CA ALA GB 10 34.83 -29.96 27.76
C ALA GB 10 36.00 -29.16 28.32
N SER GB 11 35.71 -28.14 29.14
CA SER GB 11 36.78 -27.32 29.69
C SER GB 11 37.67 -28.13 30.63
N GLU GB 12 37.07 -28.99 31.45
CA GLU GB 12 37.85 -29.72 32.45
C GLU GB 12 38.66 -30.84 31.84
N VAL GB 13 38.14 -31.51 30.82
CA VAL GB 13 38.87 -32.59 30.18
C VAL GB 13 40.11 -32.06 29.48
N SER GB 14 39.96 -30.97 28.72
CA SER GB 14 41.10 -30.39 28.03
C SER GB 14 42.13 -29.86 29.01
N LYS GB 15 41.68 -29.17 30.07
CA LYS GB 15 42.61 -28.62 31.05
C LYS GB 15 43.34 -29.72 31.79
N GLY GB 16 42.64 -30.79 32.14
CA GLY GB 16 43.28 -31.87 32.90
C GLY GB 16 44.41 -32.53 32.13
N LEU GB 17 44.18 -32.83 30.85
CA LEU GB 17 45.20 -33.51 30.05
C LEU GB 17 46.41 -32.61 29.84
N ALA GB 18 46.18 -31.31 29.63
CA ALA GB 18 47.29 -30.39 29.39
C ALA GB 18 48.21 -30.30 30.60
N ASN GB 19 47.64 -30.10 31.79
CA ASN GB 19 48.46 -30.01 32.99
C ASN GB 19 49.20 -31.31 33.25
N LEU GB 20 48.54 -32.44 32.98
CA LEU GB 20 49.16 -33.74 33.23
C LEU GB 20 50.41 -33.94 32.38
N SER GB 21 50.37 -33.50 31.13
CA SER GB 21 51.52 -33.67 30.24
C SER GB 21 52.72 -32.87 30.74
N LEU GB 22 52.47 -31.66 31.25
CA LEU GB 22 53.57 -30.84 31.73
C LEU GB 22 54.15 -31.38 33.04
N GLU GB 23 53.28 -31.89 33.92
CA GLU GB 23 53.76 -32.39 35.20
C GLU GB 23 54.63 -33.63 35.04
N LEU GB 24 54.19 -34.58 34.22
CA LEU GB 24 54.94 -35.81 33.99
C LEU GB 24 55.96 -35.70 32.86
N ARG GB 25 55.92 -34.61 32.09
CA ARG GB 25 56.88 -34.39 31.00
C ARG GB 25 56.85 -35.55 30.01
N LYS GB 26 55.65 -35.97 29.62
CA LYS GB 26 55.44 -37.03 28.66
C LYS GB 26 54.39 -36.59 27.64
N PRO GB 27 54.50 -37.02 26.38
CA PRO GB 27 53.50 -36.58 25.39
C PRO GB 27 52.13 -37.21 25.63
N ILE GB 28 51.09 -36.37 25.54
CA ILE GB 28 49.71 -36.82 25.57
C ILE GB 28 48.98 -36.07 24.45
N THR GB 29 48.27 -36.82 23.60
CA THR GB 29 47.63 -36.28 22.41
C THR GB 29 46.12 -36.16 22.63
N PHE GB 30 45.54 -35.09 22.06
CA PHE GB 30 44.13 -34.75 22.26
C PHE GB 30 43.32 -35.27 21.08
N GLY GB 31 42.66 -36.40 21.27
CA GLY GB 31 41.85 -37.01 20.24
C GLY GB 31 40.36 -36.97 20.54
N VAL GB 32 39.88 -35.88 21.13
CA VAL GB 32 38.49 -35.77 21.55
C VAL GB 32 37.75 -34.85 20.58
N ILE GB 33 36.63 -35.34 20.04
CA ILE GB 33 35.80 -34.56 19.16
C ILE GB 33 34.86 -33.69 19.99
N THR GB 34 34.74 -32.41 19.61
CA THR GB 34 33.82 -31.47 20.26
C THR GB 34 32.98 -30.82 19.16
N ALA GB 35 31.78 -31.35 18.94
CA ALA GB 35 30.94 -30.94 17.83
C ALA GB 35 29.66 -30.29 18.34
N ASP GB 36 29.07 -29.44 17.49
CA ASP GB 36 27.81 -28.79 17.81
C ASP GB 36 26.60 -29.60 17.37
N THR GB 37 26.76 -30.49 16.39
CA THR GB 37 25.65 -31.27 15.86
C THR GB 37 26.12 -32.69 15.59
N LEU GB 38 25.15 -33.60 15.51
CA LEU GB 38 25.46 -35.00 15.22
C LEU GB 38 26.11 -35.15 13.85
N GLU GB 39 25.66 -34.37 12.88
CA GLU GB 39 26.24 -34.46 11.53
C GLU GB 39 27.71 -34.10 11.55
N GLN GB 40 28.08 -33.06 12.30
CA GLN GB 40 29.49 -32.68 12.37
C GLN GB 40 30.34 -33.79 12.97
N ALA GB 41 29.78 -34.57 13.89
CA ALA GB 41 30.55 -35.63 14.52
C ALA GB 41 30.79 -36.80 13.57
N ILE GB 42 29.77 -37.18 12.80
CA ILE GB 42 29.92 -38.28 11.84
C ILE GB 42 30.95 -37.89 10.78
N GLU GB 43 31.05 -36.60 10.47
CA GLU GB 43 31.99 -36.14 9.45
C GLU GB 43 33.42 -36.49 9.82
N ARG GB 44 33.76 -36.40 11.10
CA ARG GB 44 35.13 -36.55 11.58
C ARG GB 44 35.42 -37.93 12.16
N ALA GB 45 34.49 -38.87 12.07
CA ALA GB 45 34.63 -40.21 12.64
C ALA GB 45 34.84 -41.28 11.58
N GLY GB 46 35.62 -40.98 10.55
CA GLY GB 46 35.86 -41.91 9.47
C GLY GB 46 35.16 -41.59 8.17
N THR GB 47 34.77 -40.33 7.97
CA THR GB 47 34.04 -39.90 6.78
C THR GB 47 34.69 -38.66 6.19
N LYS GB 48 33.98 -37.94 5.33
CA LYS GB 48 34.55 -36.97 4.40
C LYS GB 48 35.59 -36.03 5.01
N HIS GB 49 35.58 -35.82 6.33
CA HIS GB 49 36.59 -34.99 6.98
C HIS GB 49 37.63 -35.82 7.73
N GLY GB 50 37.77 -37.10 7.41
CA GLY GB 50 38.83 -37.91 7.96
C GLY GB 50 38.46 -38.56 9.29
N ASN GB 51 39.48 -39.09 9.94
CA ASN GB 51 39.35 -39.79 11.22
C ASN GB 51 40.27 -39.14 12.23
N LYS GB 52 39.69 -38.62 13.32
CA LYS GB 52 40.49 -37.96 14.34
C LYS GB 52 41.33 -38.96 15.14
N GLY GB 53 40.88 -40.21 15.23
CA GLY GB 53 41.68 -41.21 15.91
C GLY GB 53 42.98 -41.50 15.19
N TRP GB 54 42.93 -41.53 13.85
CA TRP GB 54 44.15 -41.72 13.07
C TRP GB 54 45.12 -40.57 13.27
N GLU GB 55 44.60 -39.34 13.27
CA GLU GB 55 45.46 -38.17 13.39
C GLU GB 55 46.15 -38.11 14.75
N ALA GB 56 45.42 -38.45 15.82
CA ALA GB 56 46.02 -38.41 17.15
C ALA GB 56 47.14 -39.43 17.28
N ALA GB 57 46.98 -40.61 16.69
CA ALA GB 57 48.04 -41.61 16.76
C ALA GB 57 49.28 -41.15 16.01
N LEU GB 58 49.10 -40.49 14.86
CA LEU GB 58 50.24 -40.02 14.08
C LEU GB 58 51.04 -38.98 14.86
N SER GB 59 50.35 -38.10 15.59
CA SER GB 59 51.04 -37.12 16.41
C SER GB 59 51.84 -37.78 17.53
N ALA GB 60 51.29 -38.83 18.13
CA ALA GB 60 51.99 -39.51 19.21
C ALA GB 60 53.29 -40.15 18.72
N ILE GB 61 53.27 -40.75 17.53
CA ILE GB 61 54.46 -41.40 17.00
C ILE GB 61 55.57 -40.37 16.80
N GLU GB 62 55.23 -39.22 16.22
CA GLU GB 62 56.24 -38.19 15.96
C GLU GB 62 56.82 -37.67 17.28
N MET GB 63 55.97 -37.40 18.26
CA MET GB 63 56.45 -36.84 19.52
C MET GB 63 57.36 -37.82 20.25
N ALA GB 64 57.04 -39.12 20.19
CA ALA GB 64 57.88 -40.11 20.84
C ALA GB 64 59.28 -40.13 20.23
N ASN GB 65 59.38 -40.04 18.90
CA ASN GB 65 60.69 -40.02 18.26
C ASN GB 65 61.43 -38.73 18.55
N LEU GB 66 60.71 -37.61 18.62
CA LEU GB 66 61.35 -36.33 18.90
C LEU GB 66 62.00 -36.34 20.29
N PHE GB 67 61.28 -36.84 21.29
CA PHE GB 67 61.81 -36.84 22.65
C PHE GB 67 63.01 -37.78 22.76
N LYS GB 68 63.00 -38.88 22.00
CA LYS GB 68 64.17 -39.79 21.96
C LYS GB 68 65.36 -38.99 21.41
N SER GB 69 65.14 -38.07 20.46
CA SER GB 69 66.23 -37.33 19.83
C SER GB 69 66.76 -36.22 20.75
N LEU GB 70 65.88 -35.52 21.45
CA LEU GB 70 66.32 -34.44 22.33
C LEU GB 70 67.20 -34.96 23.45
N ARG GB 71 66.84 -36.12 24.02
CA ARG GB 71 67.57 -36.66 25.16
C ARG GB 71 68.81 -37.46 24.74
N GLY GB 72 69.07 -37.58 23.45
CA GLY GB 72 70.26 -38.22 22.95
C GLY GB 72 71.42 -37.25 22.80
N THR GB 73 72.38 -37.63 21.95
CA THR GB 73 73.55 -36.79 21.74
C THR GB 73 73.20 -35.52 20.97
N GLY GB 74 72.28 -35.61 20.02
CA GLY GB 74 71.92 -34.46 19.20
C GLY GB 74 72.83 -34.29 18.00
N GLY GB 75 74.14 -34.25 18.24
CA GLY GB 75 75.09 -34.15 17.14
C GLY GB 75 75.09 -32.78 16.48
N SER GB 76 75.60 -32.76 15.25
CA SER GB 76 75.72 -31.54 14.45
C SER GB 76 76.66 -30.54 15.11
N GLY GB 77 77.06 -29.51 14.36
CA GLY GB 77 77.95 -28.50 14.89
C GLY GB 77 78.26 -27.46 13.83
N SER GB 78 78.68 -26.30 14.30
CA SER GB 78 79.03 -25.17 13.45
C SER GB 78 77.86 -24.71 12.58
N SER GB 79 76.63 -25.05 12.98
CA SER GB 79 75.45 -24.69 12.21
C SER GB 79 74.23 -24.78 13.12
N MET GB 80 73.11 -24.30 12.61
CA MET GB 80 71.86 -24.30 13.38
C MET GB 80 71.41 -25.73 13.65
N GLU GB 81 71.17 -26.04 14.92
CA GLU GB 81 70.67 -27.36 15.29
C GLU GB 81 69.17 -27.44 15.06
N ILE GB 82 68.73 -28.50 14.40
CA ILE GB 82 67.32 -28.74 14.10
C ILE GB 82 66.94 -30.10 14.64
N TYR GB 83 65.85 -30.16 15.42
CA TYR GB 83 65.33 -31.40 15.98
C TYR GB 83 63.97 -31.70 15.38
N GLU GB 84 63.80 -32.94 14.92
CA GLU GB 84 62.53 -33.36 14.34
C GLU GB 84 62.37 -34.86 14.54
N GLY GB 85 61.12 -35.31 14.42
CA GLY GB 85 60.78 -36.71 14.67
C GLY GB 85 60.37 -37.42 13.41
N LYS GB 86 60.82 -38.69 13.29
CA LYS GB 86 60.48 -39.53 12.13
C LYS GB 86 59.06 -40.04 12.34
N LEU GB 87 58.54 -40.80 11.40
CA LEU GB 87 57.24 -41.44 11.46
C LEU GB 87 57.35 -42.96 11.37
N THR GB 88 58.32 -43.53 12.06
CA THR GB 88 58.48 -44.98 12.19
C THR GB 88 58.13 -45.39 13.61
N ALA GB 89 57.29 -46.41 13.75
CA ALA GB 89 56.78 -46.84 15.04
C ALA GB 89 57.46 -48.10 15.56
N GLU GB 90 58.53 -48.55 14.93
CA GLU GB 90 59.20 -49.78 15.36
C GLU GB 90 59.82 -49.60 16.74
N GLY GB 91 59.44 -50.48 17.67
CA GLY GB 91 60.01 -50.47 19.01
C GLY GB 91 59.28 -49.62 20.03
N LEU GB 92 58.27 -48.87 19.63
CA LEU GB 92 57.56 -47.97 20.55
C LEU GB 92 56.37 -48.67 21.19
N ARG GB 93 56.00 -48.19 22.37
CA ARG GB 93 54.91 -48.74 23.17
C ARG GB 93 53.91 -47.63 23.50
N PHE GB 94 52.63 -47.90 23.28
CA PHE GB 94 51.59 -46.89 23.34
C PHE GB 94 50.46 -47.32 24.27
N GLY GB 95 49.84 -46.34 24.93
CA GLY GB 95 48.62 -46.56 25.70
C GLY GB 95 47.48 -45.73 25.15
N ILE GB 96 46.27 -46.28 25.24
CA ILE GB 96 45.07 -45.64 24.72
C ILE GB 96 44.00 -45.63 25.81
N VAL GB 97 43.36 -44.48 26.00
CA VAL GB 97 42.22 -44.33 26.92
C VAL GB 97 41.02 -43.89 26.09
N ALA GB 98 39.93 -44.64 26.17
CA ALA GB 98 38.74 -44.40 25.38
C ALA GB 98 37.50 -44.44 26.26
N SER GB 99 36.53 -43.59 25.96
CA SER GB 99 35.28 -43.53 26.71
C SER GB 99 34.20 -44.38 26.02
N ARG GB 100 33.17 -44.71 26.79
CA ARG GB 100 32.08 -45.57 26.31
C ARG GB 100 30.86 -44.80 25.83
N PHE GB 101 30.73 -43.52 26.13
CA PHE GB 101 29.57 -42.77 25.70
C PHE GB 101 29.69 -42.44 24.22
N ASN GB 102 28.56 -42.52 23.51
CA ASN GB 102 28.55 -42.42 22.05
C ASN GB 102 29.46 -43.47 21.43
N HIS GB 103 29.30 -44.73 21.87
CA HIS GB 103 30.23 -45.78 21.44
C HIS GB 103 30.10 -46.09 19.96
N ALA GB 104 28.96 -45.75 19.34
CA ALA GB 104 28.82 -45.98 17.91
C ALA GB 104 29.88 -45.21 17.11
N LEU GB 105 30.33 -44.07 17.64
CA LEU GB 105 31.36 -43.26 16.99
C LEU GB 105 32.74 -43.54 17.57
N VAL GB 106 32.84 -43.77 18.88
CA VAL GB 106 34.14 -43.93 19.52
C VAL GB 106 34.86 -45.15 18.98
N ASP GB 107 34.15 -46.25 18.76
CA ASP GB 107 34.78 -47.47 18.25
C ASP GB 107 35.37 -47.28 16.87
N ARG GB 108 34.86 -46.32 16.08
CA ARG GB 108 35.50 -46.01 14.81
C ARG GB 108 36.83 -45.30 15.02
N LEU GB 109 36.93 -44.45 16.05
CA LEU GB 109 38.17 -43.74 16.30
C LEU GB 109 39.25 -44.69 16.84
N VAL GB 110 38.86 -45.66 17.67
CA VAL GB 110 39.84 -46.60 18.21
C VAL GB 110 40.40 -47.48 17.11
N GLU GB 111 39.56 -47.87 16.14
CA GLU GB 111 40.03 -48.67 15.02
C GLU GB 111 41.09 -47.90 14.22
N GLY GB 112 40.86 -46.61 13.98
CA GLY GB 112 41.82 -45.82 13.24
C GLY GB 112 43.16 -45.72 13.93
N ALA GB 113 43.14 -45.52 15.25
CA ALA GB 113 44.39 -45.38 15.99
C ALA GB 113 45.22 -46.66 15.92
N ILE GB 114 44.58 -47.82 16.03
CA ILE GB 114 45.31 -49.08 15.97
C ILE GB 114 45.82 -49.32 14.56
N ASP GB 115 45.03 -48.96 13.54
CA ASP GB 115 45.46 -49.16 12.17
C ASP GB 115 46.71 -48.33 11.86
N CYS GB 116 46.75 -47.09 12.35
CA CYS GB 116 47.90 -46.23 12.08
C CYS GB 116 49.18 -46.82 12.67
N ILE GB 117 49.11 -47.31 13.90
CA ILE GB 117 50.30 -47.81 14.59
C ILE GB 117 50.84 -49.05 13.88
N VAL GB 118 49.96 -49.96 13.47
CA VAL GB 118 50.41 -51.23 12.92
C VAL GB 118 51.06 -51.04 11.55
N ARG GB 119 50.47 -50.20 10.70
CA ARG GB 119 50.99 -50.05 9.34
C ARG GB 119 52.22 -49.15 9.27
N HIS GB 120 52.54 -48.43 10.34
CA HIS GB 120 53.80 -47.70 10.44
C HIS GB 120 54.91 -48.52 11.08
N GLY GB 121 54.66 -49.78 11.41
CA GLY GB 121 55.69 -50.67 11.90
C GLY GB 121 55.58 -51.10 13.35
N GLY GB 122 54.46 -50.80 14.02
CA GLY GB 122 54.28 -51.20 15.39
C GLY GB 122 53.65 -52.57 15.54
N ARG GB 123 53.60 -53.06 16.77
CA ARG GB 123 53.00 -54.34 17.10
C ARG GB 123 51.77 -54.13 17.98
N GLU GB 124 50.75 -54.95 17.77
CA GLU GB 124 49.57 -54.91 18.63
C GLU GB 124 49.92 -55.33 20.05
N GLU GB 125 50.95 -56.15 20.22
CA GLU GB 125 51.36 -56.57 21.56
C GLU GB 125 51.87 -55.41 22.41
N ASP GB 126 52.23 -54.29 21.80
CA ASP GB 126 52.78 -53.14 22.50
C ASP GB 126 51.74 -52.07 22.78
N ILE GB 127 50.45 -52.38 22.60
CA ILE GB 127 49.37 -51.42 22.81
C ILE GB 127 48.57 -51.86 24.03
N THR GB 128 48.35 -50.92 24.95
CA THR GB 128 47.53 -51.12 26.13
C THR GB 128 46.29 -50.24 26.02
N LEU GB 129 45.11 -50.84 26.13
CA LEU GB 129 43.84 -50.16 25.95
C LEU GB 129 43.06 -50.17 27.26
N VAL GB 130 42.64 -48.99 27.71
CA VAL GB 130 41.86 -48.82 28.93
C VAL GB 130 40.56 -48.11 28.56
N ARG GB 131 39.43 -48.62 29.06
CA ARG GB 131 38.11 -48.07 28.78
C ARG GB 131 37.50 -47.49 30.05
N VAL GB 132 36.88 -46.32 29.93
CA VAL GB 132 36.29 -45.62 31.05
C VAL GB 132 34.83 -45.28 30.70
N PRO GB 133 33.96 -45.08 31.69
CA PRO GB 133 32.54 -44.85 31.38
C PRO GB 133 32.24 -43.53 30.67
N GLY GB 134 33.08 -42.52 30.81
CA GLY GB 134 32.77 -41.22 30.21
C GLY GB 134 34.01 -40.37 30.07
N SER GB 135 33.82 -39.24 29.37
CA SER GB 135 34.93 -38.33 29.14
C SER GB 135 35.45 -37.71 30.43
N TRP GB 136 34.58 -37.52 31.42
CA TRP GB 136 35.00 -36.93 32.68
C TRP GB 136 36.07 -37.78 33.36
N GLU GB 137 36.06 -39.09 33.15
CA GLU GB 137 37.00 -39.99 33.81
C GLU GB 137 38.28 -40.20 33.02
N ILE GB 138 38.43 -39.59 31.84
CA ILE GB 138 39.63 -39.79 31.05
C ILE GB 138 40.88 -39.27 31.76
N PRO GB 139 40.91 -38.06 32.30
CA PRO GB 139 42.18 -37.56 32.88
C PRO GB 139 42.73 -38.40 34.01
N VAL GB 140 41.87 -38.91 34.90
CA VAL GB 140 42.38 -39.70 36.02
C VAL GB 140 42.91 -41.05 35.54
N ALA GB 141 42.24 -41.66 34.54
CA ALA GB 141 42.74 -42.90 33.99
C ALA GB 141 44.04 -42.69 33.21
N ALA GB 142 44.13 -41.59 32.46
CA ALA GB 142 45.36 -41.30 31.73
C ALA GB 142 46.53 -41.11 32.67
N GLY GB 143 46.28 -40.62 33.88
CA GLY GB 143 47.35 -40.43 34.84
C GLY GB 143 47.99 -41.72 35.31
N GLU GB 144 47.24 -42.83 35.32
CA GLU GB 144 47.81 -44.10 35.72
C GLU GB 144 48.72 -44.67 34.65
N LEU GB 145 48.31 -44.56 33.38
CA LEU GB 145 49.15 -45.06 32.29
C LEU GB 145 50.42 -44.23 32.13
N ALA GB 146 50.30 -42.91 32.23
CA ALA GB 146 51.46 -42.04 31.99
C ALA GB 146 52.56 -42.26 33.01
N ARG GB 147 52.23 -42.78 34.18
CA ARG GB 147 53.24 -43.01 35.22
C ARG GB 147 53.97 -44.33 35.05
N LYS GB 148 53.55 -45.19 34.14
CA LYS GB 148 54.28 -46.43 33.88
C LYS GB 148 55.56 -46.15 33.11
N GLU GB 149 56.62 -46.88 33.47
CA GLU GB 149 57.93 -46.61 32.89
C GLU GB 149 58.03 -47.09 31.45
N ASP GB 150 57.25 -48.10 31.07
CA ASP GB 150 57.34 -48.72 29.75
C ASP GB 150 56.29 -48.20 28.78
N ILE GB 151 55.78 -47.00 28.99
CA ILE GB 151 54.83 -46.35 28.08
C ILE GB 151 55.51 -45.10 27.52
N ASP GB 152 55.50 -44.96 26.20
CA ASP GB 152 56.16 -43.83 25.55
C ASP GB 152 55.21 -42.66 25.31
N ALA GB 153 53.93 -42.92 25.01
CA ALA GB 153 52.97 -41.87 24.77
C ALA GB 153 51.57 -42.41 25.03
N VAL GB 154 50.64 -41.48 25.27
CA VAL GB 154 49.25 -41.81 25.58
C VAL GB 154 48.34 -41.10 24.59
N ILE GB 155 47.28 -41.78 24.17
CA ILE GB 155 46.31 -41.25 23.22
C ILE GB 155 44.94 -41.24 23.90
N ALA GB 156 44.29 -40.09 23.90
CA ALA GB 156 42.98 -39.90 24.53
C ALA GB 156 41.91 -39.74 23.45
N ILE GB 157 40.83 -40.50 23.57
CA ILE GB 157 39.78 -40.55 22.55
C ILE GB 157 38.43 -40.38 23.24
N GLY GB 158 37.57 -39.55 22.64
CA GLY GB 158 36.22 -39.36 23.15
C GLY GB 158 35.42 -38.52 22.19
N VAL GB 159 34.11 -38.48 22.43
CA VAL GB 159 33.17 -37.73 21.60
C VAL GB 159 32.22 -36.96 22.51
N LEU GB 160 32.11 -35.66 22.29
CA LEU GB 160 31.17 -34.80 22.99
C LEU GB 160 30.33 -34.03 21.98
N ILE GB 161 29.01 -34.03 22.16
CA ILE GB 161 28.08 -33.37 21.26
C ILE GB 161 27.22 -32.42 22.08
N ARG GB 162 27.13 -31.17 21.64
CA ARG GB 162 26.37 -30.15 22.35
C ARG GB 162 24.88 -30.45 22.27
N THR HB 3 21.24 -14.01 35.83
CA THR HB 3 22.36 -13.24 36.35
C THR HB 3 23.67 -14.03 36.20
N PRO HB 4 24.80 -13.33 36.14
CA PRO HB 4 26.08 -14.02 35.98
C PRO HB 4 26.51 -14.81 37.21
N HIS HB 5 25.76 -14.74 38.31
CA HIS HB 5 26.10 -15.52 39.50
C HIS HB 5 26.18 -17.01 39.18
N PHE HB 6 25.34 -17.48 38.26
CA PHE HB 6 25.31 -18.89 37.91
C PHE HB 6 26.65 -19.36 37.35
N ASP HB 7 27.27 -18.55 36.48
CA ASP HB 7 28.46 -19.00 35.77
C ASP HB 7 29.64 -19.23 36.72
N TYR HB 8 29.87 -18.30 37.64
CA TYR HB 8 31.07 -18.37 38.46
C TYR HB 8 31.01 -19.55 39.43
N ILE HB 9 29.83 -19.82 39.99
CA ILE HB 9 29.70 -20.96 40.90
C ILE HB 9 29.91 -22.26 40.14
N ALA HB 10 29.31 -22.38 38.96
CA ALA HB 10 29.43 -23.61 38.19
C ALA HB 10 30.86 -23.87 37.77
N SER HB 11 31.59 -22.81 37.39
CA SER HB 11 32.97 -22.99 36.95
C SER HB 11 33.87 -23.49 38.09
N GLU HB 12 33.67 -22.95 39.30
CA GLU HB 12 34.55 -23.29 40.40
C GLU HB 12 34.25 -24.69 40.96
N VAL HB 13 32.98 -25.10 40.97
CA VAL HB 13 32.65 -26.42 41.48
C VAL HB 13 33.22 -27.50 40.57
N SER HB 14 33.04 -27.35 39.26
CA SER HB 14 33.57 -28.34 38.32
C SER HB 14 35.10 -28.38 38.36
N LYS HB 15 35.74 -27.20 38.41
CA LYS HB 15 37.20 -27.16 38.44
C LYS HB 15 37.74 -27.76 39.72
N GLY HB 16 37.10 -27.48 40.86
CA GLY HB 16 37.59 -28.01 42.12
C GLY HB 16 37.59 -29.51 42.18
N LEU HB 17 36.49 -30.13 41.73
CA LEU HB 17 36.40 -31.59 41.80
C LEU HB 17 37.40 -32.25 40.86
N ALA HB 18 37.62 -31.66 39.68
CA ALA HB 18 38.54 -32.25 38.72
C ALA HB 18 39.97 -32.26 39.25
N ASN HB 19 40.43 -31.14 39.78
CA ASN HB 19 41.78 -31.08 40.33
C ASN HB 19 41.94 -32.02 41.51
N LEU HB 20 40.90 -32.12 42.34
CA LEU HB 20 40.98 -32.98 43.52
C LEU HB 20 41.18 -34.44 43.14
N SER HB 21 40.50 -34.90 42.08
CA SER HB 21 40.62 -36.29 41.67
C SER HB 21 42.04 -36.60 41.20
N LEU HB 22 42.68 -35.67 40.50
CA LEU HB 22 44.03 -35.90 40.02
C LEU HB 22 45.04 -35.86 41.15
N GLU HB 23 44.85 -34.96 42.12
CA GLU HB 23 45.79 -34.84 43.22
C GLU HB 23 45.79 -36.09 44.11
N LEU HB 24 44.61 -36.56 44.47
CA LEU HB 24 44.48 -37.74 45.32
C LEU HB 24 44.47 -39.05 44.54
N ARG HB 25 44.36 -38.99 43.21
CA ARG HB 25 44.38 -40.19 42.37
C ARG HB 25 43.27 -41.17 42.79
N LYS HB 26 42.07 -40.63 42.99
CA LYS HB 26 40.90 -41.42 43.35
C LYS HB 26 39.73 -40.99 42.50
N PRO HB 27 38.82 -41.90 42.13
CA PRO HB 27 37.68 -41.50 41.29
C PRO HB 27 36.70 -40.60 42.01
N ILE HB 28 36.27 -39.54 41.33
CA ILE HB 28 35.20 -38.67 41.79
C ILE HB 28 34.28 -38.41 40.61
N THR HB 29 32.99 -38.62 40.80
CA THR HB 29 32.00 -38.55 39.72
C THR HB 29 31.19 -37.25 39.83
N PHE HB 30 30.84 -36.70 38.67
CA PHE HB 30 30.18 -35.39 38.58
C PHE HB 30 28.69 -35.62 38.40
N GLY HB 31 27.93 -35.48 39.49
CA GLY HB 31 26.50 -35.65 39.47
C GLY HB 31 25.72 -34.37 39.69
N VAL HB 32 26.21 -33.26 39.14
CA VAL HB 32 25.61 -31.95 39.36
C VAL HB 32 24.84 -31.54 38.11
N ILE HB 33 23.57 -31.19 38.29
CA ILE HB 33 22.75 -30.70 37.19
C ILE HB 33 23.01 -29.21 36.98
N THR HB 34 23.17 -28.81 35.72
CA THR HB 34 23.34 -27.40 35.35
C THR HB 34 22.33 -27.09 34.26
N ALA HB 35 21.19 -26.52 34.64
CA ALA HB 35 20.07 -26.31 33.74
C ALA HB 35 19.80 -24.83 33.55
N ASP HB 36 19.19 -24.49 32.41
CA ASP HB 36 18.82 -23.11 32.12
C ASP HB 36 17.42 -22.77 32.62
N THR HB 37 16.55 -23.76 32.81
CA THR HB 37 15.17 -23.52 33.23
C THR HB 37 14.77 -24.58 34.24
N LEU HB 38 13.72 -24.27 35.00
CA LEU HB 38 13.21 -25.22 35.99
C LEU HB 38 12.70 -26.49 35.33
N GLU HB 39 12.07 -26.35 34.16
CA GLU HB 39 11.55 -27.52 33.45
C GLU HB 39 12.66 -28.48 33.07
N GLN HB 40 13.79 -27.94 32.60
CA GLN HB 40 14.92 -28.80 32.24
C GLN HB 40 15.45 -29.57 33.44
N ALA HB 41 15.37 -28.98 34.64
CA ALA HB 41 15.87 -29.65 35.83
C ALA HB 41 14.97 -30.80 36.26
N ILE HB 42 13.64 -30.60 36.21
CA ILE HB 42 12.71 -31.66 36.57
C ILE HB 42 12.85 -32.82 35.60
N GLU HB 43 13.22 -32.54 34.36
CA GLU HB 43 13.36 -33.60 33.36
C GLU HB 43 14.42 -34.62 33.77
N ARG HB 44 15.50 -34.16 34.38
CA ARG HB 44 16.65 -34.99 34.69
C ARG HB 44 16.69 -35.47 36.14
N ALA HB 45 15.65 -35.19 36.93
CA ALA HB 45 15.60 -35.54 38.35
C ALA HB 45 14.65 -36.69 38.64
N GLY HB 46 14.60 -37.69 37.77
CA GLY HB 46 13.71 -38.82 37.93
C GLY HB 46 12.53 -38.84 36.99
N THR HB 47 12.63 -38.15 35.85
CA THR HB 47 11.55 -38.05 34.89
C THR HB 47 12.08 -38.36 33.48
N LYS HB 48 11.31 -37.99 32.45
CA LYS HB 48 11.46 -38.52 31.10
C LYS HB 48 12.91 -38.59 30.60
N HIS HB 49 13.83 -37.81 31.15
CA HIS HB 49 15.24 -37.89 30.76
C HIS HB 49 16.09 -38.60 31.80
N GLY HB 50 15.48 -39.39 32.68
CA GLY HB 50 16.23 -40.22 33.61
C GLY HB 50 16.60 -39.50 34.89
N ASN HB 51 17.50 -40.15 35.64
CA ASN HB 51 17.96 -39.66 36.93
C ASN HB 51 19.48 -39.55 36.89
N LYS HB 52 19.98 -38.33 37.11
CA LYS HB 52 21.44 -38.13 37.07
C LYS HB 52 22.12 -38.73 38.29
N GLY HB 53 21.40 -38.86 39.41
CA GLY HB 53 21.99 -39.51 40.58
C GLY HB 53 22.26 -40.98 40.34
N TRP HB 54 21.36 -41.66 39.64
CA TRP HB 54 21.58 -43.06 39.29
C TRP HB 54 22.80 -43.21 38.38
N GLU HB 55 22.92 -42.33 37.39
CA GLU HB 55 24.02 -42.43 36.43
C GLU HB 55 25.37 -42.22 37.10
N ALA HB 56 25.45 -41.24 38.00
CA ALA HB 56 26.71 -40.97 38.68
C ALA HB 56 27.16 -42.15 39.53
N ALA HB 57 26.22 -42.81 40.20
CA ALA HB 57 26.57 -43.98 41.01
C ALA HB 57 27.09 -45.13 40.13
N LEU HB 58 26.47 -45.31 38.96
CA LEU HB 58 26.91 -46.40 38.08
C LEU HB 58 28.34 -46.16 37.60
N SER HB 59 28.69 -44.91 37.31
CA SER HB 59 30.06 -44.60 36.90
C SER HB 59 31.05 -44.88 38.02
N ALA HB 60 30.67 -44.57 39.26
CA ALA HB 60 31.57 -44.80 40.39
C ALA HB 60 31.87 -46.28 40.57
N ILE HB 61 30.86 -47.15 40.41
CA ILE HB 61 31.06 -48.57 40.59
C ILE HB 61 32.05 -49.10 39.56
N GLU HB 62 31.89 -48.69 38.30
CA GLU HB 62 32.79 -49.16 37.25
C GLU HB 62 34.23 -48.70 37.51
N MET HB 63 34.40 -47.43 37.87
CA MET HB 63 35.75 -46.90 38.07
C MET HB 63 36.44 -47.60 39.24
N ALA HB 64 35.69 -47.92 40.30
CA ALA HB 64 36.29 -48.60 41.44
C ALA HB 64 36.81 -49.98 41.04
N ASN HB 65 36.05 -50.71 40.23
CA ASN HB 65 36.49 -52.02 39.78
C ASN HB 65 37.68 -51.90 38.83
N LEU HB 66 37.67 -50.88 37.98
CA LEU HB 66 38.78 -50.69 37.03
C LEU HB 66 40.09 -50.45 37.75
N PHE HB 67 40.07 -49.58 38.78
CA PHE HB 67 41.29 -49.28 39.50
C PHE HB 67 41.81 -50.49 40.27
N LYS HB 68 40.88 -51.33 40.76
CA LYS HB 68 41.28 -52.60 41.42
C LYS HB 68 42.02 -53.44 40.39
N SER HB 69 41.62 -53.41 39.10
CA SER HB 69 42.22 -54.26 38.09
C SER HB 69 43.58 -53.73 37.65
N LEU HB 70 43.72 -52.41 37.50
CA LEU HB 70 44.99 -51.85 37.06
C LEU HB 70 46.09 -52.12 38.06
N ARG HB 71 45.79 -52.02 39.36
CA ARG HB 71 46.79 -52.19 40.40
C ARG HB 71 47.03 -53.65 40.75
N GLY HB 72 46.33 -54.59 40.12
CA GLY HB 72 46.55 -56.00 40.31
C GLY HB 72 47.58 -56.54 39.35
N THR HB 73 47.52 -57.86 39.14
CA THR HB 73 48.48 -58.52 38.27
C THR HB 73 48.24 -58.16 36.80
N GLY HB 74 46.98 -57.99 36.40
CA GLY HB 74 46.66 -57.70 35.02
C GLY HB 74 46.55 -58.94 34.16
N GLY HB 75 47.58 -59.78 34.18
CA GLY HB 75 47.54 -61.03 33.44
C GLY HB 75 47.64 -60.82 31.93
N SER HB 76 47.20 -61.85 31.20
CA SER HB 76 47.22 -61.86 29.74
C SER HB 76 48.66 -61.82 29.21
N GLY HB 77 48.83 -62.10 27.94
CA GLY HB 77 50.15 -62.07 27.33
C GLY HB 77 50.06 -62.44 25.87
N SER HB 78 51.10 -62.04 25.14
CA SER HB 78 51.21 -62.30 23.70
C SER HB 78 50.05 -61.69 22.91
N SER HB 79 49.36 -60.71 23.48
CA SER HB 79 48.22 -60.08 22.82
C SER HB 79 47.97 -58.73 23.47
N MET HB 80 47.10 -57.95 22.86
CA MET HB 80 46.77 -56.62 23.36
C MET HB 80 46.10 -56.72 24.72
N GLU HB 81 46.63 -55.99 25.70
CA GLU HB 81 46.04 -55.95 27.03
C GLU HB 81 44.86 -54.99 27.05
N ILE HB 82 43.74 -55.43 27.59
CA ILE HB 82 42.53 -54.62 27.71
C ILE HB 82 42.10 -54.61 29.16
N TYR HB 83 41.86 -53.42 29.70
CA TYR HB 83 41.41 -53.23 31.08
C TYR HB 83 40.00 -52.64 31.07
N GLU HB 84 39.12 -53.25 31.85
CA GLU HB 84 37.74 -52.78 31.96
C GLU HB 84 37.19 -53.15 33.33
N GLY HB 85 36.12 -52.46 33.72
CA GLY HB 85 35.52 -52.64 35.03
C GLY HB 85 34.15 -53.29 34.95
N LYS HB 86 33.89 -54.20 35.91
CA LYS HB 86 32.60 -54.89 35.99
C LYS HB 86 31.60 -53.92 36.60
N LEU HB 87 30.36 -54.34 36.75
CA LEU HB 87 29.29 -53.60 37.39
C LEU HB 87 28.73 -54.33 38.60
N THR HB 88 29.60 -54.93 39.40
CA THR HB 88 29.22 -55.56 40.66
C THR HB 88 29.75 -54.72 41.82
N ALA HB 89 28.89 -54.43 42.79
CA ALA HB 89 29.23 -53.55 43.89
C ALA HB 89 29.54 -54.28 45.19
N GLU HB 90 29.66 -55.60 45.15
CA GLU HB 90 29.90 -56.36 46.37
C GLU HB 90 31.27 -56.03 46.94
N GLY HB 91 31.29 -55.61 48.21
CA GLY HB 91 32.53 -55.33 48.91
C GLY HB 91 33.04 -53.91 48.81
N LEU HB 92 32.40 -53.05 48.03
CA LEU HB 92 32.87 -51.69 47.83
C LEU HB 92 32.23 -50.74 48.84
N ARG HB 93 32.93 -49.64 49.10
CA ARG HB 93 32.51 -48.63 50.08
C ARG HB 93 32.49 -47.26 49.39
N PHE HB 94 31.39 -46.52 49.57
CA PHE HB 94 31.14 -45.30 48.82
C PHE HB 94 30.83 -44.14 49.77
N GLY HB 95 31.23 -42.94 49.35
CA GLY HB 95 30.84 -41.71 50.03
C GLY HB 95 30.04 -40.81 49.10
N ILE HB 96 29.09 -40.07 49.68
CA ILE HB 96 28.20 -39.19 48.93
C ILE HB 96 28.21 -37.81 49.59
N VAL HB 97 28.34 -36.77 48.77
CA VAL HB 97 28.25 -35.39 49.22
C VAL HB 97 27.10 -34.73 48.48
N ALA HB 98 26.13 -34.18 49.22
CA ALA HB 98 24.93 -33.60 48.63
C ALA HB 98 24.67 -32.22 49.24
N SER HB 99 24.16 -31.32 48.42
CA SER HB 99 23.83 -29.97 48.86
C SER HB 99 22.36 -29.87 49.25
N ARG HB 100 22.05 -28.82 50.00
CA ARG HB 100 20.69 -28.61 50.51
C ARG HB 100 19.86 -27.64 49.69
N PHE HB 101 20.48 -26.86 48.80
CA PHE HB 101 19.71 -25.91 47.99
C PHE HB 101 18.96 -26.65 46.90
N ASN HB 102 17.72 -26.22 46.64
CA ASN HB 102 16.82 -26.93 45.75
C ASN HB 102 16.61 -28.36 46.23
N HIS HB 103 16.31 -28.52 47.53
CA HIS HB 103 16.24 -29.86 48.11
C HIS HB 103 15.08 -30.67 47.55
N ALA HB 104 14.06 -30.01 46.99
CA ALA HB 104 12.96 -30.75 46.40
C ALA HB 104 13.44 -31.64 45.26
N LEU HB 105 14.51 -31.25 44.57
CA LEU HB 105 15.08 -32.03 43.49
C LEU HB 105 16.26 -32.87 43.95
N VAL HB 106 17.07 -32.35 44.87
CA VAL HB 106 18.29 -33.05 45.28
C VAL HB 106 17.95 -34.38 45.95
N ASP HB 107 16.91 -34.40 46.78
CA ASP HB 107 16.55 -35.63 47.47
C ASP HB 107 16.10 -36.73 46.52
N ARG HB 108 15.63 -36.37 45.31
CA ARG HB 108 15.35 -37.39 44.32
C ARG HB 108 16.64 -38.00 43.77
N LEU HB 109 17.69 -37.18 43.62
CA LEU HB 109 18.95 -37.69 43.10
C LEU HB 109 19.64 -38.60 44.13
N VAL HB 110 19.55 -38.26 45.41
CA VAL HB 110 20.18 -39.09 46.44
C VAL HB 110 19.51 -40.45 46.52
N GLU HB 111 18.18 -40.48 46.36
CA GLU HB 111 17.46 -41.75 46.37
C GLU HB 111 17.93 -42.65 45.24
N GLY HB 112 18.12 -42.07 44.05
CA GLY HB 112 18.58 -42.87 42.92
C GLY HB 112 19.95 -43.47 43.14
N ALA HB 113 20.88 -42.69 43.70
CA ALA HB 113 22.23 -43.18 43.93
C ALA HB 113 22.23 -44.35 44.90
N ILE HB 114 21.44 -44.28 45.97
CA ILE HB 114 21.40 -45.36 46.94
C ILE HB 114 20.74 -46.59 46.32
N ASP HB 115 19.69 -46.39 45.52
CA ASP HB 115 19.01 -47.51 44.89
C ASP HB 115 19.95 -48.27 43.95
N CYS HB 116 20.77 -47.55 43.20
CA CYS HB 116 21.69 -48.20 42.27
C CYS HB 116 22.68 -49.09 43.00
N ILE HB 117 23.25 -48.58 44.10
CA ILE HB 117 24.29 -49.32 44.81
C ILE HB 117 23.72 -50.60 45.43
N VAL HB 118 22.52 -50.51 46.00
CA VAL HB 118 21.97 -51.66 46.73
C VAL HB 118 21.59 -52.78 45.77
N ARG HB 119 20.97 -52.46 44.64
CA ARG HB 119 20.49 -53.49 43.73
C ARG HB 119 21.61 -54.09 42.89
N HIS HB 120 22.79 -53.47 42.86
CA HIS HB 120 23.96 -54.07 42.23
C HIS HB 120 24.80 -54.89 43.20
N GLY HB 121 24.36 -55.05 44.45
CA GLY HB 121 25.03 -55.92 45.40
C GLY HB 121 25.71 -55.24 46.57
N GLY HB 122 25.52 -53.94 46.74
CA GLY HB 122 26.15 -53.24 47.86
C GLY HB 122 25.28 -53.24 49.11
N ARG HB 123 25.86 -52.75 50.19
CA ARG HB 123 25.19 -52.65 51.48
C ARG HB 123 25.03 -51.18 51.86
N GLU HB 124 23.89 -50.86 52.50
CA GLU HB 124 23.69 -49.51 53.00
C GLU HB 124 24.68 -49.18 54.12
N GLU HB 125 25.16 -50.20 54.84
CA GLU HB 125 26.13 -49.98 55.90
C GLU HB 125 27.45 -49.43 55.38
N ASP HB 126 27.73 -49.59 54.08
CA ASP HB 126 28.98 -49.16 53.49
C ASP HB 126 28.89 -47.80 52.81
N ILE HB 127 27.81 -47.06 53.04
CA ILE HB 127 27.59 -45.75 52.43
C ILE HB 127 27.69 -44.68 53.51
N THR HB 128 28.50 -43.66 53.24
CA THR HB 128 28.64 -42.50 54.13
C THR HB 128 28.08 -41.28 53.40
N LEU HB 129 27.16 -40.58 54.04
CA LEU HB 129 26.46 -39.45 53.43
C LEU HB 129 26.78 -38.18 54.22
N VAL HB 130 27.25 -37.15 53.51
CA VAL HB 130 27.58 -35.85 54.09
C VAL HB 130 26.76 -34.79 53.38
N ARG HB 131 26.15 -33.89 54.15
CA ARG HB 131 25.30 -32.84 53.61
C ARG HB 131 25.94 -31.47 53.86
N VAL HB 132 25.90 -30.61 52.86
CA VAL HB 132 26.51 -29.27 52.94
C VAL HB 132 25.46 -28.23 52.54
N PRO HB 133 25.59 -26.98 52.98
CA PRO HB 133 24.54 -25.98 52.70
C PRO HB 133 24.39 -25.61 51.23
N GLY HB 134 25.42 -25.76 50.41
CA GLY HB 134 25.33 -25.32 49.03
C GLY HB 134 26.38 -25.97 48.15
N SER HB 135 26.24 -25.73 46.85
CA SER HB 135 27.17 -26.33 45.89
C SER HB 135 28.58 -25.79 46.06
N TRP HB 136 28.72 -24.54 46.50
CA TRP HB 136 30.04 -23.96 46.69
C TRP HB 136 30.87 -24.74 47.71
N GLU HB 137 30.21 -25.37 48.69
CA GLU HB 137 30.91 -26.09 49.74
C GLU HB 137 31.17 -27.55 49.41
N ILE HB 138 30.74 -28.03 48.24
CA ILE HB 138 30.95 -29.44 47.89
C ILE HB 138 32.43 -29.79 47.79
N PRO HB 139 33.28 -29.03 47.07
CA PRO HB 139 34.67 -29.47 46.90
C PRO HB 139 35.44 -29.64 48.20
N VAL HB 140 35.24 -28.74 49.17
CA VAL HB 140 36.00 -28.84 50.42
C VAL HB 140 35.52 -30.03 51.24
N ALA HB 141 34.21 -30.31 51.22
CA ALA HB 141 33.71 -31.48 51.93
C ALA HB 141 34.14 -32.77 51.25
N ALA HB 142 34.14 -32.78 49.91
CA ALA HB 142 34.59 -33.97 49.19
C ALA HB 142 36.05 -34.28 49.48
N GLY HB 143 36.85 -33.26 49.76
CA GLY HB 143 38.26 -33.47 50.08
C GLY HB 143 38.48 -34.23 51.37
N GLU HB 144 37.57 -34.10 52.34
CA GLU HB 144 37.71 -34.84 53.59
C GLU HB 144 37.39 -36.32 53.41
N LEU HB 145 36.36 -36.64 52.63
CA LEU HB 145 36.03 -38.03 52.40
C LEU HB 145 37.08 -38.73 51.55
N ALA HB 146 37.57 -38.06 50.52
CA ALA HB 146 38.50 -38.70 49.59
C ALA HB 146 39.80 -39.08 50.27
N ARG HB 147 40.15 -38.43 51.38
CA ARG HB 147 41.39 -38.73 52.08
C ARG HB 147 41.26 -39.89 53.04
N LYS HB 148 40.06 -40.41 53.27
CA LYS HB 148 39.90 -41.58 54.12
C LYS HB 148 40.35 -42.84 53.40
N GLU HB 149 41.01 -43.74 54.13
CA GLU HB 149 41.60 -44.92 53.50
C GLU HB 149 40.55 -45.95 53.11
N ASP HB 150 39.40 -45.96 53.78
CA ASP HB 150 38.38 -46.98 53.56
C ASP HB 150 37.25 -46.49 52.65
N ILE HB 151 37.52 -45.51 51.79
CA ILE HB 151 36.56 -45.03 50.81
C ILE HB 151 37.12 -45.32 49.42
N ASP HB 152 36.31 -45.95 48.57
CA ASP HB 152 36.75 -46.32 47.24
C ASP HB 152 36.42 -45.28 46.19
N ALA HB 153 35.29 -44.58 46.32
CA ALA HB 153 34.91 -43.56 45.36
C ALA HB 153 33.94 -42.59 46.03
N VAL HB 154 33.84 -41.40 45.46
CA VAL HB 154 32.99 -40.33 45.99
C VAL HB 154 32.03 -39.88 44.90
N ILE HB 155 30.79 -39.58 45.29
CA ILE HB 155 29.74 -39.14 44.39
C ILE HB 155 29.28 -37.76 44.83
N ALA HB 156 29.30 -36.80 43.91
CA ALA HB 156 28.90 -35.42 44.19
C ALA HB 156 27.57 -35.13 43.51
N ILE HB 157 26.63 -34.55 44.27
CA ILE HB 157 25.28 -34.32 43.82
C ILE HB 157 24.88 -32.89 44.13
N GLY HB 158 24.25 -32.23 43.17
CA GLY HB 158 23.76 -30.86 43.37
C GLY HB 158 22.93 -30.43 42.18
N VAL HB 159 22.24 -29.30 42.36
CA VAL HB 159 21.37 -28.74 41.33
C VAL HB 159 21.62 -27.23 41.26
N LEU HB 160 21.92 -26.75 40.05
CA LEU HB 160 22.07 -25.32 39.79
C LEU HB 160 21.16 -24.93 38.63
N ILE HB 161 20.41 -23.83 38.82
CA ILE HB 161 19.48 -23.34 37.82
C ILE HB 161 19.79 -21.88 37.53
N ARG HB 162 19.92 -21.55 36.25
CA ARG HB 162 20.27 -20.19 35.85
C ARG HB 162 19.12 -19.24 36.14
#